data_4UBD
#
_entry.id   4UBD
#
_cell.length_a   128.700
_cell.length_b   128.700
_cell.length_c   428.319
_cell.angle_alpha   90.00
_cell.angle_beta   90.00
_cell.angle_gamma   120.00
#
_symmetry.space_group_name_H-M   'P 31'
#
loop_
_entity.id
_entity.type
_entity.pdbx_description
1 polymer 'Hemagglutinin HA1 chain'
2 polymer 'Hemagglutinin HA2 chain'
3 polymer 'monoclonal antibody H chain'
4 polymer 'monoclonal antibody L chain'
5 branched alpha-D-mannopyranose-(1-3)-beta-D-mannopyranose-(1-4)-2-acetamido-2-deoxy-beta-D-glucopyranose-(1-4)-2-acetamido-2-deoxy-beta-D-glucopyranose
6 branched 2-acetamido-2-deoxy-beta-D-glucopyranose-(1-4)-2-acetamido-2-deoxy-beta-D-glucopyranose
7 non-polymer 2-acetamido-2-deoxy-beta-D-glucopyranose
#
loop_
_entity_poly.entity_id
_entity_poly.type
_entity_poly.pdbx_seq_one_letter_code
_entity_poly.pdbx_strand_id
1 'polypeptide(L)'
;STATLCLGHHAVPNGTLVKTITDDQIEVTNATELVQSSSTGKICNNPHRILDGIDCTLIDALLGDPHCDVFQNETWDLFV
ERSKAFSNCYPYDVPDYASLRSLVASSGTLEFITEGFTWTGVTQNGGSNACKRGPGSGFFSRLNWLTKSGSTYPVLNVTM
PNNDNFDKLYIWGVHHPSTNQEQTSLYVQASGRVTVSTRRSQQTIIPNIGSRPWVRGLSSRISIYWTIVKPGDVLVINSN
GNLIAPRGYFKMRTGKSSIMRSDAPIDTCISECITPNGSIPNDKPFQNVNKITYGACPKYVKQNTLKLATGMRNVPEKQT
Q
;
A,U,I,M,Q,E
2 'polypeptide(L)'
;GLFGAIAGFIENGWEGMIDGWYGFRHQNSEGTGQAADLKSTQAAIDQINGKLNRVIEKTNEKFHQIEKEFSEVEGRIQDL
EKYVEDTKIDLWSYNAELLVALENQHTIDLTDSEMNKLFEKTRRQLRENAEDMGNGCFKIYHKCDNACIESIRNGTYDHD
VYRDEALNNRFQIKG
;
V,F,B,J,N,R
3 'polypeptide(L)'
;QVQLVQSGAEVKKPGASVKVSCKTSGYSFSTYGVSWVRQAPGQGPEWVGWISAYTGITDYAQKFQGRVTLTTDATTATAF
LDLRSLRPDDTATYFCARDKVQGRVEVGSGGRHDYWGQGTLVIVSSASTKGPSVFPLAPSSKSTSGGTAALGCLVKDYFP
EPVTVSWNSGALTSGVHTFPAVLQSSGLYSLSSVVTVPSSSLGTQTYICNVNHKPSNTKVDKKVEP
;
C,Y,G,S,O,K
4 'polypeptide(L)'
;EVVLTQSPGTLALPPGERATLSCRASHRVGSTYIAWYQQKSGQAPRRLIYGASNRATDIPDRFSGSGSGTDFTLTIRRLE
PEDSAVYYCQQFSVSPWTFGQGTRVEIKRTVAAPSVFIFPPSDEQLKSGTASVVCLLNNFYPREAKVQWKVDNALQSGNS
QESVTEQDSKDSTYSLSSTLTLSKADYEKHKVYACEVTHQGLSSPVTKSFNRGEC
;
D,X,H,T,P,L
#
# COMPACT_ATOMS: atom_id res chain seq x y z
N SER A 1 34.50 -66.97 -38.60
CA SER A 1 33.50 -68.09 -38.50
C SER A 1 32.15 -67.71 -39.21
N THR A 2 31.41 -66.80 -38.55
CA THR A 2 30.07 -66.26 -38.94
C THR A 2 29.94 -64.79 -38.46
N ALA A 3 28.74 -64.25 -38.40
CA ALA A 3 28.56 -62.84 -37.96
C ALA A 3 27.18 -62.57 -37.36
N THR A 4 27.08 -61.46 -36.63
CA THR A 4 25.83 -61.09 -36.00
C THR A 4 25.46 -59.69 -36.39
N LEU A 5 24.24 -59.51 -36.86
CA LEU A 5 23.78 -58.19 -37.27
C LEU A 5 22.47 -57.85 -36.59
N CYS A 6 22.42 -56.71 -35.91
CA CYS A 6 21.25 -56.35 -35.09
C CYS A 6 20.59 -55.06 -35.45
N LEU A 7 19.28 -55.07 -35.41
CA LEU A 7 18.50 -53.92 -35.72
C LEU A 7 18.05 -53.31 -34.42
N GLY A 8 18.17 -52.01 -34.27
CA GLY A 8 17.68 -51.37 -33.06
C GLY A 8 17.24 -49.93 -33.26
N HIS A 9 16.65 -49.37 -32.21
CA HIS A 9 16.26 -47.96 -32.24
C HIS A 9 16.89 -47.27 -31.08
N HIS A 10 16.89 -45.94 -31.12
CA HIS A 10 17.52 -45.18 -30.07
C HIS A 10 16.63 -45.01 -28.85
N ALA A 11 17.22 -44.38 -27.85
CA ALA A 11 16.58 -44.07 -26.61
C ALA A 11 17.45 -43.06 -25.94
N VAL A 12 16.87 -42.35 -24.99
CA VAL A 12 17.50 -41.16 -24.42
C VAL A 12 17.39 -41.17 -22.92
N PRO A 13 18.30 -40.47 -22.25
CA PRO A 13 18.40 -40.67 -20.82
C PRO A 13 17.22 -40.06 -20.07
N ASN A 14 16.64 -38.95 -20.56
CA ASN A 14 15.45 -38.40 -19.95
C ASN A 14 14.33 -38.11 -20.92
N GLY A 15 13.37 -39.04 -21.00
CA GLY A 15 12.24 -38.88 -21.89
C GLY A 15 11.23 -37.93 -21.31
N THR A 16 10.01 -38.04 -21.80
CA THR A 16 8.92 -37.20 -21.36
C THR A 16 7.65 -38.01 -21.37
N LEU A 17 6.78 -37.77 -20.41
CA LEU A 17 5.55 -38.52 -20.29
C LEU A 17 4.40 -37.84 -21.00
N VAL A 18 3.63 -38.66 -21.70
CA VAL A 18 2.52 -38.18 -22.53
C VAL A 18 1.35 -39.15 -22.43
N LYS A 19 0.18 -38.75 -22.94
CA LYS A 19 -1.03 -39.55 -22.81
C LYS A 19 -1.40 -40.17 -24.13
N THR A 20 -2.10 -41.29 -24.07
CA THR A 20 -2.64 -41.93 -25.28
C THR A 20 -4.06 -42.38 -25.02
N ILE A 21 -4.64 -43.11 -25.96
CA ILE A 21 -5.95 -43.70 -25.79
C ILE A 21 -5.95 -44.71 -24.66
N THR A 22 -5.04 -45.68 -24.74
CA THR A 22 -5.03 -46.84 -23.82
C THR A 22 -4.27 -46.59 -22.53
N ASP A 23 -3.41 -45.57 -22.51
CA ASP A 23 -2.41 -45.36 -21.47
C ASP A 23 -2.43 -43.96 -20.91
N ASP A 24 -2.38 -43.83 -19.59
CA ASP A 24 -2.38 -42.52 -18.95
C ASP A 24 -1.00 -41.90 -19.05
N GLN A 25 0.05 -42.66 -18.75
CA GLN A 25 1.41 -42.17 -18.89
C GLN A 25 2.28 -43.12 -19.66
N ILE A 26 3.16 -42.57 -20.50
CA ILE A 26 4.05 -43.39 -21.31
C ILE A 26 5.22 -42.53 -21.80
N GLU A 27 6.46 -42.99 -21.56
CA GLU A 27 7.65 -42.16 -21.76
C GLU A 27 8.02 -42.24 -23.20
N VAL A 28 8.25 -41.08 -23.81
CA VAL A 28 8.65 -41.02 -25.21
C VAL A 28 9.90 -40.17 -25.30
N THR A 29 10.64 -40.37 -26.39
CA THR A 29 11.92 -39.72 -26.59
C THR A 29 11.85 -38.18 -26.41
N ASN A 30 10.83 -37.53 -26.97
CA ASN A 30 10.63 -36.07 -26.81
C ASN A 30 9.16 -35.79 -27.03
N ALA A 31 8.70 -34.67 -26.47
CA ALA A 31 7.38 -34.19 -26.77
C ALA A 31 7.38 -32.68 -26.82
N THR A 32 6.23 -32.09 -27.08
CA THR A 32 6.09 -30.64 -27.18
C THR A 32 4.82 -30.14 -26.52
N GLU A 33 4.91 -28.96 -25.95
CA GLU A 33 3.78 -28.36 -25.26
C GLU A 33 2.79 -27.70 -26.23
N LEU A 34 1.53 -28.02 -26.08
CA LEU A 34 0.51 -27.46 -26.94
C LEU A 34 -0.33 -26.40 -26.31
N VAL A 35 -0.15 -26.15 -25.02
CA VAL A 35 -0.98 -25.14 -24.34
C VAL A 35 -0.16 -23.99 -23.79
N GLN A 36 -0.47 -22.80 -24.31
CA GLN A 36 0.20 -21.60 -23.92
C GLN A 36 -0.30 -21.21 -22.57
N SER A 37 0.60 -21.21 -21.61
CA SER A 37 0.24 -21.22 -20.21
C SER A 37 0.56 -19.92 -19.52
N SER A 38 1.56 -19.21 -20.02
CA SER A 38 2.00 -17.96 -19.38
C SER A 38 1.98 -16.77 -20.36
N SER A 39 2.08 -15.57 -19.79
CA SER A 39 2.05 -14.34 -20.57
C SER A 39 3.21 -13.43 -20.17
N THR A 40 3.48 -12.47 -21.03
CA THR A 40 4.55 -11.51 -20.78
C THR A 40 4.10 -10.46 -19.76
N GLY A 41 2.79 -10.35 -19.54
CA GLY A 41 2.27 -9.39 -18.59
C GLY A 41 2.07 -7.99 -19.14
N LYS A 42 2.42 -7.76 -20.41
CA LYS A 42 2.23 -6.47 -21.05
C LYS A 42 1.58 -6.63 -22.40
N ILE A 43 1.02 -5.54 -22.89
CA ILE A 43 0.26 -5.53 -24.12
C ILE A 43 1.06 -4.90 -25.26
N CYS A 44 1.24 -5.67 -26.33
CA CYS A 44 2.01 -5.20 -27.48
C CYS A 44 1.19 -4.28 -28.38
N ASN A 45 1.75 -3.11 -28.63
CA ASN A 45 1.09 -2.10 -29.47
C ASN A 45 1.08 -2.35 -30.98
N ASN A 46 1.67 -3.45 -31.44
CA ASN A 46 1.57 -3.85 -32.83
C ASN A 46 1.07 -5.25 -32.99
N PRO A 47 0.51 -5.55 -34.15
CA PRO A 47 0.16 -4.62 -35.21
C PRO A 47 -1.15 -3.91 -34.92
N HIS A 48 -1.82 -4.31 -33.85
CA HIS A 48 -3.11 -3.78 -33.51
C HIS A 48 -2.97 -2.39 -32.91
N ARG A 49 -3.71 -1.43 -33.46
CA ARG A 49 -3.79 -0.10 -32.88
C ARG A 49 -4.52 -0.10 -31.54
N ILE A 50 -3.73 -0.04 -30.47
CA ILE A 50 -4.25 0.01 -29.11
C ILE A 50 -4.55 1.45 -28.73
N LEU A 51 -5.55 1.67 -27.87
CA LEU A 51 -5.84 2.99 -27.37
C LEU A 51 -6.17 2.89 -25.89
N ASP A 52 -5.36 3.55 -25.09
CA ASP A 52 -5.41 3.43 -23.64
C ASP A 52 -6.35 4.47 -23.03
N GLY A 53 -7.50 4.00 -22.57
CA GLY A 53 -8.47 4.86 -21.93
C GLY A 53 -8.04 5.53 -20.62
N ILE A 54 -6.80 5.28 -20.21
CA ILE A 54 -6.23 5.86 -19.01
C ILE A 54 -7.30 6.14 -17.92
N ASP A 55 -7.74 7.38 -17.77
CA ASP A 55 -8.71 7.72 -16.72
C ASP A 55 -10.16 7.67 -17.23
N CYS A 56 -10.33 7.51 -18.54
CA CYS A 56 -11.65 7.54 -19.15
C CYS A 56 -12.18 6.17 -19.46
N THR A 57 -13.48 6.00 -19.28
CA THR A 57 -14.17 4.89 -19.88
C THR A 57 -14.50 5.29 -21.31
N LEU A 58 -14.95 4.34 -22.12
CA LEU A 58 -15.26 4.62 -23.50
C LEU A 58 -16.47 5.54 -23.59
N ILE A 59 -17.52 5.19 -22.88
CA ILE A 59 -18.73 6.00 -22.88
C ILE A 59 -18.46 7.46 -22.44
N ASP A 60 -17.51 7.67 -21.54
CA ASP A 60 -17.20 9.03 -21.14
C ASP A 60 -16.49 9.82 -22.24
N ALA A 61 -15.72 9.16 -23.08
CA ALA A 61 -15.07 9.85 -24.21
C ALA A 61 -16.10 10.17 -25.28
N LEU A 62 -17.08 9.26 -25.39
CA LEU A 62 -18.16 9.40 -26.35
C LEU A 62 -18.90 10.69 -26.06
N LEU A 63 -19.45 10.78 -24.84
CA LEU A 63 -20.27 11.91 -24.39
C LEU A 63 -19.47 13.21 -24.24
N GLY A 64 -18.24 13.11 -23.76
CA GLY A 64 -17.33 14.25 -23.73
C GLY A 64 -17.23 14.85 -22.36
N ASP A 65 -17.02 13.99 -21.37
CA ASP A 65 -16.57 14.38 -20.04
C ASP A 65 -15.34 15.29 -20.26
N PRO A 66 -15.16 16.32 -19.44
CA PRO A 66 -14.06 17.26 -19.61
C PRO A 66 -12.69 16.65 -19.66
N HIS A 67 -12.35 15.76 -18.74
CA HIS A 67 -11.01 15.16 -18.77
C HIS A 67 -10.78 14.17 -19.94
N CYS A 68 -11.86 13.81 -20.65
CA CYS A 68 -11.84 12.87 -21.77
C CYS A 68 -11.88 13.59 -23.10
N ASP A 69 -11.33 14.79 -23.10
CA ASP A 69 -11.42 15.61 -24.29
C ASP A 69 -10.29 15.23 -25.19
N VAL A 70 -9.20 14.80 -24.61
CA VAL A 70 -8.06 14.41 -25.43
C VAL A 70 -8.41 13.24 -26.35
N PHE A 71 -9.52 12.54 -26.09
CA PHE A 71 -9.93 11.39 -26.92
C PHE A 71 -10.74 11.76 -28.15
N GLN A 72 -10.99 13.04 -28.38
CA GLN A 72 -11.97 13.40 -29.38
C GLN A 72 -11.53 12.94 -30.74
N ASN A 73 -12.50 12.50 -31.53
CA ASN A 73 -12.27 12.19 -32.94
C ASN A 73 -11.27 11.02 -33.14
N GLU A 74 -11.09 10.20 -32.10
CA GLU A 74 -10.09 9.14 -32.08
C GLU A 74 -10.56 7.92 -32.81
N THR A 75 -9.60 7.05 -33.14
CA THR A 75 -9.87 5.72 -33.69
C THR A 75 -9.13 4.65 -32.89
N TRP A 76 -9.53 3.40 -33.06
CA TRP A 76 -8.83 2.27 -32.43
C TRP A 76 -9.12 0.92 -33.10
N ASP A 77 -8.20 -0.02 -32.93
CA ASP A 77 -8.48 -1.41 -33.15
C ASP A 77 -8.98 -2.00 -31.85
N LEU A 78 -8.32 -1.65 -30.74
CA LEU A 78 -8.72 -2.17 -29.43
C LEU A 78 -8.61 -1.08 -28.40
N PHE A 79 -9.76 -0.68 -27.86
CA PHE A 79 -9.82 0.30 -26.77
C PHE A 79 -9.64 -0.43 -25.45
N VAL A 80 -8.88 0.14 -24.52
CA VAL A 80 -8.58 -0.56 -23.26
C VAL A 80 -9.08 0.20 -22.04
N GLU A 81 -10.22 -0.21 -21.47
CA GLU A 81 -10.76 0.45 -20.28
C GLU A 81 -9.96 0.01 -19.07
N ARG A 82 -9.53 0.97 -18.27
CA ARG A 82 -8.72 0.67 -17.09
C ARG A 82 -9.57 0.61 -15.84
N SER A 83 -9.11 -0.18 -14.88
CA SER A 83 -9.70 -0.19 -13.56
C SER A 83 -9.79 1.22 -12.91
N LYS A 84 -8.74 2.00 -13.09
CA LYS A 84 -8.63 3.30 -12.45
C LYS A 84 -9.63 4.31 -12.86
N ALA A 85 -10.31 4.08 -13.97
CA ALA A 85 -11.06 5.13 -14.65
C ALA A 85 -12.25 5.64 -13.86
N PHE A 86 -12.62 6.88 -14.14
CA PHE A 86 -13.71 7.54 -13.44
C PHE A 86 -14.44 8.51 -14.36
N SER A 87 -15.61 8.91 -13.88
CA SER A 87 -16.44 9.95 -14.50
C SER A 87 -16.36 11.17 -13.61
N ASN A 88 -16.44 12.35 -14.22
CA ASN A 88 -16.31 13.59 -13.45
C ASN A 88 -17.04 14.75 -14.14
N CYS A 89 -18.33 14.52 -14.37
CA CYS A 89 -19.19 15.46 -15.08
C CYS A 89 -20.56 15.38 -14.45
N TYR A 90 -21.60 15.74 -15.19
CA TYR A 90 -22.97 15.64 -14.69
C TYR A 90 -23.26 14.16 -14.53
N PRO A 91 -23.91 13.78 -13.42
CA PRO A 91 -24.15 12.34 -13.21
C PRO A 91 -25.21 11.80 -14.17
N TYR A 92 -24.90 10.68 -14.81
CA TYR A 92 -25.77 10.14 -15.82
C TYR A 92 -26.00 8.68 -15.61
N ASP A 93 -26.85 8.10 -16.45
CA ASP A 93 -26.98 6.64 -16.55
C ASP A 93 -27.47 6.27 -17.97
N VAL A 94 -27.11 5.07 -18.44
CA VAL A 94 -27.49 4.67 -19.79
C VAL A 94 -28.32 3.41 -19.74
N PRO A 95 -29.63 3.54 -19.80
CA PRO A 95 -30.38 2.35 -20.04
C PRO A 95 -29.73 1.61 -21.20
N ASP A 96 -29.49 0.31 -21.00
CA ASP A 96 -28.85 -0.51 -22.02
C ASP A 96 -27.42 0.01 -22.25
N TYR A 97 -26.68 0.15 -21.16
CA TYR A 97 -25.33 0.69 -21.20
C TYR A 97 -24.46 -0.20 -22.05
N ALA A 98 -24.50 -1.48 -21.73
CA ALA A 98 -23.60 -2.43 -22.34
C ALA A 98 -23.78 -2.50 -23.85
N SER A 99 -25.00 -2.33 -24.33
CA SER A 99 -25.25 -2.34 -25.78
C SER A 99 -24.58 -1.16 -26.47
N LEU A 100 -24.67 0.02 -25.86
CA LEU A 100 -24.09 1.21 -26.47
C LEU A 100 -22.59 1.10 -26.46
N ARG A 101 -22.05 0.55 -25.38
CA ARG A 101 -20.62 0.38 -25.24
C ARG A 101 -20.12 -0.53 -26.33
N SER A 102 -20.72 -1.70 -26.40
CA SER A 102 -20.44 -2.70 -27.40
C SER A 102 -20.44 -2.09 -28.80
N LEU A 103 -21.53 -1.40 -29.17
CA LEU A 103 -21.69 -0.96 -30.56
C LEU A 103 -20.73 0.14 -30.99
N VAL A 104 -20.41 1.04 -30.06
CA VAL A 104 -19.37 2.06 -30.30
C VAL A 104 -18.01 1.42 -30.38
N ALA A 105 -17.74 0.49 -29.47
CA ALA A 105 -16.47 -0.24 -29.46
C ALA A 105 -16.16 -0.86 -30.81
N SER A 106 -17.17 -1.41 -31.50
CA SER A 106 -16.90 -2.08 -32.78
C SER A 106 -17.03 -1.12 -33.97
N SER A 107 -17.63 0.04 -33.76
CA SER A 107 -17.49 1.14 -34.75
C SER A 107 -16.01 1.58 -34.87
N GLY A 108 -15.28 1.58 -33.76
CA GLY A 108 -13.83 1.81 -33.80
C GLY A 108 -13.39 3.23 -33.97
N THR A 109 -14.26 4.15 -33.59
CA THR A 109 -14.06 5.56 -33.88
C THR A 109 -15.09 6.41 -33.11
N LEU A 110 -14.58 7.52 -32.58
CA LEU A 110 -15.41 8.59 -32.04
C LEU A 110 -15.37 9.84 -32.96
N GLU A 111 -15.36 9.58 -34.28
CA GLU A 111 -15.32 10.63 -35.28
C GLU A 111 -16.65 11.34 -35.30
N PHE A 112 -16.66 12.55 -34.72
CA PHE A 112 -17.88 13.33 -34.55
C PHE A 112 -17.97 14.40 -35.61
N ILE A 113 -19.19 14.67 -36.06
CA ILE A 113 -19.47 15.63 -37.12
C ILE A 113 -20.56 16.54 -36.61
N THR A 114 -20.29 17.83 -36.51
CA THR A 114 -21.34 18.75 -36.00
C THR A 114 -22.33 19.14 -37.10
N GLU A 115 -23.60 19.25 -36.73
CA GLU A 115 -24.65 19.73 -37.62
C GLU A 115 -25.33 20.90 -36.94
N GLY A 116 -25.80 21.86 -37.73
CA GLY A 116 -26.45 23.05 -37.20
C GLY A 116 -27.93 22.83 -36.95
N PHE A 117 -28.23 22.18 -35.84
CA PHE A 117 -29.59 22.13 -35.35
C PHE A 117 -29.94 23.57 -35.01
N THR A 118 -31.19 23.97 -35.20
CA THR A 118 -31.58 25.35 -34.85
C THR A 118 -32.73 25.35 -33.84
N TRP A 119 -32.33 25.42 -32.59
CA TRP A 119 -33.22 25.30 -31.46
C TRP A 119 -33.81 26.65 -31.13
N THR A 120 -34.95 27.00 -31.71
CA THR A 120 -35.47 28.37 -31.52
C THR A 120 -36.38 28.53 -30.29
N GLY A 121 -36.05 29.57 -29.51
CA GLY A 121 -36.85 29.92 -28.36
C GLY A 121 -36.39 29.37 -27.03
N VAL A 122 -35.18 28.79 -27.01
CA VAL A 122 -34.59 28.14 -25.82
C VAL A 122 -33.12 28.53 -25.72
N THR A 123 -32.61 28.56 -24.50
CA THR A 123 -31.22 28.97 -24.31
C THR A 123 -30.30 27.74 -24.30
N GLN A 124 -29.22 27.82 -25.06
CA GLN A 124 -28.33 26.68 -25.27
C GLN A 124 -27.12 26.70 -24.34
N ASN A 125 -26.40 25.60 -24.32
CA ASN A 125 -25.08 25.51 -23.70
C ASN A 125 -25.03 25.65 -22.18
N GLY A 126 -26.12 25.28 -21.51
CA GLY A 126 -26.11 25.24 -20.05
C GLY A 126 -25.03 24.28 -19.56
N GLY A 127 -24.59 24.47 -18.32
CA GLY A 127 -23.61 23.59 -17.71
C GLY A 127 -23.70 23.69 -16.21
N SER A 128 -23.38 22.61 -15.48
CA SER A 128 -23.53 22.60 -14.01
C SER A 128 -22.26 22.26 -13.32
N ASN A 129 -21.92 22.97 -12.23
CA ASN A 129 -20.63 22.87 -11.47
C ASN A 129 -20.14 21.45 -11.15
N ALA A 130 -20.99 20.46 -11.43
CA ALA A 130 -20.59 19.07 -11.44
C ALA A 130 -19.55 18.74 -12.55
N CYS A 131 -19.65 19.43 -13.69
CA CYS A 131 -18.90 19.11 -14.90
C CYS A 131 -18.00 20.25 -15.41
N LYS A 132 -17.03 20.65 -14.60
CA LYS A 132 -16.32 21.93 -14.83
C LYS A 132 -15.34 21.83 -15.94
N ARG A 133 -15.44 22.73 -16.91
CA ARG A 133 -14.42 22.87 -17.93
C ARG A 133 -13.58 24.13 -17.70
N GLY A 134 -12.31 23.93 -17.37
CA GLY A 134 -11.41 25.04 -17.08
C GLY A 134 -11.79 25.76 -15.79
N PRO A 135 -11.59 27.08 -15.76
CA PRO A 135 -11.95 27.84 -14.55
C PRO A 135 -13.43 27.78 -14.19
N GLY A 136 -14.29 28.22 -15.11
CA GLY A 136 -15.74 28.22 -14.90
C GLY A 136 -16.35 26.84 -15.07
N SER A 137 -17.68 26.82 -15.19
CA SER A 137 -18.44 25.58 -15.21
C SER A 137 -18.88 25.26 -16.62
N GLY A 138 -19.08 23.97 -16.92
CA GLY A 138 -19.58 23.51 -18.21
C GLY A 138 -20.36 22.20 -18.20
N PHE A 139 -20.25 21.44 -19.30
CA PHE A 139 -21.09 20.26 -19.56
C PHE A 139 -20.37 19.26 -20.45
N PHE A 140 -21.03 18.14 -20.78
CA PHE A 140 -20.54 17.16 -21.79
C PHE A 140 -20.36 17.88 -23.11
N SER A 141 -19.27 17.57 -23.83
CA SER A 141 -18.90 18.33 -25.00
C SER A 141 -19.75 18.04 -26.25
N ARG A 142 -20.36 16.86 -26.32
CA ARG A 142 -21.15 16.46 -27.49
C ARG A 142 -22.65 16.50 -27.28
N LEU A 143 -23.04 17.09 -26.15
CA LEU A 143 -24.44 17.30 -25.81
C LEU A 143 -24.73 18.78 -25.49
N ASN A 144 -25.99 19.15 -25.62
CA ASN A 144 -26.39 20.55 -25.57
C ASN A 144 -27.53 20.76 -24.60
N TRP A 145 -27.25 21.38 -23.45
CA TRP A 145 -28.29 21.57 -22.43
C TRP A 145 -29.28 22.74 -22.75
N LEU A 146 -30.39 22.39 -23.41
CA LEU A 146 -31.46 23.35 -23.71
C LEU A 146 -32.33 23.57 -22.50
N THR A 147 -32.37 24.83 -22.09
CA THR A 147 -33.24 25.31 -21.02
C THR A 147 -34.11 26.47 -21.53
N LYS A 148 -34.92 26.98 -20.61
CA LYS A 148 -35.84 28.08 -20.84
C LYS A 148 -35.19 29.34 -21.43
N SER A 149 -35.97 30.11 -22.19
CA SER A 149 -35.61 31.47 -22.58
C SER A 149 -36.77 32.41 -22.30
N GLY A 150 -36.52 33.42 -21.46
CA GLY A 150 -37.56 34.35 -21.01
C GLY A 150 -38.30 33.66 -19.89
N SER A 151 -39.54 33.30 -20.15
CA SER A 151 -40.23 32.33 -19.32
C SER A 151 -41.04 31.42 -20.24
N THR A 152 -40.42 31.01 -21.34
CA THR A 152 -41.00 30.04 -22.26
C THR A 152 -40.03 28.90 -22.60
N TYR A 153 -40.61 27.71 -22.73
CA TYR A 153 -39.97 26.59 -23.42
C TYR A 153 -40.98 26.17 -24.50
N PRO A 154 -40.71 26.54 -25.76
CA PRO A 154 -41.56 26.14 -26.88
C PRO A 154 -41.56 24.64 -27.04
N VAL A 155 -42.54 24.10 -27.75
CA VAL A 155 -42.49 22.71 -28.19
C VAL A 155 -41.52 22.65 -29.37
N LEU A 156 -40.33 22.14 -29.10
CA LEU A 156 -39.28 22.04 -30.11
C LEU A 156 -39.65 20.95 -31.11
N ASN A 157 -39.27 21.16 -32.36
CA ASN A 157 -39.67 20.27 -33.40
C ASN A 157 -38.72 20.47 -34.55
N VAL A 158 -37.55 19.81 -34.47
CA VAL A 158 -36.51 19.88 -35.50
C VAL A 158 -36.43 18.56 -36.26
N THR A 159 -35.66 18.60 -37.34
CA THR A 159 -35.50 17.47 -38.21
C THR A 159 -34.13 17.57 -38.84
N MET A 160 -33.56 16.43 -39.21
CA MET A 160 -32.23 16.40 -39.81
C MET A 160 -32.06 15.15 -40.66
N PRO A 161 -32.10 15.30 -42.00
CA PRO A 161 -32.03 14.13 -42.87
C PRO A 161 -30.68 13.40 -42.84
N ASN A 162 -30.61 12.33 -43.61
CA ASN A 162 -29.34 11.69 -43.86
C ASN A 162 -29.20 11.50 -45.34
N ASN A 163 -28.58 12.47 -45.99
CA ASN A 163 -28.35 12.39 -47.43
C ASN A 163 -27.02 11.73 -47.74
N ASP A 164 -26.22 11.50 -46.70
CA ASP A 164 -24.95 10.74 -46.83
C ASP A 164 -25.16 9.23 -47.13
N ASN A 165 -24.05 8.54 -47.40
CA ASN A 165 -24.08 7.13 -47.75
C ASN A 165 -23.68 6.23 -46.59
N PHE A 166 -23.77 6.74 -45.36
CA PHE A 166 -23.39 5.98 -44.16
C PHE A 166 -24.31 6.18 -42.98
N ASP A 167 -24.30 5.22 -42.07
CA ASP A 167 -25.13 5.29 -40.90
C ASP A 167 -24.63 6.37 -39.96
N LYS A 168 -25.54 7.22 -39.49
CA LYS A 168 -25.22 8.24 -38.50
C LYS A 168 -25.73 7.81 -37.14
N LEU A 169 -24.87 7.88 -36.13
CA LEU A 169 -25.24 7.54 -34.76
C LEU A 169 -25.41 8.84 -34.01
N TYR A 170 -26.59 9.04 -33.45
CA TYR A 170 -26.90 10.26 -32.67
C TYR A 170 -27.02 9.90 -31.20
N ILE A 171 -26.19 10.54 -30.38
CA ILE A 171 -26.32 10.41 -28.93
C ILE A 171 -27.00 11.63 -28.37
N TRP A 172 -28.05 11.38 -27.60
CA TRP A 172 -28.87 12.40 -26.99
C TRP A 172 -29.35 11.88 -25.65
N GLY A 173 -30.02 12.73 -24.89
CA GLY A 173 -30.50 12.31 -23.57
C GLY A 173 -31.64 13.14 -23.04
N VAL A 174 -31.93 12.95 -21.76
CA VAL A 174 -33.08 13.58 -21.14
C VAL A 174 -32.86 13.79 -19.64
N HIS A 175 -33.16 14.98 -19.16
CA HIS A 175 -32.82 15.40 -17.81
C HIS A 175 -33.94 15.05 -16.84
N HIS A 176 -33.56 14.52 -15.69
CA HIS A 176 -34.51 14.16 -14.65
C HIS A 176 -34.24 15.05 -13.44
N PRO A 177 -35.09 16.04 -13.19
CA PRO A 177 -34.80 16.91 -12.05
C PRO A 177 -35.16 16.29 -10.69
N SER A 178 -34.56 16.82 -9.63
CA SER A 178 -34.74 16.30 -8.28
C SER A 178 -36.04 16.80 -7.67
N THR A 179 -36.37 18.07 -7.88
CA THR A 179 -37.61 18.68 -7.36
C THR A 179 -38.45 19.29 -8.47
N ASN A 180 -39.72 19.55 -8.16
CA ASN A 180 -40.59 20.26 -9.11
C ASN A 180 -40.16 21.70 -9.29
N GLN A 181 -39.70 22.30 -8.22
CA GLN A 181 -39.11 23.62 -8.29
C GLN A 181 -38.05 23.71 -9.39
N GLU A 182 -37.13 22.74 -9.39
CA GLU A 182 -36.08 22.66 -10.39
C GLU A 182 -36.62 22.41 -11.80
N GLN A 183 -37.67 21.62 -11.91
CA GLN A 183 -38.29 21.30 -13.19
C GLN A 183 -38.83 22.55 -13.87
N THR A 184 -39.47 23.38 -13.04
CA THR A 184 -40.12 24.62 -13.46
C THR A 184 -39.11 25.74 -13.75
N SER A 185 -38.09 25.85 -12.90
CA SER A 185 -36.98 26.77 -13.16
C SER A 185 -36.40 26.60 -14.56
N LEU A 186 -36.27 25.35 -14.99
CA LEU A 186 -35.52 25.03 -16.21
C LEU A 186 -36.39 24.91 -17.44
N TYR A 187 -37.50 24.18 -17.32
CA TYR A 187 -38.27 23.86 -18.49
C TYR A 187 -39.69 24.38 -18.46
N VAL A 188 -40.04 25.18 -17.45
CA VAL A 188 -41.38 25.78 -17.29
C VAL A 188 -42.46 24.75 -17.02
N GLN A 189 -42.78 23.94 -18.03
CA GLN A 189 -43.82 22.93 -17.95
C GLN A 189 -43.60 21.95 -16.79
N ALA A 190 -44.70 21.65 -16.09
CA ALA A 190 -44.67 20.85 -14.87
C ALA A 190 -44.08 19.50 -15.14
N SER A 191 -44.41 18.96 -16.32
CA SER A 191 -43.97 17.65 -16.76
C SER A 191 -43.42 17.74 -18.18
N GLY A 192 -42.19 17.29 -18.38
CA GLY A 192 -41.59 17.31 -19.71
C GLY A 192 -41.98 16.14 -20.60
N ARG A 193 -41.23 15.97 -21.68
CA ARG A 193 -41.43 14.89 -22.64
C ARG A 193 -40.47 15.08 -23.79
N VAL A 194 -39.78 14.00 -24.18
CA VAL A 194 -38.82 13.97 -25.28
C VAL A 194 -39.13 12.81 -26.24
N THR A 195 -39.25 13.10 -27.54
CA THR A 195 -39.63 12.09 -28.55
C THR A 195 -38.76 12.11 -29.81
N VAL A 196 -37.81 11.18 -29.88
CA VAL A 196 -36.89 11.06 -31.01
C VAL A 196 -37.32 9.90 -31.91
N SER A 197 -37.30 10.12 -33.21
CA SER A 197 -37.98 9.23 -34.14
C SER A 197 -37.38 9.31 -35.53
N THR A 198 -37.40 8.18 -36.24
CA THR A 198 -37.02 8.12 -37.65
C THR A 198 -38.24 7.61 -38.42
N ARG A 199 -38.13 7.32 -39.71
CA ARG A 199 -39.34 6.87 -40.42
C ARG A 199 -39.73 5.48 -39.98
N ARG A 200 -38.77 4.65 -39.60
CA ARG A 200 -39.16 3.28 -39.21
C ARG A 200 -39.15 2.98 -37.68
N SER A 201 -38.41 3.73 -36.88
CA SER A 201 -38.44 3.62 -35.40
C SER A 201 -39.08 4.82 -34.71
N GLN A 202 -39.12 4.80 -33.39
CA GLN A 202 -39.78 5.84 -32.62
C GLN A 202 -39.46 5.56 -31.16
N GLN A 203 -39.28 6.60 -30.36
CA GLN A 203 -38.79 6.41 -29.00
C GLN A 203 -39.17 7.61 -28.12
N THR A 204 -39.87 7.37 -27.01
CA THR A 204 -40.36 8.48 -26.17
C THR A 204 -40.20 8.32 -24.68
N ILE A 205 -39.44 9.25 -24.10
CA ILE A 205 -39.14 9.20 -22.68
C ILE A 205 -39.84 10.35 -21.99
N ILE A 206 -40.28 10.09 -20.75
CA ILE A 206 -40.98 11.09 -19.95
C ILE A 206 -40.22 11.18 -18.66
N PRO A 207 -39.54 12.27 -18.42
CA PRO A 207 -38.59 12.34 -17.31
C PRO A 207 -39.32 12.18 -15.99
N ASN A 208 -38.70 11.51 -15.03
CA ASN A 208 -39.28 11.34 -13.69
C ASN A 208 -38.59 12.14 -12.62
N ILE A 209 -39.40 12.83 -11.84
CA ILE A 209 -38.88 13.82 -10.89
C ILE A 209 -38.79 13.17 -9.52
N GLY A 210 -37.65 13.32 -8.87
CA GLY A 210 -37.47 12.74 -7.55
C GLY A 210 -36.04 12.89 -7.08
N SER A 211 -35.78 12.55 -5.83
CA SER A 211 -34.43 12.58 -5.30
C SER A 211 -33.72 11.24 -5.58
N ARG A 212 -32.52 11.36 -6.12
CA ARG A 212 -31.58 10.25 -6.19
C ARG A 212 -30.43 10.59 -5.24
N PRO A 213 -29.47 9.65 -5.06
CA PRO A 213 -28.40 9.94 -4.10
C PRO A 213 -27.53 11.05 -4.61
N TRP A 214 -26.85 11.74 -3.71
CA TRP A 214 -26.02 12.86 -4.07
C TRP A 214 -24.78 12.31 -4.74
N VAL A 215 -24.52 12.82 -5.93
CA VAL A 215 -23.34 12.47 -6.69
C VAL A 215 -22.69 13.74 -7.19
N ARG A 216 -21.59 14.12 -6.56
CA ARG A 216 -20.79 15.22 -7.05
C ARG A 216 -21.66 16.47 -7.16
N GLY A 217 -22.39 16.74 -6.10
CA GLY A 217 -23.14 17.98 -5.99
C GLY A 217 -24.58 17.92 -6.42
N LEU A 218 -24.98 16.84 -7.06
CA LEU A 218 -26.29 16.81 -7.63
C LEU A 218 -27.13 15.61 -7.20
N SER A 219 -28.41 15.89 -6.96
CA SER A 219 -29.39 14.89 -6.64
C SER A 219 -30.22 14.54 -7.89
N SER A 220 -30.04 15.30 -8.97
CA SER A 220 -30.72 15.04 -10.24
C SER A 220 -29.79 14.25 -11.17
N ARG A 221 -30.26 13.96 -12.39
CA ARG A 221 -29.62 12.99 -13.28
C ARG A 221 -29.95 13.19 -14.75
N ILE A 222 -29.26 12.42 -15.58
CA ILE A 222 -29.52 12.40 -17.01
C ILE A 222 -29.51 10.96 -17.51
N SER A 223 -30.58 10.58 -18.22
CA SER A 223 -30.62 9.30 -18.91
C SER A 223 -30.08 9.56 -20.33
N ILE A 224 -29.22 8.66 -20.81
CA ILE A 224 -28.63 8.76 -22.15
C ILE A 224 -29.25 7.72 -23.06
N TYR A 225 -29.69 8.16 -24.24
CA TYR A 225 -30.29 7.29 -25.25
C TYR A 225 -29.57 7.46 -26.59
N TRP A 226 -29.68 6.48 -27.48
CA TRP A 226 -29.10 6.64 -28.82
C TRP A 226 -30.15 6.35 -29.85
N THR A 227 -29.90 6.88 -31.03
CA THR A 227 -30.75 6.64 -32.19
C THR A 227 -29.82 6.58 -33.40
N ILE A 228 -29.83 5.45 -34.10
CA ILE A 228 -29.07 5.35 -35.35
C ILE A 228 -30.03 5.67 -36.47
N VAL A 229 -29.62 6.54 -37.40
CA VAL A 229 -30.44 6.87 -38.55
C VAL A 229 -29.68 6.52 -39.84
N LYS A 230 -30.33 5.79 -40.73
CA LYS A 230 -29.65 5.16 -41.84
C LYS A 230 -29.75 6.06 -43.08
N PRO A 231 -28.89 5.83 -44.12
CA PRO A 231 -28.90 6.64 -45.34
C PRO A 231 -30.26 6.65 -45.97
N GLY A 232 -30.73 7.81 -46.40
CA GLY A 232 -32.07 7.93 -46.96
C GLY A 232 -33.12 8.26 -45.92
N ASP A 233 -32.87 7.88 -44.67
CA ASP A 233 -33.81 8.08 -43.56
C ASP A 233 -33.69 9.52 -43.02
N VAL A 234 -34.43 9.80 -41.96
CA VAL A 234 -34.45 11.12 -41.37
C VAL A 234 -34.71 11.08 -39.85
N LEU A 235 -34.02 11.95 -39.12
CA LEU A 235 -34.18 12.08 -37.68
C LEU A 235 -35.12 13.25 -37.37
N VAL A 236 -36.03 13.04 -36.43
CA VAL A 236 -36.90 14.09 -35.95
C VAL A 236 -37.00 14.11 -34.42
N ILE A 237 -36.42 15.16 -33.83
CA ILE A 237 -36.52 15.41 -32.40
C ILE A 237 -37.69 16.35 -32.12
N ASN A 238 -38.43 16.01 -31.08
CA ASN A 238 -39.62 16.75 -30.64
C ASN A 238 -39.69 16.73 -29.12
N SER A 239 -39.87 17.88 -28.50
CA SER A 239 -39.84 17.98 -27.05
C SER A 239 -40.38 19.29 -26.53
N ASN A 240 -41.20 19.21 -25.47
CA ASN A 240 -41.71 20.39 -24.76
C ASN A 240 -41.08 20.56 -23.38
N GLY A 241 -39.94 19.90 -23.17
CA GLY A 241 -39.22 20.01 -21.92
C GLY A 241 -38.25 18.87 -21.68
N ASN A 242 -37.15 19.21 -21.01
CA ASN A 242 -36.21 18.24 -20.41
C ASN A 242 -35.27 17.59 -21.38
N LEU A 243 -35.16 18.13 -22.58
CA LEU A 243 -34.28 17.56 -23.59
C LEU A 243 -32.82 17.92 -23.31
N ILE A 244 -31.95 16.93 -23.44
CA ILE A 244 -30.52 17.14 -23.57
C ILE A 244 -30.19 16.80 -25.01
N ALA A 245 -30.01 17.84 -25.81
CA ALA A 245 -29.96 17.70 -27.23
C ALA A 245 -28.57 17.36 -27.75
N PRO A 246 -28.52 16.78 -28.95
CA PRO A 246 -27.30 16.50 -29.64
C PRO A 246 -26.80 17.66 -30.49
N ARG A 247 -25.48 17.77 -30.62
CA ARG A 247 -24.83 18.76 -31.48
C ARG A 247 -24.48 18.16 -32.82
N GLY A 248 -24.52 16.82 -32.92
CA GLY A 248 -24.35 16.13 -34.19
C GLY A 248 -24.30 14.61 -34.07
N TYR A 249 -23.73 14.02 -35.10
CA TYR A 249 -23.66 12.56 -35.18
C TYR A 249 -22.23 12.03 -35.17
N PHE A 250 -22.10 10.76 -34.82
CA PHE A 250 -20.84 10.07 -34.94
C PHE A 250 -20.93 9.23 -36.21
N LYS A 251 -19.84 9.15 -36.96
CA LYS A 251 -19.80 8.19 -38.07
C LYS A 251 -19.74 6.78 -37.52
N MET A 252 -20.44 5.90 -38.22
CA MET A 252 -20.42 4.51 -37.88
C MET A 252 -19.76 3.77 -39.01
N ARG A 253 -18.95 2.80 -38.64
CA ARG A 253 -18.42 1.85 -39.56
C ARG A 253 -18.39 0.52 -38.91
N THR A 254 -18.32 -0.53 -39.73
CA THR A 254 -18.18 -1.89 -39.24
C THR A 254 -16.74 -2.28 -39.47
N GLY A 255 -16.22 -3.16 -38.61
CA GLY A 255 -14.83 -3.52 -38.66
C GLY A 255 -14.34 -4.39 -37.53
N LYS A 256 -13.03 -4.60 -37.53
CA LYS A 256 -12.35 -5.50 -36.59
C LYS A 256 -12.28 -4.93 -35.14
N SER A 257 -12.78 -3.72 -34.90
CA SER A 257 -12.54 -3.02 -33.65
C SER A 257 -13.29 -3.63 -32.49
N SER A 258 -12.81 -3.34 -31.28
CA SER A 258 -13.38 -3.88 -30.03
C SER A 258 -12.81 -3.20 -28.78
N ILE A 259 -13.12 -3.77 -27.61
CA ILE A 259 -12.80 -3.17 -26.34
C ILE A 259 -12.44 -4.23 -25.32
N MET A 260 -11.64 -3.88 -24.32
CA MET A 260 -11.21 -4.86 -23.32
C MET A 260 -10.85 -4.21 -21.97
N ARG A 261 -11.24 -4.86 -20.89
CA ARG A 261 -10.87 -4.40 -19.57
C ARG A 261 -9.58 -5.07 -19.14
N SER A 262 -8.56 -4.27 -18.85
CA SER A 262 -7.28 -4.80 -18.39
C SER A 262 -6.47 -3.75 -17.68
N ASP A 263 -5.61 -4.18 -16.77
CA ASP A 263 -4.71 -3.25 -16.12
C ASP A 263 -3.28 -3.50 -16.54
N ALA A 264 -3.06 -4.33 -17.54
CA ALA A 264 -1.69 -4.56 -17.99
C ALA A 264 -1.21 -3.35 -18.79
N PRO A 265 0.05 -2.94 -18.58
CA PRO A 265 0.60 -1.80 -19.28
C PRO A 265 0.89 -2.12 -20.74
N ILE A 266 1.23 -1.10 -21.55
CA ILE A 266 1.66 -1.29 -22.96
C ILE A 266 3.21 -1.24 -23.14
N ASP A 267 3.82 -2.20 -23.85
CA ASP A 267 5.25 -2.11 -24.24
C ASP A 267 5.21 -2.00 -25.78
N THR A 268 6.37 -1.68 -26.38
CA THR A 268 6.58 -1.73 -27.84
C THR A 268 7.13 -3.08 -28.27
N CYS A 269 6.31 -3.83 -28.96
CA CYS A 269 6.69 -5.15 -29.43
C CYS A 269 5.60 -5.51 -30.42
N ILE A 270 5.67 -6.73 -30.97
CA ILE A 270 4.65 -7.18 -31.88
C ILE A 270 3.99 -8.36 -31.21
N SER A 271 2.67 -8.41 -31.23
CA SER A 271 1.97 -9.60 -30.75
C SER A 271 0.55 -9.62 -31.24
N GLU A 272 0.20 -10.64 -32.01
CA GLU A 272 -1.09 -10.67 -32.67
C GLU A 272 -2.20 -11.15 -31.80
N CYS A 273 -1.84 -11.55 -30.58
CA CYS A 273 -2.84 -11.91 -29.60
C CYS A 273 -2.76 -11.09 -28.32
N ILE A 274 -3.88 -10.47 -27.94
CA ILE A 274 -3.99 -9.67 -26.71
C ILE A 274 -4.99 -10.29 -25.75
N THR A 275 -4.63 -10.34 -24.48
CA THR A 275 -5.54 -10.77 -23.43
C THR A 275 -5.52 -9.76 -22.30
N PRO A 276 -6.52 -9.79 -21.41
CA PRO A 276 -6.38 -8.92 -20.27
C PRO A 276 -5.11 -9.19 -19.46
N ASN A 277 -4.75 -10.47 -19.29
CA ASN A 277 -3.55 -10.86 -18.55
C ASN A 277 -2.28 -10.31 -19.26
N GLY A 278 -2.41 -9.90 -20.51
CA GLY A 278 -1.29 -9.40 -21.27
C GLY A 278 -1.28 -10.05 -22.64
N SER A 279 -0.25 -9.75 -23.43
CA SER A 279 -0.14 -10.32 -24.78
C SER A 279 0.48 -11.71 -24.72
N ILE A 280 -0.05 -12.63 -25.53
CA ILE A 280 0.49 -14.01 -25.63
C ILE A 280 0.84 -14.45 -27.04
N PRO A 281 1.88 -15.28 -27.16
CA PRO A 281 2.28 -15.75 -28.45
C PRO A 281 1.42 -16.91 -28.92
N ASN A 282 1.04 -16.83 -30.20
CA ASN A 282 0.09 -17.78 -30.78
C ASN A 282 0.77 -18.88 -31.59
N ASP A 283 1.98 -19.25 -31.21
CA ASP A 283 2.68 -20.39 -31.82
C ASP A 283 2.02 -21.73 -31.46
N LYS A 284 1.31 -21.79 -30.33
CA LYS A 284 0.63 -23.01 -29.94
C LYS A 284 -0.80 -22.99 -30.41
N PRO A 285 -1.43 -24.15 -30.49
CA PRO A 285 -2.80 -24.18 -30.93
C PRO A 285 -3.82 -23.92 -29.83
N PHE A 286 -3.40 -24.05 -28.57
CA PHE A 286 -4.28 -23.84 -27.41
C PHE A 286 -3.62 -23.00 -26.32
N GLN A 287 -4.44 -22.42 -25.45
CA GLN A 287 -3.95 -21.55 -24.39
C GLN A 287 -4.87 -21.56 -23.18
N ASN A 288 -4.31 -21.13 -22.06
CA ASN A 288 -4.92 -21.30 -20.77
C ASN A 288 -4.75 -20.05 -19.94
N VAL A 289 -4.48 -18.95 -20.62
CA VAL A 289 -4.16 -17.70 -19.97
C VAL A 289 -5.45 -16.99 -19.59
N ASN A 290 -6.28 -16.70 -20.57
CA ASN A 290 -7.58 -16.13 -20.29
C ASN A 290 -8.55 -16.45 -21.39
N LYS A 291 -9.82 -16.67 -21.02
CA LYS A 291 -10.85 -16.88 -22.03
C LYS A 291 -11.19 -15.64 -22.81
N ILE A 292 -10.88 -14.46 -22.29
CA ILE A 292 -11.08 -13.23 -23.03
C ILE A 292 -9.85 -13.04 -23.88
N THR A 293 -10.02 -12.96 -25.20
CA THR A 293 -8.91 -12.63 -26.12
C THR A 293 -9.32 -11.74 -27.30
N TYR A 294 -8.30 -11.23 -27.99
CA TYR A 294 -8.50 -10.38 -29.13
C TYR A 294 -7.42 -10.68 -30.12
N GLY A 295 -7.84 -11.02 -31.34
CA GLY A 295 -6.92 -11.19 -32.47
C GLY A 295 -6.67 -12.65 -32.74
N ALA A 296 -5.62 -12.94 -33.51
CA ALA A 296 -5.25 -14.32 -33.83
C ALA A 296 -4.70 -15.08 -32.62
N CYS A 297 -5.54 -15.87 -31.97
CA CYS A 297 -5.19 -16.44 -30.67
C CYS A 297 -5.44 -17.91 -30.62
N PRO A 298 -4.70 -18.62 -29.80
CA PRO A 298 -5.00 -20.01 -29.55
C PRO A 298 -6.35 -20.17 -28.88
N LYS A 299 -6.93 -21.35 -28.95
CA LYS A 299 -8.26 -21.56 -28.40
C LYS A 299 -8.14 -21.79 -26.92
N TYR A 300 -8.99 -21.13 -26.14
CA TYR A 300 -8.92 -21.29 -24.71
C TYR A 300 -9.37 -22.67 -24.30
N VAL A 301 -8.58 -23.35 -23.49
CA VAL A 301 -8.98 -24.66 -22.95
C VAL A 301 -8.75 -24.69 -21.48
N LYS A 302 -9.42 -25.61 -20.80
CA LYS A 302 -9.29 -25.72 -19.36
C LYS A 302 -8.01 -26.34 -18.91
N GLN A 303 -7.39 -27.15 -19.76
CA GLN A 303 -6.11 -27.80 -19.47
C GLN A 303 -4.98 -26.80 -19.38
N ASN A 304 -4.06 -26.97 -18.46
CA ASN A 304 -2.93 -26.05 -18.40
C ASN A 304 -1.71 -26.64 -19.09
N THR A 305 -1.81 -27.91 -19.48
CA THR A 305 -0.76 -28.53 -20.22
C THR A 305 -1.22 -29.78 -20.96
N LEU A 306 -0.92 -29.81 -22.25
CA LEU A 306 -1.10 -30.99 -23.09
C LEU A 306 0.16 -31.25 -23.90
N LYS A 307 0.85 -32.36 -23.59
CA LYS A 307 2.09 -32.73 -24.29
C LYS A 307 1.78 -33.63 -25.49
N LEU A 308 2.23 -33.19 -26.65
CA LEU A 308 2.09 -33.92 -27.89
C LEU A 308 3.41 -34.60 -28.17
N ALA A 309 3.39 -35.90 -28.45
CA ALA A 309 4.63 -36.63 -28.59
C ALA A 309 5.20 -36.34 -29.93
N THR A 310 6.52 -36.17 -29.92
CA THR A 310 7.33 -35.88 -31.10
C THR A 310 8.50 -36.86 -31.22
N GLY A 311 8.27 -38.08 -30.79
CA GLY A 311 9.26 -39.15 -30.91
C GLY A 311 8.71 -40.49 -30.41
N MET A 312 9.49 -41.54 -30.62
CA MET A 312 9.08 -42.93 -30.30
C MET A 312 9.09 -43.25 -28.80
N ARG A 313 8.60 -44.44 -28.45
CA ARG A 313 8.59 -44.83 -27.05
C ARG A 313 10.01 -44.95 -26.58
N ASN A 314 10.25 -44.46 -25.37
CA ASN A 314 11.59 -44.43 -24.85
C ASN A 314 11.89 -45.63 -24.00
N VAL A 315 12.76 -46.53 -24.47
CA VAL A 315 13.06 -47.76 -23.73
C VAL A 315 14.50 -47.84 -23.26
N PRO A 316 14.73 -47.93 -21.95
CA PRO A 316 16.10 -47.95 -21.45
C PRO A 316 16.78 -49.27 -21.77
N GLU A 317 18.12 -49.26 -21.76
CA GLU A 317 18.93 -50.36 -22.32
C GLU A 317 19.02 -51.55 -21.41
N LYS A 318 18.91 -52.73 -22.00
CA LYS A 318 18.95 -53.89 -21.19
C LYS A 318 20.39 -54.15 -20.80
N GLN A 319 20.55 -54.63 -19.57
CA GLN A 319 21.86 -55.00 -19.01
C GLN A 319 22.52 -56.09 -19.84
N THR A 320 23.85 -56.21 -19.64
CA THR A 320 24.71 -57.30 -20.06
C THR A 320 24.00 -58.34 -20.94
N SER B 1 -23.71 78.70 21.03
CA SER B 1 -23.68 78.74 22.54
C SER B 1 -22.28 78.36 23.06
N THR B 2 -21.98 77.05 22.96
CA THR B 2 -20.73 76.36 23.44
C THR B 2 -20.40 75.17 22.48
N ALA B 3 -19.50 74.26 22.89
CA ALA B 3 -19.08 73.17 22.00
C ALA B 3 -18.54 71.94 22.77
N THR B 4 -18.49 70.80 22.09
CA THR B 4 -18.01 69.57 22.71
C THR B 4 -16.91 68.96 21.89
N LEU B 5 -15.78 68.69 22.51
CA LEU B 5 -14.66 68.09 21.83
C LEU B 5 -14.18 66.86 22.57
N CYS B 6 -14.11 65.73 21.88
CA CYS B 6 -13.79 64.45 22.50
C CYS B 6 -12.57 63.74 21.98
N LEU B 7 -11.83 63.16 22.88
CA LEU B 7 -10.65 62.44 22.53
C LEU B 7 -10.98 60.97 22.52
N GLY B 8 -10.59 60.23 21.50
CA GLY B 8 -10.87 58.79 21.50
C GLY B 8 -9.87 57.97 20.72
N HIS B 9 -10.00 56.65 20.83
CA HIS B 9 -9.15 55.76 20.07
C HIS B 9 -10.01 54.82 19.26
N HIS B 10 -9.40 54.15 18.29
CA HIS B 10 -10.15 53.24 17.46
C HIS B 10 -10.37 51.87 18.10
N ALA B 11 -11.10 51.05 17.35
CA ALA B 11 -11.40 49.70 17.72
C ALA B 11 -11.91 49.06 16.46
N VAL B 12 -11.90 47.73 16.45
CA VAL B 12 -12.14 46.97 15.25
C VAL B 12 -13.10 45.84 15.53
N PRO B 13 -13.79 45.38 14.50
CA PRO B 13 -14.91 44.52 14.76
C PRO B 13 -14.46 43.14 15.21
N ASN B 14 -13.32 42.64 14.73
CA ASN B 14 -12.79 41.36 15.24
C ASN B 14 -11.31 41.42 15.60
N GLY B 15 -11.04 41.58 16.89
CA GLY B 15 -9.70 41.64 17.41
C GLY B 15 -9.04 40.29 17.47
N THR B 16 -8.02 40.17 18.31
CA THR B 16 -7.29 38.93 18.48
C THR B 16 -6.89 38.81 19.92
N LEU B 17 -6.91 37.60 20.44
CA LEU B 17 -6.59 37.37 21.82
C LEU B 17 -5.12 37.05 22.00
N VAL B 18 -4.54 37.64 23.04
CA VAL B 18 -3.14 37.49 23.35
C VAL B 18 -2.93 37.41 24.87
N LYS B 19 -1.73 37.05 25.31
CA LYS B 19 -1.43 36.87 26.73
C LYS B 19 -0.58 37.97 27.28
N THR B 20 -0.72 38.23 28.58
CA THR B 20 0.13 39.20 29.25
C THR B 20 0.60 38.62 30.56
N ILE B 21 1.28 39.44 31.36
CA ILE B 21 1.72 39.06 32.69
C ILE B 21 0.52 38.80 33.57
N THR B 22 -0.38 39.78 33.65
CA THR B 22 -1.48 39.78 34.63
C THR B 22 -2.69 38.99 34.19
N ASP B 23 -2.80 38.69 32.89
CA ASP B 23 -4.00 37.94 32.44
C ASP B 23 -3.81 37.07 31.21
N ASP B 24 -4.71 36.11 31.15
CA ASP B 24 -4.56 34.99 30.26
C ASP B 24 -5.03 35.34 28.87
N GLN B 25 -6.19 36.00 28.75
CA GLN B 25 -6.68 36.43 27.44
C GLN B 25 -7.10 37.87 27.45
N ILE B 26 -6.81 38.57 26.36
CA ILE B 26 -7.17 39.97 26.27
C ILE B 26 -7.16 40.38 24.79
N GLU B 27 -8.25 41.01 24.34
CA GLU B 27 -8.46 41.26 22.93
C GLU B 27 -7.73 42.51 22.56
N VAL B 28 -6.97 42.45 21.49
CA VAL B 28 -6.25 43.62 20.99
C VAL B 28 -6.56 43.78 19.53
N THR B 29 -6.35 45.01 19.04
CA THR B 29 -6.70 45.38 17.67
C THR B 29 -6.09 44.43 16.62
N ASN B 30 -4.83 44.07 16.76
CA ASN B 30 -4.16 43.12 15.84
C ASN B 30 -2.99 42.48 16.59
N ALA B 31 -2.61 41.29 16.16
CA ALA B 31 -1.41 40.64 16.67
C ALA B 31 -0.71 39.91 15.56
N THR B 32 0.40 39.27 15.89
CA THR B 32 1.19 38.54 14.91
C THR B 32 1.73 37.22 15.47
N GLU B 33 1.79 36.22 14.62
CA GLU B 33 2.26 34.90 15.01
C GLU B 33 3.78 34.83 15.07
N LEU B 34 4.30 34.34 16.18
CA LEU B 34 5.74 34.23 16.37
C LEU B 34 6.26 32.83 16.24
N VAL B 35 5.40 31.83 16.09
CA VAL B 35 5.88 30.45 15.99
C VAL B 35 5.53 29.80 14.66
N GLN B 36 6.59 29.43 13.94
CA GLN B 36 6.47 28.80 12.65
C GLN B 36 6.03 27.39 12.87
N SER B 37 4.84 27.11 12.38
CA SER B 37 4.11 25.93 12.81
C SER B 37 4.00 24.88 11.71
N SER B 38 4.05 25.29 10.46
CA SER B 38 3.93 24.38 9.35
C SER B 38 5.13 24.45 8.38
N SER B 39 5.22 23.46 7.49
CA SER B 39 6.28 23.37 6.51
C SER B 39 5.73 23.09 5.13
N THR B 40 6.56 23.32 4.14
CA THR B 40 6.16 23.10 2.74
C THR B 40 6.21 21.61 2.40
N GLY B 41 6.88 20.82 3.23
CA GLY B 41 6.98 19.40 3.00
C GLY B 41 8.09 18.98 2.04
N LYS B 42 8.82 19.95 1.48
CA LYS B 42 9.91 19.64 0.58
C LYS B 42 11.14 20.44 0.95
N ILE B 43 12.29 19.98 0.48
CA ILE B 43 13.59 20.52 0.85
C ILE B 43 14.14 21.39 -0.28
N CYS B 44 14.43 22.64 0.03
CA CYS B 44 14.94 23.57 -0.97
C CYS B 44 16.44 23.40 -1.19
N ASN B 45 16.78 23.21 -2.46
CA ASN B 45 18.19 22.99 -2.84
C ASN B 45 19.10 24.22 -2.83
N ASN B 46 18.57 25.39 -2.48
CA ASN B 46 19.40 26.59 -2.30
C ASN B 46 19.17 27.24 -0.96
N PRO B 47 20.15 27.99 -0.51
CA PRO B 47 21.49 28.12 -1.06
C PRO B 47 22.38 26.96 -0.66
N HIS B 48 21.88 26.08 0.20
CA HIS B 48 22.67 24.98 0.73
C HIS B 48 22.78 23.87 -0.30
N ARG B 49 24.02 23.43 -0.56
CA ARG B 49 24.26 22.29 -1.43
C ARG B 49 23.80 21.00 -0.77
N ILE B 50 22.63 20.52 -1.22
CA ILE B 50 22.05 19.27 -0.72
C ILE B 50 22.61 18.11 -1.55
N LEU B 51 22.72 16.95 -0.94
CA LEU B 51 23.14 15.75 -1.65
C LEU B 51 22.32 14.55 -1.18
N ASP B 52 21.56 13.99 -2.11
CA ASP B 52 20.56 13.00 -1.79
C ASP B 52 21.17 11.61 -1.84
N GLY B 53 21.35 11.02 -0.66
CA GLY B 53 21.88 9.66 -0.56
C GLY B 53 21.03 8.55 -1.17
N ILE B 54 19.90 8.92 -1.76
CA ILE B 54 19.01 7.97 -2.42
C ILE B 54 19.06 6.56 -1.76
N ASP B 55 19.73 5.60 -2.38
CA ASP B 55 19.73 4.23 -1.84
C ASP B 55 20.92 3.99 -0.89
N CYS B 56 21.84 4.96 -0.84
CA CYS B 56 23.07 4.82 -0.04
C CYS B 56 22.99 5.56 1.27
N THR B 57 23.57 4.93 2.30
CA THR B 57 23.90 5.65 3.49
C THR B 57 25.25 6.33 3.24
N LEU B 58 25.65 7.23 4.15
CA LEU B 58 26.89 7.96 3.98
C LEU B 58 28.07 7.03 4.12
N ILE B 59 28.07 6.23 5.17
CA ILE B 59 29.14 5.27 5.38
C ILE B 59 29.32 4.30 4.19
N ASP B 60 28.23 3.95 3.50
CA ASP B 60 28.36 3.07 2.35
C ASP B 60 29.04 3.77 1.16
N ALA B 61 28.86 5.06 1.03
CA ALA B 61 29.52 5.80 -0.04
C ALA B 61 31.00 5.95 0.29
N LEU B 62 31.26 6.07 1.59
CA LEU B 62 32.62 6.24 2.10
C LEU B 62 33.43 5.04 1.70
N LEU B 63 32.98 3.86 2.16
CA LEU B 63 33.64 2.58 1.92
C LEU B 63 33.63 2.15 0.45
N GLY B 64 32.53 2.39 -0.24
CA GLY B 64 32.47 2.18 -1.69
C GLY B 64 31.73 0.92 -2.04
N ASP B 65 30.56 0.74 -1.43
CA ASP B 65 29.58 -0.26 -1.85
C ASP B 65 29.41 -0.03 -3.36
N PRO B 66 29.21 -1.09 -4.13
CA PRO B 66 29.06 -0.98 -5.57
C PRO B 66 28.00 -0.02 -6.05
N HIS B 67 26.79 -0.07 -5.51
CA HIS B 67 25.75 0.85 -6.00
C HIS B 67 25.97 2.31 -5.57
N CYS B 68 26.94 2.54 -4.67
CA CYS B 68 27.27 3.88 -4.13
C CYS B 68 28.50 4.45 -4.80
N ASP B 69 28.70 4.07 -6.05
CA ASP B 69 29.90 4.45 -6.73
C ASP B 69 29.67 5.80 -7.31
N VAL B 70 28.44 6.09 -7.67
CA VAL B 70 28.14 7.39 -8.23
C VAL B 70 28.46 8.52 -7.24
N PHE B 71 28.64 8.22 -5.96
CA PHE B 71 28.94 9.25 -4.96
C PHE B 71 30.42 9.58 -4.81
N GLN B 72 31.28 8.98 -5.61
CA GLN B 72 32.72 9.10 -5.34
C GLN B 72 33.18 10.51 -5.48
N ASN B 73 34.10 10.89 -4.60
CA ASN B 73 34.77 12.19 -4.67
C ASN B 73 33.79 13.39 -4.51
N GLU B 74 32.63 13.14 -3.91
CA GLU B 74 31.54 14.12 -3.82
C GLU B 74 31.76 15.08 -2.70
N THR B 75 31.02 16.19 -2.74
CA THR B 75 30.98 17.18 -1.66
C THR B 75 29.54 17.47 -1.28
N TRP B 76 29.33 18.07 -0.13
CA TRP B 76 27.99 18.52 0.30
C TRP B 76 28.03 19.57 1.39
N ASP B 77 26.95 20.34 1.47
CA ASP B 77 26.66 21.12 2.65
C ASP B 77 25.82 20.26 3.57
N LEU B 78 24.83 19.57 3.01
CA LEU B 78 23.97 18.72 3.81
C LEU B 78 23.69 17.43 3.08
N PHE B 79 24.17 16.32 3.63
CA PHE B 79 23.93 14.99 3.08
C PHE B 79 22.60 14.50 3.65
N VAL B 80 21.77 13.85 2.83
CA VAL B 80 20.45 13.43 3.30
C VAL B 80 20.23 11.92 3.24
N GLU B 81 20.34 11.24 4.37
CA GLU B 81 20.17 9.78 4.40
C GLU B 81 18.68 9.48 4.33
N ARG B 82 18.31 8.57 3.45
CA ARG B 82 16.92 8.20 3.28
C ARG B 82 16.57 6.95 4.05
N SER B 83 15.31 6.86 4.43
CA SER B 83 14.75 5.63 4.99
C SER B 83 14.96 4.38 4.10
N LYS B 84 14.79 4.58 2.81
CA LYS B 84 14.82 3.49 1.85
C LYS B 84 16.20 2.86 1.64
N ALA B 85 17.24 3.46 2.19
CA ALA B 85 18.61 3.05 1.86
C ALA B 85 18.99 1.67 2.38
N PHE B 86 19.94 1.06 1.69
CA PHE B 86 20.44 -0.25 2.05
C PHE B 86 21.93 -0.40 1.72
N SER B 87 22.49 -1.48 2.28
CA SER B 87 23.85 -1.92 2.00
C SER B 87 23.74 -3.18 1.14
N ASN B 88 24.71 -3.41 0.26
CA ASN B 88 24.67 -4.54 -0.65
C ASN B 88 26.07 -4.95 -1.09
N CYS B 89 26.89 -5.23 -0.08
CA CYS B 89 28.28 -5.60 -0.27
C CYS B 89 28.65 -6.62 0.78
N TYR B 90 29.93 -6.73 1.11
CA TYR B 90 30.36 -7.62 2.18
C TYR B 90 29.78 -7.10 3.47
N PRO B 91 29.27 -7.98 4.33
CA PRO B 91 28.65 -7.49 5.56
C PRO B 91 29.69 -6.96 6.54
N TYR B 92 29.43 -5.78 7.08
CA TYR B 92 30.39 -5.15 7.95
C TYR B 92 29.73 -4.64 9.21
N ASP B 93 30.55 -4.10 10.11
CA ASP B 93 30.06 -3.31 11.25
C ASP B 93 31.14 -2.30 11.68
N VAL B 94 30.72 -1.17 12.25
CA VAL B 94 31.68 -0.13 12.62
C VAL B 94 31.59 0.14 14.10
N PRO B 95 32.50 -0.44 14.88
CA PRO B 95 32.57 0.01 16.23
C PRO B 95 32.62 1.53 16.21
N ASP B 96 31.79 2.16 17.03
CA ASP B 96 31.72 3.61 17.06
C ASP B 96 31.25 4.14 15.70
N TYR B 97 30.14 3.59 15.22
CA TYR B 97 29.60 3.93 13.91
C TYR B 97 29.25 5.39 13.87
N ALA B 98 28.50 5.81 14.87
CA ALA B 98 27.96 7.15 14.88
C ALA B 98 29.06 8.22 14.86
N SER B 99 30.19 7.95 15.50
CA SER B 99 31.31 8.90 15.50
C SER B 99 31.89 9.07 14.12
N LEU B 100 32.04 7.97 13.40
CA LEU B 100 32.63 8.04 12.08
C LEU B 100 31.68 8.76 11.13
N ARG B 101 30.39 8.48 11.30
CA ARG B 101 29.38 9.09 10.46
C ARG B 101 29.42 10.58 10.67
N SER B 102 29.31 10.98 11.92
CA SER B 102 29.38 12.38 12.34
C SER B 102 30.59 13.06 11.73
N LEU B 103 31.78 12.50 11.92
CA LEU B 103 33.01 13.21 11.55
C LEU B 103 33.21 13.36 10.04
N VAL B 104 32.78 12.36 9.28
CA VAL B 104 32.78 12.45 7.80
C VAL B 104 31.74 13.46 7.35
N ALA B 105 30.56 13.40 7.96
CA ALA B 105 29.47 14.32 7.66
C ALA B 105 29.90 15.77 7.74
N SER B 106 30.73 16.13 8.72
CA SER B 106 31.15 17.53 8.86
C SER B 106 32.44 17.84 8.09
N SER B 107 33.17 16.81 7.65
CA SER B 107 34.24 17.03 6.64
C SER B 107 33.64 17.51 5.33
N GLY B 108 32.46 17.01 4.96
CA GLY B 108 31.72 17.56 3.83
C GLY B 108 32.20 17.15 2.46
N THR B 109 32.86 16.01 2.42
CA THR B 109 33.54 15.56 1.23
C THR B 109 34.00 14.10 1.40
N LEU B 110 33.82 13.35 0.33
CA LEU B 110 34.44 12.05 0.15
C LEU B 110 35.59 12.08 -0.88
N GLU B 111 36.35 13.17 -0.88
CA GLU B 111 37.46 13.38 -1.77
C GLU B 111 38.57 12.43 -1.40
N PHE B 112 38.73 11.39 -2.21
CA PHE B 112 39.68 10.31 -1.93
C PHE B 112 40.91 10.50 -2.78
N ILE B 113 42.05 10.15 -2.21
CA ILE B 113 43.35 10.29 -2.85
C ILE B 113 44.05 8.95 -2.73
N THR B 114 44.38 8.31 -3.83
CA THR B 114 45.07 7.02 -3.75
C THR B 114 46.58 7.19 -3.50
N GLU B 115 47.15 6.31 -2.68
CA GLU B 115 48.59 6.24 -2.43
C GLU B 115 49.05 4.83 -2.75
N GLY B 116 50.27 4.70 -3.24
CA GLY B 116 50.82 3.40 -3.61
C GLY B 116 51.42 2.67 -2.43
N PHE B 117 50.57 2.09 -1.63
CA PHE B 117 51.05 1.16 -0.62
C PHE B 117 51.66 0.01 -1.40
N THR B 118 52.72 -0.61 -0.86
CA THR B 118 53.30 -1.77 -1.55
C THR B 118 53.30 -3.00 -0.67
N TRP B 119 52.26 -3.78 -0.84
CA TRP B 119 51.98 -4.94 -0.01
C TRP B 119 52.71 -6.12 -0.57
N THR B 120 53.93 -6.39 -0.11
CA THR B 120 54.72 -7.49 -0.72
C THR B 120 54.52 -8.87 -0.08
N GLY B 121 54.27 -9.83 -0.95
CA GLY B 121 54.11 -11.22 -0.55
C GLY B 121 52.69 -11.70 -0.30
N VAL B 122 51.69 -10.88 -0.70
CA VAL B 122 50.26 -11.15 -0.48
C VAL B 122 49.48 -10.78 -1.74
N THR B 123 48.36 -11.46 -1.97
CA THR B 123 47.57 -11.21 -3.17
C THR B 123 46.46 -10.20 -2.89
N GLN B 124 46.37 -9.21 -3.77
CA GLN B 124 45.49 -8.06 -3.55
C GLN B 124 44.16 -8.21 -4.26
N ASN B 125 43.23 -7.31 -3.94
CA ASN B 125 41.98 -7.14 -4.69
C ASN B 125 40.99 -8.27 -4.61
N GLY B 126 41.04 -9.06 -3.55
CA GLY B 126 40.04 -10.11 -3.36
C GLY B 126 38.66 -9.51 -3.33
N GLY B 127 37.65 -10.32 -3.62
CA GLY B 127 36.27 -9.87 -3.56
C GLY B 127 35.35 -11.06 -3.40
N SER B 128 34.20 -10.87 -2.76
CA SER B 128 33.26 -11.96 -2.53
C SER B 128 31.99 -11.69 -3.35
N ASN B 129 31.28 -12.77 -3.68
CA ASN B 129 29.96 -12.70 -4.32
C ASN B 129 28.88 -11.94 -3.56
N ALA B 130 29.14 -11.62 -2.29
CA ALA B 130 28.27 -10.75 -1.54
C ALA B 130 28.25 -9.32 -2.12
N CYS B 131 29.38 -8.92 -2.68
CA CYS B 131 29.61 -7.56 -3.12
C CYS B 131 29.93 -7.47 -4.61
N LYS B 132 28.97 -7.86 -5.45
CA LYS B 132 29.24 -7.99 -6.88
C LYS B 132 29.35 -6.64 -7.58
N ARG B 133 30.44 -6.45 -8.31
CA ARG B 133 30.58 -5.31 -9.22
C ARG B 133 30.48 -5.78 -10.68
N GLY B 134 29.42 -5.36 -11.36
CA GLY B 134 29.20 -5.74 -12.75
C GLY B 134 28.90 -7.22 -12.90
N PRO B 135 29.36 -7.82 -14.00
CA PRO B 135 29.11 -9.26 -14.20
C PRO B 135 29.71 -10.15 -13.11
N GLY B 136 31.03 -10.07 -12.92
CA GLY B 136 31.73 -10.86 -11.90
C GLY B 136 31.58 -10.30 -10.50
N SER B 137 32.43 -10.79 -9.58
CA SER B 137 32.35 -10.48 -8.16
C SER B 137 33.44 -9.50 -7.78
N GLY B 138 33.19 -8.71 -6.74
CA GLY B 138 34.16 -7.72 -6.25
C GLY B 138 34.05 -7.38 -4.77
N PHE B 139 34.38 -6.12 -4.43
CA PHE B 139 34.54 -5.68 -3.04
C PHE B 139 34.26 -4.18 -2.89
N PHE B 140 34.39 -3.65 -1.67
CA PHE B 140 34.35 -2.19 -1.42
C PHE B 140 35.44 -1.51 -2.22
N SER B 141 35.13 -0.37 -2.81
CA SER B 141 36.05 0.26 -3.75
C SER B 141 37.27 0.95 -3.11
N ARG B 142 37.18 1.35 -1.86
CA ARG B 142 38.26 2.07 -1.19
C ARG B 142 39.02 1.25 -0.17
N LEU B 143 38.75 -0.05 -0.19
CA LEU B 143 39.45 -1.03 0.63
C LEU B 143 40.05 -2.17 -0.22
N ASN B 144 41.06 -2.83 0.33
CA ASN B 144 41.86 -3.76 -0.41
C ASN B 144 41.99 -5.08 0.32
N TRP B 145 41.32 -6.11 -0.18
CA TRP B 145 41.34 -7.42 0.51
C TRP B 145 42.65 -8.25 0.29
N LEU B 146 43.60 -8.07 1.20
CA LEU B 146 44.86 -8.82 1.18
C LEU B 146 44.68 -10.20 1.75
N THR B 147 44.98 -11.19 0.91
CA THR B 147 44.99 -12.62 1.28
C THR B 147 46.36 -13.25 0.92
N LYS B 148 46.45 -14.56 1.18
CA LYS B 148 47.65 -15.37 0.91
C LYS B 148 48.22 -15.17 -0.45
N SER B 149 49.53 -15.40 -0.56
CA SER B 149 50.17 -15.69 -1.85
C SER B 149 51.09 -16.90 -1.71
N GLY B 150 50.82 -17.94 -2.51
CA GLY B 150 51.52 -19.21 -2.42
C GLY B 150 50.91 -19.97 -1.28
N SER B 151 51.67 -20.14 -0.21
CA SER B 151 51.09 -20.53 1.06
C SER B 151 51.79 -19.75 2.16
N THR B 152 51.97 -18.46 1.91
CA THR B 152 52.53 -17.54 2.88
C THR B 152 51.68 -16.27 3.03
N TYR B 153 51.58 -15.80 4.27
CA TYR B 153 51.17 -14.44 4.56
C TYR B 153 52.30 -13.87 5.43
N PRO B 154 53.15 -13.02 4.82
CA PRO B 154 54.24 -12.38 5.54
C PRO B 154 53.69 -11.49 6.63
N VAL B 155 54.53 -11.10 7.59
CA VAL B 155 54.20 -10.03 8.52
C VAL B 155 54.39 -8.72 7.76
N LEU B 156 53.27 -8.11 7.37
CA LEU B 156 53.26 -6.86 6.61
C LEU B 156 53.69 -5.73 7.53
N ASN B 157 54.38 -4.77 6.97
CA ASN B 157 54.93 -3.70 7.76
C ASN B 157 55.22 -2.56 6.83
N VAL B 158 54.19 -1.78 6.54
CA VAL B 158 54.29 -0.60 5.66
C VAL B 158 54.19 0.68 6.46
N THR B 159 54.46 1.78 5.79
CA THR B 159 54.45 3.08 6.41
C THR B 159 54.10 4.11 5.34
N MET B 160 53.51 5.22 5.75
CA MET B 160 53.12 6.25 4.81
C MET B 160 53.04 7.60 5.51
N PRO B 161 54.03 8.49 5.25
CA PRO B 161 54.07 9.76 5.97
C PRO B 161 52.92 10.71 5.59
N ASN B 162 52.92 11.88 6.23
CA ASN B 162 52.05 12.94 5.82
C ASN B 162 52.88 14.19 5.69
N ASN B 163 53.37 14.42 4.48
CA ASN B 163 54.17 15.62 4.21
C ASN B 163 53.30 16.77 3.76
N ASP B 164 52.02 16.50 3.53
CA ASP B 164 51.03 17.54 3.20
C ASP B 164 50.69 18.47 4.40
N ASN B 165 49.92 19.49 4.12
CA ASN B 165 49.53 20.49 5.11
C ASN B 165 48.11 20.27 5.67
N PHE B 166 47.55 19.08 5.50
CA PHE B 166 46.18 18.78 5.96
C PHE B 166 46.04 17.41 6.56
N ASP B 167 45.00 17.25 7.37
CA ASP B 167 44.74 16.00 8.03
C ASP B 167 44.27 14.95 7.03
N LYS B 168 44.88 13.76 7.09
CA LYS B 168 44.49 12.64 6.23
C LYS B 168 43.68 11.64 7.05
N LEU B 169 42.53 11.26 6.53
CA LEU B 169 41.68 10.27 7.20
C LEU B 169 41.85 8.97 6.45
N TYR B 170 42.27 7.92 7.17
CA TYR B 170 42.46 6.60 6.60
C TYR B 170 41.39 5.66 7.11
N ILE B 171 40.63 5.07 6.18
CA ILE B 171 39.67 4.02 6.55
C ILE B 171 40.23 2.69 6.17
N TRP B 172 40.22 1.80 7.16
CA TRP B 172 40.74 0.46 7.04
C TRP B 172 39.91 -0.46 7.90
N GLY B 173 40.15 -1.75 7.83
CA GLY B 173 39.38 -2.70 8.61
C GLY B 173 40.06 -4.03 8.83
N VAL B 174 39.30 -5.00 9.32
CA VAL B 174 39.84 -6.27 9.70
C VAL B 174 38.79 -7.37 9.59
N HIS B 175 39.17 -8.47 8.97
CA HIS B 175 38.24 -9.55 8.60
C HIS B 175 38.10 -10.54 9.74
N HIS B 176 36.87 -10.94 10.03
CA HIS B 176 36.58 -11.94 11.07
C HIS B 176 35.98 -13.17 10.38
N PRO B 177 36.75 -14.26 10.26
CA PRO B 177 36.19 -15.41 9.55
C PRO B 177 35.22 -16.23 10.41
N SER B 178 34.37 -17.02 9.75
CA SER B 178 33.35 -17.80 10.41
C SER B 178 33.92 -19.09 10.99
N THR B 179 34.82 -19.74 10.26
CA THR B 179 35.49 -20.98 10.71
C THR B 179 37.01 -20.87 10.69
N ASN B 180 37.68 -21.77 11.40
CA ASN B 180 39.14 -21.84 11.36
C ASN B 180 39.63 -22.26 10.00
N GLN B 181 38.89 -23.17 9.36
CA GLN B 181 39.17 -23.57 8.00
C GLN B 181 39.31 -22.36 7.09
N GLU B 182 38.34 -21.45 7.19
CA GLU B 182 38.36 -20.20 6.43
C GLU B 182 39.53 -19.27 6.80
N GLN B 183 39.87 -19.23 8.07
CA GLN B 183 40.98 -18.39 8.56
C GLN B 183 42.29 -18.80 7.93
N THR B 184 42.49 -20.13 7.86
CA THR B 184 43.70 -20.76 7.33
C THR B 184 43.77 -20.71 5.81
N SER B 185 42.64 -20.93 5.13
CA SER B 185 42.54 -20.74 3.68
C SER B 185 43.05 -19.37 3.23
N LEU B 186 42.71 -18.33 3.99
CA LEU B 186 42.95 -16.94 3.59
C LEU B 186 44.24 -16.35 4.14
N TYR B 187 44.49 -16.54 5.43
CA TYR B 187 45.63 -15.86 6.06
C TYR B 187 46.67 -16.79 6.66
N VAL B 188 46.54 -18.10 6.45
CA VAL B 188 47.53 -19.12 6.90
C VAL B 188 47.55 -19.25 8.40
N GLN B 189 48.06 -18.22 9.07
CA GLN B 189 48.20 -18.19 10.53
C GLN B 189 46.87 -18.42 11.24
N ALA B 190 46.90 -19.27 12.27
CA ALA B 190 45.72 -19.74 12.96
C ALA B 190 44.96 -18.56 13.51
N SER B 191 45.71 -17.57 13.98
CA SER B 191 45.16 -16.37 14.58
C SER B 191 45.84 -15.15 13.98
N GLY B 192 45.05 -14.22 13.46
CA GLY B 192 45.59 -12.99 12.88
C GLY B 192 45.92 -11.91 13.90
N ARG B 193 46.12 -10.69 13.39
CA ARG B 193 46.40 -9.51 14.20
C ARG B 193 46.68 -8.35 13.26
N VAL B 194 46.07 -7.21 13.55
CA VAL B 194 46.22 -5.96 12.78
C VAL B 194 46.53 -4.79 13.72
N THR B 195 47.61 -4.04 13.42
CA THR B 195 48.07 -2.95 14.30
C THR B 195 48.41 -1.67 13.54
N VAL B 196 47.48 -0.71 13.57
CA VAL B 196 47.65 0.59 12.92
C VAL B 196 48.02 1.64 13.95
N SER B 197 48.97 2.50 13.61
CA SER B 197 49.62 3.34 14.60
C SER B 197 50.22 4.58 13.97
N THR B 198 50.21 5.69 14.72
CA THR B 198 50.92 6.90 14.33
C THR B 198 51.94 7.18 15.43
N ARG B 199 52.59 8.34 15.39
CA ARG B 199 53.62 8.61 16.40
C ARG B 199 53.00 8.83 17.77
N ARG B 200 51.80 9.38 17.80
CA ARG B 200 51.17 9.61 19.11
C ARG B 200 50.06 8.62 19.53
N SER B 201 49.36 7.98 18.58
CA SER B 201 48.32 6.99 18.88
C SER B 201 48.75 5.58 18.50
N GLN B 202 47.87 4.61 18.72
CA GLN B 202 48.19 3.21 18.49
C GLN B 202 46.89 2.44 18.64
N GLN B 203 46.69 1.39 17.88
CA GLN B 203 45.41 0.73 17.84
C GLN B 203 45.55 -0.69 17.33
N THR B 204 45.11 -1.69 18.11
CA THR B 204 45.34 -3.10 17.73
C THR B 204 44.16 -4.03 17.91
N ILE B 205 43.71 -4.61 16.80
CA ILE B 205 42.56 -5.49 16.79
C ILE B 205 43.02 -6.90 16.52
N ILE B 206 42.35 -7.86 17.15
CA ILE B 206 42.66 -9.27 17.00
C ILE B 206 41.37 -9.92 16.57
N PRO B 207 41.29 -10.36 15.33
CA PRO B 207 40.02 -10.81 14.80
C PRO B 207 39.49 -12.01 15.58
N ASN B 208 38.18 -12.08 15.78
CA ASN B 208 37.54 -13.22 16.45
C ASN B 208 36.77 -14.13 15.53
N ILE B 209 37.03 -15.43 15.67
CA ILE B 209 36.51 -16.41 14.70
C ILE B 209 35.25 -17.04 15.28
N GLY B 210 34.20 -17.08 14.48
CA GLY B 210 32.94 -17.64 14.94
C GLY B 210 31.84 -17.42 13.93
N SER B 211 30.69 -18.04 14.16
CA SER B 211 29.55 -17.86 13.29
C SER B 211 28.71 -16.66 13.74
N ARG B 212 28.40 -15.81 12.79
CA ARG B 212 27.43 -14.77 12.95
C ARG B 212 26.24 -15.12 12.05
N PRO B 213 25.15 -14.31 12.08
CA PRO B 213 23.99 -14.71 11.28
C PRO B 213 24.28 -14.52 9.83
N TRP B 214 23.58 -15.26 8.98
CA TRP B 214 23.82 -15.24 7.56
C TRP B 214 23.29 -13.91 7.05
N VAL B 215 24.16 -13.20 6.36
CA VAL B 215 23.81 -11.96 5.73
C VAL B 215 24.32 -11.97 4.31
N ARG B 216 23.39 -12.15 3.36
CA ARG B 216 23.73 -12.02 1.95
C ARG B 216 24.88 -12.99 1.60
N GLY B 217 24.72 -14.23 2.04
CA GLY B 217 25.63 -15.29 1.64
C GLY B 217 26.76 -15.57 2.60
N LEU B 218 26.96 -14.71 3.59
CA LEU B 218 28.12 -14.85 4.44
C LEU B 218 27.79 -14.89 5.93
N SER B 219 28.51 -15.77 6.61
CA SER B 219 28.45 -15.93 8.04
C SER B 219 29.65 -15.18 8.70
N SER B 220 30.59 -14.72 7.89
CA SER B 220 31.73 -13.95 8.38
C SER B 220 31.46 -12.45 8.22
N ARG B 221 32.43 -11.63 8.61
CA ARG B 221 32.21 -10.19 8.78
C ARG B 221 33.50 -9.35 8.67
N ILE B 222 33.30 -8.03 8.67
CA ILE B 222 34.41 -7.11 8.69
C ILE B 222 34.10 -5.99 9.67
N SER B 223 35.05 -5.75 10.59
CA SER B 223 34.98 -4.58 11.44
C SER B 223 35.73 -3.44 10.72
N ILE B 224 35.15 -2.24 10.73
CA ILE B 224 35.74 -1.06 10.12
C ILE B 224 36.27 -0.11 11.18
N TYR B 225 37.52 0.31 11.01
CA TYR B 225 38.18 1.24 11.93
C TYR B 225 38.71 2.46 11.15
N TRP B 226 38.93 3.59 11.84
CA TRP B 226 39.56 4.72 11.18
C TRP B 226 40.77 5.17 11.98
N THR B 227 41.66 5.86 11.29
CA THR B 227 42.83 6.46 11.90
C THR B 227 43.06 7.76 11.18
N ILE B 228 43.06 8.87 11.91
CA ILE B 228 43.40 10.17 11.32
C ILE B 228 44.87 10.42 11.59
N VAL B 229 45.62 10.82 10.56
CA VAL B 229 47.04 11.13 10.74
C VAL B 229 47.32 12.57 10.32
N LYS B 230 47.99 13.31 11.18
CA LYS B 230 48.04 14.76 11.04
C LYS B 230 49.32 15.15 10.32
N PRO B 231 49.41 16.41 9.78
CA PRO B 231 50.59 16.86 9.03
C PRO B 231 51.82 16.72 9.86
N GLY B 232 52.90 16.23 9.26
CA GLY B 232 54.13 15.97 10.01
C GLY B 232 54.22 14.57 10.59
N ASP B 233 53.06 13.98 10.86
CA ASP B 233 52.97 12.66 11.49
C ASP B 233 53.16 11.56 10.42
N VAL B 234 53.02 10.32 10.84
CA VAL B 234 53.22 9.18 9.97
C VAL B 234 52.32 7.97 10.36
N LEU B 235 51.79 7.29 9.35
CA LEU B 235 50.97 6.09 9.54
C LEU B 235 51.82 4.86 9.33
N VAL B 236 51.63 3.87 10.22
CA VAL B 236 52.30 2.59 10.10
C VAL B 236 51.34 1.42 10.33
N ILE B 237 51.06 0.69 9.26
CA ILE B 237 50.26 -0.53 9.31
C ILE B 237 51.18 -1.74 9.45
N ASN B 238 50.78 -2.65 10.33
CA ASN B 238 51.52 -3.86 10.62
C ASN B 238 50.53 -4.99 10.88
N SER B 239 50.73 -6.14 10.23
CA SER B 239 49.78 -7.24 10.32
C SER B 239 50.33 -8.54 9.79
N ASN B 240 50.06 -9.62 10.53
CA ASN B 240 50.41 -10.98 10.10
C ASN B 240 49.17 -11.80 9.72
N GLY B 241 48.06 -11.11 9.45
CA GLY B 241 46.84 -11.77 9.05
C GLY B 241 45.59 -10.92 9.25
N ASN B 242 44.62 -11.11 8.36
CA ASN B 242 43.24 -10.62 8.50
C ASN B 242 43.06 -9.15 8.21
N LEU B 243 44.05 -8.51 7.61
CA LEU B 243 43.95 -7.07 7.32
C LEU B 243 43.06 -6.83 6.10
N ILE B 244 42.19 -5.83 6.23
CA ILE B 244 41.50 -5.23 5.10
C ILE B 244 42.11 -3.86 4.94
N ALA B 245 42.99 -3.75 3.97
CA ALA B 245 43.87 -2.61 3.86
C ALA B 245 43.24 -1.46 3.13
N PRO B 246 43.76 -0.26 3.37
CA PRO B 246 43.38 0.94 2.66
C PRO B 246 44.18 1.19 1.38
N ARG B 247 43.51 1.80 0.40
CA ARG B 247 44.14 2.18 -0.86
C ARG B 247 44.57 3.62 -0.81
N GLY B 248 44.07 4.36 0.18
CA GLY B 248 44.52 5.74 0.42
C GLY B 248 43.74 6.47 1.50
N TYR B 249 43.84 7.79 1.43
CA TYR B 249 43.22 8.64 2.42
C TYR B 249 42.13 9.53 1.85
N PHE B 250 41.25 10.01 2.73
CA PHE B 250 40.27 11.02 2.38
C PHE B 250 40.82 12.33 2.90
N LYS B 251 40.64 13.41 2.14
CA LYS B 251 40.93 14.73 2.69
C LYS B 251 39.90 15.10 3.74
N MET B 252 40.41 15.75 4.77
CA MET B 252 39.56 16.24 5.80
C MET B 252 39.63 17.75 5.78
N ARG B 253 38.47 18.35 6.01
CA ARG B 253 38.40 19.76 6.26
C ARG B 253 37.32 20.00 7.25
N THR B 254 37.37 21.16 7.87
CA THR B 254 36.35 21.56 8.82
C THR B 254 35.48 22.56 8.10
N GLY B 255 34.20 22.61 8.45
CA GLY B 255 33.24 23.44 7.74
C GLY B 255 31.81 23.26 8.17
N LYS B 256 30.94 23.94 7.44
CA LYS B 256 29.52 24.04 7.80
C LYS B 256 28.74 22.74 7.54
N SER B 257 29.41 21.72 7.03
CA SER B 257 28.73 20.54 6.51
C SER B 257 28.14 19.69 7.60
N SER B 258 27.16 18.87 7.20
CA SER B 258 26.43 18.00 8.13
C SER B 258 25.55 16.97 7.40
N ILE B 259 24.70 16.28 8.16
CA ILE B 259 23.91 15.17 7.67
C ILE B 259 22.53 15.14 8.32
N MET B 260 21.52 14.59 7.64
CA MET B 260 20.18 14.57 8.21
C MET B 260 19.33 13.42 7.66
N ARG B 261 18.55 12.80 8.54
CA ARG B 261 17.64 11.74 8.12
C ARG B 261 16.30 12.35 7.79
N SER B 262 15.84 12.16 6.56
CA SER B 262 14.54 12.66 6.12
C SER B 262 14.03 11.93 4.91
N ASP B 263 12.73 11.88 4.75
CA ASP B 263 12.16 11.32 3.54
C ASP B 263 11.49 12.38 2.70
N ALA B 264 11.67 13.64 3.03
CA ALA B 264 11.05 14.70 2.22
C ALA B 264 11.84 14.86 0.93
N PRO B 265 11.14 15.04 -0.21
CA PRO B 265 11.78 15.18 -1.50
C PRO B 265 12.43 16.54 -1.65
N ILE B 266 13.22 16.74 -2.71
CA ILE B 266 13.83 18.04 -3.03
C ILE B 266 13.05 18.82 -4.14
N ASP B 267 12.75 20.11 -3.95
CA ASP B 267 12.20 20.98 -5.02
C ASP B 267 13.29 22.04 -5.26
N THR B 268 13.15 22.82 -6.34
CA THR B 268 13.99 24.00 -6.62
C THR B 268 13.35 25.26 -6.06
N CYS B 269 13.98 25.82 -5.05
CA CYS B 269 13.49 27.01 -4.41
C CYS B 269 14.64 27.47 -3.53
N ILE B 270 14.44 28.52 -2.76
CA ILE B 270 15.46 28.99 -1.83
C ILE B 270 14.89 28.83 -0.46
N SER B 271 15.66 28.29 0.47
CA SER B 271 15.25 28.26 1.87
C SER B 271 16.42 28.02 2.78
N GLU B 272 16.69 28.97 3.67
CA GLU B 272 17.88 28.89 4.48
C GLU B 272 17.73 28.04 5.70
N CYS B 273 16.54 27.51 5.90
CA CYS B 273 16.33 26.54 6.94
C CYS B 273 15.78 25.21 6.42
N ILE B 274 16.47 24.11 6.77
CA ILE B 274 16.04 22.75 6.43
C ILE B 274 15.73 21.93 7.68
N THR B 275 14.63 21.19 7.64
CA THR B 275 14.28 20.25 8.70
C THR B 275 13.95 18.91 8.09
N PRO B 276 13.90 17.85 8.90
CA PRO B 276 13.46 16.60 8.30
C PRO B 276 12.03 16.71 7.73
N ASN B 277 11.15 17.42 8.42
CA ASN B 277 9.79 17.61 7.96
C ASN B 277 9.74 18.38 6.64
N GLY B 278 10.84 19.02 6.27
CA GLY B 278 10.91 19.81 5.07
C GLY B 278 11.54 21.17 5.37
N SER B 279 11.59 22.04 4.36
CA SER B 279 12.17 23.36 4.54
C SER B 279 11.16 24.31 5.14
N ILE B 280 11.61 25.17 6.08
CA ILE B 280 10.75 26.20 6.71
C ILE B 280 11.30 27.61 6.63
N PRO B 281 10.40 28.60 6.50
CA PRO B 281 10.83 29.96 6.44
C PRO B 281 11.16 30.54 7.81
N ASN B 282 12.28 31.25 7.87
CA ASN B 282 12.82 31.77 9.12
C ASN B 282 12.50 33.25 9.35
N ASP B 283 11.36 33.69 8.84
CA ASP B 283 10.85 35.04 9.15
C ASP B 283 10.41 35.18 10.63
N LYS B 284 10.05 34.07 11.30
CA LYS B 284 9.64 34.12 12.69
C LYS B 284 10.80 33.82 13.59
N PRO B 285 10.69 34.19 14.86
CA PRO B 285 11.81 33.96 15.76
C PRO B 285 11.78 32.58 16.39
N PHE B 286 10.64 31.92 16.35
CA PHE B 286 10.48 30.57 16.89
C PHE B 286 9.71 29.62 15.96
N GLN B 287 9.87 28.32 16.18
CA GLN B 287 9.25 27.31 15.35
C GLN B 287 8.99 26.03 16.13
N ASN B 288 8.09 25.24 15.58
CA ASN B 288 7.51 24.11 16.26
C ASN B 288 7.42 22.91 15.35
N VAL B 289 8.20 22.94 14.28
CA VAL B 289 8.09 21.96 13.23
C VAL B 289 8.92 20.75 13.62
N ASN B 290 10.20 20.96 13.85
CA ASN B 290 11.03 19.87 14.34
C ASN B 290 12.21 20.43 15.10
N LYS B 291 12.63 19.72 16.17
CA LYS B 291 13.82 20.10 16.89
C LYS B 291 15.11 19.87 16.12
N ILE B 292 15.08 19.00 15.12
CA ILE B 292 16.24 18.81 14.28
C ILE B 292 16.16 19.88 13.20
N THR B 293 17.18 20.73 13.11
CA THR B 293 17.28 21.72 12.00
C THR B 293 18.71 21.95 11.48
N TYR B 294 18.78 22.61 10.32
CA TYR B 294 20.05 22.91 9.69
C TYR B 294 19.95 24.24 9.05
N GLY B 295 20.88 25.13 9.43
CA GLY B 295 20.99 26.47 8.81
C GLY B 295 20.39 27.54 9.68
N ALA B 296 20.16 28.72 9.10
CA ALA B 296 19.55 29.84 9.83
C ALA B 296 18.09 29.62 10.15
N CYS B 297 17.80 29.18 11.38
CA CYS B 297 16.47 28.68 11.71
C CYS B 297 15.94 29.32 12.94
N PRO B 298 14.62 29.40 13.07
CA PRO B 298 14.01 29.81 14.34
C PRO B 298 14.29 28.82 15.43
N LYS B 299 14.15 29.24 16.67
CA LYS B 299 14.49 28.34 17.79
C LYS B 299 13.32 27.44 18.07
N TYR B 300 13.59 26.14 18.24
CA TYR B 300 12.52 25.20 18.48
C TYR B 300 11.91 25.43 19.83
N VAL B 301 10.60 25.56 19.88
CA VAL B 301 9.91 25.67 21.16
C VAL B 301 8.78 24.71 21.22
N LYS B 302 8.32 24.41 22.42
CA LYS B 302 7.22 23.47 22.59
C LYS B 302 5.88 24.03 22.22
N GLN B 303 5.73 25.35 22.30
CA GLN B 303 4.48 26.03 21.96
C GLN B 303 4.20 25.93 20.46
N ASN B 304 2.94 25.76 20.08
CA ASN B 304 2.63 25.73 18.66
C ASN B 304 2.10 27.08 18.19
N THR B 305 1.88 27.99 19.13
CA THR B 305 1.46 29.33 18.79
C THR B 305 1.69 30.32 19.92
N LEU B 306 2.35 31.41 19.57
CA LEU B 306 2.54 32.57 20.46
C LEU B 306 2.22 33.84 19.71
N LYS B 307 1.13 34.50 20.10
CA LYS B 307 0.72 35.75 19.46
C LYS B 307 1.28 36.95 20.19
N LEU B 308 1.99 37.77 19.42
CA LEU B 308 2.59 39.00 19.90
C LEU B 308 1.67 40.14 19.48
N ALA B 309 1.29 41.00 20.41
CA ALA B 309 0.34 42.04 20.09
C ALA B 309 1.03 43.14 19.35
N THR B 310 0.32 43.62 18.32
CA THR B 310 0.76 44.69 17.43
C THR B 310 -0.26 45.81 17.34
N GLY B 311 -0.96 46.03 18.44
CA GLY B 311 -1.96 47.09 18.53
C GLY B 311 -2.56 47.18 19.93
N MET B 312 -3.36 48.22 20.15
CA MET B 312 -3.94 48.53 21.49
C MET B 312 -5.09 47.60 21.91
N ARG B 313 -5.55 47.73 23.15
CA ARG B 313 -6.66 46.91 23.60
C ARG B 313 -7.87 47.25 22.78
N ASN B 314 -8.61 46.23 22.40
CA ASN B 314 -9.74 46.43 21.54
C ASN B 314 -11.04 46.57 22.32
N VAL B 315 -11.63 47.77 22.32
CA VAL B 315 -12.85 48.02 23.11
C VAL B 315 -14.07 48.36 22.27
N PRO B 316 -15.15 47.58 22.38
CA PRO B 316 -16.32 47.84 21.52
C PRO B 316 -17.06 49.06 21.98
N GLU B 317 -17.87 49.65 21.10
CA GLU B 317 -18.40 51.02 21.27
C GLU B 317 -19.54 51.18 22.26
N LYS B 318 -19.54 52.28 23.02
CA LYS B 318 -20.63 52.60 23.94
C LYS B 318 -22.06 52.28 23.47
N GLN B 319 -22.36 52.14 22.17
CA GLN B 319 -23.73 51.91 21.65
C GLN B 319 -24.55 53.20 21.66
N THR B 320 -25.58 53.27 20.81
CA THR B 320 -26.61 54.31 20.84
C THR B 320 -26.08 55.70 21.17
N ILE C 10 -13.05 57.53 28.99
CA ILE C 10 -13.58 57.01 27.65
C ILE C 10 -13.51 55.51 27.92
N GLU C 11 -14.54 54.97 28.56
CA GLU C 11 -14.59 53.52 28.83
C GLU C 11 -14.97 52.71 27.55
N ASN C 12 -15.09 53.37 26.37
CA ASN C 12 -15.24 52.71 25.07
C ASN C 12 -14.20 53.19 24.01
N GLY C 13 -14.30 52.65 22.81
CA GLY C 13 -13.51 53.16 21.70
C GLY C 13 -14.30 53.16 20.41
N TRP C 14 -13.83 53.92 19.43
CA TRP C 14 -14.61 54.22 18.27
C TRP C 14 -14.34 53.27 17.16
N GLU C 15 -15.36 52.52 16.78
CA GLU C 15 -15.34 51.77 15.54
C GLU C 15 -15.57 52.76 14.44
N GLY C 16 -15.13 52.42 13.25
CA GLY C 16 -15.38 53.26 12.12
C GLY C 16 -14.40 54.41 12.00
N MET C 17 -13.51 54.58 12.97
CA MET C 17 -12.42 55.53 12.79
C MET C 17 -11.36 54.85 11.95
N ILE C 18 -11.24 55.23 10.68
CA ILE C 18 -10.24 54.62 9.81
C ILE C 18 -9.29 55.65 9.23
N ASP C 19 -9.34 56.86 9.76
CA ASP C 19 -8.41 57.91 9.35
C ASP C 19 -6.99 57.57 9.98
N GLY C 20 -6.99 57.02 11.21
CA GLY C 20 -5.77 56.74 12.02
C GLY C 20 -6.08 55.92 13.29
N TRP C 21 -5.30 56.08 14.35
CA TRP C 21 -5.45 55.26 15.59
C TRP C 21 -6.00 56.03 16.80
N TYR C 22 -5.76 57.33 16.86
CA TYR C 22 -6.31 58.24 17.88
C TYR C 22 -6.92 59.46 17.21
N GLY C 23 -8.01 60.00 17.78
CA GLY C 23 -8.73 61.07 17.08
C GLY C 23 -9.55 62.02 17.92
N PHE C 24 -10.17 62.95 17.20
CA PHE C 24 -11.05 63.94 17.79
C PHE C 24 -12.47 63.91 17.22
N ARG C 25 -13.46 63.82 18.09
CA ARG C 25 -14.84 63.92 17.68
C ARG C 25 -15.41 65.12 18.34
N HIS C 26 -15.76 66.09 17.50
CA HIS C 26 -16.32 67.34 18.00
C HIS C 26 -17.79 67.49 17.66
N GLN C 27 -18.45 68.35 18.44
CA GLN C 27 -19.80 68.80 18.17
C GLN C 27 -19.93 70.29 18.52
N ASN C 28 -20.35 71.09 17.53
CA ASN C 28 -20.55 72.51 17.71
C ASN C 28 -21.83 72.94 17.00
N SER C 29 -22.00 74.25 16.81
CA SER C 29 -23.07 74.84 16.00
C SER C 29 -23.04 74.35 14.55
N GLU C 30 -21.88 74.47 13.91
CA GLU C 30 -21.72 74.05 12.52
C GLU C 30 -22.03 72.53 12.29
N GLY C 31 -22.12 71.73 13.36
CA GLY C 31 -22.50 70.30 13.25
C GLY C 31 -21.46 69.39 13.90
N THR C 32 -21.66 68.07 13.88
CA THR C 32 -20.61 67.14 14.35
C THR C 32 -19.62 66.79 13.23
N GLY C 33 -18.58 66.04 13.59
CA GLY C 33 -17.50 65.67 12.67
C GLY C 33 -16.34 65.03 13.42
N GLN C 34 -15.45 64.39 12.68
CA GLN C 34 -14.40 63.55 13.26
C GLN C 34 -13.07 63.80 12.54
N ALA C 35 -11.94 63.42 13.14
CA ALA C 35 -10.63 63.51 12.48
C ALA C 35 -9.49 62.96 13.32
N ALA C 36 -8.58 62.23 12.69
CA ALA C 36 -7.55 61.54 13.44
C ALA C 36 -6.31 62.37 13.65
N ASP C 37 -5.67 62.16 14.83
CA ASP C 37 -4.39 62.79 15.21
C ASP C 37 -3.25 61.89 14.80
N LEU C 38 -2.64 62.24 13.68
CA LEU C 38 -1.67 61.38 13.02
C LEU C 38 -0.36 61.28 13.76
N LYS C 39 -0.01 62.31 14.50
CA LYS C 39 1.26 62.38 15.15
C LYS C 39 1.30 61.36 16.28
N SER C 40 0.25 61.29 17.08
CA SER C 40 0.30 60.42 18.22
C SER C 40 -0.02 59.02 17.77
N THR C 41 -0.63 58.89 16.60
CA THR C 41 -0.80 57.57 16.00
C THR C 41 0.55 56.96 15.61
N GLN C 42 1.31 57.64 14.76
CA GLN C 42 2.64 57.18 14.39
C GLN C 42 3.53 56.96 15.61
N ALA C 43 3.42 57.82 16.61
CA ALA C 43 4.15 57.62 17.87
C ALA C 43 3.97 56.23 18.47
N ALA C 44 2.75 55.73 18.46
CA ALA C 44 2.48 54.40 18.96
C ALA C 44 3.06 53.41 18.00
N ILE C 45 2.71 53.56 16.73
CA ILE C 45 3.24 52.68 15.70
C ILE C 45 4.78 52.57 15.80
N ASP C 46 5.51 53.67 15.72
CA ASP C 46 6.96 53.60 15.68
C ASP C 46 7.53 52.78 16.80
N GLN C 47 6.90 52.79 17.95
CA GLN C 47 7.35 51.95 19.06
C GLN C 47 7.10 50.46 18.86
N ILE C 48 5.85 50.11 18.61
CA ILE C 48 5.49 48.77 18.27
C ILE C 48 6.35 48.24 17.15
N ASN C 49 6.39 48.95 16.04
CA ASN C 49 7.33 48.68 14.96
C ASN C 49 8.71 48.29 15.48
N GLY C 50 9.37 49.18 16.21
CA GLY C 50 10.74 48.94 16.63
C GLY C 50 10.90 47.78 17.60
N LYS C 51 9.92 47.60 18.48
CA LYS C 51 9.88 46.53 19.47
C LYS C 51 9.76 45.25 18.70
N LEU C 52 8.92 45.25 17.70
CA LEU C 52 8.67 44.08 16.89
C LEU C 52 9.89 43.72 16.06
N ASN C 53 10.48 44.70 15.39
CA ASN C 53 11.73 44.47 14.71
C ASN C 53 12.82 43.86 15.57
N ARG C 54 12.91 44.19 16.85
CA ARG C 54 13.99 43.67 17.66
C ARG C 54 13.73 42.23 17.97
N VAL C 55 12.47 41.86 18.10
CA VAL C 55 12.16 40.46 18.41
C VAL C 55 12.50 39.57 17.24
N ILE C 56 12.06 39.95 16.05
CA ILE C 56 12.23 39.11 14.86
C ILE C 56 13.52 39.41 14.11
N GLU C 57 14.38 40.25 14.69
CA GLU C 57 15.70 40.52 14.10
C GLU C 57 16.56 39.27 14.09
N LYS C 58 17.36 39.20 13.04
CA LYS C 58 17.92 37.94 12.55
C LYS C 58 18.32 36.96 13.64
N THR C 59 17.85 35.73 13.45
CA THR C 59 18.00 34.64 14.38
C THR C 59 19.47 34.13 14.43
N ASN C 60 19.69 32.93 14.97
CA ASN C 60 20.94 32.21 14.89
C ASN C 60 21.10 31.48 13.55
N GLU C 61 22.33 31.06 13.25
CA GLU C 61 22.64 29.91 12.36
C GLU C 61 23.29 28.79 13.15
N LYS C 62 22.89 27.54 12.84
CA LYS C 62 23.48 26.36 13.46
C LYS C 62 23.62 25.32 12.39
N PHE C 63 24.72 24.56 12.46
CA PHE C 63 25.06 23.59 11.43
C PHE C 63 25.16 22.19 11.98
N HIS C 64 26.36 21.61 12.06
CA HIS C 64 26.49 20.24 12.58
C HIS C 64 26.30 20.22 14.09
N GLN C 65 25.16 19.70 14.54
CA GLN C 65 24.90 19.62 15.97
C GLN C 65 25.01 18.17 16.43
N ILE C 66 24.43 17.84 17.58
CA ILE C 66 24.33 16.45 18.04
C ILE C 66 23.15 15.74 17.42
N GLU C 67 23.09 14.42 17.56
CA GLU C 67 21.92 13.69 17.08
C GLU C 67 20.84 13.83 18.15
N LYS C 68 19.57 13.84 17.73
CA LYS C 68 18.44 14.03 18.66
C LYS C 68 17.34 12.99 18.51
N GLU C 69 17.39 12.14 17.48
CA GLU C 69 16.54 10.95 17.42
C GLU C 69 17.47 9.74 17.39
N PHE C 70 16.99 8.58 17.81
CA PHE C 70 17.84 7.41 17.94
C PHE C 70 17.07 6.13 17.64
N SER C 71 17.74 5.16 17.03
CA SER C 71 17.04 3.91 16.71
C SER C 71 17.15 2.86 17.83
N GLU C 72 18.35 2.65 18.35
CA GLU C 72 18.61 1.62 19.36
C GLU C 72 18.69 2.21 20.73
N VAL C 73 18.75 1.34 21.72
CA VAL C 73 18.89 1.76 23.11
C VAL C 73 20.36 1.69 23.44
N GLU C 74 20.98 2.79 23.84
CA GLU C 74 22.42 2.77 24.11
C GLU C 74 22.77 2.99 25.59
N GLY C 75 21.78 3.40 26.37
CA GLY C 75 22.04 3.76 27.76
C GLY C 75 22.81 5.07 27.87
N ARG C 76 23.82 5.08 28.72
CA ARG C 76 24.34 6.31 29.31
C ARG C 76 24.53 7.53 28.40
N ILE C 77 25.23 7.39 27.27
CA ILE C 77 25.49 8.56 26.41
C ILE C 77 24.21 9.07 25.81
N GLN C 78 23.44 8.19 25.22
CA GLN C 78 22.18 8.58 24.68
C GLN C 78 21.33 9.26 25.75
N ASP C 79 21.26 8.69 26.95
CA ASP C 79 20.46 9.33 28.04
C ASP C 79 20.87 10.79 28.22
N LEU C 80 22.16 11.05 28.10
CA LEU C 80 22.69 12.41 28.25
C LEU C 80 22.39 13.32 27.02
N GLU C 81 22.63 12.83 25.82
CA GLU C 81 22.27 13.57 24.62
C GLU C 81 20.80 13.97 24.57
N LYS C 82 19.93 13.17 25.18
CA LYS C 82 18.48 13.45 25.22
C LYS C 82 18.14 14.42 26.31
N TYR C 83 18.83 14.29 27.44
CA TYR C 83 18.64 15.23 28.53
C TYR C 83 19.14 16.63 28.16
N VAL C 84 20.26 16.71 27.46
CA VAL C 84 20.82 18.00 27.06
C VAL C 84 19.84 18.70 26.15
N GLU C 85 19.37 18.01 25.12
CA GLU C 85 18.48 18.63 24.16
C GLU C 85 17.12 18.92 24.77
N ASP C 86 16.65 18.14 25.73
CA ASP C 86 15.36 18.46 26.33
C ASP C 86 15.51 19.70 27.21
N THR C 87 16.55 19.71 28.04
CA THR C 87 16.87 20.86 28.91
C THR C 87 16.97 22.19 28.13
N LYS C 88 17.59 22.15 26.96
CA LYS C 88 17.63 23.28 26.06
C LYS C 88 16.24 23.74 25.71
N ILE C 89 15.46 22.85 25.15
CA ILE C 89 14.11 23.18 24.67
C ILE C 89 13.23 23.83 25.74
N ASP C 90 13.18 23.20 26.92
CA ASP C 90 12.37 23.65 28.04
C ASP C 90 12.73 25.07 28.42
N LEU C 91 14.02 25.40 28.44
CA LEU C 91 14.42 26.79 28.73
C LEU C 91 14.00 27.76 27.64
N TRP C 92 14.45 27.56 26.40
CA TRP C 92 14.00 28.42 25.29
C TRP C 92 12.49 28.61 25.24
N SER C 93 11.75 27.54 25.53
CA SER C 93 10.30 27.65 25.56
C SER C 93 9.82 28.62 26.64
N TYR C 94 10.39 28.54 27.85
CA TYR C 94 10.13 29.55 28.90
C TYR C 94 10.48 30.94 28.40
N ASN C 95 11.66 31.10 27.80
CA ASN C 95 12.07 32.42 27.33
C ASN C 95 10.99 33.02 26.43
N ALA C 96 10.48 32.21 25.51
CA ALA C 96 9.53 32.70 24.55
C ALA C 96 8.20 33.04 25.21
N GLU C 97 7.74 32.23 26.16
CA GLU C 97 6.47 32.53 26.82
C GLU C 97 6.59 33.85 27.55
N LEU C 98 7.68 34.02 28.30
CA LEU C 98 7.89 35.24 29.09
C LEU C 98 8.06 36.45 28.20
N LEU C 99 8.91 36.34 27.18
CA LEU C 99 9.06 37.44 26.25
C LEU C 99 7.72 38.01 25.77
N VAL C 100 6.96 37.21 25.02
CA VAL C 100 5.67 37.63 24.53
C VAL C 100 4.80 38.27 25.60
N ALA C 101 4.70 37.63 26.76
CA ALA C 101 3.91 38.19 27.87
C ALA C 101 4.35 39.60 28.27
N LEU C 102 5.63 39.76 28.60
CA LEU C 102 6.18 41.08 28.86
C LEU C 102 5.89 42.08 27.73
N GLU C 103 6.32 41.73 26.53
CA GLU C 103 6.16 42.61 25.38
C GLU C 103 4.74 43.07 25.20
N ASN C 104 3.80 42.21 25.57
CA ASN C 104 2.41 42.51 25.35
C ASN C 104 1.87 43.44 26.39
N GLN C 105 2.08 43.10 27.65
CA GLN C 105 1.73 44.00 28.74
C GLN C 105 2.24 45.42 28.47
N HIS C 106 3.42 45.51 27.86
CA HIS C 106 4.01 46.77 27.48
C HIS C 106 3.26 47.40 26.32
N THR C 107 3.18 46.69 25.21
CA THR C 107 2.44 47.17 24.04
C THR C 107 1.06 47.73 24.40
N ILE C 108 0.39 47.16 25.39
CA ILE C 108 -0.88 47.69 25.90
C ILE C 108 -0.66 49.05 26.57
N ASP C 109 0.20 49.07 27.60
CA ASP C 109 0.47 50.28 28.43
C ASP C 109 1.08 51.42 27.65
N LEU C 110 1.72 51.06 26.55
CA LEU C 110 2.28 52.00 25.62
C LEU C 110 1.20 52.76 24.89
N THR C 111 0.18 52.04 24.44
CA THR C 111 -0.90 52.60 23.63
C THR C 111 -1.95 53.28 24.46
N ASP C 112 -2.13 52.80 25.69
CA ASP C 112 -3.03 53.44 26.67
C ASP C 112 -2.43 54.77 27.09
N SER C 113 -1.11 54.82 27.23
CA SER C 113 -0.47 56.06 27.57
C SER C 113 -0.46 57.03 26.41
N GLU C 114 -0.50 56.54 25.20
CA GLU C 114 -0.48 57.46 24.09
C GLU C 114 -1.74 58.26 24.03
N MET C 115 -2.87 57.58 24.25
CA MET C 115 -4.20 58.21 24.29
C MET C 115 -4.22 59.22 25.41
N ASN C 116 -3.88 58.71 26.57
CA ASN C 116 -3.72 59.52 27.75
C ASN C 116 -2.95 60.80 27.52
N LYS C 117 -1.86 60.69 26.79
CA LYS C 117 -1.02 61.85 26.57
C LYS C 117 -1.69 62.86 25.68
N LEU C 118 -2.35 62.39 24.63
CA LEU C 118 -3.02 63.28 23.71
C LEU C 118 -4.08 64.06 24.44
N PHE C 119 -4.77 63.41 25.35
CA PHE C 119 -5.78 64.09 26.12
C PHE C 119 -5.20 65.25 26.92
N GLU C 120 -4.10 65.01 27.63
CA GLU C 120 -3.46 66.06 28.40
C GLU C 120 -3.04 67.19 27.51
N LYS C 121 -2.27 66.91 26.47
CA LYS C 121 -1.90 67.92 25.50
C LYS C 121 -3.06 68.85 25.19
N THR C 122 -4.22 68.25 24.94
CA THR C 122 -5.42 68.99 24.58
C THR C 122 -5.98 69.80 25.75
N ARG C 123 -5.88 69.26 26.96
CA ARG C 123 -6.31 70.00 28.15
C ARG C 123 -5.40 71.21 28.44
N ARG C 124 -4.08 71.05 28.30
CA ARG C 124 -3.17 72.15 28.67
C ARG C 124 -3.29 73.24 27.60
N GLN C 125 -3.82 72.87 26.45
CA GLN C 125 -4.04 73.83 25.37
C GLN C 125 -5.27 74.72 25.62
N LEU C 126 -6.38 74.09 26.01
CA LEU C 126 -7.59 74.84 26.29
C LEU C 126 -7.48 75.71 27.53
N ARG C 127 -6.44 75.50 28.34
CA ARG C 127 -6.26 76.23 29.60
C ARG C 127 -7.59 76.40 30.30
N GLU C 128 -8.04 77.62 30.53
CA GLU C 128 -9.13 77.83 31.46
C GLU C 128 -10.47 78.12 30.73
N ASN C 129 -10.56 77.69 29.48
CA ASN C 129 -11.72 77.96 28.62
C ASN C 129 -12.60 76.72 28.45
N ALA C 130 -12.35 75.67 29.23
CA ALA C 130 -13.13 74.43 29.08
C ALA C 130 -12.97 73.52 30.30
N GLU C 131 -13.86 72.55 30.45
CA GLU C 131 -13.80 71.65 31.62
C GLU C 131 -13.86 70.18 31.19
N ASP C 132 -13.29 69.27 31.99
CA ASP C 132 -13.33 67.85 31.67
C ASP C 132 -14.63 67.22 32.09
N MET C 133 -15.42 66.85 31.09
CA MET C 133 -16.74 66.33 31.34
C MET C 133 -16.77 65.05 32.17
N GLY C 134 -15.70 64.26 32.13
CA GLY C 134 -15.61 63.09 32.98
C GLY C 134 -15.53 61.82 32.18
N ASN C 135 -15.87 61.89 30.89
CA ASN C 135 -15.80 60.73 29.99
C ASN C 135 -14.73 60.92 28.92
N GLY C 136 -13.71 61.71 29.23
CA GLY C 136 -12.69 62.07 28.25
C GLY C 136 -13.16 62.98 27.11
N CYS C 137 -14.13 63.84 27.43
CA CYS C 137 -14.52 64.91 26.53
C CYS C 137 -14.27 66.23 27.18
N PHE C 138 -14.43 67.28 26.42
CA PHE C 138 -14.36 68.62 26.95
C PHE C 138 -15.66 69.36 26.67
N LYS C 139 -16.15 70.10 27.66
CA LYS C 139 -17.17 71.12 27.39
C LYS C 139 -16.38 72.42 27.25
N ILE C 140 -16.22 72.84 25.99
CA ILE C 140 -15.58 74.11 25.65
C ILE C 140 -16.62 75.17 25.84
N TYR C 141 -16.31 76.20 26.59
CA TYR C 141 -17.33 77.17 26.99
C TYR C 141 -17.32 78.41 26.10
N HIS C 142 -17.33 78.22 24.79
CA HIS C 142 -17.48 79.35 23.88
C HIS C 142 -17.83 78.89 22.50
N LYS C 143 -18.15 79.82 21.62
CA LYS C 143 -18.53 79.45 20.28
C LYS C 143 -17.28 78.99 19.60
N CYS C 144 -17.17 77.68 19.42
CA CYS C 144 -16.05 77.09 18.73
C CYS C 144 -16.51 76.47 17.43
N ASP C 145 -16.50 77.29 16.37
CA ASP C 145 -16.78 76.84 14.99
C ASP C 145 -15.66 75.97 14.46
N ASN C 146 -15.83 75.47 13.24
CA ASN C 146 -14.89 74.49 12.68
C ASN C 146 -13.45 74.98 12.52
N ALA C 147 -13.26 76.26 12.21
CA ALA C 147 -11.91 76.82 12.14
C ALA C 147 -11.22 76.66 13.50
N CYS C 148 -11.92 77.12 14.56
CA CYS C 148 -11.45 77.03 15.94
C CYS C 148 -11.11 75.60 16.31
N ILE C 149 -11.95 74.65 15.89
CA ILE C 149 -11.70 73.25 16.20
C ILE C 149 -10.37 72.77 15.59
N GLU C 150 -10.15 72.93 14.27
CA GLU C 150 -8.84 72.50 13.67
C GLU C 150 -7.74 73.29 14.32
N SER C 151 -8.01 74.51 14.79
CA SER C 151 -6.97 75.27 15.50
C SER C 151 -6.45 74.53 16.74
N ILE C 152 -7.36 73.83 17.42
CA ILE C 152 -7.00 73.00 18.57
C ILE C 152 -6.25 71.80 18.11
N ARG C 153 -6.84 71.08 17.18
CA ARG C 153 -6.25 69.84 16.67
C ARG C 153 -4.84 70.02 16.15
N ASN C 154 -4.61 71.09 15.41
CA ASN C 154 -3.29 71.32 14.82
C ASN C 154 -2.36 72.19 15.70
N GLY C 155 -2.69 72.37 16.96
CA GLY C 155 -1.78 72.97 17.93
C GLY C 155 -1.60 74.48 17.87
N THR C 156 -2.64 75.22 17.52
CA THR C 156 -2.50 76.67 17.38
C THR C 156 -3.55 77.50 18.16
N TYR C 157 -4.46 76.82 18.85
CA TYR C 157 -5.52 77.46 19.60
C TYR C 157 -4.90 78.44 20.59
N ASP C 158 -5.18 79.73 20.40
CA ASP C 158 -4.77 80.78 21.35
C ASP C 158 -5.90 80.96 22.35
N HIS C 159 -5.67 80.55 23.59
CA HIS C 159 -6.69 80.69 24.62
C HIS C 159 -6.86 82.15 25.00
N ASP C 160 -5.75 82.92 25.03
CA ASP C 160 -5.76 84.32 25.48
C ASP C 160 -6.90 85.02 24.69
N VAL C 161 -7.23 84.50 23.49
CA VAL C 161 -8.31 85.02 22.64
C VAL C 161 -9.74 84.76 23.14
N TYR C 162 -10.12 83.52 23.35
CA TYR C 162 -11.49 83.23 23.83
C TYR C 162 -11.59 83.22 25.37
N ARG C 163 -10.61 83.80 26.07
CA ARG C 163 -10.56 83.72 27.54
C ARG C 163 -11.78 84.34 28.13
N ASP C 164 -12.00 85.62 27.82
CA ASP C 164 -13.07 86.40 28.41
C ASP C 164 -14.43 85.78 28.15
N GLU C 165 -14.71 85.45 26.89
CA GLU C 165 -15.98 84.80 26.55
C GLU C 165 -16.25 83.58 27.43
N ALA C 166 -15.30 82.67 27.40
CA ALA C 166 -15.42 81.37 28.04
C ALA C 166 -15.54 81.53 29.53
N LEU C 167 -14.62 82.31 30.06
CA LEU C 167 -14.43 82.51 31.48
C LEU C 167 -15.74 82.97 32.09
N ASN C 168 -16.47 83.77 31.34
CA ASN C 168 -17.71 84.35 31.83
C ASN C 168 -18.94 83.41 31.74
N ASN C 169 -19.05 82.62 30.66
CA ASN C 169 -20.08 81.56 30.61
C ASN C 169 -19.92 80.52 31.70
N ARG C 170 -18.67 80.26 32.06
CA ARG C 170 -18.35 79.32 33.11
C ARG C 170 -18.79 79.76 34.50
N PHE C 171 -18.63 81.04 34.81
CA PHE C 171 -18.81 81.49 36.19
C PHE C 171 -20.11 82.26 36.43
N GLN C 172 -20.77 82.65 35.35
CA GLN C 172 -22.12 83.21 35.39
C GLN C 172 -23.08 82.08 34.93
N ILE C 173 -24.05 82.38 34.05
CA ILE C 173 -25.25 81.53 33.75
C ILE C 173 -25.69 80.56 34.89
N SER D 1 11.83 -75.01 -66.02
CA SER D 1 12.81 -75.05 -64.87
C SER D 1 12.11 -74.68 -63.53
N THR D 2 11.77 -73.39 -63.39
CA THR D 2 11.13 -72.76 -62.21
C THR D 2 10.16 -71.63 -62.66
N ALA D 3 9.68 -70.79 -61.74
CA ALA D 3 8.60 -69.83 -62.04
C ALA D 3 8.54 -68.65 -61.07
N THR D 4 7.86 -67.59 -61.50
CA THR D 4 7.76 -66.36 -60.70
C THR D 4 6.34 -65.95 -60.53
N LEU D 5 5.93 -65.72 -59.29
CA LEU D 5 4.57 -65.30 -58.98
C LEU D 5 4.56 -64.04 -58.14
N CYS D 6 3.84 -63.01 -58.62
CA CYS D 6 3.88 -61.69 -58.00
C CYS D 6 2.56 -61.17 -57.52
N LEU D 7 2.61 -60.54 -56.35
CA LEU D 7 1.43 -59.98 -55.72
C LEU D 7 1.47 -58.49 -55.95
N GLY D 8 0.37 -57.91 -56.41
CA GLY D 8 0.35 -56.48 -56.62
C GLY D 8 -1.02 -55.85 -56.51
N HIS D 9 -1.04 -54.53 -56.51
CA HIS D 9 -2.29 -53.82 -56.42
C HIS D 9 -2.42 -52.91 -57.60
N HIS D 10 -3.62 -52.42 -57.83
CA HIS D 10 -3.84 -51.54 -58.94
C HIS D 10 -3.48 -50.10 -58.66
N ALA D 11 -3.64 -49.31 -59.69
CA ALA D 11 -3.34 -47.90 -59.67
C ALA D 11 -3.92 -47.35 -60.94
N VAL D 12 -4.08 -46.05 -60.97
CA VAL D 12 -4.87 -45.42 -61.99
C VAL D 12 -4.14 -44.21 -62.50
N PRO D 13 -4.41 -43.82 -63.73
CA PRO D 13 -3.62 -42.79 -64.31
C PRO D 13 -3.84 -41.37 -63.70
N ASN D 14 -5.05 -41.01 -63.23
CA ASN D 14 -5.23 -39.71 -62.49
C ASN D 14 -6.00 -39.87 -61.19
N GLY D 15 -5.27 -39.91 -60.08
CA GLY D 15 -5.85 -40.11 -58.76
C GLY D 15 -6.50 -38.85 -58.27
N THR D 16 -6.67 -38.76 -56.95
CA THR D 16 -7.24 -37.58 -56.32
C THR D 16 -6.54 -37.33 -55.02
N LEU D 17 -6.34 -36.07 -54.69
CA LEU D 17 -5.59 -35.72 -53.49
C LEU D 17 -6.51 -35.53 -52.30
N VAL D 18 -6.08 -36.06 -51.17
CA VAL D 18 -6.86 -36.05 -49.94
C VAL D 18 -5.96 -35.78 -48.75
N LYS D 19 -6.55 -35.50 -47.58
CA LYS D 19 -5.76 -35.18 -46.38
C LYS D 19 -5.81 -36.28 -45.39
N THR D 20 -4.76 -36.38 -44.59
CA THR D 20 -4.73 -37.35 -43.51
C THR D 20 -4.20 -36.69 -42.27
N ILE D 21 -4.00 -37.48 -41.23
CA ILE D 21 -3.41 -37.02 -39.99
C ILE D 21 -1.99 -36.53 -40.25
N THR D 22 -1.16 -37.39 -40.83
CA THR D 22 0.26 -37.15 -40.90
C THR D 22 0.64 -36.28 -42.06
N ASP D 23 -0.23 -36.12 -43.05
CA ASP D 23 0.16 -35.34 -44.24
C ASP D 23 -0.95 -34.66 -44.99
N ASP D 24 -0.49 -33.64 -45.69
CA ASP D 24 -1.38 -32.64 -46.19
C ASP D 24 -1.99 -33.11 -47.49
N GLN D 25 -1.18 -33.64 -48.39
CA GLN D 25 -1.70 -34.15 -49.65
C GLN D 25 -1.19 -35.55 -49.91
N ILE D 26 -2.05 -36.39 -50.44
CA ILE D 26 -1.65 -37.75 -50.76
C ILE D 26 -2.63 -38.34 -51.77
N GLU D 27 -2.10 -38.85 -52.87
CA GLU D 27 -2.90 -39.23 -54.02
C GLU D 27 -3.48 -40.60 -53.73
N VAL D 28 -4.77 -40.75 -53.95
CA VAL D 28 -5.43 -42.02 -53.79
C VAL D 28 -6.23 -42.32 -55.05
N THR D 29 -6.52 -43.61 -55.24
CA THR D 29 -7.18 -44.11 -56.44
C THR D 29 -8.48 -43.35 -56.74
N ASN D 30 -9.33 -43.13 -55.75
CA ASN D 30 -10.58 -42.36 -55.90
C ASN D 30 -10.96 -41.75 -54.57
N ALA D 31 -11.71 -40.66 -54.62
CA ALA D 31 -12.29 -40.09 -53.41
C ALA D 31 -13.66 -39.57 -53.71
N THR D 32 -14.31 -39.02 -52.68
CA THR D 32 -15.65 -38.47 -52.81
C THR D 32 -15.81 -37.17 -52.04
N GLU D 33 -16.59 -36.26 -52.62
CA GLU D 33 -16.79 -34.96 -52.00
C GLU D 33 -17.81 -35.01 -50.86
N LEU D 34 -17.44 -34.47 -49.70
CA LEU D 34 -18.32 -34.47 -48.53
C LEU D 34 -18.97 -33.13 -48.23
N VAL D 35 -18.60 -32.09 -48.95
CA VAL D 35 -19.19 -30.80 -48.72
C VAL D 35 -19.95 -30.29 -49.92
N GLN D 36 -21.24 -30.10 -49.70
CA GLN D 36 -22.14 -29.56 -50.71
C GLN D 36 -21.85 -28.11 -50.89
N SER D 37 -21.39 -27.77 -52.08
CA SER D 37 -20.72 -26.50 -52.32
C SER D 37 -21.54 -25.59 -53.19
N SER D 38 -22.41 -26.14 -54.03
CA SER D 38 -23.22 -25.33 -54.92
C SER D 38 -24.71 -25.62 -54.78
N SER D 39 -25.50 -24.72 -55.35
CA SER D 39 -26.95 -24.84 -55.28
C SER D 39 -27.56 -24.67 -56.65
N THR D 40 -28.82 -25.07 -56.77
CA THR D 40 -29.52 -24.97 -58.04
C THR D 40 -29.95 -23.52 -58.29
N GLY D 41 -29.97 -22.72 -57.24
CA GLY D 41 -30.42 -21.33 -57.34
C GLY D 41 -31.92 -21.12 -57.24
N LYS D 42 -32.69 -22.19 -57.08
CA LYS D 42 -34.13 -22.09 -56.96
C LYS D 42 -34.62 -22.93 -55.81
N ILE D 43 -35.83 -22.61 -55.35
CA ILE D 43 -36.44 -23.23 -54.18
C ILE D 43 -37.53 -24.23 -54.55
N CYS D 44 -37.34 -25.47 -54.10
CA CYS D 44 -38.25 -26.55 -54.45
C CYS D 44 -39.49 -26.54 -53.58
N ASN D 45 -40.63 -26.51 -54.25
CA ASN D 45 -41.91 -26.45 -53.55
C ASN D 45 -42.36 -27.73 -52.88
N ASN D 46 -41.59 -28.81 -53.00
CA ASN D 46 -41.90 -30.04 -52.28
C ASN D 46 -40.72 -30.51 -51.45
N PRO D 47 -41.01 -31.30 -50.43
CA PRO D 47 -42.34 -31.61 -49.93
C PRO D 47 -42.84 -30.51 -49.03
N HIS D 48 -42.00 -29.52 -48.76
CA HIS D 48 -42.35 -28.44 -47.86
C HIS D 48 -43.30 -27.45 -48.53
N ARG D 49 -44.41 -27.15 -47.87
CA ARG D 49 -45.32 -26.13 -48.33
C ARG D 49 -44.69 -24.74 -48.20
N ILE D 50 -44.24 -24.21 -49.32
CA ILE D 50 -43.66 -22.88 -49.40
C ILE D 50 -44.79 -21.87 -49.59
N LEU D 51 -44.60 -20.64 -49.12
CA LEU D 51 -45.53 -19.54 -49.39
C LEU D 51 -44.79 -18.22 -49.64
N ASP D 52 -45.00 -17.67 -50.82
CA ASP D 52 -44.18 -16.58 -51.31
C ASP D 52 -44.81 -15.26 -50.95
N GLY D 53 -44.19 -14.57 -50.00
CA GLY D 53 -44.66 -13.27 -49.56
C GLY D 53 -44.64 -12.17 -50.60
N ILE D 54 -44.22 -12.50 -51.80
CA ILE D 54 -44.16 -11.54 -52.91
C ILE D 54 -43.90 -10.08 -52.44
N ASP D 55 -44.92 -9.24 -52.44
CA ASP D 55 -44.72 -7.82 -52.06
C ASP D 55 -44.96 -7.57 -50.55
N CYS D 56 -45.44 -8.59 -49.85
CA CYS D 56 -45.76 -8.47 -48.44
C CYS D 56 -44.72 -9.06 -47.55
N THR D 57 -44.51 -8.40 -46.42
CA THR D 57 -43.81 -9.03 -45.31
C THR D 57 -44.85 -9.86 -44.57
N LEU D 58 -44.39 -10.69 -43.61
CA LEU D 58 -45.30 -11.54 -42.84
C LEU D 58 -46.19 -10.68 -41.95
N ILE D 59 -45.59 -9.78 -41.19
CA ILE D 59 -46.34 -8.89 -40.32
C ILE D 59 -47.39 -8.06 -41.07
N ASP D 60 -47.12 -7.70 -42.33
CA ASP D 60 -48.13 -6.97 -43.09
C ASP D 60 -49.33 -7.86 -43.49
N ALA D 61 -49.12 -9.15 -43.70
CA ALA D 61 -50.23 -10.05 -43.99
C ALA D 61 -51.06 -10.32 -42.74
N LEU D 62 -50.35 -10.33 -41.62
CA LEU D 62 -50.94 -10.52 -40.31
C LEU D 62 -51.94 -9.43 -40.07
N LEU D 63 -51.48 -8.18 -40.09
CA LEU D 63 -52.29 -7.01 -39.84
C LEU D 63 -53.35 -6.75 -40.91
N GLY D 64 -53.00 -6.96 -42.16
CA GLY D 64 -53.95 -6.86 -43.26
C GLY D 64 -53.84 -5.56 -44.03
N ASP D 65 -52.61 -5.21 -44.38
CA ASP D 65 -52.33 -4.19 -45.36
C ASP D 65 -53.20 -4.54 -46.58
N PRO D 66 -53.71 -3.55 -47.32
CA PRO D 66 -54.57 -3.80 -48.48
C PRO D 66 -54.00 -4.76 -49.52
N HIS D 67 -52.76 -4.57 -49.94
CA HIS D 67 -52.21 -5.44 -51.00
C HIS D 67 -51.89 -6.84 -50.51
N CYS D 68 -51.97 -7.04 -49.19
CA CYS D 68 -51.67 -8.32 -48.54
C CYS D 68 -52.94 -9.06 -48.15
N ASP D 69 -53.99 -8.81 -48.93
CA ASP D 69 -55.27 -9.39 -48.62
C ASP D 69 -55.32 -10.78 -49.18
N VAL D 70 -54.60 -11.00 -50.27
CA VAL D 70 -54.58 -12.31 -50.87
C VAL D 70 -53.98 -13.37 -49.93
N PHE D 71 -53.31 -12.94 -48.86
CA PHE D 71 -52.74 -13.87 -47.88
C PHE D 71 -53.67 -14.31 -46.74
N GLN D 72 -54.92 -13.89 -46.76
CA GLN D 72 -55.74 -14.12 -45.59
C GLN D 72 -55.98 -15.58 -45.33
N ASN D 73 -55.99 -15.95 -44.05
CA ASN D 73 -56.34 -17.29 -43.63
C ASN D 73 -55.38 -18.37 -44.18
N GLU D 74 -54.16 -17.96 -44.53
CA GLU D 74 -53.18 -18.83 -45.18
C GLU D 74 -52.45 -19.70 -44.18
N THR D 75 -51.81 -20.76 -44.69
CA THR D 75 -50.91 -21.63 -43.92
C THR D 75 -49.59 -21.77 -44.67
N TRP D 76 -48.57 -22.25 -43.97
CA TRP D 76 -47.27 -22.51 -44.57
C TRP D 76 -46.40 -23.44 -43.71
N ASP D 77 -45.47 -24.10 -44.39
CA ASP D 77 -44.36 -24.72 -43.74
C ASP D 77 -43.26 -23.70 -43.67
N LEU D 78 -43.03 -22.98 -44.76
CA LEU D 78 -41.98 -21.99 -44.81
C LEU D 78 -42.47 -20.77 -45.57
N PHE D 79 -42.59 -19.66 -44.85
CA PHE D 79 -42.94 -18.38 -45.46
C PHE D 79 -41.67 -17.75 -45.99
N VAL D 80 -41.73 -17.11 -47.17
CA VAL D 80 -40.53 -16.52 -47.75
C VAL D 80 -40.65 -15.01 -47.95
N GLU D 81 -40.02 -14.23 -47.07
CA GLU D 81 -40.03 -12.76 -47.21
C GLU D 81 -39.07 -12.36 -48.30
N ARG D 82 -39.54 -11.50 -49.19
CA ARG D 82 -38.71 -11.04 -50.29
C ARG D 82 -38.08 -9.68 -50.02
N SER D 83 -36.93 -9.45 -50.63
CA SER D 83 -36.29 -8.16 -50.63
C SER D 83 -37.20 -7.04 -51.13
N LYS D 84 -37.97 -7.34 -52.18
CA LYS D 84 -38.80 -6.36 -52.90
C LYS D 84 -39.99 -5.86 -52.08
N ALA D 85 -40.26 -6.47 -50.92
CA ALA D 85 -41.50 -6.20 -50.20
C ALA D 85 -41.59 -4.83 -49.58
N PHE D 86 -42.82 -4.36 -49.42
CA PHE D 86 -43.10 -3.05 -48.86
C PHE D 86 -44.39 -3.04 -48.05
N SER D 87 -44.55 -1.97 -47.29
CA SER D 87 -45.79 -1.66 -46.59
C SER D 87 -46.44 -0.50 -47.30
N ASN D 88 -47.77 -0.46 -47.27
CA ASN D 88 -48.49 0.59 -47.96
C ASN D 88 -49.86 0.84 -47.31
N CYS D 89 -49.82 1.14 -46.02
CA CYS D 89 -51.00 1.36 -45.23
C CYS D 89 -50.70 2.47 -44.23
N TYR D 90 -51.42 2.52 -43.11
CA TYR D 90 -51.15 3.47 -42.07
C TYR D 90 -49.78 3.13 -41.52
N PRO D 91 -48.96 4.13 -41.27
CA PRO D 91 -47.61 3.86 -40.76
C PRO D 91 -47.61 3.38 -39.32
N TYR D 92 -46.88 2.29 -39.07
CA TYR D 92 -46.92 1.63 -37.79
C TYR D 92 -45.52 1.31 -37.31
N ASP D 93 -45.44 0.78 -36.10
CA ASP D 93 -44.23 0.15 -35.60
C ASP D 93 -44.59 -0.91 -34.53
N VAL D 94 -43.75 -1.94 -34.39
CA VAL D 94 -44.04 -2.99 -33.43
C VAL D 94 -42.95 -3.11 -32.39
N PRO D 95 -43.18 -2.56 -31.19
CA PRO D 95 -42.25 -2.85 -30.13
C PRO D 95 -42.10 -4.35 -30.09
N ASP D 96 -40.86 -4.81 -30.06
CA ASP D 96 -40.56 -6.24 -30.08
C ASP D 96 -41.03 -6.89 -31.40
N TYR D 97 -40.61 -6.31 -32.52
CA TYR D 97 -41.08 -6.73 -33.84
C TYR D 97 -40.67 -8.15 -34.06
N ALA D 98 -39.39 -8.38 -33.83
CA ALA D 98 -38.79 -9.65 -34.19
C ALA D 98 -39.44 -10.80 -33.45
N SER D 99 -39.86 -10.57 -32.21
CA SER D 99 -40.54 -11.62 -31.44
C SER D 99 -41.87 -11.98 -32.05
N LEU D 100 -42.62 -10.98 -32.48
CA LEU D 100 -43.96 -11.23 -33.06
C LEU D 100 -43.83 -11.94 -34.39
N ARG D 101 -42.80 -11.55 -35.15
CA ARG D 101 -42.52 -12.17 -36.44
C ARG D 101 -42.21 -13.63 -36.23
N SER D 102 -41.23 -13.89 -35.39
CA SER D 102 -40.83 -15.23 -35.02
C SER D 102 -42.01 -16.09 -34.61
N LEU D 103 -42.81 -15.63 -33.67
CA LEU D 103 -43.83 -16.47 -33.08
C LEU D 103 -44.99 -16.80 -34.03
N VAL D 104 -45.34 -15.85 -34.89
CA VAL D 104 -46.33 -16.08 -35.96
C VAL D 104 -45.77 -17.01 -37.00
N ALA D 105 -44.51 -16.78 -37.38
CA ALA D 105 -43.81 -17.66 -38.32
C ALA D 105 -43.87 -19.14 -37.94
N SER D 106 -43.74 -19.46 -36.66
CA SER D 106 -43.77 -20.86 -36.24
C SER D 106 -45.16 -21.37 -35.90
N SER D 107 -46.12 -20.47 -35.71
CA SER D 107 -47.53 -20.86 -35.68
C SER D 107 -47.92 -21.45 -37.03
N GLY D 108 -47.38 -20.91 -38.12
CA GLY D 108 -47.58 -21.50 -39.45
C GLY D 108 -48.95 -21.28 -40.08
N THR D 109 -49.60 -20.21 -39.65
CA THR D 109 -50.98 -19.93 -40.06
C THR D 109 -51.43 -18.53 -39.65
N LEU D 110 -52.15 -17.88 -40.58
CA LEU D 110 -52.84 -16.62 -40.33
C LEU D 110 -54.36 -16.87 -40.30
N GLU D 111 -54.72 -18.02 -39.75
CA GLU D 111 -56.11 -18.44 -39.65
C GLU D 111 -56.79 -17.58 -38.63
N PHE D 112 -57.58 -16.65 -39.12
CA PHE D 112 -58.20 -15.64 -38.28
C PHE D 112 -59.62 -16.05 -38.03
N ILE D 113 -60.12 -15.74 -36.86
CA ILE D 113 -61.47 -16.07 -36.45
C ILE D 113 -62.07 -14.78 -35.92
N THR D 114 -63.16 -14.30 -36.51
CA THR D 114 -63.78 -13.07 -36.01
C THR D 114 -64.67 -13.34 -34.79
N GLU D 115 -64.63 -12.41 -33.83
CA GLU D 115 -65.52 -12.46 -32.68
C GLU D 115 -66.29 -11.14 -32.66
N GLY D 116 -67.51 -11.18 -32.18
CA GLY D 116 -68.33 -9.99 -32.11
C GLY D 116 -68.06 -9.21 -30.83
N PHE D 117 -66.98 -8.46 -30.83
CA PHE D 117 -66.79 -7.45 -29.81
C PHE D 117 -67.93 -6.45 -29.99
N THR D 118 -68.42 -5.87 -28.92
CA THR D 118 -69.48 -4.86 -29.08
C THR D 118 -69.06 -3.56 -28.45
N TRP D 119 -68.52 -2.73 -29.30
CA TRP D 119 -67.93 -1.48 -28.92
C TRP D 119 -69.01 -0.41 -28.87
N THR D 120 -69.62 -0.23 -27.72
CA THR D 120 -70.77 0.64 -27.65
C THR D 120 -70.39 2.12 -27.38
N GLY D 121 -70.92 2.99 -28.22
CA GLY D 121 -70.76 4.44 -28.04
C GLY D 121 -69.64 5.09 -28.83
N VAL D 122 -69.08 4.34 -29.77
CA VAL D 122 -67.96 4.79 -30.59
C VAL D 122 -68.17 4.37 -32.02
N THR D 123 -67.61 5.11 -32.96
CA THR D 123 -67.81 4.79 -34.40
C THR D 123 -66.68 3.92 -34.92
N GLN D 124 -67.05 2.83 -35.58
CA GLN D 124 -66.10 1.79 -36.00
C GLN D 124 -65.62 1.96 -37.45
N ASN D 125 -64.58 1.20 -37.81
CA ASN D 125 -64.11 1.06 -39.20
C ASN D 125 -63.52 2.30 -39.86
N GLY D 126 -62.99 3.22 -39.06
CA GLY D 126 -62.33 4.39 -39.61
C GLY D 126 -61.23 3.95 -40.55
N GLY D 127 -60.81 4.83 -41.45
CA GLY D 127 -59.67 4.54 -42.31
C GLY D 127 -59.04 5.81 -42.84
N SER D 128 -57.74 5.81 -43.15
CA SER D 128 -57.03 7.01 -43.61
C SER D 128 -56.59 6.80 -45.06
N ASN D 129 -56.43 7.90 -45.79
CA ASN D 129 -55.90 7.90 -47.14
C ASN D 129 -54.51 7.31 -47.32
N ALA D 130 -53.83 7.07 -46.22
CA ALA D 130 -52.59 6.33 -46.27
C ALA D 130 -52.77 4.87 -46.70
N CYS D 131 -53.91 4.32 -46.33
CA CYS D 131 -54.16 2.90 -46.43
C CYS D 131 -55.39 2.66 -47.28
N LYS D 132 -55.28 3.06 -48.54
CA LYS D 132 -56.42 3.06 -49.42
C LYS D 132 -56.81 1.66 -49.85
N ARG D 133 -58.08 1.33 -49.65
CA ARG D 133 -58.65 0.12 -50.23
C ARG D 133 -59.58 0.52 -51.39
N GLY D 134 -59.19 0.15 -52.59
CA GLY D 134 -59.95 0.46 -53.78
C GLY D 134 -59.93 1.96 -54.05
N PRO D 135 -61.04 2.49 -54.59
CA PRO D 135 -61.08 3.91 -54.95
C PRO D 135 -60.95 4.84 -53.75
N GLY D 136 -61.85 4.68 -52.79
CA GLY D 136 -61.83 5.47 -51.57
C GLY D 136 -60.77 4.98 -50.59
N SER D 137 -60.93 5.38 -49.33
CA SER D 137 -59.92 5.14 -48.32
C SER D 137 -60.34 4.08 -47.33
N GLY D 138 -59.35 3.43 -46.70
CA GLY D 138 -59.57 2.39 -45.67
C GLY D 138 -58.45 2.19 -44.63
N PHE D 139 -58.30 0.95 -44.15
CA PHE D 139 -57.41 0.61 -43.01
C PHE D 139 -56.90 -0.83 -43.06
N PHE D 140 -56.12 -1.24 -42.07
CA PHE D 140 -55.75 -2.65 -41.87
C PHE D 140 -56.99 -3.51 -41.71
N SER D 141 -57.00 -4.70 -42.31
CA SER D 141 -58.20 -5.51 -42.36
C SER D 141 -58.55 -6.22 -41.04
N ARG D 142 -57.56 -6.49 -40.19
CA ARG D 142 -57.80 -7.24 -38.95
C ARG D 142 -57.77 -6.39 -37.71
N LEU D 143 -57.78 -5.08 -37.94
CA LEU D 143 -57.87 -4.09 -36.88
C LEU D 143 -59.05 -3.14 -37.11
N ASN D 144 -59.49 -2.52 -36.03
CA ASN D 144 -60.73 -1.73 -36.05
C ASN D 144 -60.53 -0.34 -35.46
N TRP D 145 -60.51 0.68 -36.31
CA TRP D 145 -60.24 2.02 -35.85
C TRP D 145 -61.48 2.68 -35.13
N LEU D 146 -61.54 2.53 -33.81
CA LEU D 146 -62.58 3.16 -32.98
C LEU D 146 -62.23 4.62 -32.74
N THR D 147 -63.18 5.46 -33.19
CA THR D 147 -63.17 6.89 -32.93
C THR D 147 -64.49 7.36 -32.26
N LYS D 148 -64.56 8.66 -32.00
CA LYS D 148 -65.67 9.34 -31.34
C LYS D 148 -67.01 9.06 -32.02
N SER D 149 -68.08 9.12 -31.22
CA SER D 149 -69.47 9.17 -31.73
C SER D 149 -70.24 10.25 -31.01
N GLY D 150 -70.74 11.22 -31.77
CA GLY D 150 -71.42 12.41 -31.22
C GLY D 150 -70.35 13.39 -30.81
N SER D 151 -70.20 13.59 -29.51
CA SER D 151 -68.96 14.15 -29.02
C SER D 151 -68.58 13.42 -27.75
N THR D 152 -68.70 12.09 -27.78
CA THR D 152 -68.28 11.24 -26.66
C THR D 152 -67.38 10.09 -27.12
N TYR D 153 -66.40 9.78 -26.28
CA TYR D 153 -65.69 8.51 -26.33
C TYR D 153 -65.84 7.93 -24.93
N PRO D 154 -66.71 6.91 -24.78
CA PRO D 154 -66.95 6.29 -23.49
C PRO D 154 -65.71 5.58 -23.04
N VAL D 155 -65.63 5.24 -21.76
CA VAL D 155 -64.58 4.32 -21.28
C VAL D 155 -65.03 2.93 -21.67
N LEU D 156 -64.39 2.40 -22.72
CA LEU D 156 -64.72 1.07 -23.26
C LEU D 156 -64.22 0.03 -22.29
N ASN D 157 -64.96 -1.06 -22.19
CA ASN D 157 -64.68 -2.05 -21.17
C ASN D 157 -65.38 -3.29 -21.64
N VAL D 158 -64.71 -4.00 -22.55
CA VAL D 158 -65.20 -5.28 -23.08
C VAL D 158 -64.40 -6.45 -22.51
N THR D 159 -64.90 -7.64 -22.78
CA THR D 159 -64.29 -8.85 -22.30
C THR D 159 -64.61 -9.96 -23.29
N MET D 160 -63.74 -10.95 -23.38
CA MET D 160 -63.92 -12.03 -24.32
C MET D 160 -63.19 -13.28 -23.82
N PRO D 161 -63.94 -14.26 -23.31
CA PRO D 161 -63.31 -15.43 -22.73
C PRO D 161 -62.60 -16.31 -23.74
N ASN D 162 -62.00 -17.38 -23.25
CA ASN D 162 -61.51 -18.44 -24.11
C ASN D 162 -62.02 -19.76 -23.58
N ASN D 163 -63.16 -20.19 -24.11
CA ASN D 163 -63.73 -21.47 -23.75
C ASN D 163 -63.22 -22.59 -24.64
N ASP D 164 -62.49 -22.23 -25.71
CA ASP D 164 -61.88 -23.22 -26.59
C ASP D 164 -60.70 -23.93 -25.92
N ASN D 165 -60.17 -24.93 -26.62
CA ASN D 165 -59.07 -25.76 -26.11
C ASN D 165 -57.71 -25.38 -26.69
N PHE D 166 -57.60 -24.17 -27.24
CA PHE D 166 -56.36 -23.71 -27.84
C PHE D 166 -56.03 -22.27 -27.52
N ASP D 167 -54.76 -21.92 -27.64
CA ASP D 167 -54.29 -20.56 -27.41
C ASP D 167 -54.77 -19.59 -28.49
N LYS D 168 -55.35 -18.47 -28.06
CA LYS D 168 -55.80 -17.43 -28.99
C LYS D 168 -54.81 -16.27 -28.99
N LEU D 169 -54.38 -15.84 -30.17
CA LEU D 169 -53.45 -14.72 -30.31
C LEU D 169 -54.24 -13.56 -30.78
N TYR D 170 -54.20 -12.47 -30.00
CA TYR D 170 -54.93 -11.24 -30.31
C TYR D 170 -53.93 -10.14 -30.68
N ILE D 171 -54.09 -9.61 -31.89
CA ILE D 171 -53.29 -8.46 -32.30
C ILE D 171 -54.14 -7.20 -32.26
N TRP D 172 -53.59 -6.20 -31.57
CA TRP D 172 -54.25 -4.94 -31.30
C TRP D 172 -53.20 -3.87 -31.22
N GLY D 173 -53.62 -2.63 -31.12
CA GLY D 173 -52.68 -1.52 -31.15
C GLY D 173 -53.24 -0.24 -30.59
N VAL D 174 -52.51 0.85 -30.77
CA VAL D 174 -52.81 2.11 -30.12
C VAL D 174 -52.28 3.28 -30.93
N HIS D 175 -53.12 4.28 -31.13
CA HIS D 175 -52.87 5.37 -32.08
C HIS D 175 -52.18 6.51 -31.40
N HIS D 176 -51.15 7.05 -32.03
CA HIS D 176 -50.37 8.16 -31.50
C HIS D 176 -50.57 9.34 -32.42
N PRO D 177 -51.37 10.33 -32.02
CA PRO D 177 -51.61 11.43 -32.94
C PRO D 177 -50.45 12.43 -33.00
N SER D 178 -50.42 13.22 -34.07
CA SER D 178 -49.34 14.18 -34.29
C SER D 178 -49.55 15.45 -33.48
N THR D 179 -50.80 15.91 -33.43
CA THR D 179 -51.16 17.12 -32.67
C THR D 179 -52.24 16.84 -31.62
N ASN D 180 -52.37 17.75 -30.67
CA ASN D 180 -53.47 17.68 -29.75
C ASN D 180 -54.80 17.87 -30.44
N GLN D 181 -54.84 18.77 -31.42
CA GLN D 181 -56.03 19.00 -32.21
C GLN D 181 -56.57 17.70 -32.75
N GLU D 182 -55.68 16.90 -33.35
CA GLU D 182 -56.04 15.59 -33.91
C GLU D 182 -56.46 14.60 -32.79
N GLN D 183 -55.87 14.72 -31.60
CA GLN D 183 -56.22 13.86 -30.44
C GLN D 183 -57.64 14.07 -29.99
N THR D 184 -58.03 15.33 -29.93
CA THR D 184 -59.36 15.78 -29.51
C THR D 184 -60.45 15.54 -30.57
N SER D 185 -60.12 15.80 -31.83
CA SER D 185 -61.02 15.46 -32.94
C SER D 185 -61.49 14.01 -32.87
N LEU D 186 -60.57 13.10 -32.52
CA LEU D 186 -60.81 11.67 -32.66
C LEU D 186 -61.29 11.05 -31.39
N TYR D 187 -60.64 11.35 -30.28
CA TYR D 187 -60.92 10.62 -29.06
C TYR D 187 -61.43 11.51 -27.94
N VAL D 188 -61.70 12.78 -28.22
CA VAL D 188 -62.22 13.75 -27.23
C VAL D 188 -61.23 14.05 -26.10
N GLN D 189 -60.99 13.06 -25.24
CA GLN D 189 -60.11 13.21 -24.08
C GLN D 189 -58.70 13.66 -24.49
N ALA D 190 -58.17 14.62 -23.73
CA ALA D 190 -56.89 15.25 -24.03
C ALA D 190 -55.78 14.22 -24.12
N SER D 191 -55.86 13.22 -23.24
CA SER D 191 -54.87 12.17 -23.13
C SER D 191 -55.59 10.83 -23.11
N GLY D 192 -55.22 9.93 -24.02
CA GLY D 192 -55.82 8.59 -24.04
C GLY D 192 -55.21 7.60 -23.07
N ARG D 193 -55.53 6.32 -23.26
CA ARG D 193 -55.03 5.24 -22.45
C ARG D 193 -55.71 3.95 -22.91
N VAL D 194 -54.90 2.91 -23.09
CA VAL D 194 -55.34 1.57 -23.52
C VAL D 194 -54.78 0.52 -22.58
N THR D 195 -55.63 -0.36 -22.05
CA THR D 195 -55.20 -1.39 -21.08
C THR D 195 -55.78 -2.78 -21.38
N VAL D 196 -54.94 -3.62 -21.98
CA VAL D 196 -55.31 -5.00 -22.30
C VAL D 196 -54.71 -5.97 -21.26
N SER D 197 -55.51 -6.93 -20.83
CA SER D 197 -55.18 -7.71 -19.66
C SER D 197 -55.85 -9.08 -19.69
N THR D 198 -55.16 -10.07 -19.14
CA THR D 198 -55.75 -11.39 -18.90
C THR D 198 -55.65 -11.64 -17.38
N ARG D 199 -55.99 -12.84 -16.93
CA ARG D 199 -55.97 -13.13 -15.52
C ARG D 199 -54.51 -13.15 -14.98
N ARG D 200 -53.57 -13.60 -15.82
CA ARG D 200 -52.13 -13.77 -15.57
C ARG D 200 -51.28 -12.53 -15.84
N SER D 201 -51.58 -11.89 -16.96
CA SER D 201 -50.80 -10.74 -17.46
C SER D 201 -51.58 -9.43 -17.45
N GLN D 202 -50.93 -8.37 -17.91
CA GLN D 202 -51.51 -7.04 -17.85
C GLN D 202 -50.58 -6.13 -18.63
N GLN D 203 -51.13 -5.15 -19.34
CA GLN D 203 -50.35 -4.37 -20.27
C GLN D 203 -51.01 -3.04 -20.57
N THR D 204 -50.32 -1.93 -20.31
CA THR D 204 -50.95 -0.60 -20.46
C THR D 204 -50.10 0.46 -21.15
N ILE D 205 -50.62 0.95 -22.27
CA ILE D 205 -49.92 1.91 -23.06
C ILE D 205 -50.65 3.22 -22.99
N ILE D 206 -49.87 4.29 -23.01
CA ILE D 206 -50.39 5.64 -22.95
C ILE D 206 -49.82 6.32 -24.17
N PRO D 207 -50.68 6.63 -25.14
CA PRO D 207 -50.17 7.15 -26.40
C PRO D 207 -49.45 8.47 -26.24
N ASN D 208 -48.38 8.68 -26.99
CA ASN D 208 -47.61 9.93 -26.95
C ASN D 208 -47.83 10.81 -28.18
N ILE D 209 -48.12 12.09 -27.94
CA ILE D 209 -48.53 13.00 -28.98
C ILE D 209 -47.32 13.82 -29.43
N GLY D 210 -47.10 13.88 -30.73
CA GLY D 210 -45.95 14.62 -31.25
C GLY D 210 -45.78 14.41 -32.72
N SER D 211 -44.88 15.16 -33.33
CA SER D 211 -44.60 15.02 -34.77
C SER D 211 -43.50 14.01 -35.01
N ARG D 212 -43.81 13.07 -35.90
CA ARG D 212 -42.84 12.11 -36.42
C ARG D 212 -42.64 12.48 -37.88
N PRO D 213 -41.68 11.83 -38.57
CA PRO D 213 -41.46 12.20 -39.96
C PRO D 213 -42.65 11.81 -40.78
N TRP D 214 -42.82 12.49 -41.89
CA TRP D 214 -43.94 12.24 -42.77
C TRP D 214 -43.69 10.91 -43.46
N VAL D 215 -44.69 10.03 -43.35
CA VAL D 215 -44.67 8.76 -44.05
C VAL D 215 -46.01 8.57 -44.75
N ARG D 216 -46.00 8.72 -46.06
CA ARG D 216 -47.16 8.37 -46.87
C ARG D 216 -48.37 9.17 -46.39
N GLY D 217 -48.15 10.46 -46.23
CA GLY D 217 -49.23 11.37 -45.90
C GLY D 217 -49.44 11.69 -44.42
N LEU D 218 -48.77 10.96 -43.54
CA LEU D 218 -49.08 11.09 -42.14
C LEU D 218 -47.86 11.31 -41.27
N SER D 219 -48.06 12.19 -40.30
CA SER D 219 -47.08 12.51 -39.29
C SER D 219 -47.36 11.74 -37.99
N SER D 220 -48.52 11.08 -37.93
CA SER D 220 -48.91 10.28 -36.77
C SER D 220 -48.61 8.81 -37.04
N ARG D 221 -48.93 7.94 -36.09
CA ARG D 221 -48.44 6.55 -36.07
C ARG D 221 -49.30 5.59 -35.27
N ILE D 222 -48.97 4.31 -35.36
CA ILE D 222 -49.64 3.29 -34.57
C ILE D 222 -48.64 2.30 -34.03
N SER D 223 -48.70 2.06 -32.74
CA SER D 223 -47.87 1.01 -32.14
C SER D 223 -48.73 -0.25 -32.13
N ILE D 224 -48.12 -1.38 -32.48
CA ILE D 224 -48.79 -2.69 -32.51
C ILE D 224 -48.32 -3.57 -31.35
N TYR D 225 -49.28 -4.10 -30.61
CA TYR D 225 -49.01 -4.96 -29.46
C TYR D 225 -49.72 -6.31 -29.64
N TRP D 226 -49.26 -7.36 -28.97
CA TRP D 226 -50.01 -8.62 -28.99
C TRP D 226 -50.28 -9.08 -27.58
N THR D 227 -51.29 -9.93 -27.46
CA THR D 227 -51.65 -10.54 -26.21
C THR D 227 -52.13 -11.95 -26.54
N ILE D 228 -51.48 -12.97 -26.00
CA ILE D 228 -51.93 -14.36 -26.15
C ILE D 228 -52.76 -14.72 -24.93
N VAL D 229 -53.94 -15.28 -25.14
CA VAL D 229 -54.82 -15.65 -24.03
C VAL D 229 -55.11 -17.13 -24.10
N LYS D 230 -54.90 -17.83 -22.99
CA LYS D 230 -54.84 -19.27 -23.05
C LYS D 230 -56.21 -19.83 -22.65
N PRO D 231 -56.48 -21.13 -22.99
CA PRO D 231 -57.76 -21.78 -22.66
C PRO D 231 -58.11 -21.64 -21.22
N GLY D 232 -59.36 -21.31 -20.92
CA GLY D 232 -59.79 -21.08 -19.54
C GLY D 232 -59.65 -19.64 -19.10
N ASP D 233 -58.71 -18.92 -19.72
CA ASP D 233 -58.41 -17.54 -19.37
C ASP D 233 -59.40 -16.62 -20.04
N VAL D 234 -59.19 -15.32 -19.89
CA VAL D 234 -60.10 -14.30 -20.42
C VAL D 234 -59.39 -12.98 -20.75
N LEU D 235 -59.77 -12.37 -21.87
CA LEU D 235 -59.19 -11.13 -22.34
C LEU D 235 -60.11 -10.01 -21.93
N VAL D 236 -59.53 -8.91 -21.45
CA VAL D 236 -60.28 -7.73 -21.12
C VAL D 236 -59.61 -6.48 -21.63
N ILE D 237 -60.24 -5.87 -22.63
CA ILE D 237 -59.81 -4.59 -23.15
C ILE D 237 -60.55 -3.44 -22.44
N ASN D 238 -59.80 -2.40 -22.10
CA ASN D 238 -60.31 -1.23 -21.42
C ASN D 238 -59.60 0.00 -21.93
N SER D 239 -60.36 1.03 -22.29
CA SER D 239 -59.77 2.21 -22.91
C SER D 239 -60.71 3.39 -22.98
N ASN D 240 -60.17 4.58 -22.67
CA ASN D 240 -60.91 5.85 -22.76
C ASN D 240 -60.40 6.73 -23.89
N GLY D 241 -59.67 6.11 -24.82
CA GLY D 241 -59.14 6.82 -25.97
C GLY D 241 -57.97 6.16 -26.64
N ASN D 242 -57.90 6.34 -27.95
CA ASN D 242 -56.74 5.97 -28.77
C ASN D 242 -56.58 4.49 -29.08
N LEU D 243 -57.61 3.69 -28.85
CA LEU D 243 -57.52 2.24 -29.09
C LEU D 243 -57.66 1.94 -30.55
N ILE D 244 -56.79 1.05 -31.03
CA ILE D 244 -56.96 0.38 -32.32
C ILE D 244 -57.29 -1.06 -31.98
N ALA D 245 -58.58 -1.37 -32.09
CA ALA D 245 -59.13 -2.58 -31.54
C ALA D 245 -59.02 -3.73 -32.48
N PRO D 246 -59.07 -4.93 -31.92
CA PRO D 246 -59.09 -6.14 -32.66
C PRO D 246 -60.50 -6.58 -33.05
N ARG D 247 -60.58 -7.24 -34.19
CA ARG D 247 -61.83 -7.84 -34.67
C ARG D 247 -61.91 -9.33 -34.28
N GLY D 248 -60.79 -9.92 -33.88
CA GLY D 248 -60.75 -11.28 -33.37
C GLY D 248 -59.36 -11.81 -33.09
N TYR D 249 -59.27 -13.13 -33.05
CA TYR D 249 -58.03 -13.82 -32.75
C TYR D 249 -57.51 -14.68 -33.89
N PHE D 250 -56.21 -14.96 -33.84
CA PHE D 250 -55.58 -15.92 -34.74
C PHE D 250 -55.41 -17.23 -33.97
N LYS D 251 -55.65 -18.36 -34.61
CA LYS D 251 -55.35 -19.64 -33.96
C LYS D 251 -53.86 -19.78 -33.89
N MET D 252 -53.44 -20.35 -32.78
CA MET D 252 -52.06 -20.65 -32.61
C MET D 252 -51.91 -22.13 -32.55
N ARG D 253 -50.83 -22.61 -33.16
CA ARG D 253 -50.41 -23.99 -33.02
C ARG D 253 -48.92 -24.01 -33.07
N THR D 254 -48.36 -25.08 -32.54
CA THR D 254 -46.92 -25.26 -32.54
C THR D 254 -46.65 -26.28 -33.63
N GLY D 255 -45.49 -26.18 -34.26
CA GLY D 255 -45.21 -27.01 -35.40
C GLY D 255 -43.93 -26.67 -36.13
N LYS D 256 -43.78 -27.32 -37.27
CA LYS D 256 -42.56 -27.29 -38.07
C LYS D 256 -42.27 -25.97 -38.77
N SER D 257 -43.24 -25.06 -38.70
CA SER D 257 -43.25 -23.91 -39.56
C SER D 257 -42.16 -22.92 -39.20
N SER D 258 -41.83 -22.07 -40.18
CA SER D 258 -40.81 -21.06 -40.04
C SER D 258 -40.82 -20.05 -41.21
N ILE D 259 -39.79 -19.22 -41.27
CA ILE D 259 -39.74 -18.08 -42.20
C ILE D 259 -38.32 -17.87 -42.70
N MET D 260 -38.14 -17.28 -43.87
CA MET D 260 -36.81 -17.08 -44.41
C MET D 260 -36.74 -15.93 -45.40
N ARG D 261 -35.65 -15.17 -45.34
CA ARG D 261 -35.42 -14.09 -46.29
C ARG D 261 -34.62 -14.63 -47.47
N SER D 262 -35.18 -14.55 -48.67
CA SER D 262 -34.51 -14.99 -49.89
C SER D 262 -35.09 -14.36 -51.14
N ASP D 263 -34.27 -14.22 -52.18
CA ASP D 263 -34.79 -13.72 -53.44
C ASP D 263 -34.75 -14.80 -54.52
N ALA D 264 -34.46 -16.03 -54.14
CA ALA D 264 -34.44 -17.11 -55.13
C ALA D 264 -35.87 -17.48 -55.50
N PRO D 265 -36.13 -17.74 -56.79
CA PRO D 265 -37.49 -18.06 -57.27
C PRO D 265 -37.87 -19.48 -56.88
N ILE D 266 -39.14 -19.86 -57.08
CA ILE D 266 -39.62 -21.23 -56.83
C ILE D 266 -39.76 -22.07 -58.14
N ASP D 267 -39.24 -23.30 -58.20
CA ASP D 267 -39.48 -24.22 -59.36
C ASP D 267 -40.28 -25.37 -58.72
N THR D 268 -40.85 -26.23 -59.58
CA THR D 268 -41.46 -27.49 -59.16
C THR D 268 -40.43 -28.61 -59.18
N CYS D 269 -40.08 -29.10 -58.01
CA CYS D 269 -39.12 -30.19 -57.89
C CYS D 269 -39.26 -30.65 -56.46
N ILE D 270 -38.44 -31.61 -56.04
CA ILE D 270 -38.47 -32.08 -54.68
C ILE D 270 -37.12 -31.77 -54.07
N SER D 271 -37.11 -31.20 -52.86
CA SER D 271 -35.86 -30.97 -52.16
C SER D 271 -36.14 -30.73 -50.71
N GLU D 272 -35.62 -31.61 -49.86
CA GLU D 272 -35.90 -31.51 -48.44
C GLU D 272 -35.04 -30.51 -47.70
N CYS D 273 -34.13 -29.84 -48.41
CA CYS D 273 -33.37 -28.76 -47.83
C CYS D 273 -33.53 -27.47 -48.60
N ILE D 274 -33.91 -26.41 -47.89
CA ILE D 274 -34.03 -25.05 -48.44
C ILE D 274 -33.04 -24.09 -47.81
N THR D 275 -32.41 -23.26 -48.62
CA THR D 275 -31.56 -22.18 -48.13
C THR D 275 -31.95 -20.89 -48.82
N PRO D 276 -31.52 -19.76 -48.28
CA PRO D 276 -31.73 -18.55 -49.07
C PRO D 276 -31.10 -18.61 -50.48
N ASN D 277 -29.89 -19.17 -50.59
CA ASN D 277 -29.22 -19.28 -51.88
C ASN D 277 -29.97 -20.20 -52.82
N GLY D 278 -30.90 -20.96 -52.30
CA GLY D 278 -31.70 -21.87 -53.12
C GLY D 278 -31.74 -23.24 -52.43
N SER D 279 -32.37 -24.21 -53.07
CA SER D 279 -32.50 -25.54 -52.49
C SER D 279 -31.25 -26.33 -52.77
N ILE D 280 -30.82 -27.13 -51.78
CA ILE D 280 -29.63 -28.01 -51.95
C ILE D 280 -29.88 -29.45 -51.58
N PRO D 281 -29.21 -30.35 -52.26
CA PRO D 281 -29.39 -31.76 -52.01
C PRO D 281 -28.58 -32.23 -50.82
N ASN D 282 -29.24 -33.01 -49.99
CA ASN D 282 -28.67 -33.41 -48.71
C ASN D 282 -28.04 -34.81 -48.76
N ASP D 283 -27.54 -35.20 -49.91
CA ASP D 283 -26.84 -36.48 -50.05
C ASP D 283 -25.50 -36.43 -49.32
N LYS D 284 -24.95 -35.23 -49.12
CA LYS D 284 -23.68 -35.09 -48.40
C LYS D 284 -23.91 -34.83 -46.94
N PRO D 285 -22.90 -35.09 -46.11
CA PRO D 285 -23.08 -34.82 -44.69
C PRO D 285 -22.83 -33.37 -44.28
N PHE D 286 -22.15 -32.61 -45.13
CA PHE D 286 -21.80 -31.22 -44.86
C PHE D 286 -22.05 -30.33 -46.07
N GLN D 287 -22.16 -29.03 -45.81
CA GLN D 287 -22.41 -28.05 -46.85
C GLN D 287 -21.84 -26.69 -46.51
N ASN D 288 -21.69 -25.89 -47.54
CA ASN D 288 -20.97 -24.64 -47.46
C ASN D 288 -21.73 -23.53 -48.21
N VAL D 289 -23.01 -23.73 -48.41
CA VAL D 289 -23.80 -22.86 -49.24
C VAL D 289 -24.25 -21.71 -48.39
N ASN D 290 -24.96 -21.99 -47.32
CA ASN D 290 -25.37 -20.95 -46.41
C ASN D 290 -25.62 -21.51 -45.04
N LYS D 291 -25.28 -20.75 -44.01
CA LYS D 291 -25.57 -21.17 -42.64
C LYS D 291 -27.03 -21.14 -42.30
N ILE D 292 -27.82 -20.37 -43.04
CA ILE D 292 -29.26 -20.35 -42.82
C ILE D 292 -29.84 -21.49 -43.62
N THR D 293 -30.51 -22.43 -42.95
CA THR D 293 -31.19 -23.56 -43.64
C THR D 293 -32.52 -23.96 -43.01
N TYR D 294 -33.28 -24.75 -43.76
CA TYR D 294 -34.56 -25.21 -43.31
C TYR D 294 -34.76 -26.59 -43.82
N GLY D 295 -35.05 -27.51 -42.90
CA GLY D 295 -35.37 -28.92 -43.25
C GLY D 295 -34.19 -29.84 -43.03
N ALA D 296 -34.27 -31.05 -43.57
CA ALA D 296 -33.17 -32.03 -43.44
C ALA D 296 -31.95 -31.62 -44.25
N CYS D 297 -30.95 -31.03 -43.60
CA CYS D 297 -29.86 -30.40 -44.33
C CYS D 297 -28.53 -30.86 -43.82
N PRO D 298 -27.52 -30.80 -44.65
CA PRO D 298 -26.15 -31.03 -44.18
C PRO D 298 -25.72 -29.95 -43.22
N LYS D 299 -24.71 -30.23 -42.43
CA LYS D 299 -24.27 -29.29 -41.43
C LYS D 299 -23.39 -28.26 -42.11
N TYR D 300 -23.63 -27.00 -41.82
CA TYR D 300 -22.83 -25.95 -42.39
C TYR D 300 -21.42 -25.99 -41.83
N VAL D 301 -20.43 -25.99 -42.71
CA VAL D 301 -19.03 -25.90 -42.29
C VAL D 301 -18.32 -24.83 -43.07
N LYS D 302 -17.19 -24.36 -42.54
CA LYS D 302 -16.45 -23.33 -43.20
C LYS D 302 -15.71 -23.80 -44.40
N GLN D 303 -15.37 -25.08 -44.44
CA GLN D 303 -14.65 -25.66 -45.55
C GLN D 303 -15.50 -25.65 -46.80
N ASN D 304 -14.92 -25.39 -47.96
CA ASN D 304 -15.69 -25.52 -49.20
C ASN D 304 -15.45 -26.85 -49.89
N THR D 305 -14.53 -27.64 -49.36
CA THR D 305 -14.29 -28.97 -49.89
C THR D 305 -13.53 -29.87 -48.92
N LEU D 306 -14.10 -31.04 -48.69
CA LEU D 306 -13.45 -32.10 -47.94
C LEU D 306 -13.59 -33.39 -48.71
N LYS D 307 -12.48 -33.90 -49.22
CA LYS D 307 -12.51 -35.15 -49.95
C LYS D 307 -12.27 -36.33 -49.00
N LEU D 308 -13.16 -37.30 -49.05
CA LEU D 308 -13.04 -38.52 -48.30
C LEU D 308 -12.54 -39.59 -49.23
N ALA D 309 -11.50 -40.30 -48.82
CA ALA D 309 -10.90 -41.28 -49.71
C ALA D 309 -11.72 -42.53 -49.74
N THR D 310 -11.87 -43.04 -50.97
CA THR D 310 -12.65 -44.22 -51.29
C THR D 310 -11.82 -45.21 -52.08
N GLY D 311 -10.54 -45.24 -51.80
CA GLY D 311 -9.62 -46.19 -52.44
C GLY D 311 -8.23 -46.07 -51.87
N MET D 312 -7.36 -46.98 -52.26
CA MET D 312 -5.97 -47.06 -51.74
C MET D 312 -5.03 -45.96 -52.27
N ARG D 313 -3.85 -45.89 -51.70
CA ARG D 313 -2.88 -44.91 -52.16
C ARG D 313 -2.52 -45.24 -53.61
N ASN D 314 -2.43 -44.20 -54.42
CA ASN D 314 -2.21 -44.38 -55.85
C ASN D 314 -0.74 -44.32 -56.19
N VAL D 315 -0.16 -45.44 -56.61
CA VAL D 315 1.25 -45.47 -56.97
C VAL D 315 1.46 -45.77 -58.45
N PRO D 316 2.08 -44.85 -59.19
CA PRO D 316 2.39 -45.14 -60.60
C PRO D 316 3.42 -46.27 -60.81
N GLU D 317 3.37 -46.92 -61.99
CA GLU D 317 4.15 -48.16 -62.29
C GLU D 317 5.67 -47.96 -62.38
N SER E 1 4.40 92.51 39.06
CA SER E 1 3.09 92.15 38.40
C SER E 1 2.70 90.67 38.68
N THR E 2 3.42 89.76 38.00
CA THR E 2 3.26 88.30 38.05
C THR E 2 4.64 87.60 37.92
N ALA E 3 4.66 86.29 37.67
CA ALA E 3 5.92 85.53 37.69
C ALA E 3 5.86 84.24 36.89
N THR E 4 7.03 83.71 36.58
CA THR E 4 7.15 82.46 35.83
C THR E 4 8.04 81.48 36.56
N LEU E 5 7.54 80.28 36.79
CA LEU E 5 8.32 79.24 37.42
C LEU E 5 8.33 77.97 36.57
N CYS E 6 9.52 77.46 36.25
CA CYS E 6 9.66 76.32 35.35
C CYS E 6 10.34 75.12 35.92
N LEU E 7 9.80 73.94 35.58
CA LEU E 7 10.34 72.68 36.04
C LEU E 7 11.13 72.07 34.92
N GLY E 8 12.34 71.62 35.21
CA GLY E 8 13.13 71.01 34.15
C GLY E 8 14.11 69.99 34.63
N HIS E 9 14.70 69.28 33.67
CA HIS E 9 15.69 68.29 33.99
C HIS E 9 16.95 68.61 33.26
N HIS E 10 18.03 67.99 33.67
CA HIS E 10 19.30 68.27 33.05
C HIS E 10 19.53 67.45 31.78
N ALA E 11 20.67 67.72 31.18
CA ALA E 11 21.09 67.11 29.95
C ALA E 11 22.52 67.49 29.80
N VAL E 12 23.21 66.78 28.94
CA VAL E 12 24.64 66.87 28.89
C VAL E 12 25.07 66.92 27.46
N PRO E 13 26.23 67.50 27.23
CA PRO E 13 26.61 67.75 25.86
C PRO E 13 26.91 66.47 25.07
N ASN E 14 27.47 65.43 25.70
CA ASN E 14 27.67 64.17 25.02
C ASN E 14 27.21 62.93 25.78
N GLY E 15 26.04 62.44 25.40
CA GLY E 15 25.41 61.29 26.06
C GLY E 15 26.00 60.00 25.60
N THR E 16 25.25 58.91 25.80
CA THR E 16 25.70 57.57 25.42
C THR E 16 24.51 56.81 24.92
N LEU E 17 24.71 55.99 23.90
CA LEU E 17 23.61 55.23 23.29
C LEU E 17 23.45 53.87 23.92
N VAL E 18 22.20 53.51 24.16
CA VAL E 18 21.85 52.27 24.83
C VAL E 18 20.60 51.67 24.20
N LYS E 19 20.29 50.42 24.53
CA LYS E 19 19.16 49.74 23.90
C LYS E 19 18.03 49.57 24.85
N THR E 20 16.83 49.48 24.30
CA THR E 20 15.66 49.22 25.11
C THR E 20 14.79 48.18 24.42
N ILE E 21 13.61 47.93 24.95
CA ILE E 21 12.63 47.05 24.31
C ILE E 21 12.18 47.63 22.96
N THR E 22 11.72 48.87 22.97
CA THR E 22 11.09 49.45 21.80
C THR E 22 12.07 50.06 20.83
N ASP E 23 13.29 50.35 21.29
CA ASP E 23 14.24 51.23 20.61
C ASP E 23 15.60 50.63 20.49
N ASP E 24 16.20 50.73 19.31
CA ASP E 24 17.52 50.17 19.10
C ASP E 24 18.56 51.08 19.70
N GLN E 25 18.42 52.38 19.45
CA GLN E 25 19.39 53.31 19.98
C GLN E 25 18.69 54.53 20.61
N ILE E 26 19.19 54.97 21.75
CA ILE E 26 18.56 56.07 22.46
C ILE E 26 19.57 56.67 23.42
N GLU E 27 19.76 57.99 23.33
CA GLU E 27 20.84 58.66 24.01
C GLU E 27 20.39 58.94 25.42
N VAL E 28 21.25 58.60 26.37
CA VAL E 28 20.97 58.86 27.78
C VAL E 28 22.16 59.59 28.38
N THR E 29 21.89 60.26 29.50
CA THR E 29 22.87 61.10 30.15
C THR E 29 24.18 60.34 30.43
N ASN E 30 24.11 59.13 30.97
CA ASN E 30 25.31 58.31 31.25
C ASN E 30 24.91 56.83 31.22
N ALA E 31 25.87 55.97 30.91
CA ALA E 31 25.65 54.55 31.01
C ALA E 31 26.90 53.88 31.52
N THR E 32 26.82 52.56 31.67
CA THR E 32 27.95 51.77 32.17
C THR E 32 28.10 50.46 31.41
N GLU E 33 29.36 50.06 31.21
CA GLU E 33 29.64 48.85 30.47
C GLU E 33 29.47 47.58 31.33
N LEU E 34 28.71 46.63 30.82
CA LEU E 34 28.45 45.40 31.57
C LEU E 34 29.24 44.20 31.07
N VAL E 35 29.96 44.34 29.96
CA VAL E 35 30.71 43.23 29.44
C VAL E 35 32.19 43.50 29.44
N GLN E 36 32.89 42.67 30.18
CA GLN E 36 34.35 42.73 30.28
C GLN E 36 34.95 42.22 29.00
N SER E 37 35.63 43.12 28.29
CA SER E 37 35.92 42.92 26.89
C SER E 37 37.40 42.71 26.66
N SER E 38 38.24 43.24 27.54
CA SER E 38 39.68 43.10 27.39
C SER E 38 40.35 42.50 28.61
N SER E 39 41.60 42.10 28.42
CA SER E 39 42.36 41.46 29.48
C SER E 39 43.71 42.09 29.61
N THR E 40 44.36 41.84 30.73
CA THR E 40 45.68 42.40 30.98
C THR E 40 46.74 41.63 30.21
N GLY E 41 46.40 40.43 29.76
CA GLY E 41 47.34 39.61 29.03
C GLY E 41 48.27 38.77 29.89
N LYS E 42 48.15 38.87 31.21
CA LYS E 42 48.96 38.09 32.12
C LYS E 42 48.11 37.47 33.21
N ILE E 43 48.65 36.44 33.84
CA ILE E 43 47.93 35.65 34.83
C ILE E 43 48.39 35.97 36.26
N CYS E 44 47.43 36.35 37.10
CA CYS E 44 47.74 36.79 38.45
C CYS E 44 47.90 35.61 39.38
N ASN E 45 49.05 35.57 40.06
CA ASN E 45 49.36 34.48 40.95
C ASN E 45 48.62 34.46 42.29
N ASN E 46 47.78 35.45 42.56
CA ASN E 46 46.93 35.42 43.74
C ASN E 46 45.47 35.58 43.39
N PRO E 47 44.60 35.16 44.29
CA PRO E 47 44.91 34.36 45.46
C PRO E 47 45.10 32.89 45.10
N HIS E 48 44.86 32.54 43.84
CA HIS E 48 44.91 31.16 43.39
C HIS E 48 46.36 30.73 43.23
N ARG E 49 46.71 29.60 43.85
CA ARG E 49 48.02 28.99 43.65
C ARG E 49 48.19 28.43 42.23
N ILE E 50 48.91 29.18 41.40
CA ILE E 50 49.19 28.80 40.02
C ILE E 50 50.42 27.93 40.03
N LEU E 51 50.50 27.02 39.07
CA LEU E 51 51.74 26.21 38.86
C LEU E 51 52.05 26.03 37.37
N ASP E 52 53.21 26.53 36.96
CA ASP E 52 53.52 26.67 35.56
C ASP E 52 54.24 25.43 35.08
N GLY E 53 53.54 24.64 34.27
CA GLY E 53 54.11 23.44 33.68
C GLY E 53 55.28 23.63 32.75
N ILE E 54 55.71 24.88 32.57
CA ILE E 54 56.83 25.21 31.68
C ILE E 54 57.00 24.22 30.50
N ASP E 55 57.97 23.33 30.56
CA ASP E 55 58.22 22.40 29.44
C ASP E 55 57.44 21.07 29.59
N CYS E 56 56.81 20.88 30.75
CA CYS E 56 56.11 19.65 31.06
C CYS E 56 54.62 19.77 30.90
N THR E 57 54.03 18.68 30.41
CA THR E 57 52.60 18.53 30.53
C THR E 57 52.35 17.96 31.92
N LEU E 58 51.08 17.89 32.33
CA LEU E 58 50.73 17.36 33.66
C LEU E 58 51.04 15.88 33.74
N ILE E 59 50.57 15.13 32.76
CA ILE E 59 50.81 13.69 32.72
C ILE E 59 52.30 13.35 32.74
N ASP E 60 53.14 14.19 32.16
CA ASP E 60 54.58 13.92 32.21
C ASP E 60 55.17 14.14 33.60
N ALA E 61 54.61 15.06 34.37
CA ALA E 61 55.07 15.27 35.75
C ALA E 61 54.62 14.12 36.64
N LEU E 62 53.43 13.62 36.30
CA LEU E 62 52.81 12.51 37.00
C LEU E 62 53.72 11.32 36.93
N LEU E 63 54.01 10.89 35.70
CA LEU E 63 54.84 9.73 35.43
C LEU E 63 56.32 9.91 35.83
N GLY E 64 56.85 11.09 35.59
CA GLY E 64 58.20 11.42 36.03
C GLY E 64 59.22 11.35 34.91
N ASP E 65 58.88 11.96 33.78
CA ASP E 65 59.83 12.27 32.74
C ASP E 65 61.02 12.97 33.42
N PRO E 66 62.24 12.77 32.96
CA PRO E 66 63.41 13.37 33.58
C PRO E 66 63.38 14.86 33.77
N HIS E 67 63.01 15.60 32.73
CA HIS E 67 63.00 17.07 32.88
C HIS E 67 61.85 17.59 33.74
N CYS E 68 60.91 16.73 34.10
CA CYS E 68 59.75 17.06 34.91
C CYS E 68 59.93 16.61 36.35
N ASP E 69 61.18 16.58 36.78
CA ASP E 69 61.47 16.08 38.10
C ASP E 69 61.28 17.20 39.09
N VAL E 70 61.51 18.42 38.65
CA VAL E 70 61.32 19.55 39.52
C VAL E 70 59.86 19.68 40.01
N PHE E 71 58.93 18.98 39.37
CA PHE E 71 57.50 19.02 39.77
C PHE E 71 57.09 18.03 40.85
N GLN E 72 58.03 17.26 41.37
CA GLN E 72 57.62 16.16 42.23
C GLN E 72 56.95 16.62 43.50
N ASN E 73 55.92 15.89 43.93
CA ASN E 73 55.27 16.13 45.19
C ASN E 73 54.58 17.52 45.27
N GLU E 74 54.27 18.10 44.11
CA GLU E 74 53.74 19.46 44.04
C GLU E 74 52.26 19.49 44.29
N THR E 75 51.76 20.70 44.56
CA THR E 75 50.33 20.98 44.66
C THR E 75 49.98 22.17 43.78
N TRP E 76 48.69 22.35 43.53
CA TRP E 76 48.22 23.51 42.77
C TRP E 76 46.72 23.76 42.95
N ASP E 77 46.34 25.00 42.73
CA ASP E 77 44.96 25.33 42.52
C ASP E 77 44.70 25.23 41.04
N LEU E 78 45.63 25.76 40.24
CA LEU E 78 45.47 25.73 38.80
C LEU E 78 46.81 25.44 38.14
N PHE E 79 46.89 24.28 37.51
CA PHE E 79 48.06 23.89 36.74
C PHE E 79 47.94 24.52 35.36
N VAL E 80 49.04 25.01 34.81
CA VAL E 80 48.99 25.64 33.49
C VAL E 80 49.86 24.95 32.44
N GLU E 81 49.24 24.18 31.55
CA GLU E 81 49.97 23.50 30.47
C GLU E 81 50.33 24.52 29.39
N ARG E 82 51.58 24.50 28.98
CA ARG E 82 52.03 25.42 27.95
C ARG E 82 52.06 24.78 26.58
N SER E 83 51.86 25.61 25.56
CA SER E 83 52.06 25.20 24.18
C SER E 83 53.44 24.57 23.93
N LYS E 84 54.45 25.16 24.52
CA LYS E 84 55.84 24.79 24.27
C LYS E 84 56.24 23.41 24.78
N ALA E 85 55.36 22.79 25.56
CA ALA E 85 55.76 21.59 26.30
C ALA E 85 56.01 20.39 25.44
N PHE E 86 56.85 19.49 25.95
CA PHE E 86 57.21 18.26 25.25
C PHE E 86 57.44 17.10 26.24
N SER E 87 57.47 15.90 25.66
CA SER E 87 57.86 14.68 26.36
C SER E 87 59.24 14.27 25.86
N ASN E 88 60.03 13.63 26.72
CA ASN E 88 61.40 13.29 26.36
C ASN E 88 61.91 12.11 27.16
N CYS E 89 61.14 11.04 27.07
CA CYS E 89 61.39 9.83 27.81
C CYS E 89 61.00 8.66 26.93
N TYR E 90 60.68 7.51 27.51
CA TYR E 90 60.25 6.35 26.77
C TYR E 90 58.92 6.74 26.15
N PRO E 91 58.70 6.39 24.90
CA PRO E 91 57.44 6.76 24.25
C PRO E 91 56.27 5.98 24.79
N TYR E 92 55.20 6.68 25.13
CA TYR E 92 54.06 6.06 25.77
C TYR E 92 52.76 6.49 25.12
N ASP E 93 51.66 5.91 25.58
CA ASP E 93 50.31 6.39 25.27
C ASP E 93 49.34 6.01 26.41
N VAL E 94 48.28 6.81 26.61
CA VAL E 94 47.36 6.55 27.71
C VAL E 94 45.97 6.34 27.19
N PRO E 95 45.54 5.08 27.11
CA PRO E 95 44.15 4.86 26.80
C PRO E 95 43.37 5.69 27.78
N ASP E 96 42.41 6.47 27.27
CA ASP E 96 41.63 7.35 28.11
C ASP E 96 42.51 8.44 28.75
N TYR E 97 43.26 9.14 27.90
CA TYR E 97 44.25 10.13 28.37
C TYR E 97 43.56 11.23 29.08
N ALA E 98 42.54 11.75 28.42
CA ALA E 98 41.87 12.92 28.91
C ALA E 98 41.26 12.69 30.28
N SER E 99 40.77 11.48 30.55
CA SER E 99 40.18 11.17 31.85
C SER E 99 41.22 11.21 32.95
N LEU E 100 42.40 10.67 32.68
CA LEU E 100 43.47 10.66 33.69
C LEU E 100 43.99 12.05 33.96
N ARG E 101 44.06 12.85 32.91
CA ARG E 101 44.49 14.24 33.02
C ARG E 101 43.52 15.00 33.90
N SER E 102 42.25 14.96 33.52
CA SER E 102 41.17 15.57 34.26
C SER E 102 41.23 15.20 35.73
N LEU E 103 41.28 13.92 36.04
CA LEU E 103 41.13 13.47 37.43
C LEU E 103 42.29 13.83 38.33
N VAL E 104 43.51 13.81 37.76
CA VAL E 104 44.71 14.27 38.47
C VAL E 104 44.66 15.76 38.66
N ALA E 105 44.26 16.46 37.60
CA ALA E 105 44.09 17.93 37.65
C ALA E 105 43.22 18.40 38.81
N SER E 106 42.14 17.68 39.10
CA SER E 106 41.25 18.10 40.18
C SER E 106 41.64 17.51 41.55
N SER E 107 42.50 16.49 41.56
CA SER E 107 43.13 16.05 42.81
C SER E 107 44.00 17.17 43.33
N GLY E 108 44.65 17.92 42.45
CA GLY E 108 45.39 19.12 42.86
C GLY E 108 46.73 18.86 43.53
N THR E 109 47.31 17.71 43.24
CA THR E 109 48.52 17.26 43.91
C THR E 109 49.14 16.03 43.22
N LEU E 110 50.46 16.05 43.12
CA LEU E 110 51.26 14.90 42.72
C LEU E 110 52.02 14.31 43.92
N GLU E 111 51.36 14.35 45.09
CA GLU E 111 51.94 13.93 46.34
C GLU E 111 52.03 12.43 46.30
N PHE E 112 53.25 11.96 46.09
CA PHE E 112 53.49 10.55 45.88
C PHE E 112 53.99 9.97 47.17
N ILE E 113 53.63 8.73 47.41
CA ILE E 113 54.03 8.01 48.60
C ILE E 113 54.60 6.68 48.15
N THR E 114 55.86 6.39 48.45
CA THR E 114 56.44 5.09 48.03
C THR E 114 56.03 3.97 48.98
N GLU E 115 55.77 2.79 48.40
CA GLU E 115 55.51 1.60 49.16
C GLU E 115 56.51 0.55 48.73
N GLY E 116 56.91 -0.31 49.66
CA GLY E 116 57.86 -1.36 49.35
C GLY E 116 57.17 -2.58 48.75
N PHE E 117 56.86 -2.50 47.48
CA PHE E 117 56.53 -3.69 46.72
C PHE E 117 57.78 -4.57 46.75
N THR E 118 57.62 -5.88 46.78
CA THR E 118 58.77 -6.76 46.72
C THR E 118 58.67 -7.71 45.55
N TRP E 119 59.30 -7.28 44.48
CA TRP E 119 59.26 -7.97 43.23
C TRP E 119 60.34 -9.03 43.19
N THR E 120 60.03 -10.25 43.60
CA THR E 120 61.05 -11.27 43.71
C THR E 120 61.28 -12.01 42.39
N GLY E 121 62.55 -12.10 42.01
CA GLY E 121 62.97 -12.93 40.90
C GLY E 121 63.10 -12.22 39.59
N VAL E 122 63.07 -10.90 39.65
CA VAL E 122 63.12 -10.03 38.47
C VAL E 122 64.02 -8.86 38.74
N THR E 123 64.66 -8.31 37.70
CA THR E 123 65.60 -7.19 37.89
C THR E 123 64.90 -5.86 37.71
N GLN E 124 65.09 -4.98 38.69
CA GLN E 124 64.34 -3.71 38.76
C GLN E 124 65.10 -2.53 38.14
N ASN E 125 64.41 -1.42 37.95
CA ASN E 125 65.01 -0.13 37.56
C ASN E 125 65.64 -0.06 36.19
N GLY E 126 65.19 -0.89 35.27
CA GLY E 126 65.69 -0.82 33.90
C GLY E 126 65.46 0.59 33.40
N GLY E 127 66.20 0.97 32.37
CA GLY E 127 65.98 2.24 31.70
C GLY E 127 66.54 2.23 30.29
N SER E 128 65.99 3.01 29.38
CA SER E 128 66.54 3.04 28.03
C SER E 128 67.04 4.41 27.67
N ASN E 129 67.86 4.42 26.64
CA ASN E 129 68.45 5.64 26.10
C ASN E 129 67.47 6.66 25.55
N ALA E 130 66.22 6.28 25.42
CA ALA E 130 65.19 7.25 25.12
C ALA E 130 64.94 8.25 26.27
N CYS E 131 65.14 7.77 27.49
CA CYS E 131 64.75 8.49 28.67
C CYS E 131 65.97 8.69 29.55
N LYS E 132 66.92 9.45 29.04
CA LYS E 132 68.18 9.62 29.72
C LYS E 132 68.07 10.50 30.95
N ARG E 133 68.54 9.99 32.09
CA ARG E 133 68.74 10.79 33.28
C ARG E 133 70.23 11.02 33.48
N GLY E 134 70.65 12.27 33.35
CA GLY E 134 72.04 12.64 33.53
C GLY E 134 72.91 12.08 32.41
N PRO E 135 74.16 11.70 32.73
CA PRO E 135 75.07 11.18 31.70
C PRO E 135 74.59 9.88 31.05
N GLY E 136 74.39 8.85 31.88
CA GLY E 136 73.90 7.56 31.41
C GLY E 136 72.40 7.57 31.15
N SER E 137 71.81 6.38 31.09
CA SER E 137 70.44 6.22 30.69
C SER E 137 69.55 5.86 31.87
N GLY E 138 68.25 6.18 31.76
CA GLY E 138 67.23 5.86 32.79
C GLY E 138 65.79 5.70 32.29
N PHE E 139 64.81 6.06 33.14
CA PHE E 139 63.37 5.80 32.93
C PHE E 139 62.48 6.83 33.63
N PHE E 140 61.16 6.67 33.52
CA PHE E 140 60.19 7.44 34.32
C PHE E 140 60.45 7.22 35.81
N SER E 141 60.34 8.28 36.61
CA SER E 141 60.72 8.20 38.01
C SER E 141 59.73 7.46 38.93
N ARG E 142 58.45 7.41 38.56
CA ARG E 142 57.42 6.80 39.40
C ARG E 142 56.96 5.46 38.92
N LEU E 143 57.70 4.94 37.94
CA LEU E 143 57.46 3.61 37.40
C LEU E 143 58.74 2.76 37.47
N ASN E 144 58.54 1.44 37.44
CA ASN E 144 59.63 0.51 37.70
C ASN E 144 59.73 -0.56 36.63
N TRP E 145 60.74 -0.47 35.78
CA TRP E 145 60.85 -1.40 34.67
C TRP E 145 61.40 -2.79 35.12
N LEU E 146 60.47 -3.69 35.43
CA LEU E 146 60.82 -5.09 35.74
C LEU E 146 61.09 -5.89 34.48
N THR E 147 62.30 -6.42 34.44
CA THR E 147 62.75 -7.36 33.41
C THR E 147 63.30 -8.67 34.06
N LYS E 148 63.75 -9.57 33.18
CA LYS E 148 64.27 -10.88 33.51
C LYS E 148 65.41 -10.83 34.53
N SER E 149 65.55 -11.91 35.31
CA SER E 149 66.75 -12.16 36.14
C SER E 149 67.20 -13.59 35.96
N GLY E 150 68.44 -13.76 35.50
CA GLY E 150 69.00 -15.08 35.15
C GLY E 150 68.51 -15.43 33.78
N SER E 151 67.63 -16.42 33.69
CA SER E 151 66.79 -16.54 32.51
C SER E 151 65.40 -16.94 32.96
N THR E 152 64.91 -16.26 33.98
CA THR E 152 63.55 -16.44 34.46
C THR E 152 62.81 -15.11 34.65
N TYR E 153 61.51 -15.15 34.31
CA TYR E 153 60.56 -14.13 34.75
C TYR E 153 59.46 -14.89 35.45
N PRO E 154 59.43 -14.84 36.79
CA PRO E 154 58.43 -15.57 37.58
C PRO E 154 57.09 -14.99 37.33
N VAL E 155 56.01 -15.71 37.67
CA VAL E 155 54.67 -15.13 37.68
C VAL E 155 54.59 -14.31 38.94
N LEU E 156 54.67 -12.99 38.78
CA LEU E 156 54.63 -12.05 39.89
C LEU E 156 53.23 -11.99 40.44
N ASN E 157 53.13 -11.82 41.73
CA ASN E 157 51.84 -11.90 42.39
C ASN E 157 52.01 -11.22 43.72
N VAL E 158 51.92 -9.89 43.68
CA VAL E 158 52.01 -9.04 44.88
C VAL E 158 50.65 -8.49 45.25
N THR E 159 50.61 -7.90 46.43
CA THR E 159 49.39 -7.36 46.96
C THR E 159 49.76 -6.19 47.88
N MET E 160 48.86 -5.22 48.00
CA MET E 160 49.12 -4.05 48.79
C MET E 160 47.80 -3.44 49.27
N PRO E 161 47.49 -3.62 50.57
CA PRO E 161 46.22 -3.16 51.05
C PRO E 161 46.08 -1.63 51.08
N ASN E 162 44.92 -1.17 51.52
CA ASN E 162 44.75 0.22 51.86
C ASN E 162 44.13 0.31 53.24
N ASN E 163 44.98 0.42 54.25
CA ASN E 163 44.50 0.56 55.61
C ASN E 163 44.31 2.03 55.99
N ASP E 164 44.75 2.93 55.11
CA ASP E 164 44.54 4.38 55.30
C ASP E 164 43.07 4.78 55.11
N ASN E 165 42.79 6.05 55.38
CA ASN E 165 41.43 6.59 55.33
C ASN E 165 41.18 7.40 54.05
N PHE E 166 42.01 7.22 53.02
CA PHE E 166 41.88 7.97 51.78
C PHE E 166 42.11 7.13 50.55
N ASP E 167 41.58 7.60 49.43
CA ASP E 167 41.73 6.89 48.17
C ASP E 167 43.17 6.96 47.68
N LYS E 168 43.73 5.82 47.29
CA LYS E 168 45.07 5.76 46.71
C LYS E 168 44.97 5.57 45.18
N LEU E 169 45.71 6.39 44.42
CA LEU E 169 45.73 6.32 42.97
C LEU E 169 47.02 5.71 42.59
N TYR E 170 46.94 4.59 41.88
CA TYR E 170 48.13 3.84 41.42
C TYR E 170 48.26 3.97 39.90
N ILE E 171 49.41 4.51 39.47
CA ILE E 171 49.72 4.55 38.07
C ILE E 171 50.72 3.48 37.74
N TRP E 172 50.38 2.68 36.73
CA TRP E 172 51.17 1.56 36.28
C TRP E 172 50.98 1.42 34.79
N GLY E 173 51.71 0.51 34.18
CA GLY E 173 51.63 0.36 32.73
C GLY E 173 52.15 -0.98 32.25
N VAL E 174 52.30 -1.08 30.93
CA VAL E 174 52.60 -2.35 30.30
C VAL E 174 53.35 -2.14 28.99
N HIS E 175 54.44 -2.89 28.82
CA HIS E 175 55.40 -2.67 27.74
C HIS E 175 55.02 -3.47 26.51
N HIS E 176 55.08 -2.83 25.35
CA HIS E 176 54.73 -3.47 24.08
C HIS E 176 55.99 -3.49 23.24
N PRO E 177 56.62 -4.65 23.09
CA PRO E 177 57.87 -4.66 22.33
C PRO E 177 57.64 -4.61 20.84
N SER E 178 58.68 -4.23 20.10
CA SER E 178 58.62 -4.12 18.63
C SER E 178 58.77 -5.48 17.93
N THR E 179 59.67 -6.33 18.44
CA THR E 179 59.89 -7.67 17.91
C THR E 179 59.71 -8.75 18.97
N ASN E 180 59.54 -9.99 18.52
CA ASN E 180 59.49 -11.15 19.42
C ASN E 180 60.89 -11.37 20.09
N GLN E 181 61.96 -11.11 19.34
CA GLN E 181 63.34 -11.16 19.86
C GLN E 181 63.47 -10.30 21.10
N GLU E 182 62.96 -9.07 21.01
CA GLU E 182 62.94 -8.15 22.13
C GLU E 182 62.04 -8.62 23.29
N GLN E 183 60.92 -9.27 22.97
CA GLN E 183 59.99 -9.79 23.97
C GLN E 183 60.63 -10.86 24.84
N THR E 184 61.39 -11.72 24.18
CA THR E 184 62.11 -12.83 24.81
C THR E 184 63.35 -12.41 25.58
N SER E 185 64.12 -11.49 25.02
CA SER E 185 65.26 -10.88 25.72
C SER E 185 64.86 -10.37 27.11
N LEU E 186 63.68 -9.74 27.20
CA LEU E 186 63.27 -9.00 28.39
C LEU E 186 62.43 -9.83 29.32
N TYR E 187 61.42 -10.50 28.80
CA TYR E 187 60.45 -11.14 29.67
C TYR E 187 60.41 -12.65 29.50
N VAL E 188 61.33 -13.23 28.73
CA VAL E 188 61.39 -14.70 28.49
C VAL E 188 60.18 -15.27 27.74
N GLN E 189 59.02 -15.26 28.40
CA GLN E 189 57.78 -15.79 27.83
C GLN E 189 57.41 -15.10 26.52
N ALA E 190 56.99 -15.93 25.55
CA ALA E 190 56.71 -15.48 24.18
C ALA E 190 55.66 -14.39 24.19
N SER E 191 54.68 -14.55 25.08
CA SER E 191 53.55 -13.66 25.20
C SER E 191 53.37 -13.27 26.66
N GLY E 192 53.37 -11.98 26.97
CA GLY E 192 53.16 -11.53 28.34
C GLY E 192 51.71 -11.48 28.80
N ARG E 193 51.48 -10.80 29.92
CA ARG E 193 50.15 -10.59 30.44
C ARG E 193 50.29 -9.88 31.77
N VAL E 194 49.47 -8.83 31.97
CA VAL E 194 49.45 -8.01 33.19
C VAL E 194 48.01 -7.90 33.70
N THR E 195 47.79 -8.21 34.97
CA THR E 195 46.44 -8.19 35.55
C THR E 195 46.37 -7.48 36.92
N VAL E 196 45.89 -6.24 36.90
CA VAL E 196 45.73 -5.44 38.12
C VAL E 196 44.25 -5.42 38.55
N SER E 197 44.01 -5.59 39.85
CA SER E 197 42.67 -5.90 40.34
C SER E 197 42.50 -5.46 41.77
N THR E 198 41.29 -5.05 42.10
CA THR E 198 40.88 -4.78 43.49
C THR E 198 39.71 -5.70 43.79
N ARG E 199 39.08 -5.54 44.94
CA ARG E 199 37.98 -6.41 45.29
C ARG E 199 36.73 -6.17 44.41
N ARG E 200 36.54 -4.90 44.00
CA ARG E 200 35.46 -4.37 43.17
C ARG E 200 35.70 -4.46 41.67
N SER E 201 36.90 -4.09 41.27
CA SER E 201 37.27 -4.00 39.85
C SER E 201 38.32 -5.03 39.44
N GLN E 202 38.70 -4.98 38.17
CA GLN E 202 39.58 -5.98 37.60
C GLN E 202 39.95 -5.47 36.21
N GLN E 203 41.18 -5.71 35.78
CA GLN E 203 41.66 -5.09 34.56
C GLN E 203 42.85 -5.88 34.01
N THR E 204 42.75 -6.35 32.78
CA THR E 204 43.81 -7.20 32.21
C THR E 204 44.23 -6.89 30.78
N ILE E 205 45.51 -6.55 30.63
CA ILE E 205 46.04 -6.15 29.36
C ILE E 205 47.00 -7.22 28.89
N ILE E 206 47.02 -7.43 27.58
CA ILE E 206 47.88 -8.40 26.96
C ILE E 206 48.66 -7.60 25.95
N PRO E 207 49.95 -7.43 26.18
CA PRO E 207 50.72 -6.56 25.31
C PRO E 207 50.76 -7.06 23.88
N ASN E 208 50.71 -6.14 22.91
CA ASN E 208 50.79 -6.49 21.49
C ASN E 208 52.12 -6.16 20.84
N ILE E 209 52.68 -7.13 20.14
CA ILE E 209 54.04 -7.02 19.60
C ILE E 209 53.96 -6.60 18.15
N GLY E 210 54.73 -5.59 17.78
CA GLY E 210 54.73 -5.11 16.41
C GLY E 210 55.54 -3.84 16.29
N SER E 211 55.76 -3.41 15.05
CA SER E 211 56.48 -2.17 14.84
C SER E 211 55.54 -0.96 14.79
N ARG E 212 55.90 0.05 15.56
CA ARG E 212 55.27 1.36 15.53
C ARG E 212 56.31 2.33 14.95
N PRO E 213 55.91 3.59 14.69
CA PRO E 213 56.88 4.51 14.11
C PRO E 213 57.96 4.82 15.10
N TRP E 214 59.10 5.21 14.58
CA TRP E 214 60.26 5.47 15.42
C TRP E 214 60.00 6.76 16.14
N VAL E 215 60.13 6.70 17.45
CA VAL E 215 60.04 7.87 18.29
C VAL E 215 61.22 7.88 19.24
N ARG E 216 62.18 8.75 18.97
CA ARG E 216 63.26 9.00 19.92
C ARG E 216 63.99 7.70 20.20
N GLY E 217 64.32 7.00 19.13
CA GLY E 217 65.13 5.82 19.22
C GLY E 217 64.40 4.50 19.28
N LEU E 218 63.09 4.53 19.49
CA LEU E 218 62.38 3.30 19.78
C LEU E 218 61.18 3.09 18.91
N SER E 219 61.03 1.84 18.53
CA SER E 219 59.91 1.39 17.73
C SER E 219 58.86 0.73 18.65
N SER E 220 59.22 0.52 19.92
CA SER E 220 58.34 -0.09 20.91
C SER E 220 57.69 1.01 21.75
N ARG E 221 56.87 0.63 22.74
CA ARG E 221 55.96 1.55 23.40
C ARG E 221 55.50 1.10 24.77
N ILE E 222 54.79 1.97 25.46
CA ILE E 222 54.23 1.64 26.76
C ILE E 222 52.83 2.20 26.86
N SER E 223 51.88 1.36 27.24
CA SER E 223 50.53 1.83 27.53
C SER E 223 50.47 2.12 29.02
N ILE E 224 49.85 3.24 29.40
CA ILE E 224 49.71 3.65 30.80
C ILE E 224 48.27 3.48 31.26
N TYR E 225 48.11 2.79 32.38
CA TYR E 225 46.79 2.51 32.96
C TYR E 225 46.75 3.06 34.40
N TRP E 226 45.56 3.32 34.94
CA TRP E 226 45.47 3.67 36.37
C TRP E 226 44.48 2.76 37.07
N THR E 227 44.63 2.66 38.38
CA THR E 227 43.72 1.91 39.21
C THR E 227 43.62 2.69 40.51
N ILE E 228 42.42 3.10 40.90
CA ILE E 228 42.18 3.75 42.20
C ILE E 228 41.69 2.71 43.16
N VAL E 229 42.29 2.63 44.34
CA VAL E 229 41.90 1.63 45.33
C VAL E 229 41.46 2.34 46.60
N LYS E 230 40.29 1.97 47.10
CA LYS E 230 39.68 2.80 48.10
C LYS E 230 39.99 2.22 49.50
N PRO E 231 39.81 3.01 50.58
CA PRO E 231 40.07 2.55 51.96
C PRO E 231 39.36 1.27 52.28
N GLY E 232 40.06 0.34 52.90
CA GLY E 232 39.49 -0.97 53.19
C GLY E 232 39.73 -1.99 52.09
N ASP E 233 39.91 -1.51 50.86
CA ASP E 233 40.08 -2.37 49.71
C ASP E 233 41.54 -2.79 49.63
N VAL E 234 41.88 -3.49 48.55
CA VAL E 234 43.23 -4.03 48.34
C VAL E 234 43.60 -4.15 46.86
N LEU E 235 44.85 -3.83 46.55
CA LEU E 235 45.37 -3.90 45.20
C LEU E 235 46.14 -5.17 45.04
N VAL E 236 45.95 -5.84 43.90
CA VAL E 236 46.71 -7.05 43.58
C VAL E 236 47.19 -7.04 42.16
N ILE E 237 48.50 -6.91 42.02
CA ILE E 237 49.15 -7.00 40.73
C ILE E 237 49.62 -8.46 40.49
N ASN E 238 49.41 -8.92 39.27
CA ASN E 238 49.77 -10.25 38.85
C ASN E 238 50.23 -10.20 37.40
N SER E 239 51.38 -10.80 37.12
CA SER E 239 51.97 -10.72 35.78
C SER E 239 53.09 -11.71 35.54
N ASN E 240 53.07 -12.33 34.36
CA ASN E 240 54.14 -13.24 33.93
C ASN E 240 54.97 -12.65 32.81
N GLY E 241 54.89 -11.32 32.65
CA GLY E 241 55.65 -10.64 31.63
C GLY E 241 55.11 -9.29 31.24
N ASN E 242 56.03 -8.39 30.88
CA ASN E 242 55.72 -7.08 30.27
C ASN E 242 55.19 -6.02 31.21
N LEU E 243 55.30 -6.23 32.52
CA LEU E 243 54.77 -5.26 33.49
C LEU E 243 55.71 -4.07 33.64
N ILE E 244 55.11 -2.88 33.65
CA ILE E 244 55.78 -1.67 34.08
C ILE E 244 55.15 -1.32 35.39
N ALA E 245 55.84 -1.63 36.46
CA ALA E 245 55.26 -1.63 37.77
C ALA E 245 55.31 -0.28 38.42
N PRO E 246 54.44 -0.08 39.38
CA PRO E 246 54.44 1.08 40.22
C PRO E 246 55.36 0.98 41.44
N ARG E 247 55.89 2.12 41.84
CA ARG E 247 56.69 2.24 43.07
C ARG E 247 55.83 2.70 44.26
N GLY E 248 54.62 3.21 43.97
CA GLY E 248 53.65 3.57 45.00
C GLY E 248 52.40 4.24 44.49
N TYR E 249 51.75 4.94 45.40
CA TYR E 249 50.49 5.63 45.10
C TYR E 249 50.57 7.14 45.24
N PHE E 250 49.64 7.82 44.57
CA PHE E 250 49.46 9.25 44.74
C PHE E 250 48.26 9.43 45.68
N LYS E 251 48.34 10.40 46.61
CA LYS E 251 47.17 10.73 47.38
C LYS E 251 46.16 11.40 46.49
N MET E 252 44.91 11.08 46.77
CA MET E 252 43.83 11.71 46.08
C MET E 252 43.03 12.50 47.06
N ARG E 253 42.61 13.67 46.60
CA ARG E 253 41.65 14.48 47.33
C ARG E 253 40.79 15.17 46.33
N THR E 254 39.62 15.59 46.79
CA THR E 254 38.70 16.33 45.96
C THR E 254 38.83 17.76 46.40
N GLY E 255 38.61 18.68 45.46
CA GLY E 255 38.86 20.09 45.75
C GLY E 255 38.74 20.99 44.56
N LYS E 256 39.13 22.24 44.79
CA LYS E 256 38.91 23.34 43.86
C LYS E 256 39.84 23.29 42.64
N SER E 257 40.76 22.33 42.63
CA SER E 257 41.84 22.35 41.68
C SER E 257 41.39 22.04 40.27
N SER E 258 42.22 22.47 39.31
CA SER E 258 41.97 22.28 37.89
C SER E 258 43.20 22.62 37.04
N ILE E 259 43.00 22.67 35.72
CA ILE E 259 44.08 22.76 34.74
C ILE E 259 43.68 23.64 33.56
N MET E 260 44.63 24.27 32.90
CA MET E 260 44.28 25.13 31.77
C MET E 260 45.42 25.28 30.76
N ARG E 261 45.06 25.31 29.49
CA ARG E 261 46.04 25.54 28.45
C ARG E 261 46.11 27.03 28.15
N SER E 262 47.30 27.62 28.31
CA SER E 262 47.53 29.06 28.02
C SER E 262 49.00 29.37 27.81
N ASP E 263 49.28 30.41 27.04
CA ASP E 263 50.66 30.84 26.89
C ASP E 263 50.89 32.19 27.54
N ALA E 264 49.92 32.69 28.29
CA ALA E 264 50.09 33.99 28.94
C ALA E 264 51.02 33.83 30.12
N PRO E 265 51.94 34.79 30.32
CA PRO E 265 52.91 34.71 31.41
C PRO E 265 52.25 35.01 32.75
N ILE E 266 52.96 34.80 33.85
CA ILE E 266 52.49 35.14 35.20
C ILE E 266 53.10 36.47 35.74
N ASP E 267 52.29 37.39 36.28
CA ASP E 267 52.81 38.61 36.98
C ASP E 267 52.36 38.39 38.44
N THR E 268 52.90 39.22 39.35
CA THR E 268 52.42 39.30 40.73
C THR E 268 51.33 40.36 40.85
N CYS E 269 50.12 39.92 41.12
CA CYS E 269 48.99 40.82 41.29
C CYS E 269 47.91 39.95 41.90
N ILE E 270 46.70 40.52 42.11
CA ILE E 270 45.59 39.75 42.64
C ILE E 270 44.50 39.74 41.58
N SER E 271 43.94 38.58 41.30
CA SER E 271 42.83 38.49 40.35
C SER E 271 42.11 37.19 40.52
N GLU E 272 40.86 37.26 40.91
CA GLU E 272 40.14 36.02 41.20
C GLU E 272 39.55 35.36 39.98
N CYS E 273 39.78 35.93 38.80
CA CYS E 273 39.41 35.27 37.58
C CYS E 273 40.61 35.09 36.64
N ILE E 274 40.82 33.84 36.22
CA ILE E 274 41.85 33.49 35.24
C ILE E 274 41.25 32.95 33.94
N THR E 275 41.79 33.39 32.81
CA THR E 275 41.42 32.83 31.50
C THR E 275 42.68 32.51 30.73
N PRO E 276 42.58 31.73 29.66
CA PRO E 276 43.77 31.54 28.86
C PRO E 276 44.31 32.86 28.31
N ASN E 277 43.41 33.77 27.89
CA ASN E 277 43.83 35.05 27.35
C ASN E 277 44.53 35.89 28.42
N GLY E 278 44.39 35.51 29.68
CA GLY E 278 45.00 36.25 30.78
C GLY E 278 43.96 36.46 31.88
N SER E 279 44.33 37.16 32.93
CA SER E 279 43.45 37.36 34.06
C SER E 279 42.54 38.52 33.76
N ILE E 280 41.27 38.41 34.16
CA ILE E 280 40.30 39.52 34.00
C ILE E 280 39.57 39.90 35.27
N PRO E 281 39.24 41.17 35.39
CA PRO E 281 38.56 41.65 36.59
C PRO E 281 37.08 41.39 36.54
N ASN E 282 36.57 40.89 37.65
CA ASN E 282 35.20 40.42 37.72
C ASN E 282 34.24 41.45 38.32
N ASP E 283 34.55 42.73 38.12
CA ASP E 283 33.66 43.80 38.56
C ASP E 283 32.39 43.83 37.70
N LYS E 284 32.45 43.30 36.49
CA LYS E 284 31.29 43.26 35.62
C LYS E 284 30.55 41.95 35.74
N PRO E 285 29.29 41.92 35.33
CA PRO E 285 28.56 40.67 35.44
C PRO E 285 28.77 39.72 34.27
N PHE E 286 29.26 40.26 33.16
CA PHE E 286 29.46 39.48 31.94
C PHE E 286 30.81 39.79 31.30
N GLN E 287 31.28 38.87 30.46
CA GLN E 287 32.57 39.01 29.81
C GLN E 287 32.59 38.30 28.46
N ASN E 288 33.55 38.69 27.66
CA ASN E 288 33.62 38.30 26.27
C ASN E 288 35.05 37.93 25.87
N VAL E 289 35.87 37.62 26.85
CA VAL E 289 37.29 37.43 26.64
C VAL E 289 37.49 35.99 26.22
N ASN E 290 37.06 35.04 27.04
CA ASN E 290 37.14 33.66 26.67
C ASN E 290 36.09 32.86 27.41
N LYS E 291 35.53 31.85 26.75
CA LYS E 291 34.59 30.94 27.40
C LYS E 291 35.26 30.05 28.40
N ILE E 292 36.56 29.83 28.30
CA ILE E 292 37.28 29.02 29.27
C ILE E 292 37.64 29.96 30.39
N THR E 293 37.18 29.66 31.60
CA THR E 293 37.56 30.44 32.81
C THR E 293 37.76 29.61 34.08
N TYR E 294 38.37 30.24 35.06
CA TYR E 294 38.64 29.61 36.32
C TYR E 294 38.50 30.63 37.41
N GLY E 295 37.66 30.31 38.39
CA GLY E 295 37.46 31.15 39.59
C GLY E 295 36.22 31.99 39.48
N ALA E 296 36.09 32.99 40.36
CA ALA E 296 34.92 33.89 40.36
C ALA E 296 34.90 34.81 39.15
N CYS E 297 34.13 34.47 38.13
CA CYS E 297 34.24 35.13 36.85
C CYS E 297 32.91 35.59 36.36
N PRO E 298 32.89 36.63 35.53
CA PRO E 298 31.67 36.98 34.81
C PRO E 298 31.24 35.90 33.84
N LYS E 299 29.98 35.93 33.46
CA LYS E 299 29.45 34.87 32.59
C LYS E 299 29.82 35.21 31.16
N TYR E 300 30.32 34.23 30.44
CA TYR E 300 30.71 34.46 29.08
C TYR E 300 29.48 34.71 28.23
N VAL E 301 29.49 35.79 27.46
CA VAL E 301 28.42 36.04 26.50
C VAL E 301 28.99 36.38 25.15
N LYS E 302 28.17 36.24 24.12
CA LYS E 302 28.63 36.51 22.76
C LYS E 302 28.80 37.95 22.47
N GLN E 303 28.06 38.79 23.19
CA GLN E 303 28.12 40.23 23.00
C GLN E 303 29.47 40.76 23.41
N ASN E 304 30.02 41.73 22.68
CA ASN E 304 31.26 42.36 23.14
C ASN E 304 31.00 43.67 23.90
N THR E 305 29.74 44.11 23.92
CA THR E 305 29.37 45.29 24.68
C THR E 305 27.88 45.40 24.93
N LEU E 306 27.53 45.60 26.20
CA LEU E 306 26.18 45.87 26.62
C LEU E 306 26.21 47.05 27.58
N LYS E 307 25.67 48.17 27.14
CA LYS E 307 25.61 49.34 27.98
C LYS E 307 24.31 49.41 28.77
N LEU E 308 24.46 49.56 30.08
CA LEU E 308 23.33 49.66 31.00
C LEU E 308 23.19 51.13 31.34
N ALA E 309 21.98 51.65 31.23
CA ALA E 309 21.79 53.08 31.40
C ALA E 309 21.75 53.39 32.86
N THR E 310 22.45 54.48 33.18
CA THR E 310 22.62 55.00 34.54
C THR E 310 22.22 56.45 34.62
N GLY E 311 21.25 56.83 33.80
CA GLY E 311 20.73 58.20 33.80
C GLY E 311 19.57 58.33 32.83
N MET E 312 18.92 59.48 32.87
CA MET E 312 17.72 59.73 32.04
C MET E 312 17.98 59.94 30.55
N ARG E 313 16.91 60.03 29.76
CA ARG E 313 17.09 60.32 28.36
C ARG E 313 17.74 61.67 28.20
N ASN E 314 18.68 61.76 27.28
CA ASN E 314 19.42 62.99 27.09
C ASN E 314 18.81 63.86 26.01
N VAL E 315 18.23 65.00 26.39
CA VAL E 315 17.61 65.87 25.42
C VAL E 315 18.32 67.20 25.30
N PRO E 316 18.84 67.54 24.12
CA PRO E 316 19.48 68.85 23.94
C PRO E 316 18.50 70.04 23.99
N GLU E 317 19.01 71.24 24.26
CA GLU E 317 18.17 72.43 24.54
C GLU E 317 17.52 73.00 23.28
N LYS E 318 16.22 73.33 23.39
CA LYS E 318 15.28 73.65 22.30
C LYS E 318 15.60 74.93 21.52
N GLN E 319 15.83 76.07 22.19
CA GLN E 319 15.97 77.44 21.54
C GLN E 319 14.71 78.36 21.58
N THR E 320 14.92 79.65 21.36
CA THR E 320 13.81 80.64 21.35
C THR E 320 13.05 80.51 22.67
N SER F 1 -19.53 74.85 56.97
CA SER F 1 -18.86 75.65 55.88
C SER F 1 -18.74 74.85 54.56
N THR F 2 -17.87 73.82 54.57
CA THR F 2 -17.50 72.98 53.40
C THR F 2 -17.23 71.54 53.89
N ALA F 3 -16.52 70.72 53.14
CA ALA F 3 -16.27 69.32 53.57
C ALA F 3 -14.99 68.74 53.00
N THR F 4 -14.51 67.66 53.61
CA THR F 4 -13.27 67.04 53.19
C THR F 4 -13.48 65.56 52.90
N LEU F 5 -13.06 65.11 51.73
CA LEU F 5 -13.17 63.72 51.34
C LEU F 5 -11.82 63.17 50.89
N CYS F 6 -11.41 62.05 51.48
CA CYS F 6 -10.07 61.49 51.23
C CYS F 6 -10.04 60.07 50.70
N LEU F 7 -9.15 59.85 49.76
CA LEU F 7 -9.02 58.58 49.12
C LEU F 7 -7.81 57.92 49.76
N GLY F 8 -7.93 56.68 50.18
CA GLY F 8 -6.79 56.03 50.83
C GLY F 8 -6.76 54.54 50.66
N HIS F 9 -5.65 53.94 51.07
CA HIS F 9 -5.51 52.52 50.96
C HIS F 9 -5.19 51.95 52.31
N HIS F 10 -5.34 50.64 52.45
CA HIS F 10 -5.08 50.01 53.73
C HIS F 10 -3.62 49.73 53.96
N ALA F 11 -3.37 49.20 55.13
CA ALA F 11 -2.06 48.80 55.57
C ALA F 11 -2.29 47.92 56.77
N VAL F 12 -1.27 47.15 57.13
CA VAL F 12 -1.44 46.08 58.10
C VAL F 12 -0.30 46.12 59.07
N PRO F 13 -0.52 45.56 60.26
CA PRO F 13 0.43 45.79 61.32
C PRO F 13 1.73 45.03 61.07
N ASN F 14 1.69 43.86 60.44
CA ASN F 14 2.93 43.15 60.11
C ASN F 14 3.02 42.62 58.70
N GLY F 15 3.69 43.37 57.84
CA GLY F 15 3.83 43.04 56.44
C GLY F 15 4.84 41.96 56.24
N THR F 16 5.33 41.87 55.01
CA THR F 16 6.32 40.87 54.64
C THR F 16 7.27 41.47 53.62
N LEU F 17 8.54 41.11 53.71
CA LEU F 17 9.55 41.71 52.85
C LEU F 17 9.75 40.87 51.61
N VAL F 18 9.90 41.56 50.49
CA VAL F 18 10.07 40.93 49.19
C VAL F 18 11.09 41.70 48.36
N LYS F 19 11.52 41.13 47.23
CA LYS F 19 12.48 41.80 46.34
C LYS F 19 11.86 42.36 45.11
N THR F 20 12.48 43.39 44.56
CA THR F 20 12.09 43.93 43.27
C THR F 20 13.33 44.21 42.41
N ILE F 21 13.13 44.84 41.26
CA ILE F 21 14.23 45.25 40.38
C ILE F 21 15.11 46.27 41.08
N THR F 22 14.50 47.34 41.56
CA THR F 22 15.23 48.48 42.08
C THR F 22 15.61 48.31 43.55
N ASP F 23 14.93 47.43 44.27
CA ASP F 23 14.93 47.39 45.74
C ASP F 23 15.20 46.01 46.26
N ASP F 24 16.10 45.91 47.24
CA ASP F 24 16.44 44.61 47.81
C ASP F 24 15.34 44.18 48.76
N GLN F 25 14.85 45.09 49.60
CA GLN F 25 13.76 44.76 50.49
C GLN F 25 12.70 45.80 50.44
N ILE F 26 11.46 45.37 50.54
CA ILE F 26 10.36 46.30 50.56
C ILE F 26 9.13 45.60 51.15
N GLU F 27 8.51 46.23 52.15
CA GLU F 27 7.43 45.62 52.92
C GLU F 27 6.12 45.76 52.14
N VAL F 28 5.41 44.65 52.01
CA VAL F 28 4.12 44.64 51.34
C VAL F 28 3.11 43.99 52.27
N THR F 29 1.83 44.26 52.01
CA THR F 29 0.75 43.75 52.84
C THR F 29 0.80 42.24 53.07
N ASN F 30 1.02 41.45 52.03
CA ASN F 30 1.14 39.99 52.14
C ASN F 30 1.99 39.48 51.00
N ALA F 31 2.60 38.33 51.20
CA ALA F 31 3.28 37.64 50.12
C ALA F 31 3.08 36.13 50.25
N THR F 32 3.67 35.38 49.31
CA THR F 32 3.59 33.91 49.32
C THR F 32 4.91 33.25 48.95
N GLU F 33 5.19 32.12 49.57
CA GLU F 33 6.41 31.39 49.29
C GLU F 33 6.37 30.57 48.00
N LEU F 34 7.37 30.74 47.13
CA LEU F 34 7.43 30.03 45.86
C LEU F 34 8.39 28.90 45.83
N VAL F 35 9.18 28.70 46.88
CA VAL F 35 10.14 27.60 46.89
C VAL F 35 9.86 26.60 47.99
N GLN F 36 9.60 25.36 47.55
CA GLN F 36 9.38 24.24 48.44
C GLN F 36 10.70 23.84 49.06
N SER F 37 10.78 24.00 50.38
CA SER F 37 12.04 24.02 51.06
C SER F 37 12.24 22.80 51.94
N SER F 38 11.15 22.17 52.39
CA SER F 38 11.23 20.98 53.25
C SER F 38 10.47 19.79 52.70
N SER F 39 10.72 18.64 53.29
CA SER F 39 10.07 17.41 52.88
C SER F 39 9.51 16.66 54.08
N THR F 40 8.65 15.69 53.80
CA THR F 40 8.04 14.89 54.85
C THR F 40 9.00 13.81 55.34
N GLY F 41 10.04 13.53 54.56
CA GLY F 41 11.04 12.54 54.95
C GLY F 41 10.70 11.12 54.59
N LYS F 42 9.53 10.91 54.01
CA LYS F 42 9.11 9.58 53.60
C LYS F 42 8.56 9.62 52.18
N ILE F 43 8.50 8.45 51.56
CA ILE F 43 8.12 8.32 50.16
C ILE F 43 6.70 7.78 50.02
N CYS F 44 5.87 8.54 49.32
CA CYS F 44 4.48 8.17 49.17
C CYS F 44 4.28 7.11 48.09
N ASN F 45 3.63 6.02 48.45
CA ASN F 45 3.41 4.92 47.53
C ASN F 45 2.34 5.13 46.45
N ASN F 46 1.70 6.29 46.43
CA ASN F 46 0.79 6.64 45.34
C ASN F 46 1.12 7.97 44.71
N PRO F 47 0.68 8.16 43.48
CA PRO F 47 0.06 7.18 42.60
C PRO F 47 1.11 6.32 41.92
N HIS F 48 2.39 6.65 42.14
CA HIS F 48 3.46 5.93 41.53
C HIS F 48 3.72 4.59 42.20
N ARG F 49 3.77 3.52 41.40
CA ARG F 49 4.11 2.19 41.89
C ARG F 49 5.58 2.12 42.29
N ILE F 50 5.82 2.18 43.59
CA ILE F 50 7.16 2.11 44.15
C ILE F 50 7.54 0.65 44.35
N LEU F 51 8.82 0.31 44.24
CA LEU F 51 9.29 -1.04 44.53
C LEU F 51 10.60 -0.97 45.30
N ASP F 52 10.59 -1.50 46.51
CA ASP F 52 11.71 -1.33 47.44
C ASP F 52 12.73 -2.46 47.29
N GLY F 53 13.89 -2.13 46.73
CA GLY F 53 14.95 -3.09 46.53
C GLY F 53 15.53 -3.66 47.80
N ILE F 54 15.01 -3.24 48.95
CA ILE F 54 15.48 -3.72 50.25
C ILE F 54 16.98 -4.11 50.25
N ASP F 55 17.31 -5.41 50.20
CA ASP F 55 18.71 -5.86 50.27
C ASP F 55 19.33 -6.05 48.89
N CYS F 56 18.50 -5.96 47.86
CA CYS F 56 18.96 -6.12 46.50
C CYS F 56 19.19 -4.81 45.77
N THR F 57 20.22 -4.81 44.94
CA THR F 57 20.32 -3.80 43.91
C THR F 57 19.48 -4.29 42.71
N LEU F 58 19.27 -3.42 41.71
CA LEU F 58 18.44 -3.76 40.57
C LEU F 58 19.14 -4.82 39.75
N ILE F 59 20.40 -4.60 39.45
CA ILE F 59 21.16 -5.55 38.65
C ILE F 59 21.22 -6.94 39.29
N ASP F 60 21.21 -7.01 40.61
CA ASP F 60 21.19 -8.32 41.27
C ASP F 60 19.85 -9.05 41.10
N ALA F 61 18.75 -8.32 41.02
CA ALA F 61 17.45 -8.93 40.79
C ALA F 61 17.35 -9.41 39.34
N LEU F 62 18.00 -8.65 38.47
CA LEU F 62 18.03 -8.93 37.05
C LEU F 62 18.66 -10.29 36.85
N LEU F 63 19.91 -10.42 37.30
CA LEU F 63 20.73 -11.62 37.13
C LEU F 63 20.18 -12.79 37.91
N GLY F 64 19.70 -12.53 39.12
CA GLY F 64 19.03 -13.57 39.92
C GLY F 64 19.92 -14.12 41.02
N ASP F 65 20.57 -13.23 41.76
CA ASP F 65 21.21 -13.56 43.01
C ASP F 65 20.16 -14.30 43.83
N PRO F 66 20.58 -15.30 44.62
CA PRO F 66 19.63 -16.07 45.43
C PRO F 66 18.69 -15.27 46.34
N HIS F 67 19.20 -14.31 47.12
CA HIS F 67 18.29 -13.57 48.00
C HIS F 67 17.38 -12.57 47.26
N CYS F 68 17.61 -12.37 45.97
CA CYS F 68 16.81 -11.45 45.12
C CYS F 68 15.80 -12.20 44.25
N ASP F 69 15.36 -13.33 44.75
CA ASP F 69 14.52 -14.18 43.95
C ASP F 69 13.14 -13.67 44.10
N VAL F 70 12.83 -13.09 45.25
CA VAL F 70 11.49 -12.59 45.47
C VAL F 70 11.12 -11.49 44.48
N PHE F 71 12.12 -10.93 43.78
CA PHE F 71 11.86 -9.88 42.79
C PHE F 71 11.49 -10.36 41.38
N GLN F 72 11.39 -11.66 41.17
CA GLN F 72 11.31 -12.17 39.81
C GLN F 72 10.06 -11.71 39.14
N ASN F 73 10.17 -11.41 37.85
CA ASN F 73 9.03 -11.08 37.02
C ASN F 73 8.27 -9.82 37.52
N GLU F 74 8.97 -8.97 38.28
CA GLU F 74 8.37 -7.77 38.91
C GLU F 74 8.24 -6.61 37.94
N THR F 75 7.41 -5.64 38.31
CA THR F 75 7.29 -4.37 37.60
C THR F 75 7.44 -3.18 38.57
N TRP F 76 7.65 -1.98 38.04
CA TRP F 76 7.69 -0.78 38.85
C TRP F 76 7.53 0.49 38.02
N ASP F 77 7.10 1.54 38.71
CA ASP F 77 7.22 2.90 38.20
C ASP F 77 8.55 3.43 38.65
N LEU F 78 8.88 3.20 39.92
CA LEU F 78 10.13 3.67 40.47
C LEU F 78 10.73 2.63 41.38
N PHE F 79 11.88 2.10 40.98
CA PHE F 79 12.64 1.16 41.79
C PHE F 79 13.51 1.94 42.75
N VAL F 80 13.63 1.48 43.99
CA VAL F 80 14.40 2.23 44.99
C VAL F 80 15.59 1.44 45.56
N GLU F 81 16.80 1.74 45.11
CA GLU F 81 18.00 1.06 45.59
C GLU F 81 18.38 1.62 46.95
N ARG F 82 18.62 0.73 47.91
CA ARG F 82 18.95 1.16 49.26
C ARG F 82 20.42 1.11 49.52
N SER F 83 20.86 1.96 50.43
CA SER F 83 22.24 1.94 50.90
C SER F 83 22.65 0.59 51.46
N LYS F 84 21.76 -0.03 52.18
CA LYS F 84 22.02 -1.29 52.87
C LYS F 84 22.30 -2.53 51.95
N ALA F 85 22.04 -2.40 50.66
CA ALA F 85 22.01 -3.55 49.79
C ALA F 85 23.36 -4.21 49.58
N PHE F 86 23.32 -5.48 49.24
CA PHE F 86 24.53 -6.23 48.93
C PHE F 86 24.30 -7.29 47.84
N SER F 87 25.42 -7.83 47.37
CA SER F 87 25.44 -8.99 46.47
C SER F 87 25.95 -10.19 47.27
N ASN F 88 25.50 -11.39 46.90
CA ASN F 88 25.88 -12.58 47.63
C ASN F 88 25.79 -13.83 46.76
N CYS F 89 26.52 -13.77 45.65
CA CYS F 89 26.53 -14.81 44.66
C CYS F 89 27.94 -14.86 44.08
N TYR F 90 28.08 -15.37 42.87
CA TYR F 90 29.38 -15.44 42.22
C TYR F 90 29.80 -14.03 42.01
N PRO F 91 31.06 -13.72 42.27
CA PRO F 91 31.53 -12.33 42.06
C PRO F 91 31.57 -11.95 40.60
N TYR F 92 30.97 -10.81 40.28
CA TYR F 92 30.85 -10.37 38.89
C TYR F 92 31.27 -8.94 38.73
N ASP F 93 31.27 -8.47 37.49
CA ASP F 93 31.39 -7.04 37.17
C ASP F 93 30.72 -6.74 35.81
N VAL F 94 30.22 -5.53 35.63
CA VAL F 94 29.53 -5.20 34.41
C VAL F 94 30.20 -4.05 33.71
N PRO F 95 31.02 -4.33 32.71
CA PRO F 95 31.45 -3.24 31.88
C PRO F 95 30.23 -2.46 31.47
N ASP F 96 30.29 -1.15 31.62
CA ASP F 96 29.16 -0.27 31.31
C ASP F 96 27.97 -0.60 32.26
N TYR F 97 28.24 -0.61 33.56
CA TYR F 97 27.26 -1.00 34.57
C TYR F 97 26.12 -0.04 34.52
N ALA F 98 26.48 1.24 34.56
CA ALA F 98 25.48 2.29 34.69
C ALA F 98 24.50 2.32 33.52
N SER F 99 24.98 2.00 32.31
CA SER F 99 24.08 1.91 31.13
C SER F 99 23.05 0.78 31.26
N LEU F 100 23.47 -0.38 31.73
CA LEU F 100 22.55 -1.49 31.88
C LEU F 100 21.54 -1.23 32.95
N ARG F 101 22.00 -0.60 34.03
CA ARG F 101 21.14 -0.25 35.14
C ARG F 101 20.05 0.70 34.67
N SER F 102 20.50 1.81 34.07
CA SER F 102 19.64 2.79 33.47
C SER F 102 18.61 2.13 32.58
N LEU F 103 19.04 1.32 31.61
CA LEU F 103 18.11 0.85 30.56
C LEU F 103 17.06 -0.14 31.05
N VAL F 104 17.45 -0.99 32.00
CA VAL F 104 16.50 -1.87 32.69
C VAL F 104 15.55 -1.04 33.54
N ALA F 105 16.09 -0.07 34.27
CA ALA F 105 15.30 0.81 35.10
C ALA F 105 14.14 1.45 34.34
N SER F 106 14.35 1.84 33.09
CA SER F 106 13.28 2.51 32.32
C SER F 106 12.43 1.51 31.52
N SER F 107 12.89 0.27 31.37
CA SER F 107 12.01 -0.81 30.91
C SER F 107 10.90 -1.05 31.91
N GLY F 108 11.21 -0.95 33.19
CA GLY F 108 10.17 -0.98 34.24
C GLY F 108 9.64 -2.36 34.57
N THR F 109 10.45 -3.38 34.30
CA THR F 109 10.01 -4.76 34.43
C THR F 109 11.19 -5.71 34.30
N LEU F 110 11.17 -6.72 35.14
CA LEU F 110 12.06 -7.88 35.03
C LEU F 110 11.31 -9.14 34.53
N GLU F 111 10.39 -8.91 33.60
CA GLU F 111 9.53 -9.95 33.04
C GLU F 111 10.36 -10.83 32.14
N PHE F 112 10.68 -12.02 32.64
CA PHE F 112 11.60 -12.92 31.98
C PHE F 112 10.81 -13.99 31.30
N ILE F 113 11.31 -14.40 30.14
CA ILE F 113 10.68 -15.42 29.30
C ILE F 113 11.74 -16.45 28.95
N THR F 114 11.55 -17.70 29.33
CA THR F 114 12.55 -18.72 29.02
C THR F 114 12.41 -19.22 27.58
N GLU F 115 13.55 -19.47 26.92
CA GLU F 115 13.60 -20.08 25.62
C GLU F 115 14.48 -21.33 25.72
N GLY F 116 14.16 -22.36 24.95
CA GLY F 116 14.92 -23.62 24.96
C GLY F 116 16.14 -23.58 24.07
N PHE F 117 17.19 -22.92 24.53
CA PHE F 117 18.47 -23.02 23.86
C PHE F 117 18.89 -24.47 24.00
N THR F 118 19.59 -25.02 23.01
CA THR F 118 20.02 -26.43 23.12
C THR F 118 21.52 -26.51 22.99
N TRP F 119 22.15 -26.51 24.14
CA TRP F 119 23.60 -26.51 24.25
C TRP F 119 24.18 -27.90 24.18
N THR F 120 24.53 -28.38 22.99
CA THR F 120 24.91 -29.80 22.88
C THR F 120 26.40 -30.04 23.09
N GLY F 121 26.67 -31.02 23.96
CA GLY F 121 28.02 -31.48 24.23
C GLY F 121 28.71 -30.87 25.43
N VAL F 122 27.93 -30.15 26.24
CA VAL F 122 28.44 -29.43 27.40
C VAL F 122 27.51 -29.63 28.57
N THR F 123 28.03 -29.58 29.79
CA THR F 123 27.19 -29.81 30.97
C THR F 123 26.64 -28.50 31.52
N GLN F 124 25.33 -28.46 31.76
CA GLN F 124 24.65 -27.25 32.14
C GLN F 124 24.50 -27.09 33.67
N ASN F 125 24.08 -25.90 34.09
CA ASN F 125 23.61 -25.64 35.45
C ASN F 125 24.66 -25.73 36.52
N GLY F 126 25.93 -25.52 36.17
CA GLY F 126 26.99 -25.46 37.17
C GLY F 126 26.68 -24.39 38.21
N GLY F 127 27.26 -24.50 39.39
CA GLY F 127 27.07 -23.49 40.44
C GLY F 127 28.19 -23.58 41.45
N SER F 128 28.55 -22.48 42.09
CA SER F 128 29.68 -22.46 43.03
C SER F 128 29.14 -22.18 44.42
N ASN F 129 29.88 -22.62 45.43
CA ASN F 129 29.59 -22.36 46.83
C ASN F 129 29.56 -20.87 47.21
N ALA F 130 30.01 -20.00 46.32
CA ALA F 130 29.84 -18.57 46.51
C ALA F 130 28.36 -18.14 46.47
N CYS F 131 27.58 -18.86 45.67
CA CYS F 131 26.22 -18.48 45.34
C CYS F 131 25.22 -19.58 45.74
N LYS F 132 25.13 -19.87 47.03
CA LYS F 132 24.36 -21.03 47.52
C LYS F 132 22.87 -20.79 47.45
N ARG F 133 22.16 -21.71 46.81
CA ARG F 133 20.70 -21.73 46.86
C ARG F 133 20.19 -22.91 47.69
N GLY F 134 19.58 -22.60 48.83
CA GLY F 134 19.09 -23.61 49.76
C GLY F 134 20.23 -24.39 50.41
N PRO F 135 20.02 -25.69 50.66
CA PRO F 135 21.06 -26.51 51.28
C PRO F 135 22.34 -26.63 50.45
N GLY F 136 22.23 -27.11 49.23
CA GLY F 136 23.38 -27.24 48.34
C GLY F 136 23.81 -25.90 47.73
N SER F 137 24.65 -25.99 46.71
CA SER F 137 25.24 -24.83 46.07
C SER F 137 24.55 -24.57 44.77
N GLY F 138 24.57 -23.31 44.32
CA GLY F 138 23.98 -22.92 43.01
C GLY F 138 24.61 -21.71 42.34
N PHE F 139 23.78 -20.96 41.60
CA PHE F 139 24.24 -19.90 40.69
C PHE F 139 23.17 -18.84 40.49
N PHE F 140 23.46 -17.82 39.66
CA PHE F 140 22.46 -16.84 39.25
C PHE F 140 21.32 -17.56 38.56
N SER F 141 20.08 -17.13 38.83
CA SER F 141 18.91 -17.84 38.35
C SER F 141 18.61 -17.67 36.85
N ARG F 142 19.06 -16.57 36.23
CA ARG F 142 18.77 -16.29 34.82
C ARG F 142 19.97 -16.50 33.89
N LEU F 143 21.02 -17.10 34.44
CA LEU F 143 22.18 -17.48 33.69
C LEU F 143 22.50 -18.99 33.84
N ASN F 144 23.26 -19.52 32.87
CA ASN F 144 23.48 -20.95 32.75
C ASN F 144 24.95 -21.29 32.62
N TRP F 145 25.55 -21.84 33.67
CA TRP F 145 26.99 -22.10 33.63
C TRP F 145 27.38 -23.36 32.83
N LEU F 146 27.69 -23.16 31.54
CA LEU F 146 28.14 -24.24 30.68
C LEU F 146 29.60 -24.55 30.89
N THR F 147 29.84 -25.82 31.26
CA THR F 147 31.17 -26.38 31.40
C THR F 147 31.34 -27.65 30.53
N LYS F 148 32.54 -28.23 30.62
CA LYS F 148 32.94 -29.46 29.91
C LYS F 148 31.99 -30.64 30.13
N SER F 149 31.91 -31.51 29.12
CA SER F 149 31.27 -32.83 29.24
C SER F 149 32.19 -33.87 28.68
N GLY F 150 32.56 -34.82 29.53
CA GLY F 150 33.54 -35.84 29.18
C GLY F 150 34.91 -35.22 29.33
N SER F 151 35.59 -35.02 28.22
CA SER F 151 36.74 -34.11 28.20
C SER F 151 36.67 -33.31 26.90
N THR F 152 35.46 -32.85 26.56
CA THR F 152 35.23 -32.00 25.40
C THR F 152 34.42 -30.76 25.75
N TYR F 153 34.80 -29.64 25.14
CA TYR F 153 33.96 -28.48 25.03
C TYR F 153 33.91 -28.21 23.52
N PRO F 154 32.79 -28.55 22.87
CA PRO F 154 32.57 -28.26 21.47
C PRO F 154 32.56 -26.78 21.22
N VAL F 155 32.73 -26.39 19.96
CA VAL F 155 32.46 -25.01 19.56
C VAL F 155 30.95 -24.86 19.46
N LEU F 156 30.35 -24.19 20.45
CA LEU F 156 28.91 -23.97 20.51
C LEU F 156 28.53 -22.97 19.43
N ASN F 157 27.34 -23.14 18.88
CA ASN F 157 26.90 -22.31 17.79
C ASN F 157 25.40 -22.42 17.68
N VAL F 158 24.72 -21.64 18.51
CA VAL F 158 23.24 -21.62 18.57
C VAL F 158 22.73 -20.31 18.01
N THR F 159 21.43 -20.25 17.83
CA THR F 159 20.76 -19.13 17.24
C THR F 159 19.35 -19.07 17.77
N MET F 160 18.78 -17.88 17.81
CA MET F 160 17.44 -17.70 18.33
C MET F 160 16.81 -16.46 17.74
N PRO F 161 15.87 -16.64 16.79
CA PRO F 161 15.27 -15.49 16.15
C PRO F 161 14.41 -14.61 17.07
N ASN F 162 13.88 -13.53 16.52
CA ASN F 162 12.86 -12.77 17.19
C ASN F 162 11.69 -12.56 16.26
N ASN F 163 10.73 -13.47 16.34
CA ASN F 163 9.54 -13.37 15.49
C ASN F 163 8.44 -12.57 16.17
N ASP F 164 8.65 -12.22 17.45
CA ASP F 164 7.73 -11.35 18.19
C ASP F 164 7.78 -9.88 17.69
N ASN F 165 6.89 -9.06 18.24
CA ASN F 165 6.73 -7.66 17.84
C ASN F 165 7.37 -6.70 18.85
N PHE F 166 8.28 -7.21 19.69
CA PHE F 166 8.93 -6.39 20.71
C PHE F 166 10.40 -6.71 20.86
N ASP F 167 11.13 -5.75 21.40
CA ASP F 167 12.55 -5.89 21.62
C ASP F 167 12.81 -6.89 22.72
N LYS F 168 13.72 -7.83 22.47
CA LYS F 168 14.14 -8.79 23.49
C LYS F 168 15.50 -8.41 24.03
N LEU F 169 15.62 -8.37 25.36
CA LEU F 169 16.89 -8.06 26.01
C LEU F 169 17.45 -9.34 26.52
N TYR F 170 18.67 -9.67 26.08
CA TYR F 170 19.36 -10.89 26.51
C TYR F 170 20.55 -10.54 27.40
N ILE F 171 20.54 -11.08 28.62
CA ILE F 171 21.67 -10.92 29.48
C ILE F 171 22.45 -12.20 29.47
N TRP F 172 23.76 -12.07 29.23
CA TRP F 172 24.71 -13.16 29.18
C TRP F 172 26.05 -12.69 29.73
N GLY F 173 27.00 -13.59 29.87
CA GLY F 173 28.31 -13.21 30.39
C GLY F 173 29.41 -14.18 30.04
N VAL F 174 30.56 -14.01 30.69
CA VAL F 174 31.75 -14.74 30.34
C VAL F 174 32.68 -14.90 31.55
N HIS F 175 33.15 -16.12 31.77
CA HIS F 175 33.87 -16.48 32.98
C HIS F 175 35.35 -16.25 32.81
N HIS F 176 35.98 -15.66 33.82
CA HIS F 176 37.43 -15.37 33.82
C HIS F 176 38.08 -16.20 34.94
N PRO F 177 38.80 -17.25 34.60
CA PRO F 177 39.31 -18.08 35.67
C PRO F 177 40.56 -17.49 36.30
N SER F 178 40.90 -17.97 37.50
CA SER F 178 42.07 -17.48 38.24
C SER F 178 43.37 -18.11 37.76
N THR F 179 43.34 -19.39 37.45
CA THR F 179 44.53 -20.11 36.96
C THR F 179 44.24 -20.78 35.63
N ASN F 180 45.30 -21.17 34.94
CA ASN F 180 45.17 -22.01 33.75
C ASN F 180 44.64 -23.41 34.06
N GLN F 181 45.08 -23.96 35.18
CA GLN F 181 44.56 -25.21 35.66
C GLN F 181 43.03 -25.19 35.71
N GLU F 182 42.47 -24.14 36.28
CA GLU F 182 41.03 -23.95 36.37
C GLU F 182 40.37 -23.77 35.01
N GLN F 183 41.07 -23.10 34.10
CA GLN F 183 40.58 -22.87 32.74
C GLN F 183 40.39 -24.19 32.01
N THR F 184 41.36 -25.07 32.18
CA THR F 184 41.41 -26.38 31.53
C THR F 184 40.45 -27.37 32.16
N SER F 185 40.36 -27.36 33.49
CA SER F 185 39.36 -28.16 34.22
C SER F 185 37.95 -27.95 33.65
N LEU F 186 37.62 -26.69 33.34
CA LEU F 186 36.24 -26.30 33.03
C LEU F 186 35.94 -26.27 31.55
N TYR F 187 36.84 -25.68 30.77
CA TYR F 187 36.55 -25.46 29.37
C TYR F 187 37.54 -26.12 28.42
N VAL F 188 38.44 -26.95 28.93
CA VAL F 188 39.42 -27.71 28.12
C VAL F 188 40.43 -26.81 27.40
N GLN F 189 39.96 -26.05 26.41
CA GLN F 189 40.81 -25.17 25.61
C GLN F 189 41.55 -24.16 26.47
N ALA F 190 42.83 -23.98 26.14
CA ALA F 190 43.75 -23.15 26.93
C ALA F 190 43.24 -21.73 27.05
N SER F 191 42.66 -21.26 25.96
CA SER F 191 42.14 -19.91 25.87
C SER F 191 40.72 -19.98 25.29
N GLY F 192 39.76 -19.39 26.00
CA GLY F 192 38.37 -19.35 25.53
C GLY F 192 38.08 -18.24 24.53
N ARG F 193 36.79 -18.01 24.29
CA ARG F 193 36.32 -17.00 23.37
C ARG F 193 34.81 -17.11 23.27
N VAL F 194 34.13 -15.98 23.39
CA VAL F 194 32.67 -15.86 23.35
C VAL F 194 32.28 -14.79 22.36
N THR F 195 31.40 -15.10 21.41
CA THR F 195 30.99 -14.14 20.36
C THR F 195 29.46 -14.08 20.13
N VAL F 196 28.83 -13.05 20.68
CA VAL F 196 27.39 -12.84 20.54
C VAL F 196 27.13 -11.78 19.49
N SER F 197 26.14 -12.01 18.64
CA SER F 197 26.00 -11.22 17.43
C SER F 197 24.58 -11.22 16.92
N THR F 198 24.16 -10.10 16.33
CA THR F 198 22.88 -10.00 15.62
C THR F 198 23.21 -9.61 14.20
N ARG F 199 22.22 -9.35 13.35
CA ARG F 199 22.61 -9.11 11.93
C ARG F 199 23.32 -7.81 11.81
N ARG F 200 23.03 -6.89 12.70
CA ARG F 200 23.64 -5.59 12.57
C ARG F 200 24.80 -5.30 13.50
N SER F 201 24.78 -5.90 14.69
CA SER F 201 25.84 -5.70 15.68
C SER F 201 26.68 -6.98 15.81
N GLN F 202 27.66 -6.92 16.69
CA GLN F 202 28.59 -8.01 16.87
C GLN F 202 29.41 -7.67 18.09
N GLN F 203 29.78 -8.65 18.88
CA GLN F 203 30.43 -8.39 20.16
C GLN F 203 31.25 -9.59 20.64
N THR F 204 32.56 -9.40 20.86
CA THR F 204 33.42 -10.55 21.17
C THR F 204 34.39 -10.33 22.29
N ILE F 205 34.24 -11.17 23.31
CA ILE F 205 35.06 -11.10 24.49
C ILE F 205 35.97 -12.31 24.59
N ILE F 206 37.17 -12.09 25.12
CA ILE F 206 38.16 -13.12 25.25
C ILE F 206 38.53 -13.09 26.69
N PRO F 207 38.18 -14.12 27.45
CA PRO F 207 38.36 -14.07 28.90
C PRO F 207 39.83 -13.99 29.31
N ASN F 208 40.15 -13.21 30.34
CA ASN F 208 41.51 -12.98 30.82
C ASN F 208 41.76 -13.77 32.11
N ILE F 209 42.84 -14.53 32.13
CA ILE F 209 43.13 -15.43 33.23
C ILE F 209 44.11 -14.75 34.18
N GLY F 210 43.83 -14.79 35.47
CA GLY F 210 44.76 -14.24 36.46
C GLY F 210 44.15 -14.29 37.84
N SER F 211 44.95 -13.94 38.87
CA SER F 211 44.44 -13.82 40.23
C SER F 211 43.87 -12.43 40.53
N ARG F 212 42.64 -12.42 41.01
CA ARG F 212 42.02 -11.22 41.54
C ARG F 212 41.97 -11.42 43.05
N PRO F 213 41.66 -10.37 43.81
CA PRO F 213 41.45 -10.60 45.22
C PRO F 213 40.34 -11.60 45.53
N TRP F 214 40.42 -12.19 46.71
CA TRP F 214 39.37 -13.14 47.13
C TRP F 214 38.12 -12.38 47.44
N VAL F 215 37.04 -12.82 46.84
CA VAL F 215 35.71 -12.33 47.17
C VAL F 215 34.80 -13.51 47.41
N ARG F 216 34.48 -13.76 48.67
CA ARG F 216 33.47 -14.73 49.00
C ARG F 216 33.87 -16.08 48.43
N GLY F 217 35.13 -16.43 48.67
CA GLY F 217 35.60 -17.76 48.33
C GLY F 217 36.28 -17.91 46.99
N LEU F 218 36.20 -16.88 46.17
CA LEU F 218 36.69 -17.02 44.82
C LEU F 218 37.63 -15.92 44.38
N SER F 219 38.65 -16.35 43.64
CA SER F 219 39.68 -15.51 43.07
C SER F 219 39.36 -15.24 41.60
N SER F 220 38.39 -15.97 41.06
CA SER F 220 37.94 -15.82 39.68
C SER F 220 36.68 -14.96 39.64
N ARG F 221 36.14 -14.72 38.44
CA ARG F 221 35.15 -13.65 38.19
C ARG F 221 34.28 -13.88 36.98
N ILE F 222 33.28 -13.04 36.83
CA ILE F 222 32.40 -13.06 35.65
C ILE F 222 32.13 -11.64 35.15
N SER F 223 32.35 -11.39 33.86
CA SER F 223 31.95 -10.15 33.25
C SER F 223 30.56 -10.38 32.67
N ILE F 224 29.69 -9.40 32.86
CA ILE F 224 28.31 -9.44 32.35
C ILE F 224 28.15 -8.49 31.18
N TYR F 225 27.56 -9.00 30.10
CA TYR F 225 27.28 -8.23 28.90
C TYR F 225 25.77 -8.32 28.54
N TRP F 226 25.25 -7.36 27.76
CA TRP F 226 23.90 -7.48 27.26
C TRP F 226 23.89 -7.34 25.78
N THR F 227 22.83 -7.86 25.17
CA THR F 227 22.59 -7.74 23.74
C THR F 227 21.08 -7.59 23.59
N ILE F 228 20.64 -6.47 23.00
CA ILE F 228 19.21 -6.30 22.66
C ILE F 228 19.03 -6.69 21.20
N VAL F 229 18.03 -7.54 20.95
CA VAL F 229 17.77 -8.01 19.60
C VAL F 229 16.36 -7.63 19.22
N LYS F 230 16.22 -6.99 18.07
CA LYS F 230 14.97 -6.32 17.78
C LYS F 230 14.10 -7.24 16.91
N PRO F 231 12.77 -6.96 16.83
CA PRO F 231 11.86 -7.77 16.01
C PRO F 231 12.37 -7.93 14.60
N GLY F 232 12.30 -9.15 14.07
CA GLY F 232 12.80 -9.42 12.73
C GLY F 232 14.25 -9.82 12.71
N ASP F 233 14.99 -9.39 13.72
CA ASP F 233 16.41 -9.69 13.83
C ASP F 233 16.61 -11.09 14.43
N VAL F 234 17.88 -11.44 14.68
CA VAL F 234 18.22 -12.76 15.18
C VAL F 234 19.49 -12.71 16.03
N LEU F 235 19.48 -13.48 17.11
CA LEU F 235 20.63 -13.61 18.00
C LEU F 235 21.40 -14.86 17.63
N VAL F 236 22.73 -14.76 17.62
CA VAL F 236 23.61 -15.93 17.42
C VAL F 236 24.78 -15.94 18.41
N ILE F 237 24.74 -16.88 19.35
CA ILE F 237 25.81 -17.12 20.26
C ILE F 237 26.75 -18.17 19.66
N ASN F 238 28.04 -17.89 19.81
CA ASN F 238 29.12 -18.78 19.36
C ASN F 238 30.29 -18.75 20.35
N SER F 239 30.78 -19.93 20.75
CA SER F 239 31.80 -19.99 21.79
C SER F 239 32.47 -21.35 21.88
N ASN F 240 33.80 -21.33 22.03
CA ASN F 240 34.59 -22.52 22.26
C ASN F 240 35.18 -22.56 23.67
N GLY F 241 34.60 -21.76 24.57
CA GLY F 241 34.99 -21.80 25.96
C GLY F 241 34.57 -20.58 26.74
N ASN F 242 34.28 -20.77 28.03
CA ASN F 242 34.12 -19.70 29.02
C ASN F 242 32.81 -18.97 28.96
N LEU F 243 31.82 -19.51 28.25
CA LEU F 243 30.51 -18.84 28.13
C LEU F 243 29.67 -19.04 29.39
N ILE F 244 29.05 -17.94 29.84
CA ILE F 244 27.97 -17.98 30.82
C ILE F 244 26.73 -17.63 30.05
N ALA F 245 25.97 -18.66 29.71
CA ALA F 245 24.91 -18.54 28.75
C ALA F 245 23.62 -18.06 29.35
N PRO F 246 22.76 -17.51 28.49
CA PRO F 246 21.44 -17.10 28.87
C PRO F 246 20.38 -18.21 28.74
N ARG F 247 19.39 -18.16 29.64
CA ARG F 247 18.24 -19.07 29.61
C ARG F 247 17.07 -18.46 28.88
N GLY F 248 17.12 -17.15 28.67
CA GLY F 248 16.13 -16.46 27.85
C GLY F 248 16.27 -14.95 27.84
N TYR F 249 15.18 -14.29 27.48
CA TYR F 249 15.15 -12.84 27.33
C TYR F 249 14.21 -12.15 28.31
N PHE F 250 14.46 -10.87 28.53
CA PHE F 250 13.54 -10.03 29.28
C PHE F 250 12.76 -9.23 28.26
N LYS F 251 11.47 -9.03 28.52
CA LYS F 251 10.72 -8.10 27.68
C LYS F 251 11.15 -6.70 27.96
N MET F 252 11.19 -5.93 26.90
CA MET F 252 11.51 -4.55 27.02
C MET F 252 10.31 -3.77 26.62
N ARG F 253 10.09 -2.68 27.34
CA ARG F 253 9.12 -1.69 26.92
C ARG F 253 9.67 -0.35 27.29
N THR F 254 9.14 0.67 26.63
CA THR F 254 9.52 2.03 26.93
C THR F 254 8.37 2.61 27.74
N GLY F 255 8.69 3.54 28.64
CA GLY F 255 7.71 4.08 29.58
C GLY F 255 8.27 5.00 30.62
N LYS F 256 7.40 5.33 31.53
CA LYS F 256 7.64 6.31 32.56
C LYS F 256 8.60 5.84 33.70
N SER F 257 9.02 4.57 33.65
CA SER F 257 9.74 3.95 34.75
C SER F 257 11.14 4.50 34.94
N SER F 258 11.67 4.31 36.15
CA SER F 258 13.01 4.79 36.53
C SER F 258 13.47 4.20 37.88
N ILE F 259 14.58 4.72 38.39
CA ILE F 259 15.27 4.18 39.57
C ILE F 259 15.86 5.32 40.44
N MET F 260 16.02 5.10 41.74
CA MET F 260 16.50 6.15 42.60
C MET F 260 17.18 5.58 43.85
N ARG F 261 18.28 6.21 44.26
CA ARG F 261 18.96 5.84 45.48
C ARG F 261 18.45 6.69 46.61
N SER F 262 17.91 6.05 47.63
CA SER F 262 17.39 6.74 48.80
C SER F 262 17.28 5.81 49.98
N ASP F 263 17.38 6.35 51.17
CA ASP F 263 17.16 5.56 52.37
C ASP F 263 15.88 5.97 53.08
N ALA F 264 15.06 6.81 52.45
CA ALA F 264 13.83 7.24 53.10
C ALA F 264 12.84 6.08 53.03
N PRO F 265 12.14 5.83 54.13
CA PRO F 265 11.15 4.77 54.17
C PRO F 265 9.91 5.09 53.34
N ILE F 266 9.02 4.12 53.15
CA ILE F 266 7.74 4.34 52.49
C ILE F 266 6.56 4.50 53.49
N ASP F 267 5.68 5.50 53.31
CA ASP F 267 4.39 5.57 54.07
C ASP F 267 3.28 5.42 53.00
N THR F 268 2.02 5.23 53.44
CA THR F 268 0.83 5.28 52.58
C THR F 268 0.24 6.67 52.52
N CYS F 269 0.34 7.31 51.38
CA CYS F 269 -0.16 8.65 51.19
C CYS F 269 -0.10 8.86 49.71
N ILE F 270 -0.45 10.06 49.25
CA ILE F 270 -0.40 10.35 47.82
C ILE F 270 0.59 11.46 47.66
N SER F 271 1.49 11.33 46.69
CA SER F 271 2.41 12.41 46.37
C SER F 271 2.99 12.21 45.02
N GLU F 272 2.73 13.17 44.12
CA GLU F 272 3.15 13.06 42.74
C GLU F 272 4.59 13.46 42.49
N CYS F 273 5.28 13.91 43.53
CA CYS F 273 6.70 14.14 43.44
C CYS F 273 7.52 13.36 44.49
N ILE F 274 8.51 12.61 44.01
CA ILE F 274 9.43 11.84 44.87
C ILE F 274 10.86 12.36 44.75
N THR F 275 11.55 12.49 45.88
CA THR F 275 12.97 12.79 45.89
C THR F 275 13.68 11.80 46.81
N PRO F 276 15.01 11.71 46.71
CA PRO F 276 15.70 10.91 47.71
C PRO F 276 15.43 11.37 49.13
N ASN F 277 15.39 12.69 49.35
CA ASN F 277 15.12 13.24 50.68
C ASN F 277 13.71 12.86 51.15
N GLY F 278 12.87 12.40 50.25
CA GLY F 278 11.51 12.04 50.59
C GLY F 278 10.55 12.66 49.57
N SER F 279 9.26 12.47 49.78
CA SER F 279 8.26 13.02 48.87
C SER F 279 7.98 14.48 49.20
N ILE F 280 7.81 15.31 48.17
CA ILE F 280 7.45 16.74 48.36
C ILE F 280 6.22 17.16 47.59
N PRO F 281 5.47 18.09 48.17
CA PRO F 281 4.30 18.60 47.51
C PRO F 281 4.61 19.65 46.41
N ASN F 282 3.95 19.47 45.27
CA ASN F 282 4.22 20.27 44.09
C ASN F 282 3.25 21.42 43.89
N ASP F 283 2.74 21.96 44.99
CA ASP F 283 1.89 23.15 44.93
C ASP F 283 2.69 24.42 44.56
N LYS F 284 4.00 24.40 44.82
CA LYS F 284 4.86 25.53 44.46
C LYS F 284 5.50 25.31 43.10
N PRO F 285 5.96 26.39 42.48
CA PRO F 285 6.57 26.22 41.17
C PRO F 285 8.05 25.85 41.23
N PHE F 286 8.68 26.06 42.38
CA PHE F 286 10.09 25.78 42.57
C PHE F 286 10.38 25.07 43.89
N GLN F 287 11.53 24.43 43.97
CA GLN F 287 11.91 23.68 45.14
C GLN F 287 13.40 23.62 45.33
N ASN F 288 13.79 23.31 46.55
CA ASN F 288 15.15 23.40 46.98
C ASN F 288 15.57 22.18 47.79
N VAL F 289 14.85 21.08 47.63
CA VAL F 289 15.01 19.92 48.46
C VAL F 289 16.12 19.09 47.88
N ASN F 290 15.95 18.67 46.64
CA ASN F 290 17.00 17.91 45.98
C ASN F 290 16.87 18.05 44.48
N LYS F 291 18.01 18.10 43.79
CA LYS F 291 18.01 18.16 42.33
C LYS F 291 17.61 16.87 41.70
N ILE F 292 17.70 15.74 42.41
CA ILE F 292 17.23 14.47 41.91
C ILE F 292 15.74 14.42 42.23
N THR F 293 14.89 14.31 41.20
CA THR F 293 13.43 14.12 41.40
C THR F 293 12.77 13.15 40.40
N TYR F 294 11.57 12.74 40.75
CA TYR F 294 10.80 11.85 39.91
C TYR F 294 9.34 12.24 39.95
N GLY F 295 8.75 12.48 38.78
CA GLY F 295 7.33 12.77 38.65
C GLY F 295 7.07 14.26 38.48
N ALA F 296 5.81 14.68 38.65
CA ALA F 296 5.42 16.10 38.52
C ALA F 296 5.96 16.95 39.66
N CYS F 297 7.07 17.63 39.42
CA CYS F 297 7.80 18.26 40.51
C CYS F 297 8.08 19.68 40.21
N PRO F 298 8.27 20.50 41.24
CA PRO F 298 8.78 21.85 41.04
C PRO F 298 10.19 21.85 40.50
N LYS F 299 10.62 22.95 39.90
CA LYS F 299 11.95 22.99 39.30
C LYS F 299 12.97 23.29 40.37
N TYR F 300 14.06 22.54 40.36
CA TYR F 300 15.07 22.71 41.40
C TYR F 300 15.77 24.03 41.21
N VAL F 301 15.85 24.82 42.27
CA VAL F 301 16.61 26.08 42.20
C VAL F 301 17.57 26.16 43.37
N LYS F 302 18.63 26.98 43.23
CA LYS F 302 19.65 27.15 44.29
C LYS F 302 19.06 27.98 45.45
N GLN F 303 18.04 28.81 45.19
CA GLN F 303 17.40 29.64 46.24
C GLN F 303 16.61 28.82 47.23
N ASN F 304 16.66 29.17 48.52
CA ASN F 304 15.86 28.42 49.48
C ASN F 304 14.57 29.16 49.84
N THR F 305 14.44 30.38 49.35
CA THR F 305 13.20 31.13 49.53
C THR F 305 13.04 32.28 48.54
N LEU F 306 11.90 32.28 47.87
CA LEU F 306 11.53 33.37 47.00
C LEU F 306 10.12 33.77 47.31
N LYS F 307 9.96 34.97 47.88
CA LYS F 307 8.64 35.48 48.20
C LYS F 307 8.10 36.26 47.04
N LEU F 308 6.90 35.86 46.61
CA LEU F 308 6.13 36.57 45.59
C LEU F 308 5.07 37.46 46.28
N ALA F 309 5.01 38.73 45.94
CA ALA F 309 4.10 39.64 46.63
C ALA F 309 2.71 39.46 46.12
N THR F 310 1.78 39.46 47.08
CA THR F 310 0.34 39.24 46.87
C THR F 310 -0.46 40.37 47.50
N GLY F 311 0.14 41.56 47.51
CA GLY F 311 -0.53 42.75 48.01
C GLY F 311 0.30 44.00 47.81
N MET F 312 -0.28 45.16 48.10
CA MET F 312 0.38 46.47 47.88
C MET F 312 1.48 46.81 48.89
N ARG F 313 2.22 47.89 48.64
CA ARG F 313 3.27 48.31 49.56
C ARG F 313 2.62 48.64 50.87
N ASN F 314 3.25 48.20 51.95
CA ASN F 314 2.69 48.40 53.27
C ASN F 314 3.19 49.66 53.94
N VAL F 315 2.33 50.67 54.10
CA VAL F 315 2.75 51.93 54.69
C VAL F 315 2.07 52.25 56.01
N PRO F 316 2.85 52.41 57.08
CA PRO F 316 2.26 52.72 58.38
C PRO F 316 1.74 54.15 58.45
N GLU F 317 0.85 54.47 59.38
CA GLU F 317 0.27 55.84 59.30
C GLU F 317 0.94 56.95 60.13
N LYS F 318 0.93 58.14 59.56
CA LYS F 318 1.71 59.30 60.08
C LYS F 318 1.94 59.50 61.57
N GLN F 319 0.89 59.32 62.39
CA GLN F 319 0.77 60.03 63.70
C GLN F 319 -0.03 61.35 63.60
N THR F 320 -0.47 61.84 64.76
CA THR F 320 -1.09 63.17 64.91
C THR F 320 -2.00 63.61 63.75
N SER G 1 5.99 -89.57 -34.76
CA SER G 1 6.71 -88.88 -35.89
C SER G 1 7.19 -87.45 -35.49
N THR G 2 6.21 -86.53 -35.32
CA THR G 2 6.40 -85.08 -35.03
C THR G 2 5.25 -84.59 -34.10
N ALA G 3 5.00 -83.29 -34.04
CA ALA G 3 3.92 -82.77 -33.16
C ALA G 3 3.32 -81.46 -33.67
N THR G 4 2.13 -81.13 -33.18
CA THR G 4 1.41 -79.93 -33.65
C THR G 4 1.04 -79.03 -32.48
N LEU G 5 1.41 -77.75 -32.57
CA LEU G 5 1.12 -76.79 -31.53
C LEU G 5 0.38 -75.59 -32.07
N CYS G 6 -0.77 -75.26 -31.47
CA CYS G 6 -1.66 -74.23 -32.00
C CYS G 6 -1.93 -73.10 -31.07
N LEU G 7 -1.93 -71.90 -31.62
CA LEU G 7 -2.17 -70.72 -30.86
C LEU G 7 -3.60 -70.33 -31.10
N GLY G 8 -4.36 -70.03 -30.05
CA GLY G 8 -5.74 -69.63 -30.24
C GLY G 8 -6.26 -68.69 -29.20
N HIS G 9 -7.45 -68.16 -29.46
CA HIS G 9 -8.08 -67.27 -28.53
C HIS G 9 -9.43 -67.78 -28.16
N HIS G 10 -10.01 -67.25 -27.10
CA HIS G 10 -11.28 -67.74 -26.67
C HIS G 10 -12.43 -67.13 -27.43
N ALA G 11 -13.61 -67.60 -27.07
CA ALA G 11 -14.86 -67.14 -27.62
C ALA G 11 -15.93 -67.66 -26.69
N VAL G 12 -17.11 -67.08 -26.77
CA VAL G 12 -18.14 -67.30 -25.77
C VAL G 12 -19.46 -67.52 -26.44
N PRO G 13 -20.37 -68.19 -25.73
CA PRO G 13 -21.58 -68.63 -26.40
C PRO G 13 -22.53 -67.48 -26.74
N ASN G 14 -22.56 -66.42 -25.93
CA ASN G 14 -23.36 -65.26 -26.27
C ASN G 14 -22.67 -63.94 -26.15
N GLY G 15 -22.19 -63.42 -27.28
CA GLY G 15 -21.47 -62.16 -27.29
C GLY G 15 -22.40 -61.01 -27.22
N THR G 16 -21.91 -59.85 -27.63
CA THR G 16 -22.67 -58.61 -27.62
C THR G 16 -22.29 -57.78 -28.84
N LEU G 17 -23.25 -57.11 -29.43
CA LEU G 17 -23.02 -56.34 -30.63
C LEU G 17 -22.68 -54.90 -30.31
N VAL G 18 -21.71 -54.38 -31.03
CA VAL G 18 -21.22 -53.04 -30.83
C VAL G 18 -20.90 -52.38 -32.18
N LYS G 19 -20.63 -51.08 -32.18
CA LYS G 19 -20.32 -50.37 -33.43
C LYS G 19 -18.88 -50.04 -33.57
N THR G 20 -18.43 -49.90 -34.80
CA THR G 20 -17.09 -49.41 -35.08
C THR G 20 -17.13 -48.38 -36.21
N ILE G 21 -15.96 -47.95 -36.68
CA ILE G 21 -15.84 -47.03 -37.82
C ILE G 21 -16.41 -47.68 -39.06
N THR G 22 -15.90 -48.86 -39.38
CA THR G 22 -16.21 -49.51 -40.64
C THR G 22 -17.49 -50.32 -40.60
N ASP G 23 -17.94 -50.70 -39.42
CA ASP G 23 -18.94 -51.76 -39.23
C ASP G 23 -20.06 -51.29 -38.35
N ASP G 24 -21.29 -51.56 -38.76
CA ASP G 24 -22.44 -51.16 -37.97
C ASP G 24 -22.62 -52.11 -36.81
N GLN G 25 -22.50 -53.40 -37.05
CA GLN G 25 -22.60 -54.38 -35.97
C GLN G 25 -21.49 -55.37 -36.01
N ILE G 26 -21.02 -55.76 -34.86
CA ILE G 26 -19.95 -56.72 -34.78
C ILE G 26 -19.91 -57.32 -33.37
N GLU G 27 -19.93 -58.65 -33.29
CA GLU G 27 -20.09 -59.36 -32.03
C GLU G 27 -18.74 -59.42 -31.35
N VAL G 28 -18.71 -59.06 -30.09
CA VAL G 28 -17.50 -59.13 -29.28
C VAL G 28 -17.81 -59.92 -28.02
N THR G 29 -16.75 -60.44 -27.40
CA THR G 29 -16.87 -61.28 -26.22
C THR G 29 -17.70 -60.64 -25.09
N ASN G 30 -17.47 -59.36 -24.78
CA ASN G 30 -18.27 -58.63 -23.78
C ASN G 30 -18.23 -57.14 -24.09
N ALA G 31 -19.24 -56.42 -23.65
CA ALA G 31 -19.24 -54.96 -23.73
C ALA G 31 -19.88 -54.35 -22.49
N THR G 32 -19.93 -53.02 -22.46
CA THR G 32 -20.51 -52.29 -21.33
C THR G 32 -21.35 -51.10 -21.78
N GLU G 33 -22.42 -50.84 -21.06
CA GLU G 33 -23.30 -49.73 -21.39
C GLU G 33 -22.74 -48.36 -20.91
N LEU G 34 -22.69 -47.38 -21.82
CA LEU G 34 -22.19 -46.07 -21.50
C LEU G 34 -23.26 -45.03 -21.31
N VAL G 35 -24.51 -45.35 -21.55
CA VAL G 35 -25.58 -44.36 -21.41
C VAL G 35 -26.58 -44.76 -20.35
N GLN G 36 -26.67 -43.91 -19.34
CA GLN G 36 -27.63 -44.05 -18.27
C GLN G 36 -29.01 -43.73 -18.79
N SER G 37 -29.87 -44.73 -18.80
CA SER G 37 -31.09 -44.71 -19.57
C SER G 37 -32.33 -44.62 -18.70
N SER G 38 -32.25 -45.09 -17.46
CA SER G 38 -33.40 -45.06 -16.55
C SER G 38 -33.09 -44.37 -15.23
N SER G 39 -34.16 -44.09 -14.48
CA SER G 39 -34.04 -43.42 -13.19
C SER G 39 -34.84 -44.14 -12.13
N THR G 40 -34.57 -43.79 -10.88
CA THR G 40 -35.26 -44.41 -9.75
C THR G 40 -36.62 -43.79 -9.55
N GLY G 41 -36.84 -42.62 -10.14
CA GLY G 41 -38.12 -41.95 -10.04
C GLY G 41 -38.30 -41.10 -8.80
N LYS G 42 -37.30 -41.08 -7.93
CA LYS G 42 -37.35 -40.27 -6.73
C LYS G 42 -36.05 -39.50 -6.56
N ILE G 43 -36.11 -38.47 -5.74
CA ILE G 43 -34.99 -37.51 -5.57
C ILE G 43 -34.29 -37.73 -4.27
N CYS G 44 -33.00 -37.98 -4.35
CA CYS G 44 -32.23 -38.29 -3.15
C CYS G 44 -31.84 -37.02 -2.39
N ASN G 45 -32.18 -37.00 -1.10
CA ASN G 45 -31.90 -35.84 -0.26
C ASN G 45 -30.46 -35.64 0.17
N ASN G 46 -29.55 -36.52 -0.25
CA ASN G 46 -28.12 -36.31 -0.01
C ASN G 46 -27.31 -36.41 -1.27
N PRO G 47 -26.13 -35.81 -1.27
CA PRO G 47 -25.61 -34.92 -0.24
C PRO G 47 -26.18 -33.52 -0.40
N HIS G 48 -26.94 -33.30 -1.47
CA HIS G 48 -27.48 -31.99 -1.75
C HIS G 48 -28.67 -31.67 -0.86
N ARG G 49 -28.63 -30.50 -0.20
CA ARG G 49 -29.76 -30.01 0.59
C ARG G 49 -30.92 -29.62 -0.30
N ILE G 50 -31.90 -30.51 -0.35
CA ILE G 50 -33.11 -30.28 -1.14
C ILE G 50 -34.11 -29.49 -0.31
N LEU G 51 -34.95 -28.68 -0.94
CA LEU G 51 -36.02 -27.96 -0.25
C LEU G 51 -37.29 -27.98 -1.09
N ASP G 52 -38.32 -28.59 -0.54
CA ASP G 52 -39.53 -28.87 -1.31
C ASP G 52 -40.53 -27.72 -1.18
N GLY G 53 -40.68 -26.97 -2.26
CA GLY G 53 -41.63 -25.86 -2.30
C GLY G 53 -43.09 -26.24 -2.13
N ILE G 54 -43.36 -27.52 -1.94
CA ILE G 54 -44.72 -28.00 -1.73
C ILE G 54 -45.78 -27.12 -2.46
N ASP G 55 -46.51 -26.28 -1.73
CA ASP G 55 -47.60 -25.48 -2.35
C ASP G 55 -47.12 -24.10 -2.80
N CYS G 56 -45.89 -23.75 -2.44
CA CYS G 56 -45.31 -22.47 -2.78
C CYS G 56 -44.38 -22.52 -3.97
N THR G 57 -44.44 -21.47 -4.77
CA THR G 57 -43.38 -21.22 -5.71
C THR G 57 -42.28 -20.47 -4.93
N LEU G 58 -41.10 -20.30 -5.54
CA LEU G 58 -39.98 -19.63 -4.88
C LEU G 58 -40.30 -18.17 -4.68
N ILE G 59 -40.75 -17.51 -5.73
CA ILE G 59 -41.10 -16.10 -5.64
C ILE G 59 -42.18 -15.83 -4.60
N ASP G 60 -43.11 -16.75 -4.38
CA ASP G 60 -44.09 -16.54 -3.33
C ASP G 60 -43.50 -16.62 -1.90
N ALA G 61 -42.46 -17.43 -1.71
CA ALA G 61 -41.80 -17.51 -0.42
C ALA G 61 -40.97 -16.26 -0.17
N LEU G 62 -40.44 -15.74 -1.27
CA LEU G 62 -39.64 -14.53 -1.24
C LEU G 62 -40.47 -13.39 -0.71
N LEU G 63 -41.59 -13.11 -1.40
CA LEU G 63 -42.49 -11.98 -1.09
C LEU G 63 -43.22 -12.18 0.21
N GLY G 64 -43.63 -13.41 0.49
CA GLY G 64 -44.22 -13.75 1.79
C GLY G 64 -45.73 -13.86 1.73
N ASP G 65 -46.22 -14.57 0.73
CA ASP G 65 -47.57 -15.06 0.69
C ASP G 65 -47.82 -15.73 2.05
N PRO G 66 -49.03 -15.60 2.60
CA PRO G 66 -49.35 -16.19 3.89
C PRO G 66 -49.05 -17.69 4.06
N HIS G 67 -49.46 -18.54 3.13
CA HIS G 67 -49.19 -19.96 3.30
C HIS G 67 -47.71 -20.34 3.10
N CYS G 68 -46.90 -19.40 2.64
CA CYS G 68 -45.46 -19.61 2.39
C CYS G 68 -44.60 -19.02 3.51
N ASP G 69 -45.16 -19.00 4.69
CA ASP G 69 -44.50 -18.34 5.79
C ASP G 69 -43.55 -19.33 6.36
N VAL G 70 -43.90 -20.60 6.27
CA VAL G 70 -43.04 -21.63 6.83
C VAL G 70 -41.65 -21.63 6.15
N PHE G 71 -41.53 -20.97 5.00
CA PHE G 71 -40.25 -20.92 4.28
C PHE G 71 -39.30 -19.80 4.71
N GLN G 72 -39.67 -19.03 5.70
CA GLN G 72 -38.93 -17.80 5.97
C GLN G 72 -37.52 -18.11 6.41
N ASN G 73 -36.59 -17.26 5.96
CA ASN G 73 -35.20 -17.34 6.38
C ASN G 73 -34.53 -18.69 6.03
N GLU G 74 -35.08 -19.39 5.02
CA GLU G 74 -34.63 -20.75 4.62
C GLU G 74 -33.39 -20.70 3.77
N THR G 75 -32.73 -21.85 3.66
CA THR G 75 -31.62 -22.06 2.72
C THR G 75 -31.84 -23.32 1.88
N TRP G 76 -31.09 -23.45 0.79
CA TRP G 76 -31.13 -24.66 -0.04
C TRP G 76 -29.93 -24.79 -0.96
N ASP G 77 -29.67 -26.03 -1.35
CA ASP G 77 -28.81 -26.31 -2.47
C ASP G 77 -29.68 -26.32 -3.70
N LEU G 78 -30.83 -26.98 -3.59
CA LEU G 78 -31.73 -27.11 -4.72
C LEU G 78 -33.16 -26.96 -4.25
N PHE G 79 -33.79 -25.88 -4.69
CA PHE G 79 -35.19 -25.66 -4.43
C PHE G 79 -36.01 -26.40 -5.48
N VAL G 80 -37.12 -27.01 -5.09
CA VAL G 80 -37.93 -27.79 -6.03
C VAL G 80 -39.36 -27.26 -6.17
N GLU G 81 -39.65 -26.55 -7.25
CA GLU G 81 -41.00 -26.02 -7.47
C GLU G 81 -41.89 -27.14 -7.96
N ARG G 82 -43.07 -27.26 -7.36
CA ARG G 82 -44.00 -28.33 -7.73
C ARG G 82 -45.08 -27.85 -8.67
N SER G 83 -45.58 -28.78 -9.47
CA SER G 83 -46.71 -28.50 -10.32
C SER G 83 -47.93 -28.01 -9.56
N LYS G 84 -48.15 -28.61 -8.42
CA LYS G 84 -49.32 -28.30 -7.60
C LYS G 84 -49.41 -26.87 -6.99
N ALA G 85 -48.34 -26.11 -7.08
CA ALA G 85 -48.22 -24.88 -6.31
C ALA G 85 -49.15 -23.79 -6.79
N PHE G 86 -49.46 -22.88 -5.86
CA PHE G 86 -50.33 -21.74 -6.15
C PHE G 86 -49.95 -20.51 -5.34
N SER G 87 -50.52 -19.39 -5.76
CA SER G 87 -50.44 -18.12 -5.04
C SER G 87 -51.80 -17.84 -4.41
N ASN G 88 -51.80 -17.15 -3.28
CA ASN G 88 -53.04 -16.90 -2.57
C ASN G 88 -52.94 -15.66 -1.69
N CYS G 89 -52.61 -14.56 -2.37
CA CYS G 89 -52.40 -13.27 -1.76
C CYS G 89 -52.89 -12.20 -2.73
N TYR G 90 -52.37 -10.98 -2.61
CA TYR G 90 -52.74 -9.90 -3.51
C TYR G 90 -52.23 -10.29 -4.85
N PRO G 91 -53.01 -10.08 -5.90
CA PRO G 91 -52.55 -10.47 -7.24
C PRO G 91 -51.42 -9.60 -7.73
N TYR G 92 -50.35 -10.22 -8.19
CA TYR G 92 -49.15 -9.50 -8.60
C TYR G 92 -48.64 -9.96 -9.94
N ASP G 93 -47.60 -9.30 -10.43
CA ASP G 93 -46.85 -9.76 -11.60
C ASP G 93 -45.41 -9.22 -11.54
N VAL G 94 -44.46 -9.94 -12.12
CA VAL G 94 -43.08 -9.52 -12.04
C VAL G 94 -42.50 -9.33 -13.41
N PRO G 95 -42.45 -8.09 -13.88
CA PRO G 95 -41.66 -7.85 -15.06
C PRO G 95 -40.31 -8.51 -14.84
N ASP G 96 -39.88 -9.27 -15.83
CA ASP G 96 -38.61 -9.99 -15.74
C ASP G 96 -38.68 -11.03 -14.59
N TYR G 97 -39.72 -11.86 -14.61
CA TYR G 97 -39.97 -12.83 -13.55
C TYR G 97 -38.84 -13.80 -13.50
N ALA G 98 -38.52 -14.35 -14.67
CA ALA G 98 -37.56 -15.42 -14.75
C ALA G 98 -36.19 -15.01 -14.26
N SER G 99 -35.81 -13.75 -14.46
CA SER G 99 -34.52 -13.24 -13.95
C SER G 99 -34.47 -13.20 -12.42
N LEU G 100 -35.55 -12.75 -11.81
CA LEU G 100 -35.59 -12.69 -10.36
C LEU G 100 -35.59 -14.07 -9.75
N ARG G 101 -36.31 -14.98 -10.37
CA ARG G 101 -36.40 -16.35 -9.90
C ARG G 101 -35.02 -16.96 -9.94
N SER G 102 -34.40 -16.90 -11.11
CA SER G 102 -33.05 -17.37 -11.33
C SER G 102 -32.12 -16.84 -10.26
N LEU G 103 -32.09 -15.51 -10.07
CA LEU G 103 -31.02 -14.90 -9.23
C LEU G 103 -31.18 -15.20 -7.74
N VAL G 104 -32.43 -15.28 -7.27
CA VAL G 104 -32.72 -15.74 -5.92
C VAL G 104 -32.37 -17.21 -5.76
N ALA G 105 -32.76 -18.01 -6.75
CA ALA G 105 -32.44 -19.43 -6.76
C ALA G 105 -30.95 -19.72 -6.53
N SER G 106 -30.06 -18.92 -7.12
CA SER G 106 -28.64 -19.18 -6.97
C SER G 106 -28.04 -18.45 -5.76
N SER G 107 -28.76 -17.49 -5.19
CA SER G 107 -28.38 -16.97 -3.87
C SER G 107 -28.52 -18.05 -2.81
N GLY G 108 -29.51 -18.90 -2.93
CA GLY G 108 -29.59 -20.09 -2.10
C GLY G 108 -30.08 -19.84 -0.69
N THR G 109 -30.83 -18.77 -0.53
CA THR G 109 -31.26 -18.34 0.79
C THR G 109 -32.30 -17.22 0.68
N LEU G 110 -33.30 -17.30 1.55
CA LEU G 110 -34.27 -16.23 1.77
C LEU G 110 -34.05 -15.54 3.13
N GLU G 111 -32.76 -15.40 3.48
CA GLU G 111 -32.33 -14.81 4.75
C GLU G 111 -32.60 -13.32 4.73
N PHE G 112 -33.65 -12.93 5.43
CA PHE G 112 -34.17 -11.57 5.38
C PHE G 112 -33.71 -10.85 6.62
N ILE G 113 -33.42 -9.57 6.45
CA ILE G 113 -32.91 -8.70 7.51
C ILE G 113 -33.74 -7.43 7.50
N THR G 114 -34.44 -7.15 8.59
CA THR G 114 -35.27 -5.94 8.61
C THR G 114 -34.44 -4.69 8.91
N GLU G 115 -34.78 -3.59 8.26
CA GLU G 115 -34.21 -2.29 8.51
C GLU G 115 -35.33 -1.32 8.83
N GLY G 116 -35.04 -0.35 9.69
CA GLY G 116 -36.06 0.64 10.10
C GLY G 116 -36.17 1.82 9.14
N PHE G 117 -36.84 1.60 8.03
CA PHE G 117 -37.22 2.68 7.15
C PHE G 117 -38.18 3.52 7.96
N THR G 118 -38.18 4.84 7.78
CA THR G 118 -39.12 5.69 8.54
C THR G 118 -39.96 6.50 7.58
N TRP G 119 -41.12 5.93 7.29
CA TRP G 119 -42.05 6.46 6.31
C TRP G 119 -42.95 7.50 6.94
N THR G 120 -42.57 8.77 6.90
CA THR G 120 -43.33 9.78 7.65
C THR G 120 -44.47 10.41 6.86
N GLY G 121 -45.64 10.43 7.50
CA GLY G 121 -46.83 11.07 6.96
C GLY G 121 -47.78 10.15 6.20
N VAL G 122 -47.56 8.84 6.31
CA VAL G 122 -48.33 7.84 5.58
C VAL G 122 -48.65 6.69 6.50
N THR G 123 -49.77 6.00 6.26
CA THR G 123 -50.16 4.88 7.13
C THR G 123 -49.64 3.54 6.60
N GLN G 124 -49.02 2.78 7.48
CA GLN G 124 -48.33 1.57 7.08
C GLN G 124 -49.17 0.30 7.25
N ASN G 125 -48.67 -0.82 6.72
CA ASN G 125 -49.20 -2.15 7.00
C ASN G 125 -50.60 -2.42 6.49
N GLY G 126 -51.01 -1.72 5.44
CA GLY G 126 -52.29 -2.03 4.81
C GLY G 126 -52.34 -3.49 4.33
N GLY G 127 -53.54 -4.04 4.18
CA GLY G 127 -53.69 -5.41 3.70
C GLY G 127 -55.08 -5.60 3.15
N SER G 128 -55.25 -6.48 2.17
CA SER G 128 -56.54 -6.69 1.50
C SER G 128 -57.03 -8.10 1.83
N ASN G 129 -58.34 -8.28 1.76
CA ASN G 129 -58.98 -9.58 1.93
C ASN G 129 -58.59 -10.65 0.93
N ALA G 130 -57.88 -10.25 -0.11
CA ALA G 130 -57.27 -11.21 -1.02
C ALA G 130 -56.16 -12.06 -0.35
N CYS G 131 -55.48 -11.44 0.61
CA CYS G 131 -54.28 -11.99 1.22
C CYS G 131 -54.43 -12.14 2.74
N LYS G 132 -55.37 -12.97 3.17
CA LYS G 132 -55.75 -13.05 4.57
C LYS G 132 -54.69 -13.77 5.39
N ARG G 133 -54.24 -13.12 6.47
CA ARG G 133 -53.41 -13.79 7.48
C ARG G 133 -54.19 -14.00 8.79
N GLY G 134 -54.45 -15.26 9.11
CA GLY G 134 -55.22 -15.60 10.30
C GLY G 134 -56.67 -15.16 10.19
N PRO G 135 -57.24 -14.72 11.32
CA PRO G 135 -58.67 -14.32 11.30
C PRO G 135 -58.95 -13.10 10.42
N GLY G 136 -58.28 -11.98 10.69
CA GLY G 136 -58.43 -10.78 9.87
C GLY G 136 -57.69 -10.86 8.53
N SER G 137 -57.55 -9.70 7.90
CA SER G 137 -56.97 -9.61 6.57
C SER G 137 -55.57 -9.10 6.70
N GLY G 138 -54.73 -9.42 5.72
CA GLY G 138 -53.34 -8.93 5.67
C GLY G 138 -52.72 -8.81 4.28
N PHE G 139 -51.40 -9.03 4.19
CA PHE G 139 -50.59 -8.72 3.01
C PHE G 139 -49.35 -9.60 2.93
N PHE G 140 -48.52 -9.39 1.90
CA PHE G 140 -47.21 -10.05 1.80
C PHE G 140 -46.41 -9.66 3.01
N SER G 141 -45.67 -10.61 3.56
CA SER G 141 -44.94 -10.41 4.82
C SER G 141 -43.68 -9.53 4.72
N ARG G 142 -43.05 -9.46 3.55
CA ARG G 142 -41.81 -8.70 3.39
C ARG G 142 -41.99 -7.39 2.63
N LEU G 143 -43.25 -7.03 2.43
CA LEU G 143 -43.61 -5.76 1.79
C LEU G 143 -44.56 -4.94 2.69
N ASN G 144 -44.59 -3.63 2.45
CA ASN G 144 -45.27 -2.70 3.34
C ASN G 144 -46.21 -1.78 2.60
N TRP G 145 -47.51 -1.99 2.72
CA TRP G 145 -48.46 -1.19 1.92
C TRP G 145 -48.70 0.23 2.47
N LEU G 146 -47.93 1.20 1.96
CA LEU G 146 -48.08 2.59 2.35
C LEU G 146 -49.23 3.23 1.63
N THR G 147 -50.18 3.72 2.43
CA THR G 147 -51.32 4.50 1.96
C THR G 147 -51.39 5.89 2.67
N LYS G 148 -52.41 6.66 2.29
CA LYS G 148 -52.71 7.98 2.83
C LYS G 148 -52.82 8.03 4.37
N SER G 149 -52.47 9.19 4.94
CA SER G 149 -52.74 9.52 6.34
C SER G 149 -53.37 10.88 6.41
N GLY G 150 -54.58 10.92 6.95
CA GLY G 150 -55.38 12.14 6.99
C GLY G 150 -56.02 12.30 5.64
N SER G 151 -55.58 13.30 4.89
CA SER G 151 -55.85 13.35 3.46
C SER G 151 -54.59 13.84 2.76
N THR G 152 -53.44 13.32 3.21
CA THR G 152 -52.14 13.61 2.60
C THR G 152 -51.36 12.35 2.29
N TYR G 153 -50.69 12.37 1.14
CA TYR G 153 -49.60 11.47 0.85
C TYR G 153 -48.41 12.40 0.51
N PRO G 154 -47.46 12.55 1.44
CA PRO G 154 -46.26 13.34 1.20
C PRO G 154 -45.44 12.75 0.09
N VAL G 155 -44.53 13.53 -0.45
CA VAL G 155 -43.50 12.98 -1.33
C VAL G 155 -42.47 12.31 -0.42
N LEU G 156 -42.49 10.98 -0.39
CA LEU G 156 -41.58 10.21 0.43
C LEU G 156 -40.18 10.28 -0.17
N ASN G 157 -39.18 10.25 0.68
CA ASN G 157 -37.82 10.42 0.23
C ASN G 157 -36.90 9.89 1.30
N VAL G 158 -36.71 8.58 1.29
CA VAL G 158 -35.87 7.88 2.27
C VAL G 158 -34.60 7.38 1.60
N THR G 159 -33.68 6.92 2.42
CA THR G 159 -32.39 6.47 1.98
C THR G 159 -31.89 5.43 2.95
N MET G 160 -31.05 4.53 2.48
CA MET G 160 -30.53 3.46 3.32
C MET G 160 -29.21 2.95 2.76
N PRO G 161 -28.09 3.33 3.41
CA PRO G 161 -26.80 2.94 2.89
C PRO G 161 -26.52 1.43 2.94
N ASN G 162 -25.34 1.04 2.45
CA ASN G 162 -24.86 -0.31 2.64
C ASN G 162 -23.46 -0.25 3.16
N ASN G 163 -23.33 -0.26 4.48
CA ASN G 163 -22.02 -0.22 5.11
C ASN G 163 -21.48 -1.61 5.35
N ASP G 164 -22.31 -2.62 5.11
CA ASP G 164 -21.88 -4.03 5.18
C ASP G 164 -20.94 -4.42 4.02
N ASN G 165 -20.43 -5.64 4.08
CA ASN G 165 -19.45 -6.16 3.11
C ASN G 165 -20.08 -7.11 2.10
N PHE G 166 -21.40 -7.06 1.97
CA PHE G 166 -22.10 -7.94 1.06
C PHE G 166 -23.22 -7.25 0.30
N ASP G 167 -23.60 -7.83 -0.82
CA ASP G 167 -24.65 -7.31 -1.64
C ASP G 167 -26.00 -7.47 -0.97
N LYS G 168 -26.79 -6.40 -0.93
CA LYS G 168 -28.13 -6.44 -0.38
C LYS G 168 -29.14 -6.46 -1.50
N LEU G 169 -30.09 -7.36 -1.44
CA LEU G 169 -31.14 -7.44 -2.43
C LEU G 169 -32.38 -6.88 -1.81
N TYR G 170 -32.95 -5.86 -2.45
CA TYR G 170 -34.19 -5.22 -1.98
C TYR G 170 -35.35 -5.55 -2.93
N ILE G 171 -36.40 -6.16 -2.38
CA ILE G 171 -37.60 -6.38 -3.16
C ILE G 171 -38.63 -5.36 -2.74
N TRP G 172 -39.17 -4.68 -3.75
CA TRP G 172 -40.20 -3.66 -3.60
C TRP G 172 -41.14 -3.71 -4.78
N GLY G 173 -42.21 -2.92 -4.76
CA GLY G 173 -43.16 -2.93 -5.85
C GLY G 173 -44.00 -1.68 -5.94
N VAL G 174 -45.04 -1.75 -6.76
CA VAL G 174 -45.84 -0.58 -7.06
C VAL G 174 -47.27 -0.97 -7.44
N HIS G 175 -48.24 -0.29 -6.83
CA HIS G 175 -49.64 -0.67 -6.90
C HIS G 175 -50.32 0.00 -8.08
N HIS G 176 -51.11 -0.77 -8.82
CA HIS G 176 -51.85 -0.28 -9.99
C HIS G 176 -53.35 -0.36 -9.70
N PRO G 177 -54.02 0.76 -9.47
CA PRO G 177 -55.41 0.64 -9.05
C PRO G 177 -56.33 0.44 -10.25
N SER G 178 -57.54 -0.03 -9.97
CA SER G 178 -58.51 -0.34 -11.03
C SER G 178 -59.24 0.91 -11.51
N THR G 179 -59.59 1.79 -10.59
CA THR G 179 -60.27 3.04 -10.91
C THR G 179 -59.52 4.25 -10.38
N ASN G 180 -59.85 5.43 -10.90
CA ASN G 180 -59.32 6.65 -10.34
C ASN G 180 -59.83 6.92 -8.94
N GLN G 181 -61.11 6.59 -8.69
CA GLN G 181 -61.70 6.71 -7.34
C GLN G 181 -60.84 5.95 -6.33
N GLU G 182 -60.40 4.75 -6.68
CA GLU G 182 -59.48 3.97 -5.84
C GLU G 182 -58.08 4.59 -5.70
N GLN G 183 -57.58 5.20 -6.77
CA GLN G 183 -56.27 5.84 -6.77
C GLN G 183 -56.23 6.99 -5.77
N THR G 184 -57.31 7.75 -5.76
CA THR G 184 -57.50 8.94 -4.92
C THR G 184 -57.80 8.58 -3.47
N SER G 185 -58.63 7.57 -3.25
CA SER G 185 -58.86 7.03 -1.92
C SER G 185 -57.55 6.70 -1.19
N LEU G 186 -56.60 6.11 -1.91
CA LEU G 186 -55.39 5.53 -1.30
C LEU G 186 -54.23 6.46 -1.30
N TYR G 187 -53.96 7.10 -2.44
CA TYR G 187 -52.74 7.87 -2.58
C TYR G 187 -52.98 9.34 -2.88
N VAL G 188 -54.23 9.80 -2.84
CA VAL G 188 -54.59 11.23 -3.03
C VAL G 188 -54.31 11.72 -4.45
N GLN G 189 -53.03 11.84 -4.80
CA GLN G 189 -52.60 12.34 -6.10
C GLN G 189 -53.19 11.51 -7.24
N ALA G 190 -53.64 12.21 -8.27
CA ALA G 190 -54.36 11.60 -9.40
C ALA G 190 -53.52 10.54 -10.07
N SER G 191 -52.22 10.82 -10.16
CA SER G 191 -51.27 9.96 -10.80
C SER G 191 -50.07 9.79 -9.86
N GLY G 192 -49.73 8.55 -9.54
CA GLY G 192 -48.56 8.28 -8.70
C GLY G 192 -47.22 8.32 -9.42
N ARG G 193 -46.19 7.79 -8.75
CA ARG G 193 -44.84 7.70 -9.30
C ARG G 193 -43.94 7.16 -8.21
N VAL G 194 -43.13 6.18 -8.58
CA VAL G 194 -42.17 5.51 -7.68
C VAL G 194 -40.79 5.49 -8.34
N THR G 195 -39.77 5.95 -7.63
CA THR G 195 -38.40 6.05 -8.18
C THR G 195 -37.30 5.52 -7.23
N VAL G 196 -36.85 4.30 -7.49
CA VAL G 196 -35.81 3.66 -6.69
C VAL G 196 -34.49 3.75 -7.41
N SER G 197 -33.43 4.06 -6.67
CA SER G 197 -32.17 4.47 -7.30
C SER G 197 -30.99 4.21 -6.39
N THR G 198 -29.85 3.88 -7.02
CA THR G 198 -28.56 3.78 -6.31
C THR G 198 -27.63 4.74 -6.99
N ARG G 199 -26.37 4.76 -6.61
CA ARG G 199 -25.46 5.75 -7.16
C ARG G 199 -25.23 5.51 -8.67
N ARG G 200 -25.23 4.24 -9.06
CA ARG G 200 -24.96 3.83 -10.46
C ARG G 200 -26.20 3.68 -11.30
N SER G 201 -27.26 3.14 -10.70
CA SER G 201 -28.49 2.78 -11.42
C SER G 201 -29.63 3.71 -11.02
N GLN G 202 -30.79 3.47 -11.62
CA GLN G 202 -31.93 4.33 -11.44
C GLN G 202 -33.09 3.61 -12.09
N GLN G 203 -34.28 3.72 -11.53
CA GLN G 203 -35.41 2.93 -12.01
C GLN G 203 -36.75 3.57 -11.63
N THR G 204 -37.60 3.87 -12.62
CA THR G 204 -38.81 4.62 -12.32
C THR G 204 -40.04 4.11 -12.99
N ILE G 205 -41.01 3.75 -12.18
CA ILE G 205 -42.26 3.23 -12.64
C ILE G 205 -43.40 4.20 -12.36
N ILE G 206 -44.37 4.23 -13.27
CA ILE G 206 -45.52 5.11 -13.16
C ILE G 206 -46.70 4.21 -13.27
N PRO G 207 -47.44 4.05 -12.18
CA PRO G 207 -48.50 3.04 -12.17
C PRO G 207 -49.60 3.34 -13.17
N ASN G 208 -50.16 2.30 -13.78
CA ASN G 208 -51.21 2.46 -14.76
C ASN G 208 -52.58 2.03 -14.26
N ILE G 209 -53.57 2.89 -14.44
CA ILE G 209 -54.87 2.68 -13.86
C ILE G 209 -55.81 2.08 -14.90
N GLY G 210 -56.54 1.05 -14.53
CA GLY G 210 -57.51 0.44 -15.43
C GLY G 210 -58.10 -0.82 -14.82
N SER G 211 -59.11 -1.40 -15.49
CA SER G 211 -59.67 -2.68 -15.06
C SER G 211 -58.92 -3.88 -15.67
N ARG G 212 -58.53 -4.79 -14.78
CA ARG G 212 -57.97 -6.07 -15.17
C ARG G 212 -59.04 -7.09 -14.79
N PRO G 213 -58.90 -8.32 -15.26
CA PRO G 213 -59.83 -9.33 -14.79
C PRO G 213 -59.79 -9.52 -13.28
N TRP G 214 -60.89 -10.03 -12.76
CA TRP G 214 -61.02 -10.25 -11.34
C TRP G 214 -60.16 -11.49 -10.99
N VAL G 215 -59.28 -11.30 -10.01
CA VAL G 215 -58.50 -12.37 -9.45
C VAL G 215 -58.64 -12.33 -7.93
N ARG G 216 -59.40 -13.26 -7.38
CA ARG G 216 -59.43 -13.43 -5.95
C ARG G 216 -59.88 -12.14 -5.31
N GLY G 217 -60.95 -11.58 -5.86
CA GLY G 217 -61.57 -10.42 -5.26
C GLY G 217 -61.13 -9.06 -5.78
N LEU G 218 -60.08 -9.02 -6.56
CA LEU G 218 -59.54 -7.76 -6.95
C LEU G 218 -59.35 -7.59 -8.43
N SER G 219 -59.65 -6.38 -8.87
CA SER G 219 -59.50 -5.95 -10.25
C SER G 219 -58.21 -5.16 -10.43
N SER G 220 -57.56 -4.82 -9.32
CA SER G 220 -56.29 -4.09 -9.31
C SER G 220 -55.14 -5.07 -9.10
N ARG G 221 -53.91 -4.56 -9.07
CA ARG G 221 -52.69 -5.38 -9.20
C ARG G 221 -51.46 -4.75 -8.58
N ILE G 222 -50.37 -5.51 -8.55
CA ILE G 222 -49.06 -5.03 -8.08
C ILE G 222 -47.95 -5.54 -9.01
N SER G 223 -47.11 -4.65 -9.50
CA SER G 223 -45.90 -5.01 -10.21
C SER G 223 -44.77 -5.08 -9.18
N ILE G 224 -43.94 -6.11 -9.28
CA ILE G 224 -42.82 -6.33 -8.37
C ILE G 224 -41.53 -6.06 -9.08
N TYR G 225 -40.67 -5.27 -8.44
CA TYR G 225 -39.35 -4.91 -8.96
C TYR G 225 -38.25 -5.28 -7.93
N TRP G 226 -37.00 -5.43 -8.37
CA TRP G 226 -35.91 -5.59 -7.43
C TRP G 226 -34.84 -4.58 -7.70
N THR G 227 -34.02 -4.33 -6.68
CA THR G 227 -32.88 -3.45 -6.78
C THR G 227 -31.81 -4.07 -5.91
N ILE G 228 -30.66 -4.41 -6.49
CA ILE G 228 -29.49 -4.90 -5.71
C ILE G 228 -28.57 -3.72 -5.46
N VAL G 229 -28.18 -3.53 -4.20
CA VAL G 229 -27.32 -2.41 -3.84
C VAL G 229 -26.05 -2.97 -3.23
N LYS G 230 -24.92 -2.53 -3.73
CA LYS G 230 -23.70 -3.21 -3.40
C LYS G 230 -22.98 -2.47 -2.26
N PRO G 231 -22.00 -3.12 -1.60
CA PRO G 231 -21.28 -2.51 -0.47
C PRO G 231 -20.70 -1.19 -0.87
N GLY G 232 -20.82 -0.20 0.00
CA GLY G 232 -20.32 1.14 -0.31
C GLY G 232 -21.33 2.01 -1.02
N ASP G 233 -22.29 1.38 -1.70
CA ASP G 233 -23.37 2.08 -2.41
C ASP G 233 -24.52 2.44 -1.44
N VAL G 234 -25.59 3.00 -2.00
CA VAL G 234 -26.71 3.49 -1.21
C VAL G 234 -28.01 3.43 -2.00
N LEU G 235 -29.07 3.05 -1.30
CA LEU G 235 -30.42 2.95 -1.87
C LEU G 235 -31.19 4.21 -1.52
N VAL G 236 -31.93 4.74 -2.49
CA VAL G 236 -32.82 5.88 -2.26
C VAL G 236 -34.19 5.68 -2.92
N ILE G 237 -35.20 5.49 -2.09
CA ILE G 237 -36.57 5.42 -2.54
C ILE G 237 -37.18 6.81 -2.48
N ASN G 238 -37.93 7.13 -3.52
CA ASN G 238 -38.64 8.39 -3.64
C ASN G 238 -39.99 8.17 -4.34
N SER G 239 -41.07 8.71 -3.78
CA SER G 239 -42.40 8.44 -4.29
C SER G 239 -43.44 9.39 -3.74
N ASN G 240 -44.32 9.84 -4.63
CA ASN G 240 -45.49 10.64 -4.25
C ASN G 240 -46.81 9.90 -4.44
N GLY G 241 -46.73 8.57 -4.53
CA GLY G 241 -47.91 7.74 -4.60
C GLY G 241 -47.64 6.35 -5.11
N ASN G 242 -48.42 5.38 -4.61
CA ASN G 242 -48.54 4.03 -5.18
C ASN G 242 -47.39 3.10 -4.84
N LEU G 243 -46.57 3.47 -3.87
CA LEU G 243 -45.43 2.63 -3.49
C LEU G 243 -45.87 1.45 -2.64
N ILE G 244 -45.31 0.28 -2.97
CA ILE G 244 -45.35 -0.89 -2.09
C ILE G 244 -43.94 -1.05 -1.59
N ALA G 245 -43.72 -0.61 -0.37
CA ALA G 245 -42.38 -0.43 0.15
C ALA G 245 -41.80 -1.68 0.73
N PRO G 246 -40.47 -1.72 0.81
CA PRO G 246 -39.76 -2.79 1.44
C PRO G 246 -39.53 -2.58 2.95
N ARG G 247 -39.51 -3.68 3.70
CA ARG G 247 -39.22 -3.68 5.13
C ARG G 247 -37.75 -3.98 5.37
N GLY G 248 -37.07 -4.50 4.35
CA GLY G 248 -35.63 -4.71 4.42
C GLY G 248 -35.04 -5.45 3.22
N TYR G 249 -33.86 -6.02 3.45
CA TYR G 249 -33.12 -6.66 2.38
C TYR G 249 -32.94 -8.15 2.63
N PHE G 250 -32.66 -8.87 1.54
CA PHE G 250 -32.25 -10.25 1.64
C PHE G 250 -30.73 -10.29 1.48
N LYS G 251 -30.04 -11.14 2.22
CA LYS G 251 -28.62 -11.35 1.95
C LYS G 251 -28.45 -12.10 0.65
N MET G 252 -27.42 -11.71 -0.07
CA MET G 252 -27.09 -12.38 -1.28
C MET G 252 -25.76 -13.02 -1.10
N ARG G 253 -25.63 -14.21 -1.66
CA ARG G 253 -24.35 -14.86 -1.78
C ARG G 253 -24.32 -15.59 -3.07
N THR G 254 -23.12 -15.90 -3.52
CA THR G 254 -22.94 -16.69 -4.72
C THR G 254 -22.55 -18.10 -4.28
N GLY G 255 -22.94 -19.09 -5.08
CA GLY G 255 -22.75 -20.48 -4.71
C GLY G 255 -23.39 -21.46 -5.65
N LYS G 256 -23.34 -22.70 -5.22
CA LYS G 256 -23.78 -23.84 -6.01
C LYS G 256 -25.32 -24.00 -6.10
N SER G 257 -26.07 -23.11 -5.45
CA SER G 257 -27.52 -23.27 -5.34
C SER G 257 -28.24 -23.09 -6.69
N SER G 258 -29.46 -23.63 -6.77
CA SER G 258 -30.29 -23.56 -7.96
C SER G 258 -31.74 -24.03 -7.68
N ILE G 259 -32.51 -24.18 -8.75
CA ILE G 259 -33.95 -24.46 -8.67
C ILE G 259 -34.41 -25.43 -9.79
N MET G 260 -35.47 -26.19 -9.58
CA MET G 260 -35.86 -27.17 -10.56
C MET G 260 -37.36 -27.50 -10.46
N ARG G 261 -38.02 -27.65 -11.60
CA ARG G 261 -39.42 -28.05 -11.65
C ARG G 261 -39.50 -29.54 -11.79
N SER G 262 -40.15 -30.18 -10.81
CA SER G 262 -40.32 -31.62 -10.83
C SER G 262 -41.46 -32.04 -9.93
N ASP G 263 -42.09 -33.16 -10.26
CA ASP G 263 -43.11 -33.71 -9.37
C ASP G 263 -42.64 -35.01 -8.74
N ALA G 264 -41.37 -35.36 -8.88
CA ALA G 264 -40.88 -36.59 -8.28
C ALA G 264 -40.74 -36.37 -6.79
N PRO G 265 -41.17 -37.36 -5.98
CA PRO G 265 -41.08 -37.26 -4.54
C PRO G 265 -39.64 -37.38 -4.04
N ILE G 266 -39.40 -37.09 -2.75
CA ILE G 266 -38.07 -37.26 -2.12
C ILE G 266 -37.97 -38.59 -1.29
N ASP G 267 -36.90 -39.38 -1.47
CA ASP G 267 -36.61 -40.55 -0.58
C ASP G 267 -35.28 -40.18 0.13
N THR G 268 -34.92 -40.95 1.16
CA THR G 268 -33.62 -40.87 1.82
C THR G 268 -32.63 -41.83 1.16
N CYS G 269 -31.63 -41.26 0.49
CA CYS G 269 -30.62 -42.07 -0.17
C CYS G 269 -29.55 -41.06 -0.53
N ILE G 270 -28.50 -41.51 -1.22
CA ILE G 270 -27.44 -40.60 -1.63
C ILE G 270 -27.41 -40.62 -3.13
N SER G 271 -27.36 -39.46 -3.76
CA SER G 271 -27.24 -39.40 -5.19
C SER G 271 -26.78 -38.04 -5.62
N GLU G 272 -25.62 -38.01 -6.26
CA GLU G 272 -24.99 -36.76 -6.61
C GLU G 272 -25.50 -36.14 -7.91
N CYS G 273 -26.41 -36.84 -8.57
CA CYS G 273 -27.10 -36.28 -9.70
C CYS G 273 -28.63 -36.28 -9.57
N ILE G 274 -29.23 -35.10 -9.75
CA ILE G 274 -30.68 -34.93 -9.68
C ILE G 274 -31.22 -34.50 -11.03
N THR G 275 -32.33 -35.08 -11.44
CA THR G 275 -33.07 -34.61 -12.61
C THR G 275 -34.54 -34.43 -12.26
N PRO G 276 -35.29 -33.70 -13.08
CA PRO G 276 -36.72 -33.74 -12.85
C PRO G 276 -37.31 -35.15 -12.83
N ASN G 277 -36.86 -36.03 -13.75
CA ASN G 277 -37.36 -37.40 -13.82
C ASN G 277 -37.01 -38.18 -12.54
N GLY G 278 -36.11 -37.65 -11.74
CA GLY G 278 -35.69 -38.29 -10.51
C GLY G 278 -34.18 -38.29 -10.44
N SER G 279 -33.62 -38.92 -9.42
CA SER G 279 -32.17 -38.98 -9.26
C SER G 279 -31.58 -40.11 -10.11
N ILE G 280 -30.41 -39.86 -10.71
CA ILE G 280 -29.70 -40.90 -11.48
C ILE G 280 -28.26 -41.10 -11.08
N PRO G 281 -27.80 -42.33 -11.17
CA PRO G 281 -26.44 -42.63 -10.83
C PRO G 281 -25.45 -42.24 -11.93
N ASN G 282 -24.36 -41.61 -11.51
CA ASN G 282 -23.38 -41.04 -12.43
C ASN G 282 -22.14 -41.94 -12.62
N ASP G 283 -22.34 -43.25 -12.54
CA ASP G 283 -21.28 -44.20 -12.85
C ASP G 283 -20.97 -44.25 -14.36
N LYS G 284 -21.92 -43.86 -15.21
CA LYS G 284 -21.68 -43.81 -16.65
C LYS G 284 -21.26 -42.41 -17.10
N PRO G 285 -20.66 -42.30 -18.27
CA PRO G 285 -20.21 -41.00 -18.73
C PRO G 285 -21.28 -40.23 -19.46
N PHE G 286 -22.33 -40.92 -19.89
CA PHE G 286 -23.43 -40.28 -20.60
C PHE G 286 -24.81 -40.74 -20.09
N GLN G 287 -25.84 -39.95 -20.37
CA GLN G 287 -27.18 -40.26 -19.94
C GLN G 287 -28.21 -39.72 -20.89
N ASN G 288 -29.40 -40.28 -20.76
CA ASN G 288 -30.47 -40.04 -21.70
C ASN G 288 -31.82 -39.80 -20.99
N VAL G 289 -31.74 -39.41 -19.71
CA VAL G 289 -32.91 -39.33 -18.88
C VAL G 289 -33.53 -37.99 -19.09
N ASN G 290 -32.79 -36.93 -18.81
CA ASN G 290 -33.31 -35.59 -19.04
C ASN G 290 -32.18 -34.62 -19.22
N LYS G 291 -32.37 -33.64 -20.12
CA LYS G 291 -31.35 -32.61 -20.34
C LYS G 291 -31.24 -31.64 -19.22
N ILE G 292 -32.27 -31.55 -18.37
CA ILE G 292 -32.21 -30.72 -17.18
C ILE G 292 -31.57 -31.57 -16.09
N THR G 293 -30.42 -31.13 -15.56
CA THR G 293 -29.77 -31.82 -14.44
C THR G 293 -29.14 -30.87 -13.41
N TYR G 294 -28.80 -31.43 -12.27
CA TYR G 294 -28.15 -30.69 -11.22
C TYR G 294 -27.15 -31.56 -10.53
N GLY G 295 -25.90 -31.09 -10.45
CA GLY G 295 -24.84 -31.79 -9.71
C GLY G 295 -23.93 -32.57 -10.65
N ALA G 296 -23.12 -33.46 -10.09
CA ALA G 296 -22.18 -34.28 -10.87
C ALA G 296 -22.89 -35.31 -11.71
N CYS G 297 -23.10 -35.00 -12.99
CA CYS G 297 -24.00 -35.81 -13.81
C CYS G 297 -23.34 -36.20 -15.08
N PRO G 298 -23.80 -37.29 -15.67
CA PRO G 298 -23.36 -37.64 -17.04
C PRO G 298 -23.85 -36.65 -18.07
N LYS G 299 -23.22 -36.60 -19.24
CA LYS G 299 -23.57 -35.60 -20.22
C LYS G 299 -24.78 -36.11 -20.95
N TYR G 300 -25.76 -35.24 -21.14
CA TYR G 300 -26.99 -35.64 -21.82
C TYR G 300 -26.71 -35.88 -23.28
N VAL G 301 -27.11 -37.05 -23.80
CA VAL G 301 -26.96 -37.32 -25.21
C VAL G 301 -28.28 -37.82 -25.76
N LYS G 302 -28.45 -37.71 -27.08
CA LYS G 302 -29.66 -38.17 -27.72
C LYS G 302 -29.78 -39.66 -27.80
N GLN G 303 -28.64 -40.36 -27.81
CA GLN G 303 -28.60 -41.83 -27.88
C GLN G 303 -29.17 -42.44 -26.65
N ASN G 304 -29.90 -43.53 -26.77
CA ASN G 304 -30.38 -44.19 -25.55
C ASN G 304 -29.51 -45.40 -25.17
N THR G 305 -28.57 -45.74 -26.05
CA THR G 305 -27.63 -46.79 -25.74
C THR G 305 -26.37 -46.74 -26.59
N LEU G 306 -25.22 -46.76 -25.92
CA LEU G 306 -23.93 -46.85 -26.55
C LEU G 306 -23.11 -47.91 -25.86
N LYS G 307 -22.86 -49.02 -26.55
CA LYS G 307 -22.08 -50.10 -25.99
C LYS G 307 -20.63 -49.92 -26.35
N LEU G 308 -19.80 -49.93 -25.30
CA LEU G 308 -18.36 -49.87 -25.44
C LEU G 308 -17.81 -51.28 -25.28
N ALA G 309 -16.97 -51.72 -26.21
CA ALA G 309 -16.49 -53.11 -26.18
C ALA G 309 -15.42 -53.25 -25.17
N THR G 310 -15.52 -54.36 -24.44
CA THR G 310 -14.62 -54.73 -23.34
C THR G 310 -14.06 -56.13 -23.55
N GLY G 311 -13.88 -56.49 -24.81
CA GLY G 311 -13.30 -57.76 -25.17
C GLY G 311 -13.11 -57.89 -26.68
N MET G 312 -12.45 -58.98 -27.10
CA MET G 312 -12.13 -59.22 -28.53
C MET G 312 -13.33 -59.63 -29.40
N ARG G 313 -13.12 -59.70 -30.72
CA ARG G 313 -14.18 -60.16 -31.63
C ARG G 313 -14.54 -61.59 -31.27
N ASN G 314 -15.82 -61.88 -31.26
CA ASN G 314 -16.29 -63.18 -30.83
C ASN G 314 -16.49 -64.11 -32.01
N VAL G 315 -15.64 -65.15 -32.12
CA VAL G 315 -15.71 -66.06 -33.27
C VAL G 315 -16.04 -67.50 -32.88
N PRO G 316 -17.14 -68.03 -33.40
CA PRO G 316 -17.51 -69.41 -33.07
C PRO G 316 -16.62 -70.42 -33.76
N GLU G 317 -16.55 -71.67 -33.27
CA GLU G 317 -15.52 -72.61 -33.80
C GLU G 317 -15.93 -73.29 -35.11
N LYS G 318 -14.93 -73.49 -35.97
CA LYS G 318 -15.17 -73.91 -37.36
C LYS G 318 -16.23 -74.99 -37.64
N GLN G 319 -16.03 -76.20 -37.10
CA GLN G 319 -16.87 -77.41 -37.30
C GLN G 319 -15.97 -78.63 -37.62
N THR G 320 -16.41 -79.82 -37.23
CA THR G 320 -15.55 -81.01 -37.34
C THR G 320 -14.21 -80.69 -36.66
N ILE H 10 -5.92 -68.53 -37.92
CA ILE H 10 -6.97 -69.14 -37.03
C ILE H 10 -8.25 -68.51 -37.55
N GLU H 11 -8.85 -69.18 -38.53
CA GLU H 11 -10.15 -68.74 -39.04
C GLU H 11 -11.24 -68.71 -37.95
N ASN H 12 -10.95 -69.36 -36.81
CA ASN H 12 -11.88 -69.51 -35.68
C ASN H 12 -11.26 -69.19 -34.29
N GLY H 13 -12.07 -69.36 -33.25
CA GLY H 13 -11.57 -69.28 -31.90
C GLY H 13 -12.21 -70.32 -31.00
N TRP H 14 -11.60 -70.58 -29.88
CA TRP H 14 -11.93 -71.73 -29.06
C TRP H 14 -12.94 -71.42 -28.01
N GLU H 15 -14.10 -72.07 -28.11
CA GLU H 15 -15.04 -72.12 -27.02
C GLU H 15 -14.51 -73.10 -26.02
N GLY H 16 -14.91 -72.96 -24.77
CA GLY H 16 -14.46 -73.87 -23.74
C GLY H 16 -13.08 -73.58 -23.19
N MET H 17 -12.36 -72.59 -23.75
CA MET H 17 -11.14 -72.13 -23.10
C MET H 17 -11.56 -71.20 -21.97
N ILE H 18 -11.47 -71.64 -20.73
CA ILE H 18 -11.84 -70.78 -19.60
C ILE H 18 -10.63 -70.61 -18.63
N ASP H 19 -9.45 -71.05 -19.05
CA ASP H 19 -8.26 -70.82 -18.24
C ASP H 19 -7.88 -69.28 -18.34
N GLY H 20 -8.12 -68.66 -19.51
CA GLY H 20 -7.70 -67.25 -19.85
C GLY H 20 -8.27 -66.75 -21.19
N TRP H 21 -7.57 -65.84 -21.88
CA TRP H 21 -8.05 -65.28 -23.15
C TRP H 21 -7.31 -65.75 -24.42
N TYR H 22 -6.04 -66.10 -24.28
CA TYR H 22 -5.22 -66.67 -25.36
C TYR H 22 -4.53 -67.93 -24.87
N GLY H 23 -4.32 -68.90 -25.75
CA GLY H 23 -3.80 -70.17 -25.29
C GLY H 23 -3.05 -71.01 -26.31
N PHE H 24 -2.60 -72.16 -25.82
CA PHE H 24 -1.93 -73.15 -26.65
C PHE H 24 -2.66 -74.49 -26.66
N ARG H 25 -2.95 -75.00 -27.84
CA ARG H 25 -3.48 -76.34 -27.96
C ARG H 25 -2.48 -77.18 -28.71
N HIS H 26 -1.93 -78.18 -28.03
CA HIS H 26 -0.94 -79.04 -28.63
C HIS H 26 -1.49 -80.43 -28.86
N GLN H 27 -0.82 -81.14 -29.76
CA GLN H 27 -1.01 -82.56 -29.97
C GLN H 27 0.31 -83.25 -30.26
N ASN H 28 0.64 -84.25 -29.44
CA ASN H 28 1.88 -85.02 -29.59
C ASN H 28 1.59 -86.51 -29.38
N SER H 29 2.63 -87.32 -29.21
CA SER H 29 2.53 -88.73 -28.80
C SER H 29 1.78 -88.93 -27.47
N GLU H 30 2.21 -88.20 -26.43
CA GLU H 30 1.59 -88.28 -25.11
C GLU H 30 0.07 -87.91 -25.11
N GLY H 31 -0.44 -87.31 -26.19
CA GLY H 31 -1.87 -87.01 -26.35
C GLY H 31 -2.10 -85.53 -26.61
N THR H 32 -3.37 -85.11 -26.74
CA THR H 32 -3.67 -83.64 -26.84
C THR H 32 -3.81 -83.00 -25.46
N GLY H 33 -3.98 -81.68 -25.45
CA GLY H 33 -4.07 -80.90 -24.21
C GLY H 33 -4.04 -79.43 -24.52
N GLN H 34 -4.42 -78.62 -23.54
CA GLN H 34 -4.62 -77.19 -23.73
C GLN H 34 -4.03 -76.41 -22.53
N ALA H 35 -3.78 -75.10 -22.71
CA ALA H 35 -3.32 -74.25 -21.59
C ALA H 35 -3.19 -72.78 -21.99
N ALA H 36 -3.67 -71.89 -21.13
CA ALA H 36 -3.73 -70.47 -21.47
C ALA H 36 -2.44 -69.72 -21.15
N ASP H 37 -2.11 -68.75 -22.02
CA ASP H 37 -0.97 -67.84 -21.86
C ASP H 37 -1.44 -66.61 -21.11
N LEU H 38 -1.15 -66.60 -19.81
CA LEU H 38 -1.72 -65.62 -18.90
C LEU H 38 -1.10 -64.22 -19.10
N LYS H 39 0.12 -64.17 -19.57
CA LYS H 39 0.80 -62.90 -19.73
C LYS H 39 0.18 -62.06 -20.84
N SER H 40 -0.11 -62.68 -21.98
CA SER H 40 -0.60 -61.91 -23.11
C SER H 40 -2.07 -61.69 -22.89
N THR H 41 -2.68 -62.49 -22.04
CA THR H 41 -4.05 -62.24 -21.68
C THR H 41 -4.17 -60.95 -20.88
N GLN H 42 -3.45 -60.84 -19.78
CA GLN H 42 -3.43 -59.61 -19.01
C GLN H 42 -3.00 -58.40 -19.83
N ALA H 43 -2.02 -58.58 -20.71
CA ALA H 43 -1.64 -57.52 -21.64
C ALA H 43 -2.83 -56.87 -22.39
N ALA H 44 -3.76 -57.69 -22.88
CA ALA H 44 -4.94 -57.19 -23.55
C ALA H 44 -5.80 -56.51 -22.53
N ILE H 45 -6.08 -57.23 -21.45
CA ILE H 45 -6.91 -56.70 -20.37
C ILE H 45 -6.38 -55.34 -19.96
N ASP H 46 -5.13 -55.25 -19.56
CA ASP H 46 -4.64 -54.00 -19.00
C ASP H 46 -4.88 -52.81 -19.92
N GLN H 47 -4.82 -53.01 -21.22
CA GLN H 47 -5.13 -51.93 -22.16
C GLN H 47 -6.60 -51.55 -22.19
N ILE H 48 -7.47 -52.52 -22.41
CA ILE H 48 -8.92 -52.31 -22.32
C ILE H 48 -9.32 -51.65 -21.01
N ASN H 49 -8.91 -52.24 -19.89
CA ASN H 49 -9.02 -51.64 -18.60
C ASN H 49 -8.69 -50.15 -18.63
N GLY H 50 -7.45 -49.81 -19.00
CA GLY H 50 -7.01 -48.40 -18.93
C GLY H 50 -7.70 -47.46 -19.91
N LYS H 51 -8.06 -47.96 -21.07
CA LYS H 51 -8.84 -47.25 -22.06
C LYS H 51 -10.20 -46.96 -21.49
N LEU H 52 -10.78 -47.97 -20.87
CA LEU H 52 -12.13 -47.88 -20.31
C LEU H 52 -12.14 -46.89 -19.16
N ASN H 53 -11.17 -47.02 -18.26
CA ASN H 53 -10.99 -46.03 -17.21
C ASN H 53 -10.88 -44.59 -17.69
N ARG H 54 -10.26 -44.32 -18.85
CA ARG H 54 -10.15 -42.94 -19.32
C ARG H 54 -11.48 -42.46 -19.72
N VAL H 55 -12.28 -43.31 -20.33
CA VAL H 55 -13.56 -42.85 -20.84
C VAL H 55 -14.48 -42.48 -19.71
N ILE H 56 -14.61 -43.35 -18.72
CA ILE H 56 -15.54 -43.13 -17.64
C ILE H 56 -14.88 -42.36 -16.48
N GLU H 57 -13.65 -41.87 -16.65
CA GLU H 57 -13.03 -41.01 -15.63
C GLU H 57 -13.96 -39.86 -15.41
N LYS H 58 -14.29 -39.71 -14.14
CA LYS H 58 -15.52 -39.05 -13.73
C LYS H 58 -15.80 -37.75 -14.51
N THR H 59 -17.04 -37.66 -14.97
CA THR H 59 -17.49 -36.59 -15.81
C THR H 59 -17.56 -35.27 -15.00
N ASN H 60 -18.21 -34.25 -15.53
CA ASN H 60 -18.19 -33.01 -14.79
C ASN H 60 -19.43 -32.33 -14.29
N GLU H 61 -19.21 -31.50 -13.27
CA GLU H 61 -20.26 -31.03 -12.37
C GLU H 61 -20.75 -29.74 -12.90
N LYS H 62 -22.06 -29.56 -12.90
CA LYS H 62 -22.68 -28.33 -13.34
C LYS H 62 -23.82 -28.05 -12.38
N PHE H 63 -24.03 -26.77 -12.09
CA PHE H 63 -25.04 -26.36 -11.13
C PHE H 63 -26.07 -25.45 -11.76
N HIS H 64 -26.09 -24.16 -11.43
CA HIS H 64 -27.14 -23.27 -11.95
C HIS H 64 -26.85 -22.97 -13.40
N GLN H 65 -27.64 -23.55 -14.31
CA GLN H 65 -27.47 -23.31 -15.72
C GLN H 65 -28.62 -22.46 -16.23
N ILE H 66 -28.90 -22.49 -17.53
CA ILE H 66 -30.08 -21.81 -18.09
C ILE H 66 -31.33 -22.67 -18.00
N GLU H 67 -32.50 -22.08 -18.25
CA GLU H 67 -33.74 -22.88 -18.27
C GLU H 67 -33.81 -23.55 -19.63
N LYS H 68 -34.40 -24.74 -19.67
CA LYS H 68 -34.47 -25.51 -20.90
C LYS H 68 -35.87 -25.99 -21.25
N GLU H 69 -36.83 -25.85 -20.36
CA GLU H 69 -38.24 -26.10 -20.69
C GLU H 69 -38.94 -24.79 -20.45
N PHE H 70 -40.08 -24.57 -21.10
CA PHE H 70 -40.78 -23.29 -21.04
C PHE H 70 -42.27 -23.51 -21.16
N SER H 71 -43.07 -22.75 -20.45
CA SER H 71 -44.51 -22.91 -20.57
C SER H 71 -45.12 -22.02 -21.66
N GLU H 72 -44.78 -20.73 -21.67
CA GLU H 72 -45.40 -19.72 -22.57
C GLU H 72 -44.46 -19.39 -23.75
N VAL H 73 -44.98 -18.72 -24.76
CA VAL H 73 -44.21 -18.41 -25.95
C VAL H 73 -43.62 -17.05 -25.77
N GLU H 74 -42.31 -16.90 -25.83
CA GLU H 74 -41.69 -15.59 -25.58
C GLU H 74 -41.04 -14.95 -26.83
N GLY H 75 -40.84 -15.77 -27.87
CA GLY H 75 -40.09 -15.33 -29.04
C GLY H 75 -38.61 -15.24 -28.74
N ARG H 76 -38.00 -14.14 -29.14
CA ARG H 76 -36.58 -14.10 -29.40
C ARG H 76 -35.61 -14.73 -28.39
N ILE H 77 -35.72 -14.39 -27.11
CA ILE H 77 -34.76 -14.94 -26.13
C ILE H 77 -34.95 -16.43 -25.99
N GLN H 78 -36.19 -16.85 -25.80
CA GLN H 78 -36.47 -18.26 -25.70
C GLN H 78 -35.98 -19.00 -26.92
N ASP H 79 -36.24 -18.48 -28.11
CA ASP H 79 -35.73 -19.11 -29.32
C ASP H 79 -34.21 -19.38 -29.20
N LEU H 80 -33.48 -18.42 -28.63
CA LEU H 80 -32.06 -18.51 -28.50
C LEU H 80 -31.67 -19.50 -27.40
N GLU H 81 -32.29 -19.42 -26.25
CA GLU H 81 -32.05 -20.41 -25.18
C GLU H 81 -32.27 -21.87 -25.63
N LYS H 82 -33.19 -22.08 -26.56
CA LYS H 82 -33.48 -23.41 -27.05
C LYS H 82 -32.47 -23.82 -28.10
N TYR H 83 -32.05 -22.85 -28.91
CA TYR H 83 -31.03 -23.12 -29.95
C TYR H 83 -29.68 -23.42 -29.34
N VAL H 84 -29.32 -22.71 -28.29
CA VAL H 84 -28.09 -22.95 -27.60
C VAL H 84 -28.08 -24.37 -27.05
N GLU H 85 -29.10 -24.73 -26.31
CA GLU H 85 -29.08 -26.03 -25.67
C GLU H 85 -29.22 -27.13 -26.68
N ASP H 86 -29.92 -26.92 -27.79
CA ASP H 86 -30.02 -27.99 -28.77
C ASP H 86 -28.63 -28.19 -29.42
N THR H 87 -28.03 -27.09 -29.85
CA THR H 87 -26.71 -27.12 -30.48
C THR H 87 -25.69 -27.84 -29.61
N LYS H 88 -25.74 -27.61 -28.31
CA LYS H 88 -24.89 -28.31 -27.37
C LYS H 88 -25.11 -29.78 -27.51
N ILE H 89 -26.35 -30.20 -27.34
CA ILE H 89 -26.69 -31.62 -27.31
C ILE H 89 -26.22 -32.37 -28.55
N ASP H 90 -26.55 -31.81 -29.70
CA ASP H 90 -26.20 -32.39 -30.96
C ASP H 90 -24.69 -32.63 -31.04
N LEU H 91 -23.88 -31.67 -30.61
CA LEU H 91 -22.44 -31.87 -30.64
C LEU H 91 -22.00 -32.95 -29.70
N TRP H 92 -22.27 -32.82 -28.41
CA TRP H 92 -21.91 -33.89 -27.47
C TRP H 92 -22.33 -35.25 -27.94
N SER H 93 -23.51 -35.32 -28.55
CA SER H 93 -24.00 -36.61 -29.08
C SER H 93 -23.06 -37.15 -30.16
N TYR H 94 -22.65 -36.32 -31.09
CA TYR H 94 -21.67 -36.71 -32.09
C TYR H 94 -20.41 -37.17 -31.40
N ASN H 95 -19.91 -36.41 -30.44
CA ASN H 95 -18.67 -36.79 -29.76
C ASN H 95 -18.76 -38.23 -29.24
N ALA H 96 -19.89 -38.54 -28.62
CA ALA H 96 -20.06 -39.83 -28.03
C ALA H 96 -20.15 -40.91 -29.07
N GLU H 97 -20.87 -40.68 -30.16
CA GLU H 97 -20.97 -41.70 -31.20
C GLU H 97 -19.58 -42.00 -31.73
N LEU H 98 -18.81 -40.95 -32.03
CA LEU H 98 -17.49 -41.11 -32.63
C LEU H 98 -16.57 -41.77 -31.65
N LEU H 99 -16.58 -41.30 -30.42
CA LEU H 99 -15.73 -41.92 -29.43
C LEU H 99 -15.87 -43.43 -29.41
N VAL H 100 -17.04 -43.90 -29.02
CA VAL H 100 -17.30 -45.32 -28.95
C VAL H 100 -16.82 -46.05 -30.23
N ALA H 101 -17.19 -45.52 -31.39
CA ALA H 101 -16.80 -46.18 -32.62
C ALA H 101 -15.29 -46.34 -32.69
N LEU H 102 -14.55 -45.24 -32.55
CA LEU H 102 -13.08 -45.32 -32.54
C LEU H 102 -12.59 -46.33 -31.53
N GLU H 103 -13.00 -46.14 -30.29
CA GLU H 103 -12.54 -46.98 -29.20
C GLU H 103 -12.76 -48.44 -29.48
N ASN H 104 -13.81 -48.75 -30.22
CA ASN H 104 -14.15 -50.15 -30.49
C ASN H 104 -13.29 -50.75 -31.58
N GLN H 105 -13.24 -50.08 -32.71
CA GLN H 105 -12.36 -50.47 -33.78
C GLN H 105 -10.96 -50.74 -33.21
N HIS H 106 -10.53 -49.95 -32.24
CA HIS H 106 -9.23 -50.08 -31.62
C HIS H 106 -9.22 -51.31 -30.75
N THR H 107 -10.15 -51.40 -29.80
CA THR H 107 -10.24 -52.56 -28.90
C THR H 107 -10.21 -53.88 -29.65
N ILE H 108 -10.77 -53.91 -30.86
CA ILE H 108 -10.67 -55.09 -31.74
C ILE H 108 -9.24 -55.32 -32.22
N ASP H 109 -8.66 -54.32 -32.91
CA ASP H 109 -7.29 -54.38 -33.46
C ASP H 109 -6.20 -54.56 -32.41
N LEU H 110 -6.50 -54.16 -31.19
CA LEU H 110 -5.64 -54.38 -30.05
C LEU H 110 -5.54 -55.85 -29.66
N THR H 111 -6.70 -56.51 -29.65
CA THR H 111 -6.82 -57.89 -29.23
C THR H 111 -6.42 -58.86 -30.34
N ASP H 112 -6.65 -58.44 -31.59
CA ASP H 112 -6.22 -59.23 -32.75
C ASP H 112 -4.71 -59.19 -32.82
N SER H 113 -4.12 -58.06 -32.52
CA SER H 113 -2.69 -57.96 -32.51
C SER H 113 -2.08 -58.73 -31.35
N GLU H 114 -2.81 -58.89 -30.26
CA GLU H 114 -2.22 -59.58 -29.13
C GLU H 114 -2.03 -61.03 -29.43
N MET H 115 -3.03 -61.61 -30.09
CA MET H 115 -2.95 -62.99 -30.57
C MET H 115 -1.81 -63.13 -31.55
N ASN H 116 -1.87 -62.29 -32.56
CA ASN H 116 -0.80 -62.15 -33.51
C ASN H 116 0.61 -62.07 -32.94
N LYS H 117 0.77 -61.31 -31.88
CA LYS H 117 2.07 -61.18 -31.27
C LYS H 117 2.53 -62.44 -30.57
N LEU H 118 1.61 -63.10 -29.87
CA LEU H 118 1.92 -64.37 -29.20
C LEU H 118 2.41 -65.39 -30.21
N PHE H 119 1.78 -65.42 -31.37
CA PHE H 119 2.17 -66.34 -32.41
C PHE H 119 3.60 -66.12 -32.83
N GLU H 120 3.97 -64.86 -33.11
CA GLU H 120 5.33 -64.55 -33.51
C GLU H 120 6.31 -64.95 -32.44
N LYS H 121 6.10 -64.51 -31.21
CA LYS H 121 6.94 -64.95 -30.07
C LYS H 121 7.23 -66.43 -30.16
N THR H 122 6.19 -67.21 -30.43
CA THR H 122 6.31 -68.65 -30.50
C THR H 122 7.09 -69.14 -31.73
N ARG H 123 6.93 -68.45 -32.85
CA ARG H 123 7.69 -68.78 -34.06
C ARG H 123 9.19 -68.47 -33.91
N ARG H 124 9.54 -67.37 -33.25
CA ARG H 124 10.95 -66.96 -33.11
C ARG H 124 11.65 -67.92 -32.21
N GLN H 125 10.86 -68.54 -31.36
CA GLN H 125 11.36 -69.50 -30.40
C GLN H 125 11.72 -70.84 -31.06
N LEU H 126 10.82 -71.34 -31.88
CA LEU H 126 11.04 -72.59 -32.57
C LEU H 126 12.13 -72.51 -33.64
N ARG H 127 12.55 -71.30 -34.01
CA ARG H 127 13.54 -71.10 -35.06
C ARG H 127 13.33 -72.08 -36.20
N GLU H 128 14.28 -72.95 -36.52
CA GLU H 128 14.20 -73.71 -37.78
C GLU H 128 13.78 -75.17 -37.55
N ASN H 129 13.11 -75.42 -36.43
CA ASN H 129 12.70 -76.76 -36.05
C ASN H 129 11.21 -77.00 -36.30
N ALA H 130 10.53 -76.07 -36.98
CA ALA H 130 9.08 -76.20 -37.22
C ALA H 130 8.57 -75.28 -38.32
N GLU H 131 7.40 -75.56 -38.87
CA GLU H 131 6.86 -74.78 -40.02
C GLU H 131 5.44 -74.29 -39.71
N ASP H 132 5.05 -73.16 -40.32
CA ASP H 132 3.70 -72.64 -40.10
C ASP H 132 2.70 -73.29 -41.01
N MET H 133 1.83 -74.09 -40.42
CA MET H 133 0.87 -74.89 -41.15
C MET H 133 -0.10 -74.07 -41.99
N GLY H 134 -0.35 -72.83 -41.61
CA GLY H 134 -1.16 -71.95 -42.43
C GLY H 134 -2.44 -71.57 -41.74
N ASN H 135 -2.81 -72.27 -40.68
CA ASN H 135 -4.00 -71.98 -39.86
C ASN H 135 -3.61 -71.54 -38.44
N GLY H 136 -2.43 -70.96 -38.31
CA GLY H 136 -1.91 -70.57 -37.01
C GLY H 136 -1.56 -71.73 -36.09
N CYS H 137 -1.12 -72.82 -36.70
CA CYS H 137 -0.53 -73.90 -35.96
C CYS H 137 0.90 -74.08 -36.41
N PHE H 138 1.62 -74.93 -35.69
CA PHE H 138 2.97 -75.28 -36.07
C PHE H 138 3.07 -76.79 -36.22
N LYS H 139 3.74 -77.24 -37.27
CA LYS H 139 4.14 -78.64 -37.33
C LYS H 139 5.59 -78.62 -36.84
N ILE H 140 5.76 -79.04 -35.59
CA ILE H 140 7.06 -79.16 -34.98
C ILE H 140 7.61 -80.46 -35.48
N TYR H 141 8.82 -80.45 -36.00
CA TYR H 141 9.38 -81.64 -36.67
C TYR H 141 10.29 -82.47 -35.76
N HIS H 142 9.83 -82.79 -34.57
CA HIS H 142 10.57 -83.69 -33.72
C HIS H 142 9.70 -84.21 -32.60
N LYS H 143 10.22 -85.18 -31.85
CA LYS H 143 9.43 -85.73 -30.76
C LYS H 143 9.41 -84.69 -29.66
N CYS H 144 8.25 -84.04 -29.54
CA CYS H 144 8.03 -83.02 -28.54
C CYS H 144 6.99 -83.54 -27.54
N ASP H 145 7.47 -84.23 -26.52
CA ASP H 145 6.65 -84.70 -25.38
C ASP H 145 6.21 -83.53 -24.52
N ASN H 146 5.42 -83.81 -23.50
CA ASN H 146 4.80 -82.74 -22.71
C ASN H 146 5.78 -81.81 -21.99
N ALA H 147 6.93 -82.32 -21.56
CA ALA H 147 7.98 -81.46 -20.95
C ALA H 147 8.46 -80.41 -21.93
N CYS H 148 8.81 -80.86 -23.13
CA CYS H 148 9.20 -80.00 -24.25
C CYS H 148 8.12 -78.94 -24.55
N ILE H 149 6.85 -79.33 -24.53
CA ILE H 149 5.76 -78.40 -24.83
C ILE H 149 5.73 -77.27 -23.81
N GLU H 150 5.67 -77.57 -22.51
CA GLU H 150 5.66 -76.47 -21.51
C GLU H 150 6.97 -75.69 -21.65
N SER H 151 8.05 -76.32 -22.10
CA SER H 151 9.30 -75.56 -22.29
C SER H 151 9.12 -74.43 -23.28
N ILE H 152 8.29 -74.67 -24.29
CA ILE H 152 7.93 -73.65 -25.28
C ILE H 152 7.06 -72.61 -24.66
N ARG H 153 5.97 -73.06 -24.06
CA ARG H 153 5.00 -72.16 -23.48
C ARG H 153 5.61 -71.23 -22.46
N ASN H 154 6.49 -71.74 -21.62
CA ASN H 154 7.10 -70.92 -20.58
C ASN H 154 8.43 -70.27 -20.98
N GLY H 155 8.75 -70.24 -22.28
CA GLY H 155 9.88 -69.45 -22.80
C GLY H 155 11.28 -70.00 -22.60
N THR H 156 11.45 -71.31 -22.62
CA THR H 156 12.75 -71.89 -22.33
C THR H 156 13.25 -72.91 -23.38
N TYR H 157 12.42 -73.18 -24.40
CA TYR H 157 12.74 -74.17 -25.44
C TYR H 157 14.07 -73.81 -26.09
N ASP H 158 15.06 -74.66 -25.92
CA ASP H 158 16.36 -74.48 -26.55
C ASP H 158 16.27 -75.19 -27.89
N HIS H 159 16.28 -74.43 -28.99
CA HIS H 159 16.26 -75.01 -30.33
C HIS H 159 17.59 -75.71 -30.64
N ASP H 160 18.73 -75.12 -30.20
CA ASP H 160 20.08 -75.62 -30.54
C ASP H 160 20.07 -77.13 -30.18
N VAL H 161 19.23 -77.55 -29.22
CA VAL H 161 19.06 -78.98 -28.80
C VAL H 161 18.36 -79.92 -29.79
N TYR H 162 17.14 -79.61 -30.21
CA TYR H 162 16.45 -80.46 -31.20
C TYR H 162 16.75 -80.08 -32.65
N ARG H 163 17.82 -79.32 -32.91
CA ARG H 163 18.06 -78.76 -34.24
C ARG H 163 18.21 -79.90 -35.18
N ASP H 164 19.20 -80.75 -34.89
CA ASP H 164 19.61 -81.79 -35.82
C ASP H 164 18.44 -82.72 -36.12
N GLU H 165 17.75 -83.19 -35.08
CA GLU H 165 16.60 -84.08 -35.27
C GLU H 165 15.59 -83.48 -36.26
N ALA H 166 15.15 -82.27 -35.94
CA ALA H 166 14.08 -81.57 -36.66
C ALA H 166 14.48 -81.27 -38.08
N LEU H 167 15.67 -80.69 -38.19
CA LEU H 167 16.25 -80.23 -39.44
C LEU H 167 16.27 -81.33 -40.46
N ASN H 168 16.56 -82.54 -40.00
CA ASN H 168 16.66 -83.69 -40.88
C ASN H 168 15.30 -84.33 -41.28
N ASN H 169 14.33 -84.41 -40.37
CA ASN H 169 12.96 -84.81 -40.75
C ASN H 169 12.33 -83.87 -41.76
N ARG H 170 12.69 -82.60 -41.66
CA ARG H 170 12.19 -81.58 -42.57
C ARG H 170 12.68 -81.73 -43.99
N PHE H 171 13.94 -82.10 -44.16
CA PHE H 171 14.57 -82.05 -45.48
C PHE H 171 14.94 -83.41 -46.16
N GLN H 172 15.05 -84.50 -45.38
CA GLN H 172 15.61 -85.77 -45.85
C GLN H 172 14.89 -86.98 -45.24
N PHE I 9 10.44 -57.65 -30.33
CA PHE I 9 11.73 -58.36 -30.60
C PHE I 9 12.82 -57.75 -29.69
N ILE I 10 13.38 -56.61 -30.08
CA ILE I 10 14.36 -55.87 -29.29
C ILE I 10 13.54 -55.50 -28.08
N GLU I 11 13.66 -56.26 -27.01
CA GLU I 11 12.97 -55.91 -25.76
C GLU I 11 13.52 -54.60 -25.17
N ASN I 12 14.63 -54.07 -25.72
CA ASN I 12 15.26 -52.80 -25.31
C ASN I 12 15.55 -51.83 -26.48
N GLY I 13 16.14 -50.69 -26.17
CA GLY I 13 16.63 -49.78 -27.21
C GLY I 13 17.96 -49.17 -26.83
N TRP I 14 18.66 -48.64 -27.82
CA TRP I 14 20.05 -48.27 -27.64
C TRP I 14 20.20 -46.84 -27.26
N GLU I 15 20.71 -46.61 -26.06
CA GLU I 15 21.18 -45.29 -25.69
C GLU I 15 22.51 -45.12 -26.36
N GLY I 16 22.91 -43.87 -26.54
CA GLY I 16 24.20 -43.60 -27.13
C GLY I 16 24.21 -43.72 -28.64
N MET I 17 23.11 -44.14 -29.26
CA MET I 17 23.00 -44.00 -30.70
C MET I 17 22.64 -42.56 -31.01
N ILE I 18 23.58 -41.77 -31.53
CA ILE I 18 23.30 -40.37 -31.83
C ILE I 18 23.56 -40.08 -33.32
N ASP I 19 23.81 -41.10 -34.10
CA ASP I 19 24.00 -40.93 -35.53
C ASP I 19 22.57 -40.60 -36.17
N GLY I 20 21.50 -41.20 -35.63
CA GLY I 20 20.12 -41.14 -36.16
C GLY I 20 19.10 -41.80 -35.22
N TRP I 21 18.00 -42.32 -35.73
CA TRP I 21 16.91 -42.85 -34.90
C TRP I 21 16.76 -44.37 -34.93
N TYR I 22 17.15 -44.98 -36.05
CA TYR I 22 17.18 -46.46 -36.20
C TYR I 22 18.54 -46.86 -36.73
N GLY I 23 19.04 -48.03 -36.34
CA GLY I 23 20.41 -48.40 -36.72
C GLY I 23 20.75 -49.86 -36.77
N PHE I 24 22.01 -50.10 -37.11
CA PHE I 24 22.57 -51.43 -37.16
C PHE I 24 23.77 -51.61 -36.23
N ARG I 25 23.74 -52.63 -35.38
CA ARG I 25 24.89 -52.99 -34.59
C ARG I 25 25.33 -54.37 -35.00
N HIS I 26 26.54 -54.44 -35.58
CA HIS I 26 27.07 -55.69 -36.07
C HIS I 26 28.25 -56.17 -35.24
N GLN I 27 28.50 -57.46 -35.35
CA GLN I 27 29.69 -58.10 -34.80
C GLN I 27 30.17 -59.18 -35.74
N ASN I 28 31.44 -59.05 -36.16
CA ASN I 28 32.08 -60.02 -37.04
C ASN I 28 33.51 -60.25 -36.58
N SER I 29 34.31 -60.89 -37.43
CA SER I 29 35.76 -61.07 -37.23
C SER I 29 36.48 -59.74 -37.05
N GLU I 30 36.28 -58.83 -38.00
CA GLU I 30 36.95 -57.53 -37.99
C GLU I 30 36.62 -56.71 -36.71
N GLY I 31 35.60 -57.11 -35.94
CA GLY I 31 35.26 -56.46 -34.66
C GLY I 31 33.81 -56.00 -34.62
N THR I 32 33.36 -55.38 -33.51
CA THR I 32 32.01 -54.78 -33.49
C THR I 32 32.00 -53.35 -34.06
N GLY I 33 30.81 -52.77 -34.18
CA GLY I 33 30.63 -51.42 -34.74
C GLY I 33 29.15 -51.13 -34.95
N GLN I 34 28.83 -49.86 -35.17
CA GLN I 34 27.44 -49.38 -35.18
C GLN I 34 27.25 -48.41 -36.34
N ALA I 35 26.00 -48.17 -36.76
CA ALA I 35 25.70 -47.16 -37.78
C ALA I 35 24.22 -46.98 -38.03
N ALA I 36 23.78 -45.73 -38.20
CA ALA I 36 22.36 -45.47 -38.31
C ALA I 36 21.85 -45.51 -39.73
N ASP I 37 20.58 -45.99 -39.86
CA ASP I 37 19.84 -46.04 -41.13
C ASP I 37 19.06 -44.76 -41.29
N LEU I 38 19.60 -43.86 -42.09
CA LEU I 38 19.08 -42.51 -42.20
C LEU I 38 17.75 -42.42 -42.93
N LYS I 39 17.52 -43.35 -43.85
CA LYS I 39 16.33 -43.28 -44.67
C LYS I 39 15.11 -43.59 -43.85
N SER I 40 15.17 -44.58 -42.99
CA SER I 40 13.99 -44.93 -42.22
C SER I 40 13.86 -43.99 -41.03
N THR I 41 14.95 -43.36 -40.66
CA THR I 41 14.87 -42.31 -39.66
C THR I 41 14.06 -41.11 -40.17
N GLN I 42 14.48 -40.51 -41.27
CA GLN I 42 13.74 -39.43 -41.87
C GLN I 42 12.29 -39.81 -42.15
N ALA I 43 12.05 -41.04 -42.59
CA ALA I 43 10.68 -41.54 -42.79
C ALA I 43 9.77 -41.33 -41.59
N ALA I 44 10.28 -41.61 -40.41
CA ALA I 44 9.53 -41.37 -39.18
C ALA I 44 9.39 -39.89 -38.96
N ILE I 45 10.51 -39.19 -38.97
CA ILE I 45 10.52 -37.75 -38.82
C ILE I 45 9.50 -37.09 -39.76
N ASP I 46 9.61 -37.29 -41.07
CA ASP I 46 8.73 -36.59 -42.00
C ASP I 46 7.26 -36.72 -41.63
N GLN I 47 6.86 -37.87 -41.08
CA GLN I 47 5.47 -38.04 -40.65
C GLN I 47 5.11 -37.23 -39.43
N ILE I 48 5.88 -37.39 -38.37
CA ILE I 48 5.72 -36.60 -37.17
C ILE I 48 5.74 -35.14 -37.52
N ASN I 49 6.77 -34.69 -38.22
CA ASN I 49 6.82 -33.34 -38.77
C ASN I 49 5.49 -32.90 -39.35
N GLY I 50 5.00 -33.60 -40.36
CA GLY I 50 3.79 -33.18 -41.04
C GLY I 50 2.51 -33.22 -40.18
N LYS I 51 2.44 -34.20 -39.29
CA LYS I 51 1.33 -34.36 -38.35
C LYS I 51 1.35 -33.19 -37.42
N LEU I 52 2.54 -32.84 -36.98
CA LEU I 52 2.74 -31.73 -36.06
C LEU I 52 2.39 -30.40 -36.72
N ASN I 53 2.92 -30.17 -37.91
CA ASN I 53 2.51 -29.01 -38.69
C ASN I 53 1.02 -28.84 -38.87
N ARG I 54 0.26 -29.93 -39.02
CA ARG I 54 -1.19 -29.77 -39.26
C ARG I 54 -1.86 -29.36 -37.99
N VAL I 55 -1.35 -29.82 -36.85
CA VAL I 55 -1.96 -29.43 -35.57
C VAL I 55 -1.77 -27.97 -35.27
N ILE I 56 -0.53 -27.48 -35.40
CA ILE I 56 -0.22 -26.10 -35.07
C ILE I 56 -0.36 -25.16 -36.25
N GLU I 57 -0.89 -25.64 -37.37
CA GLU I 57 -1.14 -24.79 -38.53
C GLU I 57 -2.21 -23.73 -38.19
N LYS I 58 -2.00 -22.58 -38.81
CA LYS I 58 -2.53 -21.31 -38.30
C LYS I 58 -3.95 -21.40 -37.76
N THR I 59 -4.10 -20.84 -36.57
CA THR I 59 -5.31 -20.89 -35.77
C THR I 59 -6.44 -19.99 -36.41
N ASN I 60 -7.46 -19.67 -35.63
CA ASN I 60 -8.48 -18.68 -35.96
C ASN I 60 -7.98 -17.25 -35.69
N GLU I 61 -8.70 -16.26 -36.23
CA GLU I 61 -8.78 -14.87 -35.71
C GLU I 61 -10.18 -14.56 -35.21
N LYS I 62 -10.27 -13.86 -34.09
CA LYS I 62 -11.56 -13.43 -33.54
C LYS I 62 -11.37 -12.03 -33.01
N PHE I 63 -12.40 -11.20 -33.18
CA PHE I 63 -12.33 -9.79 -32.82
C PHE I 63 -13.37 -9.41 -31.80
N HIS I 64 -14.40 -8.65 -32.19
CA HIS I 64 -15.42 -8.25 -31.22
C HIS I 64 -16.33 -9.43 -30.89
N GLN I 65 -16.19 -9.99 -29.69
CA GLN I 65 -17.03 -11.11 -29.28
C GLN I 65 -18.06 -10.65 -28.24
N ILE I 66 -18.64 -11.56 -27.45
CA ILE I 66 -19.49 -11.20 -26.33
C ILE I 66 -18.68 -10.89 -25.09
N GLU I 67 -19.32 -10.32 -24.07
CA GLU I 67 -18.63 -10.11 -22.81
C GLU I 67 -18.65 -11.43 -22.03
N LYS I 68 -17.61 -11.68 -21.24
CA LYS I 68 -17.45 -12.95 -20.51
C LYS I 68 -17.13 -12.77 -19.03
N GLU I 69 -16.87 -11.55 -18.58
CA GLU I 69 -16.84 -11.23 -17.15
C GLU I 69 -17.94 -10.21 -16.89
N PHE I 70 -18.43 -10.13 -15.67
CA PHE I 70 -19.55 -9.26 -15.35
C PHE I 70 -19.45 -8.68 -13.95
N SER I 71 -19.85 -7.44 -13.76
CA SER I 71 -19.77 -6.83 -12.44
C SER I 71 -21.04 -7.03 -11.61
N GLU I 72 -22.20 -6.79 -12.20
CA GLU I 72 -23.48 -6.90 -11.50
C GLU I 72 -24.19 -8.19 -11.80
N VAL I 73 -25.27 -8.44 -11.09
CA VAL I 73 -26.09 -9.61 -11.33
C VAL I 73 -27.23 -9.18 -12.21
N GLU I 74 -27.38 -9.77 -13.39
CA GLU I 74 -28.44 -9.33 -14.31
C GLU I 74 -29.54 -10.38 -14.50
N GLY I 75 -29.30 -11.61 -14.05
CA GLY I 75 -30.23 -12.69 -14.32
C GLY I 75 -30.20 -13.10 -15.79
N ARG I 76 -31.36 -13.27 -16.37
CA ARG I 76 -31.52 -14.12 -17.55
C ARG I 76 -30.49 -14.01 -18.70
N ILE I 77 -30.21 -12.81 -19.19
CA ILE I 77 -29.28 -12.68 -20.33
C ILE I 77 -27.88 -13.08 -19.91
N GLN I 78 -27.41 -12.53 -18.82
CA GLN I 78 -26.14 -12.89 -18.32
C GLN I 78 -26.06 -14.40 -18.11
N ASP I 79 -27.07 -15.02 -17.52
CA ASP I 79 -27.05 -16.49 -17.33
C ASP I 79 -26.74 -17.20 -18.65
N LEU I 80 -27.31 -16.68 -19.74
CA LEU I 80 -27.14 -17.28 -21.07
C LEU I 80 -25.76 -16.99 -21.68
N GLU I 81 -25.30 -15.75 -21.61
CA GLU I 81 -23.95 -15.41 -22.05
C GLU I 81 -22.87 -16.24 -21.37
N LYS I 82 -23.11 -16.64 -20.13
CA LYS I 82 -22.11 -17.46 -19.46
C LYS I 82 -22.24 -18.90 -19.74
N TYR I 83 -23.46 -19.36 -19.97
CA TYR I 83 -23.69 -20.74 -20.38
C TYR I 83 -23.12 -21.00 -21.76
N VAL I 84 -23.29 -20.04 -22.68
CA VAL I 84 -22.78 -20.16 -24.02
C VAL I 84 -21.29 -20.29 -23.97
N GLU I 85 -20.62 -19.38 -23.27
CA GLU I 85 -19.15 -19.39 -23.23
C GLU I 85 -18.60 -20.58 -22.45
N ASP I 86 -19.32 -21.06 -21.45
CA ASP I 86 -18.82 -22.24 -20.76
C ASP I 86 -18.96 -23.46 -21.66
N THR I 87 -20.14 -23.64 -22.26
CA THR I 87 -20.40 -24.75 -23.21
C THR I 87 -19.37 -24.83 -24.35
N LYS I 88 -18.97 -23.67 -24.87
CA LYS I 88 -17.89 -23.59 -25.82
C LYS I 88 -16.63 -24.19 -25.27
N ILE I 89 -16.18 -23.66 -24.16
CA ILE I 89 -14.91 -24.06 -23.55
C ILE I 89 -14.82 -25.57 -23.30
N ASP I 90 -15.86 -26.10 -22.66
CA ASP I 90 -15.93 -27.52 -22.33
C ASP I 90 -15.76 -28.38 -23.57
N LEU I 91 -16.41 -28.03 -24.68
CA LEU I 91 -16.23 -28.78 -25.91
C LEU I 91 -14.82 -28.67 -26.45
N TRP I 92 -14.36 -27.47 -26.77
CA TRP I 92 -12.95 -27.31 -27.24
C TRP I 92 -11.94 -28.04 -26.37
N SER I 93 -12.16 -28.03 -25.06
CA SER I 93 -11.28 -28.73 -24.15
C SER I 93 -11.31 -30.24 -24.42
N TYR I 94 -12.49 -30.82 -24.59
CA TYR I 94 -12.60 -32.22 -24.99
C TYR I 94 -11.86 -32.45 -26.30
N ASN I 95 -12.09 -31.59 -27.29
CA ASN I 95 -11.43 -31.76 -28.60
C ASN I 95 -9.92 -31.90 -28.42
N ALA I 96 -9.34 -31.03 -27.59
CA ALA I 96 -7.91 -31.00 -27.41
C ALA I 96 -7.41 -32.24 -26.66
N GLU I 97 -8.13 -32.69 -25.65
CA GLU I 97 -7.70 -33.90 -24.95
C GLU I 97 -7.68 -35.08 -25.89
N LEU I 98 -8.76 -35.22 -26.65
CA LEU I 98 -8.88 -36.35 -27.61
C LEU I 98 -7.85 -36.26 -28.70
N LEU I 99 -7.69 -35.09 -29.31
CA LEU I 99 -6.71 -34.91 -30.35
C LEU I 99 -5.34 -35.46 -29.92
N VAL I 100 -4.74 -34.83 -28.93
CA VAL I 100 -3.45 -35.27 -28.43
C VAL I 100 -3.39 -36.76 -28.17
N ALA I 101 -4.39 -37.31 -27.50
CA ALA I 101 -4.41 -38.76 -27.23
C ALA I 101 -4.33 -39.59 -28.52
N LEU I 102 -5.23 -39.35 -29.47
CA LEU I 102 -5.14 -40.00 -30.76
C LEU I 102 -3.79 -39.83 -31.42
N GLU I 103 -3.40 -38.59 -31.60
CA GLU I 103 -2.14 -38.28 -32.27
C GLU I 103 -0.97 -38.98 -31.67
N ASN I 104 -1.04 -39.23 -30.37
CA ASN I 104 0.06 -39.85 -29.69
C ASN I 104 0.09 -41.34 -29.88
N GLN I 105 -1.02 -41.98 -29.62
CA GLN I 105 -1.16 -43.40 -29.92
C GLN I 105 -0.66 -43.72 -31.32
N HIS I 106 -0.91 -42.81 -32.25
CA HIS I 106 -0.46 -42.94 -33.63
C HIS I 106 1.03 -42.75 -33.73
N THR I 107 1.54 -41.61 -33.28
CA THR I 107 2.98 -41.33 -33.29
C THR I 107 3.81 -42.50 -32.73
N ILE I 108 3.29 -43.21 -31.73
CA ILE I 108 3.93 -44.41 -31.20
C ILE I 108 3.94 -45.50 -32.27
N ASP I 109 2.75 -45.90 -32.75
CA ASP I 109 2.55 -47.03 -33.71
C ASP I 109 3.22 -46.77 -35.04
N LEU I 110 3.42 -45.52 -35.33
CA LEU I 110 4.13 -45.07 -36.50
C LEU I 110 5.61 -45.41 -36.42
N THR I 111 6.20 -45.13 -35.27
CA THR I 111 7.63 -45.32 -35.05
C THR I 111 7.98 -46.77 -34.77
N ASP I 112 7.05 -47.48 -34.14
CA ASP I 112 7.23 -48.92 -33.87
C ASP I 112 7.17 -49.65 -35.18
N SER I 113 6.31 -49.20 -36.09
CA SER I 113 6.24 -49.82 -37.39
C SER I 113 7.45 -49.49 -38.24
N GLU I 114 8.06 -48.36 -38.00
CA GLU I 114 9.20 -48.02 -38.83
C GLU I 114 10.35 -48.95 -38.56
N MET I 115 10.57 -49.25 -37.29
CA MET I 115 11.62 -50.20 -36.85
C MET I 115 11.32 -51.54 -37.42
N ASN I 116 10.11 -51.97 -37.15
CA ASN I 116 9.57 -53.18 -37.69
C ASN I 116 9.81 -53.35 -39.18
N LYS I 117 9.61 -52.28 -39.93
CA LYS I 117 9.77 -52.37 -41.36
C LYS I 117 11.21 -52.53 -41.76
N LEU I 118 12.10 -51.82 -41.11
CA LEU I 118 13.52 -51.91 -41.42
C LEU I 118 13.99 -53.31 -41.19
N PHE I 119 13.49 -53.94 -40.14
CA PHE I 119 13.89 -55.30 -39.85
C PHE I 119 13.52 -56.24 -40.98
N GLU I 120 12.29 -56.17 -41.44
CA GLU I 120 11.85 -56.99 -42.56
C GLU I 120 12.69 -56.74 -43.78
N LYS I 121 12.81 -55.50 -44.21
CA LYS I 121 13.70 -55.16 -45.33
C LYS I 121 14.99 -55.93 -45.23
N THR I 122 15.57 -55.95 -44.04
CA THR I 122 16.86 -56.58 -43.83
C THR I 122 16.78 -58.11 -43.88
N ARG I 123 15.68 -58.67 -43.41
CA ARG I 123 15.45 -60.12 -43.52
C ARG I 123 15.25 -60.57 -45.00
N ARG I 124 14.52 -59.80 -45.80
CA ARG I 124 14.22 -60.19 -47.17
C ARG I 124 15.50 -60.15 -47.95
N GLN I 125 16.43 -59.34 -47.47
CA GLN I 125 17.67 -59.12 -48.17
C GLN I 125 18.59 -60.30 -47.98
N LEU I 126 18.70 -60.74 -46.73
CA LEU I 126 19.57 -61.85 -46.41
C LEU I 126 19.05 -63.17 -46.98
N ARG I 127 17.81 -63.20 -47.44
CA ARG I 127 17.17 -64.42 -47.94
C ARG I 127 17.56 -65.62 -47.08
N GLU I 128 18.21 -66.64 -47.63
CA GLU I 128 18.35 -67.91 -46.92
C GLU I 128 19.74 -68.09 -46.33
N ASN I 129 20.46 -66.98 -46.13
CA ASN I 129 21.83 -67.00 -45.64
C ASN I 129 21.94 -66.63 -44.15
N ALA I 130 20.80 -66.52 -43.46
CA ALA I 130 20.81 -66.11 -42.05
C ALA I 130 19.49 -66.40 -41.35
N GLU I 131 19.48 -66.40 -40.02
CA GLU I 131 18.28 -66.77 -39.26
C GLU I 131 17.97 -65.72 -38.19
N ASP I 132 16.69 -65.60 -37.79
CA ASP I 132 16.31 -64.61 -36.78
C ASP I 132 16.54 -65.15 -35.40
N MET I 133 17.52 -64.57 -34.73
CA MET I 133 17.91 -65.04 -33.42
C MET I 133 16.80 -64.97 -32.36
N GLY I 134 15.85 -64.05 -32.52
CA GLY I 134 14.70 -63.99 -31.62
C GLY I 134 14.63 -62.69 -30.87
N ASN I 135 15.72 -61.95 -30.83
CA ASN I 135 15.77 -60.65 -30.16
C ASN I 135 15.97 -59.50 -31.17
N GLY I 136 15.49 -59.72 -32.39
CA GLY I 136 15.72 -58.75 -33.46
C GLY I 136 17.17 -58.61 -33.92
N CYS I 137 17.90 -59.72 -33.85
CA CYS I 137 19.19 -59.82 -34.49
C CYS I 137 19.17 -60.89 -35.55
N PHE I 138 20.24 -60.95 -36.31
CA PHE I 138 20.43 -62.01 -37.26
C PHE I 138 21.74 -62.77 -36.97
N LYS I 139 21.68 -64.09 -37.06
CA LYS I 139 22.91 -64.88 -37.13
C LYS I 139 23.11 -65.13 -38.61
N ILE I 140 24.04 -64.36 -39.18
CA ILE I 140 24.44 -64.50 -40.57
C ILE I 140 25.39 -65.65 -40.60
N TYR I 141 25.16 -66.61 -41.49
CA TYR I 141 25.93 -67.85 -41.47
C TYR I 141 27.06 -67.84 -42.49
N HIS I 142 27.87 -66.81 -42.49
CA HIS I 142 29.07 -66.80 -43.32
C HIS I 142 30.02 -65.69 -42.91
N LYS I 143 31.22 -65.67 -43.51
CA LYS I 143 32.18 -64.64 -43.14
C LYS I 143 31.67 -63.39 -43.72
N CYS I 144 31.15 -62.52 -42.87
CA CYS I 144 30.69 -61.23 -43.28
C CYS I 144 31.57 -60.14 -42.66
N ASP I 145 32.64 -59.79 -43.40
CA ASP I 145 33.55 -58.66 -43.06
C ASP I 145 32.86 -57.33 -43.25
N ASN I 146 33.55 -56.26 -42.90
CA ASN I 146 32.93 -54.94 -42.90
C ASN I 146 32.38 -54.46 -44.24
N ALA I 147 33.04 -54.82 -45.33
CA ALA I 147 32.53 -54.47 -46.67
C ALA I 147 31.14 -55.07 -46.85
N CYS I 148 31.05 -56.38 -46.58
CA CYS I 148 29.80 -57.14 -46.68
C CYS I 148 28.74 -56.51 -45.81
N ILE I 149 29.10 -56.07 -44.61
CA ILE I 149 28.13 -55.45 -43.71
C ILE I 149 27.54 -54.19 -44.34
N GLU I 150 28.37 -53.20 -44.76
CA GLU I 150 27.79 -51.98 -45.37
C GLU I 150 27.04 -52.39 -46.61
N SER I 151 27.43 -53.49 -47.25
CA SER I 151 26.66 -53.94 -48.43
C SER I 151 25.21 -54.22 -48.10
N ILE I 152 24.98 -54.74 -46.89
CA ILE I 152 23.64 -54.98 -46.40
C ILE I 152 22.96 -53.68 -46.09
N ARG I 153 23.62 -52.88 -45.28
CA ARG I 153 23.07 -51.62 -44.84
C ARG I 153 22.66 -50.73 -45.98
N ASN I 154 23.50 -50.64 -47.01
CA ASN I 154 23.22 -49.76 -48.14
C ASN I 154 22.46 -50.44 -49.29
N GLY I 155 21.89 -51.61 -49.05
CA GLY I 155 20.95 -52.22 -49.98
C GLY I 155 21.55 -52.87 -51.22
N THR I 156 22.74 -53.45 -51.09
CA THR I 156 23.38 -54.08 -52.23
C THR I 156 23.86 -55.54 -52.03
N TYR I 157 23.62 -56.10 -50.83
CA TYR I 157 24.04 -57.44 -50.51
C TYR I 157 23.41 -58.41 -51.54
N ASP I 158 24.27 -59.07 -52.32
CA ASP I 158 23.84 -60.14 -53.25
C ASP I 158 23.93 -61.45 -52.51
N HIS I 159 22.77 -62.04 -52.21
CA HIS I 159 22.76 -63.32 -51.51
C HIS I 159 23.25 -64.44 -52.41
N ASP I 160 22.91 -64.37 -53.70
CA ASP I 160 23.22 -65.44 -54.66
C ASP I 160 24.75 -65.72 -54.49
N VAL I 161 25.51 -64.73 -54.04
CA VAL I 161 26.97 -64.85 -53.79
C VAL I 161 27.38 -65.68 -52.58
N TYR I 162 26.91 -65.36 -51.39
CA TYR I 162 27.26 -66.16 -50.21
C TYR I 162 26.30 -67.34 -49.96
N ARG I 163 25.51 -67.75 -50.97
CA ARG I 163 24.42 -68.73 -50.77
C ARG I 163 25.03 -70.01 -50.31
N ASP I 164 25.94 -70.54 -51.13
CA ASP I 164 26.51 -71.86 -50.92
C ASP I 164 27.22 -71.93 -49.58
N GLU I 165 28.09 -70.97 -49.29
CA GLU I 165 28.78 -70.93 -47.99
C GLU I 165 27.81 -71.05 -46.82
N ALA I 166 26.85 -70.14 -46.80
CA ALA I 166 25.91 -69.98 -45.70
C ALA I 166 25.05 -71.19 -45.55
N LEU I 167 24.49 -71.59 -46.68
CA LEU I 167 23.52 -72.64 -46.78
C LEU I 167 24.09 -73.90 -46.16
N ASN I 168 25.39 -74.10 -46.33
CA ASN I 168 26.04 -75.30 -45.86
C ASN I 168 26.41 -75.28 -44.37
N ASN I 169 26.84 -74.14 -43.85
CA ASN I 169 27.02 -73.99 -42.38
C ASN I 169 25.76 -74.15 -41.60
N ARG I 170 24.67 -73.74 -42.21
CA ARG I 170 23.36 -73.88 -41.60
C ARG I 170 22.88 -75.34 -41.48
N PHE I 171 23.13 -76.16 -42.49
CA PHE I 171 22.48 -77.48 -42.57
C PHE I 171 23.42 -78.63 -42.20
N GLN I 172 24.71 -78.32 -42.16
CA GLN I 172 25.72 -79.26 -41.72
C GLN I 172 26.18 -78.90 -40.29
N ILE I 173 27.45 -79.17 -39.95
CA ILE I 173 28.03 -79.13 -38.58
C ILE I 173 27.01 -79.46 -37.45
N PHE J 9 7.12 -53.47 -50.07
CA PHE J 9 7.63 -54.53 -50.96
C PHE J 9 7.47 -54.02 -52.41
N ILE J 10 6.27 -54.16 -52.96
CA ILE J 10 5.97 -53.72 -54.31
C ILE J 10 6.19 -52.21 -54.19
N GLU J 11 7.35 -51.72 -54.66
CA GLU J 11 7.65 -50.27 -54.95
C GLU J 11 6.49 -49.51 -55.55
N ASN J 12 5.77 -50.27 -56.38
CA ASN J 12 4.82 -49.75 -57.37
C ASN J 12 3.49 -50.50 -57.36
N GLY J 13 2.61 -50.08 -58.24
CA GLY J 13 1.35 -50.79 -58.43
C GLY J 13 0.99 -50.82 -59.89
N TRP J 14 0.10 -51.73 -60.24
CA TRP J 14 -0.10 -52.07 -61.63
C TRP J 14 -1.19 -51.26 -62.26
N GLU J 15 -0.84 -50.48 -63.26
CA GLU J 15 -1.82 -49.88 -64.17
C GLU J 15 -2.28 -51.00 -65.07
N GLY J 16 -3.47 -50.84 -65.61
CA GLY J 16 -3.98 -51.82 -66.55
C GLY J 16 -4.55 -53.04 -65.89
N MET J 17 -4.47 -53.17 -64.57
CA MET J 17 -5.24 -54.18 -63.89
C MET J 17 -6.67 -53.67 -63.73
N ILE J 18 -7.59 -54.21 -64.52
CA ILE J 18 -8.99 -53.78 -64.44
C ILE J 18 -9.93 -54.93 -64.08
N ASP J 19 -9.38 -56.09 -63.78
CA ASP J 19 -10.23 -57.23 -63.37
C ASP J 19 -10.73 -56.96 -61.91
N GLY J 20 -9.92 -56.27 -61.07
CA GLY J 20 -10.20 -56.06 -59.64
C GLY J 20 -9.18 -55.12 -59.00
N TRP J 21 -8.96 -55.23 -57.68
CA TRP J 21 -8.13 -54.23 -56.93
C TRP J 21 -6.80 -54.78 -56.47
N TYR J 22 -6.74 -56.09 -56.23
CA TYR J 22 -5.49 -56.81 -55.91
C TYR J 22 -5.35 -58.02 -56.82
N GLY J 23 -4.13 -58.40 -57.18
CA GLY J 23 -3.97 -59.45 -58.16
C GLY J 23 -2.67 -60.21 -58.14
N PHE J 24 -2.60 -61.17 -59.05
CA PHE J 24 -1.41 -62.00 -59.23
C PHE J 24 -0.84 -61.87 -60.63
N ARG J 25 0.44 -61.58 -60.73
CA ARG J 25 1.12 -61.61 -62.01
C ARG J 25 2.15 -62.70 -61.97
N HIS J 26 1.99 -63.73 -62.80
CA HIS J 26 2.90 -64.88 -62.82
C HIS J 26 3.69 -64.94 -64.09
N GLN J 27 4.80 -65.65 -64.01
CA GLN J 27 5.59 -66.02 -65.16
C GLN J 27 6.15 -67.44 -65.02
N ASN J 28 5.83 -68.30 -65.97
CA ASN J 28 6.28 -69.70 -65.97
C ASN J 28 6.70 -70.08 -67.40
N SER J 29 6.88 -71.38 -67.63
CA SER J 29 7.15 -71.93 -68.96
C SER J 29 6.03 -71.60 -69.95
N GLU J 30 4.80 -71.89 -69.57
CA GLU J 30 3.64 -71.66 -70.43
C GLU J 30 3.47 -70.17 -70.84
N GLY J 31 4.17 -69.25 -70.15
CA GLY J 31 4.17 -67.80 -70.51
C GLY J 31 3.78 -66.92 -69.32
N THR J 32 3.72 -65.60 -69.50
CA THR J 32 3.21 -64.72 -68.43
C THR J 32 1.69 -64.61 -68.49
N GLY J 33 1.12 -63.92 -67.51
CA GLY J 33 -0.32 -63.73 -67.38
C GLY J 33 -0.67 -63.08 -66.06
N GLN J 34 -1.91 -62.62 -65.96
CA GLN J 34 -2.35 -61.83 -64.81
C GLN J 34 -3.77 -62.28 -64.38
N ALA J 35 -4.17 -61.95 -63.16
CA ALA J 35 -5.53 -62.25 -62.68
C ALA J 35 -5.79 -61.71 -61.28
N ALA J 36 -6.97 -61.14 -61.09
CA ALA J 36 -7.28 -60.46 -59.84
C ALA J 36 -7.85 -61.38 -58.78
N ASP J 37 -7.50 -61.10 -57.52
CA ASP J 37 -8.02 -61.79 -56.34
C ASP J 37 -9.24 -61.06 -55.85
N LEU J 38 -10.39 -61.61 -56.18
CA LEU J 38 -11.65 -60.95 -55.95
C LEU J 38 -12.03 -60.88 -54.49
N LYS J 39 -11.60 -61.86 -53.73
CA LYS J 39 -12.02 -61.99 -52.38
C LYS J 39 -11.41 -60.91 -51.51
N SER J 40 -10.13 -60.65 -51.69
CA SER J 40 -9.49 -59.63 -50.87
C SER J 40 -9.82 -58.25 -51.46
N THR J 41 -10.25 -58.19 -52.72
CA THR J 41 -10.75 -56.95 -53.27
C THR J 41 -12.04 -56.55 -52.55
N GLN J 42 -13.06 -57.39 -52.58
CA GLN J 42 -14.32 -57.11 -51.89
C GLN J 42 -14.10 -56.84 -50.41
N ALA J 43 -13.21 -57.58 -49.78
CA ALA J 43 -12.86 -57.32 -48.37
C ALA J 43 -12.52 -55.84 -48.10
N ALA J 44 -11.75 -55.21 -48.99
CA ALA J 44 -11.42 -53.80 -48.86
C ALA J 44 -12.64 -52.98 -49.12
N ILE J 45 -13.28 -53.24 -50.25
CA ILE J 45 -14.50 -52.56 -50.59
C ILE J 45 -15.46 -52.60 -49.41
N ASP J 46 -15.85 -53.78 -48.94
CA ASP J 46 -16.91 -53.86 -47.94
C ASP J 46 -16.64 -52.96 -46.74
N GLN J 47 -15.38 -52.79 -46.38
CA GLN J 47 -15.04 -51.89 -45.30
C GLN J 47 -15.25 -50.42 -45.65
N ILE J 48 -14.65 -49.98 -46.75
CA ILE J 48 -14.83 -48.62 -47.26
C ILE J 48 -16.29 -48.32 -47.42
N ASN J 49 -17.01 -49.18 -48.12
CA ASN J 49 -18.46 -49.15 -48.18
C ASN J 49 -19.14 -48.84 -46.86
N GLY J 50 -18.92 -49.70 -45.88
CA GLY J 50 -19.59 -49.49 -44.59
C GLY J 50 -19.19 -48.25 -43.80
N LYS J 51 -17.92 -47.89 -43.92
CA LYS J 51 -17.35 -46.69 -43.32
C LYS J 51 -18.00 -45.49 -43.96
N LEU J 52 -18.12 -45.54 -45.26
CA LEU J 52 -18.70 -44.47 -46.01
C LEU J 52 -20.18 -44.34 -45.68
N ASN J 53 -20.89 -45.45 -45.67
CA ASN J 53 -22.28 -45.44 -45.21
C ASN J 53 -22.53 -44.82 -43.85
N ARG J 54 -21.62 -45.00 -42.91
CA ARG J 54 -21.84 -44.43 -41.58
C ARG J 54 -21.66 -42.95 -41.64
N VAL J 55 -20.75 -42.46 -42.47
CA VAL J 55 -20.51 -41.01 -42.53
C VAL J 55 -21.69 -40.26 -43.12
N ILE J 56 -22.19 -40.76 -44.24
CA ILE J 56 -23.29 -40.08 -44.92
C ILE J 56 -24.65 -40.58 -44.44
N GLU J 57 -24.70 -41.41 -43.39
CA GLU J 57 -25.99 -41.82 -42.83
C GLU J 57 -26.70 -40.57 -42.45
N LYS J 58 -27.92 -40.48 -42.96
CA LYS J 58 -28.60 -39.20 -43.10
C LYS J 58 -28.53 -38.31 -41.84
N THR J 59 -28.25 -37.05 -42.10
CA THR J 59 -27.95 -36.07 -41.06
C THR J 59 -29.20 -35.73 -40.22
N ASN J 60 -29.13 -34.62 -39.46
CA ASN J 60 -30.25 -34.06 -38.69
C ASN J 60 -31.22 -33.26 -39.56
N GLU J 61 -32.45 -33.07 -39.08
CA GLU J 61 -33.43 -32.06 -39.56
C GLU J 61 -33.50 -30.93 -38.55
N LYS J 62 -33.61 -29.70 -39.03
CA LYS J 62 -33.80 -28.55 -38.17
C LYS J 62 -34.81 -27.64 -38.84
N PHE J 63 -35.65 -26.99 -38.03
CA PHE J 63 -36.72 -26.12 -38.54
C PHE J 63 -36.60 -24.68 -38.07
N HIS J 64 -37.47 -24.21 -37.18
CA HIS J 64 -37.40 -22.81 -36.75
C HIS J 64 -36.23 -22.61 -35.80
N GLN J 65 -35.18 -21.95 -36.27
CA GLN J 65 -34.00 -21.71 -35.46
C GLN J 65 -33.94 -20.23 -35.10
N ILE J 66 -32.77 -19.72 -34.74
CA ILE J 66 -32.59 -18.29 -34.53
C ILE J 66 -32.28 -17.57 -35.82
N GLU J 67 -32.33 -16.25 -35.79
CA GLU J 67 -31.95 -15.48 -36.96
C GLU J 67 -30.41 -15.41 -36.98
N LYS J 68 -29.82 -15.34 -38.17
CA LYS J 68 -28.37 -15.32 -38.31
C LYS J 68 -27.86 -14.21 -39.22
N GLU J 69 -28.74 -13.48 -39.92
CA GLU J 69 -28.34 -12.25 -40.61
C GLU J 69 -29.18 -11.16 -39.99
N PHE J 70 -28.70 -9.92 -40.06
CA PHE J 70 -29.36 -8.80 -39.35
C PHE J 70 -29.20 -7.53 -40.13
N SER J 71 -30.21 -6.68 -40.17
CA SER J 71 -30.12 -5.46 -40.95
C SER J 71 -29.58 -4.31 -40.11
N GLU J 72 -30.12 -4.11 -38.91
CA GLU J 72 -29.77 -2.97 -38.04
C GLU J 72 -28.82 -3.41 -36.90
N VAL J 73 -28.24 -2.44 -36.21
CA VAL J 73 -27.27 -2.74 -35.15
C VAL J 73 -28.03 -2.74 -33.86
N GLU J 74 -28.03 -3.84 -33.13
CA GLU J 74 -28.85 -3.90 -31.91
C GLU J 74 -28.03 -3.95 -30.61
N GLY J 75 -26.73 -4.20 -30.75
CA GLY J 75 -25.90 -4.43 -29.60
C GLY J 75 -26.20 -5.78 -28.95
N ARG J 76 -26.29 -5.81 -27.62
CA ARG J 76 -26.03 -7.01 -26.83
C ARG J 76 -26.65 -8.32 -27.27
N ILE J 77 -27.95 -8.36 -27.55
CA ILE J 77 -28.58 -9.62 -27.96
C ILE J 77 -28.02 -10.09 -29.28
N GLN J 78 -28.02 -9.20 -30.27
CA GLN J 78 -27.45 -9.54 -31.55
C GLN J 78 -25.99 -10.03 -31.41
N ASP J 79 -25.13 -9.35 -30.64
CA ASP J 79 -23.73 -9.87 -30.45
C ASP J 79 -23.76 -11.31 -29.99
N LEU J 80 -24.74 -11.67 -29.16
CA LEU J 80 -24.83 -13.02 -28.61
C LEU J 80 -25.35 -14.01 -29.64
N GLU J 81 -26.43 -13.66 -30.33
CA GLU J 81 -26.93 -14.50 -31.42
C GLU J 81 -25.86 -14.80 -32.50
N LYS J 82 -24.93 -13.87 -32.73
CA LYS J 82 -23.87 -14.06 -33.71
C LYS J 82 -22.76 -14.89 -33.14
N TYR J 83 -22.48 -14.72 -31.86
CA TYR J 83 -21.45 -15.51 -31.17
C TYR J 83 -21.85 -16.96 -31.03
N VAL J 84 -23.11 -17.20 -30.74
CA VAL J 84 -23.60 -18.56 -30.63
C VAL J 84 -23.46 -19.28 -31.96
N GLU J 85 -23.94 -18.67 -33.03
CA GLU J 85 -23.90 -19.33 -34.30
C GLU J 85 -22.49 -19.45 -34.82
N ASP J 86 -21.60 -18.52 -34.50
CA ASP J 86 -20.23 -18.67 -34.98
C ASP J 86 -19.56 -19.81 -34.26
N THR J 87 -19.67 -19.81 -32.96
CA THR J 87 -19.13 -20.87 -32.12
C THR J 87 -19.56 -22.26 -32.60
N LYS J 88 -20.82 -22.39 -32.98
CA LYS J 88 -21.32 -23.61 -33.52
C LYS J 88 -20.51 -23.98 -34.71
N ILE J 89 -20.47 -23.08 -35.67
CA ILE J 89 -19.85 -23.37 -36.98
C ILE J 89 -18.40 -23.85 -36.85
N ASP J 90 -17.64 -23.11 -36.07
CA ASP J 90 -16.24 -23.39 -35.88
C ASP J 90 -16.07 -24.79 -35.37
N LEU J 91 -16.92 -25.23 -34.44
CA LEU J 91 -16.80 -26.59 -33.90
C LEU J 91 -17.16 -27.61 -34.95
N TRP J 92 -18.36 -27.57 -35.50
CA TRP J 92 -18.72 -28.51 -36.55
C TRP J 92 -17.67 -28.57 -37.64
N SER J 93 -17.07 -27.44 -37.97
CA SER J 93 -16.03 -27.42 -39.00
C SER J 93 -14.84 -28.27 -38.55
N TYR J 94 -14.39 -28.11 -37.31
CA TYR J 94 -13.33 -28.92 -36.76
C TYR J 94 -13.74 -30.36 -36.82
N ASN J 95 -14.94 -30.70 -36.41
CA ASN J 95 -15.38 -32.12 -36.47
C ASN J 95 -15.18 -32.71 -37.86
N ALA J 96 -15.58 -31.96 -38.88
CA ALA J 96 -15.49 -32.46 -40.23
C ALA J 96 -14.06 -32.58 -40.71
N GLU J 97 -13.21 -31.63 -40.38
CA GLU J 97 -11.81 -31.73 -40.78
C GLU J 97 -11.19 -32.96 -40.15
N LEU J 98 -11.41 -33.17 -38.85
CA LEU J 98 -10.84 -34.29 -38.13
C LEU J 98 -11.40 -35.58 -38.60
N LEU J 99 -12.70 -35.65 -38.75
CA LEU J 99 -13.29 -36.86 -39.27
C LEU J 99 -12.58 -37.35 -40.54
N VAL J 100 -12.70 -36.59 -41.60
CA VAL J 100 -12.11 -36.94 -42.87
C VAL J 100 -10.66 -37.40 -42.70
N ALA J 101 -9.88 -36.61 -41.97
CA ALA J 101 -8.47 -36.95 -41.79
C ALA J 101 -8.30 -38.33 -41.18
N LEU J 102 -8.93 -38.60 -40.05
CA LEU J 102 -8.91 -39.92 -39.45
C LEU J 102 -9.36 -40.98 -40.43
N GLU J 103 -10.56 -40.81 -40.96
CA GLU J 103 -11.14 -41.79 -41.88
C GLU J 103 -10.22 -42.12 -43.01
N ASN J 104 -9.44 -41.15 -43.46
CA ASN J 104 -8.59 -41.35 -44.59
C ASN J 104 -7.35 -42.11 -44.21
N GLN J 105 -6.65 -41.66 -43.18
CA GLN J 105 -5.49 -42.36 -42.68
C GLN J 105 -5.83 -43.83 -42.48
N HIS J 106 -7.06 -44.12 -42.05
CA HIS J 106 -7.56 -45.48 -41.85
C HIS J 106 -7.80 -46.16 -43.20
N THR J 107 -8.63 -45.58 -44.07
CA THR J 107 -8.87 -46.13 -45.40
C THR J 107 -7.58 -46.50 -46.13
N ILE J 108 -6.50 -45.75 -45.93
CA ILE J 108 -5.18 -46.09 -46.48
C ILE J 108 -4.64 -47.35 -45.85
N ASP J 109 -4.48 -47.36 -44.52
CA ASP J 109 -3.91 -48.47 -43.76
C ASP J 109 -4.72 -49.74 -43.85
N LEU J 110 -5.99 -49.57 -44.15
CA LEU J 110 -6.91 -50.65 -44.39
C LEU J 110 -6.57 -51.41 -45.68
N THR J 111 -6.30 -50.64 -46.72
CA THR J 111 -6.04 -51.17 -48.03
C THR J 111 -4.60 -51.63 -48.20
N ASP J 112 -3.68 -51.00 -47.48
CA ASP J 112 -2.30 -51.42 -47.48
C ASP J 112 -2.19 -52.73 -46.74
N SER J 113 -2.97 -52.88 -45.68
CA SER J 113 -3.01 -54.14 -44.96
C SER J 113 -3.68 -55.24 -45.76
N GLU J 114 -4.60 -54.90 -46.64
CA GLU J 114 -5.26 -55.93 -47.42
C GLU J 114 -4.31 -56.58 -48.39
N MET J 115 -3.48 -55.77 -49.05
CA MET J 115 -2.44 -56.26 -49.96
C MET J 115 -1.49 -57.12 -49.17
N ASN J 116 -0.98 -56.53 -48.11
CA ASN J 116 -0.11 -57.21 -47.18
C ASN J 116 -0.60 -58.58 -46.74
N LYS J 117 -1.88 -58.68 -46.46
CA LYS J 117 -2.44 -59.90 -45.98
C LYS J 117 -2.52 -60.96 -47.05
N LEU J 118 -2.87 -60.56 -48.27
CA LEU J 118 -2.90 -61.47 -49.40
C LEU J 118 -1.52 -62.08 -49.63
N PHE J 119 -0.47 -61.26 -49.47
CA PHE J 119 0.85 -61.75 -49.69
C PHE J 119 1.18 -62.83 -48.72
N GLU J 120 0.90 -62.60 -47.45
CA GLU J 120 1.17 -63.62 -46.42
C GLU J 120 0.38 -64.89 -46.70
N LYS J 121 -0.92 -64.79 -46.87
CA LYS J 121 -1.75 -65.97 -47.28
C LYS J 121 -1.04 -66.79 -48.33
N THR J 122 -0.49 -66.12 -49.33
CA THR J 122 0.21 -66.79 -50.42
C THR J 122 1.54 -67.40 -50.02
N ARG J 123 2.26 -66.74 -49.12
CA ARG J 123 3.51 -67.29 -48.60
C ARG J 123 3.29 -68.53 -47.71
N ARG J 124 2.25 -68.53 -46.88
CA ARG J 124 2.01 -69.65 -45.97
C ARG J 124 1.58 -70.84 -46.79
N GLN J 125 1.06 -70.57 -47.98
CA GLN J 125 0.56 -71.60 -48.87
C GLN J 125 1.71 -72.34 -49.55
N LEU J 126 2.67 -71.57 -50.05
CA LEU J 126 3.82 -72.15 -50.70
C LEU J 126 4.74 -72.89 -49.74
N ARG J 127 4.56 -72.71 -48.43
CA ARG J 127 5.45 -73.27 -47.39
C ARG J 127 6.91 -73.25 -47.89
N GLU J 128 7.58 -74.39 -48.06
CA GLU J 128 9.03 -74.37 -48.22
C GLU J 128 9.43 -74.65 -49.65
N ASN J 129 8.52 -74.38 -50.58
CA ASN J 129 8.75 -74.62 -52.00
C ASN J 129 9.07 -73.33 -52.78
N ALA J 130 9.30 -72.22 -52.09
CA ALA J 130 9.53 -70.92 -52.77
C ALA J 130 10.14 -69.87 -51.83
N GLU J 131 10.72 -68.81 -52.38
CA GLU J 131 11.40 -67.79 -51.56
C GLU J 131 10.90 -66.40 -51.93
N ASP J 132 10.96 -65.45 -50.97
CA ASP J 132 10.53 -64.07 -51.25
C ASP J 132 11.63 -63.26 -51.90
N MET J 133 11.41 -62.93 -53.16
CA MET J 133 12.41 -62.24 -53.96
C MET J 133 12.79 -60.87 -53.43
N GLY J 134 11.91 -60.21 -52.70
CA GLY J 134 12.26 -58.95 -52.07
C GLY J 134 11.42 -57.81 -52.57
N ASN J 135 10.75 -58.00 -53.70
CA ASN J 135 9.87 -57.00 -54.29
C ASN J 135 8.41 -57.44 -54.29
N GLY J 136 8.06 -58.28 -53.33
CA GLY J 136 6.73 -58.84 -53.29
C GLY J 136 6.41 -59.81 -54.43
N CYS J 137 7.43 -60.52 -54.88
CA CYS J 137 7.24 -61.68 -55.72
C CYS J 137 7.72 -62.94 -55.04
N PHE J 138 7.45 -64.06 -55.66
CA PHE J 138 7.98 -65.33 -55.22
C PHE J 138 8.77 -66.02 -56.34
N LYS J 139 9.93 -66.58 -56.02
CA LYS J 139 10.60 -67.48 -56.93
C LYS J 139 10.14 -68.83 -56.43
N ILE J 140 9.19 -69.41 -57.16
CA ILE J 140 8.70 -70.77 -56.92
C ILE J 140 9.73 -71.69 -57.53
N TYR J 141 10.22 -72.66 -56.76
CA TYR J 141 11.32 -73.50 -57.19
C TYR J 141 10.86 -74.84 -57.78
N HIS J 142 9.91 -74.81 -58.69
CA HIS J 142 9.53 -76.01 -59.42
C HIS J 142 8.75 -75.69 -60.68
N LYS J 143 8.49 -76.69 -61.51
CA LYS J 143 7.72 -76.47 -62.73
C LYS J 143 6.28 -76.22 -62.31
N CYS J 144 5.89 -74.96 -62.38
CA CYS J 144 4.53 -74.55 -62.02
C CYS J 144 3.86 -74.03 -63.27
N ASP J 145 3.23 -74.95 -63.99
CA ASP J 145 2.38 -74.63 -65.15
C ASP J 145 1.09 -73.94 -64.73
N ASN J 146 0.26 -73.55 -65.71
CA ASN J 146 -0.89 -72.73 -65.44
C ASN J 146 -1.93 -73.36 -64.52
N ALA J 147 -2.10 -74.68 -64.58
CA ALA J 147 -3.01 -75.36 -63.63
C ALA J 147 -2.55 -75.16 -62.18
N CYS J 148 -1.26 -75.42 -61.94
CA CYS J 148 -0.60 -75.20 -60.63
C CYS J 148 -0.80 -73.75 -60.14
N ILE J 149 -0.65 -72.78 -61.05
CA ILE J 149 -0.79 -71.36 -60.69
C ILE J 149 -2.17 -71.09 -60.19
N GLU J 150 -3.22 -71.41 -60.94
CA GLU J 150 -4.56 -71.18 -60.42
C GLU J 150 -4.79 -72.01 -59.15
N SER J 151 -4.12 -73.15 -58.99
CA SER J 151 -4.26 -73.91 -57.74
C SER J 151 -3.82 -73.09 -56.53
N ILE J 152 -2.81 -72.24 -56.72
CA ILE J 152 -2.36 -71.30 -55.69
C ILE J 152 -3.36 -70.19 -55.47
N ARG J 153 -3.72 -69.51 -56.55
CA ARG J 153 -4.67 -68.41 -56.52
C ARG J 153 -6.00 -68.80 -55.86
N ASN J 154 -6.54 -69.98 -56.18
CA ASN J 154 -7.84 -70.39 -55.62
C ASN J 154 -7.74 -71.22 -54.34
N GLY J 155 -6.58 -71.23 -53.70
CA GLY J 155 -6.42 -71.80 -52.36
C GLY J 155 -6.36 -73.32 -52.23
N THR J 156 -5.77 -73.99 -53.21
CA THR J 156 -5.75 -75.47 -53.19
C THR J 156 -4.38 -76.09 -53.40
N TYR J 157 -3.36 -75.26 -53.60
CA TYR J 157 -2.01 -75.73 -53.85
C TYR J 157 -1.59 -76.65 -52.68
N ASP J 158 -1.34 -77.93 -52.99
CA ASP J 158 -0.80 -78.90 -52.03
C ASP J 158 0.72 -78.86 -52.15
N HIS J 159 1.39 -78.32 -51.11
CA HIS J 159 2.86 -78.24 -51.12
C HIS J 159 3.45 -79.64 -50.95
N ASP J 160 2.80 -80.49 -50.13
CA ASP J 160 3.32 -81.83 -49.78
C ASP J 160 3.64 -82.52 -51.14
N VAL J 161 2.95 -82.15 -52.22
CA VAL J 161 3.21 -82.66 -53.60
C VAL J 161 4.51 -82.20 -54.29
N TYR J 162 4.73 -80.90 -54.45
CA TYR J 162 5.97 -80.42 -55.09
C TYR J 162 7.11 -80.21 -54.09
N ARG J 163 7.02 -80.80 -52.89
CA ARG J 163 8.00 -80.54 -51.83
C ARG J 163 9.36 -80.97 -52.33
N ASP J 164 9.48 -82.25 -52.68
CA ASP J 164 10.77 -82.87 -53.01
C ASP J 164 11.43 -82.14 -54.17
N GLU J 165 10.67 -81.93 -55.25
CA GLU J 165 11.21 -81.22 -56.42
C GLU J 165 11.83 -79.89 -56.05
N ALA J 166 11.01 -79.06 -55.38
CA ALA J 166 11.37 -77.68 -55.03
C ALA J 166 12.54 -77.65 -54.08
N LEU J 167 12.42 -78.47 -53.05
CA LEU J 167 13.32 -78.51 -51.92
C LEU J 167 14.73 -78.77 -52.42
N ASN J 168 14.82 -79.60 -53.45
CA ASN J 168 16.11 -79.99 -53.98
C ASN J 168 16.74 -78.95 -54.96
N ASN J 169 15.93 -78.29 -55.80
CA ASN J 169 16.44 -77.15 -56.61
C ASN J 169 16.94 -76.00 -55.77
N ARG J 170 16.31 -75.82 -54.62
CA ARG J 170 16.71 -74.79 -53.69
C ARG J 170 18.08 -75.01 -53.08
N PHE J 171 18.41 -76.26 -52.75
CA PHE J 171 19.57 -76.51 -51.88
C PHE J 171 20.86 -77.10 -52.48
N GLN J 172 20.86 -77.69 -53.66
CA GLN J 172 22.15 -78.21 -54.11
C GLN J 172 22.28 -78.23 -55.62
N ILE K 10 7.77 69.90 28.74
CA ILE K 10 9.21 70.30 28.57
C ILE K 10 9.63 69.47 27.38
N GLU K 11 9.45 70.01 26.19
CA GLU K 11 9.94 69.34 25.01
C GLU K 11 11.50 69.29 24.95
N ASN K 12 12.20 69.97 25.87
CA ASN K 12 13.68 70.00 25.99
C ASN K 12 14.19 69.78 27.42
N GLY K 13 15.51 69.82 27.57
CA GLY K 13 16.10 69.79 28.90
C GLY K 13 17.28 70.73 29.00
N TRP K 14 17.65 71.07 30.22
CA TRP K 14 18.58 72.15 30.47
C TRP K 14 20.00 71.70 30.55
N GLU K 15 20.81 72.18 29.61
CA GLU K 15 22.26 72.08 29.72
C GLU K 15 22.68 73.10 30.74
N GLY K 16 23.82 72.87 31.36
CA GLY K 16 24.33 73.84 32.30
C GLY K 16 23.70 73.78 33.67
N MET K 17 22.70 72.91 33.85
CA MET K 17 22.27 72.62 35.21
C MET K 17 23.23 71.62 35.82
N ILE K 18 24.07 72.07 36.75
CA ILE K 18 25.04 71.18 37.38
C ILE K 18 24.86 71.14 38.90
N ASP K 19 23.80 71.75 39.39
CA ASP K 19 23.53 71.70 40.83
C ASP K 19 22.97 70.28 41.19
N GLY K 20 22.25 69.65 40.25
CA GLY K 20 21.56 68.37 40.46
C GLY K 20 20.93 67.85 39.16
N TRP K 21 19.87 67.05 39.26
CA TRP K 21 19.31 66.33 38.08
C TRP K 21 17.96 66.87 37.64
N TYR K 22 17.20 67.42 38.59
CA TYR K 22 15.93 68.11 38.31
C TYR K 22 15.95 69.48 38.97
N GLY K 23 15.31 70.47 38.36
CA GLY K 23 15.39 71.80 38.93
C GLY K 23 14.26 72.73 38.64
N PHE K 24 14.40 73.94 39.18
CA PHE K 24 13.45 75.03 38.97
C PHE K 24 14.11 76.24 38.32
N ARG K 25 13.53 76.73 37.24
CA ARG K 25 13.98 77.97 36.66
C ARG K 25 12.85 78.97 36.77
N HIS K 26 13.09 80.04 37.53
CA HIS K 26 12.09 81.07 37.75
C HIS K 26 12.47 82.40 37.10
N GLN K 27 11.46 83.22 36.87
CA GLN K 27 11.61 84.59 36.48
C GLN K 27 10.54 85.45 37.15
N ASN K 28 10.99 86.46 37.90
CA ASN K 28 10.10 87.38 38.60
C ASN K 28 10.64 88.81 38.43
N SER K 29 10.11 89.74 39.23
CA SER K 29 10.61 91.12 39.30
C SER K 29 12.07 91.17 39.72
N GLU K 30 12.41 90.48 40.81
CA GLU K 30 13.78 90.50 41.36
C GLU K 30 14.81 89.91 40.34
N GLY K 31 14.35 89.27 39.26
CA GLY K 31 15.25 88.78 38.17
C GLY K 31 15.08 87.28 37.92
N THR K 32 15.83 86.70 36.97
CA THR K 32 15.79 85.23 36.77
C THR K 32 16.77 84.53 37.71
N GLY K 33 16.73 83.20 37.69
CA GLY K 33 17.57 82.36 38.53
C GLY K 33 17.16 80.90 38.44
N GLN K 34 18.03 80.03 38.91
CA GLN K 34 17.86 78.59 38.77
C GLN K 34 18.21 77.89 40.10
N ALA K 35 17.76 76.64 40.29
CA ALA K 35 18.12 75.87 41.49
C ALA K 35 17.58 74.46 41.42
N ALA K 36 18.42 73.51 41.82
CA ALA K 36 18.04 72.11 41.69
C ALA K 36 17.26 71.57 42.89
N ASP K 37 16.33 70.65 42.59
CA ASP K 37 15.50 69.92 43.59
C ASP K 37 16.22 68.64 43.95
N LEU K 38 16.87 68.67 45.09
CA LEU K 38 17.75 67.61 45.48
C LEU K 38 17.01 66.33 45.87
N LYS K 39 15.82 66.47 46.39
CA LYS K 39 15.09 65.35 46.92
C LYS K 39 14.68 64.44 45.82
N SER K 40 14.17 64.99 44.73
CA SER K 40 13.70 64.16 43.64
C SER K 40 14.88 63.73 42.78
N THR K 41 15.99 64.43 42.87
CA THR K 41 17.21 63.96 42.26
C THR K 41 17.70 62.66 42.92
N GLN K 42 17.94 62.69 44.22
CA GLN K 42 18.36 61.50 44.93
C GLN K 42 17.37 60.37 44.78
N ALA K 43 16.08 60.67 44.79
CA ALA K 43 15.06 59.65 44.53
C ALA K 43 15.33 58.82 43.27
N ALA K 44 15.73 59.48 42.18
CA ALA K 44 16.06 58.80 40.93
C ALA K 44 17.32 58.03 41.13
N ILE K 45 18.33 58.72 41.61
CA ILE K 45 19.60 58.08 41.91
C ILE K 45 19.37 56.81 42.75
N ASP K 46 18.78 56.91 43.95
CA ASP K 46 18.76 55.69 44.80
C ASP K 46 18.16 54.50 44.10
N GLN K 47 17.23 54.71 43.18
CA GLN K 47 16.69 53.59 42.42
C GLN K 47 17.70 52.99 41.43
N ILE K 48 18.26 53.84 40.57
CA ILE K 48 19.31 53.43 39.64
C ILE K 48 20.43 52.75 40.38
N ASN K 49 20.95 53.41 41.41
CA ASN K 49 21.88 52.81 42.35
C ASN K 49 21.51 51.37 42.72
N GLY K 50 20.35 51.18 43.32
CA GLY K 50 19.98 49.86 43.80
C GLY K 50 19.78 48.81 42.72
N LYS K 51 19.26 49.27 41.58
CA LYS K 51 19.03 48.44 40.40
C LYS K 51 20.36 47.98 39.89
N LEU K 52 21.29 48.90 39.85
CA LEU K 52 22.61 48.65 39.36
C LEU K 52 23.32 47.69 40.29
N ASN K 53 23.24 47.95 41.59
CA ASN K 53 23.79 47.01 42.56
C ASN K 53 23.30 45.57 42.45
N ARG K 54 22.04 45.38 42.08
CA ARG K 54 21.53 44.02 41.98
C ARG K 54 22.11 43.37 40.78
N VAL K 55 22.34 44.10 39.71
CA VAL K 55 22.87 43.49 38.49
C VAL K 55 24.29 43.01 38.67
N ILE K 56 25.14 43.88 39.22
CA ILE K 56 26.54 43.54 39.37
C ILE K 56 26.83 42.88 40.71
N GLU K 57 25.80 42.54 41.48
CA GLU K 57 26.03 41.80 42.71
C GLU K 57 26.74 40.54 42.34
N LYS K 58 27.90 40.37 42.98
CA LYS K 58 28.97 39.53 42.44
C LYS K 58 28.50 38.18 41.92
N THR K 59 29.00 37.89 40.72
CA THR K 59 28.57 36.77 39.93
C THR K 59 29.04 35.46 40.59
N ASN K 60 28.99 34.35 39.87
CA ASN K 60 29.39 33.13 40.53
C ASN K 60 30.58 32.30 40.07
N GLU K 61 31.08 31.51 41.04
CA GLU K 61 32.43 30.93 41.01
C GLU K 61 32.30 29.57 40.37
N LYS K 62 33.23 29.25 39.49
CA LYS K 62 33.27 27.94 38.88
C LYS K 62 34.73 27.52 38.81
N PHE K 63 34.97 26.22 39.00
CA PHE K 63 36.33 25.71 39.05
C PHE K 63 36.57 24.67 37.97
N HIS K 64 36.71 23.38 38.31
CA HIS K 64 37.00 22.38 37.28
C HIS K 64 35.77 22.08 36.48
N GLN K 65 35.75 22.54 35.23
CA GLN K 65 34.60 22.32 34.36
C GLN K 65 34.97 21.31 33.28
N ILE K 66 34.24 21.28 32.17
CA ILE K 66 34.62 20.46 31.03
C ILE K 66 35.61 21.15 30.13
N GLU K 67 36.19 20.41 29.20
CA GLU K 67 37.09 21.02 28.22
C GLU K 67 36.21 21.65 27.14
N LYS K 68 36.69 22.75 26.54
CA LYS K 68 35.92 23.49 25.54
C LYS K 68 36.70 23.78 24.27
N GLU K 69 38.01 23.53 24.24
CA GLU K 69 38.79 23.55 23.00
C GLU K 69 39.35 22.17 22.84
N PHE K 70 39.64 21.76 21.61
CA PHE K 70 40.05 20.36 21.34
C PHE K 70 41.05 20.31 20.21
N SER K 71 42.05 19.46 20.32
CA SER K 71 43.04 19.42 19.27
C SER K 71 42.64 18.43 18.19
N GLU K 72 42.21 17.23 18.56
CA GLU K 72 41.90 16.13 17.61
C GLU K 72 40.43 16.03 17.36
N VAL K 73 40.07 15.23 16.36
CA VAL K 73 38.67 15.02 16.06
C VAL K 73 38.24 13.75 16.72
N GLU K 74 37.25 13.79 17.58
CA GLU K 74 36.90 12.57 18.32
C GLU K 74 35.50 12.03 17.96
N GLY K 75 34.72 12.84 17.27
CA GLY K 75 33.34 12.51 17.01
C GLY K 75 32.47 12.62 18.26
N ARG K 76 31.65 11.61 18.50
CA ARG K 76 30.45 11.76 19.31
C ARG K 76 30.56 12.51 20.63
N ILE K 77 31.51 12.16 21.50
CA ILE K 77 31.60 12.83 22.79
C ILE K 77 31.95 14.28 22.60
N GLN K 78 33.00 14.55 21.84
CA GLN K 78 33.37 15.91 21.56
C GLN K 78 32.19 16.70 20.97
N ASP K 79 31.47 16.15 20.00
CA ASP K 79 30.30 16.83 19.45
C ASP K 79 29.35 17.29 20.56
N LEU K 80 29.19 16.46 21.58
CA LEU K 80 28.29 16.74 22.69
C LEU K 80 28.87 17.79 23.64
N GLU K 81 30.12 17.63 24.02
CA GLU K 81 30.78 18.65 24.85
C GLU K 81 30.72 20.06 24.22
N LYS K 82 30.72 20.14 22.88
CA LYS K 82 30.68 21.42 22.18
C LYS K 82 29.27 21.93 22.12
N TYR K 83 28.32 21.02 21.95
CA TYR K 83 26.91 21.38 21.93
C TYR K 83 26.42 21.89 23.26
N VAL K 84 26.87 21.26 24.33
CA VAL K 84 26.49 21.66 25.68
C VAL K 84 26.99 23.06 25.94
N GLU K 85 28.26 23.30 25.68
CA GLU K 85 28.81 24.61 25.96
C GLU K 85 28.25 25.66 25.03
N ASP K 86 27.91 25.32 23.80
CA ASP K 86 27.35 26.35 22.91
C ASP K 86 25.95 26.72 23.39
N THR K 87 25.14 25.72 23.64
CA THR K 87 23.80 25.91 24.14
C THR K 87 23.78 26.80 25.38
N LYS K 88 24.73 26.59 26.28
CA LYS K 88 24.86 27.40 27.46
C LYS K 88 25.02 28.82 27.05
N ILE K 89 26.04 29.07 26.24
CA ILE K 89 26.42 30.46 25.85
C ILE K 89 25.27 31.26 25.23
N ASP K 90 24.62 30.64 24.27
CA ASP K 90 23.52 31.24 23.56
C ASP K 90 22.45 31.67 24.55
N LEU K 91 22.15 30.86 25.55
CA LEU K 91 21.13 31.21 26.54
C LEU K 91 21.60 32.37 27.39
N TRP K 92 22.69 32.21 28.10
CA TRP K 92 23.22 33.33 28.89
C TRP K 92 23.28 34.62 28.10
N SER K 93 23.64 34.52 26.82
CA SER K 93 23.73 35.71 25.98
C SER K 93 22.34 36.34 25.82
N TYR K 94 21.31 35.54 25.55
CA TYR K 94 19.94 36.04 25.54
C TYR K 94 19.59 36.69 26.87
N ASN K 95 19.89 36.05 28.00
CA ASN K 95 19.57 36.63 29.31
C ASN K 95 20.12 38.03 29.41
N ALA K 96 21.37 38.19 28.99
CA ALA K 96 22.03 39.47 29.15
C ALA K 96 21.43 40.51 28.22
N GLU K 97 21.10 40.15 27.00
CA GLU K 97 20.50 41.11 26.09
C GLU K 97 19.18 41.60 26.67
N LEU K 98 18.37 40.65 27.14
CA LEU K 98 17.04 40.98 27.66
C LEU K 98 17.15 41.77 28.90
N LEU K 99 17.99 41.35 29.81
CA LEU K 99 18.17 42.10 31.04
C LEU K 99 18.39 43.58 30.78
N VAL K 100 19.52 43.88 30.18
CA VAL K 100 19.85 45.25 29.84
C VAL K 100 18.67 46.00 29.21
N ALA K 101 18.05 45.41 28.21
CA ALA K 101 16.94 46.07 27.53
C ALA K 101 15.84 46.44 28.51
N LEU K 102 15.36 45.47 29.29
CA LEU K 102 14.35 45.75 30.30
C LEU K 102 14.84 46.82 31.23
N GLU K 103 15.99 46.60 31.85
CA GLU K 103 16.52 47.52 32.84
C GLU K 103 16.62 48.92 32.34
N ASN K 104 16.86 49.07 31.04
CA ASN K 104 16.99 50.37 30.47
C ASN K 104 15.66 51.03 30.23
N GLN K 105 14.76 50.35 29.54
CA GLN K 105 13.41 50.86 29.36
C GLN K 105 12.81 51.34 30.67
N HIS K 106 13.14 50.64 31.76
CA HIS K 106 12.72 50.99 33.11
C HIS K 106 13.46 52.24 33.58
N THR K 107 14.80 52.21 33.61
CA THR K 107 15.62 53.37 34.03
C THR K 107 15.17 54.65 33.35
N ILE K 108 14.71 54.58 32.10
CA ILE K 108 14.16 55.72 31.41
C ILE K 108 12.85 56.16 32.06
N ASP K 109 11.86 55.26 32.11
CA ASP K 109 10.50 55.54 32.62
C ASP K 109 10.51 55.96 34.07
N LEU K 110 11.54 55.53 34.76
CA LEU K 110 11.76 55.85 36.14
C LEU K 110 12.10 57.32 36.31
N THR K 111 12.97 57.79 35.45
CA THR K 111 13.45 59.15 35.50
C THR K 111 12.49 60.14 34.86
N ASP K 112 11.73 59.68 33.86
CA ASP K 112 10.70 60.51 33.24
C ASP K 112 9.57 60.70 34.20
N SER K 113 9.26 59.66 34.97
CA SER K 113 8.25 59.78 36.00
C SER K 113 8.71 60.65 37.18
N GLU K 114 10.00 60.72 37.43
CA GLU K 114 10.47 61.55 38.55
C GLU K 114 10.29 63.02 38.29
N MET K 115 10.59 63.44 37.06
CA MET K 115 10.34 64.79 36.60
C MET K 115 8.86 65.09 36.68
N ASN K 116 8.10 64.23 36.02
CA ASN K 116 6.66 64.29 36.06
C ASN K 116 6.07 64.47 37.44
N LYS K 117 6.60 63.74 38.42
CA LYS K 117 6.07 63.79 39.78
C LYS K 117 6.37 65.09 40.46
N LEU K 118 7.57 65.60 40.25
CA LEU K 118 7.94 66.92 40.77
C LEU K 118 7.02 68.00 40.26
N PHE K 119 6.66 67.93 38.98
CA PHE K 119 5.79 68.92 38.42
C PHE K 119 4.47 68.91 39.12
N GLU K 120 3.87 67.74 39.31
CA GLU K 120 2.57 67.64 39.98
C GLU K 120 2.66 68.16 41.41
N LYS K 121 3.60 67.68 42.19
CA LYS K 121 3.85 68.23 43.53
C LYS K 121 3.77 69.75 43.54
N THR K 122 4.42 70.37 42.55
CA THR K 122 4.45 71.82 42.43
C THR K 122 3.11 72.42 42.04
N ARG K 123 2.36 71.74 41.19
CA ARG K 123 1.03 72.20 40.81
C ARG K 123 0.03 72.10 41.98
N ARG K 124 0.08 71.04 42.78
CA ARG K 124 -0.90 70.89 43.87
C ARG K 124 -0.60 71.92 44.90
N GLN K 125 0.64 72.40 44.92
CA GLN K 125 1.09 73.39 45.90
C GLN K 125 0.56 74.78 45.58
N LEU K 126 0.66 75.17 44.31
CA LEU K 126 0.16 76.44 43.88
C LEU K 126 -1.36 76.54 43.92
N ARG K 127 -2.05 75.41 44.02
CA ARG K 127 -3.52 75.37 43.95
C ARG K 127 -4.05 76.35 42.92
N GLU K 128 -4.85 77.34 43.29
CA GLU K 128 -5.60 78.08 42.28
C GLU K 128 -4.98 79.43 42.03
N ASN K 129 -3.71 79.57 42.35
CA ASN K 129 -2.98 80.84 42.21
C ASN K 129 -2.07 80.85 40.97
N ALA K 130 -2.18 79.85 40.09
CA ALA K 130 -1.31 79.78 38.89
C ALA K 130 -1.86 78.83 37.84
N GLU K 131 -1.36 78.93 36.60
CA GLU K 131 -1.87 78.10 35.50
C GLU K 131 -0.72 77.41 34.77
N ASP K 132 -1.00 76.26 34.15
CA ASP K 132 0.05 75.54 33.40
C ASP K 132 0.19 76.08 31.99
N MET K 133 1.32 76.72 31.75
CA MET K 133 1.57 77.38 30.47
C MET K 133 1.58 76.44 29.28
N GLY K 134 1.89 75.18 29.48
CA GLY K 134 1.79 74.20 28.41
C GLY K 134 3.13 73.60 28.06
N ASN K 135 4.22 74.23 28.51
CA ASN K 135 5.58 73.73 28.32
C ASN K 135 6.25 73.33 29.63
N GLY K 136 5.44 72.93 30.59
CA GLY K 136 5.97 72.61 31.91
C GLY K 136 6.52 73.81 32.68
N CYS K 137 5.92 74.97 32.45
CA CYS K 137 6.09 76.12 33.32
C CYS K 137 4.78 76.49 33.98
N PHE K 138 4.87 77.40 34.92
CA PHE K 138 3.70 77.97 35.54
C PHE K 138 3.69 79.50 35.38
N LYS K 139 2.54 80.06 35.05
CA LYS K 139 2.37 81.49 35.15
C LYS K 139 1.70 81.64 36.50
N ILE K 140 2.51 82.06 37.47
CA ILE K 140 2.03 82.38 38.81
C ILE K 140 1.43 83.77 38.73
N TYR K 141 0.20 83.92 39.21
CA TYR K 141 -0.53 85.16 39.04
C TYR K 141 -0.44 86.09 40.26
N HIS K 142 0.75 86.32 40.77
CA HIS K 142 0.93 87.33 41.82
C HIS K 142 2.38 87.72 41.95
N LYS K 143 2.66 88.74 42.76
CA LYS K 143 4.03 89.17 42.94
C LYS K 143 4.73 88.11 43.79
N CYS K 144 5.57 87.33 43.12
CA CYS K 144 6.30 86.27 43.77
C CYS K 144 7.77 86.61 43.68
N ASP K 145 8.23 87.34 44.70
CA ASP K 145 9.66 87.64 44.92
C ASP K 145 10.45 86.40 45.33
N ASN K 146 11.76 86.56 45.48
CA ASN K 146 12.62 85.41 45.70
C ASN K 146 12.35 84.61 46.99
N ALA K 147 11.89 85.26 48.04
CA ALA K 147 11.48 84.55 49.27
C ALA K 147 10.33 83.60 48.98
N CYS K 148 9.29 84.11 48.33
CA CYS K 148 8.13 83.33 47.88
C CYS K 148 8.55 82.14 47.01
N ILE K 149 9.49 82.35 46.10
CA ILE K 149 9.96 81.29 45.19
C ILE K 149 10.56 80.16 45.99
N GLU K 150 11.56 80.42 46.84
CA GLU K 150 12.12 79.35 47.64
C GLU K 150 11.03 78.74 48.56
N SER K 151 10.03 79.52 48.96
CA SER K 151 8.94 78.94 49.74
C SER K 151 8.22 77.82 49.00
N ILE K 152 8.13 77.95 47.68
CA ILE K 152 7.56 76.90 46.81
C ILE K 152 8.50 75.73 46.70
N ARG K 153 9.73 76.02 46.31
CA ARG K 153 10.76 75.00 46.16
C ARG K 153 10.93 74.13 47.40
N ASN K 154 10.97 74.73 48.60
CA ASN K 154 11.18 73.97 49.82
C ASN K 154 9.89 73.53 50.52
N GLY K 155 8.77 73.58 49.82
CA GLY K 155 7.53 72.97 50.31
C GLY K 155 6.74 73.70 51.38
N THR K 156 6.76 75.02 51.37
CA THR K 156 6.09 75.78 52.43
C THR K 156 5.12 76.86 51.94
N TYR K 157 5.01 77.01 50.63
CA TYR K 157 4.17 78.04 50.03
C TYR K 157 2.73 77.86 50.56
N ASP K 158 2.23 78.87 51.29
CA ASP K 158 0.84 78.92 51.74
C ASP K 158 0.02 79.64 50.68
N HIS K 159 -0.83 78.91 49.96
CA HIS K 159 -1.66 79.52 48.92
C HIS K 159 -2.75 80.37 49.56
N ASP K 160 -3.28 79.94 50.72
CA ASP K 160 -4.42 80.61 51.38
C ASP K 160 -4.00 82.11 51.51
N VAL K 161 -2.69 82.39 51.57
CA VAL K 161 -2.13 83.78 51.61
C VAL K 161 -2.25 84.63 50.32
N TYR K 162 -1.71 84.16 49.19
CA TYR K 162 -1.78 84.93 47.94
C TYR K 162 -3.05 84.62 47.16
N ARG K 163 -4.05 84.01 47.79
CA ARG K 163 -5.20 83.54 47.05
C ARG K 163 -5.87 84.70 46.39
N ASP K 164 -6.30 85.67 47.20
CA ASP K 164 -7.13 86.76 46.73
C ASP K 164 -6.43 87.53 45.63
N GLU K 165 -5.17 87.87 45.87
CA GLU K 165 -4.38 88.59 44.85
C GLU K 165 -4.42 87.89 43.49
N ALA K 166 -4.00 86.63 43.51
CA ALA K 166 -3.86 85.81 42.31
C ALA K 166 -5.17 85.62 41.60
N LEU K 167 -6.15 85.22 42.41
CA LEU K 167 -7.46 84.82 41.97
C LEU K 167 -8.08 85.95 41.16
N ASN K 168 -7.80 87.18 41.59
CA ASN K 168 -8.38 88.34 40.94
C ASN K 168 -7.63 88.80 39.65
N ASN K 169 -6.30 88.76 39.61
CA ASN K 169 -5.63 89.08 38.31
C ASN K 169 -5.86 87.96 37.28
N ARG K 170 -6.18 86.75 37.71
CA ARG K 170 -6.62 85.70 36.78
C ARG K 170 -7.95 85.96 36.09
N PHE K 171 -8.92 86.49 36.81
CA PHE K 171 -10.30 86.52 36.31
C PHE K 171 -10.85 87.89 35.91
N GLN K 172 -10.27 89.00 36.33
CA GLN K 172 -10.79 90.30 35.88
C GLN K 172 -9.78 91.42 35.99
N ILE L 10 -1.01 60.97 49.23
CA ILE L 10 -1.24 60.17 50.49
C ILE L 10 0.14 59.65 50.79
N GLU L 11 0.91 60.43 51.52
CA GLU L 11 2.21 59.98 51.96
C GLU L 11 2.10 58.80 52.94
N ASN L 12 0.87 58.45 53.39
CA ASN L 12 0.59 57.31 54.29
C ASN L 12 -0.58 56.40 53.82
N GLY L 13 -0.86 55.37 54.61
CA GLY L 13 -2.03 54.55 54.36
C GLY L 13 -2.71 54.15 55.66
N TRP L 14 -3.96 53.73 55.57
CA TRP L 14 -4.81 53.61 56.74
C TRP L 14 -4.76 52.25 57.31
N GLU L 15 -4.27 52.15 58.55
CA GLU L 15 -4.44 50.95 59.34
C GLU L 15 -5.86 50.94 59.82
N GLY L 16 -6.37 49.77 60.14
CA GLY L 16 -7.73 49.68 60.64
C GLY L 16 -8.80 49.72 59.58
N MET L 17 -8.44 49.92 58.32
CA MET L 17 -9.42 49.75 57.24
C MET L 17 -9.49 48.27 56.96
N ILE L 18 -10.58 47.63 57.38
CA ILE L 18 -10.74 46.20 57.14
C ILE L 18 -12.01 45.90 56.31
N ASP L 19 -12.68 46.93 55.82
CA ASP L 19 -13.85 46.73 54.97
C ASP L 19 -13.33 46.20 53.57
N GLY L 20 -12.13 46.63 53.14
CA GLY L 20 -11.56 46.34 51.79
C GLY L 20 -10.09 46.81 51.63
N TRP L 21 -9.65 47.14 50.41
CA TRP L 21 -8.26 47.55 50.16
C TRP L 21 -8.06 49.05 49.84
N TYR L 22 -9.08 49.69 49.26
CA TYR L 22 -9.08 51.13 48.99
C TYR L 22 -10.39 51.73 49.52
N GLY L 23 -10.35 52.98 49.98
CA GLY L 23 -11.53 53.55 50.61
C GLY L 23 -11.66 55.05 50.59
N PHE L 24 -12.75 55.50 51.19
CA PHE L 24 -13.03 56.92 51.37
C PHE L 24 -13.19 57.31 52.84
N ARG L 25 -12.45 58.32 53.27
CA ARG L 25 -12.62 58.87 54.59
C ARG L 25 -13.09 60.30 54.45
N HIS L 26 -14.31 60.56 54.90
CA HIS L 26 -14.89 61.90 54.78
C HIS L 26 -15.04 62.54 56.15
N GLN L 27 -15.14 63.87 56.11
CA GLN L 27 -15.50 64.67 57.25
C GLN L 27 -16.38 65.84 56.82
N ASN L 28 -17.57 65.91 57.42
CA ASN L 28 -18.54 66.97 57.13
C ASN L 28 -19.16 67.46 58.43
N SER L 29 -20.25 68.22 58.33
CA SER L 29 -21.08 68.62 59.48
C SER L 29 -21.63 67.42 60.28
N GLU L 30 -22.26 66.48 59.58
CA GLU L 30 -22.82 65.28 60.22
C GLU L 30 -21.74 64.42 60.98
N GLY L 31 -20.45 64.67 60.76
CA GLY L 31 -19.35 64.00 61.49
C GLY L 31 -18.40 63.30 60.54
N THR L 32 -17.37 62.62 61.06
CA THR L 32 -16.48 61.78 60.20
C THR L 32 -17.03 60.37 59.99
N GLY L 33 -16.37 59.60 59.14
CA GLY L 33 -16.80 58.26 58.78
C GLY L 33 -15.97 57.72 57.63
N GLN L 34 -16.05 56.41 57.43
CA GLN L 34 -15.17 55.72 56.48
C GLN L 34 -15.98 54.70 55.66
N ALA L 35 -15.45 54.26 54.52
CA ALA L 35 -16.08 53.20 53.70
C ALA L 35 -15.24 52.78 52.49
N ALA L 36 -15.13 51.48 52.27
CA ALA L 36 -14.24 50.95 51.25
C ALA L 36 -14.92 50.89 49.89
N ASP L 37 -14.11 51.14 48.85
CA ASP L 37 -14.50 51.03 47.43
C ASP L 37 -14.17 49.64 46.93
N LEU L 38 -15.20 48.82 46.86
CA LEU L 38 -15.02 47.40 46.62
C LEU L 38 -14.60 47.09 45.20
N LYS L 39 -15.05 47.92 44.30
CA LYS L 39 -14.88 47.65 42.91
C LYS L 39 -13.38 47.80 42.51
N SER L 40 -12.71 48.81 43.03
CA SER L 40 -11.31 48.99 42.69
C SER L 40 -10.47 48.04 43.54
N THR L 41 -11.04 47.57 44.64
CA THR L 41 -10.34 46.59 45.44
C THR L 41 -10.25 45.27 44.68
N GLN L 42 -11.37 44.74 44.28
CA GLN L 42 -11.36 43.54 43.44
C GLN L 42 -10.54 43.70 42.17
N ALA L 43 -10.60 44.86 41.54
CA ALA L 43 -9.75 45.13 40.37
C ALA L 43 -8.26 44.82 40.60
N ALA L 44 -7.72 45.21 41.76
CA ALA L 44 -6.34 44.91 42.09
C ALA L 44 -6.22 43.43 42.31
N ILE L 45 -7.09 42.89 43.15
CA ILE L 45 -7.10 41.47 43.46
C ILE L 45 -7.11 40.68 42.16
N ASP L 46 -8.12 40.86 41.29
CA ASP L 46 -8.19 39.95 40.11
C ASP L 46 -6.94 39.96 39.26
N GLN L 47 -6.18 41.05 39.24
CA GLN L 47 -4.88 41.03 38.56
C GLN L 47 -3.81 40.21 39.26
N ILE L 48 -3.57 40.50 40.54
CA ILE L 48 -2.66 39.70 41.38
C ILE L 48 -3.01 38.22 41.33
N ASN L 49 -4.27 37.90 41.61
CA ASN L 49 -4.82 36.57 41.37
C ASN L 49 -4.36 35.98 40.04
N GLY L 50 -4.69 36.60 38.93
CA GLY L 50 -4.38 36.04 37.62
C GLY L 50 -2.89 35.93 37.30
N LYS L 51 -2.11 36.89 37.79
CA LYS L 51 -0.65 36.91 37.66
C LYS L 51 -0.09 35.75 38.43
N LEU L 52 -0.62 35.56 39.62
CA LEU L 52 -0.18 34.50 40.49
C LEU L 52 -0.51 33.14 39.88
N ASN L 53 -1.75 32.99 39.43
CA ASN L 53 -2.15 31.79 38.69
C ASN L 53 -1.26 31.43 37.52
N ARG L 54 -0.73 32.41 36.80
CA ARG L 54 0.10 32.09 35.66
C ARG L 54 1.44 31.59 36.12
N VAL L 55 1.93 32.08 37.24
CA VAL L 55 3.23 31.63 37.72
C VAL L 55 3.18 30.21 38.18
N ILE L 56 2.20 29.88 39.01
CA ILE L 56 2.12 28.56 39.59
C ILE L 56 1.29 27.61 38.73
N GLU L 57 0.89 28.03 37.52
CA GLU L 57 0.20 27.12 36.59
C GLU L 57 1.11 25.94 36.40
N LYS L 58 0.50 24.79 36.57
CA LYS L 58 1.26 23.62 36.92
C LYS L 58 2.51 23.44 36.08
N THR L 59 3.54 23.03 36.80
CA THR L 59 4.90 22.94 36.31
C THR L 59 5.08 21.77 35.29
N ASN L 60 6.34 21.40 35.02
CA ASN L 60 6.69 20.24 34.21
C ASN L 60 6.51 18.96 35.02
N GLU L 61 6.41 17.83 34.31
CA GLU L 61 6.71 16.46 34.86
C GLU L 61 7.91 15.87 34.09
N LYS L 62 8.78 15.19 34.81
CA LYS L 62 10.00 14.57 34.23
C LYS L 62 10.17 13.24 34.90
N PHE L 63 10.65 12.26 34.13
CA PHE L 63 10.79 10.88 34.60
C PHE L 63 12.22 10.38 34.55
N HIS L 64 12.58 9.46 33.67
CA HIS L 64 13.94 8.91 33.69
C HIS L 64 14.88 9.94 33.09
N GLN L 65 15.70 10.55 33.93
CA GLN L 65 16.68 11.53 33.47
C GLN L 65 18.08 10.95 33.57
N ILE L 66 19.10 11.79 33.62
CA ILE L 66 20.49 11.32 33.84
C ILE L 66 20.79 11.16 35.32
N GLU L 67 21.91 10.52 35.65
CA GLU L 67 22.32 10.44 37.05
C GLU L 67 22.98 11.75 37.44
N LYS L 68 22.83 12.16 38.69
CA LYS L 68 23.36 13.43 39.15
C LYS L 68 24.21 13.33 40.40
N GLU L 69 24.26 12.19 41.07
CA GLU L 69 25.20 11.96 42.15
C GLU L 69 26.05 10.79 41.67
N PHE L 70 27.26 10.65 42.20
CA PHE L 70 28.20 9.62 41.76
C PHE L 70 29.05 9.15 42.92
N SER L 71 29.37 7.87 42.97
CA SER L 71 30.23 7.40 44.05
C SER L 71 31.72 7.45 43.68
N GLU L 72 32.09 6.93 42.51
CA GLU L 72 33.50 6.78 42.08
C GLU L 72 33.89 7.90 41.08
N VAL L 73 35.18 8.03 40.81
CA VAL L 73 35.66 9.09 39.93
C VAL L 73 35.79 8.49 38.56
N GLU L 74 35.11 9.05 37.56
CA GLU L 74 35.14 8.44 36.21
C GLU L 74 35.87 9.31 35.15
N GLY L 75 36.10 10.58 35.48
CA GLY L 75 36.64 11.52 34.53
C GLY L 75 35.60 11.90 33.49
N ARG L 76 35.99 11.87 32.24
CA ARG L 76 35.34 12.70 31.23
C ARG L 76 33.82 12.72 31.17
N ILE L 77 33.16 11.57 31.14
CA ILE L 77 31.71 11.56 31.01
C ILE L 77 31.09 12.16 32.23
N GLN L 78 31.51 11.70 33.39
CA GLN L 78 30.99 12.25 34.62
C GLN L 78 31.18 13.74 34.68
N ASP L 79 32.36 14.22 34.34
CA ASP L 79 32.58 15.66 34.31
C ASP L 79 31.49 16.37 33.50
N LEU L 80 31.09 15.78 32.39
CA LEU L 80 30.11 16.36 31.51
C LEU L 80 28.71 16.25 32.12
N GLU L 81 28.34 15.08 32.61
CA GLU L 81 27.04 14.93 33.29
C GLU L 81 26.82 15.92 34.45
N LYS L 82 27.91 16.30 35.12
CA LYS L 82 27.83 17.24 36.22
C LYS L 82 27.75 18.66 35.71
N TYR L 83 28.46 18.94 34.63
CA TYR L 83 28.42 20.26 34.01
C TYR L 83 27.07 20.56 33.40
N VAL L 84 26.47 19.58 32.75
CA VAL L 84 25.17 19.76 32.18
C VAL L 84 24.17 20.10 33.26
N GLU L 85 24.12 19.31 34.32
CA GLU L 85 23.12 19.52 35.35
C GLU L 85 23.40 20.79 36.14
N ASP L 86 24.66 21.18 36.31
CA ASP L 86 24.89 22.41 37.02
C ASP L 86 24.42 23.59 36.16
N THR L 87 24.83 23.59 34.90
CA THR L 87 24.44 24.63 33.94
C THR L 87 22.93 24.83 33.90
N LYS L 88 22.20 23.74 33.94
CA LYS L 88 20.76 23.81 34.00
C LYS L 88 20.33 24.59 35.20
N ILE L 89 20.78 24.15 36.36
CA ILE L 89 20.34 24.73 37.64
C ILE L 89 20.57 26.23 37.73
N ASP L 90 21.78 26.62 37.40
CA ASP L 90 22.17 28.00 37.43
C ASP L 90 21.21 28.83 36.59
N LEU L 91 20.82 28.37 35.42
CA LEU L 91 19.92 29.14 34.56
C LEU L 91 18.56 29.22 35.18
N TRP L 92 17.92 28.10 35.41
CA TRP L 92 16.61 28.15 36.06
C TRP L 92 16.58 29.03 37.30
N SER L 93 17.67 29.00 38.05
CA SER L 93 17.78 29.82 39.27
C SER L 93 17.73 31.33 38.92
N TYR L 94 18.48 31.73 37.91
CA TYR L 94 18.38 33.09 37.39
C TYR L 94 16.95 33.39 36.97
N ASN L 95 16.33 32.50 36.19
CA ASN L 95 14.96 32.76 35.73
C ASN L 95 14.06 33.09 36.90
N ALA L 96 14.17 32.31 37.96
CA ALA L 96 13.32 32.48 39.08
C ALA L 96 13.61 33.79 39.81
N GLU L 97 14.87 34.13 39.98
CA GLU L 97 15.18 35.39 40.67
C GLU L 97 14.58 36.54 39.89
N LEU L 98 14.78 36.55 38.57
CA LEU L 98 14.33 37.65 37.75
C LEU L 98 12.83 37.67 37.73
N LEU L 99 12.21 36.53 37.54
CA LEU L 99 10.75 36.49 37.53
C LEU L 99 10.16 37.22 38.73
N VAL L 100 10.40 36.66 39.91
CA VAL L 100 9.90 37.26 41.11
C VAL L 100 10.14 38.77 41.17
N ALA L 101 11.36 39.19 40.88
CA ALA L 101 11.67 40.61 40.93
C ALA L 101 10.76 41.42 40.03
N LEU L 102 10.70 41.06 38.75
CA LEU L 102 9.78 41.71 37.82
C LEU L 102 8.35 41.69 38.34
N GLU L 103 7.85 40.50 38.64
CA GLU L 103 6.46 40.35 39.08
C GLU L 103 6.13 41.22 40.26
N ASN L 104 7.12 41.48 41.10
CA ASN L 104 6.89 42.27 42.30
C ASN L 104 6.84 43.74 42.00
N GLN L 105 7.86 44.24 41.34
CA GLN L 105 7.89 45.62 40.90
C GLN L 105 6.57 45.95 40.24
N HIS L 106 6.00 45.00 39.51
CA HIS L 106 4.73 45.18 38.81
C HIS L 106 3.62 45.21 39.82
N THR L 107 3.50 44.15 40.63
CA THR L 107 2.44 44.05 41.64
C THR L 107 2.35 45.31 42.50
N ILE L 108 3.49 45.97 42.75
CA ILE L 108 3.50 47.27 43.42
C ILE L 108 2.86 48.37 42.55
N ASP L 109 3.40 48.57 41.33
CA ASP L 109 2.94 49.61 40.38
C ASP L 109 1.51 49.42 39.93
N LEU L 110 1.05 48.20 40.02
CA LEU L 110 -0.33 47.84 39.75
C LEU L 110 -1.31 48.37 40.79
N THR L 111 -0.91 48.21 42.05
CA THR L 111 -1.71 48.61 43.18
C THR L 111 -1.62 50.10 43.47
N ASP L 112 -0.47 50.70 43.17
CA ASP L 112 -0.30 52.13 43.30
C ASP L 112 -1.14 52.80 42.26
N SER L 113 -1.19 52.25 41.07
CA SER L 113 -2.00 52.81 40.04
C SER L 113 -3.47 52.63 40.33
N GLU L 114 -3.85 51.60 41.08
CA GLU L 114 -5.28 51.48 41.31
C GLU L 114 -5.81 52.54 42.22
N MET L 115 -5.02 52.87 43.23
CA MET L 115 -5.35 53.97 44.13
C MET L 115 -5.44 55.25 43.34
N ASN L 116 -4.36 55.51 42.63
CA ASN L 116 -4.27 56.60 41.71
C ASN L 116 -5.47 56.75 40.79
N LYS L 117 -5.95 55.65 40.25
CA LYS L 117 -7.10 55.70 39.35
C LYS L 117 -8.38 56.05 40.05
N LEU L 118 -8.59 55.50 41.23
CA LEU L 118 -9.77 55.83 42.02
C LEU L 118 -9.83 57.31 42.32
N PHE L 119 -8.67 57.89 42.62
CA PHE L 119 -8.62 59.30 42.91
C PHE L 119 -9.09 60.12 41.72
N GLU L 120 -8.59 59.82 40.53
CA GLU L 120 -8.98 60.54 39.34
C GLU L 120 -10.46 60.40 39.10
N LYS L 121 -10.97 59.17 39.07
CA LYS L 121 -12.42 58.96 38.98
C LYS L 121 -13.20 59.94 39.85
N THR L 122 -12.74 60.09 41.09
CA THR L 122 -13.39 60.96 42.06
C THR L 122 -13.24 62.45 41.73
N ARG L 123 -12.09 62.82 41.18
CA ARG L 123 -11.87 64.21 40.79
C ARG L 123 -12.74 64.60 39.58
N ARG L 124 -12.89 63.70 38.61
CA ARG L 124 -13.65 64.01 37.39
C ARG L 124 -15.09 64.17 37.73
N GLN L 125 -15.47 63.54 38.83
CA GLN L 125 -16.84 63.56 39.28
C GLN L 125 -17.20 64.88 39.95
N LEU L 126 -16.32 65.36 40.83
CA LEU L 126 -16.55 66.61 41.51
C LEU L 126 -16.44 67.82 40.58
N ARG L 127 -15.90 67.64 39.38
CA ARG L 127 -15.70 68.74 38.43
C ARG L 127 -15.22 69.99 39.15
N GLU L 128 -15.94 71.11 39.11
CA GLU L 128 -15.37 72.39 39.57
C GLU L 128 -15.91 72.81 40.93
N ASN L 129 -16.38 71.84 41.72
CA ASN L 129 -16.97 72.09 43.02
C ASN L 129 -16.02 71.74 44.15
N ALA L 130 -14.76 71.44 43.85
CA ALA L 130 -13.78 71.03 44.89
C ALA L 130 -12.33 71.14 44.40
N GLU L 131 -11.37 71.15 45.32
CA GLU L 131 -9.95 71.34 44.96
C GLU L 131 -9.09 70.23 45.60
N ASP L 132 -7.93 69.90 44.98
CA ASP L 132 -7.03 68.82 45.50
C ASP L 132 -6.11 69.40 46.55
N MET L 133 -6.36 69.02 47.80
CA MET L 133 -5.67 69.60 48.95
C MET L 133 -4.17 69.37 48.93
N GLY L 134 -3.72 68.34 48.26
CA GLY L 134 -2.30 68.15 48.08
C GLY L 134 -1.83 66.88 48.74
N ASN L 135 -2.64 66.31 49.62
CA ASN L 135 -2.37 65.03 50.28
C ASN L 135 -3.35 63.92 49.85
N GLY L 136 -3.88 64.04 48.64
CA GLY L 136 -4.91 63.13 48.17
C GLY L 136 -6.24 63.21 48.89
N CYS L 137 -6.58 64.41 49.32
CA CYS L 137 -7.91 64.70 49.79
C CYS L 137 -8.54 65.74 48.91
N PHE L 138 -9.81 65.97 49.12
CA PHE L 138 -10.52 67.02 48.43
C PHE L 138 -11.13 67.99 49.45
N LYS L 139 -11.01 69.29 49.20
CA LYS L 139 -11.82 70.23 49.93
C LYS L 139 -12.99 70.49 49.01
N ILE L 140 -14.12 69.89 49.37
CA ILE L 140 -15.37 70.08 48.67
C ILE L 140 -15.91 71.38 49.19
N TYR L 141 -16.29 72.29 48.29
CA TYR L 141 -16.68 73.63 48.71
C TYR L 141 -18.18 73.82 48.83
N HIS L 142 -18.86 72.93 49.53
CA HIS L 142 -20.27 73.10 49.79
C HIS L 142 -20.74 72.20 50.92
N LYS L 143 -21.98 72.39 51.38
CA LYS L 143 -22.49 71.53 52.41
C LYS L 143 -22.75 70.18 51.80
N CYS L 144 -21.87 69.23 52.11
CA CYS L 144 -22.00 67.86 51.64
C CYS L 144 -22.27 66.94 52.84
N ASP L 145 -23.57 66.77 53.14
CA ASP L 145 -24.04 65.82 54.16
C ASP L 145 -23.87 64.39 53.70
N ASN L 146 -24.21 63.44 54.57
CA ASN L 146 -23.90 62.02 54.30
C ASN L 146 -24.57 61.42 53.07
N ALA L 147 -25.77 61.90 52.72
CA ALA L 147 -26.42 61.48 51.45
C ALA L 147 -25.58 61.86 50.23
N CYS L 148 -25.17 63.13 50.18
CA CYS L 148 -24.26 63.66 49.16
C CYS L 148 -22.96 62.86 49.09
N ILE L 149 -22.38 62.50 50.23
CA ILE L 149 -21.11 61.74 50.25
C ILE L 149 -21.30 60.42 49.55
N GLU L 150 -22.28 59.61 49.94
CA GLU L 150 -22.47 58.32 49.25
C GLU L 150 -22.76 58.55 47.81
N SER L 151 -23.41 59.66 47.49
CA SER L 151 -23.71 59.94 46.09
C SER L 151 -22.44 59.98 45.28
N ILE L 152 -21.36 60.47 45.88
CA ILE L 152 -20.04 60.50 45.25
C ILE L 152 -19.47 59.12 45.17
N ARG L 153 -19.41 58.45 46.31
CA ARG L 153 -18.85 57.11 46.39
C ARG L 153 -19.49 56.13 45.42
N ASN L 154 -20.82 56.17 45.31
CA ASN L 154 -21.53 55.26 44.44
C ASN L 154 -21.78 55.79 43.00
N GLY L 155 -21.08 56.86 42.62
CA GLY L 155 -21.04 57.30 41.23
C GLY L 155 -22.26 58.04 40.70
N THR L 156 -22.92 58.81 41.54
CA THR L 156 -24.13 59.50 41.10
C THR L 156 -24.16 61.03 41.37
N TYR L 157 -23.11 61.56 42.00
CA TYR L 157 -23.01 62.99 42.37
C TYR L 157 -23.22 63.86 41.15
N ASP L 158 -24.30 64.64 41.14
CA ASP L 158 -24.57 65.58 40.06
C ASP L 158 -23.94 66.89 40.47
N HIS L 159 -22.86 67.28 39.77
CA HIS L 159 -22.20 68.56 40.05
C HIS L 159 -23.09 69.75 39.62
N ASP L 160 -23.83 69.61 38.49
CA ASP L 160 -24.62 70.71 37.91
C ASP L 160 -25.53 71.24 39.05
N VAL L 161 -25.85 70.38 40.05
CA VAL L 161 -26.65 70.77 41.25
C VAL L 161 -25.96 71.70 42.29
N TYR L 162 -24.79 71.29 42.83
CA TYR L 162 -24.09 72.15 43.80
C TYR L 162 -23.12 73.14 43.14
N ARG L 163 -23.26 73.39 41.83
CA ARG L 163 -22.27 74.16 41.09
C ARG L 163 -22.22 75.52 41.72
N ASP L 164 -23.36 76.20 41.72
CA ASP L 164 -23.42 77.60 42.10
C ASP L 164 -22.91 77.79 43.50
N GLU L 165 -23.41 76.98 44.44
CA GLU L 165 -22.99 77.09 45.83
C GLU L 165 -21.47 77.06 45.93
N ALA L 166 -20.90 75.99 45.38
CA ALA L 166 -19.47 75.67 45.51
C ALA L 166 -18.62 76.72 44.85
N LEU L 167 -19.02 77.04 43.63
CA LEU L 167 -18.31 77.93 42.72
C LEU L 167 -18.11 79.28 43.39
N ASN L 168 -19.11 79.70 44.14
CA ASN L 168 -19.07 81.00 44.80
C ASN L 168 -18.24 81.02 46.11
N ASN L 169 -18.30 79.97 46.94
CA ASN L 169 -17.40 79.86 48.12
C ASN L 169 -15.95 79.82 47.72
N ARG L 170 -15.69 79.25 46.56
CA ARG L 170 -14.34 79.15 46.05
C ARG L 170 -13.75 80.46 45.63
N PHE L 171 -14.55 81.34 45.02
CA PHE L 171 -13.99 82.53 44.37
C PHE L 171 -14.29 83.83 45.11
N GLN L 172 -15.21 83.78 46.05
CA GLN L 172 -15.55 84.92 46.86
C GLN L 172 -15.13 84.57 48.32
N ILE L 173 -16.02 84.80 49.31
CA ILE L 173 -15.84 84.55 50.78
C ILE L 173 -15.18 85.76 51.56
N LYS L 174 -13.93 86.12 51.22
CA LYS L 174 -13.17 87.15 51.95
C LYS L 174 -13.34 88.50 51.30
N GLY L 175 -12.98 88.59 50.02
CA GLY L 175 -12.96 89.86 49.28
C GLY L 175 -11.67 90.08 48.50
N GLN M 1 29.52 -17.55 -42.47
CA GLN M 1 28.20 -17.29 -41.81
C GLN M 1 27.20 -18.30 -42.34
N VAL M 2 26.67 -18.13 -43.55
CA VAL M 2 25.95 -19.19 -44.28
C VAL M 2 25.87 -18.84 -45.73
N GLN M 3 26.47 -19.60 -46.64
CA GLN M 3 26.37 -19.19 -48.01
C GLN M 3 26.47 -20.27 -49.04
N LEU M 4 26.09 -19.91 -50.25
CA LEU M 4 25.99 -20.83 -51.37
C LEU M 4 26.68 -20.18 -52.57
N VAL M 5 27.91 -20.56 -52.89
CA VAL M 5 28.60 -19.99 -54.03
C VAL M 5 28.54 -20.97 -55.18
N GLN M 6 27.94 -20.55 -56.28
CA GLN M 6 27.75 -21.42 -57.46
C GLN M 6 28.84 -21.20 -58.48
N SER M 7 28.89 -22.06 -59.50
CA SER M 7 29.96 -21.99 -60.50
C SER M 7 29.69 -20.87 -61.50
N GLY M 8 30.75 -20.42 -62.17
CA GLY M 8 30.63 -19.41 -63.20
C GLY M 8 29.90 -19.91 -64.43
N ALA M 9 29.39 -18.97 -65.21
CA ALA M 9 28.52 -19.28 -66.35
C ALA M 9 29.14 -20.21 -67.33
N GLU M 10 28.39 -21.23 -67.75
CA GLU M 10 28.88 -22.16 -68.73
C GLU M 10 28.11 -21.85 -70.03
N VAL M 11 28.70 -22.27 -71.15
CA VAL M 11 28.04 -22.16 -72.46
C VAL M 11 28.21 -23.42 -73.29
N LYS M 12 27.09 -23.97 -73.74
CA LYS M 12 27.06 -25.29 -74.33
C LYS M 12 26.16 -25.34 -75.56
N LYS M 13 26.37 -26.35 -76.39
CA LYS M 13 25.69 -26.42 -77.67
C LYS M 13 24.59 -27.49 -77.65
N PRO M 14 23.52 -27.27 -78.42
CA PRO M 14 22.31 -28.07 -78.39
C PRO M 14 22.42 -29.53 -77.99
N GLY M 15 23.40 -30.24 -78.48
CA GLY M 15 23.50 -31.65 -78.09
C GLY M 15 23.89 -31.88 -76.63
N ALA M 16 25.02 -31.25 -76.27
CA ALA M 16 25.83 -31.62 -75.12
C ALA M 16 25.04 -31.51 -73.84
N SER M 17 25.74 -31.73 -72.73
CA SER M 17 25.17 -31.62 -71.41
C SER M 17 25.94 -30.60 -70.59
N VAL M 18 25.64 -30.52 -69.30
CA VAL M 18 26.21 -29.49 -68.43
C VAL M 18 26.17 -29.95 -66.98
N LYS M 19 27.09 -29.42 -66.18
CA LYS M 19 27.15 -29.70 -64.73
C LYS M 19 27.44 -28.40 -63.97
N VAL M 20 26.60 -28.10 -62.97
CA VAL M 20 26.69 -26.87 -62.22
C VAL M 20 26.93 -27.20 -60.75
N SER M 21 27.92 -26.54 -60.16
CA SER M 21 28.27 -26.80 -58.77
C SER M 21 27.64 -25.76 -57.86
N CYS M 22 27.42 -26.13 -56.61
CA CYS M 22 26.91 -25.18 -55.63
C CYS M 22 27.63 -25.44 -54.32
N LYS M 23 28.62 -24.62 -53.99
CA LYS M 23 29.40 -24.86 -52.79
C LYS M 23 28.76 -24.21 -51.56
N THR M 24 28.58 -25.00 -50.51
CA THR M 24 27.93 -24.53 -49.29
C THR M 24 28.91 -24.39 -48.14
N SER M 25 28.48 -23.75 -47.06
CA SER M 25 29.35 -23.41 -45.96
C SER M 25 28.57 -22.66 -44.90
N GLY M 26 29.09 -22.65 -43.70
CA GLY M 26 28.47 -21.93 -42.59
C GLY M 26 27.34 -22.66 -41.87
N TYR M 27 27.05 -23.88 -42.29
CA TYR M 27 26.06 -24.72 -41.65
C TYR M 27 26.47 -26.15 -41.98
N SER M 28 26.03 -27.12 -41.19
CA SER M 28 26.45 -28.49 -41.42
C SER M 28 25.70 -29.12 -42.59
N PHE M 29 26.45 -29.35 -43.65
CA PHE M 29 25.89 -29.77 -44.95
C PHE M 29 24.81 -30.83 -44.89
N SER M 30 24.97 -31.81 -44.01
CA SER M 30 24.15 -32.99 -44.08
C SER M 30 22.78 -32.88 -43.38
N THR M 31 22.43 -31.76 -42.74
CA THR M 31 21.15 -31.71 -42.03
C THR M 31 20.10 -30.92 -42.82
N TYR M 32 20.35 -30.74 -44.12
CA TYR M 32 19.48 -29.93 -44.98
C TYR M 32 19.63 -30.34 -46.45
N GLY M 33 18.50 -30.58 -47.12
CA GLY M 33 18.49 -30.79 -48.56
C GLY M 33 18.75 -29.53 -49.36
N VAL M 34 18.63 -29.66 -50.68
CA VAL M 34 18.90 -28.58 -51.61
C VAL M 34 17.86 -28.57 -52.71
N SER M 35 17.30 -27.39 -52.98
CA SER M 35 16.29 -27.19 -54.03
C SER M 35 16.94 -26.44 -55.19
N TRP M 36 16.56 -26.79 -56.42
CA TRP M 36 17.15 -26.16 -57.58
C TRP M 36 16.04 -25.52 -58.39
N VAL M 37 16.21 -24.24 -58.72
CA VAL M 37 15.22 -23.51 -59.47
C VAL M 37 15.90 -22.79 -60.60
N ARG M 38 15.27 -22.74 -61.77
CA ARG M 38 15.88 -22.06 -62.93
C ARG M 38 15.03 -20.93 -63.40
N GLN M 39 15.61 -20.07 -64.24
CA GLN M 39 14.90 -18.87 -64.67
C GLN M 39 15.23 -18.35 -66.08
N ALA M 40 14.36 -18.70 -67.02
CA ALA M 40 14.50 -18.29 -68.42
C ALA M 40 14.38 -16.78 -68.50
N PRO M 41 15.31 -16.09 -69.19
CA PRO M 41 15.40 -14.63 -69.03
C PRO M 41 14.04 -13.94 -69.23
N GLY M 42 13.64 -13.08 -68.29
CA GLY M 42 12.36 -12.36 -68.44
C GLY M 42 11.14 -13.10 -67.91
N GLN M 43 11.11 -14.41 -68.05
CA GLN M 43 10.12 -15.21 -67.34
C GLN M 43 10.38 -15.35 -65.80
N GLY M 44 9.40 -15.93 -65.09
CA GLY M 44 9.52 -16.20 -63.65
C GLY M 44 10.14 -17.55 -63.35
N PRO M 45 10.38 -17.89 -62.08
CA PRO M 45 11.20 -19.06 -61.75
C PRO M 45 10.37 -20.27 -61.93
N GLU M 46 11.00 -21.38 -62.32
CA GLU M 46 10.35 -22.69 -62.36
C GLU M 46 11.28 -23.68 -61.68
N TRP M 47 10.68 -24.61 -60.95
CA TRP M 47 11.39 -25.55 -60.10
C TRP M 47 11.91 -26.72 -60.90
N VAL M 48 13.11 -27.16 -60.54
CA VAL M 48 13.79 -28.23 -61.25
C VAL M 48 13.81 -29.53 -60.46
N GLY M 49 14.17 -29.46 -59.18
CA GLY M 49 14.23 -30.67 -58.34
C GLY M 49 14.82 -30.45 -56.95
N TRP M 50 14.92 -31.53 -56.17
CA TRP M 50 15.39 -31.44 -54.80
C TRP M 50 16.09 -32.70 -54.42
N ILE M 51 17.12 -32.59 -53.62
CA ILE M 51 17.89 -33.74 -53.17
C ILE M 51 18.28 -33.55 -51.72
N SER M 52 18.26 -34.64 -50.97
CA SER M 52 18.58 -34.59 -49.54
C SER M 52 20.03 -34.91 -49.32
N ALA M 53 20.71 -34.13 -48.50
CA ALA M 53 22.09 -34.41 -48.21
C ALA M 53 22.21 -35.36 -47.03
N TYR M 54 21.08 -35.71 -46.45
CA TYR M 54 21.05 -36.62 -45.32
C TYR M 54 20.80 -38.02 -45.84
N THR M 55 19.84 -38.16 -46.74
CA THR M 55 19.36 -39.47 -47.15
C THR M 55 19.60 -39.83 -48.60
N GLY M 56 20.17 -38.88 -49.35
CA GLY M 56 20.42 -39.07 -50.78
C GLY M 56 19.18 -39.10 -51.65
N ILE M 57 18.00 -38.98 -51.04
CA ILE M 57 16.74 -39.05 -51.75
C ILE M 57 16.62 -37.87 -52.72
N THR M 58 15.96 -38.09 -53.85
CA THR M 58 15.69 -37.03 -54.80
C THR M 58 14.23 -36.99 -55.21
N ASP M 59 13.81 -35.81 -55.70
CA ASP M 59 12.51 -35.59 -56.30
C ASP M 59 12.75 -34.62 -57.45
N TYR M 60 12.71 -35.14 -58.66
CA TYR M 60 12.85 -34.28 -59.83
C TYR M 60 11.47 -33.83 -60.23
N ALA M 61 11.36 -32.64 -60.80
CA ALA M 61 10.13 -32.22 -61.48
C ALA M 61 9.94 -33.10 -62.69
N GLN M 62 8.71 -33.51 -62.92
CA GLN M 62 8.47 -34.49 -63.94
C GLN M 62 8.71 -33.94 -65.35
N LYS M 63 8.79 -32.64 -65.48
CA LYS M 63 9.08 -32.02 -66.76
C LYS M 63 10.45 -32.42 -67.30
N PHE M 64 11.43 -32.52 -66.41
CA PHE M 64 12.81 -32.79 -66.81
C PHE M 64 13.12 -34.26 -66.81
N GLN M 65 12.44 -35.01 -65.95
CA GLN M 65 12.85 -36.38 -65.61
C GLN M 65 13.57 -37.06 -66.77
N GLY M 66 14.66 -37.72 -66.40
CA GLY M 66 15.56 -38.31 -67.36
C GLY M 66 16.71 -37.39 -67.58
N ARG M 67 16.42 -36.17 -68.02
CA ARG M 67 17.48 -35.26 -68.39
C ARG M 67 18.29 -34.77 -67.21
N VAL M 68 17.76 -34.93 -65.99
CA VAL M 68 18.34 -34.24 -64.85
C VAL M 68 18.77 -35.18 -63.72
N THR M 69 19.93 -34.87 -63.14
CA THR M 69 20.55 -35.69 -62.12
C THR M 69 21.17 -34.82 -61.03
N LEU M 70 20.66 -34.98 -59.81
CA LEU M 70 21.16 -34.26 -58.67
C LEU M 70 22.02 -35.19 -57.84
N THR M 71 23.15 -34.66 -57.38
CA THR M 71 24.09 -35.38 -56.52
C THR M 71 24.63 -34.47 -55.43
N THR M 72 25.26 -35.05 -54.42
CA THR M 72 25.95 -34.26 -53.41
C THR M 72 27.26 -34.91 -52.96
N ASP M 73 28.24 -34.05 -52.68
CA ASP M 73 29.55 -34.47 -52.19
C ASP M 73 29.77 -33.88 -50.78
N ALA M 74 29.66 -34.74 -49.77
CA ALA M 74 29.73 -34.29 -48.39
C ALA M 74 31.09 -33.75 -48.00
N THR M 75 32.16 -34.29 -48.59
CA THR M 75 33.53 -33.86 -48.26
C THR M 75 33.76 -32.40 -48.59
N THR M 76 33.50 -32.05 -49.84
CA THR M 76 33.64 -30.66 -50.26
C THR M 76 32.43 -29.78 -49.83
N ALA M 77 31.31 -30.42 -49.47
CA ALA M 77 30.06 -29.72 -49.05
C ALA M 77 29.34 -29.03 -50.22
N THR M 78 29.17 -29.78 -51.30
CA THR M 78 28.73 -29.22 -52.55
C THR M 78 27.61 -30.08 -53.13
N ALA M 79 26.59 -29.41 -53.67
CA ALA M 79 25.53 -30.06 -54.47
C ALA M 79 25.75 -29.80 -55.93
N PHE M 80 25.41 -30.78 -56.75
CA PHE M 80 25.66 -30.70 -58.17
C PHE M 80 24.38 -30.92 -58.92
N LEU M 81 24.31 -30.35 -60.12
CA LEU M 81 23.15 -30.46 -61.01
C LEU M 81 23.63 -30.81 -62.39
N ASP M 82 23.23 -31.96 -62.93
CA ASP M 82 23.62 -32.34 -64.27
C ASP M 82 22.44 -32.39 -65.18
N LEU M 83 22.48 -31.63 -66.26
CA LEU M 83 21.37 -31.58 -67.21
C LEU M 83 21.85 -32.03 -68.59
N ARG M 84 21.16 -33.01 -69.22
CA ARG M 84 21.63 -33.60 -70.47
C ARG M 84 20.75 -33.21 -71.61
N SER M 85 21.29 -33.31 -72.83
CA SER M 85 20.49 -33.12 -74.04
C SER M 85 19.94 -31.70 -74.15
N LEU M 86 20.77 -30.74 -73.78
CA LEU M 86 20.34 -29.36 -73.64
C LEU M 86 19.60 -28.81 -74.84
N ARG M 87 18.37 -28.34 -74.64
CA ARG M 87 17.65 -27.67 -75.72
C ARG M 87 18.02 -26.20 -75.60
N PRO M 88 17.74 -25.41 -76.64
CA PRO M 88 17.89 -23.96 -76.48
C PRO M 88 16.85 -23.41 -75.49
N ASP M 89 15.71 -24.10 -75.33
CA ASP M 89 14.74 -23.84 -74.24
C ASP M 89 15.43 -23.67 -72.89
N ASP M 90 16.40 -24.53 -72.59
CA ASP M 90 17.02 -24.59 -71.26
C ASP M 90 17.97 -23.44 -70.96
N THR M 91 18.14 -22.52 -71.92
CA THR M 91 18.97 -21.34 -71.69
C THR M 91 18.32 -20.60 -70.57
N ALA M 92 18.98 -20.58 -69.43
CA ALA M 92 18.44 -19.91 -68.26
C ALA M 92 19.50 -19.77 -67.22
N THR M 93 19.15 -19.05 -66.15
CA THR M 93 20.03 -18.92 -65.00
C THR M 93 19.53 -19.90 -63.91
N TYR M 94 20.46 -20.65 -63.32
CA TYR M 94 20.14 -21.82 -62.47
C TYR M 94 20.53 -21.57 -61.01
N PHE M 95 19.55 -21.62 -60.10
CA PHE M 95 19.78 -21.36 -58.67
C PHE M 95 19.68 -22.61 -57.81
N CYS M 96 20.57 -22.71 -56.82
CA CYS M 96 20.46 -23.70 -55.72
C CYS M 96 20.08 -22.95 -54.47
N ALA M 97 19.51 -23.66 -53.52
CA ALA M 97 19.03 -23.02 -52.31
C ALA M 97 18.80 -24.05 -51.25
N ARG M 98 19.17 -23.75 -50.00
CA ARG M 98 18.86 -24.66 -48.87
C ARG M 98 17.37 -24.97 -48.73
N ASP M 99 17.04 -26.22 -48.43
CA ASP M 99 15.63 -26.63 -48.39
C ASP M 99 15.39 -27.95 -47.66
N LYS M 100 14.27 -27.97 -46.94
CA LYS M 100 13.91 -28.99 -45.96
C LYS M 100 14.94 -29.13 -44.86
N VAL M 101 14.51 -29.63 -43.72
CA VAL M 101 15.42 -29.93 -42.65
C VAL M 101 15.42 -31.41 -42.44
N GLN M 102 16.59 -32.02 -42.37
CA GLN M 102 16.68 -33.46 -42.32
C GLN M 102 17.27 -33.95 -41.00
N GLY M 103 16.80 -35.09 -40.51
CA GLY M 103 17.33 -35.69 -39.28
C GLY M 103 16.73 -34.98 -38.09
N ARG M 104 17.27 -33.80 -37.79
CA ARG M 104 16.76 -32.88 -36.74
C ARG M 104 15.27 -33.13 -36.43
N VAL M 105 14.89 -32.70 -35.23
CA VAL M 105 13.50 -32.73 -34.75
C VAL M 105 12.61 -32.40 -35.92
N GLU M 106 12.18 -31.14 -36.04
CA GLU M 106 11.10 -30.81 -36.96
C GLU M 106 10.82 -29.29 -37.20
N VAL M 107 9.68 -28.77 -36.72
CA VAL M 107 8.99 -27.66 -37.39
C VAL M 107 8.13 -26.78 -36.48
N GLY M 108 7.51 -25.73 -37.02
CA GLY M 108 7.14 -25.52 -38.47
C GLY M 108 8.11 -25.12 -39.57
N SER M 109 7.60 -24.93 -40.80
CA SER M 109 8.38 -24.61 -42.06
C SER M 109 9.29 -23.37 -42.13
N GLY M 110 10.25 -23.27 -41.22
CA GLY M 110 11.18 -22.15 -41.17
C GLY M 110 12.32 -22.33 -42.13
N GLY M 111 12.05 -23.02 -43.22
CA GLY M 111 12.98 -22.94 -44.32
C GLY M 111 13.60 -24.27 -44.65
N ARG M 112 13.46 -24.71 -45.90
CA ARG M 112 12.50 -24.15 -46.90
C ARG M 112 12.92 -22.83 -47.61
N HIS M 113 14.03 -22.98 -48.35
CA HIS M 113 14.60 -21.94 -49.20
C HIS M 113 15.06 -20.75 -48.35
N ASP M 114 15.92 -21.02 -47.37
CA ASP M 114 16.49 -20.01 -46.46
C ASP M 114 17.35 -19.08 -47.23
N TYR M 115 18.30 -19.68 -47.93
CA TYR M 115 19.41 -18.95 -48.55
C TYR M 115 19.74 -19.51 -49.94
N TRP M 116 20.13 -18.62 -50.86
CA TRP M 116 20.21 -18.93 -52.28
C TRP M 116 21.58 -18.69 -52.88
N GLY M 117 21.84 -19.39 -53.97
CA GLY M 117 23.07 -19.21 -54.73
C GLY M 117 22.97 -17.91 -55.49
N GLN M 118 24.11 -17.36 -55.90
CA GLN M 118 24.09 -16.10 -56.60
C GLN M 118 23.61 -16.31 -58.03
N GLY M 119 23.40 -17.55 -58.44
CA GLY M 119 22.83 -17.80 -59.76
C GLY M 119 23.94 -18.08 -60.72
N THR M 120 23.68 -18.93 -61.72
CA THR M 120 24.75 -19.36 -62.64
C THR M 120 24.21 -19.61 -64.05
N LEU M 121 24.67 -18.78 -64.98
CA LEU M 121 23.98 -18.62 -66.24
C LEU M 121 24.34 -19.77 -67.12
N VAL M 122 23.36 -20.38 -67.78
CA VAL M 122 23.67 -21.43 -68.78
C VAL M 122 23.10 -21.02 -70.14
N ILE M 123 23.96 -20.95 -71.15
CA ILE M 123 23.51 -20.55 -72.48
C ILE M 123 23.67 -21.67 -73.47
N VAL M 124 22.55 -22.06 -74.05
CA VAL M 124 22.54 -23.13 -75.00
C VAL M 124 22.34 -22.51 -76.37
N SER M 125 23.45 -22.26 -77.05
CA SER M 125 23.48 -21.72 -78.41
C SER M 125 24.55 -22.44 -79.26
N SER M 126 24.32 -22.50 -80.56
CA SER M 126 25.25 -23.17 -81.48
C SER M 126 26.25 -22.20 -82.10
N ALA M 127 26.21 -20.94 -81.69
CA ALA M 127 27.07 -19.93 -82.32
C ALA M 127 28.45 -19.92 -81.70
N SER M 128 29.36 -19.20 -82.35
CA SER M 128 30.74 -19.00 -81.88
C SER M 128 30.86 -17.98 -80.78
N THR M 129 31.90 -18.12 -79.98
CA THR M 129 32.30 -17.10 -79.02
C THR M 129 33.11 -15.98 -79.72
N LYS M 130 32.89 -14.73 -79.28
CA LYS M 130 33.59 -13.54 -79.78
C LYS M 130 33.82 -12.61 -78.59
N GLY M 131 35.05 -12.13 -78.42
CA GLY M 131 35.38 -11.16 -77.35
C GLY M 131 34.93 -9.75 -77.72
N PRO M 132 34.69 -8.91 -76.71
CA PRO M 132 34.17 -7.59 -76.96
C PRO M 132 35.26 -6.60 -77.35
N SER M 133 34.90 -5.59 -78.14
CA SER M 133 35.72 -4.38 -78.30
C SER M 133 35.25 -3.40 -77.28
N VAL M 134 36.18 -2.71 -76.63
CA VAL M 134 35.82 -1.70 -75.63
C VAL M 134 36.22 -0.32 -76.12
N PHE M 135 35.23 0.53 -76.34
CA PHE M 135 35.45 1.86 -76.87
C PHE M 135 35.14 2.89 -75.79
N PRO M 136 35.94 3.96 -75.70
CA PRO M 136 35.63 4.98 -74.73
C PRO M 136 34.37 5.71 -75.14
N LEU M 137 33.62 6.11 -74.13
CA LEU M 137 32.40 6.82 -74.30
C LEU M 137 32.71 8.27 -73.90
N ALA M 138 33.42 8.92 -74.83
CA ALA M 138 34.06 10.22 -74.63
C ALA M 138 33.16 11.31 -74.00
N PRO M 139 33.58 11.90 -72.86
CA PRO M 139 32.81 13.00 -72.23
C PRO M 139 32.84 14.30 -73.03
N GLY M 147 27.72 21.92 -62.07
CA GLY M 147 27.78 21.38 -63.42
C GLY M 147 28.09 19.90 -63.43
N THR M 148 27.07 19.08 -63.69
CA THR M 148 27.21 17.61 -63.78
C THR M 148 27.62 17.14 -65.20
N ALA M 149 28.46 16.10 -65.26
CA ALA M 149 29.00 15.60 -66.54
C ALA M 149 28.97 14.07 -66.60
N ALA M 150 28.88 13.52 -67.82
CA ALA M 150 28.71 12.08 -68.02
C ALA M 150 29.83 11.45 -68.86
N LEU M 151 30.22 10.22 -68.55
CA LEU M 151 31.22 9.44 -69.33
C LEU M 151 30.83 7.94 -69.34
N GLY M 152 31.65 7.08 -69.95
CA GLY M 152 31.36 5.64 -69.92
C GLY M 152 32.30 4.70 -70.69
N CYS M 153 31.81 3.49 -70.96
CA CYS M 153 32.44 2.54 -71.91
C CYS M 153 31.31 2.04 -72.82
N LEU M 154 31.69 1.53 -73.98
CA LEU M 154 30.78 0.85 -74.86
C LEU M 154 31.42 -0.48 -75.14
N VAL M 155 30.80 -1.55 -74.65
CA VAL M 155 31.24 -2.92 -74.89
C VAL M 155 30.49 -3.49 -76.09
N LYS M 156 31.21 -3.68 -77.20
CA LYS M 156 30.57 -3.90 -78.48
C LYS M 156 30.96 -5.21 -79.16
N ASP M 157 29.98 -5.83 -79.81
CA ASP M 157 30.16 -7.01 -80.67
C ASP M 157 30.84 -8.19 -80.03
N TYR M 158 30.14 -8.80 -79.08
CA TYR M 158 30.59 -9.99 -78.38
C TYR M 158 29.49 -11.06 -78.35
N PHE M 159 29.87 -12.29 -78.02
CA PHE M 159 28.95 -13.40 -77.77
C PHE M 159 29.72 -14.49 -77.03
N PRO M 160 29.06 -15.22 -76.14
CA PRO M 160 27.70 -15.02 -75.68
C PRO M 160 27.78 -14.18 -74.43
N GLU M 161 26.67 -14.09 -73.71
CA GLU M 161 26.63 -13.39 -72.44
C GLU M 161 27.28 -14.28 -71.38
N PRO M 162 27.71 -13.70 -70.25
CA PRO M 162 27.60 -12.31 -69.83
C PRO M 162 28.91 -11.56 -69.90
N VAL M 163 28.78 -10.25 -69.77
CA VAL M 163 29.90 -9.38 -69.61
C VAL M 163 29.73 -8.68 -68.28
N THR M 164 30.77 -8.71 -67.47
CA THR M 164 30.75 -8.03 -66.20
C THR M 164 31.59 -6.74 -66.29
N VAL M 165 30.96 -5.61 -65.99
CA VAL M 165 31.61 -4.29 -66.04
C VAL M 165 31.59 -3.59 -64.71
N SER M 166 32.76 -3.22 -64.20
CA SER M 166 32.86 -2.43 -62.98
C SER M 166 33.81 -1.27 -63.22
N TRP M 167 34.04 -0.46 -62.19
CA TRP M 167 34.83 0.79 -62.28
C TRP M 167 35.81 0.93 -61.12
N ASN M 168 37.12 0.82 -61.43
CA ASN M 168 38.19 1.02 -60.45
C ASN M 168 38.25 -0.13 -59.46
N SER M 169 38.26 -1.35 -59.99
CA SER M 169 38.08 -2.59 -59.21
C SER M 169 36.80 -2.63 -58.35
N GLY M 170 35.85 -1.75 -58.64
CA GLY M 170 34.69 -1.52 -57.78
C GLY M 170 34.82 -0.35 -56.80
N ALA M 171 35.89 0.46 -56.93
CA ALA M 171 36.12 1.60 -56.01
C ALA M 171 35.12 2.72 -56.24
N LEU M 172 34.68 2.89 -57.48
CA LEU M 172 33.56 3.76 -57.81
C LEU M 172 32.28 2.95 -58.04
N THR M 173 31.40 3.02 -57.05
CA THR M 173 30.14 2.33 -57.12
C THR M 173 29.02 3.32 -57.41
N SER M 174 29.07 4.48 -56.78
CA SER M 174 27.97 5.46 -56.84
C SER M 174 27.80 6.18 -58.21
N GLY M 175 26.54 6.36 -58.61
CA GLY M 175 26.16 7.08 -59.83
C GLY M 175 26.47 6.36 -61.13
N VAL M 176 26.50 5.04 -61.08
CA VAL M 176 26.83 4.20 -62.24
C VAL M 176 25.56 3.49 -62.68
N HIS M 177 25.36 3.39 -63.98
CA HIS M 177 24.24 2.63 -64.50
C HIS M 177 24.82 1.75 -65.59
N THR M 178 24.83 0.44 -65.37
CA THR M 178 25.19 -0.52 -66.42
C THR M 178 23.91 -1.13 -67.00
N PHE M 179 23.76 -0.98 -68.31
CA PHE M 179 22.53 -1.29 -69.02
C PHE M 179 22.45 -2.75 -69.45
N PRO M 180 21.21 -3.23 -69.65
CA PRO M 180 20.93 -4.52 -70.24
C PRO M 180 21.61 -4.68 -71.60
N ALA M 181 22.20 -5.85 -71.83
CA ALA M 181 22.81 -6.13 -73.12
C ALA M 181 21.70 -6.14 -74.14
N VAL M 182 22.00 -5.67 -75.33
CA VAL M 182 21.00 -5.61 -76.35
C VAL M 182 21.51 -6.43 -77.53
N LEU M 183 20.65 -7.30 -78.06
CA LEU M 183 20.99 -8.17 -79.17
C LEU M 183 20.94 -7.41 -80.50
N GLN M 184 21.93 -7.64 -81.37
CA GLN M 184 21.96 -7.00 -82.69
C GLN M 184 21.52 -7.99 -83.72
N SER M 185 21.17 -7.49 -84.90
CA SER M 185 20.74 -8.37 -86.00
C SER M 185 21.95 -9.15 -86.50
N SER M 186 23.15 -8.64 -86.21
CA SER M 186 24.38 -9.39 -86.49
C SER M 186 24.59 -10.59 -85.56
N GLY M 187 23.66 -10.86 -84.65
CA GLY M 187 23.77 -12.03 -83.78
C GLY M 187 24.55 -11.79 -82.50
N LEU M 188 25.46 -10.81 -82.52
CA LEU M 188 26.28 -10.44 -81.35
C LEU M 188 25.55 -9.55 -80.31
N TYR M 189 26.26 -9.14 -79.26
CA TYR M 189 25.69 -8.30 -78.22
C TYR M 189 26.45 -7.00 -78.08
N SER M 190 25.74 -5.97 -77.63
CA SER M 190 26.31 -4.66 -77.38
C SER M 190 25.80 -4.25 -76.02
N LEU M 191 26.64 -3.56 -75.25
CA LEU M 191 26.34 -3.21 -73.85
C LEU M 191 26.96 -1.86 -73.47
N SER M 192 26.19 -0.96 -72.89
CA SER M 192 26.74 0.32 -72.42
C SER M 192 26.83 0.38 -70.91
N SER M 193 27.75 1.20 -70.41
CA SER M 193 27.85 1.51 -68.99
C SER M 193 28.30 2.92 -68.82
N VAL M 194 27.58 3.71 -68.03
CA VAL M 194 27.89 5.15 -67.88
C VAL M 194 27.99 5.59 -66.43
N VAL M 195 28.69 6.71 -66.22
CA VAL M 195 28.88 7.28 -64.88
C VAL M 195 28.62 8.77 -64.97
N THR M 196 27.84 9.32 -64.04
CA THR M 196 27.70 10.78 -63.91
C THR M 196 28.55 11.22 -62.74
N VAL M 197 29.46 12.17 -63.00
CA VAL M 197 30.42 12.65 -61.99
C VAL M 197 30.47 14.18 -61.99
N PRO M 198 30.91 14.79 -60.86
CA PRO M 198 31.01 16.24 -60.86
C PRO M 198 32.06 16.75 -61.84
N SER M 199 31.72 17.79 -62.59
CA SER M 199 32.53 18.25 -63.72
C SER M 199 33.65 19.21 -63.33
N SER M 200 34.26 18.96 -62.18
CA SER M 200 35.33 19.79 -61.67
C SER M 200 36.51 18.86 -61.52
N SER M 201 36.30 17.82 -60.71
CA SER M 201 37.26 16.74 -60.55
C SER M 201 37.47 16.09 -61.92
N LEU M 202 38.54 16.47 -62.60
CA LEU M 202 38.95 15.91 -63.90
C LEU M 202 40.47 15.67 -63.97
N GLY M 203 41.25 16.70 -63.68
CA GLY M 203 42.68 16.54 -63.53
C GLY M 203 43.01 15.48 -62.48
N THR M 204 42.39 15.56 -61.30
CA THR M 204 42.78 14.72 -60.14
C THR M 204 42.38 13.25 -60.29
N GLN M 205 41.11 13.01 -60.59
CA GLN M 205 40.57 11.67 -60.74
C GLN M 205 41.01 11.03 -62.05
N THR M 206 40.73 9.75 -62.19
CA THR M 206 40.68 9.11 -63.49
C THR M 206 39.65 8.00 -63.34
N TYR M 207 39.48 7.19 -64.38
CA TYR M 207 38.45 6.17 -64.36
C TYR M 207 38.89 4.81 -64.95
N ILE M 208 38.23 3.71 -64.54
CA ILE M 208 38.52 2.35 -65.09
C ILE M 208 37.25 1.59 -65.57
N CYS M 209 37.36 0.87 -66.71
CA CYS M 209 36.30 0.00 -67.24
C CYS M 209 36.76 -1.42 -66.96
N ASN M 210 36.32 -1.98 -65.85
CA ASN M 210 36.72 -3.34 -65.54
C ASN M 210 35.87 -4.24 -66.42
N VAL M 211 36.09 -4.19 -67.72
CA VAL M 211 35.32 -5.01 -68.63
C VAL M 211 35.91 -6.38 -68.55
N ASN M 212 35.03 -7.38 -68.54
CA ASN M 212 35.47 -8.74 -68.38
C ASN M 212 34.46 -9.73 -68.98
N HIS M 213 34.83 -10.36 -70.09
CA HIS M 213 33.97 -11.29 -70.80
C HIS M 213 34.58 -12.67 -70.70
N LYS M 214 34.07 -13.49 -69.78
CA LYS M 214 34.72 -14.72 -69.40
C LYS M 214 34.47 -15.96 -70.26
N PRO M 215 33.47 -15.91 -71.15
CA PRO M 215 33.41 -16.98 -72.17
C PRO M 215 34.54 -16.89 -73.19
N SER M 216 35.29 -15.79 -73.15
CA SER M 216 36.37 -15.54 -74.09
C SER M 216 37.65 -15.08 -73.36
N ASN M 217 37.74 -15.46 -72.08
CA ASN M 217 38.82 -15.04 -71.16
C ASN M 217 39.42 -13.61 -71.37
N THR M 218 38.58 -12.63 -71.75
CA THR M 218 39.01 -11.25 -72.09
C THR M 218 38.89 -10.24 -70.94
N LYS M 219 39.92 -10.11 -70.09
CA LYS M 219 39.99 -9.03 -69.07
C LYS M 219 40.62 -7.77 -69.67
N VAL M 220 39.82 -6.87 -70.25
CA VAL M 220 40.37 -5.64 -70.84
C VAL M 220 39.95 -4.38 -70.09
N ASP M 221 40.83 -3.91 -69.19
CA ASP M 221 40.60 -2.72 -68.34
C ASP M 221 41.09 -1.47 -69.02
N LYS M 222 40.24 -0.89 -69.87
CA LYS M 222 40.65 0.09 -70.89
C LYS M 222 39.96 1.44 -70.68
N LYS M 223 40.73 2.54 -70.80
CA LYS M 223 40.33 3.79 -70.16
C LYS M 223 39.93 5.03 -70.94
N VAL M 224 39.38 5.99 -70.19
CA VAL M 224 38.55 7.05 -70.71
C VAL M 224 39.01 8.38 -70.15
N GLU M 225 39.02 9.40 -71.01
CA GLU M 225 39.35 10.78 -70.65
C GLU M 225 39.06 11.72 -71.83
N PRO M 226 38.77 13.00 -71.56
CA PRO M 226 38.18 13.88 -72.63
C PRO M 226 39.07 14.17 -73.87
N VAL N 2 -0.71 -28.08 -59.71
CA VAL N 2 -1.11 -26.96 -58.75
C VAL N 2 -0.62 -25.61 -59.25
N VAL N 3 -1.50 -24.84 -59.87
CA VAL N 3 -1.14 -23.61 -60.54
C VAL N 3 -1.41 -22.40 -59.67
N LEU N 4 -0.43 -21.53 -59.57
CA LEU N 4 -0.61 -20.31 -58.84
C LEU N 4 -0.67 -19.19 -59.84
N THR N 5 -1.86 -18.61 -59.99
CA THR N 5 -2.04 -17.39 -60.77
C THR N 5 -2.12 -16.22 -59.79
N GLN N 6 -1.26 -15.22 -59.95
CA GLN N 6 -1.27 -14.14 -59.00
C GLN N 6 -1.49 -12.80 -59.67
N SER N 7 -2.09 -11.86 -58.96
CA SER N 7 -2.56 -10.63 -59.54
C SER N 7 -2.41 -9.53 -58.52
N PRO N 8 -2.42 -8.26 -58.98
CA PRO N 8 -2.54 -7.82 -60.36
C PRO N 8 -1.23 -7.85 -61.10
N GLY N 9 -1.29 -7.77 -62.43
CA GLY N 9 -0.11 -7.90 -63.29
C GLY N 9 1.08 -7.13 -62.75
N THR N 10 1.07 -5.84 -62.99
CA THR N 10 1.97 -4.95 -62.29
C THR N 10 1.09 -4.09 -61.41
N LEU N 11 1.71 -3.26 -60.59
CA LEU N 11 0.98 -2.21 -59.95
C LEU N 11 1.93 -1.15 -59.45
N ALA N 12 1.54 0.09 -59.69
CA ALA N 12 2.32 1.28 -59.39
C ALA N 12 1.60 2.06 -58.31
N LEU N 13 2.29 2.32 -57.20
CA LEU N 13 1.74 3.08 -56.11
C LEU N 13 2.81 3.97 -55.54
N PRO N 14 2.43 5.15 -55.04
CA PRO N 14 3.40 6.08 -54.43
C PRO N 14 4.00 5.57 -53.11
N PRO N 15 5.14 6.13 -52.67
CA PRO N 15 5.69 5.78 -51.35
C PRO N 15 4.71 6.10 -50.27
N GLY N 16 4.72 5.31 -49.19
CA GLY N 16 3.79 5.47 -48.07
C GLY N 16 2.34 5.07 -48.37
N GLU N 17 2.12 4.29 -49.43
CA GLU N 17 0.81 3.74 -49.74
C GLU N 17 0.89 2.24 -49.42
N ARG N 18 -0.13 1.44 -49.76
CA ARG N 18 -0.10 -0.02 -49.46
C ARG N 18 -0.36 -0.90 -50.64
N ALA N 19 0.58 -1.76 -50.92
CA ALA N 19 0.42 -2.73 -51.99
C ALA N 19 -0.20 -3.94 -51.37
N THR N 20 -1.12 -4.52 -52.12
CA THR N 20 -1.84 -5.66 -51.64
C THR N 20 -1.85 -6.69 -52.78
N LEU N 21 -1.03 -7.73 -52.65
CA LEU N 21 -0.80 -8.71 -53.71
C LEU N 21 -1.57 -9.98 -53.38
N SER N 22 -2.22 -10.55 -54.38
CA SER N 22 -2.92 -11.80 -54.19
C SER N 22 -2.19 -12.92 -54.91
N CYS N 23 -2.59 -14.15 -54.57
CA CYS N 23 -2.06 -15.40 -55.12
C CYS N 23 -3.09 -16.49 -54.95
N ARG N 24 -3.91 -16.67 -55.97
CA ARG N 24 -4.93 -17.71 -55.93
C ARG N 24 -4.29 -19.00 -56.42
N ALA N 25 -4.62 -20.11 -55.77
CA ALA N 25 -4.09 -21.43 -56.14
C ALA N 25 -5.17 -22.32 -56.72
N SER N 26 -4.81 -23.16 -57.68
CA SER N 26 -5.80 -24.00 -58.36
C SER N 26 -6.26 -25.17 -57.50
N HIS N 27 -5.58 -25.43 -56.39
CA HIS N 27 -6.04 -26.48 -55.48
C HIS N 27 -5.77 -26.01 -54.06
N ARG N 28 -6.37 -26.64 -53.05
CA ARG N 28 -6.17 -26.21 -51.66
C ARG N 28 -4.78 -26.60 -51.24
N VAL N 29 -4.24 -25.85 -50.28
CA VAL N 29 -2.84 -26.00 -49.86
C VAL N 29 -2.69 -25.61 -48.41
N GLY N 30 -1.87 -26.35 -47.68
CA GLY N 30 -1.62 -25.98 -46.29
C GLY N 30 -1.06 -24.58 -46.16
N SER N 31 -1.48 -23.85 -45.14
CA SER N 31 -0.93 -22.53 -44.90
C SER N 31 0.57 -22.61 -44.60
N THR N 32 1.07 -23.81 -44.41
CA THR N 32 2.45 -23.99 -43.96
C THR N 32 3.44 -24.16 -45.14
N TYR N 33 2.88 -24.44 -46.31
CA TYR N 33 3.70 -24.76 -47.47
C TYR N 33 3.71 -23.62 -48.47
N ILE N 34 3.52 -22.39 -47.98
CA ILE N 34 3.53 -21.24 -48.86
C ILE N 34 4.69 -20.30 -48.53
N ALA N 35 5.25 -19.67 -49.54
CA ALA N 35 6.31 -18.72 -49.35
C ALA N 35 6.24 -17.61 -50.39
N TRP N 36 6.73 -16.43 -50.00
CA TRP N 36 6.76 -15.26 -50.87
C TRP N 36 8.16 -14.77 -51.00
N TYR N 37 8.48 -14.28 -52.17
CA TYR N 37 9.83 -13.85 -52.43
C TYR N 37 9.80 -12.52 -53.16
N GLN N 38 10.90 -11.79 -53.01
CA GLN N 38 11.12 -10.56 -53.71
C GLN N 38 12.38 -10.71 -54.53
N GLN N 39 12.39 -10.15 -55.74
CA GLN N 39 13.53 -10.30 -56.64
C GLN N 39 13.77 -9.07 -57.45
N LYS N 40 14.93 -8.44 -57.21
CA LYS N 40 15.35 -7.27 -57.96
C LYS N 40 16.29 -7.79 -59.02
N SER N 41 16.06 -7.45 -60.29
CA SER N 41 16.70 -8.17 -61.40
C SER N 41 18.21 -8.15 -61.34
N GLY N 42 18.80 -9.27 -61.72
CA GLY N 42 20.21 -9.54 -61.45
C GLY N 42 20.37 -10.55 -60.33
N GLN N 43 20.18 -10.08 -59.11
CA GLN N 43 20.33 -10.93 -57.95
C GLN N 43 19.28 -12.06 -57.83
N ALA N 44 19.54 -12.99 -56.91
CA ALA N 44 18.71 -14.13 -56.70
C ALA N 44 17.52 -13.75 -55.86
N PRO N 45 16.47 -14.58 -55.88
CA PRO N 45 15.27 -14.35 -55.06
C PRO N 45 15.50 -14.33 -53.56
N ARG N 46 14.93 -13.34 -52.90
CA ARG N 46 15.11 -13.14 -51.46
C ARG N 46 13.81 -13.41 -50.85
N ARG N 47 13.84 -14.15 -49.78
CA ARG N 47 12.62 -14.73 -49.27
C ARG N 47 12.02 -13.87 -48.19
N LEU N 48 10.82 -13.38 -48.43
CA LEU N 48 10.11 -12.57 -47.49
C LEU N 48 9.37 -13.38 -46.45
N ILE N 49 8.44 -14.22 -46.88
CA ILE N 49 7.53 -14.85 -45.98
C ILE N 49 7.60 -16.36 -46.12
N TYR N 50 7.57 -17.08 -45.01
CA TYR N 50 7.38 -18.51 -45.04
C TYR N 50 6.18 -18.92 -44.19
N GLY N 51 5.56 -20.00 -44.64
CA GLY N 51 4.36 -20.54 -44.02
C GLY N 51 3.20 -19.59 -44.16
N ALA N 52 3.19 -18.84 -45.24
CA ALA N 52 2.12 -17.90 -45.55
C ALA N 52 2.05 -16.66 -44.68
N SER N 53 2.44 -16.80 -43.40
CA SER N 53 2.23 -15.78 -42.36
C SER N 53 3.47 -15.16 -41.78
N ASN N 54 4.62 -15.85 -41.80
CA ASN N 54 5.80 -15.44 -41.00
C ASN N 54 6.92 -14.79 -41.78
N ARG N 55 7.50 -13.75 -41.21
CA ARG N 55 8.61 -13.08 -41.86
C ARG N 55 9.88 -13.89 -41.63
N ALA N 56 10.73 -14.00 -42.64
CA ALA N 56 12.08 -14.47 -42.42
C ALA N 56 12.85 -13.35 -41.79
N THR N 57 14.05 -13.65 -41.31
CA THR N 57 14.79 -12.72 -40.47
C THR N 57 15.40 -11.59 -41.27
N ASP N 58 15.69 -10.50 -40.56
CA ASP N 58 16.16 -9.23 -41.13
C ASP N 58 15.15 -8.55 -42.06
N ILE N 59 13.86 -8.87 -41.90
CA ILE N 59 12.84 -8.33 -42.78
C ILE N 59 11.91 -7.40 -42.06
N PRO N 60 11.76 -6.21 -42.62
CA PRO N 60 10.93 -5.20 -41.97
C PRO N 60 9.47 -5.65 -41.86
N ASP N 61 8.73 -5.04 -40.93
CA ASP N 61 7.39 -5.50 -40.58
C ASP N 61 6.33 -4.87 -41.46
N ARG N 62 6.77 -4.01 -42.37
CA ARG N 62 5.97 -3.56 -43.52
C ARG N 62 5.43 -4.76 -44.24
N PHE N 63 6.27 -5.78 -44.39
CA PHE N 63 5.89 -7.05 -45.04
C PHE N 63 5.13 -7.98 -44.11
N SER N 64 4.05 -8.55 -44.60
CA SER N 64 3.27 -9.50 -43.83
C SER N 64 2.36 -10.29 -44.74
N GLY N 65 1.99 -11.48 -44.32
CA GLY N 65 1.25 -12.35 -45.22
C GLY N 65 0.11 -13.06 -44.54
N SER N 66 -0.83 -13.59 -45.33
CA SER N 66 -1.98 -14.30 -44.81
C SER N 66 -2.66 -15.08 -45.89
N GLY N 67 -3.61 -15.90 -45.47
CA GLY N 67 -4.35 -16.75 -46.40
C GLY N 67 -4.77 -18.13 -45.88
N SER N 68 -5.83 -18.61 -46.47
CA SER N 68 -6.50 -19.74 -45.93
C SER N 68 -6.76 -20.60 -47.13
N GLY N 69 -6.10 -21.74 -47.17
CA GLY N 69 -6.47 -22.78 -48.12
C GLY N 69 -6.22 -22.54 -49.60
N THR N 70 -6.82 -21.51 -50.18
CA THR N 70 -6.69 -21.31 -51.59
C THR N 70 -6.32 -19.86 -51.98
N ASP N 71 -6.60 -18.86 -51.12
CA ASP N 71 -6.28 -17.45 -51.41
C ASP N 71 -5.21 -16.94 -50.51
N PHE N 72 -4.01 -16.78 -51.01
CA PHE N 72 -2.93 -16.23 -50.22
C PHE N 72 -2.59 -14.84 -50.68
N THR N 73 -2.22 -14.00 -49.72
CA THR N 73 -1.96 -12.60 -50.02
C THR N 73 -0.72 -12.09 -49.25
N LEU N 74 0.01 -11.17 -49.88
CA LEU N 74 1.14 -10.51 -49.27
C LEU N 74 0.86 -9.02 -49.28
N THR N 75 1.04 -8.39 -48.12
CA THR N 75 0.79 -6.95 -47.96
C THR N 75 2.06 -6.23 -47.53
N ILE N 76 2.46 -5.24 -48.31
CA ILE N 76 3.53 -4.33 -47.95
C ILE N 76 2.85 -3.09 -47.42
N ARG N 77 3.03 -2.79 -46.13
CA ARG N 77 2.06 -1.96 -45.43
C ARG N 77 2.29 -0.48 -45.74
N ARG N 78 3.54 -0.05 -45.83
CA ARG N 78 3.85 1.32 -46.25
C ARG N 78 5.10 1.38 -47.11
N LEU N 79 4.87 1.53 -48.42
CA LEU N 79 5.90 1.31 -49.45
C LEU N 79 7.08 2.21 -49.26
N GLU N 80 8.23 1.73 -49.70
CA GLU N 80 9.43 2.53 -49.77
C GLU N 80 9.94 2.48 -51.18
N PRO N 81 10.90 3.35 -51.52
CA PRO N 81 11.52 3.19 -52.84
C PRO N 81 12.41 1.93 -52.96
N GLU N 82 12.91 1.47 -51.81
CA GLU N 82 13.59 0.20 -51.64
C GLU N 82 12.80 -0.99 -52.21
N ASP N 83 11.48 -0.88 -52.32
CA ASP N 83 10.62 -2.05 -52.58
C ASP N 83 10.25 -2.37 -54.02
N SER N 84 10.74 -1.59 -54.96
CA SER N 84 10.39 -1.85 -56.36
C SER N 84 11.06 -3.11 -56.83
N ALA N 85 10.23 -4.09 -57.11
CA ALA N 85 10.71 -5.43 -57.40
C ALA N 85 9.58 -6.32 -57.98
N VAL N 86 9.90 -7.58 -58.21
CA VAL N 86 8.90 -8.54 -58.62
C VAL N 86 8.68 -9.40 -57.41
N TYR N 87 7.48 -9.89 -57.24
CA TYR N 87 7.16 -10.70 -56.08
C TYR N 87 6.57 -12.01 -56.54
N TYR N 88 7.09 -13.11 -56.00
CA TYR N 88 6.64 -14.43 -56.42
C TYR N 88 6.04 -15.18 -55.26
N CYS N 89 4.84 -15.73 -55.39
CA CYS N 89 4.40 -16.72 -54.40
C CYS N 89 4.87 -18.10 -54.87
N GLN N 90 5.01 -19.03 -53.93
CA GLN N 90 5.48 -20.42 -54.25
C GLN N 90 4.86 -21.41 -53.29
N GLN N 91 4.50 -22.58 -53.80
CA GLN N 91 4.03 -23.66 -52.94
C GLN N 91 4.92 -24.88 -53.07
N PHE N 92 5.11 -25.60 -51.96
CA PHE N 92 5.91 -26.79 -51.97
C PHE N 92 5.25 -27.89 -51.12
N SER N 93 3.95 -27.99 -51.31
CA SER N 93 3.14 -29.03 -50.70
C SER N 93 3.10 -30.21 -51.62
N VAL N 94 2.99 -29.93 -52.92
CA VAL N 94 2.75 -30.97 -53.92
C VAL N 94 3.74 -30.93 -55.08
N SER N 95 4.52 -32.00 -55.24
CA SER N 95 5.43 -32.06 -56.38
C SER N 95 4.62 -31.95 -57.69
N PRO N 96 5.05 -31.10 -58.60
CA PRO N 96 6.20 -30.22 -58.59
C PRO N 96 5.96 -28.96 -57.78
N TRP N 97 6.87 -28.65 -56.83
CA TRP N 97 6.93 -27.31 -56.22
C TRP N 97 6.77 -26.28 -57.37
N THR N 98 5.88 -25.30 -57.22
CA THR N 98 5.54 -24.33 -58.30
C THR N 98 5.58 -22.89 -57.84
N PHE N 99 5.76 -21.98 -58.78
CA PHE N 99 5.82 -20.57 -58.50
C PHE N 99 4.70 -19.81 -59.17
N GLY N 100 4.54 -18.57 -58.78
CA GLY N 100 3.55 -17.71 -59.39
C GLY N 100 4.06 -17.03 -60.63
N GLN N 101 3.12 -16.42 -61.33
CA GLN N 101 3.35 -15.57 -62.51
C GLN N 101 4.34 -14.49 -62.18
N GLY N 102 4.11 -13.84 -61.05
CA GLY N 102 4.91 -12.73 -60.58
C GLY N 102 4.12 -11.41 -60.69
N THR N 103 3.99 -10.69 -59.58
CA THR N 103 3.42 -9.33 -59.58
C THR N 103 4.57 -8.33 -59.52
N ARG N 104 4.62 -7.38 -60.45
CA ARG N 104 5.64 -6.31 -60.41
C ARG N 104 5.16 -5.18 -59.55
N VAL N 105 6.05 -4.57 -58.77
CA VAL N 105 5.70 -3.36 -58.01
C VAL N 105 6.64 -2.24 -58.43
N GLU N 106 6.04 -1.18 -58.96
CA GLU N 106 6.76 0.06 -59.34
C GLU N 106 6.30 1.06 -58.35
N ILE N 107 7.22 1.78 -57.74
CA ILE N 107 6.79 2.86 -56.86
C ILE N 107 6.60 4.11 -57.73
N LYS N 108 5.50 4.83 -57.48
CA LYS N 108 5.03 5.89 -58.36
C LYS N 108 5.39 7.24 -57.72
N ARG N 109 6.59 7.69 -58.04
CA ARG N 109 7.13 8.94 -57.54
C ARG N 109 6.71 10.07 -58.47
N THR N 110 7.14 11.29 -58.17
CA THR N 110 6.85 12.47 -58.99
C THR N 110 7.61 12.49 -60.30
N VAL N 111 7.10 13.25 -61.26
CA VAL N 111 7.66 13.30 -62.62
C VAL N 111 9.09 13.79 -62.52
N ALA N 112 9.91 13.39 -63.48
CA ALA N 112 11.32 13.80 -63.54
C ALA N 112 11.82 13.77 -64.98
N ALA N 113 12.47 14.85 -65.40
CA ALA N 113 12.90 14.98 -66.78
C ALA N 113 14.23 14.26 -66.96
N PRO N 114 14.47 13.76 -68.19
CA PRO N 114 15.76 13.10 -68.43
C PRO N 114 16.88 14.08 -68.60
N SER N 115 18.01 13.80 -67.99
CA SER N 115 19.21 14.53 -68.32
C SER N 115 19.74 13.92 -69.62
N VAL N 116 19.67 14.66 -70.73
CA VAL N 116 20.16 14.14 -72.03
C VAL N 116 21.66 14.44 -72.29
N PHE N 117 22.38 13.39 -72.69
CA PHE N 117 23.80 13.49 -73.08
C PHE N 117 24.00 12.76 -74.40
N ILE N 118 24.71 13.37 -75.34
CA ILE N 118 25.14 12.69 -76.57
C ILE N 118 26.62 12.35 -76.47
N PHE N 119 27.00 11.28 -77.16
CA PHE N 119 28.38 10.85 -77.24
C PHE N 119 28.81 10.48 -78.65
N PRO N 120 29.77 11.23 -79.19
CA PRO N 120 30.31 10.91 -80.49
C PRO N 120 31.08 9.62 -80.43
N PRO N 121 31.25 8.93 -81.57
CA PRO N 121 32.02 7.69 -81.64
C PRO N 121 33.51 7.89 -81.48
N SER N 122 34.16 6.94 -80.82
CA SER N 122 35.58 7.02 -80.49
C SER N 122 36.51 6.98 -81.70
N ASP N 123 37.60 7.71 -81.63
CA ASP N 123 38.59 7.69 -82.71
C ASP N 123 39.21 6.30 -82.81
N GLU N 124 39.26 5.57 -81.70
CA GLU N 124 39.69 4.15 -81.71
C GLU N 124 38.74 3.30 -82.51
N GLN N 125 37.45 3.56 -82.37
CA GLN N 125 36.43 2.81 -83.11
C GLN N 125 36.39 3.17 -84.59
N LEU N 126 36.41 4.47 -84.90
CA LEU N 126 36.25 4.94 -86.26
C LEU N 126 37.13 4.12 -87.17
N LYS N 127 38.42 4.12 -86.87
CA LYS N 127 39.36 3.48 -87.77
C LYS N 127 39.17 1.94 -87.86
N SER N 128 38.56 1.29 -86.87
CA SER N 128 38.28 -0.15 -86.97
C SER N 128 37.15 -0.48 -87.96
N GLY N 129 36.44 0.55 -88.44
CA GLY N 129 35.54 0.39 -89.60
C GLY N 129 34.03 0.67 -89.47
N THR N 130 33.52 0.89 -88.26
CA THR N 130 32.13 1.37 -88.11
C THR N 130 32.03 2.41 -87.00
N ALA N 131 30.86 3.03 -86.89
CA ALA N 131 30.62 4.14 -85.95
C ALA N 131 29.32 3.93 -85.18
N SER N 132 29.37 4.20 -83.87
CA SER N 132 28.23 4.04 -82.98
C SER N 132 28.00 5.30 -82.17
N VAL N 133 26.93 6.02 -82.49
CA VAL N 133 26.55 7.20 -81.72
C VAL N 133 25.62 6.78 -80.60
N VAL N 134 25.97 7.20 -79.39
CA VAL N 134 25.23 6.87 -78.16
C VAL N 134 24.54 8.13 -77.63
N CYS N 135 23.29 7.98 -77.23
CA CYS N 135 22.54 9.05 -76.59
C CYS N 135 22.02 8.49 -75.29
N LEU N 136 22.22 9.23 -74.21
CA LEU N 136 21.90 8.76 -72.86
C LEU N 136 20.86 9.67 -72.17
N LEU N 137 19.77 9.07 -71.68
CA LEU N 137 18.76 9.78 -70.93
C LEU N 137 18.93 9.27 -69.52
N ASN N 138 19.19 10.16 -68.57
CA ASN N 138 19.58 9.72 -67.25
C ASN N 138 18.72 10.23 -66.08
N ASN N 139 18.23 9.29 -65.27
CA ASN N 139 17.51 9.54 -64.02
C ASN N 139 16.18 10.32 -64.20
N PHE N 140 15.25 9.66 -64.91
CA PHE N 140 13.91 10.19 -65.23
C PHE N 140 12.73 9.34 -64.71
N TYR N 141 11.53 9.91 -64.69
CA TYR N 141 10.34 9.17 -64.32
C TYR N 141 9.13 9.83 -64.96
N PRO N 142 8.22 9.05 -65.55
CA PRO N 142 8.12 7.61 -65.64
C PRO N 142 8.90 7.00 -66.80
N ARG N 143 8.75 5.68 -66.93
CA ARG N 143 9.47 4.89 -67.91
C ARG N 143 9.29 5.42 -69.34
N GLU N 144 8.08 5.85 -69.69
CA GLU N 144 7.75 6.13 -71.09
C GLU N 144 8.45 7.35 -71.67
N ALA N 145 9.50 7.15 -72.46
CA ALA N 145 10.32 8.25 -73.00
C ALA N 145 10.81 7.94 -74.41
N LYS N 146 10.48 8.78 -75.38
CA LYS N 146 10.81 8.48 -76.78
C LYS N 146 12.17 9.09 -77.10
N VAL N 147 12.89 8.47 -78.05
CA VAL N 147 14.18 8.97 -78.57
C VAL N 147 14.16 8.90 -80.08
N GLN N 148 14.47 10.00 -80.74
CA GLN N 148 14.41 10.06 -82.18
C GLN N 148 15.73 10.62 -82.65
N TRP N 149 16.28 10.03 -83.72
CA TRP N 149 17.57 10.46 -84.26
C TRP N 149 17.47 11.30 -85.53
N LYS N 150 18.51 12.07 -85.82
CA LYS N 150 18.55 12.92 -87.02
C LYS N 150 19.99 13.03 -87.55
N VAL N 151 20.15 12.94 -88.87
CA VAL N 151 21.46 13.10 -89.47
C VAL N 151 21.41 14.18 -90.55
N ASP N 152 21.79 15.41 -90.15
CA ASP N 152 21.54 16.62 -90.94
C ASP N 152 20.04 16.64 -91.17
N ASN N 153 19.31 16.55 -90.07
CA ASN N 153 17.84 16.48 -90.05
C ASN N 153 17.19 15.37 -90.84
N ALA N 154 17.99 14.52 -91.48
CA ALA N 154 17.50 13.27 -92.06
C ALA N 154 17.03 12.30 -90.95
N LEU N 155 15.71 12.17 -90.81
CA LEU N 155 15.08 11.46 -89.73
C LEU N 155 15.27 9.93 -89.80
N GLN N 156 15.97 9.36 -88.82
CA GLN N 156 16.41 7.95 -88.87
C GLN N 156 15.44 7.01 -88.20
N SER N 157 15.43 5.74 -88.62
CA SER N 157 14.62 4.73 -87.93
C SER N 157 14.98 3.31 -88.36
N GLY N 158 15.04 2.41 -87.40
CA GLY N 158 15.40 1.03 -87.69
C GLY N 158 16.90 0.80 -87.90
N ASN N 159 17.71 1.82 -87.61
CA ASN N 159 19.15 1.64 -87.39
C ASN N 159 19.60 2.12 -85.97
N SER N 160 18.64 2.51 -85.13
CA SER N 160 18.88 2.71 -83.70
C SER N 160 18.35 1.51 -82.91
N GLN N 161 18.79 1.34 -81.67
CA GLN N 161 18.38 0.21 -80.81
C GLN N 161 18.65 0.57 -79.35
N GLU N 162 17.67 0.36 -78.47
CA GLU N 162 17.75 0.94 -77.12
C GLU N 162 17.63 -0.06 -75.99
N SER N 163 18.08 0.36 -74.81
CA SER N 163 18.19 -0.49 -73.64
C SER N 163 17.94 0.32 -72.36
N VAL N 164 16.96 -0.08 -71.56
CA VAL N 164 16.52 0.67 -70.41
C VAL N 164 16.99 0.01 -69.13
N THR N 165 17.46 0.80 -68.18
CA THR N 165 17.77 0.32 -66.85
C THR N 165 16.47 -0.02 -66.08
N GLU N 166 16.57 -0.79 -65.01
CA GLU N 166 15.40 -1.04 -64.15
C GLU N 166 15.26 0.09 -63.12
N GLN N 167 14.05 0.24 -62.55
CA GLN N 167 13.76 1.34 -61.61
C GLN N 167 14.81 1.35 -60.55
N ASP N 168 15.27 2.53 -60.17
CA ASP N 168 16.31 2.63 -59.15
C ASP N 168 15.70 2.44 -57.78
N SER N 169 16.48 1.82 -56.90
CA SER N 169 16.00 1.52 -55.56
C SER N 169 16.09 2.72 -54.62
N LYS N 170 16.87 3.75 -54.96
CA LYS N 170 16.98 4.94 -54.12
C LYS N 170 15.97 5.98 -54.48
N ASP N 171 15.99 6.40 -55.73
CA ASP N 171 15.22 7.56 -56.16
C ASP N 171 14.07 7.19 -57.11
N SER N 172 14.01 5.93 -57.46
CA SER N 172 12.93 5.42 -58.30
C SER N 172 12.85 6.09 -59.68
N THR N 173 14.00 6.11 -60.35
CA THR N 173 14.11 6.57 -61.71
C THR N 173 14.82 5.58 -62.62
N TYR N 174 14.33 5.52 -63.86
CA TYR N 174 14.95 4.73 -64.91
C TYR N 174 16.08 5.52 -65.62
N SER N 175 16.69 4.92 -66.63
CA SER N 175 17.79 5.47 -67.43
C SER N 175 17.82 4.71 -68.74
N LEU N 176 18.03 5.40 -69.85
CA LEU N 176 17.92 4.79 -71.16
C LEU N 176 19.18 5.08 -71.95
N SER N 177 19.55 4.19 -72.86
CA SER N 177 20.59 4.48 -73.83
C SER N 177 20.21 3.87 -75.17
N SER N 178 20.02 4.71 -76.18
CA SER N 178 19.83 4.25 -77.56
C SER N 178 21.14 4.44 -78.32
N THR N 179 21.33 3.65 -79.36
CA THR N 179 22.57 3.62 -80.10
C THR N 179 22.33 3.56 -81.60
N LEU N 180 22.75 4.61 -82.28
CA LEU N 180 22.64 4.71 -83.71
C LEU N 180 23.87 4.04 -84.29
N THR N 181 23.67 3.07 -85.19
CA THR N 181 24.78 2.38 -85.87
C THR N 181 24.88 2.73 -87.37
N LEU N 182 26.04 3.23 -87.78
CA LEU N 182 26.30 3.59 -89.17
C LEU N 182 27.56 2.90 -89.71
N SER N 183 27.84 3.12 -90.99
CA SER N 183 29.12 2.74 -91.58
C SER N 183 30.06 3.92 -91.48
N LYS N 184 31.34 3.67 -91.23
CA LYS N 184 32.33 4.76 -91.22
C LYS N 184 32.14 5.60 -92.47
N ALA N 185 31.74 4.94 -93.57
CA ALA N 185 31.45 5.60 -94.86
C ALA N 185 30.31 6.62 -94.78
N ASP N 186 29.22 6.23 -94.12
CA ASP N 186 28.05 7.10 -93.97
C ASP N 186 28.26 8.12 -92.88
N TYR N 187 28.94 7.73 -91.81
CA TYR N 187 29.20 8.67 -90.70
C TYR N 187 30.14 9.79 -91.19
N GLU N 188 31.26 9.45 -91.83
CA GLU N 188 32.17 10.46 -92.41
C GLU N 188 31.57 11.08 -93.68
N LYS N 189 30.25 11.22 -93.73
CA LYS N 189 29.57 11.95 -94.81
C LYS N 189 28.60 13.03 -94.36
N HIS N 190 28.21 13.02 -93.08
CA HIS N 190 27.21 13.96 -92.58
C HIS N 190 27.72 14.70 -91.32
N LYS N 191 27.23 15.93 -91.14
CA LYS N 191 27.78 16.84 -90.12
C LYS N 191 27.03 16.80 -88.79
N VAL N 192 25.73 17.08 -88.85
CA VAL N 192 24.91 17.29 -87.64
C VAL N 192 24.19 16.04 -87.19
N TYR N 193 24.68 15.42 -86.12
CA TYR N 193 24.06 14.23 -85.52
C TYR N 193 23.29 14.61 -84.22
N ALA N 194 22.00 14.31 -84.16
CA ALA N 194 21.15 14.91 -83.15
C ALA N 194 20.09 13.97 -82.57
N CYS N 195 19.93 13.99 -81.24
CA CYS N 195 19.12 13.06 -80.48
C CYS N 195 17.96 13.77 -79.78
N GLU N 196 16.77 13.72 -80.37
CA GLU N 196 15.58 14.42 -79.85
C GLU N 196 14.74 13.54 -78.92
N VAL N 197 14.37 14.07 -77.78
CA VAL N 197 13.79 13.28 -76.71
C VAL N 197 12.47 13.80 -76.25
N THR N 198 11.41 13.02 -76.44
CA THR N 198 10.09 13.42 -75.97
C THR N 198 9.75 12.65 -74.72
N HIS N 199 9.18 13.34 -73.73
CA HIS N 199 8.91 12.74 -72.43
C HIS N 199 7.90 13.57 -71.65
N GLN N 200 7.17 12.93 -70.74
CA GLN N 200 6.21 13.63 -69.88
C GLN N 200 6.84 14.76 -69.08
N GLY N 201 8.10 14.59 -68.72
CA GLY N 201 8.83 15.58 -67.94
C GLY N 201 9.23 16.81 -68.70
N LEU N 202 9.23 16.73 -70.01
CA LEU N 202 9.59 17.86 -70.85
C LEU N 202 8.34 18.46 -71.51
N SER N 203 8.03 19.70 -71.18
CA SER N 203 6.85 20.38 -71.72
C SER N 203 6.86 20.48 -73.25
N SER N 204 8.05 20.37 -73.84
CA SER N 204 8.17 20.17 -75.27
C SER N 204 9.54 19.52 -75.58
N PRO N 205 9.58 18.56 -76.51
CA PRO N 205 10.77 17.78 -76.80
C PRO N 205 12.06 18.53 -76.70
N VAL N 206 13.15 17.82 -76.44
CA VAL N 206 14.45 18.47 -76.24
C VAL N 206 15.54 17.71 -76.92
N THR N 207 16.26 18.41 -77.80
CA THR N 207 17.28 17.82 -78.62
C THR N 207 18.65 18.24 -78.10
N LYS N 208 19.56 17.28 -78.00
CA LYS N 208 20.99 17.58 -77.87
C LYS N 208 21.67 17.02 -79.10
N SER N 209 22.67 17.74 -79.62
CA SER N 209 23.28 17.40 -80.92
C SER N 209 24.76 17.71 -80.96
N PHE N 210 25.40 17.35 -82.07
CA PHE N 210 26.80 17.66 -82.26
C PHE N 210 27.22 17.65 -83.74
N ASN N 211 28.19 18.51 -84.06
CA ASN N 211 28.70 18.61 -85.41
C ASN N 211 29.98 17.83 -85.52
N ARG N 212 30.03 16.96 -86.53
CA ARG N 212 31.10 15.99 -86.66
C ARG N 212 32.47 16.64 -86.88
N GLY N 213 33.47 16.16 -86.13
CA GLY N 213 34.85 16.67 -86.21
C GLY N 213 35.27 17.59 -85.07
N GLU N 214 34.29 18.08 -84.31
CA GLU N 214 34.50 19.15 -83.34
C GLU N 214 34.06 18.70 -81.94
N GLN O 1 3.28 53.06 -12.30
CA GLN O 1 3.73 51.87 -11.52
C GLN O 1 4.22 52.38 -10.17
N VAL O 2 5.44 52.94 -10.08
CA VAL O 2 5.87 53.69 -8.89
C VAL O 2 7.06 54.53 -9.28
N GLN O 3 6.97 55.85 -9.24
CA GLN O 3 8.14 56.61 -9.64
C GLN O 3 8.30 57.97 -9.06
N LEU O 4 9.50 58.50 -9.22
CA LEU O 4 9.91 59.74 -8.61
C LEU O 4 10.61 60.56 -9.69
N VAL O 5 9.92 61.53 -10.28
CA VAL O 5 10.53 62.37 -11.29
C VAL O 5 10.92 63.69 -10.67
N GLN O 6 12.21 64.00 -10.69
CA GLN O 6 12.73 65.24 -10.08
C GLN O 6 12.85 66.36 -11.10
N SER O 7 13.13 67.58 -10.63
CA SER O 7 13.19 68.73 -11.51
C SER O 7 14.51 68.76 -12.25
N GLY O 8 14.53 69.49 -13.37
CA GLY O 8 15.75 69.66 -14.15
C GLY O 8 16.79 70.51 -13.43
N ALA O 9 18.02 70.35 -13.86
CA ALA O 9 19.16 70.96 -13.18
C ALA O 9 19.00 72.44 -13.03
N GLU O 10 19.29 72.95 -11.85
CA GLU O 10 19.25 74.39 -11.61
C GLU O 10 20.73 74.83 -11.48
N VAL O 11 20.96 76.13 -11.70
CA VAL O 11 22.28 76.72 -11.51
C VAL O 11 22.20 78.05 -10.80
N LYS O 12 22.94 78.18 -9.71
CA LYS O 12 22.78 79.30 -8.80
C LYS O 12 24.12 79.82 -8.29
N LYS O 13 24.12 81.06 -7.80
CA LYS O 13 25.36 81.73 -7.45
C LYS O 13 25.54 81.81 -5.93
N PRO O 14 26.78 81.80 -5.46
CA PRO O 14 27.14 81.63 -4.07
C PRO O 14 26.16 82.15 -3.02
N GLY O 15 25.62 83.32 -3.22
CA GLY O 15 24.67 83.82 -2.21
C GLY O 15 23.36 83.04 -2.13
N ALA O 16 22.71 82.95 -3.29
CA ALA O 16 21.29 82.66 -3.43
C ALA O 16 20.93 81.34 -2.82
N SER O 17 19.68 80.94 -2.98
CA SER O 17 19.17 79.67 -2.53
C SER O 17 18.59 78.88 -3.70
N VAL O 18 17.93 77.76 -3.40
CA VAL O 18 17.45 76.82 -4.43
C VAL O 18 16.31 75.99 -3.90
N LYS O 19 15.46 75.52 -4.81
CA LYS O 19 14.33 74.64 -4.47
C LYS O 19 14.21 73.53 -5.53
N VAL O 20 14.17 72.29 -5.08
CA VAL O 20 14.15 71.15 -5.95
C VAL O 20 12.88 70.35 -5.70
N SER O 21 12.19 70.00 -6.77
CA SER O 21 10.93 69.26 -6.66
C SER O 21 11.15 67.77 -6.88
N CYS O 22 10.29 66.95 -6.32
CA CYS O 22 10.34 65.50 -6.55
C CYS O 22 8.92 64.98 -6.67
N LYS O 23 8.47 64.75 -7.89
CA LYS O 23 7.09 64.37 -8.11
C LYS O 23 6.93 62.86 -8.00
N THR O 24 5.98 62.43 -7.19
CA THR O 24 5.74 61.00 -6.95
C THR O 24 4.45 60.53 -7.58
N SER O 25 4.26 59.22 -7.62
CA SER O 25 3.15 58.62 -8.33
C SER O 25 3.23 57.11 -8.23
N GLY O 26 2.10 56.45 -8.43
CA GLY O 26 2.04 54.98 -8.41
C GLY O 26 1.88 54.35 -7.02
N TYR O 27 1.79 55.17 -5.99
CA TYR O 27 1.62 54.71 -4.63
C TYR O 27 1.00 55.89 -3.89
N SER O 28 0.32 55.62 -2.78
CA SER O 28 -0.40 56.69 -2.09
C SER O 28 0.55 57.54 -1.27
N PHE O 29 0.71 58.77 -1.73
CA PHE O 29 1.75 59.69 -1.21
C PHE O 29 1.88 59.75 0.31
N SER O 30 0.77 59.68 1.01
CA SER O 30 0.79 60.00 2.42
C SER O 30 1.18 58.83 3.35
N THR O 31 1.44 57.62 2.82
CA THR O 31 1.77 56.51 3.73
C THR O 31 3.25 56.21 3.76
N TYR O 32 4.06 57.17 3.32
CA TYR O 32 5.52 56.99 3.21
C TYR O 32 6.24 58.34 3.22
N GLY O 33 7.26 58.46 4.08
CA GLY O 33 8.13 59.61 4.09
C GLY O 33 9.06 59.66 2.89
N VAL O 34 9.96 60.64 2.91
CA VAL O 34 10.89 60.87 1.83
C VAL O 34 12.27 61.19 2.40
N SER O 35 13.31 60.53 1.88
CA SER O 35 14.70 60.76 2.28
C SER O 35 15.40 61.51 1.16
N TRP O 36 16.27 62.43 1.52
CA TRP O 36 17.00 63.20 0.52
C TRP O 36 18.49 62.96 0.70
N VAL O 37 19.18 62.61 -0.39
CA VAL O 37 20.60 62.32 -0.34
C VAL O 37 21.26 63.07 -1.46
N ARG O 38 22.45 63.63 -1.22
CA ARG O 38 23.16 64.38 -2.24
C ARG O 38 24.47 63.74 -2.58
N GLN O 39 25.08 64.16 -3.67
CA GLN O 39 26.32 63.55 -4.13
C GLN O 39 27.27 64.47 -4.89
N ALA O 40 28.27 64.95 -4.16
CA ALA O 40 29.33 65.80 -4.72
C ALA O 40 30.11 65.00 -5.77
N PRO O 41 30.34 65.56 -6.97
CA PRO O 41 30.83 64.73 -8.07
C PRO O 41 32.07 63.91 -7.68
N GLY O 42 32.06 62.60 -7.94
CA GLY O 42 33.21 61.76 -7.64
C GLY O 42 33.24 61.22 -6.23
N GLN O 43 32.78 62.00 -5.27
CA GLN O 43 32.55 61.46 -3.92
C GLN O 43 31.30 60.54 -3.80
N GLY O 44 31.14 59.89 -2.64
CA GLY O 44 29.98 59.02 -2.36
C GLY O 44 28.82 59.80 -1.78
N PRO O 45 27.66 59.16 -1.58
CA PRO O 45 26.45 59.88 -1.17
C PRO O 45 26.52 60.27 0.26
N GLU O 46 25.93 61.41 0.60
CA GLU O 46 25.78 61.86 1.99
C GLU O 46 24.34 62.29 2.18
N TRP O 47 23.83 62.01 3.37
CA TRP O 47 22.42 62.18 3.66
C TRP O 47 22.13 63.60 4.05
N VAL O 48 20.98 64.10 3.63
CA VAL O 48 20.58 65.49 3.86
C VAL O 48 19.46 65.61 4.87
N GLY O 49 18.40 64.81 4.74
CA GLY O 49 17.29 64.85 5.68
C GLY O 49 16.10 63.98 5.30
N TRP O 50 15.05 64.01 6.12
CA TRP O 50 13.88 63.16 5.89
C TRP O 50 12.65 63.82 6.41
N ILE O 51 11.55 63.62 5.73
CA ILE O 51 10.30 64.25 6.08
C ILE O 51 9.17 63.27 5.86
N SER O 52 8.20 63.29 6.76
CA SER O 52 7.06 62.37 6.69
C SER O 52 5.90 63.00 5.99
N ALA O 53 5.29 62.27 5.06
CA ALA O 53 4.14 62.84 4.35
C ALA O 53 2.87 62.53 5.11
N TYR O 54 3.02 61.80 6.20
CA TYR O 54 1.87 61.43 7.04
C TYR O 54 1.76 62.42 8.16
N THR O 55 2.88 62.74 8.80
CA THR O 55 2.86 63.52 10.03
C THR O 55 3.54 64.87 9.94
N GLY O 56 4.13 65.16 8.79
CA GLY O 56 4.86 66.40 8.57
C GLY O 56 6.18 66.51 9.30
N ILE O 57 6.53 65.50 10.08
CA ILE O 57 7.72 65.51 10.90
C ILE O 57 8.96 65.54 10.01
N THR O 58 10.01 66.19 10.48
CA THR O 58 11.27 66.22 9.76
C THR O 58 12.44 65.86 10.66
N ASP O 59 13.52 65.41 10.02
CA ASP O 59 14.81 65.15 10.67
C ASP O 59 15.86 65.58 9.67
N TYR O 60 16.48 66.73 9.94
CA TYR O 60 17.53 67.21 9.07
C TYR O 60 18.83 66.67 9.63
N ALA O 61 19.80 66.42 8.75
CA ALA O 61 21.16 66.15 9.19
C ALA O 61 21.70 67.40 9.82
N GLN O 62 22.40 67.24 10.93
CA GLN O 62 22.84 68.40 11.68
C GLN O 62 23.87 69.25 10.94
N LYS O 63 24.50 68.69 9.93
CA LYS O 63 25.46 69.42 9.12
C LYS O 63 24.82 70.62 8.42
N PHE O 64 23.60 70.46 7.96
CA PHE O 64 22.92 71.50 7.17
C PHE O 64 22.08 72.42 8.04
N GLN O 65 21.59 71.88 9.16
CA GLN O 65 20.52 72.52 9.91
C GLN O 65 20.57 74.04 9.78
N GLY O 66 19.38 74.60 9.59
CA GLY O 66 19.22 75.99 9.29
C GLY O 66 19.08 76.16 7.81
N ARG O 67 20.09 75.72 7.08
CA ARG O 67 20.12 75.99 5.65
C ARG O 67 19.05 75.21 4.89
N VAL O 68 18.49 74.18 5.50
CA VAL O 68 17.67 73.26 4.74
C VAL O 68 16.25 73.11 5.27
N THR O 69 15.30 73.03 4.34
CA THR O 69 13.87 72.99 4.66
C THR O 69 13.16 72.00 3.72
N LEU O 70 12.57 70.98 4.31
CA LEU O 70 11.83 69.98 3.60
C LEU O 70 10.36 70.24 3.78
N THR O 71 9.60 70.12 2.68
CA THR O 71 8.13 70.30 2.70
C THR O 71 7.48 69.25 1.80
N THR O 72 6.17 69.08 1.93
CA THR O 72 5.41 68.22 1.00
C THR O 72 4.05 68.79 0.65
N ASP O 73 3.65 68.58 -0.60
CA ASP O 73 2.36 69.04 -1.13
C ASP O 73 1.53 67.81 -1.55
N ALA O 74 0.53 67.48 -0.73
CA ALA O 74 -0.22 66.25 -0.93
C ALA O 74 -1.06 66.28 -2.17
N THR O 75 -1.52 67.46 -2.58
CA THR O 75 -2.36 67.61 -3.76
C THR O 75 -1.63 67.18 -5.02
N THR O 76 -0.49 67.79 -5.25
CA THR O 76 0.32 67.44 -6.42
C THR O 76 1.14 66.12 -6.21
N ALA O 77 1.28 65.70 -4.94
CA ALA O 77 2.04 64.49 -4.56
C ALA O 77 3.55 64.67 -4.73
N THR O 78 4.05 65.78 -4.19
CA THR O 78 5.40 66.21 -4.44
C THR O 78 6.09 66.62 -3.15
N ALA O 79 7.35 66.21 -3.01
CA ALA O 79 8.21 66.64 -1.91
C ALA O 79 9.16 67.67 -2.43
N PHE O 80 9.48 68.64 -1.59
CA PHE O 80 10.36 69.74 -1.99
C PHE O 80 11.53 69.83 -1.05
N LEU O 81 12.63 70.38 -1.57
CA LEU O 81 13.87 70.58 -0.81
C LEU O 81 14.36 71.99 -1.03
N ASP O 82 14.45 72.81 0.01
CA ASP O 82 14.96 74.16 -0.12
C ASP O 82 16.24 74.33 0.61
N LEU O 83 17.28 74.75 -0.10
CA LEU O 83 18.60 74.93 0.50
C LEU O 83 19.05 76.37 0.34
N ARG O 84 19.45 77.04 1.43
CA ARG O 84 19.77 78.48 1.40
C ARG O 84 21.25 78.71 1.57
N SER O 85 21.72 79.89 1.13
CA SER O 85 23.10 80.34 1.38
C SER O 85 24.11 79.44 0.70
N LEU O 86 23.78 79.02 -0.50
CA LEU O 86 24.53 77.99 -1.22
C LEU O 86 26.03 78.25 -1.28
N ARG O 87 26.83 77.32 -0.77
CA ARG O 87 28.27 77.44 -0.91
C ARG O 87 28.61 76.76 -2.22
N PRO O 88 29.83 77.00 -2.74
CA PRO O 88 30.25 76.16 -3.85
C PRO O 88 30.43 74.68 -3.43
N ASP O 89 30.68 74.43 -2.13
CA ASP O 89 30.65 73.07 -1.54
C ASP O 89 29.41 72.28 -1.94
N ASP O 90 28.27 72.95 -1.94
CA ASP O 90 26.98 72.28 -2.17
C ASP O 90 26.73 71.89 -3.60
N THR O 91 27.67 72.18 -4.51
CA THR O 91 27.55 71.75 -5.90
C THR O 91 27.51 70.26 -5.87
N ALA O 92 26.35 69.70 -6.17
CA ALA O 92 26.19 68.27 -6.16
C ALA O 92 24.90 67.88 -6.85
N THR O 93 24.70 66.59 -7.00
CA THR O 93 23.48 66.07 -7.58
C THR O 93 22.61 65.58 -6.39
N TYR O 94 21.32 65.94 -6.41
CA TYR O 94 20.43 65.79 -5.24
C TYR O 94 19.34 64.75 -5.52
N PHE O 95 19.27 63.70 -4.72
CA PHE O 95 18.29 62.62 -4.89
C PHE O 95 17.21 62.61 -3.81
N CYS O 96 15.98 62.32 -4.22
CA CYS O 96 14.89 61.99 -3.30
C CYS O 96 14.58 60.51 -3.46
N ALA O 97 13.97 59.94 -2.43
CA ALA O 97 13.74 58.52 -2.42
C ALA O 97 12.70 58.18 -1.38
N ARG O 98 11.78 57.28 -1.69
CA ARG O 98 10.82 56.79 -0.69
C ARG O 98 11.47 56.20 0.55
N ASP O 99 10.90 56.47 1.74
CA ASP O 99 11.54 56.04 2.99
C ASP O 99 10.61 56.09 4.18
N LYS O 100 10.78 55.09 5.05
CA LYS O 100 9.89 54.76 6.17
C LYS O 100 8.46 54.50 5.72
N VAL O 101 7.74 53.75 6.51
CA VAL O 101 6.34 53.51 6.23
C VAL O 101 5.56 54.13 7.34
N GLN O 102 4.56 54.91 7.01
CA GLN O 102 3.84 55.68 8.01
C GLN O 102 2.39 55.26 8.12
N GLY O 103 1.84 55.27 9.34
CA GLY O 103 0.43 54.92 9.56
C GLY O 103 0.28 53.42 9.59
N ARG O 104 0.28 52.82 8.39
CA ARG O 104 0.27 51.35 8.18
C ARG O 104 0.86 50.60 9.38
N VAL O 105 0.46 49.33 9.46
CA VAL O 105 0.94 48.40 10.49
C VAL O 105 2.42 48.70 10.70
N GLU O 106 3.31 47.93 10.08
CA GLU O 106 4.69 47.96 10.46
C GLU O 106 5.68 47.20 9.50
N VAL O 107 6.26 46.07 9.94
CA VAL O 107 7.62 45.67 9.54
C VAL O 107 7.91 44.17 9.59
N GLY O 108 9.11 43.75 9.18
CA GLY O 108 10.40 44.54 9.11
C GLY O 108 10.72 45.58 8.02
N SER O 109 11.93 46.15 8.07
CA SER O 109 12.46 47.24 7.18
C SER O 109 12.50 47.05 5.63
N GLY O 110 11.36 46.75 5.03
CA GLY O 110 11.28 46.51 3.58
C GLY O 110 11.20 47.79 2.81
N GLY O 111 11.79 48.83 3.36
CA GLY O 111 12.00 50.01 2.54
C GLY O 111 11.26 51.22 3.05
N ARG O 112 12.00 52.29 3.32
CA ARG O 112 13.49 52.31 3.45
C ARG O 112 14.29 52.32 2.14
N HIS O 113 14.08 53.43 1.41
CA HIS O 113 14.76 53.74 0.16
C HIS O 113 14.43 52.68 -0.91
N ASP O 114 13.14 52.50 -1.18
CA ASP O 114 12.63 51.56 -2.20
C ASP O 114 13.06 52.02 -3.55
N TYR O 115 12.71 53.27 -3.85
CA TYR O 115 12.77 53.81 -5.20
C TYR O 115 13.26 55.26 -5.16
N TRP O 116 14.04 55.64 -6.19
CA TRP O 116 14.79 56.88 -6.19
C TRP O 116 14.49 57.78 -7.36
N GLY O 117 14.75 59.07 -7.15
CA GLY O 117 14.62 60.05 -8.21
C GLY O 117 15.77 59.87 -9.19
N GLN O 118 15.61 60.38 -10.40
CA GLN O 118 16.67 60.22 -11.37
C GLN O 118 17.83 61.16 -11.07
N GLY O 119 17.69 62.00 -10.07
CA GLY O 119 18.79 62.85 -9.66
C GLY O 119 18.66 64.20 -10.33
N THR O 120 19.10 65.26 -9.65
CA THR O 120 18.90 66.63 -10.14
C THR O 120 20.05 67.56 -9.76
N LEU O 121 20.76 67.99 -10.79
CA LEU O 121 22.07 68.55 -10.59
C LEU O 121 21.94 69.96 -10.09
N VAL O 122 22.68 70.33 -9.06
CA VAL O 122 22.73 71.73 -8.62
C VAL O 122 24.17 72.24 -8.72
N ILE O 123 24.38 73.32 -9.50
CA ILE O 123 25.72 73.90 -9.66
C ILE O 123 25.80 75.28 -9.06
N VAL O 124 26.68 75.42 -8.09
CA VAL O 124 26.87 76.68 -7.40
C VAL O 124 28.18 77.28 -7.89
N SER O 125 28.07 78.12 -8.92
CA SER O 125 29.21 78.82 -9.51
C SER O 125 28.84 80.27 -9.80
N SER O 126 29.84 81.15 -9.75
CA SER O 126 29.60 82.56 -10.00
C SER O 126 29.83 82.96 -11.46
N ALA O 127 30.13 81.99 -12.31
CA ALA O 127 30.50 82.30 -13.68
C ALA O 127 29.27 82.45 -14.56
N SER O 128 29.50 82.94 -15.79
CA SER O 128 28.43 83.11 -16.81
C SER O 128 28.07 81.82 -17.51
N THR O 129 26.84 81.78 -18.02
CA THR O 129 26.38 80.71 -18.89
C THR O 129 26.83 80.97 -20.33
N LYS O 130 27.21 79.90 -21.04
CA LYS O 130 27.67 79.95 -22.43
C LYS O 130 27.14 78.69 -23.12
N GLY O 131 26.52 78.85 -24.28
CA GLY O 131 26.04 77.71 -25.07
C GLY O 131 27.17 77.04 -25.82
N PRO O 132 27.00 75.76 -26.16
CA PRO O 132 28.07 75.02 -26.80
C PRO O 132 28.11 75.26 -28.32
N SER O 133 29.30 75.15 -28.91
CA SER O 133 29.46 75.00 -30.36
C SER O 133 29.48 73.53 -30.65
N VAL O 134 28.78 73.11 -31.70
CA VAL O 134 28.77 71.70 -32.07
C VAL O 134 29.46 71.51 -33.40
N PHE O 135 30.60 70.80 -33.37
CA PHE O 135 31.41 70.57 -34.55
C PHE O 135 31.32 69.11 -34.96
N PRO O 136 31.24 68.85 -36.28
CA PRO O 136 31.21 67.47 -36.70
C PRO O 136 32.55 66.82 -36.42
N LEU O 137 32.49 65.54 -36.09
CA LEU O 137 33.65 64.77 -35.81
C LEU O 137 33.80 63.86 -37.04
N ALA O 138 34.29 64.49 -38.11
CA ALA O 138 34.34 63.95 -39.48
C ALA O 138 34.94 62.53 -39.59
N PRO O 139 34.18 61.57 -40.15
CA PRO O 139 34.70 60.21 -40.37
C PRO O 139 35.77 60.15 -41.47
N GLY O 147 35.02 45.88 -42.17
CA GLY O 147 35.55 47.22 -42.01
C GLY O 147 34.69 48.11 -41.14
N THR O 148 35.10 48.28 -39.89
CA THR O 148 34.40 49.17 -38.94
C THR O 148 34.90 50.63 -39.03
N ALA O 149 33.99 51.58 -38.86
CA ALA O 149 34.31 53.01 -38.99
C ALA O 149 33.70 53.84 -37.87
N ALA O 150 34.33 54.98 -37.55
CA ALA O 150 33.94 55.81 -36.41
C ALA O 150 33.57 57.25 -36.80
N LEU O 151 32.57 57.83 -36.12
CA LEU O 151 32.15 59.25 -36.34
C LEU O 151 31.72 59.85 -35.00
N GLY O 152 31.26 61.11 -34.99
CA GLY O 152 30.80 61.73 -33.74
C GLY O 152 30.37 63.20 -33.77
N CYS O 153 30.31 63.81 -32.60
CA CYS O 153 30.16 65.27 -32.45
C CYS O 153 31.21 65.70 -31.43
N LEU O 154 31.54 67.00 -31.45
CA LEU O 154 32.39 67.59 -30.44
C LEU O 154 31.63 68.79 -29.91
N VAL O 155 31.20 68.71 -28.66
CA VAL O 155 30.47 69.79 -27.99
C VAL O 155 31.47 70.64 -27.22
N LYS O 156 31.71 71.87 -27.70
CA LYS O 156 32.86 72.63 -27.26
C LYS O 156 32.51 73.97 -26.65
N ASP O 157 33.26 74.34 -25.61
CA ASP O 157 33.21 75.66 -24.98
C ASP O 157 31.83 76.11 -24.50
N TYR O 158 31.33 75.42 -23.48
CA TYR O 158 30.08 75.74 -22.83
C TYR O 158 30.24 75.79 -21.29
N PHE O 159 29.25 76.37 -20.63
CA PHE O 159 29.15 76.39 -19.16
C PHE O 159 27.72 76.76 -18.78
N PRO O 160 27.20 76.22 -17.69
CA PRO O 160 27.78 75.17 -16.87
C PRO O 160 27.26 73.83 -17.39
N GLU O 161 27.49 72.78 -16.61
CA GLU O 161 26.96 71.48 -16.95
C GLU O 161 25.47 71.45 -16.59
N PRO O 162 24.71 70.49 -17.16
CA PRO O 162 25.10 69.42 -18.07
C PRO O 162 24.71 69.65 -19.52
N VAL O 163 25.27 68.81 -20.37
CA VAL O 163 24.87 68.74 -21.74
C VAL O 163 24.39 67.32 -21.96
N THR O 164 23.20 67.20 -22.55
CA THR O 164 22.67 65.91 -22.90
C THR O 164 22.79 65.67 -24.41
N VAL O 165 23.46 64.58 -24.77
CA VAL O 165 23.68 64.21 -26.18
C VAL O 165 23.09 62.86 -26.49
N SER O 166 22.22 62.81 -27.50
CA SER O 166 21.70 61.54 -28.01
C SER O 166 21.81 61.53 -29.52
N TRP O 167 21.34 60.43 -30.14
CA TRP O 167 21.47 60.20 -31.60
C TRP O 167 20.18 59.70 -32.23
N ASN O 168 19.56 60.54 -33.06
CA ASN O 168 18.33 60.19 -33.82
C ASN O 168 17.13 60.12 -32.90
N SER O 169 16.95 61.16 -32.08
CA SER O 169 15.99 61.16 -30.95
C SER O 169 16.16 59.99 -29.94
N GLY O 170 17.30 59.32 -29.98
CA GLY O 170 17.50 58.05 -29.26
C GLY O 170 17.28 56.79 -30.10
N ALA O 171 17.09 56.92 -31.41
CA ALA O 171 16.84 55.76 -32.29
C ALA O 171 18.08 54.90 -32.47
N LEU O 172 19.25 55.53 -32.45
CA LEU O 172 20.53 54.81 -32.39
C LEU O 172 21.08 54.83 -30.96
N THR O 173 20.96 53.69 -30.31
CA THR O 173 21.46 53.54 -28.97
C THR O 173 22.76 52.74 -28.98
N SER O 174 22.82 51.69 -29.80
CA SER O 174 23.94 50.76 -29.78
C SER O 174 25.27 51.29 -30.35
N GLY O 175 26.37 50.95 -29.68
CA GLY O 175 27.74 51.30 -30.08
C GLY O 175 28.12 52.76 -29.90
N VAL O 176 27.49 53.43 -28.95
CA VAL O 176 27.70 54.87 -28.71
C VAL O 176 28.44 55.00 -27.40
N HIS O 177 29.40 55.91 -27.35
CA HIS O 177 30.08 56.21 -26.11
C HIS O 177 30.07 57.71 -25.98
N THR O 178 29.34 58.25 -25.00
CA THR O 178 29.41 59.69 -24.67
C THR O 178 30.29 59.88 -23.42
N PHE O 179 31.33 60.69 -23.59
CA PHE O 179 32.40 60.82 -22.62
C PHE O 179 32.11 61.86 -21.55
N PRO O 180 32.77 61.72 -20.41
CA PRO O 180 32.76 62.71 -19.35
C PRO O 180 33.18 64.08 -19.85
N ALA O 181 32.49 65.12 -19.42
CA ALA O 181 32.87 66.49 -19.77
C ALA O 181 34.21 66.75 -19.14
N VAL O 182 35.04 67.50 -19.83
CA VAL O 182 36.35 67.78 -19.31
C VAL O 182 36.49 69.30 -19.19
N LEU O 183 36.98 69.75 -18.04
CA LEU O 183 37.13 71.18 -17.75
C LEU O 183 38.36 71.73 -18.43
N GLN O 184 38.26 72.91 -19.03
CA GLN O 184 39.41 73.54 -19.67
C GLN O 184 39.96 74.62 -18.76
N SER O 185 41.19 75.08 -19.00
CA SER O 185 41.78 76.16 -18.21
C SER O 185 41.05 77.47 -18.53
N SER O 186 40.38 77.51 -19.68
CA SER O 186 39.51 78.64 -20.03
C SER O 186 38.23 78.68 -19.20
N GLY O 187 38.04 77.76 -18.27
CA GLY O 187 36.86 77.79 -17.38
C GLY O 187 35.64 77.08 -17.94
N LEU O 188 35.55 76.97 -19.26
CA LEU O 188 34.44 76.27 -19.93
C LEU O 188 34.57 74.72 -19.96
N TYR O 189 33.62 74.06 -20.60
CA TYR O 189 33.63 72.61 -20.72
C TYR O 189 33.66 72.15 -22.17
N SER O 190 34.23 70.97 -22.38
CA SER O 190 34.30 70.35 -23.69
C SER O 190 33.89 68.91 -23.49
N LEU O 191 33.18 68.35 -24.47
CA LEU O 191 32.58 67.02 -24.36
C LEU O 191 32.56 66.33 -25.73
N SER O 192 33.01 65.08 -25.80
CA SER O 192 32.90 64.31 -27.04
C SER O 192 31.86 63.22 -26.96
N SER O 193 31.33 62.82 -28.12
CA SER O 193 30.45 61.66 -28.23
C SER O 193 30.67 61.00 -29.57
N VAL O 194 30.92 59.69 -29.57
CA VAL O 194 31.27 58.98 -30.80
C VAL O 194 30.44 57.73 -31.02
N VAL O 195 30.37 57.29 -32.28
CA VAL O 195 29.61 56.09 -32.66
C VAL O 195 30.49 55.27 -33.59
N THR O 196 30.57 53.95 -33.36
CA THR O 196 31.20 53.04 -34.31
C THR O 196 30.10 52.31 -35.07
N VAL O 197 30.13 52.43 -36.39
CA VAL O 197 29.10 51.85 -37.28
C VAL O 197 29.75 51.08 -38.44
N PRO O 198 28.99 50.14 -39.06
CA PRO O 198 29.57 49.41 -40.16
C PRO O 198 29.83 50.33 -41.36
N SER O 199 31.01 50.19 -41.97
CA SER O 199 31.47 51.13 -42.99
C SER O 199 30.98 50.82 -44.40
N SER O 200 29.73 50.38 -44.49
CA SER O 200 29.12 50.04 -45.75
C SER O 200 27.90 50.92 -45.84
N SER O 201 27.02 50.77 -44.84
CA SER O 201 25.87 51.65 -44.68
C SER O 201 26.38 53.07 -44.50
N LEU O 202 26.36 53.84 -45.59
CA LEU O 202 26.73 55.27 -45.61
C LEU O 202 25.77 56.10 -46.46
N GLY O 203 25.56 55.69 -47.72
CA GLY O 203 24.52 56.29 -48.53
C GLY O 203 23.15 56.22 -47.88
N THR O 204 22.77 55.04 -47.37
CA THR O 204 21.40 54.80 -46.88
C THR O 204 21.09 55.50 -45.55
N GLN O 205 21.94 55.29 -44.56
CA GLN O 205 21.77 55.87 -43.23
C GLN O 205 22.11 57.36 -43.22
N THR O 206 21.78 58.01 -42.11
CA THR O 206 22.41 59.27 -41.75
C THR O 206 22.44 59.30 -40.24
N TYR O 207 22.89 60.41 -39.64
CA TYR O 207 23.06 60.48 -38.21
C TYR O 207 22.59 61.81 -37.58
N ILE O 208 22.24 61.81 -36.29
CA ILE O 208 21.84 63.04 -35.57
C ILE O 208 22.59 63.24 -34.20
N CYS O 209 22.98 64.49 -33.90
CA CYS O 209 23.58 64.87 -32.61
C CYS O 209 22.49 65.62 -31.86
N ASN O 210 21.76 64.91 -31.01
CA ASN O 210 20.74 65.58 -30.26
C ASN O 210 21.42 66.32 -29.12
N VAL O 211 22.19 67.36 -29.47
CA VAL O 211 22.89 68.11 -28.46
C VAL O 211 21.90 69.02 -27.84
N ASN O 212 21.97 69.15 -26.53
CA ASN O 212 21.00 69.95 -25.81
C ASN O 212 21.57 70.46 -24.48
N HIS O 213 21.81 71.76 -24.41
CA HIS O 213 22.41 72.38 -23.22
C HIS O 213 21.39 73.33 -22.62
N LYS O 214 20.71 72.85 -21.57
CA LYS O 214 19.52 73.50 -21.06
C LYS O 214 19.70 74.66 -20.09
N PRO O 215 20.91 74.86 -19.56
CA PRO O 215 21.15 76.12 -18.87
C PRO O 215 21.21 77.31 -19.82
N SER O 216 21.22 77.05 -21.12
CA SER O 216 21.32 78.08 -22.15
C SER O 216 20.28 77.87 -23.27
N ASN O 217 19.20 77.16 -22.91
CA ASN O 217 18.13 76.74 -23.82
C ASN O 217 18.54 76.40 -25.29
N THR O 218 19.72 75.79 -25.47
CA THR O 218 20.29 75.51 -26.81
C THR O 218 20.04 74.09 -27.34
N LYS O 219 18.92 73.86 -28.03
CA LYS O 219 18.66 72.59 -28.73
C LYS O 219 19.25 72.64 -30.14
N VAL O 220 20.51 72.23 -30.33
CA VAL O 220 21.11 72.25 -31.66
C VAL O 220 21.41 70.86 -32.22
N ASP O 221 20.48 70.34 -33.02
CA ASP O 221 20.57 68.99 -33.66
C ASP O 221 21.29 69.06 -34.97
N LYS O 222 22.61 69.01 -34.92
CA LYS O 222 23.49 69.41 -36.04
C LYS O 222 24.34 68.25 -36.55
N LYS O 223 24.46 68.09 -37.88
CA LYS O 223 24.81 66.80 -38.45
C LYS O 223 26.08 66.54 -39.21
N VAL O 224 26.33 65.25 -39.44
CA VAL O 224 27.64 64.70 -39.70
C VAL O 224 27.58 63.79 -40.90
N GLU O 225 28.60 63.90 -41.75
CA GLU O 225 28.75 63.06 -42.95
C GLU O 225 30.11 63.32 -43.59
N PRO O 226 30.67 62.34 -44.32
CA PRO O 226 32.12 62.39 -44.68
C PRO O 226 32.55 63.54 -45.65
N VAL P 2 28.28 57.94 13.70
CA VAL P 2 28.34 56.48 13.26
C VAL P 2 28.98 56.34 11.88
N VAL P 3 30.25 55.98 11.84
CA VAL P 3 31.02 56.00 10.61
C VAL P 3 31.12 54.62 10.03
N LEU P 4 30.86 54.51 8.73
CA LEU P 4 31.01 53.26 8.05
C LEU P 4 32.20 53.37 7.14
N THR P 5 33.26 52.66 7.50
CA THR P 5 34.44 52.52 6.64
C THR P 5 34.31 51.18 5.96
N GLN P 6 34.35 51.15 4.64
CA GLN P 6 34.21 49.86 3.98
C GLN P 6 35.39 49.56 3.07
N SER P 7 35.68 48.28 2.88
CA SER P 7 36.89 47.86 2.22
C SER P 7 36.60 46.59 1.43
N PRO P 8 37.44 46.26 0.45
CA PRO P 8 38.64 46.98 0.05
C PRO P 8 38.34 48.11 -0.91
N GLY P 9 39.31 49.00 -1.08
CA GLY P 9 39.13 50.22 -1.89
C GLY P 9 38.40 49.95 -3.19
N THR P 10 39.14 49.43 -4.15
CA THR P 10 38.53 48.84 -5.32
C THR P 10 38.86 47.36 -5.25
N LEU P 11 38.29 46.59 -6.17
CA LEU P 11 38.74 45.25 -6.36
C LEU P 11 38.29 44.74 -7.70
N ALA P 12 39.24 44.10 -8.38
CA ALA P 12 39.09 43.61 -9.73
C ALA P 12 39.13 42.10 -9.68
N LEU P 13 38.10 41.46 -10.20
CA LEU P 13 38.03 40.02 -10.25
C LEU P 13 37.39 39.60 -11.55
N PRO P 14 37.81 38.45 -12.10
CA PRO P 14 37.22 37.94 -13.36
C PRO P 14 35.76 37.50 -13.24
N PRO P 15 35.04 37.37 -14.38
CA PRO P 15 33.67 36.85 -14.32
C PRO P 15 33.65 35.45 -13.76
N GLY P 16 32.57 35.10 -13.08
CA GLY P 16 32.45 33.79 -12.43
C GLY P 16 33.33 33.58 -11.21
N GLU P 17 33.84 34.66 -10.62
CA GLU P 17 34.59 34.61 -9.36
C GLU P 17 33.67 35.20 -8.28
N ARG P 18 34.14 35.42 -7.03
CA ARG P 18 33.28 35.98 -5.96
C ARG P 18 33.85 37.19 -5.27
N ALA P 19 33.09 38.26 -5.32
CA ALA P 19 33.49 39.48 -4.65
C ALA P 19 32.93 39.38 -3.27
N THR P 20 33.71 39.83 -2.31
CA THR P 20 33.30 39.76 -0.91
C THR P 20 33.64 41.15 -0.29
N LEU P 21 32.60 41.96 -0.08
CA LEU P 21 32.75 43.35 0.34
C LEU P 21 32.41 43.46 1.81
N SER P 22 33.22 44.22 2.54
CA SER P 22 32.98 44.41 3.95
C SER P 22 32.53 45.84 4.17
N CYS P 23 32.02 46.07 5.40
CA CYS P 23 31.53 47.35 5.89
C CYS P 23 31.56 47.34 7.39
N ARG P 24 32.65 47.84 7.96
CA ARG P 24 32.77 47.90 9.40
C ARG P 24 32.16 49.21 9.87
N ALA P 25 31.43 49.17 10.98
CA ALA P 25 30.78 50.35 11.55
C ALA P 25 31.41 50.76 12.86
N SER P 26 31.47 52.07 13.12
CA SER P 26 32.16 52.57 14.31
C SER P 26 31.35 52.36 15.58
N HIS P 27 30.09 51.98 15.45
CA HIS P 27 29.29 51.66 16.62
C HIS P 27 28.39 50.49 16.27
N ARG P 28 27.79 49.82 17.25
CA ARG P 28 26.92 48.68 16.96
C ARG P 28 25.64 49.19 16.35
N VAL P 29 25.00 48.34 15.54
CA VAL P 29 23.81 48.72 14.77
C VAL P 29 22.91 47.52 14.54
N GLY P 30 21.61 47.74 14.61
CA GLY P 30 20.70 46.64 14.37
C GLY P 30 20.90 46.06 12.99
N SER P 31 20.79 44.74 12.86
CA SER P 31 20.87 44.12 11.56
C SER P 31 19.73 44.60 10.64
N THR P 32 18.79 45.32 11.19
CA THR P 32 17.58 45.67 10.45
C THR P 32 17.70 47.05 9.80
N TYR P 33 18.70 47.81 10.24
CA TYR P 33 18.85 49.18 9.76
C TYR P 33 20.02 49.33 8.79
N ILE P 34 20.34 48.25 8.08
CA ILE P 34 21.44 48.27 7.12
C ILE P 34 20.94 48.01 5.71
N ALA P 35 21.57 48.67 4.75
CA ALA P 35 21.21 48.51 3.36
C ALA P 35 22.43 48.65 2.48
N TRP P 36 22.39 47.98 1.34
CA TRP P 36 23.47 48.01 0.36
C TRP P 36 22.95 48.47 -0.94
N TYR P 37 23.76 49.20 -1.66
CA TYR P 37 23.32 49.77 -2.91
C TYR P 37 24.39 49.58 -3.95
N GLN P 38 23.96 49.58 -5.20
CA GLN P 38 24.84 49.53 -6.34
C GLN P 38 24.59 50.76 -7.19
N GLN P 39 25.63 51.35 -7.75
CA GLN P 39 25.49 52.59 -8.52
C GLN P 39 26.43 52.65 -9.67
N LYS P 40 25.84 52.65 -10.85
CA LYS P 40 26.61 52.76 -12.09
C LYS P 40 26.54 54.23 -12.49
N SER P 41 27.69 54.87 -12.74
CA SER P 41 27.76 56.34 -12.75
C SER P 41 26.83 56.96 -13.77
N GLY P 42 26.25 58.10 -13.38
CA GLY P 42 25.12 58.69 -14.07
C GLY P 42 23.81 58.46 -13.32
N GLN P 43 23.29 57.25 -13.42
CA GLN P 43 22.05 56.89 -12.75
C GLN P 43 22.12 56.92 -11.21
N ALA P 44 20.93 56.84 -10.61
CA ALA P 44 20.78 56.93 -9.18
C ALA P 44 21.08 55.59 -8.56
N PRO P 45 21.32 55.57 -7.25
CA PRO P 45 21.61 54.33 -6.52
C PRO P 45 20.49 53.33 -6.52
N ARG P 46 20.81 52.08 -6.80
CA ARG P 46 19.83 51.00 -6.88
C ARG P 46 20.09 50.13 -5.72
N ARG P 47 19.01 49.75 -5.06
CA ARG P 47 19.14 49.16 -3.77
C ARG P 47 19.15 47.65 -3.86
N LEU P 48 20.24 47.04 -3.45
CA LEU P 48 20.39 45.61 -3.45
C LEU P 48 19.76 44.95 -2.23
N ILE P 49 20.23 45.30 -1.04
CA ILE P 49 19.89 44.57 0.15
C ILE P 49 19.31 45.47 1.18
N TYR P 50 18.27 45.01 1.86
CA TYR P 50 17.76 45.72 3.03
C TYR P 50 17.71 44.81 4.23
N GLY P 51 17.91 45.43 5.39
CA GLY P 51 17.98 44.74 6.66
C GLY P 51 19.18 43.83 6.72
N ALA P 52 20.24 44.22 6.03
CA ALA P 52 21.49 43.48 6.03
C ALA P 52 21.49 42.19 5.26
N SER P 53 20.34 41.49 5.25
CA SER P 53 20.22 40.09 4.79
C SER P 53 19.38 39.87 3.58
N ASN P 54 18.39 40.74 3.32
CA ASN P 54 17.32 40.47 2.33
C ASN P 54 17.45 41.18 1.00
N ARG P 55 17.18 40.47 -0.09
CA ARG P 55 17.24 41.10 -1.38
C ARG P 55 16.00 41.92 -1.62
N ALA P 56 16.14 43.10 -2.23
CA ALA P 56 14.97 43.80 -2.78
C ALA P 56 14.57 43.10 -4.05
N THR P 57 13.40 43.45 -4.55
CA THR P 57 12.81 42.67 -5.61
C THR P 57 13.49 42.91 -6.96
N ASP P 58 13.31 41.94 -7.86
CA ASP P 58 13.95 41.88 -9.18
C ASP P 58 15.47 41.76 -9.10
N ILE P 59 15.99 41.25 -8.00
CA ILE P 59 17.43 41.16 -7.81
C ILE P 59 17.91 39.74 -7.80
N PRO P 60 18.89 39.44 -8.63
CA PRO P 60 19.40 38.08 -8.72
C PRO P 60 20.01 37.59 -7.41
N ASP P 61 20.09 36.27 -7.25
CA ASP P 61 20.43 35.68 -5.96
C ASP P 61 21.93 35.52 -5.82
N ARG P 62 22.65 35.91 -6.85
CA ARG P 62 24.10 36.16 -6.77
C ARG P 62 24.38 37.08 -5.60
N PHE P 63 23.53 38.10 -5.44
CA PHE P 63 23.64 39.06 -4.35
C PHE P 63 23.07 38.54 -3.06
N SER P 64 23.80 38.72 -1.97
CA SER P 64 23.33 38.31 -0.64
C SER P 64 24.15 38.98 0.43
N GLY P 65 23.56 39.16 1.61
CA GLY P 65 24.22 39.96 2.63
C GLY P 65 24.14 39.34 3.99
N SER P 66 25.00 39.79 4.90
CA SER P 66 25.03 39.27 6.25
C SER P 66 25.82 40.17 7.16
N GLY P 67 25.75 39.86 8.45
CA GLY P 67 26.44 40.65 9.45
C GLY P 67 25.74 40.78 10.80
N SER P 68 26.56 40.99 11.80
CA SER P 68 26.10 40.93 13.13
C SER P 68 26.68 42.15 13.78
N GLY P 69 25.83 43.07 14.17
CA GLY P 69 26.21 44.15 15.07
C GLY P 69 27.17 45.22 14.55
N THR P 70 28.36 44.84 14.13
CA THR P 70 29.34 45.82 13.73
C THR P 70 30.00 45.52 12.38
N ASP P 71 30.03 44.25 11.94
CA ASP P 71 30.65 43.87 10.67
C ASP P 71 29.62 43.42 9.70
N PHE P 72 29.31 44.24 8.71
CA PHE P 72 28.38 43.83 7.68
C PHE P 72 29.08 43.59 6.36
N THR P 73 28.58 42.61 5.61
CA THR P 73 29.25 42.20 4.39
C THR P 73 28.23 41.89 3.27
N LEU P 74 28.63 42.17 2.03
CA LEU P 74 27.82 41.89 0.87
C LEU P 74 28.64 40.99 -0.03
N THR P 75 28.03 39.89 -0.47
CA THR P 75 28.70 38.91 -1.34
C THR P 75 27.97 38.77 -2.65
N ILE P 76 28.70 39.00 -3.74
CA ILE P 76 28.22 38.72 -5.08
C ILE P 76 28.81 37.38 -5.47
N ARG P 77 27.97 36.38 -5.65
CA ARG P 77 28.43 35.01 -5.53
C ARG P 77 29.16 34.57 -6.80
N ARG P 78 28.66 34.95 -7.97
CA ARG P 78 29.36 34.67 -9.22
C ARG P 78 29.23 35.81 -10.20
N LEU P 79 30.30 36.59 -10.31
CA LEU P 79 30.29 37.91 -10.97
C LEU P 79 29.88 37.83 -12.40
N GLU P 80 29.27 38.90 -12.87
CA GLU P 80 28.95 39.05 -14.27
C GLU P 80 29.60 40.33 -14.75
N PRO P 81 29.64 40.55 -16.07
CA PRO P 81 30.06 41.85 -16.54
C PRO P 81 29.06 43.00 -16.24
N GLU P 82 27.78 42.61 -16.12
CA GLU P 82 26.72 43.45 -15.62
C GLU P 82 27.03 44.15 -14.28
N ASP P 83 27.95 43.60 -13.48
CA ASP P 83 28.12 44.02 -12.09
C ASP P 83 29.16 45.06 -11.79
N SER P 84 29.84 45.56 -12.79
CA SER P 84 30.86 46.57 -12.53
C SER P 84 30.21 47.86 -12.11
N ALA P 85 30.46 48.22 -10.86
CA ALA P 85 29.81 49.36 -10.25
C ALA P 85 30.48 49.77 -8.93
N VAL P 86 29.91 50.75 -8.26
CA VAL P 86 30.35 51.09 -6.92
C VAL P 86 29.28 50.57 -6.00
N TYR P 87 29.68 50.18 -4.81
CA TYR P 87 28.74 49.60 -3.85
C TYR P 87 28.83 50.39 -2.56
N TYR P 88 27.68 50.80 -2.04
CA TYR P 88 27.65 51.59 -0.83
C TYR P 88 26.88 50.87 0.27
N CYS P 89 27.44 50.72 1.47
CA CYS P 89 26.60 50.33 2.61
C CYS P 89 26.06 51.61 3.26
N GLN P 90 24.93 51.49 3.96
CA GLN P 90 24.28 52.64 4.59
C GLN P 90 23.57 52.17 5.83
N GLN P 91 23.61 53.00 6.86
CA GLN P 91 22.82 52.73 8.08
C GLN P 91 21.83 53.87 8.33
N PHE P 92 20.65 53.52 8.83
CA PHE P 92 19.65 54.49 9.19
C PHE P 92 19.01 54.16 10.54
N SER P 93 19.86 53.78 11.48
CA SER P 93 19.47 53.55 12.85
C SER P 93 19.61 54.83 13.63
N VAL P 94 20.66 55.58 13.35
CA VAL P 94 21.02 56.73 14.17
C VAL P 94 21.25 58.00 13.34
N SER P 95 20.43 59.03 13.58
CA SER P 95 20.62 60.29 12.87
C SER P 95 22.02 60.81 13.18
N PRO P 96 22.74 61.25 12.16
CA PRO P 96 22.44 61.25 10.74
C PRO P 96 22.58 59.88 10.09
N TRP P 97 21.55 59.42 9.37
CA TRP P 97 21.70 58.30 8.42
C TRP P 97 23.04 58.55 7.65
N THR P 98 23.89 57.53 7.55
CA THR P 98 25.24 57.67 6.93
C THR P 98 25.56 56.59 5.91
N PHE P 99 26.48 56.90 5.01
CA PHE P 99 26.85 55.97 3.95
C PHE P 99 28.31 55.58 4.05
N GLY P 100 28.67 54.56 3.30
CA GLY P 100 30.04 54.12 3.27
C GLY P 100 30.87 54.89 2.28
N GLN P 101 32.18 54.67 2.38
CA GLN P 101 33.22 55.20 1.47
C GLN P 101 32.87 54.81 0.06
N GLY P 102 32.52 53.55 -0.12
CA GLY P 102 32.21 52.96 -1.41
C GLY P 102 33.33 52.00 -1.84
N THR P 103 32.99 50.76 -2.16
CA THR P 103 33.91 49.80 -2.76
C THR P 103 33.63 49.73 -4.26
N ARG P 104 34.64 49.91 -5.11
CA ARG P 104 34.47 49.79 -6.56
C ARG P 104 34.67 48.35 -6.95
N VAL P 105 33.89 47.86 -7.91
CA VAL P 105 34.13 46.52 -8.47
C VAL P 105 34.33 46.66 -9.95
N GLU P 106 35.52 46.23 -10.39
CA GLU P 106 35.89 46.17 -11.81
C GLU P 106 35.93 44.71 -12.12
N ILE P 107 35.29 44.28 -13.20
CA ILE P 107 35.43 42.89 -13.58
C ILE P 107 36.67 42.78 -14.47
N LYS P 108 37.46 41.73 -14.24
CA LYS P 108 38.81 41.62 -14.80
C LYS P 108 38.75 40.60 -15.94
N ARG P 109 38.44 41.12 -17.12
CA ARG P 109 38.36 40.34 -18.33
C ARG P 109 39.74 40.25 -18.98
N THR P 110 39.81 39.57 -20.13
CA THR P 110 41.07 39.43 -20.89
C THR P 110 41.49 40.72 -21.59
N VAL P 111 42.79 40.80 -21.90
CA VAL P 111 43.39 42.01 -22.46
C VAL P 111 42.70 42.31 -23.80
N ALA P 112 42.67 43.59 -24.16
CA ALA P 112 42.03 44.04 -25.42
C ALA P 112 42.68 45.32 -25.92
N ALA P 113 43.06 45.35 -27.18
CA ALA P 113 43.79 46.48 -27.74
C ALA P 113 42.82 47.57 -28.14
N PRO P 114 43.29 48.82 -28.11
CA PRO P 114 42.40 49.91 -28.50
C PRO P 114 42.28 50.03 -30.00
N SER P 115 41.07 50.22 -30.48
CA SER P 115 40.91 50.57 -31.87
C SER P 115 41.19 52.08 -31.92
N VAL P 116 42.30 52.48 -32.55
CA VAL P 116 42.64 53.91 -32.65
C VAL P 116 42.07 54.60 -33.91
N PHE P 117 41.46 55.76 -33.69
CA PHE P 117 40.90 56.60 -34.76
C PHE P 117 41.33 58.03 -34.52
N ILE P 118 41.81 58.72 -35.57
CA ILE P 118 42.09 60.16 -35.51
C ILE P 118 40.98 60.91 -36.24
N PHE P 119 40.75 62.15 -35.80
CA PHE P 119 39.79 63.04 -36.42
C PHE P 119 40.32 64.45 -36.60
N PRO P 120 40.46 64.86 -37.86
CA PRO P 120 40.86 66.23 -38.14
C PRO P 120 39.77 67.18 -37.70
N PRO P 121 40.13 68.45 -37.44
CA PRO P 121 39.19 69.50 -37.09
C PRO P 121 38.27 69.94 -38.22
N SER P 122 37.04 70.23 -37.88
CA SER P 122 36.01 70.58 -38.86
C SER P 122 36.25 71.89 -39.60
N ASP P 123 35.87 71.95 -40.88
CA ASP P 123 35.97 73.18 -41.65
C ASP P 123 35.07 74.26 -41.05
N GLU P 124 33.96 73.86 -40.43
CA GLU P 124 33.11 74.78 -39.70
C GLU P 124 33.86 75.40 -38.52
N GLN P 125 34.66 74.59 -37.84
CA GLN P 125 35.42 75.07 -36.68
C GLN P 125 36.61 75.93 -37.07
N LEU P 126 37.35 75.48 -38.08
CA LEU P 126 38.57 76.18 -38.48
C LEU P 126 38.32 77.66 -38.59
N LYS P 127 37.35 78.02 -39.42
CA LYS P 127 37.11 79.42 -39.68
C LYS P 127 36.64 80.20 -38.45
N SER P 128 36.04 79.55 -37.45
CA SER P 128 35.62 80.25 -36.21
C SER P 128 36.82 80.63 -35.32
N GLY P 129 38.02 80.13 -35.67
CA GLY P 129 39.27 80.66 -35.11
C GLY P 129 40.20 79.76 -34.30
N THR P 130 39.79 78.54 -33.97
CA THR P 130 40.71 77.58 -33.35
C THR P 130 40.48 76.18 -33.90
N ALA P 131 41.38 75.27 -33.55
CA ALA P 131 41.37 73.90 -34.07
C ALA P 131 41.52 72.88 -32.95
N SER P 132 40.74 71.80 -33.02
CA SER P 132 40.75 70.73 -32.03
C SER P 132 40.90 69.39 -32.71
N VAL P 133 42.07 68.77 -32.56
CA VAL P 133 42.30 67.42 -33.08
C VAL P 133 41.93 66.40 -32.01
N VAL P 134 41.08 65.45 -32.40
CA VAL P 134 40.56 64.41 -31.50
C VAL P 134 41.15 63.06 -31.90
N CYS P 135 41.56 62.30 -30.90
CA CYS P 135 42.05 60.95 -31.10
C CYS P 135 41.24 60.07 -30.19
N LEU P 136 40.72 58.98 -30.73
CA LEU P 136 39.82 58.10 -30.01
C LEU P 136 40.36 56.66 -29.88
N LEU P 137 40.43 56.15 -28.65
CA LEU P 137 40.83 54.79 -28.39
C LEU P 137 39.57 54.08 -27.95
N ASN P 138 39.17 53.03 -28.65
CA ASN P 138 37.85 52.48 -28.45
C ASN P 138 37.79 50.97 -28.10
N ASN P 139 37.13 50.67 -26.99
CA ASN P 139 36.81 49.32 -26.54
C ASN P 139 38.05 48.46 -26.23
N PHE P 140 38.81 48.91 -25.22
CA PHE P 140 40.06 48.28 -24.74
C PHE P 140 40.04 47.84 -23.25
N TYR P 141 40.99 47.00 -22.86
CA TYR P 141 41.13 46.60 -21.46
C TYR P 141 42.56 46.17 -21.21
N PRO P 142 43.17 46.61 -20.10
CA PRO P 142 42.66 47.40 -18.99
C PRO P 142 42.69 48.91 -19.22
N ARG P 143 42.28 49.64 -18.17
CA ARG P 143 42.17 51.07 -18.20
C ARG P 143 43.47 51.77 -18.63
N GLU P 144 44.61 51.26 -18.19
CA GLU P 144 45.87 52.00 -18.34
C GLU P 144 46.36 52.08 -19.77
N ALA P 145 46.17 53.22 -20.42
CA ALA P 145 46.55 53.40 -21.84
C ALA P 145 47.07 54.82 -22.10
N LYS P 146 48.28 54.97 -22.61
CA LYS P 146 48.88 56.29 -22.78
C LYS P 146 48.56 56.79 -24.18
N VAL P 147 48.50 58.10 -24.33
CA VAL P 147 48.31 58.78 -25.65
C VAL P 147 49.33 59.90 -25.76
N GLN P 148 50.06 59.93 -26.86
CA GLN P 148 51.09 60.94 -27.04
C GLN P 148 50.87 61.58 -28.39
N TRP P 149 51.00 62.89 -28.46
CA TRP P 149 50.78 63.63 -29.69
C TRP P 149 52.09 64.06 -30.40
N LYS P 150 51.99 64.33 -31.70
CA LYS P 150 53.15 64.78 -32.50
C LYS P 150 52.70 65.73 -33.61
N VAL P 151 53.44 66.80 -33.81
CA VAL P 151 53.14 67.74 -34.88
C VAL P 151 54.36 67.93 -35.76
N ASP P 152 54.41 67.18 -36.86
CA ASP P 152 55.61 67.01 -37.66
C ASP P 152 56.67 66.51 -36.70
N ASN P 153 56.33 65.44 -36.01
CA ASN P 153 57.16 64.81 -34.97
C ASN P 153 57.58 65.68 -33.81
N ALA P 154 57.15 66.93 -33.80
CA ALA P 154 57.30 67.80 -32.63
C ALA P 154 56.42 67.28 -31.49
N LEU P 155 57.05 66.68 -30.50
CA LEU P 155 56.40 65.99 -29.40
C LEU P 155 55.66 66.93 -28.42
N GLN P 156 54.33 66.82 -28.35
CA GLN P 156 53.49 67.80 -27.64
C GLN P 156 53.20 67.38 -26.22
N SER P 157 52.92 68.36 -25.35
CA SER P 157 52.49 68.05 -23.97
C SER P 157 51.95 69.25 -23.23
N GLY P 158 50.86 69.04 -22.49
CA GLY P 158 50.22 70.13 -21.75
C GLY P 158 49.36 71.04 -22.62
N ASN P 159 49.14 70.67 -23.88
CA ASN P 159 48.06 71.23 -24.70
C ASN P 159 47.07 70.14 -25.19
N SER P 160 47.24 68.90 -24.73
CA SER P 160 46.22 67.87 -24.87
C SER P 160 45.47 67.73 -23.54
N GLN P 161 44.29 67.11 -23.57
CA GLN P 161 43.46 66.89 -22.37
C GLN P 161 42.46 65.75 -22.62
N GLU P 162 42.36 64.79 -21.70
CA GLU P 162 41.68 63.53 -22.03
C GLU P 162 40.55 63.17 -21.09
N SER P 163 39.69 62.27 -21.56
CA SER P 163 38.46 61.91 -20.86
C SER P 163 38.12 60.44 -21.12
N VAL P 164 38.00 59.64 -20.05
CA VAL P 164 37.80 58.19 -20.17
C VAL P 164 36.37 57.81 -19.85
N THR P 165 35.81 56.91 -20.64
CA THR P 165 34.53 56.32 -20.32
C THR P 165 34.63 55.37 -19.11
N GLU P 166 33.50 55.03 -18.49
CA GLU P 166 33.51 54.03 -17.42
C GLU P 166 33.40 52.63 -18.02
N GLN P 167 33.80 51.60 -17.25
CA GLN P 167 33.82 50.23 -17.74
C GLN P 167 32.46 49.91 -18.34
N ASP P 168 32.45 49.20 -19.45
CA ASP P 168 31.19 48.86 -20.11
C ASP P 168 30.55 47.69 -19.38
N SER P 169 29.23 47.71 -19.34
CA SER P 169 28.48 46.68 -18.64
C SER P 169 28.34 45.40 -19.46
N LYS P 170 28.54 45.46 -20.78
CA LYS P 170 28.43 44.28 -21.62
C LYS P 170 29.74 43.55 -21.74
N ASP P 171 30.75 44.25 -22.22
CA ASP P 171 32.01 43.63 -22.61
C ASP P 171 33.18 44.01 -21.67
N SER P 172 32.90 44.91 -20.74
CA SER P 172 33.88 45.31 -19.74
C SER P 172 35.14 45.93 -20.32
N THR P 173 34.92 46.92 -21.19
CA THR P 173 35.96 47.71 -21.78
C THR P 173 35.74 49.19 -21.63
N TYR P 174 36.82 49.91 -21.42
CA TYR P 174 36.83 51.36 -21.40
C TYR P 174 36.99 51.95 -22.83
N SER P 175 37.03 53.28 -22.92
CA SER P 175 37.14 54.06 -24.17
C SER P 175 37.67 55.45 -23.79
N LEU P 176 38.60 55.98 -24.58
CA LEU P 176 39.28 57.21 -24.22
C LEU P 176 39.19 58.18 -25.37
N SER P 177 39.19 59.46 -25.08
CA SER P 177 39.34 60.48 -26.12
C SER P 177 40.21 61.61 -25.57
N SER P 178 41.38 61.81 -26.17
CA SER P 178 42.23 62.98 -25.88
C SER P 178 42.05 64.02 -27.00
N THR P 179 42.27 65.28 -26.67
CA THR P 179 42.00 66.38 -27.57
C THR P 179 43.11 67.42 -27.56
N LEU P 180 43.78 67.55 -28.70
CA LEU P 180 44.87 68.49 -28.86
C LEU P 180 44.24 69.79 -29.27
N THR P 181 44.54 70.86 -28.54
CA THR P 181 44.02 72.20 -28.86
C THR P 181 45.13 73.16 -29.37
N LEU P 182 44.93 73.71 -30.56
CA LEU P 182 45.87 74.65 -31.15
C LEU P 182 45.18 75.95 -31.56
N SER P 183 45.96 76.90 -32.06
CA SER P 183 45.44 78.09 -32.70
C SER P 183 45.33 77.80 -34.21
N LYS P 184 44.29 78.33 -34.88
CA LYS P 184 44.17 78.17 -36.34
C LYS P 184 45.49 78.57 -36.98
N ALA P 185 46.18 79.53 -36.35
CA ALA P 185 47.50 80.00 -36.79
C ALA P 185 48.56 78.91 -36.74
N ASP P 186 48.60 78.16 -35.64
CA ASP P 186 49.57 77.07 -35.47
C ASP P 186 49.17 75.82 -36.22
N TYR P 187 47.88 75.53 -36.27
CA TYR P 187 47.39 74.36 -36.99
C TYR P 187 47.65 74.52 -38.50
N GLU P 188 47.27 75.68 -39.09
CA GLU P 188 47.57 75.97 -40.51
C GLU P 188 49.05 76.33 -40.71
N LYS P 189 49.94 75.70 -39.91
CA LYS P 189 51.40 75.81 -40.11
C LYS P 189 52.13 74.48 -40.18
N HIS P 190 51.50 73.39 -39.76
CA HIS P 190 52.16 72.10 -39.72
C HIS P 190 51.36 71.02 -40.46
N LYS P 191 52.06 70.03 -41.02
CA LYS P 191 51.44 69.05 -41.92
C LYS P 191 50.97 67.77 -41.23
N VAL P 192 51.91 67.08 -40.56
CA VAL P 192 51.69 65.73 -40.04
C VAL P 192 51.27 65.74 -38.58
N TYR P 193 49.98 65.50 -38.33
CA TYR P 193 49.44 65.41 -36.98
C TYR P 193 49.21 63.93 -36.60
N ALA P 194 49.81 63.47 -35.51
CA ALA P 194 49.89 62.03 -35.25
C ALA P 194 49.71 61.66 -33.77
N CYS P 195 48.92 60.60 -33.53
CA CYS P 195 48.48 60.19 -32.19
C CYS P 195 49.01 58.80 -31.84
N GLU P 196 50.09 58.73 -31.08
CA GLU P 196 50.76 57.46 -30.73
C GLU P 196 50.25 56.89 -29.41
N VAL P 197 49.94 55.61 -29.41
CA VAL P 197 49.21 54.98 -28.31
C VAL P 197 49.92 53.79 -27.72
N THR P 198 50.31 53.88 -26.46
CA THR P 198 50.97 52.77 -25.80
C THR P 198 50.01 52.10 -24.86
N HIS P 199 49.99 50.77 -24.87
CA HIS P 199 48.99 50.02 -24.10
C HIS P 199 49.43 48.56 -23.93
N GLN P 200 48.97 47.91 -22.87
CA GLN P 200 49.27 46.51 -22.63
C GLN P 200 48.83 45.59 -23.75
N GLY P 201 47.79 45.98 -24.44
CA GLY P 201 47.28 45.21 -25.57
C GLY P 201 48.09 45.28 -26.84
N LEU P 202 48.95 46.28 -26.93
CA LEU P 202 49.79 46.47 -28.10
C LEU P 202 51.24 46.10 -27.79
N SER P 203 51.74 45.05 -28.44
CA SER P 203 53.11 44.58 -28.19
C SER P 203 54.18 45.65 -28.47
N SER P 204 53.81 46.66 -29.26
CA SER P 204 54.61 47.87 -29.37
C SER P 204 53.72 49.03 -29.86
N PRO P 205 53.90 50.24 -29.30
CA PRO P 205 53.04 51.38 -29.55
C PRO P 205 52.52 51.46 -30.97
N VAL P 206 51.38 52.12 -31.16
CA VAL P 206 50.77 52.21 -32.47
C VAL P 206 50.23 53.58 -32.74
N THR P 207 50.71 54.16 -33.82
CA THR P 207 50.40 55.52 -34.21
C THR P 207 49.42 55.52 -35.35
N LYS P 208 48.38 56.34 -35.26
CA LYS P 208 47.58 56.73 -36.43
C LYS P 208 47.76 58.21 -36.64
N SER P 209 47.84 58.65 -37.89
CA SER P 209 48.21 60.05 -38.22
C SER P 209 47.48 60.57 -39.45
N PHE P 210 47.70 61.84 -39.75
CA PHE P 210 47.12 62.43 -40.94
C PHE P 210 47.86 63.68 -41.39
N ASN P 211 47.87 63.90 -42.70
CA ASN P 211 48.50 65.08 -43.28
C ASN P 211 47.46 66.13 -43.58
N ARG P 212 47.73 67.33 -43.09
CA ARG P 212 46.76 68.41 -43.13
C ARG P 212 46.36 68.82 -44.54
N GLY P 213 45.04 68.98 -44.77
CA GLY P 213 44.48 69.38 -46.07
C GLY P 213 43.87 68.24 -46.87
N GLU P 214 44.17 67.00 -46.48
CA GLU P 214 43.85 65.82 -47.27
C GLU P 214 42.98 64.87 -46.43
N GLN Q 1 -13.30 -63.58 6.55
CA GLN Q 1 -14.01 -62.48 5.85
C GLN Q 1 -13.08 -62.00 4.76
N VAL Q 2 -12.07 -61.19 5.09
CA VAL Q 2 -10.97 -60.87 4.16
C VAL Q 2 -9.83 -60.30 4.96
N GLN Q 3 -8.70 -60.97 5.05
CA GLN Q 3 -7.66 -60.38 5.87
C GLN Q 3 -6.25 -60.74 5.50
N LEU Q 4 -5.34 -59.98 6.06
CA LEU Q 4 -3.94 -60.05 5.74
C LEU Q 4 -3.15 -60.06 7.06
N VAL Q 5 -2.71 -61.22 7.53
CA VAL Q 5 -1.97 -61.30 8.76
C VAL Q 5 -0.50 -61.41 8.44
N GLN Q 6 0.30 -60.45 8.89
CA GLN Q 6 1.73 -60.44 8.62
C GLN Q 6 2.53 -61.11 9.73
N SER Q 7 3.83 -61.28 9.53
CA SER Q 7 4.70 -61.85 10.59
C SER Q 7 5.11 -60.83 11.70
N GLY Q 8 5.55 -61.31 12.86
CA GLY Q 8 5.98 -60.44 13.98
C GLY Q 8 7.31 -59.71 13.75
N ALA Q 9 7.55 -58.65 14.53
CA ALA Q 9 8.68 -57.73 14.32
C ALA Q 9 9.99 -58.48 14.31
N GLU Q 10 10.85 -58.21 13.33
CA GLU Q 10 12.18 -58.80 13.28
C GLU Q 10 13.20 -57.68 13.62
N VAL Q 11 14.39 -58.06 14.06
CA VAL Q 11 15.49 -57.12 14.32
C VAL Q 11 16.77 -57.67 13.71
N LYS Q 12 17.44 -56.90 12.86
CA LYS Q 12 18.59 -57.37 12.07
C LYS Q 12 19.73 -56.34 12.03
N LYS Q 13 20.93 -56.80 11.69
CA LYS Q 13 22.11 -55.92 11.74
C LYS Q 13 22.59 -55.56 10.34
N PRO Q 14 23.21 -54.38 10.20
CA PRO Q 14 23.50 -53.75 8.91
C PRO Q 14 23.78 -54.67 7.71
N GLY Q 15 24.56 -55.73 7.88
CA GLY Q 15 24.86 -56.61 6.75
C GLY Q 15 23.67 -57.42 6.27
N ALA Q 16 23.08 -58.13 7.22
CA ALA Q 16 22.18 -59.25 6.94
C ALA Q 16 21.02 -58.86 6.06
N SER Q 17 20.12 -59.82 5.83
CA SER Q 17 18.87 -59.60 5.11
C SER Q 17 17.66 -59.99 5.99
N VAL Q 18 16.47 -60.01 5.40
CA VAL Q 18 15.21 -60.20 6.13
C VAL Q 18 14.13 -60.74 5.18
N LYS Q 19 13.16 -61.46 5.75
CA LYS Q 19 11.99 -61.97 4.98
C LYS Q 19 10.72 -61.80 5.78
N VAL Q 20 9.69 -61.21 5.17
CA VAL Q 20 8.45 -60.89 5.86
C VAL Q 20 7.29 -61.59 5.14
N SER Q 21 6.45 -62.29 5.90
CA SER Q 21 5.32 -63.03 5.33
C SER Q 21 4.06 -62.24 5.45
N CYS Q 22 3.12 -62.49 4.55
CA CYS Q 22 1.81 -61.84 4.59
C CYS Q 22 0.73 -62.85 4.21
N LYS Q 23 0.06 -63.40 5.20
CA LYS Q 23 -0.90 -64.47 4.96
C LYS Q 23 -2.27 -63.89 4.65
N THR Q 24 -2.85 -64.33 3.54
CA THR Q 24 -4.16 -63.84 3.08
C THR Q 24 -5.25 -64.88 3.22
N SER Q 25 -6.49 -64.47 3.05
CA SER Q 25 -7.63 -65.32 3.31
C SER Q 25 -8.89 -64.54 3.07
N GLY Q 26 -9.98 -65.26 2.83
CA GLY Q 26 -11.29 -64.65 2.66
C GLY Q 26 -11.62 -64.19 1.24
N TYR Q 27 -10.70 -64.40 0.33
CA TYR Q 27 -10.88 -64.01 -1.07
C TYR Q 27 -9.96 -64.93 -1.86
N SER Q 28 -10.23 -65.13 -3.14
CA SER Q 28 -9.40 -66.07 -3.91
C SER Q 28 -8.03 -65.47 -4.30
N PHE Q 29 -6.97 -66.00 -3.68
CA PHE Q 29 -5.62 -65.40 -3.72
C PHE Q 29 -5.16 -64.97 -5.11
N SER Q 30 -5.52 -65.75 -6.13
CA SER Q 30 -4.89 -65.56 -7.43
C SER Q 30 -5.56 -64.51 -8.34
N THR Q 31 -6.64 -63.85 -7.91
CA THR Q 31 -7.26 -62.84 -8.79
C THR Q 31 -6.91 -61.41 -8.44
N TYR Q 32 -5.83 -61.23 -7.68
CA TYR Q 32 -5.44 -59.92 -7.14
C TYR Q 32 -3.96 -59.93 -6.79
N GLY Q 33 -3.25 -58.92 -7.25
CA GLY Q 33 -1.87 -58.72 -6.83
C GLY Q 33 -1.71 -58.24 -5.38
N VAL Q 34 -0.48 -57.90 -5.03
CA VAL Q 34 -0.17 -57.42 -3.70
C VAL Q 34 0.80 -56.26 -3.79
N SER Q 35 0.53 -55.19 -3.06
CA SER Q 35 1.41 -54.00 -3.01
C SER Q 35 2.10 -53.99 -1.67
N TRP Q 36 3.33 -53.54 -1.64
CA TRP Q 36 4.07 -53.46 -0.39
C TRP Q 36 4.50 -52.03 -0.13
N VAL Q 37 4.21 -51.51 1.06
CA VAL Q 37 4.54 -50.12 1.42
C VAL Q 37 5.19 -50.11 2.77
N ARG Q 38 6.22 -49.30 2.93
CA ARG Q 38 6.94 -49.27 4.21
C ARG Q 38 6.82 -47.92 4.82
N GLN Q 39 7.16 -47.81 6.11
CA GLN Q 39 7.00 -46.53 6.84
C GLN Q 39 8.02 -46.24 7.94
N ALA Q 40 9.02 -45.45 7.58
CA ALA Q 40 10.08 -45.02 8.50
C ALA Q 40 9.42 -44.25 9.64
N PRO Q 41 9.67 -44.61 10.91
CA PRO Q 41 8.88 -44.03 12.03
C PRO Q 41 8.74 -42.51 11.96
N GLY Q 42 7.52 -42.00 12.04
CA GLY Q 42 7.29 -40.57 12.01
C GLY Q 42 7.16 -39.98 10.62
N GLN Q 43 7.91 -40.49 9.65
CA GLN Q 43 7.68 -40.15 8.24
C GLN Q 43 6.41 -40.82 7.63
N GLY Q 44 6.04 -40.40 6.41
CA GLY Q 44 4.86 -40.94 5.71
C GLY Q 44 5.22 -42.18 4.93
N PRO Q 45 4.23 -42.88 4.36
CA PRO Q 45 4.51 -44.14 3.67
C PRO Q 45 5.28 -43.92 2.37
N GLU Q 46 6.14 -44.87 2.01
CA GLU Q 46 6.78 -44.91 0.68
C GLU Q 46 6.66 -46.34 0.11
N TRP Q 47 6.48 -46.40 -1.20
CA TRP Q 47 6.11 -47.64 -1.85
C TRP Q 47 7.34 -48.45 -2.11
N VAL Q 48 7.20 -49.76 -1.98
CA VAL Q 48 8.32 -50.70 -2.20
C VAL Q 48 8.21 -51.52 -3.50
N GLY Q 49 7.04 -52.09 -3.77
CA GLY Q 49 6.83 -52.85 -5.02
C GLY Q 49 5.49 -53.56 -5.10
N TRP Q 50 5.28 -54.29 -6.20
CA TRP Q 50 4.01 -54.96 -6.43
C TRP Q 50 4.22 -56.23 -7.21
N ILE Q 51 3.45 -57.25 -6.90
CA ILE Q 51 3.58 -58.55 -7.54
C ILE Q 51 2.21 -59.09 -7.80
N SER Q 52 2.04 -59.71 -8.95
CA SER Q 52 0.76 -60.30 -9.32
C SER Q 52 0.70 -61.77 -8.92
N ALA Q 53 -0.40 -62.18 -8.30
CA ALA Q 53 -0.55 -63.57 -7.91
C ALA Q 53 -1.18 -64.35 -9.05
N TYR Q 54 -1.51 -63.66 -10.12
CA TYR Q 54 -2.08 -64.30 -11.31
C TYR Q 54 -1.01 -64.60 -12.33
N THR Q 55 -0.13 -63.62 -12.57
CA THR Q 55 0.85 -63.71 -13.66
C THR Q 55 2.29 -63.73 -13.21
N GLY Q 56 2.52 -63.63 -11.90
CA GLY Q 56 3.88 -63.65 -11.35
C GLY Q 56 4.72 -62.43 -11.68
N ILE Q 57 4.13 -61.49 -12.40
CA ILE Q 57 4.80 -60.26 -12.77
C ILE Q 57 5.13 -59.43 -11.54
N THR Q 58 6.26 -58.73 -11.57
CA THR Q 58 6.63 -57.80 -10.51
C THR Q 58 7.01 -56.42 -11.06
N ASP Q 59 6.87 -55.43 -10.19
CA ASP Q 59 7.29 -54.06 -10.46
C ASP Q 59 7.86 -53.55 -9.15
N TYR Q 60 9.17 -53.49 -9.08
CA TYR Q 60 9.81 -52.99 -7.89
C TYR Q 60 10.00 -51.52 -8.10
N ALA Q 61 9.97 -50.75 -7.02
CA ALA Q 61 10.37 -49.34 -7.07
C ALA Q 61 11.83 -49.31 -7.37
N GLN Q 62 12.24 -48.41 -8.25
CA GLN Q 62 13.63 -48.42 -8.73
C GLN Q 62 14.64 -48.03 -7.65
N LYS Q 63 14.14 -47.43 -6.57
CA LYS Q 63 14.98 -47.13 -5.41
C LYS Q 63 15.63 -48.38 -4.78
N PHE Q 64 14.88 -49.48 -4.72
CA PHE Q 64 15.35 -50.70 -4.05
C PHE Q 64 16.02 -51.66 -5.02
N GLN Q 65 15.61 -51.63 -6.29
CA GLN Q 65 15.91 -52.70 -7.23
C GLN Q 65 17.23 -53.39 -6.94
N GLY Q 66 17.18 -54.73 -7.04
CA GLY Q 66 18.29 -55.56 -6.64
C GLY Q 66 18.07 -56.06 -5.24
N ARG Q 67 17.95 -55.13 -4.30
CA ARG Q 67 17.84 -55.52 -2.89
C ARG Q 67 16.54 -56.23 -2.56
N VAL Q 68 15.53 -56.12 -3.42
CA VAL Q 68 14.20 -56.56 -3.03
C VAL Q 68 13.63 -57.62 -3.96
N THR Q 69 12.98 -58.61 -3.35
CA THR Q 69 12.43 -59.75 -4.08
C THR Q 69 11.04 -60.11 -3.53
N LEU Q 70 10.04 -60.03 -4.40
CA LEU Q 70 8.66 -60.37 -4.04
C LEU Q 70 8.32 -61.71 -4.63
N THR Q 71 7.66 -62.54 -3.84
CA THR Q 71 7.25 -63.88 -4.27
C THR Q 71 5.88 -64.15 -3.73
N THR Q 72 5.22 -65.20 -4.26
CA THR Q 72 3.95 -65.66 -3.71
C THR Q 72 3.81 -67.17 -3.72
N ASP Q 73 3.16 -67.70 -2.69
CA ASP Q 73 2.91 -69.12 -2.53
C ASP Q 73 1.38 -69.33 -2.56
N ALA Q 74 0.87 -69.85 -3.68
CA ALA Q 74 -0.57 -70.01 -3.88
C ALA Q 74 -1.20 -71.05 -2.96
N THR Q 75 -0.45 -72.09 -2.59
CA THR Q 75 -0.95 -73.11 -1.67
C THR Q 75 -1.32 -72.52 -0.31
N THR Q 76 -0.36 -71.87 0.35
CA THR Q 76 -0.59 -71.29 1.65
C THR Q 76 -1.36 -69.94 1.55
N ALA Q 77 -1.38 -69.35 0.35
CA ALA Q 77 -2.04 -68.06 0.07
C ALA Q 77 -1.30 -66.89 0.70
N THR Q 78 0.02 -66.85 0.48
CA THR Q 78 0.90 -65.94 1.20
C THR Q 78 1.82 -65.25 0.23
N ALA Q 79 1.98 -63.93 0.42
CA ALA Q 79 2.99 -63.13 -0.30
C ALA Q 79 4.20 -62.88 0.61
N PHE Q 80 5.38 -62.86 0.02
CA PHE Q 80 6.59 -62.69 0.78
C PHE Q 80 7.35 -61.51 0.25
N LEU Q 81 8.17 -60.90 1.12
CA LEU Q 81 9.01 -59.77 0.81
C LEU Q 81 10.41 -60.00 1.35
N ASP Q 82 11.41 -60.08 0.48
CA ASP Q 82 12.79 -60.31 0.94
C ASP Q 82 13.64 -59.11 0.63
N LEU Q 83 14.28 -58.56 1.65
CA LEU Q 83 15.09 -57.37 1.47
C LEU Q 83 16.52 -57.67 1.92
N ARG Q 84 17.51 -57.41 1.07
CA ARG Q 84 18.92 -57.78 1.36
C ARG Q 84 19.77 -56.57 1.62
N SER Q 85 20.90 -56.77 2.29
CA SER Q 85 21.91 -55.72 2.48
C SER Q 85 21.38 -54.55 3.34
N LEU Q 86 20.62 -54.88 4.36
CA LEU Q 86 19.83 -53.90 5.10
C LEU Q 86 20.63 -52.71 5.59
N ARG Q 87 20.23 -51.49 5.21
CA ARG Q 87 20.88 -50.29 5.75
C ARG Q 87 20.12 -49.96 7.02
N PRO Q 88 20.72 -49.14 7.89
CA PRO Q 88 19.89 -48.55 8.94
C PRO Q 88 18.73 -47.67 8.41
N ASP Q 89 18.90 -47.08 7.20
CA ASP Q 89 17.80 -46.39 6.47
C ASP Q 89 16.51 -47.22 6.47
N ASP Q 90 16.65 -48.53 6.24
CA ASP Q 90 15.49 -49.43 6.02
C ASP Q 90 14.74 -49.79 7.27
N THR Q 91 15.18 -49.26 8.42
CA THR Q 91 14.42 -49.41 9.66
C THR Q 91 13.07 -48.78 9.50
N ALA Q 92 12.06 -49.64 9.44
CA ALA Q 92 10.71 -49.16 9.23
C ALA Q 92 9.69 -50.26 9.49
N THR Q 93 8.41 -49.90 9.43
CA THR Q 93 7.33 -50.86 9.54
C THR Q 93 6.83 -51.14 8.09
N TYR Q 94 6.63 -52.43 7.78
CA TYR Q 94 6.41 -52.90 6.39
C TYR Q 94 5.01 -53.45 6.22
N PHE Q 95 4.22 -52.86 5.31
CA PHE Q 95 2.83 -53.25 5.09
C PHE Q 95 2.63 -53.94 3.75
N CYS Q 96 1.79 -54.99 3.74
CA CYS Q 96 1.28 -55.59 2.49
C CYS Q 96 -0.19 -55.21 2.37
N ALA Q 97 -0.70 -55.25 1.15
CA ALA Q 97 -2.07 -54.80 0.90
C ALA Q 97 -2.54 -55.31 -0.45
N ARG Q 98 -3.79 -55.76 -0.53
CA ARG Q 98 -4.36 -56.16 -1.82
C ARG Q 98 -4.30 -55.06 -2.84
N ASP Q 99 -4.03 -55.41 -4.09
CA ASP Q 99 -3.88 -54.40 -5.12
C ASP Q 99 -3.98 -54.96 -6.55
N LYS Q 100 -4.60 -54.18 -7.42
CA LYS Q 100 -4.94 -54.54 -8.79
C LYS Q 100 -5.84 -55.74 -8.85
N VAL Q 101 -6.61 -55.84 -9.91
CA VAL Q 101 -7.48 -56.98 -10.11
C VAL Q 101 -7.01 -57.70 -11.34
N GLN Q 102 -6.80 -59.00 -11.24
CA GLN Q 102 -6.17 -59.72 -12.32
C GLN Q 102 -7.09 -60.75 -12.91
N GLY Q 103 -7.01 -60.97 -14.22
CA GLY Q 103 -7.83 -61.99 -14.90
C GLY Q 103 -9.22 -61.45 -15.13
N ARG Q 104 -10.03 -61.44 -14.06
CA ARG Q 104 -11.39 -60.81 -14.00
C ARG Q 104 -11.54 -59.69 -15.05
N VAL Q 105 -12.81 -59.44 -15.37
CA VAL Q 105 -13.18 -58.37 -16.29
C VAL Q 105 -12.24 -57.19 -16.04
N GLU Q 106 -12.69 -56.18 -15.28
CA GLU Q 106 -12.01 -54.91 -15.22
C GLU Q 106 -12.48 -53.92 -14.12
N VAL Q 107 -13.11 -52.81 -14.50
CA VAL Q 107 -13.02 -51.55 -13.72
C VAL Q 107 -14.21 -50.59 -13.85
N GLY Q 108 -14.21 -49.46 -13.15
CA GLY Q 108 -13.02 -48.77 -12.60
C GLY Q 108 -12.25 -49.22 -11.35
N SER Q 109 -11.26 -48.42 -10.94
CA SER Q 109 -10.32 -48.64 -9.77
C SER Q 109 -10.86 -48.84 -8.33
N GLY Q 110 -11.75 -49.81 -8.13
CA GLY Q 110 -12.29 -50.13 -6.81
C GLY Q 110 -11.35 -50.98 -5.97
N GLY Q 111 -10.07 -50.84 -6.20
CA GLY Q 111 -9.14 -51.36 -5.26
C GLY Q 111 -8.25 -52.40 -5.86
N ARG Q 112 -6.93 -52.20 -5.78
CA ARG Q 112 -6.27 -50.91 -5.42
C ARG Q 112 -6.21 -50.51 -3.91
N HIS Q 113 -5.50 -51.37 -3.18
CA HIS Q 113 -5.25 -51.19 -1.76
C HIS Q 113 -6.58 -51.21 -0.99
N ASP Q 114 -7.35 -52.31 -1.14
CA ASP Q 114 -8.62 -52.55 -0.42
C ASP Q 114 -8.35 -52.69 1.05
N TYR Q 115 -7.46 -53.64 1.37
CA TYR Q 115 -7.27 -54.13 2.73
C TYR Q 115 -5.79 -54.34 3.01
N TRP Q 116 -5.38 -54.07 4.25
CA TRP Q 116 -3.98 -53.99 4.60
C TRP Q 116 -3.56 -54.95 5.73
N GLY Q 117 -2.27 -55.25 5.78
CA GLY Q 117 -1.69 -56.03 6.86
C GLY Q 117 -1.62 -55.17 8.09
N GLN Q 118 -1.53 -55.80 9.24
CA GLN Q 118 -1.48 -55.03 10.46
C GLN Q 118 -0.11 -54.35 10.62
N GLY Q 119 0.83 -54.64 9.72
CA GLY Q 119 2.12 -53.98 9.78
C GLY Q 119 3.11 -54.86 10.53
N THR Q 120 4.39 -54.79 10.17
CA THR Q 120 5.41 -55.66 10.76
C THR Q 120 6.79 -54.96 10.88
N LEU Q 121 7.21 -54.69 12.12
CA LEU Q 121 8.29 -53.71 12.37
C LEU Q 121 9.62 -54.35 12.02
N VAL Q 122 10.48 -53.66 11.26
CA VAL Q 122 11.87 -54.13 11.01
C VAL Q 122 12.88 -53.09 11.54
N ILE Q 123 13.75 -53.52 12.44
CA ILE Q 123 14.76 -52.63 12.97
C ILE Q 123 16.16 -53.06 12.54
N VAL Q 124 16.87 -52.17 11.87
CA VAL Q 124 18.24 -52.41 11.42
C VAL Q 124 19.21 -51.59 12.23
N SER Q 125 19.72 -52.19 13.31
CA SER Q 125 20.67 -51.53 14.19
C SER Q 125 21.77 -52.52 14.57
N SER Q 126 22.97 -52.00 14.82
CA SER Q 126 24.09 -52.84 15.23
C SER Q 126 24.25 -52.89 16.76
N ALA Q 127 23.33 -52.25 17.49
CA ALA Q 127 23.47 -52.15 18.93
C ALA Q 127 22.94 -53.39 19.61
N SER Q 128 23.26 -53.51 20.89
CA SER Q 128 22.85 -54.64 21.69
C SER Q 128 21.37 -54.51 22.06
N THR Q 129 20.74 -55.67 22.24
CA THR Q 129 19.43 -55.75 22.83
C THR Q 129 19.58 -55.67 24.35
N LYS Q 130 18.66 -54.94 24.96
CA LYS Q 130 18.67 -54.71 26.39
C LYS Q 130 17.21 -54.77 26.84
N GLY Q 131 16.93 -55.58 27.85
CA GLY Q 131 15.60 -55.64 28.43
C GLY Q 131 15.33 -54.42 29.30
N PRO Q 132 14.05 -54.07 29.47
CA PRO Q 132 13.70 -52.90 30.26
C PRO Q 132 13.73 -53.19 31.76
N SER Q 133 14.03 -52.15 32.56
CA SER Q 133 13.75 -52.16 34.01
C SER Q 133 12.38 -51.56 34.18
N VAL Q 134 11.57 -52.15 35.05
CA VAL Q 134 10.22 -51.63 35.28
C VAL Q 134 10.12 -51.15 36.71
N PHE Q 135 9.93 -49.84 36.85
CA PHE Q 135 9.91 -49.18 38.16
C PHE Q 135 8.52 -48.69 38.44
N PRO Q 136 8.09 -48.79 39.73
CA PRO Q 136 6.74 -48.35 40.03
C PRO Q 136 6.70 -46.85 39.98
N LEU Q 137 5.56 -46.33 39.58
CA LEU Q 137 5.37 -44.92 39.44
C LEU Q 137 4.44 -44.55 40.59
N ALA Q 138 5.06 -44.53 41.76
CA ALA Q 138 4.40 -44.48 43.07
C ALA Q 138 3.33 -43.37 43.21
N PRO Q 139 2.10 -43.74 43.59
CA PRO Q 139 1.03 -42.74 43.75
C PRO Q 139 1.25 -41.77 44.93
N GLY Q 147 -11.94 -36.74 44.78
CA GLY Q 147 -10.49 -36.84 44.65
C GLY Q 147 -10.04 -37.89 43.64
N THR Q 148 -9.58 -37.42 42.48
CA THR Q 148 -8.94 -38.27 41.47
C THR Q 148 -7.44 -38.45 41.77
N ALA Q 149 -6.90 -39.64 41.51
CA ALA Q 149 -5.48 -39.96 41.83
C ALA Q 149 -4.82 -40.70 40.67
N ALA Q 150 -3.49 -40.57 40.58
CA ALA Q 150 -2.73 -41.08 39.44
C ALA Q 150 -1.62 -42.05 39.83
N LEU Q 151 -1.37 -43.07 39.01
CA LEU Q 151 -0.28 -44.04 39.24
C LEU Q 151 0.31 -44.45 37.90
N GLY Q 152 1.27 -45.39 37.89
CA GLY Q 152 1.81 -45.92 36.62
C GLY Q 152 2.95 -46.92 36.67
N CYS Q 153 3.65 -47.08 35.55
CA CYS Q 153 4.92 -47.78 35.49
C CYS Q 153 5.87 -46.85 34.75
N LEU Q 154 7.15 -47.09 34.92
CA LEU Q 154 8.16 -46.44 34.11
C LEU Q 154 9.02 -47.55 33.50
N VAL Q 155 8.96 -47.73 32.17
CA VAL Q 155 9.75 -48.74 31.47
C VAL Q 155 11.03 -48.08 30.97
N LYS Q 156 12.16 -48.44 31.57
CA LYS Q 156 13.38 -47.67 31.41
C LYS Q 156 14.55 -48.45 30.85
N ASP Q 157 15.33 -47.78 30.01
CA ASP Q 157 16.62 -48.28 29.48
C ASP Q 157 16.57 -49.64 28.78
N TYR Q 158 15.89 -49.66 27.62
CA TYR Q 158 15.75 -50.85 26.78
C TYR Q 158 16.04 -50.54 25.32
N PHE Q 159 16.27 -51.59 24.55
CA PHE Q 159 16.49 -51.49 23.12
C PHE Q 159 16.36 -52.89 22.54
N PRO Q 160 15.87 -53.00 21.32
CA PRO Q 160 15.30 -51.98 20.50
C PRO Q 160 13.82 -51.94 20.79
N GLU Q 161 13.08 -51.23 19.97
CA GLU Q 161 11.64 -51.23 20.05
C GLU Q 161 11.11 -52.52 19.44
N PRO Q 162 9.84 -52.88 19.71
CA PRO Q 162 8.85 -52.18 20.55
C PRO Q 162 8.65 -52.75 21.96
N VAL Q 163 7.99 -51.99 22.83
CA VAL Q 163 7.53 -52.46 24.16
C VAL Q 163 6.04 -52.32 24.27
N THR Q 164 5.39 -53.40 24.63
CA THR Q 164 3.94 -53.41 24.73
C THR Q 164 3.54 -53.42 26.22
N VAL Q 165 2.78 -52.40 26.62
CA VAL Q 165 2.31 -52.26 28.00
C VAL Q 165 0.80 -52.24 28.12
N SER Q 166 0.26 -53.15 28.92
CA SER Q 166 -1.17 -53.16 29.22
C SER Q 166 -1.36 -53.30 30.74
N TRP Q 167 -2.61 -53.36 31.17
CA TRP Q 167 -2.97 -53.37 32.59
C TRP Q 167 -4.03 -54.42 32.91
N ASN Q 168 -3.64 -55.45 33.66
CA ASN Q 168 -4.57 -56.51 34.12
C ASN Q 168 -4.99 -57.42 32.97
N SER Q 169 -4.01 -57.89 32.19
CA SER Q 169 -4.23 -58.59 30.91
C SER Q 169 -5.09 -57.80 29.89
N GLY Q 170 -5.24 -56.50 30.12
CA GLY Q 170 -6.19 -55.66 29.38
C GLY Q 170 -7.53 -55.44 30.07
N ALA Q 171 -7.67 -55.87 31.34
CA ALA Q 171 -8.96 -55.76 32.07
C ALA Q 171 -9.26 -54.33 32.44
N LEU Q 172 -8.22 -53.54 32.68
CA LEU Q 172 -8.35 -52.10 32.83
C LEU Q 172 -7.91 -51.37 31.54
N THR Q 173 -8.92 -50.89 30.81
CA THR Q 173 -8.69 -50.15 29.58
C THR Q 173 -8.89 -48.67 29.84
N SER Q 174 -9.91 -48.31 30.61
CA SER Q 174 -10.32 -46.91 30.77
C SER Q 174 -9.39 -46.04 31.61
N GLY Q 175 -9.19 -44.81 31.11
CA GLY Q 175 -8.36 -43.79 31.75
C GLY Q 175 -6.86 -44.05 31.73
N VAL Q 176 -6.37 -44.77 30.73
CA VAL Q 176 -4.94 -45.13 30.62
C VAL Q 176 -4.33 -44.32 29.48
N HIS Q 177 -3.11 -43.85 29.67
CA HIS Q 177 -2.39 -43.18 28.60
C HIS Q 177 -1.00 -43.79 28.60
N THR Q 178 -0.67 -44.54 27.55
CA THR Q 178 0.71 -45.02 27.34
C THR Q 178 1.42 -44.12 26.31
N PHE Q 179 2.54 -43.55 26.72
CA PHE Q 179 3.21 -42.50 25.98
C PHE Q 179 4.18 -43.03 24.94
N PRO Q 180 4.47 -42.21 23.94
CA PRO Q 180 5.52 -42.50 22.96
C PRO Q 180 6.86 -42.79 23.61
N ALA Q 181 7.58 -43.79 23.14
CA ALA Q 181 8.93 -44.08 23.61
C ALA Q 181 9.77 -42.90 23.26
N VAL Q 182 10.68 -42.54 24.15
CA VAL Q 182 11.53 -41.40 23.89
C VAL Q 182 12.98 -41.90 23.92
N LEU Q 183 13.76 -41.50 22.92
CA LEU Q 183 15.14 -41.93 22.79
C LEU Q 183 16.01 -41.12 23.77
N GLN Q 184 16.94 -41.78 24.43
CA GLN Q 184 17.90 -41.10 25.29
C GLN Q 184 19.24 -40.93 24.55
N SER Q 185 20.08 -40.04 25.06
CA SER Q 185 21.43 -39.87 24.50
C SER Q 185 22.28 -41.12 24.78
N SER Q 186 21.88 -41.92 25.79
CA SER Q 186 22.52 -43.21 26.05
C SER Q 186 22.19 -44.27 25.00
N GLY Q 187 21.41 -43.93 23.98
CA GLY Q 187 21.09 -44.87 22.90
C GLY Q 187 19.84 -45.72 23.15
N LEU Q 188 19.51 -45.92 24.43
CA LEU Q 188 18.37 -46.74 24.81
C LEU Q 188 17.03 -45.98 24.74
N TYR Q 189 15.95 -46.63 25.15
CA TYR Q 189 14.61 -46.05 25.15
C TYR Q 189 13.99 -46.05 26.52
N SER Q 190 13.12 -45.08 26.75
CA SER Q 190 12.40 -44.91 28.00
C SER Q 190 10.98 -44.63 27.65
N LEU Q 191 10.05 -45.15 28.45
CA LEU Q 191 8.63 -45.17 28.14
C LEU Q 191 7.79 -45.12 29.40
N SER Q 192 6.83 -44.21 29.47
CA SER Q 192 5.92 -44.14 30.64
C SER Q 192 4.53 -44.60 30.28
N SER Q 193 3.80 -45.09 31.29
CA SER Q 193 2.39 -45.44 31.15
C SER Q 193 1.67 -45.15 32.45
N VAL Q 194 0.58 -44.38 32.40
CA VAL Q 194 -0.12 -43.94 33.62
C VAL Q 194 -1.61 -44.20 33.58
N VAL Q 195 -2.21 -44.26 34.78
CA VAL Q 195 -3.64 -44.50 34.94
C VAL Q 195 -4.16 -43.52 35.97
N THR Q 196 -5.28 -42.86 35.66
CA THR Q 196 -6.00 -42.06 36.66
C THR Q 196 -7.18 -42.85 37.14
N VAL Q 197 -7.27 -43.07 38.45
CA VAL Q 197 -8.32 -43.89 39.04
C VAL Q 197 -8.95 -43.16 40.23
N PRO Q 198 -10.21 -43.54 40.59
CA PRO Q 198 -10.82 -42.89 41.76
C PRO Q 198 -10.07 -43.22 43.05
N SER Q 199 -9.84 -42.21 43.87
CA SER Q 199 -8.96 -42.32 45.03
C SER Q 199 -9.66 -42.84 46.28
N SER Q 200 -10.55 -43.79 46.09
CA SER Q 200 -11.28 -44.40 47.18
C SER Q 200 -10.97 -45.86 47.09
N SER Q 201 -11.29 -46.45 45.94
CA SER Q 201 -10.91 -47.82 45.61
C SER Q 201 -9.38 -47.92 45.67
N LEU Q 202 -8.87 -48.41 46.79
CA LEU Q 202 -7.43 -48.66 47.00
C LEU Q 202 -7.18 -50.01 47.71
N GLY Q 203 -7.84 -50.22 48.85
CA GLY Q 203 -7.83 -51.51 49.50
C GLY Q 203 -8.32 -52.62 48.58
N THR Q 204 -9.46 -52.41 47.92
CA THR Q 204 -10.13 -53.47 47.13
C THR Q 204 -9.38 -53.84 45.84
N GLN Q 205 -9.08 -52.83 45.02
CA GLN Q 205 -8.42 -53.03 43.74
C GLN Q 205 -6.93 -53.33 43.92
N THR Q 206 -6.31 -53.71 42.82
CA THR Q 206 -4.87 -53.64 42.67
C THR Q 206 -4.62 -53.40 41.19
N TYR Q 207 -3.37 -53.38 40.78
CA TYR Q 207 -3.05 -53.04 39.40
C TYR Q 207 -1.95 -53.92 38.78
N ILE Q 208 -1.93 -54.06 37.43
CA ILE Q 208 -0.85 -54.84 36.72
C ILE Q 208 -0.18 -54.05 35.54
N CYS Q 209 1.15 -54.17 35.41
CA CYS Q 209 1.92 -53.60 34.32
C CYS Q 209 2.27 -54.76 33.43
N ASN Q 210 1.47 -55.00 32.42
CA ASN Q 210 1.77 -56.07 31.52
C ASN Q 210 2.89 -55.58 30.59
N VAL Q 211 4.07 -55.36 31.16
CA VAL Q 211 5.21 -54.91 30.36
C VAL Q 211 5.76 -56.11 29.64
N ASN Q 212 6.09 -55.93 28.37
CA ASN Q 212 6.51 -57.04 27.54
C ASN Q 212 7.39 -56.54 26.39
N HIS Q 213 8.67 -56.86 26.48
CA HIS Q 213 9.63 -56.43 25.48
C HIS Q 213 10.15 -57.68 24.78
N LYS Q 214 9.63 -57.93 23.57
CA LYS Q 214 9.83 -59.20 22.91
C LYS Q 214 11.12 -59.40 22.10
N PRO Q 215 11.88 -58.34 21.84
CA PRO Q 215 13.23 -58.58 21.32
C PRO Q 215 14.19 -59.13 22.37
N SER Q 216 13.73 -59.16 23.63
CA SER Q 216 14.54 -59.64 24.74
C SER Q 216 13.75 -60.64 25.59
N ASN Q 217 12.74 -61.26 24.96
CA ASN Q 217 11.77 -62.18 25.60
C ASN Q 217 11.40 -61.87 27.09
N THR Q 218 11.29 -60.58 27.45
CA THR Q 218 11.07 -60.12 28.85
C THR Q 218 9.61 -59.82 29.19
N LYS Q 219 8.85 -60.83 29.61
CA LYS Q 219 7.48 -60.64 30.14
C LYS Q 219 7.59 -60.35 31.63
N VAL Q 220 7.71 -59.08 32.02
CA VAL Q 220 7.78 -58.71 33.45
C VAL Q 220 6.53 -57.95 33.93
N ASP Q 221 5.57 -58.69 34.50
CA ASP Q 221 4.32 -58.15 35.04
C ASP Q 221 4.53 -57.74 36.49
N LYS Q 222 5.02 -56.52 36.70
CA LYS Q 222 5.55 -56.05 38.00
C LYS Q 222 4.76 -54.86 38.58
N LYS Q 223 4.46 -54.89 39.89
CA LYS Q 223 3.33 -54.12 40.40
C LYS Q 223 3.50 -52.97 41.37
N VAL Q 224 2.40 -52.25 41.54
CA VAL Q 224 2.39 -50.87 42.03
C VAL Q 224 1.36 -50.72 43.12
N GLU Q 225 1.73 -49.95 44.15
CA GLU Q 225 0.86 -49.64 45.30
C GLU Q 225 1.53 -48.58 46.19
N PRO Q 226 0.73 -47.75 46.91
CA PRO Q 226 1.28 -46.58 47.63
C PRO Q 226 2.25 -46.95 48.78
N VAL R 2 7.04 -38.31 -10.01
CA VAL R 2 5.68 -37.70 -9.73
C VAL R 2 5.50 -37.39 -8.28
N VAL R 3 5.68 -36.13 -7.92
CA VAL R 3 5.72 -35.71 -6.52
C VAL R 3 4.40 -35.10 -6.07
N LEU R 4 3.91 -35.56 -4.93
CA LEU R 4 2.66 -35.04 -4.40
C LEU R 4 3.01 -34.26 -3.19
N THR R 5 2.89 -32.95 -3.32
CA THR R 5 3.05 -32.06 -2.19
C THR R 5 1.66 -31.68 -1.74
N GLN R 6 1.34 -31.93 -0.47
CA GLN R 6 -0.02 -31.65 -0.05
C GLN R 6 -0.03 -30.69 1.09
N SER R 7 -1.10 -29.92 1.16
CA SER R 7 -1.16 -28.79 2.09
C SER R 7 -2.59 -28.66 2.58
N PRO R 8 -2.78 -27.97 3.70
CA PRO R 8 -1.76 -27.32 4.51
C PRO R 8 -1.10 -28.30 5.45
N GLY R 9 0.05 -27.89 5.99
CA GLY R 9 0.86 -28.76 6.86
C GLY R 9 0.01 -29.53 7.84
N THR R 10 -0.41 -28.84 8.89
CA THR R 10 -1.46 -29.34 9.76
C THR R 10 -2.63 -28.41 9.56
N LEU R 11 -3.77 -28.74 10.17
CA LEU R 11 -4.83 -27.76 10.32
C LEU R 11 -5.78 -28.16 11.39
N ALA R 12 -6.16 -27.14 12.17
CA ALA R 12 -6.98 -27.30 13.34
C ALA R 12 -8.30 -26.61 13.09
N LEU R 13 -9.39 -27.35 13.22
CA LEU R 13 -10.73 -26.79 13.07
C LEU R 13 -11.67 -27.42 14.09
N PRO R 14 -12.68 -26.66 14.55
CA PRO R 14 -13.63 -27.17 15.55
C PRO R 14 -14.54 -28.26 15.00
N PRO R 15 -15.18 -29.07 15.87
CA PRO R 15 -16.16 -30.06 15.40
C PRO R 15 -17.28 -29.37 14.68
N GLY R 16 -17.87 -30.02 13.68
CA GLY R 16 -18.92 -29.45 12.87
C GLY R 16 -18.49 -28.37 11.90
N GLU R 17 -17.20 -28.26 11.59
CA GLU R 17 -16.69 -27.32 10.59
C GLU R 17 -16.29 -28.15 9.40
N ARG R 18 -15.61 -27.59 8.38
CA ARG R 18 -15.16 -28.39 7.20
C ARG R 18 -13.69 -28.29 6.85
N ALA R 19 -13.03 -29.45 6.84
CA ALA R 19 -11.63 -29.51 6.50
C ALA R 19 -11.61 -29.69 5.03
N THR R 20 -10.67 -29.01 4.41
CA THR R 20 -10.54 -29.04 2.99
C THR R 20 -9.04 -29.24 2.73
N LEU R 21 -8.67 -30.46 2.35
CA LEU R 21 -7.27 -30.84 2.15
C LEU R 21 -6.95 -30.85 0.67
N SER R 22 -5.79 -30.33 0.31
CA SER R 22 -5.37 -30.34 -1.09
C SER R 22 -4.22 -31.29 -1.25
N CYS R 23 -3.93 -31.62 -2.50
CA CYS R 23 -2.86 -32.50 -2.93
C CYS R 23 -2.49 -32.14 -4.34
N ARG R 24 -1.50 -31.28 -4.50
CA ARG R 24 -1.07 -30.84 -5.81
C ARG R 24 -0.03 -31.86 -6.28
N ALA R 25 -0.10 -32.23 -7.56
CA ALA R 25 0.81 -33.20 -8.14
C ALA R 25 1.74 -32.52 -9.13
N SER R 26 2.98 -32.99 -9.21
CA SER R 26 3.97 -32.39 -10.10
C SER R 26 3.75 -32.73 -11.56
N HIS R 27 2.89 -33.70 -11.85
CA HIS R 27 2.56 -33.99 -13.23
C HIS R 27 1.07 -34.30 -13.29
N ARG R 28 0.48 -34.29 -14.49
CA ARG R 28 -0.96 -34.62 -14.62
C ARG R 28 -1.17 -36.10 -14.37
N VAL R 29 -2.35 -36.47 -13.91
CA VAL R 29 -2.65 -37.83 -13.45
C VAL R 29 -4.12 -38.14 -13.64
N GLY R 30 -4.43 -39.34 -14.07
CA GLY R 30 -5.83 -39.71 -14.23
C GLY R 30 -6.56 -39.54 -12.92
N SER R 31 -7.80 -39.08 -12.98
CA SER R 31 -8.64 -39.05 -11.79
C SER R 31 -8.86 -40.48 -11.19
N THR R 32 -8.46 -41.53 -11.91
CA THR R 32 -8.80 -42.90 -11.55
C THR R 32 -7.67 -43.54 -10.75
N TYR R 33 -6.50 -42.91 -10.79
CA TYR R 33 -5.34 -43.47 -10.12
C TYR R 33 -4.98 -42.71 -8.84
N ILE R 34 -5.98 -42.11 -8.20
CA ILE R 34 -5.76 -41.38 -6.94
C ILE R 34 -6.50 -42.02 -5.77
N ALA R 35 -5.90 -41.97 -4.59
CA ALA R 35 -6.52 -42.52 -3.42
C ALA R 35 -6.10 -41.70 -2.21
N TRP R 36 -6.97 -41.70 -1.21
CA TRP R 36 -6.75 -40.98 0.02
C TRP R 36 -6.84 -41.97 1.17
N TYR R 37 -6.05 -41.73 2.20
CA TYR R 37 -6.02 -42.59 3.34
C TYR R 37 -6.02 -41.78 4.60
N GLN R 38 -6.49 -42.39 5.67
CA GLN R 38 -6.43 -41.84 7.00
C GLN R 38 -5.62 -42.77 7.88
N GLN R 39 -4.84 -42.23 8.80
CA GLN R 39 -4.01 -43.06 9.65
C GLN R 39 -3.86 -42.47 11.04
N LYS R 40 -4.36 -43.20 12.04
CA LYS R 40 -4.22 -42.83 13.46
C LYS R 40 -3.07 -43.63 14.00
N SER R 41 -2.10 -42.98 14.64
CA SER R 41 -0.79 -43.61 14.87
C SER R 41 -0.92 -44.91 15.67
N GLY R 42 -0.07 -45.87 15.32
CA GLY R 42 -0.20 -47.26 15.76
C GLY R 42 -0.71 -48.15 14.62
N GLN R 43 -1.99 -48.05 14.34
CA GLN R 43 -2.62 -48.86 13.29
C GLN R 43 -2.14 -48.54 11.85
N ALA R 44 -2.54 -49.42 10.94
CA ALA R 44 -2.20 -49.29 9.51
C ALA R 44 -3.12 -48.31 8.81
N PRO R 45 -2.74 -47.84 7.60
CA PRO R 45 -3.52 -46.83 6.85
C PRO R 45 -4.84 -47.37 6.37
N ARG R 46 -5.89 -46.58 6.59
CA ARG R 46 -7.24 -46.97 6.27
C ARG R 46 -7.65 -46.14 5.11
N ARG R 47 -8.23 -46.78 4.12
CA ARG R 47 -8.40 -46.14 2.86
C ARG R 47 -9.76 -45.49 2.73
N LEU R 48 -9.78 -44.18 2.57
CA LEU R 48 -11.02 -43.41 2.47
C LEU R 48 -11.58 -43.39 1.08
N ILE R 49 -10.80 -42.88 0.14
CA ILE R 49 -11.30 -42.60 -1.20
C ILE R 49 -10.47 -43.32 -2.27
N TYR R 50 -11.12 -43.88 -3.28
CA TYR R 50 -10.42 -44.39 -4.44
C TYR R 50 -10.98 -43.80 -5.72
N GLY R 51 -10.09 -43.65 -6.68
CA GLY R 51 -10.38 -42.99 -7.94
C GLY R 51 -10.68 -41.52 -7.77
N ALA R 52 -10.06 -40.89 -6.78
CA ALA R 52 -10.24 -39.47 -6.49
C ALA R 52 -11.61 -39.07 -5.95
N SER R 53 -12.67 -39.77 -6.36
CA SER R 53 -14.07 -39.39 -6.09
C SER R 53 -14.89 -40.29 -5.19
N ASN R 54 -14.56 -41.58 -5.11
CA ASN R 54 -15.47 -42.58 -4.50
C ASN R 54 -15.08 -43.03 -3.11
N ARG R 55 -16.07 -43.21 -2.25
CA ARG R 55 -15.77 -43.71 -0.93
C ARG R 55 -15.58 -45.20 -0.98
N ALA R 56 -14.62 -45.74 -0.23
CA ALA R 56 -14.58 -47.17 0.04
C ALA R 56 -15.69 -47.46 1.01
N THR R 57 -16.00 -48.73 1.15
CA THR R 57 -17.19 -49.13 1.85
C THR R 57 -17.02 -48.97 3.38
N ASP R 58 -18.16 -48.88 4.06
CA ASP R 58 -18.23 -48.61 5.50
C ASP R 58 -17.60 -47.25 5.90
N ILE R 59 -17.59 -46.30 4.96
CA ILE R 59 -17.10 -44.96 5.23
C ILE R 59 -18.20 -43.90 5.20
N PRO R 60 -18.29 -43.10 6.26
CA PRO R 60 -19.33 -42.07 6.33
C PRO R 60 -19.21 -41.06 5.20
N ASP R 61 -20.30 -40.37 4.91
CA ASP R 61 -20.39 -39.54 3.71
C ASP R 61 -19.88 -38.15 3.97
N ARG R 62 -19.49 -37.92 5.21
CA ARG R 62 -18.72 -36.74 5.58
C ARG R 62 -17.52 -36.65 4.64
N PHE R 63 -16.93 -37.81 4.36
CA PHE R 63 -15.76 -37.91 3.49
C PHE R 63 -16.17 -37.89 2.02
N SER R 64 -15.47 -37.13 1.21
CA SER R 64 -15.70 -37.08 -0.23
C SER R 64 -14.51 -36.45 -0.92
N GLY R 65 -14.31 -36.77 -2.19
CA GLY R 65 -13.11 -36.30 -2.88
C GLY R 65 -13.38 -35.81 -4.26
N SER R 66 -12.43 -35.07 -4.80
CA SER R 66 -12.56 -34.51 -6.15
C SER R 66 -11.22 -34.04 -6.66
N GLY R 67 -11.21 -33.67 -7.94
CA GLY R 67 -10.01 -33.18 -8.58
C GLY R 67 -9.85 -33.53 -10.04
N SER R 68 -9.13 -32.67 -10.73
CA SER R 68 -9.05 -32.75 -12.14
C SER R 68 -7.57 -32.63 -12.44
N GLY R 69 -6.99 -33.71 -12.95
CA GLY R 69 -5.67 -33.66 -13.57
C GLY R 69 -4.47 -33.41 -12.68
N THR R 70 -4.45 -32.28 -11.97
CA THR R 70 -3.30 -31.96 -11.16
C THR R 70 -3.61 -31.53 -9.73
N ASP R 71 -4.82 -31.03 -9.45
CA ASP R 71 -5.21 -30.62 -8.10
C ASP R 71 -6.26 -31.54 -7.52
N PHE R 72 -5.88 -32.42 -6.60
CA PHE R 72 -6.86 -33.28 -5.96
C PHE R 72 -7.08 -32.86 -4.55
N THR R 73 -8.33 -32.99 -4.11
CA THR R 73 -8.72 -32.47 -2.80
C THR R 73 -9.66 -33.47 -2.08
N LEU R 74 -9.53 -33.53 -0.77
CA LEU R 74 -10.37 -34.39 0.07
C LEU R 74 -11.08 -33.48 1.04
N THR R 75 -12.40 -33.63 1.14
CA THR R 75 -13.25 -32.78 1.99
C THR R 75 -13.97 -33.63 3.04
N ILE R 76 -13.73 -33.32 4.31
CA ILE R 76 -14.46 -33.91 5.41
C ILE R 76 -15.51 -32.86 5.75
N ARG R 77 -16.78 -33.20 5.57
CA ARG R 77 -17.80 -32.17 5.39
C ARG R 77 -18.23 -31.59 6.72
N ARG R 78 -18.35 -32.42 7.75
CA ARG R 78 -18.61 -31.94 9.11
C ARG R 78 -17.86 -32.75 10.17
N LEU R 79 -16.75 -32.15 10.66
CA LEU R 79 -15.74 -32.86 11.45
C LEU R 79 -16.31 -33.49 12.70
N GLU R 80 -15.69 -34.58 13.14
CA GLU R 80 -16.01 -35.18 14.42
C GLU R 80 -14.73 -35.30 15.20
N PRO R 81 -14.82 -35.65 16.49
CA PRO R 81 -13.58 -35.82 17.26
C PRO R 81 -12.87 -37.12 16.88
N GLU R 82 -13.66 -38.06 16.38
CA GLU R 82 -13.21 -39.27 15.73
C GLU R 82 -12.16 -39.03 14.63
N ASP R 83 -12.13 -37.84 14.01
CA ASP R 83 -11.37 -37.64 12.75
C ASP R 83 -9.95 -37.12 12.88
N SER R 84 -9.48 -36.89 14.10
CA SER R 84 -8.13 -36.37 14.26
C SER R 84 -7.12 -37.44 13.84
N ALA R 85 -6.43 -37.18 12.74
CA ALA R 85 -5.54 -38.14 12.13
C ALA R 85 -4.61 -37.48 11.12
N VAL R 86 -3.81 -38.29 10.45
CA VAL R 86 -3.02 -37.80 9.33
C VAL R 86 -3.71 -38.32 8.08
N TYR R 87 -3.63 -37.56 6.99
CA TYR R 87 -4.29 -37.95 5.74
C TYR R 87 -3.24 -37.95 4.64
N TYR R 88 -3.19 -39.04 3.89
CA TYR R 88 -2.20 -39.19 2.81
C TYR R 88 -2.88 -39.32 1.46
N CYS R 89 -2.50 -38.52 0.46
CA CYS R 89 -2.93 -38.81 -0.91
C CYS R 89 -1.87 -39.72 -1.52
N GLN R 90 -2.26 -40.49 -2.52
CA GLN R 90 -1.36 -41.41 -3.18
C GLN R 90 -1.75 -41.55 -4.64
N GLN R 91 -0.76 -41.66 -5.51
CA GLN R 91 -1.03 -41.97 -6.89
C GLN R 91 -0.34 -43.27 -7.30
N PHE R 92 -0.99 -44.02 -8.19
CA PHE R 92 -0.41 -45.24 -8.70
C PHE R 92 -0.65 -45.36 -10.18
N SER R 93 -0.46 -44.24 -10.86
CA SER R 93 -0.53 -44.16 -12.31
C SER R 93 0.85 -44.44 -12.87
N VAL R 94 1.89 -43.93 -12.19
CA VAL R 94 3.24 -43.95 -12.70
C VAL R 94 4.25 -44.49 -11.72
N SER R 95 4.87 -45.61 -12.08
CA SER R 95 5.92 -46.17 -11.24
C SER R 95 7.01 -45.11 -11.06
N PRO R 96 7.45 -44.89 -9.84
CA PRO R 96 7.04 -45.48 -8.59
C PRO R 96 5.74 -44.91 -8.06
N TRP R 97 4.77 -45.78 -7.73
CA TRP R 97 3.62 -45.36 -6.92
C TRP R 97 4.17 -44.44 -5.75
N THR R 98 3.56 -43.27 -5.50
CA THR R 98 4.06 -42.28 -4.51
C THR R 98 2.99 -41.74 -3.61
N PHE R 99 3.41 -41.29 -2.44
CA PHE R 99 2.48 -40.79 -1.43
C PHE R 99 2.74 -39.34 -1.14
N GLY R 100 1.80 -38.71 -0.45
CA GLY R 100 1.94 -37.35 -0.09
C GLY R 100 2.74 -37.18 1.19
N GLN R 101 3.09 -35.92 1.43
CA GLN R 101 3.73 -35.45 2.66
C GLN R 101 2.91 -35.89 3.86
N GLY R 102 1.61 -35.65 3.79
CA GLY R 102 0.68 -35.93 4.85
C GLY R 102 0.17 -34.63 5.48
N THR R 103 -1.15 -34.44 5.51
CA THR R 103 -1.80 -33.32 6.20
C THR R 103 -2.33 -33.84 7.53
N ARG R 104 -1.97 -33.20 8.63
CA ARG R 104 -2.51 -33.55 9.95
C ARG R 104 -3.81 -32.82 10.17
N VAL R 105 -4.78 -33.46 10.80
CA VAL R 105 -6.01 -32.76 11.23
C VAL R 105 -6.19 -32.89 12.72
N GLU R 106 -6.22 -31.72 13.37
CA GLU R 106 -6.43 -31.61 14.80
C GLU R 106 -7.79 -30.99 14.89
N ILE R 107 -8.66 -31.56 15.73
CA ILE R 107 -9.95 -30.92 15.97
C ILE R 107 -9.79 -29.91 17.12
N LYS R 108 -10.38 -28.74 16.96
CA LYS R 108 -10.10 -27.60 17.82
C LYS R 108 -11.28 -27.42 18.76
N ARG R 109 -11.20 -28.11 19.88
CA ARG R 109 -12.21 -28.06 20.93
C ARG R 109 -11.94 -26.88 21.86
N THR R 110 -12.77 -26.75 22.91
CA THR R 110 -12.57 -25.70 23.94
C THR R 110 -11.38 -25.95 24.86
N VAL R 111 -10.91 -24.87 25.50
CA VAL R 111 -9.71 -24.91 26.33
C VAL R 111 -9.94 -25.91 27.48
N ALA R 112 -8.85 -26.51 27.99
CA ALA R 112 -8.88 -27.44 29.11
C ALA R 112 -7.54 -27.43 29.89
N ALA R 113 -7.59 -27.29 31.21
CA ALA R 113 -6.37 -27.18 32.03
C ALA R 113 -5.79 -28.55 32.29
N PRO R 114 -4.45 -28.62 32.46
CA PRO R 114 -3.85 -29.91 32.77
C PRO R 114 -4.03 -30.29 34.23
N SER R 115 -4.38 -31.54 34.48
CA SER R 115 -4.29 -32.06 35.83
C SER R 115 -2.82 -32.41 36.10
N VAL R 116 -2.13 -31.67 36.97
CA VAL R 116 -0.70 -31.95 37.23
C VAL R 116 -0.47 -32.95 38.37
N PHE R 117 0.40 -33.92 38.11
CA PHE R 117 0.82 -34.92 39.10
C PHE R 117 2.35 -35.03 39.06
N ILE R 118 3.01 -35.03 40.22
CA ILE R 118 4.43 -35.36 40.31
C ILE R 118 4.60 -36.78 40.83
N PHE R 119 5.71 -37.40 40.45
CA PHE R 119 6.06 -38.70 40.93
C PHE R 119 7.54 -38.77 41.34
N PRO R 120 7.80 -38.96 42.64
CA PRO R 120 9.14 -39.32 43.09
C PRO R 120 9.65 -40.64 42.49
N PRO R 121 10.97 -40.79 42.40
CA PRO R 121 11.58 -42.02 41.93
C PRO R 121 11.45 -43.20 42.89
N SER R 122 11.28 -44.38 42.32
CA SER R 122 11.06 -45.60 43.10
C SER R 122 12.24 -46.01 43.97
N ASP R 123 11.96 -46.54 45.17
CA ASP R 123 12.99 -47.10 46.03
C ASP R 123 13.69 -48.29 45.35
N GLU R 124 12.97 -49.04 44.51
CA GLU R 124 13.60 -50.08 43.69
C GLU R 124 14.64 -49.46 42.73
N GLN R 125 14.32 -48.30 42.14
CA GLN R 125 15.22 -47.62 41.17
C GLN R 125 16.41 -46.99 41.84
N LEU R 126 16.16 -46.28 42.92
CA LEU R 126 17.22 -45.57 43.59
C LEU R 126 18.44 -46.43 43.74
N LYS R 127 18.26 -47.58 44.39
CA LYS R 127 19.41 -48.43 44.72
C LYS R 127 20.10 -49.01 43.49
N SER R 128 19.40 -49.10 42.35
CA SER R 128 20.05 -49.56 41.10
C SER R 128 21.00 -48.51 40.48
N GLY R 129 20.98 -47.28 41.00
CA GLY R 129 22.04 -46.30 40.71
C GLY R 129 21.73 -44.95 40.03
N THR R 130 20.50 -44.75 39.55
CA THR R 130 20.07 -43.39 39.08
C THR R 130 18.64 -43.11 39.51
N ALA R 131 18.21 -41.85 39.30
CA ALA R 131 16.89 -41.37 39.72
C ALA R 131 16.19 -40.63 38.60
N SER R 132 14.89 -40.90 38.43
CA SER R 132 14.07 -40.29 37.37
C SER R 132 12.79 -39.72 37.96
N VAL R 133 12.71 -38.40 38.03
CA VAL R 133 11.50 -37.72 38.50
C VAL R 133 10.58 -37.46 37.32
N VAL R 134 9.33 -37.88 37.45
CA VAL R 134 8.33 -37.78 36.40
C VAL R 134 7.30 -36.75 36.82
N CYS R 135 6.91 -35.90 35.86
CA CYS R 135 5.81 -34.95 36.07
C CYS R 135 4.82 -35.14 34.95
N LEU R 136 3.53 -35.26 35.29
CA LEU R 136 2.48 -35.67 34.33
C LEU R 136 1.39 -34.62 34.22
N LEU R 137 1.13 -34.16 33.00
CA LEU R 137 0.06 -33.21 32.72
C LEU R 137 -0.98 -34.01 31.99
N ASN R 138 -2.20 -34.08 32.53
CA ASN R 138 -3.18 -35.03 32.03
C ASN R 138 -4.53 -34.45 31.53
N ASN R 139 -4.88 -34.76 30.28
CA ASN R 139 -6.16 -34.41 29.62
C ASN R 139 -6.43 -32.90 29.50
N PHE R 140 -5.58 -32.24 28.70
CA PHE R 140 -5.62 -30.79 28.45
C PHE R 140 -5.81 -30.41 26.96
N TYR R 141 -6.17 -29.16 26.69
CA TYR R 141 -6.20 -28.63 25.32
C TYR R 141 -6.03 -27.11 25.33
N PRO R 142 -5.21 -26.56 24.43
CA PRO R 142 -4.41 -27.17 23.36
C PRO R 142 -3.08 -27.82 23.76
N ARG R 143 -2.38 -28.30 22.74
CA ARG R 143 -1.09 -28.94 22.91
C ARG R 143 -0.08 -28.08 23.67
N GLU R 144 -0.06 -26.76 23.42
CA GLU R 144 1.06 -25.88 23.87
C GLU R 144 1.03 -25.68 25.36
N ALA R 145 1.92 -26.38 26.07
CA ALA R 145 1.99 -26.33 27.51
C ALA R 145 3.44 -26.43 27.93
N LYS R 146 3.92 -25.46 28.69
CA LYS R 146 5.30 -25.48 29.14
C LYS R 146 5.44 -26.23 30.48
N VAL R 147 6.59 -26.86 30.70
CA VAL R 147 6.91 -27.50 31.94
C VAL R 147 8.30 -27.00 32.34
N GLN R 148 8.48 -26.57 33.58
CA GLN R 148 9.78 -26.16 34.03
C GLN R 148 10.09 -26.87 35.34
N TRP R 149 11.34 -27.29 35.54
CA TRP R 149 11.75 -27.99 36.77
C TRP R 149 12.51 -27.09 37.77
N LYS R 150 12.54 -27.50 39.04
CA LYS R 150 13.30 -26.80 40.09
C LYS R 150 13.85 -27.77 41.14
N VAL R 151 15.09 -27.58 41.56
CA VAL R 151 15.68 -28.45 42.60
C VAL R 151 16.20 -27.60 43.74
N ASP R 152 15.36 -27.44 44.78
CA ASP R 152 15.54 -26.42 45.82
C ASP R 152 15.62 -25.09 45.09
N ASN R 153 14.60 -24.84 44.27
CA ASN R 153 14.50 -23.69 43.38
C ASN R 153 15.62 -23.47 42.38
N ALA R 154 16.60 -24.36 42.36
CA ALA R 154 17.63 -24.34 41.34
C ALA R 154 16.98 -24.73 40.00
N LEU R 155 16.81 -23.73 39.13
CA LEU R 155 16.10 -23.86 37.86
C LEU R 155 16.84 -24.73 36.80
N GLN R 156 16.25 -25.87 36.44
CA GLN R 156 16.94 -26.89 35.63
C GLN R 156 16.66 -26.72 34.14
N SER R 157 17.56 -27.23 33.29
CA SER R 157 17.32 -27.27 31.83
C SER R 157 18.32 -28.14 31.05
N GLY R 158 17.82 -28.93 30.10
CA GLY R 158 18.65 -29.83 29.32
C GLY R 158 18.99 -31.13 30.01
N ASN R 159 18.37 -31.38 31.17
CA ASN R 159 18.39 -32.69 31.79
C ASN R 159 16.97 -33.23 31.98
N SER R 160 15.99 -32.49 31.48
CA SER R 160 14.62 -33.00 31.35
C SER R 160 14.37 -33.34 29.90
N GLN R 161 13.33 -34.13 29.63
CA GLN R 161 13.02 -34.61 28.29
C GLN R 161 11.59 -35.07 28.26
N GLU R 162 10.80 -34.61 27.30
CA GLU R 162 9.35 -34.80 27.37
C GLU R 162 8.74 -35.52 26.19
N SER R 163 7.54 -36.05 26.41
CA SER R 163 6.88 -36.97 25.47
C SER R 163 5.37 -36.82 25.54
N VAL R 164 4.77 -36.49 24.40
CA VAL R 164 3.37 -36.08 24.37
C VAL R 164 2.56 -37.17 23.73
N THR R 165 1.39 -37.43 24.30
CA THR R 165 0.43 -38.36 23.71
C THR R 165 -0.17 -37.71 22.44
N GLU R 166 -0.78 -38.52 21.56
CA GLU R 166 -1.50 -37.97 20.42
C GLU R 166 -2.91 -37.59 20.85
N GLN R 167 -3.52 -36.66 20.11
CA GLN R 167 -4.86 -36.14 20.46
C GLN R 167 -5.80 -37.30 20.68
N ASP R 168 -6.69 -37.18 21.65
CA ASP R 168 -7.61 -38.27 21.94
C ASP R 168 -8.75 -38.25 20.94
N SER R 169 -9.22 -39.43 20.57
CA SER R 169 -10.26 -39.55 19.55
C SER R 169 -11.65 -39.31 20.14
N LYS R 170 -11.81 -39.36 21.48
CA LYS R 170 -13.09 -39.06 22.13
C LYS R 170 -13.28 -37.61 22.52
N ASP R 171 -12.37 -37.10 23.35
CA ASP R 171 -12.50 -35.78 23.96
C ASP R 171 -11.51 -34.76 23.39
N SER R 172 -10.62 -35.22 22.53
CA SER R 172 -9.68 -34.37 21.82
C SER R 172 -8.76 -33.59 22.77
N THR R 173 -8.13 -34.34 23.69
CA THR R 173 -7.15 -33.80 24.63
C THR R 173 -5.85 -34.61 24.62
N TYR R 174 -4.74 -33.88 24.71
CA TYR R 174 -3.44 -34.47 24.81
C TYR R 174 -3.08 -34.76 26.29
N SER R 175 -1.84 -35.24 26.51
CA SER R 175 -1.29 -35.62 27.84
C SER R 175 0.23 -35.65 27.70
N LEU R 176 0.92 -35.13 28.69
CA LEU R 176 2.35 -34.91 28.56
C LEU R 176 3.03 -35.55 29.73
N SER R 177 4.27 -36.00 29.52
CA SER R 177 5.10 -36.40 30.61
C SER R 177 6.53 -35.95 30.34
N SER R 178 7.05 -35.07 31.20
CA SER R 178 8.48 -34.74 31.19
C SER R 178 9.18 -35.51 32.32
N THR R 179 10.48 -35.77 32.12
CA THR R 179 11.23 -36.60 33.01
C THR R 179 12.58 -35.96 33.29
N LEU R 180 12.78 -35.61 34.55
CA LEU R 180 14.05 -35.11 34.99
C LEU R 180 14.95 -36.31 35.32
N THR R 181 16.14 -36.37 34.74
CA THR R 181 17.13 -37.44 35.04
C THR R 181 18.37 -36.91 35.84
N LEU R 182 18.63 -37.52 37.00
CA LEU R 182 19.77 -37.17 37.83
C LEU R 182 20.63 -38.41 38.15
N SER R 183 21.72 -38.17 38.87
CA SER R 183 22.48 -39.25 39.50
C SER R 183 21.97 -39.50 40.94
N LYS R 184 21.94 -40.76 41.39
CA LYS R 184 21.54 -41.06 42.77
C LYS R 184 22.34 -40.15 43.69
N ALA R 185 23.56 -39.81 43.28
CA ALA R 185 24.44 -38.88 44.02
C ALA R 185 23.87 -37.46 44.13
N ASP R 186 23.36 -36.93 43.02
CA ASP R 186 22.75 -35.59 42.99
C ASP R 186 21.34 -35.54 43.55
N TYR R 187 20.55 -36.59 43.31
CA TYR R 187 19.22 -36.66 43.86
C TYR R 187 19.26 -36.78 45.40
N GLU R 188 20.08 -37.69 45.95
CA GLU R 188 20.27 -37.81 47.42
C GLU R 188 21.14 -36.65 47.93
N LYS R 189 21.03 -35.48 47.31
CA LYS R 189 21.64 -34.25 47.83
C LYS R 189 20.71 -33.05 47.98
N HIS R 190 19.52 -33.10 47.38
CA HIS R 190 18.57 -31.95 47.40
C HIS R 190 17.17 -32.36 47.85
N LYS R 191 16.45 -31.42 48.47
CA LYS R 191 15.19 -31.73 49.17
C LYS R 191 13.94 -31.51 48.30
N VAL R 192 13.77 -30.28 47.80
CA VAL R 192 12.53 -29.81 47.16
C VAL R 192 12.59 -29.93 45.66
N TYR R 193 11.91 -30.94 45.12
CA TYR R 193 11.81 -31.15 43.66
C TYR R 193 10.43 -30.71 43.15
N ALA R 194 10.40 -29.79 42.20
CA ALA R 194 9.15 -29.09 41.86
C ALA R 194 8.95 -28.82 40.37
N CYS R 195 7.73 -29.07 39.90
CA CYS R 195 7.38 -29.08 38.47
C CYS R 195 6.35 -27.99 38.15
N GLU R 196 6.81 -26.86 37.62
CA GLU R 196 5.92 -25.67 37.35
C GLU R 196 5.39 -25.66 35.92
N VAL R 197 4.09 -25.45 35.77
CA VAL R 197 3.38 -25.70 34.50
C VAL R 197 2.63 -24.49 34.01
N THR R 198 3.05 -23.94 32.88
CA THR R 198 2.36 -22.80 32.30
C THR R 198 1.53 -23.29 31.14
N HIS R 199 0.30 -22.81 31.05
CA HIS R 199 -0.62 -23.27 29.99
C HIS R 199 -1.76 -22.29 29.79
N GLN R 200 -2.34 -22.26 28.59
CA GLN R 200 -3.47 -21.38 28.27
C GLN R 200 -4.66 -21.59 29.18
N GLY R 201 -4.82 -22.82 29.64
CA GLY R 201 -5.90 -23.17 30.56
C GLY R 201 -5.74 -22.66 31.97
N LEU R 202 -4.51 -22.30 32.36
CA LEU R 202 -4.23 -21.82 33.71
C LEU R 202 -3.99 -20.32 33.67
N SER R 203 -4.88 -19.56 34.31
CA SER R 203 -4.75 -18.11 34.36
C SER R 203 -3.42 -17.62 35.00
N SER R 204 -2.76 -18.47 35.78
CA SER R 204 -1.34 -18.26 36.16
C SER R 204 -0.70 -19.60 36.53
N PRO R 205 0.58 -19.80 36.14
CA PRO R 205 1.29 -21.07 36.28
C PRO R 205 0.92 -21.82 37.55
N VAL R 206 1.09 -23.14 37.53
CA VAL R 206 0.75 -23.95 38.67
C VAL R 206 1.82 -25.01 38.92
N THR R 207 2.40 -24.96 40.11
CA THR R 207 3.49 -25.85 40.51
C THR R 207 2.93 -26.94 41.42
N LYS R 208 3.33 -28.17 41.17
CA LYS R 208 3.22 -29.23 42.16
C LYS R 208 4.65 -29.66 42.52
N SER R 209 4.92 -29.96 43.79
CA SER R 209 6.26 -30.28 44.28
C SER R 209 6.29 -31.35 45.37
N PHE R 210 7.49 -31.74 45.79
CA PHE R 210 7.64 -32.70 46.87
C PHE R 210 8.99 -32.61 47.55
N ASN R 211 9.01 -32.93 48.84
CA ASN R 211 10.24 -32.97 49.62
C ASN R 211 10.77 -34.38 49.74
N ARG R 212 12.05 -34.56 49.41
CA ARG R 212 12.65 -35.87 49.31
C ARG R 212 12.65 -36.62 50.66
N GLY R 213 12.25 -37.89 50.63
CA GLY R 213 12.20 -38.76 51.83
C GLY R 213 10.81 -38.96 52.40
N GLU R 214 9.84 -38.17 51.94
CA GLU R 214 8.48 -38.16 52.45
C GLU R 214 7.52 -38.50 51.30
N GLN S 1 -24.40 22.67 56.07
CA GLN S 1 -23.02 22.29 55.66
C GLN S 1 -22.62 23.22 54.54
N VAL S 2 -23.10 23.00 53.32
CA VAL S 2 -22.99 23.99 52.22
C VAL S 2 -23.95 23.60 51.16
N GLN S 3 -24.97 24.38 50.90
CA GLN S 3 -25.87 23.93 49.85
C GLN S 3 -26.61 25.02 49.11
N LEU S 4 -27.22 24.62 48.01
CA LEU S 4 -27.87 25.50 47.08
C LEU S 4 -29.22 24.89 46.71
N VAL S 5 -30.31 25.35 47.34
CA VAL S 5 -31.63 24.80 47.04
C VAL S 5 -32.34 25.74 46.09
N GLN S 6 -32.69 25.26 44.90
CA GLN S 6 -33.36 26.09 43.90
C GLN S 6 -34.89 25.98 43.99
N SER S 7 -35.60 26.77 43.21
CA SER S 7 -37.09 26.69 43.17
C SER S 7 -37.62 25.53 42.29
N GLY S 8 -38.89 25.13 42.48
CA GLY S 8 -39.51 24.05 41.71
C GLY S 8 -39.82 24.41 40.26
N ALA S 9 -40.01 23.40 39.41
CA ALA S 9 -40.15 23.58 37.95
C ALA S 9 -41.25 24.56 37.62
N GLU S 10 -40.98 25.49 36.72
CA GLU S 10 -42.00 26.42 36.25
C GLU S 10 -42.35 26.04 34.78
N VAL S 11 -43.53 26.44 34.32
CA VAL S 11 -43.94 26.25 32.93
C VAL S 11 -44.55 27.53 32.39
N LYS S 12 -44.03 28.04 31.28
CA LYS S 12 -44.39 29.36 30.76
C LYS S 12 -44.60 29.36 29.24
N LYS S 13 -45.29 30.36 28.72
CA LYS S 13 -45.64 30.40 27.31
C LYS S 13 -44.84 31.45 26.54
N PRO S 14 -44.62 31.22 25.24
CA PRO S 14 -43.63 31.96 24.43
C PRO S 14 -43.38 33.44 24.76
N GLY S 15 -44.43 34.20 25.04
CA GLY S 15 -44.24 35.61 25.34
C GLY S 15 -43.55 35.86 26.68
N ALA S 16 -44.14 35.28 27.72
CA ALA S 16 -43.90 35.66 29.12
C ALA S 16 -42.44 35.59 29.51
N SER S 17 -42.18 35.87 30.78
CA SER S 17 -40.85 35.75 31.36
C SER S 17 -40.90 34.77 32.57
N VAL S 18 -39.78 34.68 33.31
CA VAL S 18 -39.61 33.70 34.38
C VAL S 18 -38.56 34.19 35.38
N LYS S 19 -38.66 33.73 36.63
CA LYS S 19 -37.69 34.04 37.69
C LYS S 19 -37.40 32.79 38.49
N VAL S 20 -36.11 32.48 38.68
CA VAL S 20 -35.68 31.28 39.38
C VAL S 20 -34.82 31.66 40.58
N SER S 21 -35.14 31.10 41.75
CA SER S 21 -34.41 31.42 42.99
C SER S 21 -33.40 30.35 43.27
N CYS S 22 -32.35 30.73 43.99
CA CYS S 22 -31.31 29.78 44.40
C CYS S 22 -30.87 30.13 45.81
N LYS S 23 -31.38 29.40 46.79
CA LYS S 23 -31.11 29.70 48.18
C LYS S 23 -29.82 29.03 48.65
N THR S 24 -28.92 29.82 49.22
CA THR S 24 -27.60 29.32 49.68
C THR S 24 -27.50 29.29 51.19
N SER S 25 -26.46 28.66 51.71
CA SER S 25 -26.33 28.43 53.11
C SER S 25 -25.08 27.64 53.36
N GLY S 26 -24.59 27.72 54.59
CA GLY S 26 -23.42 26.94 55.02
C GLY S 26 -22.07 27.59 54.73
N TYR S 27 -22.08 28.77 54.14
CA TYR S 27 -20.86 29.51 53.82
C TYR S 27 -21.27 30.96 53.76
N SER S 28 -20.34 31.89 53.93
CA SER S 28 -20.73 33.29 54.00
C SER S 28 -21.03 33.88 52.61
N PHE S 29 -22.31 34.17 52.36
CA PHE S 29 -22.84 34.48 51.01
C PHE S 29 -21.99 35.48 50.22
N SER S 30 -21.43 36.46 50.90
CA SER S 30 -20.85 37.58 50.19
C SER S 30 -19.39 37.41 49.74
N THR S 31 -18.74 36.28 50.02
CA THR S 31 -17.33 36.13 49.61
C THR S 31 -17.16 35.27 48.38
N TYR S 32 -18.24 35.09 47.62
CA TYR S 32 -18.26 34.17 46.47
C TYR S 32 -19.39 34.54 45.52
N GLY S 33 -19.05 34.65 44.25
CA GLY S 33 -20.07 34.87 43.23
C GLY S 33 -20.91 33.64 42.93
N VAL S 34 -21.74 33.74 41.90
CA VAL S 34 -22.61 32.66 41.49
C VAL S 34 -22.65 32.55 39.98
N SER S 35 -22.51 31.33 39.48
CA SER S 35 -22.54 31.07 38.04
C SER S 35 -23.85 30.38 37.73
N TRP S 36 -24.40 30.69 36.56
CA TRP S 36 -25.63 30.05 36.17
C TRP S 36 -25.43 29.29 34.85
N VAL S 37 -25.84 28.02 34.82
CA VAL S 37 -25.68 27.18 33.63
C VAL S 37 -26.97 26.47 33.34
N ARG S 38 -27.33 26.37 32.06
CA ARG S 38 -28.61 25.75 31.70
C ARG S 38 -28.35 24.55 30.87
N GLN S 39 -29.37 23.71 30.72
CA GLN S 39 -29.20 22.44 29.99
C GLN S 39 -30.43 21.93 29.22
N ALA S 40 -30.43 22.21 27.91
CA ALA S 40 -31.49 21.79 27.01
C ALA S 40 -31.52 20.26 27.02
N PRO S 41 -32.69 19.64 27.26
CA PRO S 41 -32.72 18.17 27.49
C PRO S 41 -31.92 17.37 26.46
N GLY S 42 -31.02 16.50 26.93
CA GLY S 42 -30.24 15.66 26.02
C GLY S 42 -28.97 16.32 25.53
N GLN S 43 -28.99 17.62 25.28
CA GLN S 43 -27.74 18.37 25.02
C GLN S 43 -26.87 18.61 26.30
N GLY S 44 -25.64 19.12 26.09
CA GLY S 44 -24.70 19.40 27.20
C GLY S 44 -24.94 20.78 27.77
N PRO S 45 -24.27 21.11 28.88
CA PRO S 45 -24.54 22.40 29.53
C PRO S 45 -24.03 23.57 28.70
N GLU S 46 -24.72 24.70 28.77
CA GLU S 46 -24.22 25.97 28.22
C GLU S 46 -24.38 27.08 29.28
N TRP S 47 -23.42 27.99 29.29
CA TRP S 47 -23.31 28.95 30.36
C TRP S 47 -24.22 30.11 30.08
N VAL S 48 -24.81 30.66 31.15
CA VAL S 48 -25.75 31.79 31.07
C VAL S 48 -25.16 33.10 31.58
N GLY S 49 -24.53 33.08 32.76
CA GLY S 49 -23.91 34.30 33.31
C GLY S 49 -23.36 34.14 34.72
N TRP S 50 -22.82 35.23 35.27
CA TRP S 50 -22.20 35.20 36.59
C TRP S 50 -22.34 36.53 37.26
N ILE S 51 -22.51 36.50 38.57
CA ILE S 51 -22.73 37.70 39.33
C ILE S 51 -21.98 37.55 40.62
N SER S 52 -21.37 38.65 41.05
CA SER S 52 -20.63 38.68 42.30
C SER S 52 -21.52 39.14 43.46
N ALA S 53 -21.47 38.42 44.59
CA ALA S 53 -22.25 38.81 45.75
C ALA S 53 -21.47 39.78 46.60
N TYR S 54 -20.23 40.04 46.19
CA TYR S 54 -19.36 40.98 46.90
C TYR S 54 -19.45 42.36 46.27
N THR S 55 -19.38 42.41 44.94
CA THR S 55 -19.27 43.67 44.22
C THR S 55 -20.45 44.00 43.32
N GLY S 56 -21.43 43.10 43.24
CA GLY S 56 -22.61 43.31 42.40
C GLY S 56 -22.34 43.28 40.90
N ILE S 57 -21.09 43.05 40.53
CA ILE S 57 -20.69 42.96 39.13
C ILE S 57 -21.34 41.75 38.45
N THR S 58 -21.68 41.91 37.18
CA THR S 58 -22.21 40.81 36.39
C THR S 58 -21.48 40.65 35.08
N ASP S 59 -21.55 39.44 34.54
CA ASP S 59 -21.03 39.11 33.22
C ASP S 59 -22.04 38.14 32.63
N TYR S 60 -22.86 38.65 31.72
CA TYR S 60 -23.81 37.79 31.06
C TYR S 60 -23.14 37.26 29.82
N ALA S 61 -23.51 36.06 29.41
CA ALA S 61 -23.10 35.52 28.11
C ALA S 61 -23.76 36.37 27.05
N GLN S 62 -23.02 36.72 26.01
CA GLN S 62 -23.53 37.68 25.04
C GLN S 62 -24.69 37.12 24.21
N LYS S 63 -24.87 35.82 24.24
CA LYS S 63 -26.02 35.17 23.59
C LYS S 63 -27.37 35.64 24.15
N PHE S 64 -27.46 35.84 25.46
CA PHE S 64 -28.70 36.22 26.12
C PHE S 64 -28.87 37.73 26.25
N GLN S 65 -27.76 38.45 26.35
CA GLN S 65 -27.76 39.84 26.82
C GLN S 65 -29.05 40.58 26.48
N GLY S 66 -29.54 41.32 27.47
CA GLY S 66 -30.83 41.96 27.39
C GLY S 66 -31.87 41.10 28.06
N ARG S 67 -32.02 39.86 27.60
CA ARG S 67 -33.08 38.99 28.12
C ARG S 67 -32.83 38.54 29.55
N VAL S 68 -31.60 38.67 30.03
CA VAL S 68 -31.25 38.03 31.30
C VAL S 68 -30.75 39.02 32.35
N THR S 69 -31.19 38.81 33.58
CA THR S 69 -30.88 39.69 34.69
C THR S 69 -30.59 38.87 35.95
N LEU S 70 -29.37 39.02 36.45
CA LEU S 70 -28.95 38.33 37.68
C LEU S 70 -28.93 39.32 38.81
N THR S 71 -29.43 38.89 39.96
CA THR S 71 -29.47 39.71 41.16
C THR S 71 -29.14 38.86 42.35
N THR S 72 -28.86 39.50 43.49
CA THR S 72 -28.67 38.79 44.76
C THR S 72 -29.25 39.53 45.95
N ASP S 73 -29.79 38.77 46.90
CA ASP S 73 -30.36 39.29 48.13
C ASP S 73 -29.52 38.75 49.29
N ALA S 74 -28.69 39.62 49.89
CA ALA S 74 -27.77 39.21 50.95
C ALA S 74 -28.46 38.82 52.25
N THR S 75 -29.60 39.42 52.56
CA THR S 75 -30.37 39.06 53.74
C THR S 75 -30.80 37.59 53.73
N THR S 76 -31.54 37.20 52.69
CA THR S 76 -32.02 35.84 52.58
C THR S 76 -30.91 34.86 52.08
N ALA S 77 -29.82 35.42 51.52
CA ALA S 77 -28.68 34.66 50.99
C ALA S 77 -29.05 33.92 49.72
N THR S 78 -29.67 34.64 48.79
CA THR S 78 -30.28 34.02 47.61
C THR S 78 -29.85 34.77 46.37
N ALA S 79 -29.51 34.01 45.31
CA ALA S 79 -29.28 34.56 43.97
C ALA S 79 -30.49 34.29 43.08
N PHE S 80 -30.80 35.23 42.19
CA PHE S 80 -31.97 35.12 41.34
C PHE S 80 -31.55 35.23 39.91
N LEU S 81 -32.37 34.64 39.04
CA LEU S 81 -32.17 34.65 37.59
C LEU S 81 -33.46 34.98 36.89
N ASP S 82 -33.51 36.10 36.17
CA ASP S 82 -34.73 36.49 35.46
C ASP S 82 -34.50 36.46 33.98
N LEU S 83 -35.33 35.71 33.25
CA LEU S 83 -35.17 35.57 31.82
C LEU S 83 -36.46 36.02 31.15
N ARG S 84 -36.37 36.94 30.18
CA ARG S 84 -37.57 37.54 29.56
C ARG S 84 -37.72 37.09 28.12
N SER S 85 -38.94 37.21 27.59
CA SER S 85 -39.21 36.96 26.17
C SER S 85 -38.92 35.51 25.78
N LEU S 86 -39.30 34.58 26.66
CA LEU S 86 -38.92 33.17 26.55
C LEU S 86 -39.21 32.55 25.20
N ARG S 87 -38.19 32.02 24.53
CA ARG S 87 -38.42 31.29 23.29
C ARG S 87 -38.69 29.86 23.70
N PRO S 88 -39.29 29.05 22.81
CA PRO S 88 -39.22 27.61 23.05
C PRO S 88 -37.78 27.04 23.12
N ASP S 89 -36.81 27.67 22.44
CA ASP S 89 -35.35 27.38 22.58
C ASP S 89 -34.95 27.25 24.06
N ASP S 90 -35.43 28.16 24.90
CA ASP S 90 -35.00 28.27 26.29
C ASP S 90 -35.54 27.20 27.21
N THR S 91 -36.35 26.29 26.67
CA THR S 91 -36.80 25.14 27.44
C THR S 91 -35.59 24.35 27.87
N ALA S 92 -35.33 24.39 29.17
CA ALA S 92 -34.18 23.69 29.70
C ALA S 92 -34.24 23.63 31.23
N THR S 93 -33.28 22.91 31.80
CA THR S 93 -33.13 22.85 33.25
C THR S 93 -31.98 23.84 33.61
N TYR S 94 -32.21 24.65 34.65
CA TYR S 94 -31.35 25.81 34.99
C TYR S 94 -30.64 25.61 36.32
N PHE S 95 -29.31 25.62 36.30
CA PHE S 95 -28.50 25.39 37.51
C PHE S 95 -27.78 26.65 37.98
N CYS S 96 -27.72 26.83 39.30
CA CYS S 96 -26.84 27.83 39.93
C CYS S 96 -25.72 27.08 40.63
N ALA S 97 -24.61 27.76 40.85
CA ALA S 97 -23.43 27.11 41.41
C ALA S 97 -22.46 28.14 41.94
N ARG S 98 -21.85 27.89 43.10
CA ARG S 98 -20.84 28.80 43.63
C ARG S 98 -19.69 28.98 42.67
N ASP S 99 -19.15 30.20 42.59
CA ASP S 99 -18.11 30.50 41.62
C ASP S 99 -17.35 31.79 41.93
N LYS S 100 -16.05 31.74 41.66
CA LYS S 100 -15.08 32.77 42.00
C LYS S 100 -15.04 33.04 43.48
N VAL S 101 -13.91 33.53 43.94
CA VAL S 101 -13.75 33.90 45.34
C VAL S 101 -13.52 35.39 45.40
N GLN S 102 -14.26 36.08 46.22
CA GLN S 102 -14.24 37.53 46.17
C GLN S 102 -13.73 38.09 47.47
N GLY S 103 -13.01 39.21 47.42
CA GLY S 103 -12.53 39.87 48.64
C GLY S 103 -11.29 39.15 49.14
N ARG S 104 -11.53 38.01 49.80
CA ARG S 104 -10.49 37.04 50.26
C ARG S 104 -9.23 37.15 49.41
N VAL S 105 -8.12 36.72 50.02
CA VAL S 105 -6.83 36.67 49.35
C VAL S 105 -7.07 36.25 47.89
N GLU S 106 -6.87 34.98 47.57
CA GLU S 106 -6.75 34.56 46.20
C GLU S 106 -6.74 33.02 45.95
N VAL S 107 -5.61 32.45 45.52
CA VAL S 107 -5.63 31.26 44.63
C VAL S 107 -4.39 30.37 44.69
N GLY S 108 -4.38 29.26 43.96
CA GLY S 108 -5.17 28.97 42.75
C GLY S 108 -6.66 28.60 42.72
N SER S 109 -7.20 28.32 41.52
CA SER S 109 -8.63 28.01 41.19
C SER S 109 -9.39 26.84 41.87
N GLY S 110 -9.43 26.84 43.20
CA GLY S 110 -10.13 25.82 43.98
C GLY S 110 -11.62 26.06 44.07
N GLY S 111 -12.15 26.69 43.06
CA GLY S 111 -13.57 26.69 42.93
C GLY S 111 -14.16 28.06 43.01
N ARG S 112 -14.92 28.48 41.99
CA ARG S 112 -14.98 27.83 40.63
C ARG S 112 -15.84 26.56 40.49
N HIS S 113 -17.13 26.78 40.72
CA HIS S 113 -18.16 25.77 40.61
C HIS S 113 -17.90 24.63 41.60
N ASP S 114 -17.82 24.97 42.90
CA ASP S 114 -17.67 24.01 44.02
C ASP S 114 -18.88 23.12 44.09
N TYR S 115 -20.04 23.77 44.23
CA TYR S 115 -21.27 23.12 44.63
C TYR S 115 -22.43 23.68 43.80
N TRP S 116 -23.39 22.82 43.48
CA TRP S 116 -24.43 23.12 42.52
C TRP S 116 -25.85 23.00 43.10
N GLY S 117 -26.79 23.69 42.45
CA GLY S 117 -28.20 23.57 42.77
C GLY S 117 -28.69 22.25 42.24
N GLN S 118 -29.80 21.78 42.78
CA GLN S 118 -30.31 20.51 42.34
C GLN S 118 -30.92 20.64 40.93
N GLY S 119 -31.01 21.85 40.40
CA GLY S 119 -31.54 22.02 39.05
C GLY S 119 -33.02 22.37 39.13
N THR S 120 -33.50 23.16 38.16
CA THR S 120 -34.90 23.64 38.20
C THR S 120 -35.50 23.80 36.77
N LEU S 121 -36.45 22.93 36.43
CA LEU S 121 -36.83 22.72 35.03
C LEU S 121 -37.67 23.89 34.56
N VAL S 122 -37.37 24.46 33.39
CA VAL S 122 -38.24 25.49 32.78
C VAL S 122 -38.74 25.00 31.39
N ILE S 123 -40.06 24.93 31.22
CA ILE S 123 -40.64 24.54 29.95
C ILE S 123 -41.38 25.68 29.29
N VAL S 124 -40.96 26.03 28.07
CA VAL S 124 -41.57 27.09 27.29
C VAL S 124 -42.35 26.48 26.13
N SER S 125 -43.64 26.25 26.35
CA SER S 125 -44.50 25.66 25.34
C SER S 125 -45.84 26.39 25.37
N SER S 126 -46.51 26.46 24.22
CA SER S 126 -47.82 27.10 24.13
C SER S 126 -48.96 26.08 24.26
N ALA S 127 -48.62 24.81 24.48
CA ALA S 127 -49.61 23.76 24.51
C ALA S 127 -50.29 23.70 25.86
N SER S 128 -51.41 22.99 25.89
CA SER S 128 -52.19 22.84 27.10
C SER S 128 -51.53 21.84 28.04
N THR S 129 -51.78 22.02 29.31
CA THR S 129 -51.43 21.06 30.33
C THR S 129 -52.49 19.99 30.34
N LYS S 130 -52.03 18.75 30.50
CA LYS S 130 -52.91 17.60 30.50
C LYS S 130 -52.37 16.66 31.59
N GLY S 131 -53.24 16.22 32.47
CA GLY S 131 -52.86 15.24 33.49
C GLY S 131 -52.74 13.84 32.88
N PRO S 132 -51.94 12.97 33.50
CA PRO S 132 -51.76 11.63 33.00
C PRO S 132 -52.92 10.69 33.37
N SER S 133 -53.18 9.71 32.51
CA SER S 133 -54.00 8.53 32.86
C SER S 133 -53.03 7.49 33.36
N VAL S 134 -53.39 6.81 34.44
CA VAL S 134 -52.52 5.79 35.01
C VAL S 134 -53.22 4.44 34.88
N PHE S 135 -52.63 3.58 34.07
CA PHE S 135 -53.20 2.27 33.75
C PHE S 135 -52.35 1.18 34.37
N PRO S 136 -53.01 0.11 34.88
CA PRO S 136 -52.22 -0.92 35.52
C PRO S 136 -51.52 -1.70 34.44
N LEU S 137 -50.33 -2.16 34.78
CA LEU S 137 -49.50 -2.89 33.87
C LEU S 137 -49.58 -4.33 34.36
N ALA S 138 -50.72 -4.93 34.06
CA ALA S 138 -51.18 -6.20 34.62
C ALA S 138 -50.16 -7.36 34.54
N PRO S 139 -49.86 -8.00 35.70
CA PRO S 139 -48.87 -9.10 35.70
C PRO S 139 -49.33 -10.39 35.01
N GLY S 147 -39.29 -18.71 40.17
CA GLY S 147 -40.08 -17.92 39.24
C GLY S 147 -40.11 -16.44 39.59
N THR S 148 -39.38 -15.63 38.81
CA THR S 148 -39.46 -14.16 38.88
C THR S 148 -40.62 -13.61 38.02
N ALA S 149 -41.29 -12.56 38.49
CA ALA S 149 -42.49 -12.01 37.82
C ALA S 149 -42.43 -10.49 37.77
N ALA S 150 -43.09 -9.90 36.78
CA ALA S 150 -43.01 -8.46 36.50
C ALA S 150 -44.36 -7.76 36.52
N LEU S 151 -44.40 -6.50 36.99
CA LEU S 151 -45.63 -5.69 37.00
C LEU S 151 -45.25 -4.24 36.75
N GLY S 152 -46.22 -3.33 36.80
CA GLY S 152 -45.92 -1.89 36.67
C GLY S 152 -47.08 -0.89 36.63
N CYS S 153 -46.80 0.31 36.12
CA CYS S 153 -47.82 1.28 35.76
C CYS S 153 -47.48 1.73 34.35
N LEU S 154 -48.47 2.29 33.69
CA LEU S 154 -48.23 3.01 32.44
C LEU S 154 -48.83 4.43 32.59
N VAL S 155 -47.98 5.46 32.60
CA VAL S 155 -48.42 6.83 32.73
C VAL S 155 -48.56 7.40 31.33
N LYS S 156 -49.79 7.65 30.92
CA LYS S 156 -50.07 7.91 29.50
C LYS S 156 -50.74 9.24 29.23
N ASP S 157 -50.34 9.86 28.11
CA ASP S 157 -50.98 11.07 27.54
C ASP S 157 -51.07 12.27 28.48
N TYR S 158 -49.90 12.82 28.81
CA TYR S 158 -49.77 14.00 29.68
C TYR S 158 -48.81 15.04 29.09
N PHE S 159 -48.89 16.24 29.60
CA PHE S 159 -48.01 17.33 29.22
C PHE S 159 -48.15 18.43 30.27
N PRO S 160 -47.08 19.15 30.55
CA PRO S 160 -45.75 18.97 30.06
C PRO S 160 -45.05 18.09 31.06
N GLU S 161 -43.75 17.99 30.94
CA GLU S 161 -42.95 17.29 31.91
C GLU S 161 -42.76 18.19 33.14
N PRO S 162 -42.35 17.60 34.28
CA PRO S 162 -42.02 16.20 34.54
C PRO S 162 -43.10 15.39 35.27
N VAL S 163 -42.96 14.06 35.25
CA VAL S 163 -43.79 13.13 36.07
C VAL S 163 -42.91 12.32 36.99
N THR S 164 -43.24 12.35 38.27
CA THR S 164 -42.45 11.65 39.27
C THR S 164 -43.20 10.41 39.72
N VAL S 165 -42.57 9.23 39.54
CA VAL S 165 -43.18 7.94 39.90
C VAL S 165 -42.35 7.18 40.92
N SER S 166 -42.96 6.83 42.05
CA SER S 166 -42.33 6.00 43.06
C SER S 166 -43.29 4.89 43.47
N TRP S 167 -42.86 4.05 44.41
CA TRP S 167 -43.61 2.84 44.83
C TRP S 167 -43.66 2.70 46.36
N ASN S 168 -44.85 2.87 46.94
CA ASN S 168 -45.09 2.69 48.37
C ASN S 168 -44.46 3.82 49.20
N SER S 169 -44.73 5.06 48.80
CA SER S 169 -44.03 6.26 49.29
C SER S 169 -42.50 6.22 49.17
N GLY S 170 -41.98 5.31 48.34
CA GLY S 170 -40.55 4.99 48.29
C GLY S 170 -40.11 3.78 49.11
N ALA S 171 -41.06 3.02 49.67
CA ALA S 171 -40.74 1.87 50.53
C ALA S 171 -40.19 0.70 49.73
N LEU S 172 -40.63 0.58 48.49
CA LEU S 172 -40.01 -0.35 47.53
C LEU S 172 -39.11 0.40 46.57
N THR S 173 -37.80 0.24 46.80
CA THR S 173 -36.80 0.85 45.97
C THR S 173 -36.22 -0.20 45.03
N SER S 174 -35.97 -1.40 45.55
CA SER S 174 -35.19 -2.42 44.83
C SER S 174 -35.92 -3.06 43.66
N GLY S 175 -35.17 -3.26 42.56
CA GLY S 175 -35.67 -3.91 41.35
C GLY S 175 -36.66 -3.11 40.52
N VAL S 176 -36.59 -1.78 40.60
CA VAL S 176 -37.52 -0.89 39.89
C VAL S 176 -36.75 -0.24 38.74
N HIS S 177 -37.39 -0.09 37.60
CA HIS S 177 -36.82 0.68 36.51
C HIS S 177 -37.91 1.61 36.00
N THR S 178 -37.73 2.92 36.19
CA THR S 178 -38.62 3.93 35.59
C THR S 178 -37.95 4.55 34.35
N PHE S 179 -38.65 4.43 33.23
CA PHE S 179 -38.09 4.73 31.92
C PHE S 179 -38.21 6.20 31.53
N PRO S 180 -37.34 6.64 30.62
CA PRO S 180 -37.44 7.96 30.00
C PRO S 180 -38.79 8.20 29.37
N ALA S 181 -39.34 9.40 29.57
CA ALA S 181 -40.61 9.78 28.92
C ALA S 181 -40.37 9.79 27.45
N VAL S 182 -41.35 9.36 26.69
CA VAL S 182 -41.18 9.31 25.25
C VAL S 182 -42.29 10.17 24.63
N LEU S 183 -41.91 11.03 23.69
CA LEU S 183 -42.83 11.97 23.07
C LEU S 183 -43.65 11.23 22.02
N GLN S 184 -44.94 11.50 21.96
CA GLN S 184 -45.80 10.93 20.94
C GLN S 184 -46.03 11.96 19.83
N SER S 185 -46.49 11.49 18.67
CA SER S 185 -46.85 12.40 17.58
C SER S 185 -48.09 13.23 17.95
N SER S 186 -48.87 12.74 18.92
CA SER S 186 -49.98 13.50 19.47
C SER S 186 -49.54 14.68 20.36
N GLY S 187 -48.24 14.91 20.51
CA GLY S 187 -47.73 16.05 21.27
C GLY S 187 -47.53 15.77 22.75
N LEU S 188 -48.27 14.81 23.29
CA LEU S 188 -48.20 14.45 24.70
C LEU S 188 -47.01 13.54 25.04
N TYR S 189 -46.92 13.11 26.30
CA TYR S 189 -45.88 12.19 26.75
C TYR S 189 -46.45 10.90 27.34
N SER S 190 -45.66 9.85 27.22
CA SER S 190 -46.00 8.53 27.74
C SER S 190 -44.78 8.01 28.45
N LEU S 191 -45.00 7.30 29.56
CA LEU S 191 -43.93 6.92 30.48
C LEU S 191 -44.26 5.59 31.17
N SER S 192 -43.34 4.63 31.14
CA SER S 192 -43.56 3.36 31.85
C SER S 192 -42.68 3.24 33.08
N SER S 193 -43.15 2.45 34.05
CA SER S 193 -42.37 2.12 35.25
C SER S 193 -42.70 0.70 35.67
N VAL S 194 -41.68 -0.14 35.83
CA VAL S 194 -41.89 -1.58 36.13
C VAL S 194 -41.09 -2.08 37.32
N VAL S 195 -41.55 -3.17 37.90
CA VAL S 195 -40.92 -3.78 39.05
C VAL S 195 -40.86 -5.28 38.80
N THR S 196 -39.70 -5.90 39.04
CA THR S 196 -39.61 -7.36 39.07
C THR S 196 -39.58 -7.82 40.51
N VAL S 197 -40.50 -8.70 40.88
CA VAL S 197 -40.63 -9.18 42.27
C VAL S 197 -40.75 -10.70 42.31
N PRO S 198 -40.42 -11.32 43.46
CA PRO S 198 -40.56 -12.77 43.54
C PRO S 198 -42.03 -13.20 43.43
N SER S 199 -42.28 -14.24 42.63
CA SER S 199 -43.63 -14.63 42.26
C SER S 199 -44.28 -15.58 43.26
N SER S 200 -44.03 -15.35 44.53
CA SER S 200 -44.60 -16.16 45.60
C SER S 200 -45.37 -15.18 46.45
N SER S 201 -44.65 -14.17 46.96
CA SER S 201 -45.25 -13.04 47.67
C SER S 201 -46.24 -12.34 46.74
N LEU S 202 -47.53 -12.67 46.89
CA LEU S 202 -48.63 -12.07 46.12
C LEU S 202 -49.84 -11.77 47.02
N GLY S 203 -50.31 -12.77 47.76
CA GLY S 203 -51.31 -12.56 48.78
C GLY S 203 -50.88 -11.53 49.81
N THR S 204 -49.66 -11.67 50.33
CA THR S 204 -49.19 -10.83 51.47
C THR S 204 -48.93 -9.37 51.08
N GLN S 205 -48.12 -9.18 50.04
CA GLN S 205 -47.73 -7.84 49.57
C GLN S 205 -48.86 -7.18 48.81
N THR S 206 -48.66 -5.89 48.54
CA THR S 206 -49.39 -5.19 47.50
C THR S 206 -48.43 -4.13 46.99
N TYR S 207 -48.90 -3.28 46.07
CA TYR S 207 -48.01 -2.31 45.45
C TYR S 207 -48.63 -0.91 45.29
N ILE S 208 -47.81 0.15 45.21
CA ILE S 208 -48.30 1.54 44.97
C ILE S 208 -47.56 2.29 43.79
N CYS S 209 -48.32 3.03 42.97
CA CYS S 209 -47.78 3.87 41.89
C CYS S 209 -47.90 5.28 42.40
N ASN S 210 -46.85 5.79 42.99
CA ASN S 210 -46.90 7.15 43.48
C ASN S 210 -46.73 8.06 42.26
N VAL S 211 -47.72 8.05 41.37
CA VAL S 211 -47.66 8.89 40.18
C VAL S 211 -48.03 10.29 40.60
N ASN S 212 -47.31 11.26 40.08
CA ASN S 212 -47.47 12.63 40.50
C ASN S 212 -46.99 13.58 39.42
N HIS S 213 -47.95 14.25 38.79
CA HIS S 213 -47.67 15.18 37.71
C HIS S 213 -48.03 16.58 38.18
N LYS S 214 -47.03 17.36 38.57
CA LYS S 214 -47.27 18.60 39.30
C LYS S 214 -47.58 19.85 38.48
N PRO S 215 -47.39 19.81 37.16
CA PRO S 215 -47.95 20.92 36.37
C PRO S 215 -49.47 20.86 36.25
N SER S 216 -50.06 19.76 36.72
CA SER S 216 -51.50 19.55 36.68
C SER S 216 -52.03 19.12 38.04
N ASN S 217 -51.29 19.45 39.11
CA ASN S 217 -51.55 19.04 40.50
C ASN S 217 -52.17 17.63 40.72
N THR S 218 -51.79 16.64 39.88
CA THR S 218 -52.41 15.30 39.86
C THR S 218 -51.64 14.24 40.67
N LYS S 219 -51.92 14.14 41.97
CA LYS S 219 -51.38 13.06 42.81
C LYS S 219 -52.33 11.87 42.69
N VAL S 220 -52.09 10.97 41.74
CA VAL S 220 -52.93 9.76 41.61
C VAL S 220 -52.18 8.46 41.94
N ASP S 221 -52.32 8.01 43.20
CA ASP S 221 -51.69 6.78 43.72
C ASP S 221 -52.62 5.60 43.46
N LYS S 222 -52.52 5.02 42.26
CA LYS S 222 -53.50 4.06 41.71
C LYS S 222 -52.90 2.67 41.45
N LYS S 223 -53.62 1.61 41.82
CA LYS S 223 -52.96 0.32 42.08
C LYS S 223 -53.21 -0.90 41.24
N VAL S 224 -52.36 -1.90 41.47
CA VAL S 224 -52.08 -2.97 40.52
C VAL S 224 -52.15 -4.31 41.23
N GLU S 225 -52.72 -5.29 40.56
CA GLU S 225 -52.84 -6.67 41.06
C GLU S 225 -53.38 -7.59 39.94
N PRO S 226 -53.04 -8.90 39.95
CA PRO S 226 -53.32 -9.79 38.81
C PRO S 226 -54.83 -10.02 38.54
N VAL T 2 -14.32 30.40 21.93
CA VAL T 2 -13.42 29.28 22.42
C VAL T 2 -14.16 27.97 22.48
N VAL T 3 -13.96 27.13 21.48
CA VAL T 3 -14.74 25.91 21.33
C VAL T 3 -13.99 24.70 21.83
N LEU T 4 -14.66 23.89 22.64
CA LEU T 4 -14.06 22.68 23.15
C LEU T 4 -14.74 21.54 22.49
N THR T 5 -14.01 20.91 21.59
CA THR T 5 -14.48 19.67 20.97
C THR T 5 -13.78 18.53 21.69
N GLN T 6 -14.55 17.61 22.24
CA GLN T 6 -13.90 16.55 23.00
C GLN T 6 -14.25 15.21 22.44
N SER T 7 -13.33 14.27 22.60
CA SER T 7 -13.42 13.00 21.93
C SER T 7 -12.85 11.94 22.85
N PRO T 8 -13.20 10.67 22.61
CA PRO T 8 -14.05 10.18 21.55
C PRO T 8 -15.51 10.30 21.93
N GLY T 9 -16.39 10.21 20.93
CA GLY T 9 -17.83 10.39 21.11
C GLY T 9 -18.33 9.69 22.37
N THR T 10 -18.49 8.38 22.27
CA THR T 10 -18.65 7.56 23.45
C THR T 10 -17.41 6.69 23.53
N LEU T 11 -17.31 5.93 24.61
CA LEU T 11 -16.35 4.84 24.62
C LEU T 11 -16.66 3.85 25.68
N ALA T 12 -16.51 2.59 25.29
CA ALA T 12 -16.87 1.46 26.09
C ALA T 12 -15.62 0.70 26.43
N LEU T 13 -15.38 0.50 27.73
CA LEU T 13 -14.24 -0.27 28.21
C LEU T 13 -14.64 -1.10 29.42
N PRO T 14 -14.02 -2.28 29.60
CA PRO T 14 -14.36 -3.15 30.72
C PRO T 14 -13.93 -2.59 32.07
N PRO T 15 -14.49 -3.08 33.19
CA PRO T 15 -14.02 -2.67 34.52
C PRO T 15 -12.56 -3.00 34.70
N GLY T 16 -11.83 -2.18 35.45
CA GLY T 16 -10.39 -2.34 35.64
C GLY T 16 -9.51 -2.00 34.44
N GLU T 17 -10.03 -1.27 33.47
CA GLU T 17 -9.25 -0.82 32.29
C GLU T 17 -9.05 0.68 32.50
N ARG T 18 -8.51 1.42 31.52
CA ARG T 18 -8.34 2.88 31.66
C ARG T 18 -8.94 3.74 30.56
N ALA T 19 -9.83 4.64 30.96
CA ALA T 19 -10.44 5.55 30.02
C ALA T 19 -9.55 6.73 29.96
N THR T 20 -9.40 7.23 28.76
CA THR T 20 -8.54 8.33 28.54
C THR T 20 -9.34 9.29 27.63
N LEU T 21 -9.84 10.37 28.23
CA LEU T 21 -10.70 11.34 27.53
C LEU T 21 -9.89 12.56 27.14
N SER T 22 -10.10 13.06 25.93
CA SER T 22 -9.43 14.24 25.49
C SER T 22 -10.43 15.38 25.39
N CYS T 23 -9.89 16.59 25.28
CA CYS T 23 -10.64 17.84 25.17
C CYS T 23 -9.74 18.82 24.50
N ARG T 24 -9.86 18.91 23.17
CA ARG T 24 -9.06 19.85 22.42
C ARG T 24 -9.79 21.20 22.39
N ALA T 25 -9.06 22.29 22.57
CA ALA T 25 -9.63 23.62 22.59
C ALA T 25 -9.22 24.39 21.35
N SER T 26 -10.12 25.23 20.85
CA SER T 26 -9.85 25.99 19.63
C SER T 26 -8.86 27.13 19.86
N HIS T 27 -8.57 27.48 21.11
CA HIS T 27 -7.58 28.51 21.37
C HIS T 27 -6.79 28.08 22.60
N ARG T 28 -5.63 28.69 22.86
CA ARG T 28 -4.83 28.32 24.04
C ARG T 28 -5.52 28.81 25.29
N VAL T 29 -5.29 28.14 26.41
CA VAL T 29 -6.00 28.41 27.66
C VAL T 29 -5.14 28.06 28.85
N GLY T 30 -5.20 28.87 29.88
CA GLY T 30 -4.42 28.56 31.08
C GLY T 30 -4.80 27.18 31.63
N SER T 31 -3.81 26.45 32.12
CA SER T 31 -4.10 25.19 32.80
C SER T 31 -4.97 25.41 34.06
N THR T 32 -5.17 26.67 34.46
CA THR T 32 -5.83 26.98 35.74
C THR T 32 -7.33 27.22 35.54
N TYR T 33 -7.73 27.40 34.28
CA TYR T 33 -9.11 27.73 34.00
C TYR T 33 -9.86 26.56 33.37
N ILE T 34 -9.43 25.35 33.68
CA ILE T 34 -10.10 24.16 33.13
C ILE T 34 -10.72 23.31 34.25
N ALA T 35 -11.85 22.70 33.94
CA ALA T 35 -12.51 21.85 34.89
C ALA T 35 -13.24 20.72 34.17
N TRP T 36 -13.38 19.60 34.87
CA TRP T 36 -14.02 18.42 34.35
C TRP T 36 -15.16 18.05 35.26
N TYR T 37 -16.23 17.53 34.68
CA TYR T 37 -17.40 17.16 35.42
C TYR T 37 -17.90 15.81 34.96
N GLN T 38 -18.60 15.15 35.88
CA GLN T 38 -19.27 13.90 35.59
C GLN T 38 -20.77 14.11 35.85
N GLN T 39 -21.63 13.51 35.03
CA GLN T 39 -23.07 13.70 35.18
C GLN T 39 -23.84 12.45 34.81
N LYS T 40 -24.53 11.88 35.81
CA LYS T 40 -25.40 10.70 35.62
C LYS T 40 -26.81 11.21 35.51
N SER T 41 -27.52 10.84 34.46
CA SER T 41 -28.73 11.58 34.06
C SER T 41 -29.73 11.63 35.20
N GLY T 42 -30.43 12.76 35.28
CA GLY T 42 -31.26 13.10 36.44
C GLY T 42 -30.59 14.17 37.28
N GLN T 43 -29.59 13.76 38.04
CA GLN T 43 -28.87 14.68 38.92
C GLN T 43 -28.06 15.77 38.20
N ALA T 44 -27.58 16.73 38.98
CA ALA T 44 -26.79 17.85 38.48
C ALA T 44 -25.33 17.44 38.29
N PRO T 45 -24.55 18.23 37.52
CA PRO T 45 -23.13 17.92 37.26
C PRO T 45 -22.26 17.97 38.49
N ARG T 46 -21.41 16.94 38.64
CA ARG T 46 -20.56 16.79 39.80
C ARG T 46 -19.18 17.01 39.31
N ARG T 47 -18.44 17.82 40.05
CA ARG T 47 -17.20 18.33 39.55
C ARG T 47 -16.02 17.47 39.98
N LEU T 48 -15.33 16.88 39.00
CA LEU T 48 -14.20 16.01 39.26
C LEU T 48 -12.90 16.77 39.46
N ILE T 49 -12.51 17.54 38.45
CA ILE T 49 -11.19 18.16 38.43
C ILE T 49 -11.28 19.68 38.25
N TYR T 50 -10.45 20.43 38.98
CA TYR T 50 -10.31 21.85 38.74
C TYR T 50 -8.85 22.22 38.53
N GLY T 51 -8.67 23.25 37.71
CA GLY T 51 -7.37 23.70 37.29
C GLY T 51 -6.66 22.66 36.45
N ALA T 52 -7.42 21.88 35.71
CA ALA T 52 -6.90 20.83 34.81
C ALA T 52 -6.28 19.62 35.48
N SER T 53 -5.68 19.82 36.67
CA SER T 53 -4.86 18.82 37.34
C SER T 53 -5.37 18.28 38.65
N ASN T 54 -6.20 19.04 39.38
CA ASN T 54 -6.49 18.72 40.79
C ASN T 54 -7.85 18.12 41.03
N ARG T 55 -7.91 17.15 41.93
CA ARG T 55 -9.19 16.58 42.29
C ARG T 55 -9.93 17.49 43.24
N ALA T 56 -11.23 17.65 43.06
CA ALA T 56 -12.06 18.22 44.12
C ALA T 56 -12.20 17.18 45.20
N THR T 57 -12.69 17.62 46.34
CA THR T 57 -12.66 16.79 47.53
C THR T 57 -13.70 15.67 47.48
N ASP T 58 -13.44 14.64 48.26
CA ASP T 58 -14.23 13.40 48.29
C ASP T 58 -14.26 12.66 46.92
N ILE T 59 -13.21 12.85 46.11
CA ILE T 59 -13.08 12.17 44.84
C ILE T 59 -11.95 11.15 44.80
N PRO T 60 -12.26 9.92 44.41
CA PRO T 60 -11.23 8.88 44.35
C PRO T 60 -10.10 9.23 43.40
N ASP T 61 -8.97 8.59 43.59
CA ASP T 61 -7.74 8.98 42.91
C ASP T 61 -7.61 8.28 41.58
N ARG T 62 -8.59 7.43 41.29
CA ARG T 62 -8.78 6.88 39.95
C ARG T 62 -8.84 8.03 38.96
N PHE T 63 -9.51 9.11 39.38
CA PHE T 63 -9.64 10.32 38.57
C PHE T 63 -8.40 11.20 38.66
N SER T 64 -7.94 11.69 37.53
CA SER T 64 -6.82 12.61 37.48
C SER T 64 -6.79 13.32 36.14
N GLY T 65 -6.18 14.50 36.08
CA GLY T 65 -6.22 15.28 34.85
C GLY T 65 -4.90 15.89 34.49
N SER T 66 -4.78 16.32 33.24
CA SER T 66 -3.57 16.96 32.77
C SER T 66 -3.81 17.68 31.46
N GLY T 67 -2.79 18.43 31.04
CA GLY T 67 -2.87 19.17 29.80
C GLY T 67 -2.13 20.49 29.78
N SER T 68 -1.73 20.86 28.59
CA SER T 68 -0.87 21.97 28.40
C SER T 68 -1.50 22.78 27.31
N GLY T 69 -1.97 23.97 27.65
CA GLY T 69 -2.31 24.98 26.65
C GLY T 69 -3.52 24.71 25.78
N THR T 70 -3.51 23.61 25.03
CA THR T 70 -4.60 23.37 24.11
C THR T 70 -5.20 21.96 24.16
N ASP T 71 -4.45 20.97 24.65
CA ASP T 71 -4.95 19.59 24.77
C ASP T 71 -5.10 19.19 26.21
N PHE T 72 -6.33 19.14 26.70
CA PHE T 72 -6.56 18.70 28.08
C PHE T 72 -7.19 17.35 28.10
N THR T 73 -6.82 16.55 29.09
CA THR T 73 -7.24 15.16 29.13
C THR T 73 -7.59 14.74 30.56
N LEU T 74 -8.58 13.87 30.68
CA LEU T 74 -9.01 13.33 31.97
C LEU T 74 -8.85 11.85 31.90
N THR T 75 -8.20 11.28 32.92
CA THR T 75 -7.90 9.84 32.97
C THR T 75 -8.54 9.21 34.19
N ILE T 76 -9.40 8.22 33.95
CA ILE T 76 -9.97 7.40 35.00
C ILE T 76 -9.12 6.14 34.99
N ARG T 77 -8.38 5.89 36.06
CA ARG T 77 -7.20 5.02 35.98
C ARG T 77 -7.58 3.54 36.00
N ARG T 78 -8.58 3.19 36.83
CA ARG T 78 -9.13 1.83 36.80
C ARG T 78 -10.64 1.80 37.01
N LEU T 79 -11.37 1.62 35.90
CA LEU T 79 -12.81 1.87 35.83
C LEU T 79 -13.58 1.04 36.82
N GLU T 80 -14.72 1.56 37.25
CA GLU T 80 -15.67 0.82 38.07
C GLU T 80 -17.02 0.88 37.39
N PRO T 81 -17.99 0.09 37.87
CA PRO T 81 -19.32 0.14 37.23
C PRO T 81 -20.07 1.40 37.66
N GLU T 82 -19.66 1.91 38.82
CA GLU T 82 -20.01 3.23 39.31
C GLU T 82 -19.78 4.37 38.32
N ASP T 83 -18.86 4.21 37.35
CA ASP T 83 -18.38 5.34 36.54
C ASP T 83 -19.07 5.60 35.21
N SER T 84 -20.08 4.80 34.87
CA SER T 84 -20.76 5.01 33.61
C SER T 84 -21.55 6.33 33.68
N ALA T 85 -21.10 7.31 32.88
CA ALA T 85 -21.64 8.65 32.93
C ALA T 85 -21.21 9.45 31.71
N VAL T 86 -21.58 10.73 31.67
CA VAL T 86 -21.10 11.61 30.64
C VAL T 86 -20.08 12.49 31.33
N TYR T 87 -19.07 12.92 30.60
CA TYR T 87 -18.01 13.74 31.16
C TYR T 87 -17.89 15.02 30.32
N TYR T 88 -17.89 16.17 30.99
CA TYR T 88 -17.82 17.45 30.30
C TYR T 88 -16.57 18.19 30.70
N CYS T 89 -15.77 18.68 29.74
CA CYS T 89 -14.71 19.65 30.09
C CYS T 89 -15.33 21.04 29.95
N GLN T 90 -14.76 22.00 30.66
CA GLN T 90 -15.26 23.35 30.65
C GLN T 90 -14.10 24.31 30.82
N GLN T 91 -14.14 25.44 30.13
CA GLN T 91 -13.18 26.49 30.38
C GLN T 91 -13.88 27.78 30.82
N PHE T 92 -13.23 28.53 31.69
CA PHE T 92 -13.76 29.80 32.14
C PHE T 92 -12.68 30.84 32.21
N SER T 93 -11.85 30.83 31.17
CA SER T 93 -10.79 31.82 30.98
C SER T 93 -11.37 32.98 30.20
N VAL T 94 -12.21 32.67 29.21
CA VAL T 94 -12.68 33.66 28.26
C VAL T 94 -14.19 33.67 28.08
N SER T 95 -14.81 34.81 28.42
CA SER T 95 -16.26 34.95 28.25
C SER T 95 -16.59 34.76 26.78
N PRO T 96 -17.58 33.95 26.46
CA PRO T 96 -18.41 33.14 27.33
C PRO T 96 -17.73 31.87 27.85
N TRP T 97 -17.76 31.66 29.17
CA TRP T 97 -17.43 30.34 29.73
C TRP T 97 -18.16 29.23 28.85
N THR T 98 -17.45 28.16 28.44
CA THR T 98 -17.99 27.17 27.50
C THR T 98 -17.72 25.76 27.94
N PHE T 99 -18.54 24.85 27.45
CA PHE T 99 -18.47 23.45 27.83
C PHE T 99 -18.16 22.60 26.62
N GLY T 100 -17.81 21.35 26.88
CA GLY T 100 -17.53 20.42 25.83
C GLY T 100 -18.80 19.76 25.32
N GLN T 101 -18.62 19.08 24.19
CA GLN T 101 -19.63 18.22 23.58
C GLN T 101 -20.14 17.20 24.58
N GLY T 102 -19.22 16.56 25.27
CA GLY T 102 -19.50 15.52 26.24
C GLY T 102 -19.07 14.15 25.72
N THR T 103 -18.20 13.46 26.47
CA THR T 103 -17.79 12.08 26.16
C THR T 103 -18.59 11.15 27.06
N ARG T 104 -19.27 10.18 26.47
CA ARG T 104 -19.98 9.16 27.27
C ARG T 104 -19.04 8.05 27.63
N VAL T 105 -19.16 7.51 28.84
CA VAL T 105 -18.42 6.29 29.20
C VAL T 105 -19.37 5.18 29.59
N GLU T 106 -19.29 4.07 28.83
CA GLU T 106 -20.07 2.88 29.05
C GLU T 106 -19.06 1.88 29.52
N ILE T 107 -19.34 1.19 30.61
CA ILE T 107 -18.46 0.11 31.03
C ILE T 107 -18.89 -1.17 30.33
N LYS T 108 -17.92 -1.93 29.83
CA LYS T 108 -18.16 -3.03 28.90
C LYS T 108 -18.02 -4.33 29.68
N ARG T 109 -19.12 -4.76 30.28
CA ARG T 109 -19.21 -5.99 31.04
C ARG T 109 -19.49 -7.16 30.11
N THR T 110 -19.65 -8.36 30.67
CA THR T 110 -20.00 -9.57 29.90
C THR T 110 -21.44 -9.60 29.39
N VAL T 111 -21.67 -10.41 28.36
CA VAL T 111 -22.97 -10.47 27.69
C VAL T 111 -24.05 -10.88 28.72
N ALA T 112 -25.29 -10.45 28.49
CA ALA T 112 -26.43 -10.80 29.33
C ALA T 112 -27.74 -10.80 28.50
N ALA T 113 -28.55 -11.86 28.61
CA ALA T 113 -29.79 -11.97 27.81
C ALA T 113 -30.92 -11.19 28.46
N PRO T 114 -31.86 -10.70 27.64
CA PRO T 114 -32.98 -9.98 28.21
C PRO T 114 -34.01 -10.91 28.81
N SER T 115 -34.52 -10.60 29.99
CA SER T 115 -35.71 -11.27 30.48
C SER T 115 -36.93 -10.63 29.79
N VAL T 116 -37.60 -11.35 28.89
CA VAL T 116 -38.75 -10.77 28.15
C VAL T 116 -40.10 -10.97 28.89
N PHE T 117 -40.86 -9.89 28.99
CA PHE T 117 -42.20 -9.90 29.54
C PHE T 117 -43.15 -9.13 28.61
N ILE T 118 -44.33 -9.70 28.31
CA ILE T 118 -45.39 -8.97 27.61
C ILE T 118 -46.46 -8.54 28.60
N PHE T 119 -47.13 -7.46 28.26
CA PHE T 119 -48.22 -6.97 29.06
C PHE T 119 -49.40 -6.58 28.16
N PRO T 120 -50.51 -7.33 28.28
CA PRO T 120 -51.77 -6.85 27.74
C PRO T 120 -52.24 -5.49 28.28
N PRO T 121 -53.06 -4.78 27.50
CA PRO T 121 -53.64 -3.51 27.95
C PRO T 121 -54.71 -3.67 29.03
N SER T 122 -54.74 -2.71 29.95
CA SER T 122 -55.66 -2.74 31.07
C SER T 122 -57.15 -2.63 30.69
N ASP T 123 -58.01 -3.33 31.43
CA ASP T 123 -59.44 -3.21 31.25
C ASP T 123 -59.93 -1.78 31.57
N GLU T 124 -59.26 -1.10 32.49
CA GLU T 124 -59.54 0.32 32.73
C GLU T 124 -59.25 1.15 31.46
N GLN T 125 -58.17 0.83 30.75
CA GLN T 125 -57.75 1.58 29.54
C GLN T 125 -58.63 1.28 28.35
N LEU T 126 -58.90 0.01 28.15
CA LEU T 126 -59.69 -0.39 26.99
C LEU T 126 -60.90 0.49 26.84
N LYS T 127 -61.72 0.53 27.88
CA LYS T 127 -63.01 1.25 27.79
C LYS T 127 -62.84 2.76 27.58
N SER T 128 -61.70 3.33 27.98
CA SER T 128 -61.44 4.77 27.73
C SER T 128 -61.15 5.08 26.24
N GLY T 129 -60.96 4.05 25.41
CA GLY T 129 -60.97 4.21 23.95
C GLY T 129 -59.74 3.86 23.10
N THR T 130 -58.60 3.57 23.70
CA THR T 130 -57.44 3.01 22.93
C THR T 130 -56.74 1.91 23.73
N ALA T 131 -55.79 1.23 23.07
CA ALA T 131 -55.08 0.10 23.65
C ALA T 131 -53.57 0.20 23.42
N SER T 132 -52.79 -0.12 24.47
CA SER T 132 -51.34 -0.01 24.44
C SER T 132 -50.71 -1.30 24.95
N VAL T 133 -50.12 -2.07 24.04
CA VAL T 133 -49.42 -3.31 24.40
C VAL T 133 -47.96 -3.01 24.67
N VAL T 134 -47.49 -3.45 25.83
CA VAL T 134 -46.14 -3.15 26.30
C VAL T 134 -45.35 -4.43 26.29
N CYS T 135 -44.11 -4.35 25.82
CA CYS T 135 -43.17 -5.47 25.87
C CYS T 135 -41.90 -5.02 26.52
N LEU T 136 -41.41 -5.78 27.51
CA LEU T 136 -40.32 -5.32 28.40
C LEU T 136 -39.14 -6.27 28.36
N LEU T 137 -37.97 -5.73 28.07
CA LEU T 137 -36.72 -6.49 28.04
C LEU T 137 -35.93 -6.00 29.22
N ASN T 138 -35.60 -6.88 30.14
CA ASN T 138 -35.10 -6.44 31.44
C ASN T 138 -33.71 -6.98 31.85
N ASN T 139 -32.80 -6.06 32.17
CA ASN T 139 -31.42 -6.33 32.69
C ASN T 139 -30.51 -7.14 31.75
N PHE T 140 -30.20 -6.53 30.59
CA PHE T 140 -29.39 -7.13 29.52
C PHE T 140 -28.11 -6.33 29.20
N TYR T 141 -27.17 -6.95 28.48
CA TYR T 141 -26.02 -6.24 27.95
C TYR T 141 -25.46 -6.96 26.73
N PRO T 142 -25.10 -6.24 25.67
CA PRO T 142 -25.10 -4.78 25.45
C PRO T 142 -26.46 -4.15 25.08
N ARG T 143 -26.40 -2.85 24.82
CA ARG T 143 -27.55 -2.07 24.44
C ARG T 143 -28.29 -2.62 23.23
N GLU T 144 -27.57 -3.13 22.21
CA GLU T 144 -28.17 -3.44 20.89
C GLU T 144 -29.08 -4.63 20.94
N ALA T 145 -30.39 -4.38 20.95
CA ALA T 145 -31.37 -5.44 21.04
C ALA T 145 -32.58 -5.05 20.20
N LYS T 146 -32.98 -5.92 19.26
CA LYS T 146 -34.12 -5.62 18.41
C LYS T 146 -35.42 -6.16 19.04
N VAL T 147 -36.52 -5.48 18.74
CA VAL T 147 -37.84 -5.90 19.15
C VAL T 147 -38.72 -5.84 17.90
N GLN T 148 -39.48 -6.90 17.61
CA GLN T 148 -40.39 -6.85 16.50
C GLN T 148 -41.77 -7.30 16.99
N TRP T 149 -42.84 -6.69 16.48
CA TRP T 149 -44.20 -7.04 16.87
C TRP T 149 -44.96 -7.90 15.83
N LYS T 150 -46.01 -8.59 16.27
CA LYS T 150 -46.87 -9.39 15.38
C LYS T 150 -48.32 -9.40 15.87
N VAL T 151 -49.28 -9.28 14.96
CA VAL T 151 -50.70 -9.30 15.33
C VAL T 151 -51.43 -10.36 14.50
N ASP T 152 -51.55 -11.58 15.08
CA ASP T 152 -51.92 -12.78 14.34
C ASP T 152 -50.89 -12.93 13.22
N ASN T 153 -49.62 -12.89 13.62
CA ASN T 153 -48.46 -12.89 12.72
C ASN T 153 -48.37 -11.79 11.70
N ALA T 154 -49.34 -10.87 11.69
CA ALA T 154 -49.27 -9.68 10.86
C ALA T 154 -48.15 -8.78 11.40
N LEU T 155 -47.04 -8.73 10.67
CA LEU T 155 -45.81 -8.06 11.08
C LEU T 155 -45.90 -6.52 11.10
N GLN T 156 -45.79 -5.91 12.29
CA GLN T 156 -46.09 -4.48 12.48
C GLN T 156 -44.85 -3.61 12.36
N SER T 157 -45.04 -2.33 12.01
CA SER T 157 -43.92 -1.35 12.01
C SER T 157 -44.36 0.12 11.87
N GLY T 158 -43.75 1.00 12.66
CA GLY T 158 -44.13 2.41 12.68
C GLY T 158 -45.36 2.73 13.49
N ASN T 159 -45.89 1.74 14.24
CA ASN T 159 -46.88 1.99 15.28
C ASN T 159 -46.38 1.51 16.64
N SER T 160 -45.14 1.05 16.69
CA SER T 160 -44.45 0.81 17.96
C SER T 160 -43.47 1.95 18.20
N GLN T 161 -43.01 2.10 19.44
CA GLN T 161 -42.12 3.20 19.83
C GLN T 161 -41.43 2.85 21.13
N GLU T 162 -40.12 2.97 21.21
CA GLU T 162 -39.38 2.36 22.34
C GLU T 162 -38.51 3.33 23.12
N SER T 163 -38.17 2.91 24.32
CA SER T 163 -37.54 3.79 25.32
C SER T 163 -36.62 3.00 26.22
N VAL T 164 -35.34 3.37 26.24
CA VAL T 164 -34.30 2.57 26.88
C VAL T 164 -33.86 3.24 28.13
N THR T 165 -33.67 2.46 29.18
CA THR T 165 -33.11 2.96 30.43
C THR T 165 -31.62 3.29 30.21
N GLU T 166 -31.02 4.08 31.10
CA GLU T 166 -29.57 4.30 31.05
C GLU T 166 -28.85 3.16 31.78
N GLN T 167 -27.59 2.94 31.42
CA GLN T 167 -26.80 1.82 31.98
C GLN T 167 -26.91 1.86 33.48
N ASP T 168 -26.99 0.70 34.10
CA ASP T 168 -27.10 0.66 35.56
C ASP T 168 -25.73 0.88 36.18
N SER T 169 -25.71 1.55 37.32
CA SER T 169 -24.47 1.87 38.00
C SER T 169 -23.93 0.72 38.83
N LYS T 170 -24.76 -0.29 39.11
CA LYS T 170 -24.30 -1.51 39.84
C LYS T 170 -23.81 -2.63 38.93
N ASP T 171 -24.69 -3.10 38.05
CA ASP T 171 -24.44 -4.29 37.25
C ASP T 171 -24.20 -3.97 35.78
N SER T 172 -24.36 -2.70 35.42
CA SER T 172 -24.07 -2.22 34.07
C SER T 172 -24.92 -2.92 32.99
N THR T 173 -26.23 -2.93 33.23
CA THR T 173 -27.23 -3.45 32.28
C THR T 173 -28.34 -2.45 32.00
N TYR T 174 -28.76 -2.41 30.75
CA TYR T 174 -29.85 -1.59 30.33
C TYR T 174 -31.19 -2.36 30.48
N SER T 175 -32.28 -1.73 30.03
CA SER T 175 -33.67 -2.25 30.10
C SER T 175 -34.49 -1.46 29.08
N LEU T 176 -35.36 -2.16 28.36
CA LEU T 176 -36.03 -1.55 27.22
C LEU T 176 -37.50 -1.78 27.36
N SER T 177 -38.29 -0.85 26.83
CA SER T 177 -39.71 -1.06 26.73
C SER T 177 -40.18 -0.47 25.42
N SER T 178 -40.69 -1.33 24.51
CA SER T 178 -41.40 -0.85 23.33
C SER T 178 -42.92 -0.96 23.56
N THR T 179 -43.68 -0.13 22.86
CA THR T 179 -45.08 0.00 23.08
C THR T 179 -45.80 0.05 21.75
N LEU T 180 -46.62 -0.96 21.50
CA LEU T 180 -47.47 -0.99 20.35
C LEU T 180 -48.75 -0.20 20.68
N THR T 181 -49.10 0.78 19.84
CA THR T 181 -50.36 1.55 20.01
C THR T 181 -51.41 1.25 18.90
N LEU T 182 -52.61 0.85 19.33
CA LEU T 182 -53.71 0.55 18.42
C LEU T 182 -54.97 1.35 18.77
N SER T 183 -56.02 1.18 17.98
CA SER T 183 -57.37 1.62 18.34
C SER T 183 -58.13 0.46 19.03
N LYS T 184 -58.97 0.78 20.03
CA LYS T 184 -59.78 -0.26 20.70
C LYS T 184 -60.48 -1.05 19.61
N ALA T 185 -60.80 -0.38 18.50
CA ALA T 185 -61.42 -1.02 17.32
C ALA T 185 -60.55 -2.10 16.67
N ASP T 186 -59.26 -1.80 16.50
CA ASP T 186 -58.28 -2.75 15.90
C ASP T 186 -57.81 -3.80 16.89
N TYR T 187 -57.63 -3.42 18.14
CA TYR T 187 -57.22 -4.36 19.16
C TYR T 187 -58.34 -5.41 19.41
N GLU T 188 -59.60 -4.98 19.62
CA GLU T 188 -60.74 -5.90 19.75
C GLU T 188 -61.12 -6.50 18.38
N LYS T 189 -60.13 -6.71 17.52
CA LYS T 189 -60.32 -7.46 16.27
C LYS T 189 -59.32 -8.61 16.03
N HIS T 190 -58.22 -8.67 16.77
CA HIS T 190 -57.19 -9.71 16.57
C HIS T 190 -56.81 -10.44 17.88
N LYS T 191 -56.40 -11.71 17.75
CA LYS T 191 -56.25 -12.61 18.90
C LYS T 191 -54.82 -12.66 19.46
N VAL T 192 -53.86 -13.02 18.61
CA VAL T 192 -52.47 -13.33 19.01
C VAL T 192 -51.52 -12.15 18.88
N TYR T 193 -51.18 -11.52 20.00
CA TYR T 193 -50.25 -10.38 20.03
C TYR T 193 -48.89 -10.85 20.56
N ALA T 194 -47.83 -10.65 19.78
CA ALA T 194 -46.55 -11.32 20.06
C ALA T 194 -45.30 -10.46 19.80
N CYS T 195 -44.36 -10.53 20.74
CA CYS T 195 -43.20 -9.62 20.81
C CYS T 195 -41.90 -10.41 20.66
N GLU T 196 -41.32 -10.42 19.46
CA GLU T 196 -40.10 -11.22 19.15
C GLU T 196 -38.81 -10.42 19.30
N VAL T 197 -37.83 -11.00 20.00
CA VAL T 197 -36.66 -10.26 20.49
C VAL T 197 -35.35 -10.87 20.06
N THR T 198 -34.60 -10.16 19.22
CA THR T 198 -33.29 -10.62 18.79
C THR T 198 -32.24 -9.88 19.57
N HIS T 199 -31.24 -10.60 20.02
CA HIS T 199 -30.16 -10.01 20.84
C HIS T 199 -28.92 -10.86 20.86
N GLN T 200 -27.75 -10.23 21.08
CA GLN T 200 -26.47 -10.96 21.17
C GLN T 200 -26.44 -12.04 22.25
N GLY T 201 -27.20 -11.81 23.30
CA GLY T 201 -27.32 -12.78 24.39
C GLY T 201 -28.16 -14.01 24.07
N LEU T 202 -29.00 -13.94 23.04
CA LEU T 202 -29.88 -15.05 22.65
C LEU T 202 -29.34 -15.70 21.38
N SER T 203 -28.92 -16.95 21.49
CA SER T 203 -28.40 -17.69 20.34
C SER T 203 -29.41 -17.83 19.18
N SER T 204 -30.71 -17.66 19.46
CA SER T 204 -31.71 -17.44 18.41
C SER T 204 -32.94 -16.72 19.01
N PRO T 205 -33.52 -15.77 18.25
CA PRO T 205 -34.60 -14.91 18.74
C PRO T 205 -35.54 -15.61 19.69
N VAL T 206 -36.20 -14.82 20.54
CA VAL T 206 -37.14 -15.36 21.50
C VAL T 206 -38.41 -14.51 21.58
N THR T 207 -39.54 -15.15 21.31
CA THR T 207 -40.83 -14.50 21.29
C THR T 207 -41.57 -14.83 22.56
N LYS T 208 -42.18 -13.83 23.17
CA LYS T 208 -43.24 -14.05 24.14
C LYS T 208 -44.53 -13.46 23.55
N SER T 209 -45.67 -14.13 23.75
CA SER T 209 -46.95 -13.73 23.15
C SER T 209 -48.17 -13.95 24.06
N PHE T 210 -49.34 -13.53 23.59
CA PHE T 210 -50.57 -13.74 24.34
C PHE T 210 -51.81 -13.68 23.46
N ASN T 211 -52.82 -14.46 23.85
CA ASN T 211 -54.11 -14.46 23.17
C ASN T 211 -55.14 -13.59 23.86
N ARG T 212 -55.75 -12.69 23.09
CA ARG T 212 -56.61 -11.66 23.64
C ARG T 212 -57.83 -12.22 24.37
N GLY T 213 -58.10 -11.70 25.57
CA GLY T 213 -59.26 -12.12 26.40
C GLY T 213 -58.89 -13.02 27.57
N GLU T 214 -57.67 -13.54 27.55
CA GLU T 214 -57.22 -14.55 28.51
C GLU T 214 -56.01 -14.03 29.27
N GLN U 1 42.87 64.41 58.78
CA GLN U 1 42.84 63.20 57.92
C GLN U 1 41.38 62.87 57.65
N VAL U 2 40.69 62.25 58.60
CA VAL U 2 39.22 62.11 58.55
C VAL U 2 38.75 61.74 59.92
N GLN U 3 38.00 62.58 60.60
CA GLN U 3 37.62 62.17 61.96
C GLN U 3 36.34 62.77 62.48
N LEU U 4 35.87 62.20 63.58
CA LEU U 4 34.58 62.48 64.15
C LEU U 4 34.78 62.63 65.65
N VAL U 5 34.86 63.86 66.14
CA VAL U 5 35.05 64.09 67.59
C VAL U 5 33.73 64.45 68.22
N GLN U 6 33.26 63.64 69.16
CA GLN U 6 31.96 63.84 69.79
C GLN U 6 32.09 64.62 71.08
N SER U 7 30.96 65.00 71.67
CA SER U 7 30.97 65.77 72.93
C SER U 7 31.20 64.88 74.16
N GLY U 8 31.62 65.49 75.27
CA GLY U 8 31.89 64.78 76.51
C GLY U 8 30.62 64.27 77.16
N ALA U 9 30.78 63.26 78.04
CA ALA U 9 29.65 62.58 78.68
C ALA U 9 28.71 63.57 79.36
N GLU U 10 27.41 63.41 79.14
CA GLU U 10 26.38 64.22 79.81
C GLU U 10 25.64 63.29 80.81
N VAL U 11 25.00 63.91 81.80
CA VAL U 11 24.22 63.18 82.79
C VAL U 11 22.91 63.90 83.04
N LYS U 12 21.80 63.19 82.88
CA LYS U 12 20.48 63.80 82.87
C LYS U 12 19.45 62.96 83.62
N LYS U 13 18.35 63.59 84.00
CA LYS U 13 17.38 62.95 84.89
C LYS U 13 16.11 62.56 84.14
N PRO U 14 15.42 61.48 84.58
CA PRO U 14 14.33 60.83 83.85
C PRO U 14 13.44 61.72 82.95
N GLY U 15 13.06 62.89 83.41
CA GLY U 15 12.22 63.76 82.56
C GLY U 15 12.92 64.36 81.36
N ALA U 16 14.04 65.02 81.65
CA ALA U 16 14.70 65.96 80.73
C ALA U 16 15.07 65.32 79.40
N SER U 17 15.74 66.12 78.57
CA SER U 17 16.25 65.67 77.29
C SER U 17 17.77 65.87 77.21
N VAL U 18 18.34 65.68 76.02
CA VAL U 18 19.80 65.72 75.83
C VAL U 18 20.12 66.06 74.38
N LYS U 19 21.30 66.64 74.14
CA LYS U 19 21.82 66.93 72.79
C LYS U 19 23.31 66.57 72.71
N VAL U 20 23.67 65.80 71.68
CA VAL U 20 25.04 65.30 71.52
C VAL U 20 25.58 65.79 70.18
N SER U 21 26.78 66.36 70.21
CA SER U 21 27.41 66.89 69.02
C SER U 21 28.40 65.88 68.44
N CYS U 22 28.63 65.96 67.14
CA CYS U 22 29.60 65.10 66.46
C CYS U 22 30.34 65.92 65.40
N LYS U 23 31.53 66.38 65.74
CA LYS U 23 32.27 67.27 64.84
C LYS U 23 33.07 66.48 63.83
N THR U 24 32.89 66.80 62.56
CA THR U 24 33.57 66.10 61.46
C THR U 24 34.64 66.95 60.81
N SER U 25 35.47 66.33 59.98
CA SER U 25 36.61 67.01 59.39
C SER U 25 37.36 66.03 58.52
N GLY U 26 38.15 66.57 57.60
CA GLY U 26 39.02 65.76 56.76
C GLY U 26 38.37 65.24 55.48
N TYR U 27 37.10 65.59 55.28
CA TYR U 27 36.34 65.15 54.09
C TYR U 27 35.23 66.19 53.92
N SER U 28 34.68 66.32 52.71
CA SER U 28 33.66 67.36 52.48
C SER U 28 32.28 66.97 53.06
N PHE U 29 31.90 67.67 54.13
CA PHE U 29 30.75 67.29 54.96
C PHE U 29 29.49 66.92 54.19
N SER U 30 29.23 67.59 53.08
CA SER U 30 27.90 67.48 52.44
C SER U 30 27.73 66.35 51.44
N THR U 31 28.76 65.54 51.18
CA THR U 31 28.59 64.40 50.22
C THR U 31 28.36 63.05 50.90
N TYR U 32 27.94 63.05 52.16
CA TYR U 32 27.83 61.85 52.98
C TYR U 32 26.88 62.11 54.14
N GLY U 33 25.93 61.22 54.33
CA GLY U 33 25.12 61.22 55.52
C GLY U 33 25.83 60.79 56.81
N VAL U 34 25.05 60.65 57.89
CA VAL U 34 25.57 60.26 59.19
C VAL U 34 24.64 59.25 59.84
N SER U 35 25.19 58.17 60.38
CA SER U 35 24.42 57.13 61.08
C SER U 35 24.71 57.25 62.58
N TRP U 36 23.69 57.01 63.40
CA TRP U 36 23.85 57.09 64.84
C TRP U 36 23.49 55.74 65.47
N VAL U 37 24.39 55.22 66.32
CA VAL U 37 24.20 53.93 66.96
C VAL U 37 24.49 54.09 68.44
N ARG U 38 23.70 53.44 69.30
CA ARG U 38 23.92 53.53 70.73
C ARG U 38 24.23 52.19 71.33
N GLN U 39 24.72 52.18 72.57
CA GLN U 39 25.18 50.93 73.19
C GLN U 39 25.02 50.88 74.71
N ALA U 40 23.93 50.24 75.14
CA ALA U 40 23.65 50.01 76.54
C ALA U 40 24.78 49.16 77.13
N PRO U 41 25.41 49.63 78.24
CA PRO U 41 26.65 48.97 78.69
C PRO U 41 26.56 47.45 78.71
N GLY U 42 27.51 46.76 78.10
CA GLY U 42 27.54 45.30 78.14
C GLY U 42 26.74 44.63 77.04
N GLN U 43 25.60 45.22 76.67
CA GLN U 43 24.87 44.78 75.46
C GLN U 43 25.56 45.20 74.14
N GLY U 44 25.06 44.69 73.00
CA GLY U 44 25.59 45.02 71.68
C GLY U 44 24.95 46.27 71.11
N PRO U 45 25.45 46.78 69.97
CA PRO U 45 24.97 48.07 69.43
C PRO U 45 23.56 47.94 68.88
N GLU U 46 22.77 49.00 69.00
CA GLU U 46 21.47 49.08 68.34
C GLU U 46 21.39 50.44 67.63
N TRP U 47 20.75 50.42 66.46
CA TRP U 47 20.74 51.58 65.56
C TRP U 47 19.69 52.58 65.98
N VAL U 48 20.01 53.86 65.84
CA VAL U 48 19.11 54.95 66.27
C VAL U 48 18.50 55.67 65.06
N GLY U 49 19.31 56.06 64.08
CA GLY U 49 18.80 56.77 62.90
C GLY U 49 19.88 57.25 61.93
N TRP U 50 19.45 57.92 60.87
CA TRP U 50 20.38 58.40 59.84
C TRP U 50 19.88 59.68 59.20
N ILE U 51 20.79 60.57 58.84
CA ILE U 51 20.41 61.85 58.28
C ILE U 51 21.39 62.17 57.19
N SER U 52 20.89 62.75 56.10
CA SER U 52 21.72 63.13 54.97
C SER U 52 22.18 64.57 55.07
N ALA U 53 23.46 64.82 54.85
CA ALA U 53 23.98 66.19 54.91
C ALA U 53 23.87 66.83 53.55
N TYR U 54 23.39 66.07 52.57
CA TYR U 54 23.19 66.59 51.23
C TYR U 54 21.76 67.03 51.05
N THR U 55 20.81 66.22 51.51
CA THR U 55 19.39 66.43 51.22
C THR U 55 18.54 66.70 52.45
N GLY U 56 19.14 66.66 53.63
CA GLY U 56 18.42 66.89 54.90
C GLY U 56 17.43 65.80 55.28
N ILE U 57 17.34 64.77 54.46
CA ILE U 57 16.45 63.65 54.70
C ILE U 57 16.86 62.89 55.96
N THR U 58 15.88 62.37 56.68
CA THR U 58 16.14 61.52 57.84
C THR U 58 15.37 60.20 57.78
N ASP U 59 15.89 59.21 58.50
CA ASP U 59 15.24 57.92 58.73
C ASP U 59 15.54 57.54 60.16
N TYR U 60 14.55 57.67 61.02
CA TYR U 60 14.72 57.30 62.41
C TYR U 60 14.29 55.85 62.52
N ALA U 61 14.90 55.12 63.45
CA ALA U 61 14.42 53.79 63.80
C ALA U 61 13.08 53.97 64.44
N GLN U 62 12.14 53.10 64.10
CA GLN U 62 10.77 53.25 64.59
C GLN U 62 10.60 53.05 66.11
N LYS U 63 11.59 52.43 66.76
CA LYS U 63 11.61 52.31 68.20
C LYS U 63 11.61 53.69 68.92
N PHE U 64 12.35 54.66 68.40
CA PHE U 64 12.49 55.97 69.05
C PHE U 64 11.46 56.99 68.57
N GLN U 65 10.99 56.84 67.34
CA GLN U 65 10.29 57.91 66.63
C GLN U 65 9.50 58.81 67.55
N GLY U 66 9.61 60.10 67.29
CA GLY U 66 9.09 61.12 68.18
C GLY U 66 10.18 61.63 69.09
N ARG U 67 10.78 60.72 69.87
CA ARG U 67 11.75 61.14 70.87
C ARG U 67 13.05 61.65 70.28
N VAL U 68 13.31 61.34 69.00
CA VAL U 68 14.62 61.61 68.44
C VAL U 68 14.61 62.55 67.23
N THR U 69 15.61 63.44 67.19
CA THR U 69 15.72 64.47 66.16
C THR U 69 17.17 64.63 65.75
N LEU U 70 17.44 64.38 64.47
CA LEU U 70 18.76 64.52 63.90
C LEU U 70 18.81 65.79 63.06
N THR U 71 19.91 66.52 63.19
CA THR U 71 20.12 67.76 62.43
C THR U 71 21.57 67.83 61.99
N THR U 72 21.88 68.74 61.06
CA THR U 72 23.28 69.03 60.69
C THR U 72 23.57 70.52 60.42
N ASP U 73 24.76 70.95 60.79
CA ASP U 73 25.23 72.33 60.60
C ASP U 73 26.44 72.30 59.66
N ALA U 74 26.22 72.71 58.41
CA ALA U 74 27.26 72.64 57.39
C ALA U 74 28.44 73.58 57.63
N THR U 75 28.21 74.73 58.26
CA THR U 75 29.29 75.68 58.59
C THR U 75 30.34 75.08 59.50
N THR U 76 29.90 74.61 60.66
CA THR U 76 30.82 74.00 61.63
C THR U 76 31.19 72.53 61.24
N ALA U 77 30.40 71.92 60.34
CA ALA U 77 30.59 70.53 59.85
C ALA U 77 30.26 69.52 60.96
N THR U 78 29.10 69.68 61.57
CA THR U 78 28.72 68.93 62.76
C THR U 78 27.31 68.38 62.63
N ALA U 79 27.14 67.13 63.03
CA ALA U 79 25.83 66.50 63.14
C ALA U 79 25.42 66.47 64.60
N PHE U 80 24.12 66.64 64.84
CA PHE U 80 23.59 66.68 66.20
C PHE U 80 22.52 65.62 66.38
N LEU U 81 22.34 65.18 67.62
CA LEU U 81 21.37 64.16 68.00
C LEU U 81 20.64 64.62 69.21
N ASP U 82 19.34 64.82 69.12
CA ASP U 82 18.54 65.26 70.28
C ASP U 82 17.55 64.21 70.69
N LEU U 83 17.61 63.79 71.95
CA LEU U 83 16.74 62.72 72.45
C LEU U 83 15.94 63.27 73.62
N ARG U 84 14.61 63.14 73.57
CA ARG U 84 13.72 63.73 74.59
C ARG U 84 13.08 62.66 75.45
N SER U 85 12.62 63.07 76.64
CA SER U 85 11.85 62.20 77.53
C SER U 85 12.69 61.01 78.00
N LEU U 86 13.95 61.26 78.31
CA LEU U 86 14.92 60.19 78.59
C LEU U 86 14.43 59.18 79.62
N ARG U 87 14.39 57.91 79.25
CA ARG U 87 14.09 56.85 80.23
C ARG U 87 15.44 56.43 80.82
N PRO U 88 15.41 55.72 81.95
CA PRO U 88 16.66 55.10 82.41
C PRO U 88 17.15 54.02 81.44
N ASP U 89 16.23 53.42 80.66
CA ASP U 89 16.57 52.53 79.50
C ASP U 89 17.65 53.14 78.60
N ASP U 90 17.53 54.44 78.30
CA ASP U 90 18.40 55.12 77.33
C ASP U 90 19.82 55.39 77.83
N THR U 91 20.12 55.00 79.07
CA THR U 91 21.47 55.10 79.58
C THR U 91 22.33 54.25 78.68
N ALA U 92 23.16 54.92 77.89
CA ALA U 92 24.04 54.20 76.99
C ALA U 92 25.12 55.14 76.47
N THR U 93 26.04 54.57 75.70
CA THR U 93 27.06 55.35 75.03
C THR U 93 26.59 55.50 73.55
N TYR U 94 26.70 56.72 73.02
CA TYR U 94 26.08 57.10 71.72
C TYR U 94 27.13 57.42 70.66
N PHE U 95 27.12 56.70 69.55
CA PHE U 95 28.12 56.86 68.46
C PHE U 95 27.54 57.47 67.20
N CYS U 96 28.30 58.35 66.56
CA CYS U 96 28.01 58.83 65.20
C CYS U 96 29.04 58.23 64.27
N ALA U 97 28.71 58.17 62.99
CA ALA U 97 29.58 57.52 62.02
C ALA U 97 29.18 57.93 60.60
N ARG U 98 30.16 58.18 59.72
CA ARG U 98 29.85 58.46 58.31
C ARG U 98 29.07 57.35 57.65
N ASP U 99 28.11 57.71 56.78
CA ASP U 99 27.24 56.70 56.16
C ASP U 99 26.49 57.19 54.93
N LYS U 100 26.35 56.29 53.97
CA LYS U 100 25.84 56.57 52.62
C LYS U 100 26.64 57.61 51.89
N VAL U 101 26.59 57.56 50.57
CA VAL U 101 27.27 58.53 49.74
C VAL U 101 26.23 59.27 48.95
N GLN U 102 26.28 60.58 48.98
CA GLN U 102 25.18 61.37 48.44
C GLN U 102 25.68 62.20 47.30
N GLY U 103 24.83 62.42 46.31
CA GLY U 103 25.18 63.28 45.19
C GLY U 103 26.05 62.51 44.23
N ARG U 104 27.35 62.40 44.58
CA ARG U 104 28.39 61.59 43.85
C ARG U 104 27.77 60.46 43.01
N VAL U 105 28.53 59.99 42.02
CA VAL U 105 28.15 58.84 41.20
C VAL U 105 27.40 57.82 42.08
N GLU U 106 28.10 56.77 42.53
CA GLU U 106 27.43 55.63 43.15
C GLU U 106 28.35 54.61 43.85
N VAL U 107 28.47 53.39 43.30
CA VAL U 107 28.71 52.18 44.11
C VAL U 107 29.39 51.01 43.38
N GLY U 108 29.71 49.92 44.09
CA GLY U 108 29.10 49.45 45.37
C GLY U 108 29.38 50.03 46.76
N SER U 109 28.78 49.44 47.78
CA SER U 109 28.77 49.91 49.19
C SER U 109 30.10 50.11 49.93
N GLY U 110 30.96 50.99 49.43
CA GLY U 110 32.24 51.32 50.07
C GLY U 110 32.11 52.29 51.23
N GLY U 111 30.98 52.26 51.91
CA GLY U 111 30.93 52.88 53.19
C GLY U 111 29.97 54.04 53.16
N ARG U 112 28.98 54.06 54.05
CA ARG U 112 28.57 52.90 54.87
C ARG U 112 29.41 52.56 56.12
N HIS U 113 29.40 53.51 57.04
CA HIS U 113 30.04 53.40 58.33
C HIS U 113 31.55 53.25 58.16
N ASP U 114 32.16 54.21 57.46
CA ASP U 114 33.62 54.26 57.25
C ASP U 114 34.34 54.47 58.57
N TYR U 115 33.95 55.54 59.26
CA TYR U 115 34.68 56.07 60.41
C TYR U 115 33.71 56.52 61.48
N TRP U 116 34.12 56.35 62.74
CA TRP U 116 33.23 56.49 63.89
C TRP U 116 33.70 57.52 64.93
N GLY U 117 32.74 58.02 65.71
CA GLY U 117 33.05 58.91 66.82
C GLY U 117 33.67 58.09 67.93
N GLN U 118 34.38 58.76 68.84
CA GLN U 118 34.99 58.06 69.95
C GLN U 118 33.94 57.63 70.99
N GLY U 119 32.68 58.04 70.82
CA GLY U 119 31.62 57.58 71.72
C GLY U 119 31.42 58.61 72.78
N THR U 120 30.18 58.73 73.27
CA THR U 120 29.83 59.78 74.23
C THR U 120 28.74 59.31 75.23
N LEU U 121 29.13 59.17 76.49
CA LEU U 121 28.35 58.42 77.47
C LEU U 121 27.15 59.27 77.90
N VAL U 122 25.95 58.70 77.91
CA VAL U 122 24.78 59.38 78.48
C VAL U 122 24.20 58.57 79.65
N ILE U 123 24.12 59.18 80.83
CA ILE U 123 23.56 58.50 82.00
C ILE U 123 22.26 59.15 82.43
N VAL U 124 21.21 58.34 82.45
CA VAL U 124 19.90 58.80 82.87
C VAL U 124 19.56 58.20 84.25
N SER U 125 19.88 58.95 85.30
CA SER U 125 19.65 58.56 86.70
C SER U 125 19.11 59.75 87.47
N SER U 126 18.30 59.49 88.50
CA SER U 126 17.73 60.56 89.33
C SER U 126 18.57 60.82 90.60
N ALA U 127 19.70 60.13 90.75
CA ALA U 127 20.52 60.25 91.96
C ALA U 127 21.44 61.48 91.93
N SER U 128 22.01 61.79 93.09
CA SER U 128 22.95 62.90 93.23
C SER U 128 24.34 62.56 92.71
N THR U 129 25.07 63.58 92.31
CA THR U 129 26.50 63.47 91.98
C THR U 129 27.32 63.50 93.27
N LYS U 130 28.37 62.67 93.32
CA LYS U 130 29.29 62.59 94.46
C LYS U 130 30.71 62.41 93.91
N GLY U 131 31.66 63.21 94.37
CA GLY U 131 33.06 63.08 93.96
C GLY U 131 33.74 61.91 94.67
N PRO U 132 34.79 61.35 94.07
CA PRO U 132 35.45 60.19 94.66
C PRO U 132 36.44 60.58 95.77
N SER U 133 36.62 59.68 96.74
CA SER U 133 37.78 59.74 97.65
C SER U 133 38.87 58.90 97.01
N VAL U 134 40.11 59.38 97.06
CA VAL U 134 41.24 58.63 96.49
C VAL U 134 42.19 58.22 97.61
N PHE U 135 42.28 56.92 97.83
CA PHE U 135 43.11 56.35 98.90
C PHE U 135 44.30 55.63 98.31
N PRO U 136 45.46 55.76 98.96
CA PRO U 136 46.62 55.05 98.44
C PRO U 136 46.45 53.57 98.64
N LEU U 137 46.98 52.81 97.71
CA LEU U 137 46.90 51.39 97.73
C LEU U 137 48.32 50.93 98.10
N ALA U 138 48.62 51.11 99.39
CA ALA U 138 49.97 51.01 99.96
C ALA U 138 50.74 49.73 99.61
N PRO U 139 51.96 49.87 99.05
CA PRO U 139 52.75 48.69 98.66
C PRO U 139 53.32 47.98 99.90
N GLY U 147 62.51 40.36 92.20
CA GLY U 147 61.35 40.64 93.03
C GLY U 147 60.43 41.67 92.41
N THR U 148 59.27 41.22 91.93
CA THR U 148 58.22 42.13 91.42
C THR U 148 57.31 42.62 92.56
N ALA U 149 56.87 43.87 92.49
CA ALA U 149 56.06 44.50 93.55
C ALA U 149 54.88 45.29 92.98
N ALA U 150 53.81 45.42 93.76
CA ALA U 150 52.54 46.00 93.29
C ALA U 150 52.09 47.20 94.12
N LEU U 151 51.48 48.19 93.48
CA LEU U 151 50.93 49.39 94.16
C LEU U 151 49.65 49.84 93.43
N GLY U 152 49.04 50.94 93.86
CA GLY U 152 47.84 51.47 93.16
C GLY U 152 47.14 52.69 93.75
N CYS U 153 45.89 52.90 93.31
CA CYS U 153 44.95 53.83 93.95
C CYS U 153 43.65 53.07 94.16
N LEU U 154 42.82 53.56 95.06
CA LEU U 154 41.46 53.07 95.22
C LEU U 154 40.55 54.29 95.12
N VAL U 155 39.75 54.35 94.06
CA VAL U 155 38.79 55.44 93.84
C VAL U 155 37.43 55.00 94.38
N LYS U 156 37.00 55.61 95.48
CA LYS U 156 35.90 55.07 96.28
C LYS U 156 34.73 56.04 96.45
N ASP U 157 33.52 55.47 96.44
CA ASP U 157 32.26 56.18 96.75
C ASP U 157 31.98 57.44 95.93
N TYR U 158 31.74 57.24 94.64
CA TYR U 158 31.40 58.31 93.69
C TYR U 158 30.18 57.96 92.85
N PHE U 159 29.59 58.96 92.21
CA PHE U 159 28.50 58.78 91.24
C PHE U 159 28.36 60.07 90.43
N PRO U 160 27.97 59.99 89.15
CA PRO U 160 27.82 58.77 88.36
C PRO U 160 29.14 58.49 87.66
N GLU U 161 29.11 57.57 86.71
CA GLU U 161 30.26 57.29 85.89
C GLU U 161 30.41 58.41 84.84
N PRO U 162 31.61 58.55 84.23
CA PRO U 162 32.82 57.76 84.40
C PRO U 162 33.91 58.43 85.26
N VAL U 163 34.89 57.62 85.66
CA VAL U 163 36.11 58.12 86.28
C VAL U 163 37.28 57.71 85.41
N THR U 164 38.12 58.69 85.07
CA THR U 164 39.28 58.43 84.25
C THR U 164 40.56 58.46 85.11
N VAL U 165 41.30 57.34 85.12
CA VAL U 165 42.52 57.19 85.90
C VAL U 165 43.72 56.89 85.01
N SER U 166 44.74 57.74 85.11
CA SER U 166 46.00 57.49 84.43
C SER U 166 47.15 57.67 85.42
N TRP U 167 48.39 57.51 84.95
CA TRP U 167 49.59 57.54 85.78
C TRP U 167 50.70 58.39 85.17
N ASN U 168 51.02 59.51 85.82
CA ASN U 168 52.12 60.40 85.41
C ASN U 168 51.78 61.14 84.12
N SER U 169 50.60 61.75 84.08
CA SER U 169 50.01 62.33 82.86
C SER U 169 49.90 61.32 81.69
N GLY U 170 50.01 60.03 81.98
CA GLY U 170 50.15 58.99 80.95
C GLY U 170 51.58 58.57 80.65
N ALA U 171 52.56 59.03 81.43
CA ALA U 171 53.98 58.70 81.19
C ALA U 171 54.28 57.25 81.52
N LEU U 172 53.58 56.69 82.51
CA LEU U 172 53.63 55.25 82.79
C LEU U 172 52.38 54.57 82.23
N THR U 173 52.58 53.86 81.13
CA THR U 173 51.52 53.13 80.47
C THR U 173 51.66 51.63 80.77
N SER U 174 52.89 51.13 80.75
CA SER U 174 53.14 49.68 80.83
C SER U 174 52.89 49.06 82.21
N GLY U 175 52.29 47.87 82.20
CA GLY U 175 52.02 47.07 83.42
C GLY U 175 50.92 47.62 84.32
N VAL U 176 49.97 48.36 83.75
CA VAL U 176 48.88 48.98 84.50
C VAL U 176 47.59 48.23 84.17
N HIS U 177 46.75 48.00 85.17
CA HIS U 177 45.44 47.42 84.94
C HIS U 177 44.46 48.28 85.72
N THR U 178 43.59 49.01 85.00
CA THR U 178 42.47 49.75 85.63
C THR U 178 41.17 48.97 85.46
N PHE U 179 40.55 48.65 86.59
CA PHE U 179 39.44 47.70 86.65
C PHE U 179 38.09 48.35 86.39
N PRO U 180 37.12 47.54 85.93
CA PRO U 180 35.72 47.93 85.81
C PRO U 180 35.19 48.49 87.11
N ALA U 181 34.46 49.59 87.03
CA ALA U 181 33.81 50.14 88.21
C ALA U 181 32.81 49.13 88.70
N VAL U 182 32.67 49.02 90.01
CA VAL U 182 31.75 48.04 90.58
C VAL U 182 30.74 48.80 91.43
N LEU U 183 29.46 48.48 91.22
CA LEU U 183 28.36 49.16 91.91
C LEU U 183 28.22 48.62 93.33
N GLN U 184 28.01 49.51 94.30
CA GLN U 184 27.81 49.08 95.67
C GLN U 184 26.32 49.09 95.98
N SER U 185 25.92 48.44 97.07
CA SER U 185 24.53 48.50 97.53
C SER U 185 24.20 49.89 98.07
N SER U 186 25.22 50.66 98.43
CA SER U 186 25.05 52.08 98.78
C SER U 186 24.73 52.98 97.57
N GLY U 187 24.60 52.41 96.36
CA GLY U 187 24.26 53.19 95.16
C GLY U 187 25.43 53.82 94.43
N LEU U 188 26.53 54.06 95.14
CA LEU U 188 27.74 54.66 94.57
C LEU U 188 28.63 53.66 93.79
N TYR U 189 29.78 54.13 93.32
CA TYR U 189 30.73 53.28 92.61
C TYR U 189 32.09 53.25 93.28
N SER U 190 32.80 52.14 93.09
CA SER U 190 34.14 51.95 93.60
C SER U 190 34.96 51.39 92.45
N LEU U 191 36.23 51.79 92.37
CA LEU U 191 37.09 51.49 91.22
C LEU U 191 38.55 51.38 91.66
N SER U 192 39.23 50.29 91.28
CA SER U 192 40.65 50.13 91.58
C SER U 192 41.51 50.30 90.35
N SER U 193 42.76 50.70 90.56
CA SER U 193 43.76 50.74 89.49
C SER U 193 45.12 50.40 90.09
N VAL U 194 45.82 49.43 89.50
CA VAL U 194 47.09 48.95 90.06
C VAL U 194 48.22 48.93 89.04
N VAL U 195 49.45 48.95 89.54
CA VAL U 195 50.64 48.90 88.71
C VAL U 195 51.60 47.87 89.32
N THR U 196 52.16 46.99 88.50
CA THR U 196 53.27 46.12 88.93
C THR U 196 54.57 46.71 88.40
N VAL U 197 55.51 46.99 89.30
CA VAL U 197 56.79 47.62 88.94
C VAL U 197 57.97 46.85 89.58
N PRO U 198 59.19 46.99 89.01
CA PRO U 198 60.33 46.30 89.60
C PRO U 198 60.64 46.85 91.00
N SER U 199 60.89 45.95 91.95
CA SER U 199 60.99 46.31 93.37
C SER U 199 62.39 46.75 93.77
N SER U 200 63.05 47.49 92.89
CA SER U 200 64.38 48.01 93.14
C SER U 200 64.27 49.52 93.01
N SER U 201 63.82 49.95 91.84
CA SER U 201 63.47 51.34 91.59
C SER U 201 62.37 51.75 92.58
N LEU U 202 62.77 52.40 93.67
CA LEU U 202 61.84 52.95 94.68
C LEU U 202 62.26 54.34 95.14
N GLY U 203 63.52 54.49 95.55
CA GLY U 203 64.08 55.81 95.81
C GLY U 203 63.99 56.75 94.62
N THR U 204 64.40 56.27 93.44
CA THR U 204 64.50 57.11 92.23
C THR U 204 63.15 57.55 91.65
N GLN U 205 62.29 56.57 91.40
CA GLN U 205 60.96 56.82 90.82
C GLN U 205 59.99 57.44 91.83
N THR U 206 58.85 57.87 91.32
CA THR U 206 57.65 58.07 92.13
C THR U 206 56.47 57.80 91.21
N TYR U 207 55.25 58.01 91.69
CA TYR U 207 54.07 57.65 90.93
C TYR U 207 52.94 58.70 91.00
N ILE U 208 52.05 58.75 90.00
CA ILE U 208 50.85 59.66 90.01
C ILE U 208 49.49 58.95 89.69
N CYS U 209 48.42 59.32 90.42
CA CYS U 209 47.05 58.83 90.19
C CYS U 209 46.34 59.97 89.53
N ASN U 210 46.30 59.98 88.20
CA ASN U 210 45.60 61.05 87.53
C ASN U 210 44.11 60.74 87.63
N VAL U 211 43.57 60.80 88.84
CA VAL U 211 42.15 60.51 89.04
C VAL U 211 41.39 61.74 88.63
N ASN U 212 40.29 61.54 87.92
CA ASN U 212 39.54 62.63 87.36
C ASN U 212 38.09 62.23 87.13
N HIS U 213 37.19 62.79 87.94
CA HIS U 213 35.77 62.48 87.87
C HIS U 213 35.04 63.74 87.44
N LYS U 214 34.69 63.80 86.15
CA LYS U 214 34.22 65.05 85.53
C LYS U 214 32.75 65.42 85.66
N PRO U 215 31.88 64.48 86.09
CA PRO U 215 30.55 64.91 86.52
C PRO U 215 30.56 65.71 87.82
N SER U 216 31.72 65.76 88.50
CA SER U 216 31.88 66.48 89.75
C SER U 216 33.13 67.37 89.74
N ASN U 217 33.57 67.75 88.54
CA ASN U 217 34.81 68.51 88.28
C ASN U 217 36.01 68.26 89.24
N THR U 218 36.19 66.99 89.67
CA THR U 218 37.22 66.63 90.67
C THR U 218 38.54 66.08 90.06
N LYS U 219 39.49 66.97 89.74
CA LYS U 219 40.85 66.55 89.33
C LYS U 219 41.73 66.38 90.58
N VAL U 220 41.77 65.18 91.16
CA VAL U 220 42.62 64.94 92.35
C VAL U 220 43.79 63.98 92.04
N ASP U 221 44.96 64.56 91.73
CA ASP U 221 46.20 63.80 91.43
C ASP U 221 46.96 63.53 92.73
N LYS U 222 46.60 62.44 93.41
CA LYS U 222 46.99 62.17 94.82
C LYS U 222 47.84 60.91 94.95
N LYS U 223 48.92 60.96 95.73
CA LYS U 223 50.02 60.01 95.55
C LYS U 223 50.39 58.96 96.58
N VAL U 224 51.26 58.05 96.14
CA VAL U 224 51.46 56.75 96.75
C VAL U 224 52.94 56.49 96.96
N GLU U 225 53.26 55.90 98.10
CA GLU U 225 54.63 55.50 98.45
C GLU U 225 54.60 54.65 99.74
N PRO U 226 55.57 53.72 99.90
CA PRO U 226 55.49 52.76 101.01
C PRO U 226 55.51 53.41 102.40
N VAL V 2 14.06 42.30 60.29
CA VAL V 2 15.25 41.50 59.79
C VAL V 2 16.24 41.24 60.90
N VAL V 3 16.17 40.04 61.47
CA VAL V 3 16.92 39.69 62.67
C VAL V 3 18.20 38.93 62.33
N LEU V 4 19.32 39.37 62.87
CA LEU V 4 20.57 38.69 62.69
C LEU V 4 20.93 38.02 63.99
N THR V 5 20.80 36.70 64.00
CA THR V 5 21.25 35.88 65.12
C THR V 5 22.57 35.34 64.70
N GLN V 6 23.61 35.61 65.48
CA GLN V 6 24.91 35.14 65.09
C GLN V 6 25.50 34.24 66.15
N SER V 7 26.29 33.29 65.71
CA SER V 7 26.72 32.19 66.56
C SER V 7 28.12 31.83 66.15
N PRO V 8 28.85 31.14 67.04
CA PRO V 8 28.43 30.74 68.39
C PRO V 8 28.56 31.86 69.41
N GLY V 9 27.90 31.70 70.55
CA GLY V 9 27.85 32.72 71.61
C GLY V 9 29.19 33.38 71.83
N THR V 10 30.05 32.70 72.56
CA THR V 10 31.46 33.05 72.58
C THR V 10 32.19 31.92 71.87
N LEU V 11 33.49 32.08 71.66
CA LEU V 11 34.32 30.95 71.31
C LEU V 11 35.76 31.22 71.59
N ALA V 12 36.40 30.22 72.17
CA ALA V 12 37.76 30.29 72.64
C ALA V 12 38.59 29.36 71.78
N LEU V 13 39.62 29.90 71.15
CA LEU V 13 40.52 29.11 70.32
C LEU V 13 41.94 29.61 70.50
N PRO V 14 42.93 28.70 70.41
CA PRO V 14 44.34 29.09 70.61
C PRO V 14 44.85 30.01 69.48
N PRO V 15 45.95 30.76 69.72
CA PRO V 15 46.60 31.48 68.61
C PRO V 15 47.00 30.55 67.46
N GLY V 16 46.96 31.04 66.22
CA GLY V 16 47.26 30.25 65.03
C GLY V 16 46.23 29.22 64.66
N GLU V 17 45.02 29.33 65.20
CA GLU V 17 43.89 28.46 64.82
C GLU V 17 42.95 29.32 63.96
N ARG V 18 41.76 28.84 63.60
CA ARG V 18 40.81 29.64 62.79
C ARG V 18 39.43 29.80 63.40
N ALA V 19 39.04 31.04 63.62
CA ALA V 19 37.71 31.34 64.10
C ALA V 19 36.83 31.46 62.88
N THR V 20 35.64 30.92 62.99
CA THR V 20 34.74 30.91 61.91
C THR V 20 33.40 31.34 62.51
N LEU V 21 33.03 32.59 62.23
CA LEU V 21 31.84 33.20 62.83
C LEU V 21 30.74 33.22 61.81
N SER V 22 29.55 32.88 62.25
CA SER V 22 28.42 32.88 61.36
C SER V 22 27.51 34.01 61.75
N CYS V 23 26.58 34.31 60.84
CA CYS V 23 25.57 35.34 60.99
C CYS V 23 24.42 34.94 60.10
N ARG V 24 23.46 34.25 60.67
CA ARG V 24 22.29 33.86 59.92
C ARG V 24 21.31 35.03 60.01
N ALA V 25 20.66 35.34 58.90
CA ALA V 25 19.67 36.40 58.85
C ALA V 25 18.26 35.84 58.67
N SER V 26 17.26 36.48 59.29
CA SER V 26 15.90 35.98 59.26
C SER V 26 15.25 36.19 57.90
N HIS V 27 15.85 36.98 57.04
CA HIS V 27 15.31 37.16 55.73
C HIS V 27 16.49 37.21 54.77
N ARG V 28 16.26 37.05 53.47
CA ARG V 28 17.36 37.15 52.48
C ARG V 28 17.82 38.60 52.35
N VAL V 29 19.08 38.79 52.00
CA VAL V 29 19.73 40.13 52.00
C VAL V 29 20.81 40.20 50.96
N GLY V 30 20.92 41.33 50.28
CA GLY V 30 21.95 41.49 49.28
C GLY V 30 23.31 41.30 49.91
N SER V 31 24.22 40.66 49.18
CA SER V 31 25.61 40.53 49.65
C SER V 31 26.30 41.90 49.78
N THR V 32 25.63 42.95 49.30
CA THR V 32 26.23 44.29 49.25
C THR V 32 25.90 45.14 50.50
N TYR V 33 24.89 44.69 51.25
CA TYR V 33 24.43 45.46 52.37
C TYR V 33 24.82 44.80 53.70
N ILE V 34 25.94 44.08 53.70
CA ILE V 34 26.41 43.48 54.92
C ILE V 34 27.76 44.04 55.37
N ALA V 35 27.96 44.14 56.68
CA ALA V 35 29.23 44.63 57.22
C ALA V 35 29.57 43.95 58.54
N TRP V 36 30.86 43.83 58.84
CA TRP V 36 31.32 43.20 60.04
C TRP V 36 32.17 44.19 60.80
N TYR V 37 32.12 44.14 62.12
CA TYR V 37 32.86 45.05 62.98
C TYR V 37 33.50 44.30 64.12
N GLN V 38 34.59 44.89 64.62
CA GLN V 38 35.30 44.39 65.79
C GLN V 38 35.32 45.48 66.84
N GLN V 39 35.14 45.11 68.11
CA GLN V 39 35.03 46.10 69.19
C GLN V 39 35.66 45.60 70.47
N LYS V 40 36.75 46.26 70.88
CA LYS V 40 37.44 45.95 72.14
C LYS V 40 36.90 46.96 73.15
N SER V 41 36.42 46.49 74.31
CA SER V 41 35.57 47.32 75.17
C SER V 41 36.27 48.62 75.55
N GLY V 42 35.48 49.69 75.64
CA GLY V 42 35.99 51.05 75.76
C GLY V 42 35.83 51.78 74.44
N GLN V 43 36.72 51.48 73.49
CA GLN V 43 36.72 52.14 72.17
C GLN V 43 35.48 51.86 71.31
N ALA V 44 35.36 52.63 70.23
CA ALA V 44 34.25 52.52 69.30
C ALA V 44 34.45 51.36 68.34
N PRO V 45 33.36 50.90 67.70
CA PRO V 45 33.44 49.80 66.73
C PRO V 45 34.32 50.09 65.51
N ARG V 46 35.18 49.14 65.16
CA ARG V 46 36.10 49.28 64.05
C ARG V 46 35.61 48.34 63.00
N ARG V 47 35.57 48.82 61.78
CA ARG V 47 34.87 48.11 60.74
C ARG V 47 35.81 47.24 59.93
N LEU V 48 35.59 45.94 59.97
CA LEU V 48 36.43 44.97 59.27
C LEU V 48 36.03 44.83 57.80
N ILE V 49 34.80 44.44 57.55
CA ILE V 49 34.37 44.02 56.23
C ILE V 49 33.17 44.83 55.77
N TYR V 50 33.14 45.24 54.51
CA TYR V 50 31.93 45.82 53.90
C TYR V 50 31.53 45.10 52.61
N GLY V 51 30.22 45.06 52.35
CA GLY V 51 29.64 44.30 51.24
C GLY V 51 29.83 42.81 51.40
N ALA V 52 29.87 42.33 52.63
CA ALA V 52 30.06 40.89 52.96
C ALA V 52 31.43 40.29 52.69
N SER V 53 32.11 40.80 51.65
CA SER V 53 33.32 40.19 51.09
C SER V 53 34.61 40.98 51.23
N ASN V 54 34.54 42.32 51.32
CA ASN V 54 35.72 43.17 51.16
C ASN V 54 36.28 43.75 52.44
N ARG V 55 37.61 43.81 52.54
CA ARG V 55 38.23 44.38 53.71
C ARG V 55 38.20 45.88 53.58
N ALA V 56 37.94 46.58 54.68
CA ALA V 56 38.24 48.01 54.73
C ALA V 56 39.74 48.13 54.85
N THR V 57 40.23 49.34 54.63
CA THR V 57 41.67 49.57 54.51
C THR V 57 42.41 49.50 55.87
N ASP V 58 43.72 49.24 55.79
CA ASP V 58 44.59 48.98 56.95
C ASP V 58 44.21 47.72 57.74
N ILE V 59 43.56 46.77 57.09
CA ILE V 59 43.13 45.55 57.75
C ILE V 59 43.88 44.31 57.24
N PRO V 60 44.50 43.54 58.16
CA PRO V 60 45.20 42.33 57.76
C PRO V 60 44.31 41.34 57.03
N ASP V 61 44.92 40.47 56.24
CA ASP V 61 44.18 39.59 55.34
C ASP V 61 43.77 38.30 56.05
N ARG V 62 44.18 38.17 57.32
CA ARG V 62 43.64 37.16 58.24
C ARG V 62 42.11 37.24 58.21
N PHE V 63 41.61 38.49 58.17
CA PHE V 63 40.17 38.77 58.09
C PHE V 63 39.64 38.65 56.66
N SER V 64 38.50 37.97 56.51
CA SER V 64 37.84 37.83 55.21
C SER V 64 36.41 37.40 55.42
N GLY V 65 35.54 37.71 54.48
CA GLY V 65 34.14 37.43 54.67
C GLY V 65 33.50 36.84 53.43
N SER V 66 32.34 36.23 53.63
CA SER V 66 31.60 35.61 52.53
C SER V 66 30.17 35.33 52.95
N GLY V 67 29.38 34.92 51.96
CA GLY V 67 28.00 34.59 52.21
C GLY V 67 27.06 34.89 51.07
N SER V 68 25.99 34.13 51.05
CA SER V 68 25.07 34.17 49.95
C SER V 68 23.70 34.28 50.58
N GLY V 69 23.06 35.42 50.36
CA GLY V 69 21.64 35.56 50.66
C GLY V 69 21.23 35.55 52.14
N THR V 70 21.53 34.48 52.85
CA THR V 70 21.03 34.37 54.20
C THR V 70 22.06 33.96 55.22
N ASP V 71 23.13 33.29 54.79
CA ASP V 71 24.20 32.87 55.71
C ASP V 71 25.48 33.62 55.46
N PHE V 72 25.82 34.56 56.32
CA PHE V 72 27.06 35.29 56.14
C PHE V 72 28.01 34.88 57.20
N THR V 73 29.28 34.85 56.83
CA THR V 73 30.31 34.37 57.72
C THR V 73 31.57 35.24 57.64
N LEU V 74 32.24 35.39 58.78
CA LEU V 74 33.49 36.12 58.87
C LEU V 74 34.52 35.14 59.40
N THR V 75 35.66 35.04 58.70
CA THR V 75 36.72 34.09 59.03
C THR V 75 38.00 34.83 59.34
N ILE V 76 38.52 34.63 60.55
CA ILE V 76 39.82 35.11 60.95
C ILE V 76 40.73 33.92 60.77
N ARG V 77 41.67 34.02 59.83
CA ARG V 77 42.27 32.82 59.26
C ARG V 77 43.34 32.21 60.18
N ARG V 78 44.15 33.06 60.81
CA ARG V 78 45.09 32.59 61.84
C ARG V 78 45.20 33.57 63.01
N LEU V 79 44.54 33.21 64.11
CA LEU V 79 44.28 34.12 65.24
C LEU V 79 45.55 34.68 65.82
N GLU V 80 45.43 35.87 66.38
CA GLU V 80 46.51 36.48 67.14
C GLU V 80 45.96 36.83 68.51
N PRO V 81 46.84 37.19 69.46
CA PRO V 81 46.33 37.63 70.76
C PRO V 81 45.71 39.03 70.68
N GLU V 82 46.15 39.79 69.67
CA GLU V 82 45.54 41.04 69.22
C GLU V 82 44.02 40.96 68.96
N ASP V 83 43.49 39.77 68.66
CA ASP V 83 42.12 39.64 68.14
C ASP V 83 41.00 39.38 69.14
N SER V 84 41.31 39.29 70.43
CA SER V 84 40.28 39.02 71.42
C SER V 84 39.34 40.21 71.52
N ALA V 85 38.11 40.02 71.07
CA ALA V 85 37.16 41.10 70.94
C ALA V 85 35.74 40.56 70.72
N VAL V 86 34.79 41.47 70.53
CA VAL V 86 33.45 41.09 70.16
C VAL V 86 33.33 41.42 68.70
N TYR V 87 32.55 40.64 67.96
CA TYR V 87 32.37 40.86 66.53
C TYR V 87 30.89 40.99 66.21
N TYR V 88 30.54 42.05 65.49
CA TYR V 88 29.15 42.30 65.18
C TYR V 88 28.93 42.25 63.67
N CYS V 89 27.95 41.47 63.18
CA CYS V 89 27.50 41.64 61.79
C CYS V 89 26.37 42.69 61.79
N GLN V 90 26.18 43.35 60.66
CA GLN V 90 25.14 44.37 60.53
C GLN V 90 24.62 44.38 59.11
N GLN V 91 23.32 44.61 58.98
CA GLN V 91 22.73 44.79 57.66
C GLN V 91 22.08 46.16 57.56
N PHE V 92 22.15 46.76 56.38
CA PHE V 92 21.52 48.05 56.14
C PHE V 92 20.82 48.06 54.81
N SER V 93 20.14 46.96 54.52
CA SER V 93 19.32 46.82 53.34
C SER V 93 17.94 47.32 53.66
N VAL V 94 17.47 47.03 54.86
CA VAL V 94 16.08 47.25 55.24
C VAL V 94 15.93 47.98 56.56
N SER V 95 15.33 49.16 56.53
CA SER V 95 15.07 49.90 57.75
C SER V 95 14.21 49.04 58.69
N PRO V 96 14.57 48.94 59.96
CA PRO V 96 15.72 49.48 60.63
C PRO V 96 16.99 48.73 60.34
N TRP V 97 18.04 49.42 59.91
CA TRP V 97 19.39 48.85 59.92
C TRP V 97 19.53 48.10 61.28
N THR V 98 20.03 46.85 61.27
CA THR V 98 20.13 46.02 62.48
C THR V 98 21.49 45.38 62.66
N PHE V 99 21.80 45.05 63.91
CA PHE V 99 23.08 44.46 64.27
C PHE V 99 22.87 43.08 64.84
N GLY V 100 23.96 42.34 64.94
CA GLY V 100 23.91 41.01 65.48
C GLY V 100 24.01 41.03 66.97
N GLN V 101 23.73 39.86 67.54
CA GLN V 101 23.88 39.57 68.97
C GLN V 101 25.28 39.92 69.40
N GLY V 102 26.25 39.46 68.62
CA GLY V 102 27.66 39.65 68.90
C GLY V 102 28.30 38.33 69.28
N THR V 103 29.33 37.92 68.56
CA THR V 103 30.12 36.74 68.92
C THR V 103 31.38 37.22 69.63
N ARG V 104 31.66 36.69 70.82
CA ARG V 104 32.91 37.00 71.54
C ARG V 104 34.00 36.07 71.06
N VAL V 105 35.22 36.57 70.93
CA VAL V 105 36.37 35.70 70.68
C VAL V 105 37.40 35.87 71.80
N GLU V 106 37.67 34.77 72.49
CA GLU V 106 38.68 34.69 73.53
C GLU V 106 39.75 33.86 72.89
N ILE V 107 41.00 34.29 72.97
CA ILE V 107 42.08 33.42 72.52
C ILE V 107 42.50 32.52 73.70
N LYS V 108 42.73 31.24 73.40
CA LYS V 108 42.87 30.20 74.43
C LYS V 108 44.35 29.84 74.53
N ARG V 109 45.02 30.60 75.38
CA ARG V 109 46.45 30.42 75.62
C ARG V 109 46.64 29.36 76.69
N THR V 110 47.90 29.09 77.04
CA THR V 110 48.23 28.14 78.12
C THR V 110 47.88 28.66 79.51
N VAL V 111 47.76 27.73 80.46
CA VAL V 111 47.37 28.05 81.83
C VAL V 111 48.41 29.03 82.43
N ALA V 112 47.96 29.85 83.38
CA ALA V 112 48.83 30.82 84.06
C ALA V 112 48.30 31.10 85.46
N ALA V 113 49.17 31.03 86.47
CA ALA V 113 48.76 31.21 87.85
C ALA V 113 48.64 32.70 88.18
N PRO V 114 47.72 33.06 89.10
CA PRO V 114 47.63 34.45 89.50
C PRO V 114 48.77 34.87 90.42
N SER V 115 49.35 36.04 90.18
CA SER V 115 50.25 36.65 91.16
C SER V 115 49.37 37.31 92.22
N VAL V 116 49.31 36.75 93.44
CA VAL V 116 48.45 37.31 94.48
C VAL V 116 49.14 38.39 95.31
N PHE V 117 48.44 39.51 95.50
CA PHE V 117 48.90 40.61 96.35
C PHE V 117 47.75 41.04 97.26
N ILE V 118 48.03 41.22 98.55
CA ILE V 118 47.06 41.85 99.47
C ILE V 118 47.46 43.30 99.72
N PHE V 119 46.47 44.12 100.03
CA PHE V 119 46.70 45.51 100.39
C PHE V 119 45.89 45.92 101.62
N PRO V 120 46.58 46.26 102.71
CA PRO V 120 45.90 46.84 103.87
C PRO V 120 45.28 48.20 103.52
N PRO V 121 44.26 48.61 104.29
CA PRO V 121 43.62 49.92 104.13
C PRO V 121 44.49 51.08 104.57
N SER V 122 44.40 52.18 103.84
CA SER V 122 45.23 53.36 104.08
C SER V 122 44.96 54.05 105.42
N ASP V 123 46.01 54.57 106.04
CA ASP V 123 45.87 55.36 107.28
C ASP V 123 45.04 56.62 107.02
N GLU V 124 45.10 57.17 105.81
CA GLU V 124 44.22 58.27 105.42
C GLU V 124 42.75 57.83 105.45
N GLN V 125 42.48 56.61 104.98
CA GLN V 125 41.10 56.08 104.94
C GLN V 125 40.58 55.72 106.32
N LEU V 126 41.42 55.03 107.09
CA LEU V 126 41.00 54.56 108.41
C LEU V 126 40.28 55.66 109.18
N LYS V 127 40.98 56.78 109.36
CA LYS V 127 40.44 57.86 110.19
C LYS V 127 39.16 58.51 109.60
N SER V 128 38.94 58.42 108.28
CA SER V 128 37.69 58.93 107.68
C SER V 128 36.46 58.05 107.99
N GLY V 129 36.67 56.86 108.57
CA GLY V 129 35.57 56.10 109.21
C GLY V 129 35.20 54.70 108.72
N THR V 130 35.77 54.24 107.60
CA THR V 130 35.62 52.82 107.20
C THR V 130 36.94 52.27 106.64
N ALA V 131 36.97 50.95 106.42
CA ALA V 131 38.17 50.24 105.96
C ALA V 131 37.85 49.33 104.78
N SER V 132 38.74 49.32 103.79
CA SER V 132 38.59 48.51 102.58
C SER V 132 39.86 47.71 102.30
N VAL V 133 39.80 46.40 102.52
CA VAL V 133 40.92 45.51 102.22
C VAL V 133 40.80 45.03 100.77
N VAL V 134 41.86 45.21 100.00
CA VAL V 134 41.91 44.86 98.59
C VAL V 134 42.83 43.65 98.41
N CYS V 135 42.39 42.69 97.59
CA CYS V 135 43.21 41.56 97.20
C CYS V 135 43.24 41.50 95.69
N LEU V 136 44.44 41.38 95.12
CA LEU V 136 44.64 41.48 93.67
C LEU V 136 45.24 40.21 93.09
N LEU V 137 44.58 39.65 92.08
CA LEU V 137 45.09 38.50 91.35
C LEU V 137 45.49 39.02 89.99
N ASN V 138 46.76 38.88 89.62
CA ASN V 138 47.27 39.58 88.46
C ASN V 138 47.90 38.70 87.37
N ASN V 139 47.39 38.88 86.14
CA ASN V 139 47.91 38.25 84.90
C ASN V 139 47.85 36.70 84.89
N PHE V 140 46.61 36.19 84.93
CA PHE V 140 46.30 34.75 84.98
C PHE V 140 45.45 34.26 83.81
N TYR V 141 45.41 32.95 83.61
CA TYR V 141 44.52 32.36 82.59
C TYR V 141 44.20 30.92 82.98
N PRO V 142 42.93 30.50 82.87
CA PRO V 142 41.74 31.17 82.36
C PRO V 142 41.04 32.08 83.37
N ARG V 143 39.93 32.65 82.93
CA ARG V 143 39.14 33.55 83.74
C ARG V 143 38.73 32.97 85.11
N GLU V 144 38.39 31.69 85.16
CA GLU V 144 37.75 31.09 86.35
C GLU V 144 38.68 30.99 87.56
N ALA V 145 38.55 31.90 88.53
CA ALA V 145 39.41 31.94 89.70
C ALA V 145 38.63 32.38 90.94
N LYS V 146 38.65 31.57 92.00
CA LYS V 146 37.87 31.89 93.20
C LYS V 146 38.73 32.72 94.17
N VAL V 147 38.08 33.55 94.97
CA VAL V 147 38.74 34.32 96.03
C VAL V 147 37.90 34.15 97.31
N GLN V 148 38.53 33.81 98.42
CA GLN V 148 37.81 33.65 99.69
C GLN V 148 38.55 34.46 100.76
N TRP V 149 37.80 35.15 101.63
CA TRP V 149 38.37 35.98 102.69
C TRP V 149 38.33 35.34 104.09
N LYS V 150 39.19 35.79 105.00
CA LYS V 150 39.25 35.28 106.37
C LYS V 150 39.66 36.40 107.33
N VAL V 151 38.99 36.49 108.47
CA VAL V 151 39.34 37.49 109.50
C VAL V 151 39.61 36.81 110.86
N ASP V 152 40.88 36.54 111.12
CA ASP V 152 41.30 35.60 112.18
C ASP V 152 40.60 34.27 111.89
N ASN V 153 40.79 33.78 110.67
CA ASN V 153 40.12 32.59 110.12
C ASN V 153 38.60 32.56 110.14
N ALA V 154 37.97 33.63 110.61
CA ALA V 154 36.51 33.80 110.48
C ALA V 154 36.16 34.00 109.00
N LEU V 155 35.58 32.95 108.41
CA LEU V 155 35.31 32.87 106.97
C LEU V 155 34.21 33.83 106.49
N GLN V 156 34.56 34.81 105.65
CA GLN V 156 33.65 35.92 105.29
C GLN V 156 32.85 35.63 104.00
N SER V 157 31.70 36.27 103.83
CA SER V 157 30.93 36.18 102.56
C SER V 157 29.80 37.19 102.47
N GLY V 158 29.64 37.80 101.31
CA GLY V 158 28.60 38.82 101.12
C GLY V 158 28.95 40.19 101.66
N ASN V 159 30.19 40.37 102.11
CA ASN V 159 30.76 41.70 102.37
C ASN V 159 32.01 41.96 101.51
N SER V 160 32.33 41.00 100.62
CA SER V 160 33.33 41.20 99.58
C SER V 160 32.58 41.42 98.26
N GLN V 161 33.28 41.98 97.26
CA GLN V 161 32.68 42.30 95.96
C GLN V 161 33.80 42.46 94.93
N GLU V 162 33.70 41.80 93.78
CA GLU V 162 34.85 41.70 92.87
C GLU V 162 34.60 42.24 91.46
N SER V 163 35.71 42.50 90.77
CA SER V 163 35.70 43.16 89.46
C SER V 163 36.86 42.67 88.60
N VAL V 164 36.54 42.13 87.42
CA VAL V 164 37.53 41.46 86.56
C VAL V 164 37.86 42.36 85.36
N THR V 165 39.14 42.43 85.01
CA THR V 165 39.59 43.09 83.79
C THR V 165 39.19 42.27 82.55
N GLU V 166 39.20 42.87 81.36
CA GLU V 166 38.99 42.11 80.11
C GLU V 166 40.29 41.47 79.65
N GLN V 167 40.20 40.41 78.84
CA GLN V 167 41.38 39.69 78.38
C GLN V 167 42.38 40.71 77.84
N ASP V 168 43.67 40.48 78.10
CA ASP V 168 44.69 41.39 77.60
C ASP V 168 44.96 41.10 76.13
N SER V 169 45.26 42.16 75.38
CA SER V 169 45.51 42.02 73.95
C SER V 169 46.94 41.54 73.64
N LYS V 170 47.87 41.65 74.60
CA LYS V 170 49.26 41.16 74.40
C LYS V 170 49.45 39.72 74.80
N ASP V 171 49.16 39.41 76.06
CA ASP V 171 49.47 38.11 76.64
C ASP V 171 48.22 37.26 76.92
N SER V 172 47.05 37.84 76.71
CA SER V 172 45.78 37.13 76.83
C SER V 172 45.54 36.58 78.25
N THR V 173 45.71 37.47 79.23
CA THR V 173 45.45 37.18 80.63
C THR V 173 44.53 38.23 81.28
N TYR V 174 43.65 37.74 82.15
CA TYR V 174 42.76 38.57 82.91
C TYR V 174 43.47 39.02 84.22
N SER V 175 42.74 39.75 85.06
CA SER V 175 43.22 40.31 86.34
C SER V 175 41.98 40.62 87.17
N LEU V 176 42.04 40.30 88.46
CA LEU V 176 40.87 40.39 89.31
C LEU V 176 41.19 41.23 90.53
N SER V 177 40.20 41.92 91.08
CA SER V 177 40.34 42.55 92.37
C SER V 177 39.04 42.42 93.15
N SER V 178 39.10 41.70 94.28
CA SER V 178 37.98 41.68 95.23
C SER V 178 38.28 42.62 96.41
N THR V 179 37.23 43.11 97.04
CA THR V 179 37.36 44.13 98.07
C THR V 179 36.47 43.82 99.26
N LEU V 180 37.10 43.57 100.39
CA LEU V 180 36.40 43.32 101.64
C LEU V 180 36.11 44.68 102.28
N THR V 181 34.84 44.96 102.60
CA THR V 181 34.43 46.22 103.25
C THR V 181 33.94 46.02 104.71
N LEU V 182 34.59 46.71 105.65
CA LEU V 182 34.28 46.62 107.08
C LEU V 182 34.00 48.00 107.67
N SER V 183 33.64 48.03 108.95
CA SER V 183 33.59 49.26 109.73
C SER V 183 34.95 49.45 110.44
N LYS V 184 35.43 50.70 110.55
CA LYS V 184 36.67 50.97 111.30
C LYS V 184 36.59 50.28 112.66
N ALA V 185 35.37 50.19 113.21
CA ALA V 185 35.09 49.48 114.46
C ALA V 185 35.42 47.98 114.40
N ASP V 186 35.00 47.31 113.32
CA ASP V 186 35.25 45.88 113.13
C ASP V 186 36.66 45.58 112.66
N TYR V 187 37.21 46.45 111.81
CA TYR V 187 38.59 46.28 111.33
C TYR V 187 39.59 46.46 112.49
N GLU V 188 39.46 47.54 113.28
CA GLU V 188 40.28 47.72 114.49
C GLU V 188 39.84 46.79 115.64
N LYS V 189 39.37 45.59 115.30
CA LYS V 189 39.10 44.54 116.28
C LYS V 189 39.75 43.18 115.99
N HIS V 190 40.23 42.97 114.76
CA HIS V 190 40.79 41.65 114.36
C HIS V 190 42.19 41.80 113.73
N LYS V 191 43.02 40.77 113.91
CA LYS V 191 44.45 40.86 113.58
C LYS V 191 44.78 40.33 112.19
N VAL V 192 44.42 39.08 111.92
CA VAL V 192 44.86 38.35 110.71
C VAL V 192 43.85 38.43 109.58
N TYR V 193 44.12 39.25 108.57
CA TYR V 193 43.27 39.38 107.38
C TYR V 193 43.90 38.64 106.21
N ALA V 194 43.18 37.68 105.63
CA ALA V 194 43.79 36.73 104.70
C ALA V 194 42.93 36.38 103.49
N CYS V 195 43.57 36.35 102.31
CA CYS V 195 42.89 36.22 101.01
C CYS V 195 43.32 34.92 100.31
N GLU V 196 42.49 33.87 100.40
CA GLU V 196 42.79 32.55 99.82
C GLU V 196 42.25 32.37 98.40
N VAL V 197 43.09 31.89 97.49
CA VAL V 197 42.80 31.92 96.05
C VAL V 197 42.89 30.54 95.42
N THR V 198 41.75 30.04 94.92
CA THR V 198 41.75 28.76 94.22
C THR V 198 41.67 29.01 92.72
N HIS V 199 42.47 28.27 91.96
CA HIS V 199 42.54 28.49 90.51
C HIS V 199 43.14 27.27 89.81
N GLN V 200 42.80 27.06 88.54
CA GLN V 200 43.36 25.97 87.72
C GLN V 200 44.90 25.99 87.65
N GLY V 201 45.47 27.17 87.71
CA GLY V 201 46.91 27.34 87.67
C GLY V 201 47.63 26.96 88.95
N LEU V 202 46.90 26.88 90.06
CA LEU V 202 47.48 26.51 91.36
C LEU V 202 47.08 25.07 91.72
N SER V 203 48.06 24.17 91.78
CA SER V 203 47.81 22.77 92.13
C SER V 203 47.17 22.60 93.52
N SER V 204 47.29 23.60 94.39
CA SER V 204 46.45 23.70 95.59
C SER V 204 46.37 25.16 96.07
N PRO V 205 45.18 25.61 96.55
CA PRO V 205 44.92 27.01 96.89
C PRO V 205 46.12 27.73 97.51
N VAL V 206 46.16 29.05 97.37
CA VAL V 206 47.28 29.83 97.88
C VAL V 206 46.79 31.11 98.55
N THR V 207 47.14 31.26 99.82
CA THR V 207 46.70 32.35 100.66
C THR V 207 47.84 33.33 100.82
N LYS V 208 47.54 34.62 100.66
CA LYS V 208 48.43 35.68 101.15
C LYS V 208 47.65 36.42 102.22
N SER V 209 48.34 36.84 103.29
CA SER V 209 47.69 37.43 104.48
C SER V 209 48.52 38.54 105.13
N PHE V 210 47.95 39.17 106.13
CA PHE V 210 48.68 40.20 106.87
C PHE V 210 48.09 40.43 108.26
N ASN V 211 48.98 40.78 109.20
CA ASN V 211 48.58 41.07 110.57
C ASN V 211 48.46 42.57 110.77
N ARG V 212 47.30 42.99 111.28
CA ARG V 212 46.95 44.39 111.36
C ARG V 212 47.91 45.21 112.23
N GLY V 213 48.33 46.37 111.70
CA GLY V 213 49.25 47.28 112.41
C GLY V 213 50.68 47.26 111.87
N GLU V 214 51.01 46.21 111.11
CA GLU V 214 52.37 45.91 110.71
C GLU V 214 52.46 45.83 109.18
N GLN W 1 -36.13 -58.69 -68.83
CA GLN W 1 -36.09 -57.41 -68.07
C GLN W 1 -35.23 -57.63 -66.83
N VAL W 2 -35.76 -58.25 -65.78
CA VAL W 2 -34.95 -58.77 -64.67
C VAL W 2 -35.77 -59.77 -63.92
N GLN W 3 -35.40 -61.04 -63.90
CA GLN W 3 -36.27 -61.97 -63.17
C GLN W 3 -35.60 -63.22 -62.64
N LEU W 4 -36.33 -63.89 -61.77
CA LEU W 4 -35.82 -65.00 -61.00
C LEU W 4 -36.88 -66.11 -61.06
N VAL W 5 -36.69 -67.09 -61.92
CA VAL W 5 -37.65 -68.19 -62.03
C VAL W 5 -37.13 -69.41 -61.28
N GLN W 6 -37.87 -69.85 -60.26
CA GLN W 6 -37.44 -70.96 -59.39
C GLN W 6 -38.01 -72.28 -59.88
N SER W 7 -37.59 -73.39 -59.28
CA SER W 7 -38.10 -74.73 -59.67
C SER W 7 -39.47 -75.04 -59.06
N GLY W 8 -40.19 -76.01 -59.63
CA GLY W 8 -41.51 -76.44 -59.12
C GLY W 8 -41.44 -77.19 -57.80
N ALA W 9 -42.58 -77.24 -57.10
CA ALA W 9 -42.66 -77.79 -55.74
C ALA W 9 -42.10 -79.21 -55.68
N GLU W 10 -41.26 -79.51 -54.69
CA GLU W 10 -40.75 -80.86 -54.45
C GLU W 10 -41.42 -81.39 -53.15
N VAL W 11 -41.44 -82.71 -52.99
CA VAL W 11 -41.95 -83.35 -51.78
C VAL W 11 -41.02 -84.48 -51.34
N LYS W 12 -40.58 -84.41 -50.08
CA LYS W 12 -39.51 -85.28 -49.59
C LYS W 12 -39.80 -85.80 -48.19
N LYS W 13 -39.12 -86.88 -47.81
CA LYS W 13 -39.43 -87.57 -46.55
C LYS W 13 -38.35 -87.33 -45.51
N PRO W 14 -38.72 -87.35 -44.21
CA PRO W 14 -37.88 -86.89 -43.11
C PRO W 14 -36.36 -87.08 -43.25
N GLY W 15 -35.90 -88.22 -43.75
CA GLY W 15 -34.46 -88.42 -43.88
C GLY W 15 -33.80 -87.59 -44.95
N ALA W 16 -34.35 -87.71 -46.17
CA ALA W 16 -33.71 -87.27 -47.40
C ALA W 16 -33.31 -85.80 -47.39
N SER W 17 -32.78 -85.34 -48.52
CA SER W 17 -32.43 -83.95 -48.73
C SER W 17 -33.17 -83.39 -49.97
N VAL W 18 -32.81 -82.18 -50.39
CA VAL W 18 -33.52 -81.45 -51.44
C VAL W 18 -32.58 -80.43 -52.10
N LYS W 19 -32.87 -80.10 -53.36
CA LYS W 19 -32.14 -79.05 -54.11
C LYS W 19 -33.11 -78.19 -54.89
N VAL W 20 -32.99 -76.86 -54.75
CA VAL W 20 -33.90 -75.90 -55.37
C VAL W 20 -33.11 -74.95 -56.28
N SER W 21 -33.56 -74.78 -57.51
CA SER W 21 -32.87 -73.94 -58.47
C SER W 21 -33.53 -72.57 -58.53
N CYS W 22 -32.75 -71.57 -58.91
CA CYS W 22 -33.25 -70.19 -59.07
C CYS W 22 -32.59 -69.54 -60.29
N LYS W 23 -33.30 -69.53 -61.41
CA LYS W 23 -32.71 -69.06 -62.67
C LYS W 23 -32.87 -67.57 -62.81
N THR W 24 -31.77 -66.87 -63.08
CA THR W 24 -31.75 -65.40 -63.18
C THR W 24 -31.55 -64.95 -64.60
N SER W 25 -31.76 -63.66 -64.83
CA SER W 25 -31.73 -63.11 -66.18
C SER W 25 -32.03 -61.65 -66.13
N GLY W 26 -31.63 -60.94 -67.18
CA GLY W 26 -31.94 -59.51 -67.33
C GLY W 26 -30.95 -58.57 -66.66
N TYR W 27 -29.91 -59.12 -66.04
CA TYR W 27 -28.87 -58.34 -65.35
C TYR W 27 -27.63 -59.21 -65.32
N SER W 28 -26.44 -58.63 -65.18
CA SER W 28 -25.21 -59.45 -65.24
C SER W 28 -24.97 -60.24 -63.95
N PHE W 29 -25.16 -61.56 -64.04
CA PHE W 29 -25.23 -62.44 -62.87
C PHE W 29 -24.14 -62.17 -61.82
N SER W 30 -22.93 -61.82 -62.26
CA SER W 30 -21.80 -61.85 -61.34
C SER W 30 -21.54 -60.58 -60.55
N THR W 31 -22.34 -59.52 -60.72
CA THR W 31 -22.13 -58.28 -59.91
C THR W 31 -23.09 -58.15 -58.72
N TYR W 32 -23.70 -59.25 -58.28
CA TYR W 32 -24.74 -59.26 -57.26
C TYR W 32 -24.88 -60.65 -56.64
N GLY W 33 -24.84 -60.71 -55.33
CA GLY W 33 -25.14 -61.94 -54.61
C GLY W 33 -26.60 -62.36 -54.66
N VAL W 34 -26.93 -63.40 -53.89
CA VAL W 34 -28.29 -63.90 -53.80
C VAL W 34 -28.64 -64.23 -52.35
N SER W 35 -29.82 -63.80 -51.91
CA SER W 35 -30.31 -64.08 -50.55
C SER W 35 -31.41 -65.12 -50.64
N TRP W 36 -31.48 -66.01 -49.66
CA TRP W 36 -32.51 -67.04 -49.63
C TRP W 36 -33.34 -66.90 -48.35
N VAL W 37 -34.66 -66.85 -48.51
CA VAL W 37 -35.58 -66.71 -47.39
C VAL W 37 -36.69 -67.74 -47.51
N ARG W 38 -37.09 -68.35 -46.39
CA ARG W 38 -38.12 -69.37 -46.42
C ARG W 38 -39.30 -68.95 -45.62
N GLN W 39 -40.43 -69.66 -45.79
CA GLN W 39 -41.68 -69.24 -45.15
C GLN W 39 -42.63 -70.40 -44.79
N ALA W 40 -42.56 -70.81 -43.52
CA ALA W 40 -43.43 -71.83 -42.96
C ALA W 40 -44.88 -71.33 -43.09
N PRO W 41 -45.78 -72.14 -43.69
CA PRO W 41 -47.10 -71.61 -44.04
C PRO W 41 -47.74 -70.84 -42.89
N GLY W 42 -48.21 -69.62 -43.16
CA GLY W 42 -48.92 -68.84 -42.14
C GLY W 42 -48.03 -68.01 -41.24
N GLN W 43 -46.85 -68.52 -40.92
CA GLN W 43 -45.81 -67.70 -40.28
C GLN W 43 -45.15 -66.67 -41.23
N GLY W 44 -44.34 -65.78 -40.67
CA GLY W 44 -43.62 -64.76 -41.46
C GLY W 44 -42.29 -65.29 -41.99
N PRO W 45 -41.59 -64.53 -42.85
CA PRO W 45 -40.36 -65.03 -43.47
C PRO W 45 -39.23 -65.15 -42.47
N GLU W 46 -38.36 -66.13 -42.65
CA GLU W 46 -37.11 -66.22 -41.89
C GLU W 46 -35.98 -66.46 -42.88
N TRP W 47 -34.82 -65.87 -42.59
CA TRP W 47 -33.70 -65.86 -43.50
C TRP W 47 -32.92 -67.14 -43.41
N VAL W 48 -32.43 -67.61 -44.55
CA VAL W 48 -31.67 -68.87 -44.63
C VAL W 48 -30.17 -68.63 -44.87
N GLY W 49 -29.81 -67.80 -45.85
CA GLY W 49 -28.40 -67.55 -46.16
C GLY W 49 -28.17 -66.69 -47.39
N TRP W 50 -26.92 -66.45 -47.71
CA TRP W 50 -26.55 -65.56 -48.81
C TRP W 50 -25.24 -65.99 -49.42
N ILE W 51 -25.14 -65.84 -50.73
CA ILE W 51 -23.94 -66.25 -51.44
C ILE W 51 -23.64 -65.22 -52.51
N SER W 52 -22.35 -64.92 -52.69
CA SER W 52 -21.92 -63.95 -53.66
C SER W 52 -21.59 -64.61 -54.98
N ALA W 53 -22.08 -64.04 -56.08
CA ALA W 53 -21.78 -64.59 -57.39
C ALA W 53 -20.51 -63.98 -57.95
N TYR W 54 -19.94 -63.04 -57.21
CA TYR W 54 -18.67 -62.44 -57.60
C TYR W 54 -17.52 -63.17 -56.93
N THR W 55 -17.65 -63.47 -55.65
CA THR W 55 -16.53 -63.97 -54.85
C THR W 55 -16.73 -65.37 -54.30
N GLY W 56 -17.90 -65.95 -54.54
CA GLY W 56 -18.22 -67.30 -54.04
C GLY W 56 -18.42 -67.39 -52.54
N ILE W 57 -18.31 -66.26 -51.84
CA ILE W 57 -18.43 -66.20 -50.40
C ILE W 57 -19.85 -66.55 -49.99
N THR W 58 -19.99 -67.23 -48.85
CA THR W 58 -21.30 -67.50 -48.29
C THR W 58 -21.42 -67.06 -46.83
N ASP W 59 -22.67 -66.83 -46.41
CA ASP W 59 -23.02 -66.56 -45.01
C ASP W 59 -24.32 -67.28 -44.78
N TYR W 60 -24.25 -68.40 -44.08
CA TYR W 60 -25.45 -69.14 -43.74
C TYR W 60 -25.94 -68.61 -42.41
N ALA W 61 -27.25 -68.64 -42.21
CA ALA W 61 -27.81 -68.38 -40.89
C ALA W 61 -27.36 -69.50 -39.99
N GLN W 62 -26.96 -69.17 -38.76
CA GLN W 62 -26.37 -70.17 -37.87
C GLN W 62 -27.38 -71.24 -37.41
N LYS W 63 -28.67 -70.98 -37.58
CA LYS W 63 -29.71 -71.94 -37.29
C LYS W 63 -29.57 -73.21 -38.17
N PHE W 64 -29.21 -73.05 -39.44
CA PHE W 64 -29.14 -74.17 -40.38
C PHE W 64 -27.75 -74.81 -40.46
N GLN W 65 -26.72 -74.01 -40.21
CA GLN W 65 -25.35 -74.36 -40.56
C GLN W 65 -25.09 -75.86 -40.50
N GLY W 66 -24.39 -76.33 -41.53
CA GLY W 66 -24.20 -77.75 -41.76
C GLY W 66 -25.22 -78.25 -42.74
N ARG W 67 -26.50 -78.09 -42.42
CA ARG W 67 -27.57 -78.64 -43.25
C ARG W 67 -27.70 -77.95 -44.61
N VAL W 68 -27.15 -76.74 -44.74
CA VAL W 68 -27.45 -75.94 -45.92
C VAL W 68 -26.21 -75.58 -46.74
N THR W 69 -26.36 -75.65 -48.06
CA THR W 69 -25.27 -75.40 -49.01
C THR W 69 -25.77 -74.56 -50.19
N LEU W 70 -25.19 -73.37 -50.35
CA LEU W 70 -25.51 -72.48 -51.45
C LEU W 70 -24.39 -72.54 -52.48
N THR W 71 -24.78 -72.57 -53.75
CA THR W 71 -23.83 -72.62 -54.87
C THR W 71 -24.35 -71.72 -55.99
N THR W 72 -23.48 -71.41 -56.96
CA THR W 72 -23.92 -70.70 -58.17
C THR W 72 -23.21 -71.17 -59.43
N ASP W 73 -23.95 -71.18 -60.53
CA ASP W 73 -23.46 -71.61 -61.83
C ASP W 73 -23.54 -70.39 -62.77
N ALA W 74 -22.38 -69.80 -63.06
CA ALA W 74 -22.33 -68.57 -63.86
C ALA W 74 -22.73 -68.76 -65.31
N THR W 75 -22.49 -69.94 -65.87
CA THR W 75 -22.89 -70.25 -67.25
C THR W 75 -24.40 -70.15 -67.46
N THR W 76 -25.14 -70.93 -66.68
CA THR W 76 -26.60 -70.93 -66.78
C THR W 76 -27.23 -69.70 -66.06
N ALA W 77 -26.45 -69.04 -65.20
CA ALA W 77 -26.89 -67.86 -64.42
C ALA W 77 -27.91 -68.26 -63.34
N THR W 78 -27.56 -69.28 -62.57
CA THR W 78 -28.49 -69.91 -61.63
C THR W 78 -27.84 -70.08 -60.27
N ALA W 79 -28.59 -69.77 -59.21
CA ALA W 79 -28.20 -70.06 -57.85
C ALA W 79 -28.94 -71.30 -57.36
N PHE W 80 -28.27 -72.11 -56.54
CA PHE W 80 -28.86 -73.33 -56.02
C PHE W 80 -28.84 -73.34 -54.52
N LEU W 81 -29.76 -74.10 -53.92
CA LEU W 81 -29.91 -74.23 -52.48
C LEU W 81 -30.09 -75.68 -52.16
N ASP W 82 -29.18 -76.25 -51.39
CA ASP W 82 -29.29 -77.65 -50.99
C ASP W 82 -29.47 -77.78 -49.49
N LEU W 83 -30.55 -78.44 -49.07
CA LEU W 83 -30.85 -78.59 -47.65
C LEU W 83 -30.90 -80.07 -47.32
N ARG W 84 -30.14 -80.52 -46.30
CA ARG W 84 -30.03 -81.95 -45.97
C ARG W 84 -30.73 -82.27 -44.66
N SER W 85 -31.05 -83.54 -44.46
CA SER W 85 -31.59 -84.03 -43.20
C SER W 85 -32.94 -83.39 -42.87
N LEU W 86 -33.78 -83.24 -43.88
CA LEU W 86 -35.01 -82.47 -43.77
C LEU W 86 -35.88 -82.86 -42.58
N ARG W 87 -36.18 -81.92 -41.69
CA ARG W 87 -37.14 -82.17 -40.61
C ARG W 87 -38.51 -81.82 -41.17
N PRO W 88 -39.58 -82.28 -40.51
CA PRO W 88 -40.90 -81.76 -40.88
C PRO W 88 -41.02 -80.24 -40.59
N ASP W 89 -40.23 -79.73 -39.64
CA ASP W 89 -40.07 -78.27 -39.39
C ASP W 89 -39.83 -77.50 -40.70
N ASP W 90 -38.98 -78.05 -41.57
CA ASP W 90 -38.53 -77.36 -42.78
C ASP W 90 -39.57 -77.28 -43.90
N THR W 91 -40.75 -77.85 -43.67
CA THR W 91 -41.85 -77.72 -44.62
C THR W 91 -42.15 -76.25 -44.75
N ALA W 92 -41.83 -75.69 -45.91
CA ALA W 92 -42.06 -74.29 -46.16
C ALA W 92 -41.91 -73.97 -47.63
N THR W 93 -42.20 -72.72 -47.97
CA THR W 93 -41.99 -72.22 -49.32
C THR W 93 -40.65 -71.41 -49.31
N TYR W 94 -39.80 -71.65 -50.29
CA TYR W 94 -38.40 -71.16 -50.30
C TYR W 94 -38.17 -70.12 -51.40
N PHE W 95 -37.74 -68.91 -51.02
CA PHE W 95 -37.53 -67.80 -51.97
C PHE W 95 -36.06 -67.45 -52.15
N CYS W 96 -35.68 -67.14 -53.40
CA CYS W 96 -34.38 -66.51 -53.70
C CYS W 96 -34.64 -65.07 -54.12
N ALA W 97 -33.61 -64.23 -54.00
CA ALA W 97 -33.77 -62.81 -54.27
C ALA W 97 -32.41 -62.15 -54.45
N ARG W 98 -32.28 -61.22 -55.41
CA ARG W 98 -31.03 -60.48 -55.59
C ARG W 98 -30.63 -59.72 -54.34
N ASP W 99 -29.33 -59.67 -54.05
CA ASP W 99 -28.86 -59.04 -52.81
C ASP W 99 -27.39 -58.73 -52.79
N LYS W 100 -27.07 -57.59 -52.17
CA LYS W 100 -25.75 -56.97 -52.18
C LYS W 100 -25.27 -56.65 -53.58
N VAL W 101 -24.39 -55.66 -53.67
CA VAL W 101 -23.77 -55.31 -54.92
C VAL W 101 -22.29 -55.57 -54.83
N GLN W 102 -21.74 -56.28 -55.77
CA GLN W 102 -20.39 -56.78 -55.63
C GLN W 102 -19.52 -56.17 -56.68
N GLY W 103 -18.25 -55.93 -56.35
CA GLY W 103 -17.29 -55.41 -57.32
C GLY W 103 -17.51 -53.93 -57.49
N ARG W 104 -18.55 -53.59 -58.27
CA ARG W 104 -19.04 -52.19 -58.52
C ARG W 104 -18.63 -51.24 -57.38
N VAL W 105 -18.63 -49.94 -57.71
CA VAL W 105 -18.39 -48.87 -56.73
C VAL W 105 -19.01 -49.27 -55.39
N GLU W 106 -20.20 -48.73 -55.10
CA GLU W 106 -20.75 -48.84 -53.78
C GLU W 106 -22.23 -48.41 -53.63
N VAL W 107 -22.49 -47.32 -52.90
CA VAL W 107 -23.73 -47.16 -52.11
C VAL W 107 -24.17 -45.71 -51.86
N GLY W 108 -25.34 -45.52 -51.24
CA GLY W 108 -26.06 -46.44 -50.33
C GLY W 108 -26.90 -47.65 -50.78
N SER W 109 -27.51 -48.33 -49.81
CA SER W 109 -28.25 -49.62 -49.95
C SER W 109 -29.44 -49.73 -50.92
N GLY W 110 -29.21 -49.45 -52.20
CA GLY W 110 -30.24 -49.58 -53.23
C GLY W 110 -30.46 -51.02 -53.69
N GLY W 111 -30.25 -51.98 -52.81
CA GLY W 111 -30.79 -53.28 -53.06
C GLY W 111 -29.69 -54.29 -53.23
N ARG W 112 -29.71 -55.36 -52.44
CA ARG W 112 -30.53 -55.50 -51.22
C ARG W 112 -32.03 -55.86 -51.41
N HIS W 113 -32.19 -57.06 -51.95
CA HIS W 113 -33.47 -57.68 -52.16
C HIS W 113 -34.31 -56.83 -53.11
N ASP W 114 -33.75 -56.58 -54.31
CA ASP W 114 -34.45 -55.86 -55.40
C ASP W 114 -35.65 -56.65 -55.88
N TYR W 115 -35.40 -57.91 -56.27
CA TYR W 115 -36.34 -58.73 -57.01
C TYR W 115 -36.28 -60.17 -56.52
N TRP W 116 -37.44 -60.84 -56.52
CA TRP W 116 -37.64 -62.13 -55.85
C TRP W 116 -38.12 -63.26 -56.77
N GLY W 117 -37.85 -64.50 -56.36
CA GLY W 117 -38.36 -65.67 -57.05
C GLY W 117 -39.84 -65.78 -56.77
N GLN W 118 -40.54 -66.52 -57.62
CA GLN W 118 -41.97 -66.69 -57.41
C GLN W 118 -42.25 -67.66 -56.25
N GLY W 119 -41.22 -68.27 -55.68
CA GLY W 119 -41.41 -69.13 -54.51
C GLY W 119 -41.54 -70.55 -54.95
N THR W 120 -41.09 -71.49 -54.11
CA THR W 120 -41.06 -72.91 -54.48
C THR W 120 -41.28 -73.84 -53.26
N LEU W 121 -42.42 -74.54 -53.26
CA LEU W 121 -42.95 -75.17 -52.05
C LEU W 121 -42.16 -76.43 -51.75
N VAL W 122 -41.73 -76.62 -50.51
CA VAL W 122 -41.10 -77.89 -50.09
C VAL W 122 -41.91 -78.53 -48.95
N ILE W 123 -42.37 -79.77 -49.15
CA ILE W 123 -43.13 -80.48 -48.12
C ILE W 123 -42.38 -81.68 -47.62
N VAL W 124 -42.12 -81.68 -46.31
CA VAL W 124 -41.43 -82.78 -45.66
C VAL W 124 -42.42 -83.58 -44.82
N SER W 125 -42.98 -84.64 -45.44
CA SER W 125 -43.95 -85.52 -44.78
C SER W 125 -43.63 -86.97 -45.14
N SER W 126 -43.93 -87.90 -44.24
CA SER W 126 -43.69 -89.33 -44.48
C SER W 126 -44.91 -90.05 -45.04
N ALA W 127 -45.98 -89.31 -45.32
CA ALA W 127 -47.22 -89.92 -45.78
C ALA W 127 -47.18 -90.20 -47.28
N SER W 128 -48.15 -90.99 -47.74
CA SER W 128 -48.29 -91.34 -49.15
C SER W 128 -48.91 -90.21 -49.95
N THR W 129 -48.60 -90.18 -51.23
CA THR W 129 -49.26 -89.30 -52.19
C THR W 129 -50.59 -89.93 -52.61
N LYS W 130 -51.61 -89.08 -52.77
CA LYS W 130 -52.95 -89.49 -53.19
C LYS W 130 -53.49 -88.40 -54.14
N GLY W 131 -53.99 -88.81 -55.30
CA GLY W 131 -54.61 -87.87 -56.25
C GLY W 131 -56.01 -87.48 -55.81
N PRO W 132 -56.48 -86.31 -56.25
CA PRO W 132 -57.78 -85.82 -55.80
C PRO W 132 -58.92 -86.44 -56.60
N SER W 133 -60.09 -86.58 -55.98
CA SER W 133 -61.35 -86.81 -56.70
C SER W 133 -61.95 -85.44 -56.97
N VAL W 134 -62.48 -85.23 -58.18
CA VAL W 134 -63.10 -83.95 -58.52
C VAL W 134 -64.60 -84.15 -58.76
N PHE W 135 -65.39 -83.55 -57.88
CA PHE W 135 -66.84 -83.69 -57.92
C PHE W 135 -67.48 -82.38 -58.32
N PRO W 136 -68.55 -82.45 -59.15
CA PRO W 136 -69.19 -81.21 -59.54
C PRO W 136 -69.92 -80.62 -58.36
N LEU W 137 -69.94 -79.30 -58.33
CA LEU W 137 -70.55 -78.56 -57.28
C LEU W 137 -71.82 -78.00 -57.91
N ALA W 138 -72.78 -78.92 -58.07
CA ALA W 138 -74.01 -78.73 -58.86
C ALA W 138 -74.81 -77.45 -58.55
N PRO W 139 -75.08 -76.63 -59.60
CA PRO W 139 -75.83 -75.38 -59.38
C PRO W 139 -77.32 -75.64 -59.10
N GLY W 147 -81.07 -62.18 -61.35
CA GLY W 147 -80.80 -63.41 -60.61
C GLY W 147 -79.36 -63.89 -60.78
N THR W 148 -78.56 -63.73 -59.73
CA THR W 148 -77.19 -64.30 -59.68
C THR W 148 -77.20 -65.77 -59.22
N ALA W 149 -76.31 -66.59 -59.80
CA ALA W 149 -76.26 -68.03 -59.52
C ALA W 149 -74.82 -68.51 -59.29
N ALA W 150 -74.66 -69.58 -58.52
CA ALA W 150 -73.33 -70.07 -58.10
C ALA W 150 -73.08 -71.54 -58.49
N LEU W 151 -71.84 -71.86 -58.86
CA LEU W 151 -71.42 -73.24 -59.21
C LEU W 151 -69.98 -73.46 -58.72
N GLY W 152 -69.41 -74.64 -59.00
CA GLY W 152 -68.00 -74.90 -58.63
C GLY W 152 -67.43 -76.29 -58.91
N CYS W 153 -66.30 -76.59 -58.23
CA CYS W 153 -65.76 -77.95 -58.14
C CYS W 153 -65.49 -78.21 -56.65
N LEU W 154 -65.39 -79.47 -56.29
CA LEU W 154 -64.92 -79.86 -54.97
C LEU W 154 -63.77 -80.83 -55.19
N VAL W 155 -62.56 -80.41 -54.82
CA VAL W 155 -61.36 -81.24 -54.95
C VAL W 155 -61.13 -81.95 -53.61
N LYS W 156 -61.34 -83.26 -53.58
CA LYS W 156 -61.47 -83.99 -52.32
C LYS W 156 -60.47 -85.13 -52.14
N ASP W 157 -59.99 -85.28 -50.91
CA ASP W 157 -59.15 -86.41 -50.46
C ASP W 157 -57.86 -86.63 -51.27
N TYR W 158 -56.93 -85.67 -51.15
CA TYR W 158 -55.63 -85.70 -51.81
C TYR W 158 -54.51 -85.39 -50.81
N PHE W 159 -53.29 -85.71 -51.19
CA PHE W 159 -52.08 -85.36 -50.43
C PHE W 159 -50.87 -85.54 -51.35
N PRO W 160 -49.83 -84.70 -51.20
CA PRO W 160 -49.77 -83.53 -50.36
C PRO W 160 -50.21 -82.33 -51.18
N GLU W 161 -49.98 -81.14 -50.65
CA GLU W 161 -50.22 -79.91 -51.38
C GLU W 161 -49.10 -79.70 -52.42
N PRO W 162 -49.33 -78.86 -53.44
CA PRO W 162 -50.51 -78.06 -53.71
C PRO W 162 -51.41 -78.60 -54.81
N VAL W 163 -52.62 -78.06 -54.88
CA VAL W 163 -53.52 -78.29 -56.00
C VAL W 163 -53.81 -76.96 -56.66
N THR W 164 -53.62 -76.91 -57.96
CA THR W 164 -53.86 -75.69 -58.72
C THR W 164 -55.17 -75.83 -59.51
N VAL W 165 -56.11 -74.92 -59.25
CA VAL W 165 -57.44 -74.92 -59.90
C VAL W 165 -57.67 -73.62 -60.65
N SER W 166 -57.95 -73.75 -61.95
CA SER W 166 -58.35 -72.60 -62.75
C SER W 166 -59.59 -72.97 -63.55
N TRP W 167 -60.06 -72.04 -64.38
CA TRP W 167 -61.31 -72.18 -65.13
C TRP W 167 -61.17 -71.75 -66.59
N ASN W 168 -61.27 -72.71 -67.51
CA ASN W 168 -61.23 -72.46 -68.97
C ASN W 168 -59.83 -72.08 -69.44
N SER W 169 -58.84 -72.86 -69.03
CA SER W 169 -57.40 -72.51 -69.17
C SER W 169 -57.01 -71.16 -68.55
N GLY W 170 -57.87 -70.60 -67.68
CA GLY W 170 -57.74 -69.22 -67.20
C GLY W 170 -58.57 -68.18 -67.96
N ALA W 171 -59.45 -68.61 -68.86
CA ALA W 171 -60.28 -67.69 -69.67
C ALA W 171 -61.35 -67.00 -68.82
N LEU W 172 -61.85 -67.71 -67.81
CA LEU W 172 -62.71 -67.10 -66.79
C LEU W 172 -61.92 -66.81 -65.51
N THR W 173 -61.63 -65.53 -65.32
CA THR W 173 -60.91 -65.08 -64.15
C THR W 173 -61.87 -64.42 -63.17
N SER W 174 -62.81 -63.63 -63.68
CA SER W 174 -63.67 -62.79 -62.83
C SER W 174 -64.74 -63.55 -62.04
N GLY W 175 -64.94 -63.12 -60.79
CA GLY W 175 -65.93 -63.68 -59.87
C GLY W 175 -65.65 -65.08 -59.35
N VAL W 176 -64.37 -65.45 -59.27
CA VAL W 176 -63.96 -66.78 -58.83
C VAL W 176 -63.34 -66.65 -57.45
N HIS W 177 -63.63 -67.60 -56.56
CA HIS W 177 -62.96 -67.64 -55.27
C HIS W 177 -62.50 -69.08 -55.06
N THR W 178 -61.18 -69.31 -55.05
CA THR W 178 -60.61 -70.61 -54.70
C THR W 178 -60.10 -70.58 -53.25
N PHE W 179 -60.63 -71.49 -52.44
CA PHE W 179 -60.47 -71.46 -50.99
C PHE W 179 -59.20 -72.17 -50.54
N PRO W 180 -58.71 -71.79 -49.34
CA PRO W 180 -57.64 -72.48 -48.65
C PRO W 180 -57.93 -73.95 -48.48
N ALA W 181 -56.94 -74.80 -48.75
CA ALA W 181 -57.10 -76.23 -48.53
C ALA W 181 -57.31 -76.43 -47.04
N VAL W 182 -58.15 -77.38 -46.69
CA VAL W 182 -58.44 -77.63 -45.28
C VAL W 182 -58.07 -79.08 -44.98
N LEU W 183 -57.32 -79.28 -43.89
CA LEU W 183 -56.82 -80.60 -43.50
C LEU W 183 -57.94 -81.38 -42.84
N GLN W 184 -58.05 -82.66 -43.17
CA GLN W 184 -59.06 -83.53 -42.55
C GLN W 184 -58.39 -84.38 -41.47
N SER W 185 -59.18 -84.98 -40.59
CA SER W 185 -58.65 -85.91 -39.58
C SER W 185 -58.16 -87.20 -40.25
N SER W 186 -58.66 -87.46 -41.47
CA SER W 186 -58.14 -88.57 -42.27
C SER W 186 -56.73 -88.30 -42.84
N GLY W 187 -56.11 -87.16 -42.53
CA GLY W 187 -54.75 -86.85 -42.98
C GLY W 187 -54.66 -86.19 -44.35
N LEU W 188 -55.68 -86.39 -45.19
CA LEU W 188 -55.73 -85.81 -46.55
C LEU W 188 -56.20 -84.35 -46.58
N TYR W 189 -56.33 -83.79 -47.78
CA TYR W 189 -56.80 -82.41 -47.95
C TYR W 189 -58.05 -82.33 -48.80
N SER W 190 -58.85 -81.30 -48.55
CA SER W 190 -60.07 -81.02 -49.27
C SER W 190 -60.05 -79.54 -49.60
N LEU W 191 -60.54 -79.20 -50.80
CA LEU W 191 -60.42 -77.84 -51.36
C LEU W 191 -61.63 -77.51 -52.24
N SER W 192 -62.25 -76.37 -52.01
CA SER W 192 -63.36 -75.91 -52.86
C SER W 192 -62.95 -74.76 -53.75
N SER W 193 -63.64 -74.64 -54.88
CA SER W 193 -63.49 -73.47 -55.78
C SER W 193 -64.84 -73.17 -56.40
N VAL W 194 -65.30 -71.92 -56.29
CA VAL W 194 -66.65 -71.54 -56.78
C VAL W 194 -66.62 -70.33 -57.69
N VAL W 195 -67.67 -70.22 -58.51
CA VAL W 195 -67.84 -69.10 -59.44
C VAL W 195 -69.27 -68.60 -59.31
N THR W 196 -69.47 -67.28 -59.20
CA THR W 196 -70.79 -66.67 -59.32
C THR W 196 -70.93 -66.09 -60.71
N VAL W 197 -71.95 -66.52 -61.45
CA VAL W 197 -72.18 -66.08 -62.84
C VAL W 197 -73.64 -65.68 -63.06
N PRO W 198 -73.91 -64.85 -64.10
CA PRO W 198 -75.30 -64.45 -64.33
C PRO W 198 -76.16 -65.64 -64.73
N SER W 199 -77.35 -65.75 -64.14
CA SER W 199 -78.19 -66.93 -64.28
C SER W 199 -79.09 -66.91 -65.52
N SER W 200 -78.55 -66.41 -66.62
CA SER W 200 -79.26 -66.34 -67.89
C SER W 200 -78.42 -67.12 -68.87
N SER W 201 -77.17 -66.68 -69.02
CA SER W 201 -76.15 -67.41 -69.78
C SER W 201 -75.98 -68.79 -69.14
N LEU W 202 -76.64 -69.79 -69.74
CA LEU W 202 -76.53 -71.20 -69.32
C LEU W 202 -76.45 -72.14 -70.52
N GLY W 203 -77.37 -72.01 -71.46
CA GLY W 203 -77.28 -72.71 -72.73
C GLY W 203 -75.98 -72.41 -73.47
N THR W 204 -75.65 -71.11 -73.59
CA THR W 204 -74.52 -70.65 -74.43
C THR W 204 -73.14 -71.01 -73.86
N GLN W 205 -72.92 -70.64 -72.60
CA GLN W 205 -71.65 -70.88 -71.91
C GLN W 205 -71.48 -72.35 -71.52
N THR W 206 -70.28 -72.68 -71.08
CA THR W 206 -70.03 -73.87 -70.28
C THR W 206 -68.84 -73.51 -69.39
N TYR W 207 -68.36 -74.48 -68.61
CA TYR W 207 -67.32 -74.18 -67.63
C TYR W 207 -66.24 -75.27 -67.56
N ILE W 208 -65.02 -74.93 -67.11
CA ILE W 208 -63.91 -75.91 -66.91
C ILE W 208 -63.23 -75.84 -65.50
N CYS W 209 -62.92 -77.01 -64.90
CA CYS W 209 -62.19 -77.12 -63.64
C CYS W 209 -60.81 -77.56 -64.02
N ASN W 210 -59.90 -76.62 -64.19
CA ASN W 210 -58.55 -76.99 -64.52
C ASN W 210 -57.89 -77.49 -63.24
N VAL W 211 -58.36 -78.63 -62.72
CA VAL W 211 -57.79 -79.19 -61.50
C VAL W 211 -56.52 -79.88 -61.88
N ASN W 212 -55.50 -79.68 -61.07
CA ASN W 212 -54.18 -80.18 -61.39
C ASN W 212 -53.36 -80.38 -60.12
N HIS W 213 -53.14 -81.64 -59.78
CA HIS W 213 -52.39 -82.00 -58.58
C HIS W 213 -51.10 -82.67 -59.01
N LYS W 214 -50.00 -81.90 -58.99
CA LYS W 214 -48.73 -82.32 -59.62
C LYS W 214 -47.78 -83.21 -58.82
N PRO W 215 -48.00 -83.35 -57.50
CA PRO W 215 -47.32 -84.46 -56.81
C PRO W 215 -47.83 -85.85 -57.20
N SER W 216 -48.94 -85.91 -57.95
CA SER W 216 -49.55 -87.15 -58.38
C SER W 216 -49.86 -87.12 -59.89
N ASN W 217 -49.13 -86.28 -60.62
CA ASN W 217 -49.34 -86.01 -62.05
C ASN W 217 -50.80 -86.08 -62.59
N THR W 218 -51.77 -85.63 -61.78
CA THR W 218 -53.21 -85.73 -62.10
C THR W 218 -53.83 -84.47 -62.73
N LYS W 219 -53.77 -84.33 -64.06
CA LYS W 219 -54.48 -83.25 -64.78
C LYS W 219 -55.90 -83.72 -65.10
N VAL W 220 -56.86 -83.46 -64.22
CA VAL W 220 -58.26 -83.85 -64.48
C VAL W 220 -59.18 -82.64 -64.68
N ASP W 221 -59.39 -82.25 -65.94
CA ASP W 221 -60.26 -81.12 -66.32
C ASP W 221 -61.70 -81.61 -66.48
N LYS W 222 -62.44 -81.65 -65.38
CA LYS W 222 -63.73 -82.36 -65.28
C LYS W 222 -64.90 -81.42 -64.97
N LYS W 223 -66.03 -81.60 -65.65
CA LYS W 223 -66.99 -80.49 -65.80
C LYS W 223 -68.36 -80.51 -65.17
N VAL W 224 -68.99 -79.33 -65.21
CA VAL W 224 -70.11 -78.97 -64.37
C VAL W 224 -71.23 -78.38 -65.19
N GLU W 225 -72.47 -78.76 -64.84
CA GLU W 225 -73.69 -78.24 -65.47
C GLU W 225 -74.91 -78.72 -64.67
N PRO W 226 -76.02 -77.96 -64.68
CA PRO W 226 -77.15 -78.26 -63.77
C PRO W 226 -77.80 -79.64 -63.98
N VAL X 2 -30.50 -59.82 -33.09
CA VAL X 2 -31.22 -58.53 -33.41
C VAL X 2 -32.67 -58.78 -33.74
N VAL X 3 -33.55 -58.54 -32.78
CA VAL X 3 -34.96 -58.90 -32.90
C VAL X 3 -35.80 -57.70 -33.29
N LEU X 4 -36.62 -57.87 -34.30
CA LEU X 4 -37.54 -56.83 -34.69
C LEU X 4 -38.93 -57.25 -34.29
N THR X 5 -39.45 -56.58 -33.28
CA THR X 5 -40.85 -56.76 -32.86
C THR X 5 -41.60 -55.58 -33.46
N GLN X 6 -42.61 -55.86 -34.25
CA GLN X 6 -43.33 -54.76 -34.87
C GLN X 6 -44.79 -54.79 -34.50
N SER X 7 -45.39 -53.61 -34.45
CA SER X 7 -46.71 -53.44 -33.89
C SER X 7 -47.43 -52.35 -34.67
N PRO X 8 -48.77 -52.32 -34.59
CA PRO X 8 -49.62 -53.24 -33.84
C PRO X 8 -49.88 -54.56 -34.60
N GLY X 9 -50.35 -55.57 -33.87
CA GLY X 9 -50.56 -56.92 -34.41
C GLY X 9 -51.19 -56.88 -35.78
N THR X 10 -52.49 -56.66 -35.82
CA THR X 10 -53.16 -56.28 -37.05
C THR X 10 -53.62 -54.85 -36.85
N LEU X 11 -54.16 -54.25 -37.89
CA LEU X 11 -54.91 -53.03 -37.73
C LEU X 11 -55.82 -52.78 -38.92
N ALA X 12 -57.04 -52.39 -38.59
CA ALA X 12 -58.12 -52.21 -39.53
C ALA X 12 -58.43 -50.73 -39.58
N LEU X 13 -58.35 -50.15 -40.77
CA LEU X 13 -58.69 -48.74 -40.96
C LEU X 13 -59.41 -48.57 -42.28
N PRO X 14 -60.36 -47.60 -42.36
CA PRO X 14 -61.11 -47.39 -43.60
C PRO X 14 -60.23 -46.88 -44.75
N PRO X 15 -60.67 -47.02 -46.02
CA PRO X 15 -59.99 -46.32 -47.13
C PRO X 15 -59.87 -44.81 -46.92
N GLY X 16 -58.79 -44.20 -47.40
CA GLY X 16 -58.53 -42.77 -47.21
C GLY X 16 -58.15 -42.35 -45.81
N GLU X 17 -57.74 -43.30 -44.97
CA GLU X 17 -57.25 -43.01 -43.61
C GLU X 17 -55.73 -43.24 -43.66
N ARG X 18 -55.01 -43.20 -42.52
CA ARG X 18 -53.55 -43.45 -42.53
C ARG X 18 -53.09 -44.55 -41.58
N ALA X 19 -52.44 -45.56 -42.15
CA ALA X 19 -51.85 -46.61 -41.35
C ALA X 19 -50.47 -46.16 -40.99
N THR X 20 -50.10 -46.44 -39.75
CA THR X 20 -48.84 -46.01 -39.24
C THR X 20 -48.27 -47.24 -38.52
N LEU X 21 -47.30 -47.89 -39.17
CA LEU X 21 -46.73 -49.16 -38.69
C LEU X 21 -45.39 -48.89 -38.04
N SER X 22 -45.13 -49.53 -36.90
CA SER X 22 -43.86 -49.36 -36.22
C SER X 22 -43.10 -50.65 -36.31
N CYS X 23 -41.81 -50.54 -35.98
CA CYS X 23 -40.85 -51.64 -36.01
C CYS X 23 -39.75 -51.28 -35.05
N ARG X 24 -39.87 -51.72 -33.82
CA ARG X 24 -38.85 -51.47 -32.81
C ARG X 24 -37.81 -52.60 -32.95
N ALA X 25 -36.54 -52.23 -32.86
CA ALA X 25 -35.45 -53.20 -32.93
C ALA X 25 -34.77 -53.36 -31.59
N SER X 26 -34.31 -54.57 -31.29
CA SER X 26 -33.71 -54.86 -29.99
C SER X 26 -32.32 -54.27 -29.86
N HIS X 27 -31.73 -53.84 -30.96
CA HIS X 27 -30.44 -53.19 -30.88
C HIS X 27 -30.46 -52.02 -31.85
N ARG X 28 -29.53 -51.08 -31.72
CA ARG X 28 -29.46 -49.95 -32.67
C ARG X 28 -29.01 -50.46 -34.05
N VAL X 29 -29.42 -49.77 -35.12
CA VAL X 29 -29.20 -50.22 -36.51
C VAL X 29 -29.09 -49.04 -37.44
N GLY X 30 -28.19 -49.12 -38.40
CA GLY X 30 -28.05 -48.02 -39.35
C GLY X 30 -29.36 -47.79 -40.07
N SER X 31 -29.68 -46.54 -40.33
CA SER X 31 -30.87 -46.24 -41.14
C SER X 31 -30.75 -46.81 -42.58
N THR X 32 -29.57 -47.31 -42.93
CA THR X 32 -29.30 -47.72 -44.30
C THR X 32 -29.57 -49.21 -44.50
N TYR X 33 -29.69 -49.93 -43.40
CA TYR X 33 -29.82 -51.38 -43.47
C TYR X 33 -31.23 -51.81 -43.10
N ILE X 34 -32.21 -50.96 -43.36
CA ILE X 34 -33.59 -51.32 -43.11
C ILE X 34 -34.41 -51.37 -44.39
N ALA X 35 -35.38 -52.28 -44.45
CA ALA X 35 -36.26 -52.41 -45.60
C ALA X 35 -37.63 -52.86 -45.18
N TRP X 36 -38.63 -52.47 -45.96
CA TRP X 36 -40.02 -52.80 -45.69
C TRP X 36 -40.58 -53.53 -46.89
N TYR X 37 -41.46 -54.49 -46.64
CA TYR X 37 -42.04 -55.30 -47.70
C TYR X 37 -43.52 -55.45 -47.48
N GLN X 38 -44.22 -55.70 -48.58
CA GLN X 38 -45.64 -55.99 -48.58
C GLN X 38 -45.86 -57.35 -49.22
N GLN X 39 -46.78 -58.15 -48.67
CA GLN X 39 -46.99 -59.52 -49.15
C GLN X 39 -48.45 -59.91 -49.07
N LYS X 40 -49.06 -60.13 -50.24
CA LYS X 40 -50.44 -60.60 -50.35
C LYS X 40 -50.36 -62.11 -50.56
N SER X 41 -51.07 -62.90 -49.74
CA SER X 41 -50.78 -64.35 -49.63
C SER X 41 -50.85 -65.06 -50.98
N GLY X 42 -49.96 -66.03 -51.16
CA GLY X 42 -49.70 -66.64 -52.46
C GLY X 42 -48.38 -66.13 -53.05
N GLN X 43 -48.40 -64.91 -53.57
CA GLN X 43 -47.21 -64.31 -54.20
C GLN X 43 -46.05 -64.02 -53.24
N ALA X 44 -44.90 -63.70 -53.83
CA ALA X 44 -43.67 -63.42 -53.09
C ALA X 44 -43.69 -62.01 -52.54
N PRO X 45 -42.84 -61.74 -51.54
CA PRO X 45 -42.75 -60.40 -50.94
C PRO X 45 -42.30 -59.32 -51.93
N ARG X 46 -43.00 -58.20 -51.92
CA ARG X 46 -42.70 -57.08 -52.80
C ARG X 46 -42.16 -55.99 -51.93
N ARG X 47 -41.08 -55.38 -52.40
CA ARG X 47 -40.30 -54.51 -51.55
C ARG X 47 -40.69 -53.05 -51.69
N LEU X 48 -41.18 -52.47 -50.62
CA LEU X 48 -41.63 -51.10 -50.61
C LEU X 48 -40.49 -50.11 -50.42
N ILE X 49 -39.79 -50.23 -49.30
CA ILE X 49 -38.85 -49.19 -48.87
C ILE X 49 -37.46 -49.80 -48.65
N TYR X 50 -36.41 -49.11 -49.09
CA TYR X 50 -35.05 -49.49 -48.73
C TYR X 50 -34.29 -48.34 -48.12
N GLY X 51 -33.36 -48.68 -47.22
CA GLY X 51 -32.61 -47.71 -46.42
C GLY X 51 -33.51 -46.93 -45.48
N ALA X 52 -34.59 -47.56 -45.02
CA ALA X 52 -35.55 -46.94 -44.09
C ALA X 52 -36.42 -45.83 -44.65
N SER X 53 -35.89 -45.06 -45.61
CA SER X 53 -36.50 -43.82 -46.11
C SER X 53 -36.98 -43.81 -47.54
N ASN X 54 -36.41 -44.63 -48.42
CA ASN X 54 -36.60 -44.49 -49.87
C ASN X 54 -37.55 -45.49 -50.51
N ARG X 55 -38.35 -45.04 -51.45
CA ARG X 55 -39.25 -45.95 -52.15
C ARG X 55 -38.47 -46.68 -53.22
N ALA X 56 -38.73 -47.97 -53.39
CA ALA X 56 -38.27 -48.68 -54.59
C ALA X 56 -39.14 -48.20 -55.73
N THR X 57 -38.72 -48.49 -56.94
CA THR X 57 -39.34 -47.91 -58.12
C THR X 57 -40.71 -48.54 -58.43
N ASP X 58 -41.53 -47.80 -59.17
CA ASP X 58 -42.94 -48.13 -59.46
C ASP X 58 -43.86 -48.21 -58.22
N ILE X 59 -43.48 -47.51 -57.16
CA ILE X 59 -44.24 -47.52 -55.91
C ILE X 59 -44.89 -46.18 -55.63
N PRO X 60 -46.21 -46.18 -55.40
CA PRO X 60 -46.91 -44.93 -55.13
C PRO X 60 -46.36 -44.23 -53.90
N ASP X 61 -46.61 -42.93 -53.82
CA ASP X 61 -45.97 -42.09 -52.81
C ASP X 61 -46.80 -42.06 -51.53
N ARG X 62 -47.95 -42.74 -51.57
CA ARG X 62 -48.70 -43.10 -50.37
C ARG X 62 -47.74 -43.74 -49.36
N PHE X 63 -46.86 -44.60 -49.87
CA PHE X 63 -45.86 -45.29 -49.06
C PHE X 63 -44.65 -44.39 -48.77
N SER X 64 -44.18 -44.40 -47.53
CA SER X 64 -42.98 -43.65 -47.12
C SER X 64 -42.49 -44.17 -45.79
N GLY X 65 -41.20 -44.02 -45.51
CA GLY X 65 -40.64 -44.58 -44.30
C GLY X 65 -39.70 -43.63 -43.58
N SER X 66 -39.44 -43.94 -42.31
CA SER X 66 -38.55 -43.12 -41.49
C SER X 66 -38.12 -43.87 -40.24
N GLY X 67 -37.17 -43.29 -39.52
CA GLY X 67 -36.67 -43.87 -38.29
C GLY X 67 -35.22 -43.61 -37.99
N SER X 68 -34.92 -43.64 -36.71
CA SER X 68 -33.63 -43.25 -36.24
C SER X 68 -33.19 -44.34 -35.29
N GLY X 69 -32.15 -45.06 -35.68
CA GLY X 69 -31.46 -45.96 -34.76
C GLY X 69 -32.20 -47.20 -34.25
N THR X 70 -33.35 -47.00 -33.61
CA THR X 70 -34.02 -48.13 -33.03
C THR X 70 -35.51 -48.21 -33.33
N ASP X 71 -36.15 -47.09 -33.67
CA ASP X 71 -37.59 -47.07 -33.99
C ASP X 71 -37.82 -46.74 -35.43
N PHE X 72 -38.18 -47.73 -36.23
CA PHE X 72 -38.46 -47.48 -37.64
C PHE X 72 -39.92 -47.62 -37.87
N THR X 73 -40.42 -46.79 -38.78
CA THR X 73 -41.85 -46.73 -39.05
C THR X 73 -42.15 -46.61 -40.57
N LEU X 74 -43.24 -47.24 -40.99
CA LEU X 74 -43.69 -47.18 -42.37
C LEU X 74 -45.09 -46.58 -42.35
N THR X 75 -45.32 -45.56 -43.17
CA THR X 75 -46.61 -44.85 -43.22
C THR X 75 -47.22 -44.95 -44.61
N ILE X 76 -48.42 -45.50 -44.67
CA ILE X 76 -49.22 -45.53 -45.88
C ILE X 76 -50.17 -44.36 -45.72
N ARG X 77 -50.04 -43.35 -46.57
CA ARG X 77 -50.56 -42.03 -46.23
C ARG X 77 -52.07 -41.91 -46.45
N ARG X 78 -52.59 -42.53 -47.52
CA ARG X 78 -54.04 -42.62 -47.72
C ARG X 78 -54.45 -43.96 -48.34
N LEU X 79 -54.98 -44.84 -47.47
CA LEU X 79 -55.17 -46.27 -47.78
C LEU X 79 -56.05 -46.48 -48.98
N GLU X 80 -55.80 -47.60 -49.66
CA GLU X 80 -56.67 -48.05 -50.74
C GLU X 80 -57.10 -49.47 -50.43
N PRO X 81 -58.09 -50.00 -51.17
CA PRO X 81 -58.48 -51.40 -50.95
C PRO X 81 -57.41 -52.35 -51.48
N GLU X 82 -56.65 -51.85 -52.46
CA GLU X 82 -55.41 -52.46 -52.97
C GLU X 82 -54.40 -52.85 -51.87
N ASP X 83 -54.42 -52.18 -50.72
CA ASP X 83 -53.34 -52.30 -49.73
C ASP X 83 -53.49 -53.32 -48.62
N SER X 84 -54.58 -54.09 -48.61
CA SER X 84 -54.77 -55.09 -47.56
C SER X 84 -53.75 -56.22 -47.73
N ALA X 85 -52.82 -56.29 -46.79
CA ALA X 85 -51.69 -57.18 -46.90
C ALA X 85 -50.97 -57.31 -45.56
N VAL X 86 -49.88 -58.05 -45.56
CA VAL X 86 -49.02 -58.13 -44.40
C VAL X 86 -47.81 -57.29 -44.74
N TYR X 87 -47.22 -56.65 -43.74
CA TYR X 87 -46.05 -55.80 -43.96
C TYR X 87 -44.92 -56.27 -43.05
N TYR X 88 -43.74 -56.47 -43.63
CA TYR X 88 -42.62 -56.95 -42.88
C TYR X 88 -41.50 -55.92 -42.89
N CYS X 89 -40.95 -55.55 -41.72
CA CYS X 89 -39.66 -54.84 -41.70
C CYS X 89 -38.53 -55.88 -41.64
N GLN X 90 -37.35 -55.51 -42.12
CA GLN X 90 -36.22 -56.41 -42.17
C GLN X 90 -34.96 -55.62 -42.00
N GLN X 91 -33.99 -56.20 -41.29
CA GLN X 91 -32.68 -55.58 -41.17
C GLN X 91 -31.63 -56.53 -41.71
N PHE X 92 -30.61 -55.97 -42.34
CA PHE X 92 -29.50 -56.77 -42.85
C PHE X 92 -28.17 -56.10 -42.55
N SER X 93 -28.08 -55.58 -41.34
CA SER X 93 -26.86 -54.99 -40.82
C SER X 93 -26.03 -56.09 -40.18
N VAL X 94 -26.71 -57.02 -39.51
CA VAL X 94 -26.04 -58.00 -38.64
C VAL X 94 -26.53 -59.40 -38.88
N SER X 95 -25.62 -60.27 -39.32
CA SER X 95 -25.98 -61.67 -39.53
C SER X 95 -26.45 -62.27 -38.20
N PRO X 96 -27.55 -63.02 -38.23
CA PRO X 96 -28.46 -63.28 -39.32
C PRO X 96 -29.38 -62.12 -39.68
N TRP X 97 -29.41 -61.75 -40.95
CA TRP X 97 -30.46 -60.87 -41.49
C TRP X 97 -31.81 -61.37 -40.89
N THR X 98 -32.64 -60.47 -40.34
CA THR X 98 -33.88 -60.87 -39.64
C THR X 98 -35.07 -60.08 -40.09
N PHE X 99 -36.25 -60.66 -39.91
CA PHE X 99 -37.50 -60.05 -40.33
C PHE X 99 -38.39 -59.79 -39.13
N GLY X 100 -39.42 -59.00 -39.36
CA GLY X 100 -40.36 -58.67 -38.31
C GLY X 100 -41.43 -59.73 -38.19
N GLN X 101 -42.18 -59.61 -37.10
CA GLN X 101 -43.36 -60.43 -36.79
C GLN X 101 -44.32 -60.35 -37.95
N GLY X 102 -44.56 -59.12 -38.40
CA GLY X 102 -45.48 -58.84 -39.49
C GLY X 102 -46.71 -58.13 -38.95
N THR X 103 -47.00 -56.94 -39.49
CA THR X 103 -48.23 -56.23 -39.16
C THR X 103 -49.23 -56.48 -40.30
N ARG X 104 -50.43 -56.95 -39.97
CA ARG X 104 -51.49 -57.12 -40.97
C ARG X 104 -52.23 -55.81 -41.14
N VAL X 105 -52.62 -55.48 -42.36
CA VAL X 105 -53.52 -54.35 -42.60
C VAL X 105 -54.78 -54.84 -43.30
N GLU X 106 -55.91 -54.62 -42.62
CA GLU X 106 -57.24 -54.92 -43.14
C GLU X 106 -57.82 -53.55 -43.39
N ILE X 107 -58.40 -53.34 -44.56
CA ILE X 107 -59.12 -52.09 -44.78
C ILE X 107 -60.56 -52.27 -44.29
N LYS X 108 -61.07 -51.26 -43.58
CA LYS X 108 -62.31 -51.37 -42.83
C LYS X 108 -63.40 -50.65 -43.61
N ARG X 109 -64.03 -51.40 -44.50
CA ARG X 109 -65.11 -50.90 -45.33
C ARG X 109 -66.43 -51.03 -44.58
N THR X 110 -67.52 -50.63 -45.23
CA THR X 110 -68.87 -50.76 -44.65
C THR X 110 -69.36 -52.19 -44.57
N VAL X 111 -70.34 -52.42 -43.70
CA VAL X 111 -70.89 -53.75 -43.46
C VAL X 111 -71.46 -54.31 -44.78
N ALA X 112 -71.46 -55.63 -44.91
CA ALA X 112 -71.98 -56.31 -46.11
C ALA X 112 -72.49 -57.71 -45.73
N ALA X 113 -73.71 -58.05 -46.15
CA ALA X 113 -74.30 -59.33 -45.81
C ALA X 113 -73.77 -60.44 -46.72
N PRO X 114 -73.69 -61.68 -46.19
CA PRO X 114 -73.26 -62.77 -47.06
C PRO X 114 -74.36 -63.21 -48.02
N SER X 115 -74.02 -63.44 -49.28
CA SER X 115 -74.91 -64.13 -50.19
C SER X 115 -74.79 -65.63 -49.88
N VAL X 116 -75.83 -66.24 -49.30
CA VAL X 116 -75.77 -67.67 -48.93
C VAL X 116 -76.23 -68.60 -50.06
N PHE X 117 -75.43 -69.63 -50.33
CA PHE X 117 -75.75 -70.67 -51.31
C PHE X 117 -75.49 -72.04 -50.67
N ILE X 118 -76.42 -72.97 -50.82
CA ILE X 118 -76.18 -74.38 -50.45
C ILE X 118 -75.92 -75.21 -51.71
N PHE X 119 -75.16 -76.28 -51.54
CA PHE X 119 -74.89 -77.22 -52.62
C PHE X 119 -75.05 -78.67 -52.16
N PRO X 120 -76.03 -79.39 -52.73
CA PRO X 120 -76.14 -80.82 -52.50
C PRO X 120 -74.93 -81.58 -53.06
N PRO X 121 -74.63 -82.78 -52.51
CA PRO X 121 -73.55 -83.63 -52.99
C PRO X 121 -73.83 -84.27 -54.36
N SER X 122 -72.77 -84.38 -55.16
CA SER X 122 -72.86 -84.86 -56.53
C SER X 122 -73.28 -86.34 -56.64
N ASP X 123 -74.07 -86.67 -57.66
CA ASP X 123 -74.44 -88.06 -57.92
C ASP X 123 -73.20 -88.90 -58.26
N GLU X 124 -72.18 -88.27 -58.85
CA GLU X 124 -70.89 -88.95 -59.05
C GLU X 124 -70.25 -89.31 -57.70
N GLN X 125 -70.35 -88.41 -56.72
CA GLN X 125 -69.76 -88.63 -55.39
C GLN X 125 -70.53 -89.65 -54.58
N LEU X 126 -71.85 -89.51 -54.57
CA LEU X 126 -72.70 -90.38 -53.76
C LEU X 126 -72.28 -91.83 -53.92
N LYS X 127 -72.29 -92.31 -55.16
CA LYS X 127 -72.03 -93.73 -55.40
C LYS X 127 -70.59 -94.16 -55.05
N SER X 128 -69.64 -93.22 -55.02
CA SER X 128 -68.27 -93.56 -54.56
C SER X 128 -68.15 -93.80 -53.05
N GLY X 129 -69.21 -93.49 -52.29
CA GLY X 129 -69.35 -93.96 -50.90
C GLY X 129 -69.45 -92.98 -49.73
N THR X 130 -69.24 -91.68 -49.97
CA THR X 130 -69.55 -90.66 -48.93
C THR X 130 -70.21 -89.42 -49.56
N ALA X 131 -70.69 -88.52 -48.70
CA ALA X 131 -71.41 -87.32 -49.12
C ALA X 131 -70.87 -86.07 -48.43
N SER X 132 -70.73 -84.99 -49.18
CA SER X 132 -70.22 -83.73 -48.68
C SER X 132 -71.14 -82.58 -49.06
N VAL X 133 -71.86 -82.03 -48.08
CA VAL X 133 -72.72 -80.87 -48.29
C VAL X 133 -71.91 -79.60 -48.06
N VAL X 134 -71.94 -78.70 -49.06
CA VAL X 134 -71.18 -77.45 -49.03
C VAL X 134 -72.16 -76.30 -48.86
N CYS X 135 -71.80 -75.35 -48.01
CA CYS X 135 -72.54 -74.11 -47.84
C CYS X 135 -71.59 -72.95 -48.04
N LEU X 136 -71.97 -71.99 -48.87
CA LEU X 136 -71.07 -70.91 -49.29
C LEU X 136 -71.62 -69.53 -48.90
N LEU X 137 -70.82 -68.75 -48.19
CA LEU X 137 -71.15 -67.38 -47.85
C LEU X 137 -70.24 -66.51 -48.68
N ASN X 138 -70.81 -65.65 -49.52
CA ASN X 138 -70.02 -64.98 -50.55
C ASN X 138 -70.06 -63.44 -50.52
N ASN X 139 -68.86 -62.85 -50.46
CA ASN X 139 -68.63 -61.40 -50.56
C ASN X 139 -69.29 -60.55 -49.43
N PHE X 140 -68.82 -60.80 -48.20
CA PHE X 140 -69.34 -60.16 -46.97
C PHE X 140 -68.27 -59.38 -46.19
N TYR X 141 -68.70 -58.53 -45.27
CA TYR X 141 -67.78 -57.84 -44.37
C TYR X 141 -68.51 -57.45 -43.08
N PRO X 142 -67.89 -57.66 -41.91
CA PRO X 142 -66.54 -58.14 -41.61
C PRO X 142 -66.39 -59.66 -41.62
N ARG X 143 -65.18 -60.10 -41.30
CA ARG X 143 -64.84 -61.51 -41.26
C ARG X 143 -65.77 -62.34 -40.37
N GLU X 144 -66.20 -61.81 -39.23
CA GLU X 144 -66.90 -62.62 -38.19
C GLU X 144 -68.30 -63.06 -38.61
N ALA X 145 -68.45 -64.32 -39.02
CA ALA X 145 -69.73 -64.84 -39.50
C ALA X 145 -69.88 -66.30 -39.08
N LYS X 146 -70.97 -66.64 -38.38
CA LYS X 146 -71.16 -68.01 -37.90
C LYS X 146 -71.95 -68.82 -38.94
N VAL X 147 -71.72 -70.13 -38.96
CA VAL X 147 -72.46 -71.06 -39.81
C VAL X 147 -72.90 -72.24 -38.94
N GLN X 148 -74.17 -72.61 -38.99
CA GLN X 148 -74.67 -73.73 -38.19
C GLN X 148 -75.45 -74.66 -39.11
N TRP X 149 -75.27 -75.98 -38.95
CA TRP X 149 -75.92 -76.98 -39.80
C TRP X 149 -77.13 -77.67 -39.11
N LYS X 150 -78.02 -78.24 -39.91
CA LYS X 150 -79.20 -78.94 -39.41
C LYS X 150 -79.56 -80.10 -40.34
N VAL X 151 -79.90 -81.25 -39.77
CA VAL X 151 -80.33 -82.41 -40.58
C VAL X 151 -81.70 -82.93 -40.10
N ASP X 152 -82.76 -82.45 -40.76
CA ASP X 152 -84.13 -82.56 -40.26
C ASP X 152 -84.15 -81.90 -38.88
N ASN X 153 -83.67 -80.65 -38.85
CA ASN X 153 -83.47 -79.87 -37.62
C ASN X 153 -82.58 -80.47 -36.53
N ALA X 154 -82.02 -81.65 -36.76
CA ALA X 154 -81.02 -82.23 -35.87
C ALA X 154 -79.73 -81.40 -35.98
N LEU X 155 -79.48 -80.62 -34.92
CA LEU X 155 -78.40 -79.62 -34.88
C LEU X 155 -76.99 -80.24 -34.83
N GLN X 156 -76.19 -80.03 -35.88
CA GLN X 156 -74.91 -80.73 -36.06
C GLN X 156 -73.72 -79.95 -35.49
N SER X 157 -72.63 -80.64 -35.14
CA SER X 157 -71.38 -79.99 -34.72
C SER X 157 -70.19 -80.93 -34.63
N GLY X 158 -69.03 -80.48 -35.11
CA GLY X 158 -67.82 -81.33 -35.10
C GLY X 158 -67.77 -82.35 -36.23
N ASN X 159 -68.71 -82.27 -37.17
CA ASN X 159 -68.60 -82.95 -38.46
C ASN X 159 -68.64 -81.97 -39.64
N SER X 160 -68.69 -80.67 -39.32
CA SER X 160 -68.47 -79.60 -40.31
C SER X 160 -67.06 -79.07 -40.13
N GLN X 161 -66.54 -78.36 -41.14
CA GLN X 161 -65.18 -77.83 -41.14
C GLN X 161 -65.08 -76.72 -42.17
N GLU X 162 -64.55 -75.56 -41.80
CA GLU X 162 -64.67 -74.37 -42.67
C GLU X 162 -63.36 -73.72 -43.07
N SER X 163 -63.41 -72.92 -44.13
CA SER X 163 -62.23 -72.34 -44.77
C SER X 163 -62.57 -70.97 -45.35
N VAL X 164 -61.85 -69.94 -44.92
CA VAL X 164 -62.17 -68.56 -45.26
C VAL X 164 -61.17 -68.06 -46.30
N THR X 165 -61.66 -67.33 -47.30
CA THR X 165 -60.80 -66.62 -48.25
C THR X 165 -60.11 -65.42 -47.56
N GLU X 166 -59.04 -64.87 -48.16
CA GLU X 166 -58.42 -63.64 -47.64
C GLU X 166 -59.19 -62.44 -48.17
N GLN X 167 -59.07 -61.30 -47.48
CA GLN X 167 -59.78 -60.08 -47.87
C GLN X 167 -59.54 -59.84 -49.36
N ASP X 168 -60.56 -59.40 -50.08
CA ASP X 168 -60.40 -59.11 -51.49
C ASP X 168 -59.71 -57.77 -51.68
N SER X 169 -58.90 -57.69 -52.73
CA SER X 169 -58.15 -56.47 -53.01
C SER X 169 -58.99 -55.40 -53.72
N LYS X 170 -60.13 -55.78 -54.31
CA LYS X 170 -61.03 -54.80 -54.98
C LYS X 170 -62.07 -54.20 -54.05
N ASP X 171 -62.88 -55.07 -53.46
CA ASP X 171 -64.05 -54.64 -52.69
C ASP X 171 -63.89 -54.89 -51.19
N SER X 172 -62.79 -55.54 -50.80
CA SER X 172 -62.46 -55.76 -49.40
C SER X 172 -63.52 -56.58 -48.64
N THR X 173 -63.87 -57.72 -49.24
CA THR X 173 -64.80 -58.69 -48.67
C THR X 173 -64.22 -60.10 -48.65
N TYR X 174 -64.52 -60.81 -47.58
CA TYR X 174 -64.13 -62.21 -47.43
C TYR X 174 -65.21 -63.11 -48.05
N SER X 175 -65.01 -64.42 -47.94
CA SER X 175 -65.88 -65.47 -48.50
C SER X 175 -65.58 -66.76 -47.73
N LEU X 176 -66.61 -67.49 -47.37
CA LEU X 176 -66.45 -68.63 -46.48
C LEU X 176 -67.08 -69.86 -47.13
N SER X 177 -66.54 -71.03 -46.84
CA SER X 177 -67.19 -72.27 -47.21
C SER X 177 -67.01 -73.29 -46.09
N SER X 178 -68.12 -73.70 -45.46
CA SER X 178 -68.10 -74.83 -44.53
C SER X 178 -68.64 -76.08 -45.23
N THR X 179 -68.21 -77.23 -44.76
CA THR X 179 -68.49 -78.50 -45.41
C THR X 179 -68.90 -79.56 -44.40
N LEU X 180 -70.15 -80.00 -44.51
CA LEU X 180 -70.68 -81.05 -43.67
C LEU X 180 -70.32 -82.39 -44.32
N THR X 181 -69.65 -83.28 -43.57
CA THR X 181 -69.26 -84.62 -44.06
C THR X 181 -70.05 -85.76 -43.38
N LEU X 182 -70.73 -86.58 -44.19
CA LEU X 182 -71.54 -87.69 -43.70
C LEU X 182 -71.13 -89.00 -44.38
N SER X 183 -71.76 -90.09 -43.97
CA SER X 183 -71.68 -91.36 -44.68
C SER X 183 -72.86 -91.45 -45.67
N LYS X 184 -72.65 -92.03 -46.86
CA LYS X 184 -73.75 -92.23 -47.83
C LYS X 184 -74.93 -92.89 -47.09
N ALA X 185 -74.62 -93.72 -46.10
CA ALA X 185 -75.61 -94.36 -45.23
C ALA X 185 -76.46 -93.35 -44.42
N ASP X 186 -75.80 -92.37 -43.81
CA ASP X 186 -76.49 -91.34 -43.02
C ASP X 186 -77.15 -90.27 -43.88
N TYR X 187 -76.50 -89.91 -45.00
CA TYR X 187 -77.06 -88.92 -45.90
C TYR X 187 -78.34 -89.45 -46.57
N GLU X 188 -78.29 -90.68 -47.12
CA GLU X 188 -79.50 -91.34 -47.66
C GLU X 188 -80.42 -91.84 -46.54
N LYS X 189 -80.48 -91.12 -45.43
CA LYS X 189 -81.46 -91.38 -44.37
C LYS X 189 -82.27 -90.16 -43.92
N HIS X 190 -81.84 -88.93 -44.28
CA HIS X 190 -82.50 -87.70 -43.82
C HIS X 190 -82.84 -86.77 -45.00
N LYS X 191 -83.91 -85.98 -44.84
CA LYS X 191 -84.51 -85.22 -45.95
C LYS X 191 -84.01 -83.78 -46.03
N VAL X 192 -84.20 -83.03 -44.93
CA VAL X 192 -83.98 -81.57 -44.89
C VAL X 192 -82.60 -81.18 -44.38
N TYR X 193 -81.71 -80.80 -45.29
CA TYR X 193 -80.36 -80.34 -44.95
C TYR X 193 -80.30 -78.81 -45.05
N ALA X 194 -79.93 -78.15 -43.95
CA ALA X 194 -80.11 -76.70 -43.85
C ALA X 194 -78.95 -75.95 -43.16
N CYS X 195 -78.56 -74.83 -43.76
CA CYS X 195 -77.35 -74.07 -43.38
C CYS X 195 -77.73 -72.67 -42.86
N GLU X 196 -77.76 -72.50 -41.53
CA GLU X 196 -78.19 -71.23 -40.90
C GLU X 196 -76.99 -70.31 -40.59
N VAL X 197 -77.11 -69.04 -40.98
CA VAL X 197 -75.97 -68.12 -40.99
C VAL X 197 -76.22 -66.86 -40.17
N THR X 198 -75.45 -66.68 -39.10
CA THR X 198 -75.56 -65.46 -38.29
C THR X 198 -74.39 -64.54 -38.62
N HIS X 199 -74.69 -63.25 -38.76
CA HIS X 199 -73.68 -62.28 -39.16
C HIS X 199 -74.12 -60.86 -38.82
N GLN X 200 -73.17 -59.95 -38.62
CA GLN X 200 -73.45 -58.52 -38.38
C GLN X 200 -74.29 -57.87 -39.48
N GLY X 201 -74.13 -58.33 -40.71
CA GLY X 201 -74.87 -57.81 -41.84
C GLY X 201 -76.33 -58.25 -41.91
N LEU X 202 -76.68 -59.30 -41.18
CA LEU X 202 -78.05 -59.82 -41.15
C LEU X 202 -78.71 -59.46 -39.81
N SER X 203 -79.74 -58.61 -39.86
CA SER X 203 -80.46 -58.20 -38.65
C SER X 203 -81.10 -59.38 -37.89
N SER X 204 -81.29 -60.53 -38.55
CA SER X 204 -81.57 -61.80 -37.87
C SER X 204 -81.18 -62.99 -38.77
N PRO X 205 -80.60 -64.06 -38.17
CA PRO X 205 -80.01 -65.18 -38.93
C PRO X 205 -80.80 -65.54 -40.18
N VAL X 206 -80.12 -66.15 -41.16
CA VAL X 206 -80.77 -66.52 -42.43
C VAL X 206 -80.34 -67.89 -42.88
N THR X 207 -81.34 -68.76 -43.05
CA THR X 207 -81.14 -70.16 -43.39
C THR X 207 -81.46 -70.36 -44.87
N LYS X 208 -80.59 -71.08 -45.57
CA LYS X 208 -80.94 -71.66 -46.87
C LYS X 208 -80.85 -73.17 -46.70
N SER X 209 -81.79 -73.91 -47.32
CA SER X 209 -81.92 -75.36 -47.11
C SER X 209 -82.34 -76.11 -48.38
N PHE X 210 -82.37 -77.44 -48.28
CA PHE X 210 -82.81 -78.25 -49.40
C PHE X 210 -83.29 -79.64 -48.96
N ASN X 211 -84.27 -80.16 -49.69
CA ASN X 211 -84.82 -81.49 -49.43
C ASN X 211 -84.21 -82.52 -50.36
N ARG X 212 -83.68 -83.59 -49.76
CA ARG X 212 -82.87 -84.55 -50.48
C ARG X 212 -83.63 -85.24 -51.60
N GLY X 213 -83.01 -85.34 -52.78
CA GLY X 213 -83.59 -85.98 -53.96
C GLY X 213 -84.11 -85.01 -55.02
N GLU X 214 -84.28 -83.74 -54.64
CA GLU X 214 -85.00 -82.76 -55.44
C GLU X 214 -84.12 -81.55 -55.73
#